data_5TWV
#
_entry.id   5TWV
#
_cell.length_a   1
_cell.length_b   1
_cell.length_c   1
_cell.angle_alpha   90.00
_cell.angle_beta   90.00
_cell.angle_gamma   90.00
#
_symmetry.space_group_name_H-M   'P 1'
#
loop_
_entity.id
_entity.type
_entity.pdbx_description
1 polymer 'ATP-sensitive inward rectifier potassium channel 11'
2 polymer 'ATP-binding cassette sub-family C member 8'
3 non-polymer "ADENOSINE-5'-TRIPHOSPHATE"
#
loop_
_entity_poly.entity_id
_entity_poly.type
_entity_poly.pdbx_seq_one_letter_code
_entity_poly.pdbx_strand_id
1 'polypeptide(L)'
;MLSRKGIIPEEYVLTRLAEDPTEPRYRTRERRARFVSKKGNCNVAHKNIREQGRFLQDVFTTLVDLKWPHTLLIFTMSFL
CSWLLFAMVWWLIAFAHGDLAPGEGTNVPCVTSIHSFSSAFLFSIEVQVTIGFGGRMVTEECPLAILILIVQNIVGLMIN
AIMLGCIFMKTAQAHRRAETLIFSKHAVITPRHGRLCFMLRVGDLRKSMIISATIHMQVVRKTTSPEGEVVPLHQVDIPM
ENGVGGNSIFLVAPLIIYHVIDSNSPLYDLAPSDLHHHQDLEIIVILEGVVETTGITTQARTSYLADEILWGQRFVPIVA
EEDGRYSVDYSKFGNTVKVPTPLCTARQLDEDRSLLDALTLASSRGPLRKRSVAVAKAKPKFSISPDSLS
;
A,C,E,G
2 'polypeptide(L)'
;DYKDDDDKMPLAFCGTENHSAAYRVDQGVLNNGCFVDALNVVPHVFLLFITFPILFIGWGSQSSKVHIHHSTWLHFPGHN
LRWILTFILLFVLVCEIAEGILSDGVTESRHLHLYMPAGMAFMAAITSVVYYHNIETSNFPKLLIALLIYWTLAFITKTI
KFVKFYDHAIGFSQLRFCLTGLLVILYGMLLLVEVNVIRVRRYIFFKTPREVKPPEDLQDLGVRFLQPFVNLLSKGTYWW
MNAFIKTAHKKPIDLRAIAKLPIAMRALTNYQRLCVAFDAQARKDTQSPQGARAIWRALCHAFGRRLILSSTFRILADLL
GFAGPLCIFGIVDHLGKENHVFQPKTQFLGVYFVSSQEFLGNAYVLAVLLFLALLLQRTFLQASYYVAIETGINLRGAIQ
TKIYNKIMHMSTSNLSMGEMTAGQICNLVAIDTNQLMWFFFLCPNLWTMPVQIIVGVILLYYILGVSALIGAAVIILLAP
VQYFVATKLSQAQRTTLEHSNERLKQTNEMLRGMKLLKLYAWESIFCSRVEVTRRKEMTSLRAFAVYTSISIFMNTAIPI
AAVLITFVGHVSFFKESDLSPSVAFASLSLFHILVTPLFLLSSVVRSTVKALVSVQKLSEFLSSAEIREEQCAPREPAPQ
GQAGKYQAVPLKVVNRKRPAREEVRDLLGPLQRLAPSMDGDADNFCVQIIGGFFTWTPDGIPTLSNITIRIPRGQLTMIV
GQVGCGKSSLLLATLGEMQKVSGAVFWNSNLPDSEGEDPSSPERETAAGSDIRSRGPVAYASQKPWLLNATVEENITFES
PFNKQRYKMVIEACSLQPDIDILPHGDQTQIGERGINLSGGQRQRISVARALYQQTNVVFLDDPFSALDVHLSDHLMQAG
ILELLRDDKRTVVLVTHKLQYLPHADWIIAMKDGTIQREGTLKDFQRSECQLFEHWKTLMNRQDQELEKETVMERKASEP
SQGLPRAMSSRDGLLLDEEEEEEEAAESEEDDNLSSVLHQRAKIPWRACTKYLSSAGILLLSLLVFSQLLKHMVLVAIDY
WLAKWTDSALVLSPAARNCSLSQECDLDQSVYAMVFTLLCSLGIVLCLVTSVTVEWTGLKVAKRLHRSLLNRIILAPMRF
FETTPLGSILNRFSSDCNTIDQHIPSTLECLSRSTLLCVSALTVISYVTPVFLVALLPLAVVCYFIQKYFRVASRDLQQL
DDTTQLPLVSHFAETVEGLTTIRAFRYEARFQQKLLEYTDSNNIASLFLTAANRWLEVCMEYIGACVVLIAAATSISNSL
HRELSAGLVGLGLTYALMVSNYLNWMVRNLADMEIQLGAVKRIHALLKTEAESYEGLLAPSLIPKNWPDQGKIQIQNLSV
RYDSSLKPVLKHVNTLISPGQKIGICGRTGSGKSSFSLAFFRMVDMFEGRIIIDGIDIAKLPLHTLRSRLSIILQDPVLF
SGTIRFNLDPEKKCSDSTLWEALEIAQLKLVVKALPGGLDAIITEGGENFSQGQRQLFCLARAFVRKTSIFIMDEATASI
DMATENILQKVVMTAFADRTVVTIAHRVHTILSADLVMVLKRGAILEFDKPETLLSQKDSVFASFVRADK
;
B,D,F,H
#
# COMPACT_ATOMS: atom_id res chain seq x y z
N ARG A 32 19.64 6.38 33.37
CA ARG A 32 18.72 7.57 33.42
C ARG A 32 18.45 8.07 32.01
N ALA A 33 19.43 7.89 31.13
CA ALA A 33 19.33 8.33 29.73
C ALA A 33 18.39 7.44 28.93
N ARG A 34 17.43 8.06 28.26
CA ARG A 34 16.44 7.34 27.49
C ARG A 34 16.49 7.64 25.99
N PHE A 35 16.01 6.68 25.20
CA PHE A 35 15.97 6.76 23.74
C PHE A 35 14.54 7.01 23.24
N VAL A 36 13.61 6.24 23.78
CA VAL A 36 12.20 6.36 23.41
C VAL A 36 11.31 6.07 24.62
N SER A 37 10.18 6.76 24.68
CA SER A 37 9.24 6.63 25.79
C SER A 37 8.46 5.32 25.83
N LYS A 38 7.89 5.05 27.00
CA LYS A 38 7.11 3.83 27.19
C LYS A 38 5.80 3.87 26.40
N LYS A 39 5.52 5.02 25.78
CA LYS A 39 4.32 5.17 24.98
C LYS A 39 4.71 5.23 23.49
N GLY A 40 5.82 5.89 23.20
CA GLY A 40 6.30 5.98 21.82
C GLY A 40 6.96 7.31 21.47
N ASN A 41 6.90 7.66 20.18
CA ASN A 41 7.44 8.92 19.66
C ASN A 41 8.75 9.48 20.22
N CYS A 42 9.80 8.68 20.10
CA CYS A 42 11.14 9.02 20.56
C CYS A 42 11.65 10.32 19.95
N ASN A 43 11.94 11.29 20.82
CA ASN A 43 12.45 12.60 20.44
C ASN A 43 13.98 12.62 20.32
N VAL A 44 14.47 13.19 19.22
CA VAL A 44 15.90 13.29 18.94
C VAL A 44 16.31 14.73 18.60
N ALA A 45 17.50 15.14 19.02
CA ALA A 45 17.97 16.50 18.75
C ALA A 45 18.89 16.58 17.53
N HIS A 46 18.52 17.43 16.58
CA HIS A 46 19.28 17.61 15.33
C HIS A 46 20.13 18.87 15.31
N LYS A 47 21.39 18.72 14.92
CA LYS A 47 22.30 19.85 14.84
C LYS A 47 22.83 19.97 13.41
N ASN A 48 23.20 21.19 13.06
CA ASN A 48 23.75 21.49 11.75
C ASN A 48 22.85 21.31 10.52
N ILE A 49 21.73 22.01 10.48
CA ILE A 49 20.81 21.93 9.34
C ILE A 49 21.34 22.68 8.11
N ARG A 50 21.17 22.09 6.92
CA ARG A 50 21.68 22.72 5.70
C ARG A 50 20.76 23.78 5.11
N GLU A 51 19.50 23.43 4.88
CA GLU A 51 18.52 24.36 4.33
C GLU A 51 17.18 24.08 4.96
N GLN A 52 16.44 25.15 5.25
CA GLN A 52 15.05 25.06 5.71
C GLN A 52 14.06 25.31 4.53
N GLY A 53 14.60 25.76 3.39
CA GLY A 53 13.85 26.07 2.20
C GLY A 53 13.16 24.85 1.63
N ARG A 54 13.82 23.70 1.66
CA ARG A 54 13.21 22.48 1.14
C ARG A 54 11.98 22.13 1.97
N PHE A 55 12.09 22.28 3.29
CA PHE A 55 10.98 22.01 4.18
C PHE A 55 9.85 22.97 3.88
N LEU A 56 10.18 24.25 3.66
CA LEU A 56 9.16 25.24 3.34
C LEU A 56 8.45 24.90 2.03
N GLN A 57 9.23 24.44 1.06
CA GLN A 57 8.74 24.05 -0.26
C GLN A 57 7.80 22.87 -0.17
N ASP A 58 8.09 21.94 0.74
CA ASP A 58 7.25 20.76 0.88
C ASP A 58 6.04 21.08 1.74
N VAL A 59 5.08 21.85 1.22
CA VAL A 59 3.91 22.26 2.03
C VAL A 59 2.86 21.26 2.56
N PHE A 60 2.47 20.31 1.73
CA PHE A 60 1.40 19.38 2.09
C PHE A 60 1.64 18.50 3.31
N THR A 61 2.83 17.95 3.46
CA THR A 61 3.07 17.09 4.61
C THR A 61 2.92 17.87 5.91
N THR A 62 3.47 19.07 5.97
CA THR A 62 3.38 19.89 7.16
C THR A 62 1.93 20.24 7.45
N LEU A 63 1.19 20.57 6.39
CA LEU A 63 -0.20 20.94 6.61
C LEU A 63 -0.97 19.76 7.20
N VAL A 64 -0.74 18.57 6.65
CA VAL A 64 -1.44 17.38 7.12
C VAL A 64 -1.09 17.09 8.56
N ASP A 65 0.18 17.25 8.89
CA ASP A 65 0.69 17.02 10.24
C ASP A 65 0.09 17.94 11.30
N LEU A 66 -0.12 19.22 10.98
CA LEU A 66 -0.63 20.13 12.04
C LEU A 66 -2.00 19.84 12.68
N LYS A 67 -2.08 20.00 14.01
CA LYS A 67 -3.32 19.87 14.76
C LYS A 67 -4.52 20.59 14.18
N TRP A 68 -5.71 20.21 14.65
CA TRP A 68 -6.98 20.76 14.20
C TRP A 68 -7.25 22.24 14.45
N PRO A 69 -6.82 22.78 15.60
CA PRO A 69 -7.09 24.20 15.84
C PRO A 69 -6.41 25.14 14.85
N HIS A 70 -5.16 24.86 14.52
CA HIS A 70 -4.39 25.67 13.58
C HIS A 70 -4.87 25.44 12.16
N THR A 71 -5.21 24.20 11.87
CA THR A 71 -5.67 23.82 10.54
C THR A 71 -6.91 24.57 10.11
N LEU A 72 -7.80 24.82 11.06
CA LEU A 72 -9.05 25.53 10.79
C LEU A 72 -8.75 27.00 10.58
N LEU A 73 -7.73 27.46 11.30
CA LEU A 73 -7.26 28.84 11.27
C LEU A 73 -6.61 29.19 9.94
N ILE A 74 -5.94 28.21 9.35
CA ILE A 74 -5.26 28.41 8.07
C ILE A 74 -6.27 28.56 6.95
N PHE A 75 -7.31 27.73 6.98
CA PHE A 75 -8.33 27.77 5.95
C PHE A 75 -9.35 28.88 6.12
N THR A 76 -9.48 29.38 7.34
CA THR A 76 -10.44 30.44 7.59
C THR A 76 -9.85 31.80 7.24
N MET A 77 -8.59 32.01 7.60
CA MET A 77 -7.91 33.27 7.32
C MET A 77 -7.53 33.43 5.85
N SER A 78 -7.08 32.35 5.23
CA SER A 78 -6.69 32.39 3.83
C SER A 78 -7.89 32.67 2.94
N PHE A 79 -9.08 32.29 3.41
CA PHE A 79 -10.29 32.55 2.65
C PHE A 79 -10.66 34.01 2.80
N LEU A 80 -10.60 34.48 4.04
CA LEU A 80 -10.91 35.87 4.36
C LEU A 80 -9.89 36.78 3.71
N CYS A 81 -8.64 36.34 3.73
CA CYS A 81 -7.57 37.13 3.15
C CYS A 81 -7.80 37.30 1.65
N SER A 82 -8.47 36.32 1.04
CA SER A 82 -8.76 36.37 -0.38
C SER A 82 -9.99 37.24 -0.60
N TRP A 83 -11.00 37.06 0.25
CA TRP A 83 -12.24 37.80 0.12
C TRP A 83 -12.05 39.31 0.18
N LEU A 84 -10.99 39.76 0.84
CA LEU A 84 -10.73 41.19 0.98
C LEU A 84 -10.02 41.75 -0.23
N LEU A 85 -9.30 40.89 -0.92
CA LEU A 85 -8.55 41.27 -2.09
C LEU A 85 -9.51 41.45 -3.27
N PHE A 86 -10.52 40.59 -3.34
CA PHE A 86 -11.52 40.63 -4.39
C PHE A 86 -12.53 41.74 -4.14
N ALA A 87 -12.48 42.32 -2.95
CA ALA A 87 -13.42 43.36 -2.57
C ALA A 87 -12.82 44.75 -2.78
N MET A 88 -11.51 44.86 -2.62
CA MET A 88 -10.83 46.13 -2.78
C MET A 88 -10.81 46.55 -4.26
N VAL A 89 -10.53 45.59 -5.14
CA VAL A 89 -10.45 45.86 -6.57
C VAL A 89 -11.85 46.05 -7.15
N TRP A 90 -12.87 45.73 -6.36
CA TRP A 90 -14.23 45.87 -6.84
C TRP A 90 -14.76 47.23 -6.38
N TRP A 91 -14.14 47.76 -5.33
CA TRP A 91 -14.51 49.05 -4.77
C TRP A 91 -13.74 50.06 -5.59
N LEU A 92 -12.79 49.54 -6.35
CA LEU A 92 -11.91 50.36 -7.18
C LEU A 92 -12.47 50.56 -8.59
N ILE A 93 -13.19 49.57 -9.08
CA ILE A 93 -13.76 49.66 -10.43
C ILE A 93 -14.98 50.57 -10.42
N ALA A 94 -15.52 50.81 -9.23
CA ALA A 94 -16.68 51.67 -9.06
C ALA A 94 -16.16 53.08 -8.77
N PHE A 95 -14.94 53.14 -8.27
CA PHE A 95 -14.29 54.40 -7.94
C PHE A 95 -13.59 54.94 -9.17
N ALA A 96 -13.25 54.03 -10.07
CA ALA A 96 -12.58 54.38 -11.32
C ALA A 96 -13.59 54.84 -12.35
N HIS A 97 -14.83 54.35 -12.21
CA HIS A 97 -15.91 54.73 -13.11
C HIS A 97 -16.54 55.95 -12.45
N GLY A 98 -16.64 55.89 -11.13
CA GLY A 98 -17.17 56.99 -10.35
C GLY A 98 -18.68 57.15 -10.29
N ASP A 99 -19.40 56.23 -10.90
CA ASP A 99 -20.87 56.28 -10.94
C ASP A 99 -21.63 56.14 -9.63
N LEU A 100 -20.96 55.73 -8.55
CA LEU A 100 -21.65 55.50 -7.29
C LEU A 100 -22.15 56.69 -6.45
N ALA A 101 -21.44 57.81 -6.45
CA ALA A 101 -21.88 58.96 -5.65
C ALA A 101 -22.76 60.04 -6.34
N PRO A 102 -22.50 60.35 -7.63
CA PRO A 102 -23.32 61.37 -8.30
C PRO A 102 -24.77 61.01 -8.59
N GLY A 103 -25.05 59.71 -8.70
CA GLY A 103 -26.41 59.27 -8.94
C GLY A 103 -27.07 59.74 -10.22
N GLU A 104 -26.30 59.77 -11.31
CA GLU A 104 -26.82 60.18 -12.61
C GLU A 104 -27.71 59.08 -13.20
N GLY A 105 -28.89 59.47 -13.67
CA GLY A 105 -29.81 58.50 -14.24
C GLY A 105 -29.48 57.95 -15.62
N THR A 106 -28.72 58.68 -16.42
CA THR A 106 -28.38 58.22 -17.77
C THR A 106 -27.14 57.33 -17.75
N ASN A 107 -26.25 57.62 -16.80
CA ASN A 107 -25.01 56.85 -16.63
C ASN A 107 -25.27 55.57 -15.86
N VAL A 108 -25.26 54.45 -16.57
CA VAL A 108 -25.49 53.14 -15.96
C VAL A 108 -24.21 52.53 -15.38
N PRO A 109 -24.27 52.11 -14.11
CA PRO A 109 -23.18 51.50 -13.36
C PRO A 109 -22.80 50.09 -13.82
N CYS A 110 -21.53 49.72 -13.70
CA CYS A 110 -21.09 48.41 -14.13
C CYS A 110 -21.64 47.34 -13.21
N VAL A 111 -22.04 47.75 -12.00
CA VAL A 111 -22.63 46.86 -11.02
C VAL A 111 -23.63 47.68 -10.21
N THR A 112 -24.86 47.20 -10.13
CA THR A 112 -25.91 47.92 -9.42
C THR A 112 -25.91 47.77 -7.91
N SER A 113 -26.57 48.72 -7.26
CA SER A 113 -26.70 48.77 -5.81
C SER A 113 -25.41 48.91 -5.02
N ILE A 114 -24.40 49.53 -5.61
CA ILE A 114 -23.14 49.73 -4.90
C ILE A 114 -23.16 51.13 -4.31
N HIS A 115 -23.59 51.20 -3.05
CA HIS A 115 -23.73 52.47 -2.37
C HIS A 115 -22.61 52.70 -1.35
N SER A 116 -22.20 51.64 -0.68
CA SER A 116 -21.15 51.75 0.31
C SER A 116 -19.89 50.96 -0.03
N PHE A 117 -18.87 51.16 0.78
CA PHE A 117 -17.61 50.43 0.62
C PHE A 117 -17.82 48.96 0.93
N SER A 118 -18.62 48.71 1.97
CA SER A 118 -18.92 47.35 2.43
C SER A 118 -19.65 46.51 1.40
N SER A 119 -20.50 47.15 0.61
CA SER A 119 -21.30 46.47 -0.40
C SER A 119 -20.43 45.74 -1.42
N ALA A 120 -19.31 46.35 -1.83
CA ALA A 120 -18.42 45.70 -2.77
C ALA A 120 -17.88 44.40 -2.18
N PHE A 121 -17.51 44.43 -0.89
CA PHE A 121 -17.00 43.25 -0.22
C PHE A 121 -18.07 42.17 -0.16
N LEU A 122 -19.31 42.58 0.10
CA LEU A 122 -20.43 41.65 0.16
C LEU A 122 -20.60 40.98 -1.21
N PHE A 123 -20.50 41.77 -2.27
CA PHE A 123 -20.62 41.27 -3.63
C PHE A 123 -19.51 40.26 -3.93
N SER A 124 -18.30 40.57 -3.45
CA SER A 124 -17.15 39.72 -3.64
C SER A 124 -17.38 38.37 -2.97
N ILE A 125 -17.98 38.38 -1.77
CA ILE A 125 -18.25 37.12 -1.10
C ILE A 125 -19.21 36.32 -1.97
N GLU A 126 -20.23 37.01 -2.49
CA GLU A 126 -21.24 36.36 -3.31
C GLU A 126 -20.67 35.55 -4.46
N VAL A 127 -19.80 36.18 -5.25
CA VAL A 127 -19.21 35.49 -6.40
C VAL A 127 -18.35 34.29 -6.01
N GLN A 128 -17.54 34.44 -4.96
CA GLN A 128 -16.68 33.36 -4.52
C GLN A 128 -17.41 32.11 -4.05
N VAL A 129 -18.47 32.30 -3.28
CA VAL A 129 -19.26 31.19 -2.77
C VAL A 129 -20.47 30.84 -3.63
N THR A 130 -20.65 31.60 -4.71
CA THR A 130 -21.77 31.44 -5.66
C THR A 130 -23.15 31.55 -4.99
N ILE A 131 -23.26 32.45 -4.01
CA ILE A 131 -24.51 32.67 -3.30
C ILE A 131 -25.59 33.21 -4.24
N GLY A 132 -25.20 34.13 -5.10
CA GLY A 132 -26.11 34.74 -6.05
C GLY A 132 -27.32 35.40 -5.44
N PHE A 133 -27.11 36.37 -4.56
CA PHE A 133 -28.23 37.08 -3.93
C PHE A 133 -29.20 37.77 -4.89
N GLY A 134 -28.67 38.44 -5.91
CA GLY A 134 -29.52 39.10 -6.88
C GLY A 134 -29.65 40.61 -6.75
N GLY A 135 -29.23 41.17 -5.63
CA GLY A 135 -29.34 42.60 -5.44
C GLY A 135 -28.35 43.42 -6.24
N ARG A 136 -27.12 42.91 -6.32
CA ARG A 136 -26.04 43.58 -7.03
C ARG A 136 -25.89 42.94 -8.42
N MET A 137 -26.33 43.66 -9.45
CA MET A 137 -26.26 43.15 -10.80
C MET A 137 -25.13 43.74 -11.65
N VAL A 138 -24.56 42.89 -12.50
CA VAL A 138 -23.45 43.28 -13.38
C VAL A 138 -23.92 43.54 -14.81
N THR A 139 -23.42 44.61 -15.41
CA THR A 139 -23.80 45.01 -16.76
C THR A 139 -22.72 44.83 -17.82
N GLU A 140 -22.98 45.41 -18.99
CA GLU A 140 -22.07 45.36 -20.14
C GLU A 140 -21.42 46.71 -20.42
N GLU A 141 -21.24 47.54 -19.40
CA GLU A 141 -20.65 48.86 -19.59
C GLU A 141 -19.13 48.91 -19.49
N CYS A 142 -18.54 48.14 -18.58
CA CYS A 142 -17.10 48.16 -18.40
C CYS A 142 -16.44 46.80 -18.67
N PRO A 143 -15.77 46.65 -19.83
CA PRO A 143 -15.07 45.44 -20.29
C PRO A 143 -13.85 45.07 -19.46
N LEU A 144 -13.64 45.76 -18.36
CA LEU A 144 -12.49 45.52 -17.50
C LEU A 144 -12.87 44.64 -16.31
N ALA A 145 -13.98 44.99 -15.67
CA ALA A 145 -14.50 44.28 -14.50
C ALA A 145 -15.02 42.87 -14.82
N ILE A 146 -15.46 42.67 -16.04
CA ILE A 146 -15.99 41.37 -16.45
C ILE A 146 -14.88 40.35 -16.61
N LEU A 147 -13.70 40.81 -17.04
CA LEU A 147 -12.57 39.89 -17.20
C LEU A 147 -11.98 39.68 -15.81
N ILE A 148 -12.20 40.64 -14.92
CA ILE A 148 -11.69 40.55 -13.55
C ILE A 148 -12.54 39.59 -12.76
N LEU A 149 -13.82 39.57 -13.10
CA LEU A 149 -14.78 38.72 -12.43
C LEU A 149 -14.46 37.26 -12.70
N ILE A 150 -13.87 37.01 -13.87
CA ILE A 150 -13.49 35.66 -14.27
C ILE A 150 -12.26 35.21 -13.49
N VAL A 151 -11.38 36.15 -13.21
CA VAL A 151 -10.16 35.85 -12.47
C VAL A 151 -10.49 35.64 -11.00
N GLN A 152 -11.57 36.28 -10.55
CA GLN A 152 -11.98 36.16 -9.17
C GLN A 152 -12.61 34.80 -8.94
N ASN A 153 -13.37 34.35 -9.92
CA ASN A 153 -14.08 33.09 -9.83
C ASN A 153 -13.25 31.83 -9.99
N ILE A 154 -12.24 31.90 -10.85
CA ILE A 154 -11.38 30.74 -11.11
C ILE A 154 -10.38 30.48 -9.98
N VAL A 155 -9.92 31.54 -9.32
CA VAL A 155 -8.96 31.39 -8.24
C VAL A 155 -9.70 31.03 -6.96
N GLY A 156 -10.94 31.51 -6.84
CA GLY A 156 -11.72 31.25 -5.66
C GLY A 156 -12.40 29.89 -5.72
N LEU A 157 -12.36 29.30 -6.90
CA LEU A 157 -12.95 27.99 -7.14
C LEU A 157 -11.81 27.00 -6.95
N MET A 158 -10.59 27.48 -7.15
CA MET A 158 -9.38 26.67 -7.03
C MET A 158 -8.93 26.42 -5.59
N ILE A 159 -9.07 27.43 -4.73
CA ILE A 159 -8.67 27.28 -3.33
C ILE A 159 -9.73 26.53 -2.56
N ASN A 160 -10.94 26.51 -3.10
CA ASN A 160 -12.02 25.81 -2.45
C ASN A 160 -11.86 24.33 -2.73
N ALA A 161 -11.24 24.03 -3.88
CA ALA A 161 -10.99 22.65 -4.29
C ALA A 161 -9.74 22.12 -3.60
N ILE A 162 -8.72 22.97 -3.48
CA ILE A 162 -7.46 22.60 -2.84
C ILE A 162 -7.65 22.30 -1.37
N MET A 163 -8.66 22.93 -0.79
CA MET A 163 -8.95 22.73 0.62
C MET A 163 -9.61 21.37 0.87
N LEU A 164 -10.35 20.91 -0.13
CA LEU A 164 -11.05 19.63 -0.04
C LEU A 164 -10.08 18.46 0.04
N GLY A 165 -8.97 18.58 -0.68
CA GLY A 165 -7.98 17.53 -0.68
C GLY A 165 -7.09 17.53 0.54
N CYS A 166 -6.96 18.69 1.17
CA CYS A 166 -6.10 18.80 2.35
C CYS A 166 -6.78 18.31 3.61
N ILE A 167 -8.09 18.51 3.69
CA ILE A 167 -8.87 18.10 4.85
C ILE A 167 -9.11 16.60 4.82
N PHE A 168 -9.18 16.05 3.62
CA PHE A 168 -9.40 14.62 3.43
C PHE A 168 -8.19 13.86 3.94
N MET A 169 -7.01 14.37 3.61
CA MET A 169 -5.75 13.73 4.01
C MET A 169 -5.61 13.60 5.52
N LYS A 170 -6.28 14.48 6.26
CA LYS A 170 -6.23 14.45 7.71
C LYS A 170 -7.32 13.53 8.24
N THR A 171 -8.29 13.23 7.38
CA THR A 171 -9.41 12.36 7.74
C THR A 171 -8.95 10.92 7.62
N ALA A 172 -7.78 10.73 7.03
CA ALA A 172 -7.23 9.40 6.82
C ALA A 172 -5.98 9.08 7.64
N GLN A 173 -5.66 9.90 8.63
CA GLN A 173 -4.47 9.61 9.42
C GLN A 173 -4.73 8.47 10.39
N ALA A 174 -3.87 7.46 10.31
CA ALA A 174 -4.00 6.26 11.14
C ALA A 174 -3.06 6.16 12.34
N HIS A 175 -2.64 7.25 12.97
CA HIS A 175 -1.92 7.11 14.25
C HIS A 175 -2.85 6.56 15.40
N ARG A 176 -4.08 7.06 15.37
CA ARG A 176 -5.10 6.76 16.36
C ARG A 176 -5.43 5.28 16.41
N ARG A 177 -5.46 4.63 15.25
CA ARG A 177 -5.70 3.19 15.19
C ARG A 177 -4.57 2.43 15.89
N ALA A 178 -3.34 2.92 15.72
CA ALA A 178 -2.17 2.34 16.36
C ALA A 178 -2.25 2.42 17.88
N GLU A 179 -2.86 3.46 18.46
CA GLU A 179 -2.89 3.50 19.96
C GLU A 179 -3.55 2.26 20.68
N THR A 180 -4.72 1.82 20.23
CA THR A 180 -5.45 0.62 20.62
C THR A 180 -4.52 -0.61 20.72
N LEU A 181 -3.29 -0.45 20.24
CA LEU A 181 -2.31 -1.53 20.28
C LEU A 181 -1.52 -1.36 21.59
N ILE A 182 -1.84 -2.20 22.57
CA ILE A 182 -1.20 -2.13 23.88
C ILE A 182 -0.08 -3.12 24.17
N PHE A 183 0.95 -2.63 24.84
CA PHE A 183 2.10 -3.44 25.23
C PHE A 183 2.11 -3.53 26.75
N SER A 184 2.71 -4.59 27.27
CA SER A 184 2.78 -4.84 28.69
C SER A 184 3.66 -3.86 29.48
N LYS A 185 3.56 -3.94 30.80
CA LYS A 185 4.31 -3.09 31.72
C LYS A 185 5.78 -3.49 31.79
N HIS A 186 6.01 -4.78 32.00
CA HIS A 186 7.37 -5.33 32.10
C HIS A 186 7.51 -6.55 31.20
N ALA A 187 8.75 -7.04 31.08
CA ALA A 187 9.04 -8.22 30.27
C ALA A 187 9.54 -9.38 31.15
N VAL A 188 9.59 -10.58 30.57
CA VAL A 188 10.04 -11.77 31.31
C VAL A 188 11.03 -12.64 30.54
N ILE A 189 11.88 -13.34 31.28
CA ILE A 189 12.88 -14.24 30.69
C ILE A 189 12.95 -15.58 31.43
N THR A 190 12.34 -16.61 30.85
CA THR A 190 12.30 -17.94 31.47
C THR A 190 12.57 -19.02 30.41
N PRO A 191 13.17 -20.14 30.82
CA PRO A 191 13.46 -21.22 29.87
C PRO A 191 12.29 -22.11 29.49
N ARG A 192 12.07 -22.24 28.20
CA ARG A 192 10.99 -23.06 27.65
C ARG A 192 11.58 -24.23 26.86
N HIS A 193 11.12 -25.44 27.13
CA HIS A 193 11.61 -26.64 26.44
C HIS A 193 13.10 -26.89 26.66
N GLY A 194 13.67 -26.25 27.67
CA GLY A 194 15.08 -26.45 27.93
C GLY A 194 15.96 -25.34 27.40
N ARG A 195 15.34 -24.31 26.83
CA ARG A 195 16.11 -23.20 26.31
C ARG A 195 15.56 -21.87 26.87
N LEU A 196 16.48 -20.99 27.25
CA LEU A 196 16.13 -19.69 27.81
C LEU A 196 15.51 -18.77 26.76
N CYS A 197 14.39 -18.14 27.09
CA CYS A 197 13.71 -17.28 26.14
C CYS A 197 13.23 -15.97 26.77
N PHE A 198 13.10 -14.94 25.94
CA PHE A 198 12.65 -13.63 26.40
C PHE A 198 11.22 -13.45 25.91
N MET A 199 10.32 -13.11 26.83
CA MET A 199 8.90 -12.99 26.47
C MET A 199 8.28 -11.60 26.56
N LEU A 200 7.56 -11.23 25.50
CA LEU A 200 6.85 -9.96 25.41
C LEU A 200 5.44 -10.25 24.91
N ARG A 201 4.46 -9.57 25.50
CA ARG A 201 3.05 -9.78 25.14
C ARG A 201 2.38 -8.51 24.64
N VAL A 202 1.59 -8.67 23.57
CA VAL A 202 0.88 -7.56 22.94
C VAL A 202 -0.61 -7.85 22.74
N GLY A 203 -1.44 -6.83 22.86
CA GLY A 203 -2.87 -7.01 22.70
C GLY A 203 -3.60 -5.92 21.93
N ASP A 204 -4.85 -6.22 21.56
CA ASP A 204 -5.67 -5.29 20.79
C ASP A 204 -7.01 -5.03 21.48
N LEU A 205 -7.39 -3.76 21.56
CA LEU A 205 -8.63 -3.35 22.21
C LEU A 205 -9.80 -3.13 21.25
N ARG A 206 -9.60 -3.39 19.96
CA ARG A 206 -10.66 -3.17 18.98
C ARG A 206 -11.27 -4.44 18.41
N LYS A 207 -12.39 -4.29 17.72
CA LYS A 207 -13.07 -5.41 17.08
C LYS A 207 -12.51 -5.43 15.66
N SER A 208 -11.85 -4.35 15.29
CA SER A 208 -11.26 -4.23 13.97
C SER A 208 -9.82 -4.73 14.03
N MET A 209 -9.35 -5.31 12.93
CA MET A 209 -8.00 -5.87 12.90
C MET A 209 -6.95 -5.17 12.04
N ILE A 210 -5.76 -5.77 12.07
CA ILE A 210 -4.59 -5.30 11.32
C ILE A 210 -4.08 -6.40 10.42
N ILE A 211 -3.91 -6.06 9.15
CA ILE A 211 -3.45 -7.03 8.18
C ILE A 211 -1.96 -6.97 7.88
N SER A 212 -1.39 -8.16 7.69
CA SER A 212 0.02 -8.30 7.35
C SER A 212 0.88 -7.37 8.20
N ALA A 213 0.71 -7.45 9.52
CA ALA A 213 1.48 -6.61 10.44
C ALA A 213 2.73 -7.30 10.95
N THR A 214 3.87 -6.92 10.38
CA THR A 214 5.17 -7.50 10.76
C THR A 214 5.80 -6.78 11.96
N ILE A 215 6.38 -7.58 12.84
CA ILE A 215 7.03 -7.05 14.04
C ILE A 215 8.54 -7.24 14.00
N HIS A 216 9.28 -6.17 14.29
CA HIS A 216 10.73 -6.19 14.30
C HIS A 216 11.28 -5.70 15.64
N MET A 217 12.07 -6.53 16.30
CA MET A 217 12.65 -6.14 17.59
C MET A 217 14.15 -5.93 17.46
N GLN A 218 14.62 -4.80 17.96
CA GLN A 218 16.03 -4.48 17.91
C GLN A 218 16.64 -4.17 19.27
N VAL A 219 17.90 -4.60 19.45
CA VAL A 219 18.62 -4.36 20.68
C VAL A 219 19.57 -3.19 20.47
N VAL A 220 19.27 -2.07 21.12
CA VAL A 220 20.10 -0.88 20.98
C VAL A 220 21.08 -0.70 22.16
N ARG A 221 22.31 -1.13 21.95
CA ARG A 221 23.34 -1.00 22.97
C ARG A 221 24.60 -0.40 22.33
N LYS A 222 25.47 0.17 23.15
CA LYS A 222 26.70 0.79 22.66
C LYS A 222 27.83 -0.22 22.66
N THR A 223 28.15 -0.73 21.47
CA THR A 223 29.19 -1.73 21.30
C THR A 223 30.55 -1.20 20.82
N THR A 224 31.60 -1.90 21.25
CA THR A 224 32.96 -1.53 20.89
C THR A 224 33.62 -2.67 20.12
N SER A 225 34.19 -2.34 18.97
CA SER A 225 34.85 -3.34 18.13
C SER A 225 36.29 -3.57 18.55
N PRO A 226 36.83 -4.73 18.19
CA PRO A 226 38.21 -5.15 18.50
C PRO A 226 39.28 -4.21 17.95
N GLU A 227 38.89 -3.31 17.06
CA GLU A 227 39.86 -2.39 16.49
C GLU A 227 39.93 -1.08 17.27
N GLY A 228 38.95 -0.83 18.14
CA GLY A 228 38.96 0.39 18.92
C GLY A 228 37.93 1.43 18.54
N GLU A 229 36.89 1.02 17.83
CA GLU A 229 35.85 1.97 17.42
C GLU A 229 34.61 1.85 18.29
N VAL A 230 34.18 2.99 18.83
CA VAL A 230 33.00 3.03 19.67
C VAL A 230 31.78 3.64 18.99
N VAL A 231 30.83 2.79 18.63
CA VAL A 231 29.61 3.24 18.00
C VAL A 231 28.65 3.45 19.18
N PRO A 232 28.10 4.67 19.31
CA PRO A 232 27.18 5.09 20.37
C PRO A 232 25.91 4.26 20.56
N LEU A 233 25.29 3.86 19.46
CA LEU A 233 24.07 3.06 19.51
C LEU A 233 24.01 2.12 18.33
N HIS A 234 24.39 0.88 18.58
CA HIS A 234 24.41 -0.13 17.54
C HIS A 234 23.11 -0.92 17.58
N GLN A 235 22.49 -1.10 16.42
CA GLN A 235 21.22 -1.83 16.35
C GLN A 235 21.36 -3.19 15.72
N VAL A 236 21.22 -4.21 16.57
CA VAL A 236 21.31 -5.60 16.15
C VAL A 236 19.97 -6.28 16.36
N ASP A 237 19.51 -6.95 15.31
CA ASP A 237 18.23 -7.63 15.29
C ASP A 237 18.21 -9.03 15.92
N ILE A 238 17.11 -9.34 16.61
CA ILE A 238 16.93 -10.64 17.25
C ILE A 238 15.78 -11.41 16.60
N PRO A 239 15.96 -12.72 16.41
CA PRO A 239 15.00 -13.64 15.79
C PRO A 239 13.65 -13.76 16.49
N MET A 240 12.61 -13.92 15.67
CA MET A 240 11.24 -14.05 16.13
C MET A 240 10.94 -15.49 16.51
N GLU A 241 11.90 -16.38 16.25
CA GLU A 241 11.76 -17.78 16.58
C GLU A 241 10.60 -18.53 15.92
N ASN A 242 10.02 -17.96 14.88
CA ASN A 242 8.97 -18.69 14.18
C ASN A 242 9.69 -19.82 13.44
N GLY A 243 9.13 -21.02 13.47
CA GLY A 243 9.79 -22.14 12.81
C GLY A 243 9.95 -21.98 11.32
N VAL A 244 8.90 -21.48 10.68
CA VAL A 244 8.89 -21.25 9.24
C VAL A 244 9.89 -20.19 8.76
N GLY A 245 10.04 -19.13 9.54
CA GLY A 245 10.89 -18.00 9.18
C GLY A 245 10.03 -16.76 9.28
N GLY A 246 9.26 -16.68 10.35
CA GLY A 246 8.28 -15.64 10.58
C GLY A 246 8.57 -14.16 10.68
N ASN A 247 7.60 -13.45 10.10
CA ASN A 247 7.47 -12.00 9.98
C ASN A 247 6.30 -11.48 10.80
N SER A 248 5.17 -12.18 10.75
CA SER A 248 4.00 -11.72 11.50
C SER A 248 3.05 -12.83 11.93
N ILE A 249 2.15 -12.47 12.83
CA ILE A 249 1.16 -13.38 13.37
C ILE A 249 -0.20 -12.72 13.58
N PHE A 250 -1.22 -13.48 13.25
CA PHE A 250 -2.63 -13.10 13.34
C PHE A 250 -2.97 -12.72 14.79
N LEU A 251 -3.21 -11.43 15.04
CA LEU A 251 -3.47 -10.93 16.38
C LEU A 251 -4.88 -10.48 16.76
N VAL A 252 -5.62 -11.36 17.45
CA VAL A 252 -6.96 -11.06 17.92
C VAL A 252 -6.94 -11.01 19.45
N ALA A 253 -6.21 -11.94 20.03
CA ALA A 253 -6.06 -12.02 21.48
C ALA A 253 -4.58 -11.82 21.78
N PRO A 254 -4.27 -11.46 23.03
CA PRO A 254 -2.90 -11.23 23.50
C PRO A 254 -1.98 -12.43 23.34
N LEU A 255 -0.94 -12.26 22.53
CA LEU A 255 0.03 -13.31 22.27
C LEU A 255 1.42 -12.92 22.74
N ILE A 256 2.20 -13.93 23.11
CA ILE A 256 3.56 -13.76 23.61
C ILE A 256 4.59 -14.02 22.52
N ILE A 257 5.60 -13.14 22.43
CA ILE A 257 6.69 -13.32 21.49
C ILE A 257 7.88 -13.87 22.27
N TYR A 258 8.57 -14.87 21.73
CA TYR A 258 9.71 -15.49 22.44
C TYR A 258 11.08 -15.35 21.77
N HIS A 259 12.08 -14.97 22.56
CA HIS A 259 13.46 -14.79 22.07
C HIS A 259 14.46 -15.81 22.63
N VAL A 260 14.68 -16.86 21.85
CA VAL A 260 15.58 -17.97 22.15
C VAL A 260 17.03 -17.45 22.19
N ILE A 261 17.69 -17.62 23.33
CA ILE A 261 19.06 -17.15 23.48
C ILE A 261 20.09 -18.17 23.00
N ASP A 262 20.58 -17.97 21.78
CA ASP A 262 21.59 -18.85 21.22
C ASP A 262 22.95 -18.17 21.18
N SER A 263 23.87 -18.79 20.47
CA SER A 263 25.22 -18.29 20.35
C SER A 263 25.30 -16.95 19.61
N ASN A 264 24.24 -16.56 18.91
CA ASN A 264 24.25 -15.30 18.19
C ASN A 264 23.58 -14.20 18.98
N SER A 265 22.87 -14.57 20.04
CA SER A 265 22.18 -13.59 20.86
C SER A 265 23.13 -12.89 21.82
N PRO A 266 23.05 -11.55 21.88
CA PRO A 266 23.88 -10.73 22.75
C PRO A 266 23.63 -10.95 24.25
N LEU A 267 22.49 -11.56 24.58
CA LEU A 267 22.10 -11.83 25.96
C LEU A 267 22.56 -13.21 26.43
N TYR A 268 23.50 -13.76 25.68
CA TYR A 268 24.05 -15.08 25.95
C TYR A 268 25.06 -15.03 27.10
N ASP A 269 25.68 -13.87 27.28
CA ASP A 269 26.69 -13.68 28.31
C ASP A 269 26.16 -12.85 29.48
N LEU A 270 24.86 -12.96 29.74
CA LEU A 270 24.22 -12.21 30.81
C LEU A 270 23.66 -13.03 31.97
N ALA A 271 23.93 -12.56 33.19
CA ALA A 271 23.44 -13.23 34.39
C ALA A 271 22.15 -12.52 34.85
N PRO A 272 21.28 -13.25 35.58
CA PRO A 272 20.00 -12.73 36.09
C PRO A 272 19.98 -11.52 37.03
N SER A 273 20.74 -11.54 38.11
CA SER A 273 20.74 -10.41 39.03
C SER A 273 21.81 -9.37 38.69
N ASP A 274 22.78 -9.76 37.87
CA ASP A 274 23.86 -8.86 37.48
C ASP A 274 23.55 -8.03 36.25
N LEU A 275 22.70 -8.53 35.37
CA LEU A 275 22.39 -7.81 34.15
C LEU A 275 21.38 -6.67 34.30
N HIS A 276 20.51 -6.73 35.29
CA HIS A 276 19.49 -5.69 35.45
C HIS A 276 19.96 -4.33 35.94
N HIS A 277 21.06 -4.30 36.67
CA HIS A 277 21.56 -3.04 37.18
C HIS A 277 22.88 -2.60 36.56
N HIS A 278 23.78 -3.55 36.34
CA HIS A 278 25.09 -3.27 35.75
C HIS A 278 24.97 -2.67 34.36
N GLN A 279 24.08 -3.23 33.54
CA GLN A 279 23.91 -2.76 32.18
C GLN A 279 22.84 -1.69 32.08
N ASP A 280 23.10 -0.69 31.25
CA ASP A 280 22.16 0.40 31.03
C ASP A 280 21.85 0.44 29.54
N LEU A 281 21.14 -0.58 29.07
CA LEU A 281 20.78 -0.66 27.67
C LEU A 281 19.27 -0.71 27.50
N GLU A 282 18.83 -0.78 26.25
CA GLU A 282 17.42 -0.80 25.91
C GLU A 282 17.11 -1.64 24.69
N ILE A 283 15.92 -2.23 24.68
CA ILE A 283 15.46 -3.07 23.58
C ILE A 283 14.14 -2.50 23.07
N ILE A 284 14.11 -2.13 21.79
CA ILE A 284 12.91 -1.56 21.18
C ILE A 284 11.99 -2.52 20.43
N VAL A 285 10.70 -2.27 20.59
CA VAL A 285 9.66 -3.06 19.96
C VAL A 285 9.07 -2.30 18.78
N ILE A 286 9.14 -2.88 17.58
CA ILE A 286 8.60 -2.25 16.38
C ILE A 286 7.45 -3.01 15.75
N LEU A 287 6.23 -2.60 16.09
CA LEU A 287 5.02 -3.22 15.59
C LEU A 287 4.46 -2.44 14.41
N GLU A 288 4.43 -3.07 13.24
CA GLU A 288 3.93 -2.42 12.03
C GLU A 288 2.64 -3.10 11.56
N GLY A 289 2.04 -2.56 10.51
CA GLY A 289 0.81 -3.15 10.00
C GLY A 289 -0.16 -2.17 9.35
N VAL A 290 -1.18 -2.71 8.69
CA VAL A 290 -2.19 -1.91 8.00
C VAL A 290 -3.59 -2.09 8.59
N VAL A 291 -4.42 -1.07 8.37
CA VAL A 291 -5.79 -1.05 8.85
C VAL A 291 -6.73 -1.71 7.86
N GLU A 292 -7.68 -2.47 8.38
CA GLU A 292 -8.64 -3.14 7.51
C GLU A 292 -9.66 -2.16 6.95
N THR A 293 -9.64 -0.92 7.44
CA THR A 293 -10.59 0.07 6.94
C THR A 293 -9.89 1.01 5.96
N THR A 294 -8.67 1.41 6.31
CA THR A 294 -7.90 2.30 5.45
C THR A 294 -6.56 1.70 5.01
N GLY A 295 -6.17 2.01 3.79
CA GLY A 295 -4.92 1.48 3.24
C GLY A 295 -3.63 1.86 3.97
N ILE A 296 -3.69 2.89 4.80
CA ILE A 296 -2.52 3.36 5.54
C ILE A 296 -1.95 2.37 6.55
N THR A 297 -0.61 2.28 6.57
CA THR A 297 0.10 1.40 7.49
C THR A 297 0.71 2.21 8.63
N THR A 298 0.42 1.80 9.86
CA THR A 298 0.90 2.49 11.05
C THR A 298 1.94 1.71 11.85
N GLN A 299 2.60 2.41 12.77
CA GLN A 299 3.64 1.81 13.59
C GLN A 299 3.52 2.20 15.08
N ALA A 300 3.65 1.20 15.96
CA ALA A 300 3.56 1.41 17.40
C ALA A 300 4.86 0.94 18.06
N ARG A 301 5.50 1.86 18.77
CA ARG A 301 6.80 1.58 19.39
C ARG A 301 6.92 1.85 20.88
N THR A 302 7.72 1.02 21.54
CA THR A 302 8.00 1.12 22.95
C THR A 302 9.40 0.57 23.22
N SER A 303 9.89 0.78 24.45
CA SER A 303 11.22 0.31 24.81
C SER A 303 11.24 -0.18 26.26
N TYR A 304 11.99 -1.24 26.50
CA TYR A 304 12.09 -1.82 27.84
C TYR A 304 13.52 -1.75 28.38
N LEU A 305 13.70 -1.03 29.48
CA LEU A 305 15.02 -0.89 30.08
C LEU A 305 15.47 -2.10 30.89
N ALA A 306 16.69 -1.98 31.41
CA ALA A 306 17.32 -3.02 32.21
C ALA A 306 16.53 -3.30 33.49
N ASP A 307 15.86 -2.27 34.00
CA ASP A 307 15.06 -2.43 35.21
C ASP A 307 13.63 -2.79 34.84
N GLU A 308 13.29 -2.61 33.58
CA GLU A 308 11.94 -2.92 33.12
C GLU A 308 11.76 -4.39 32.79
N ILE A 309 12.85 -5.14 32.82
CA ILE A 309 12.82 -6.56 32.53
C ILE A 309 12.88 -7.40 33.80
N LEU A 310 12.01 -8.39 33.88
CA LEU A 310 11.94 -9.27 35.05
C LEU A 310 12.44 -10.68 34.75
N TRP A 311 13.18 -11.25 35.68
CA TRP A 311 13.72 -12.59 35.53
C TRP A 311 13.11 -13.51 36.59
N GLY A 312 12.63 -14.66 36.14
CA GLY A 312 12.06 -15.62 37.08
C GLY A 312 10.55 -15.81 37.02
N GLN A 313 9.82 -14.77 36.61
CA GLN A 313 8.37 -14.85 36.51
C GLN A 313 7.89 -15.00 35.08
N ARG A 314 6.59 -15.20 34.93
CA ARG A 314 5.98 -15.39 33.61
C ARG A 314 4.65 -14.65 33.46
N PHE A 315 4.14 -14.60 32.24
CA PHE A 315 2.88 -13.92 31.95
C PHE A 315 1.68 -14.79 32.32
N VAL A 316 0.78 -14.25 33.15
CA VAL A 316 -0.41 -14.97 33.57
C VAL A 316 -1.40 -15.17 32.41
N PRO A 317 -1.96 -16.38 32.28
CA PRO A 317 -2.92 -16.74 31.23
C PRO A 317 -4.18 -15.88 31.23
N ILE A 318 -4.32 -15.09 30.16
CA ILE A 318 -5.42 -14.16 29.94
C ILE A 318 -6.69 -14.81 29.37
N VAL A 319 -6.50 -15.76 28.47
CA VAL A 319 -7.61 -16.46 27.82
C VAL A 319 -8.34 -17.46 28.71
N ALA A 320 -9.66 -17.28 28.82
CA ALA A 320 -10.50 -18.17 29.63
C ALA A 320 -11.67 -18.61 28.77
N GLU A 321 -11.93 -19.92 28.72
CA GLU A 321 -13.00 -20.42 27.90
C GLU A 321 -14.38 -20.47 28.55
N GLU A 322 -15.33 -19.83 27.87
CA GLU A 322 -16.70 -19.77 28.34
C GLU A 322 -17.61 -20.54 27.40
N ASP A 323 -18.90 -20.49 27.70
CA ASP A 323 -19.89 -21.18 26.89
C ASP A 323 -20.02 -20.63 25.49
N GLY A 324 -20.02 -19.30 25.36
CA GLY A 324 -20.16 -18.71 24.04
C GLY A 324 -18.88 -18.51 23.26
N ARG A 325 -17.89 -17.88 23.90
CA ARG A 325 -16.60 -17.64 23.27
C ARG A 325 -15.48 -17.59 24.30
N TYR A 326 -14.28 -17.26 23.85
CA TYR A 326 -13.12 -17.18 24.71
C TYR A 326 -12.90 -15.74 25.17
N SER A 327 -12.92 -15.54 26.48
CA SER A 327 -12.76 -14.20 27.04
C SER A 327 -11.35 -13.90 27.52
N VAL A 328 -10.94 -12.64 27.34
CA VAL A 328 -9.61 -12.16 27.74
C VAL A 328 -9.66 -10.97 28.70
N ASP A 329 -9.16 -11.20 29.91
CA ASP A 329 -9.13 -10.17 30.94
C ASP A 329 -7.84 -9.37 30.89
N TYR A 330 -7.95 -8.06 30.76
CA TYR A 330 -6.79 -7.17 30.68
C TYR A 330 -6.20 -6.63 31.97
N SER A 331 -6.69 -7.11 33.10
CA SER A 331 -6.17 -6.65 34.38
C SER A 331 -5.04 -7.60 34.74
N LYS A 332 -5.05 -8.76 34.10
CA LYS A 332 -4.03 -9.78 34.34
C LYS A 332 -2.88 -9.57 33.35
N PHE A 333 -3.10 -8.67 32.41
CA PHE A 333 -2.13 -8.35 31.38
C PHE A 333 -0.84 -7.78 31.99
N GLY A 334 -1.00 -7.04 33.09
CA GLY A 334 0.15 -6.45 33.74
C GLY A 334 0.52 -7.20 35.00
N ASN A 335 0.12 -8.47 35.05
CA ASN A 335 0.40 -9.34 36.19
C ASN A 335 1.32 -10.50 35.79
N THR A 336 2.29 -10.79 36.66
CA THR A 336 3.24 -11.87 36.41
C THR A 336 3.54 -12.68 37.66
N VAL A 337 3.67 -13.99 37.48
CA VAL A 337 3.94 -14.91 38.57
C VAL A 337 5.29 -15.61 38.51
N LYS A 338 5.95 -15.64 39.65
CA LYS A 338 7.28 -16.23 39.80
C LYS A 338 7.33 -17.75 39.92
N VAL A 339 8.21 -18.36 39.15
CA VAL A 339 8.42 -19.81 39.16
C VAL A 339 9.92 -20.10 39.23
N PRO A 340 10.31 -21.25 39.80
CA PRO A 340 11.70 -21.67 39.95
C PRO A 340 12.52 -21.76 38.66
N THR A 341 13.47 -20.85 38.52
CA THR A 341 14.35 -20.80 37.36
C THR A 341 15.81 -20.70 37.78
N PRO A 342 16.73 -21.17 36.92
CA PRO A 342 18.18 -21.17 37.16
C PRO A 342 18.78 -19.76 37.22
N LEU A 343 19.75 -19.61 38.12
CA LEU A 343 20.43 -18.33 38.33
C LEU A 343 21.74 -18.25 37.56
N CYS A 344 21.82 -18.94 36.41
CA CYS A 344 23.04 -18.92 35.62
C CYS A 344 22.80 -18.29 34.25
N THR A 345 23.88 -17.96 33.56
CA THR A 345 23.81 -17.36 32.23
C THR A 345 23.69 -18.43 31.16
N ALA A 346 23.17 -18.01 30.02
CA ALA A 346 22.95 -18.91 28.89
C ALA A 346 24.23 -19.59 28.37
N ARG A 347 25.38 -18.97 28.55
CA ARG A 347 26.62 -19.61 28.10
C ARG A 347 26.92 -20.70 29.10
N GLN A 348 26.53 -20.44 30.34
CA GLN A 348 26.75 -21.37 31.43
C GLN A 348 25.72 -22.48 31.44
N LEU A 349 24.52 -22.17 30.95
CA LEU A 349 23.42 -23.12 30.89
C LEU A 349 23.58 -24.13 29.77
N ASP A 350 24.25 -23.73 28.70
CA ASP A 350 24.46 -24.61 27.57
C ASP A 350 25.73 -25.38 27.84
N GLU A 351 26.55 -24.80 28.71
CA GLU A 351 27.81 -25.38 29.10
C GLU A 351 27.56 -26.47 30.12
N ASP A 352 26.50 -26.28 30.90
CA ASP A 352 26.14 -27.23 31.94
C ASP A 352 25.42 -28.42 31.32
N ARG A 353 24.77 -28.18 30.19
CA ARG A 353 24.03 -29.22 29.48
C ARG A 353 24.91 -29.95 28.48
N SER A 354 26.06 -29.36 28.13
CA SER A 354 26.98 -29.97 27.17
C SER A 354 28.00 -30.83 27.91
N LEU A 355 28.02 -30.67 29.23
CA LEU A 355 28.93 -31.40 30.10
C LEU A 355 28.16 -32.55 30.73
N LEU A 356 26.84 -32.40 30.72
CA LEU A 356 25.91 -33.37 31.26
C LEU A 356 25.65 -34.50 30.27
N CYS B 14 -13.88 58.95 2.05
CA CYS B 14 -13.28 60.10 1.39
C CYS B 14 -14.36 61.13 1.04
N GLY B 15 -15.61 60.70 1.04
CA GLY B 15 -16.70 61.59 0.70
C GLY B 15 -17.42 62.28 1.84
N THR B 16 -17.67 63.58 1.70
CA THR B 16 -18.39 64.32 2.73
C THR B 16 -19.75 64.71 2.17
N GLU B 17 -19.78 65.49 1.09
CA GLU B 17 -21.06 65.83 0.47
C GLU B 17 -21.14 65.37 -0.98
N ASN B 18 -20.36 66.00 -1.86
CA ASN B 18 -20.34 65.66 -3.32
C ASN B 18 -18.96 65.29 -3.94
N HIS B 19 -18.02 64.93 -3.09
CA HIS B 19 -16.66 64.63 -3.55
C HIS B 19 -16.52 63.46 -4.52
N SER B 20 -17.24 62.38 -4.31
CA SER B 20 -17.11 61.24 -5.22
C SER B 20 -17.53 61.63 -6.63
N ALA B 21 -18.64 62.34 -6.75
CA ALA B 21 -19.14 62.78 -8.05
C ALA B 21 -18.14 63.72 -8.70
N ALA B 22 -17.58 64.62 -7.89
CA ALA B 22 -16.61 65.55 -8.44
C ALA B 22 -15.41 64.79 -9.01
N TYR B 23 -14.93 63.80 -8.27
CA TYR B 23 -13.78 63.00 -8.70
C TYR B 23 -14.10 62.24 -9.98
N ARG B 24 -15.31 61.72 -10.05
CA ARG B 24 -15.78 60.97 -11.20
C ARG B 24 -15.83 61.79 -12.49
N VAL B 25 -16.20 63.07 -12.40
CA VAL B 25 -16.32 63.87 -13.63
C VAL B 25 -15.06 64.12 -14.53
N ASP B 26 -13.92 64.33 -13.88
CA ASP B 26 -12.63 64.66 -14.47
C ASP B 26 -11.91 63.41 -14.99
N GLN B 27 -11.28 63.52 -16.16
CA GLN B 27 -10.57 62.40 -16.76
C GLN B 27 -9.28 62.03 -16.03
N GLY B 28 -8.90 60.76 -16.12
CA GLY B 28 -7.69 60.30 -15.47
C GLY B 28 -7.83 60.21 -13.96
N VAL B 29 -8.96 59.67 -13.51
CA VAL B 29 -9.24 59.54 -12.09
C VAL B 29 -9.15 60.89 -11.42
N LEU B 30 -9.52 61.93 -12.15
CA LEU B 30 -9.50 63.30 -11.66
C LEU B 30 -8.15 63.67 -11.06
N ASN B 31 -7.08 63.36 -11.79
CA ASN B 31 -5.73 63.67 -11.33
C ASN B 31 -5.47 63.05 -9.95
N ASN B 32 -6.14 61.93 -9.69
CA ASN B 32 -5.99 61.18 -8.44
C ASN B 32 -6.36 61.90 -7.14
N GLY B 33 -7.60 62.39 -7.03
CA GLY B 33 -7.96 63.07 -5.78
C GLY B 33 -7.96 62.12 -4.59
N CYS B 34 -8.77 61.07 -4.66
CA CYS B 34 -8.82 60.08 -3.59
C CYS B 34 -8.28 58.77 -4.11
N PHE B 35 -8.09 58.71 -5.43
CA PHE B 35 -7.60 57.51 -6.09
C PHE B 35 -6.12 57.24 -5.84
N VAL B 36 -5.34 58.29 -5.66
CA VAL B 36 -3.91 58.14 -5.42
C VAL B 36 -3.67 57.48 -4.06
N ASP B 37 -4.65 57.63 -3.17
CA ASP B 37 -4.56 57.06 -1.84
C ASP B 37 -5.04 55.62 -1.85
N ALA B 38 -6.11 55.38 -2.62
CA ALA B 38 -6.69 54.05 -2.72
C ALA B 38 -5.79 53.12 -3.50
N LEU B 39 -4.99 53.70 -4.39
CA LEU B 39 -4.07 52.94 -5.22
C LEU B 39 -2.96 52.31 -4.38
N ASN B 40 -2.47 53.06 -3.40
CA ASN B 40 -1.42 52.59 -2.51
C ASN B 40 -1.84 51.41 -1.63
N VAL B 41 -3.09 51.44 -1.18
CA VAL B 41 -3.65 50.42 -0.30
C VAL B 41 -3.70 48.98 -0.83
N VAL B 42 -4.00 48.82 -2.11
CA VAL B 42 -4.12 47.47 -2.67
C VAL B 42 -2.86 46.62 -2.55
N PRO B 43 -1.70 47.21 -2.82
CA PRO B 43 -0.44 46.49 -2.71
C PRO B 43 -0.17 46.03 -1.29
N HIS B 44 -0.46 46.88 -0.32
CA HIS B 44 -0.24 46.54 1.08
C HIS B 44 -1.11 45.35 1.46
N VAL B 45 -2.37 45.36 1.01
CA VAL B 45 -3.28 44.28 1.30
C VAL B 45 -2.78 42.98 0.68
N PHE B 46 -2.29 43.09 -0.54
CA PHE B 46 -1.76 41.94 -1.26
C PHE B 46 -0.55 41.37 -0.54
N LEU B 47 0.30 42.25 -0.05
CA LEU B 47 1.51 41.84 0.67
C LEU B 47 1.18 41.25 2.03
N LEU B 48 -0.02 41.53 2.53
CA LEU B 48 -0.43 41.02 3.83
C LEU B 48 -1.33 39.80 3.71
N PHE B 49 -1.93 39.62 2.54
CA PHE B 49 -2.83 38.49 2.32
C PHE B 49 -2.10 37.25 1.85
N ILE B 50 -0.97 37.47 1.18
CA ILE B 50 -0.08 36.40 0.76
C ILE B 50 0.68 35.81 1.94
N THR B 51 1.08 36.72 2.83
CA THR B 51 1.89 36.45 4.03
C THR B 51 1.34 35.56 5.14
N PHE B 52 0.04 35.66 5.42
CA PHE B 52 -0.54 34.91 6.53
C PHE B 52 -0.37 33.40 6.38
N PRO B 53 -0.52 32.89 5.17
CA PRO B 53 -0.38 31.45 4.92
C PRO B 53 1.04 30.95 5.21
N ILE B 54 2.04 31.74 4.84
CA ILE B 54 3.43 31.35 5.02
C ILE B 54 3.95 31.68 6.42
N LEU B 55 3.46 32.78 6.97
CA LEU B 55 3.79 33.19 8.32
C LEU B 55 3.16 32.31 9.38
N PHE B 56 1.87 32.02 9.20
CA PHE B 56 1.10 31.20 10.13
C PHE B 56 1.56 29.75 10.20
N ILE B 57 1.85 29.20 9.03
CA ILE B 57 2.30 27.82 8.92
C ILE B 57 3.63 27.63 9.62
N GLY B 58 4.50 28.62 9.47
CA GLY B 58 5.84 28.55 10.05
C GLY B 58 5.73 28.79 11.54
N TRP B 59 4.57 29.30 11.95
CA TRP B 59 4.29 29.59 13.34
C TRP B 59 3.75 28.32 14.00
N GLY B 60 3.07 27.49 13.20
CA GLY B 60 2.50 26.27 13.70
C GLY B 60 3.42 25.07 13.63
N SER B 61 4.17 24.94 12.54
CA SER B 61 5.08 23.82 12.37
C SER B 61 6.26 23.88 13.33
N GLN B 62 6.50 25.05 13.92
CA GLN B 62 7.61 25.22 14.85
C GLN B 62 7.10 25.17 16.29
N SER B 63 5.81 24.89 16.45
CA SER B 63 5.19 24.83 17.76
C SER B 63 4.75 23.42 18.17
N SER B 64 4.55 22.55 17.18
CA SER B 64 4.13 21.18 17.46
C SER B 64 5.22 20.14 17.18
N LYS B 65 5.82 20.19 15.98
CA LYS B 65 6.87 19.25 15.61
C LYS B 65 7.87 19.89 14.65
N VAL B 66 8.98 20.36 15.21
CA VAL B 66 10.03 20.99 14.42
C VAL B 66 11.41 20.59 14.95
N HIS B 67 12.39 20.52 14.04
CA HIS B 67 13.74 20.14 14.42
C HIS B 67 14.69 21.33 14.33
N ILE B 68 14.19 22.45 13.79
CA ILE B 68 14.99 23.65 13.65
C ILE B 68 14.90 24.54 14.88
N HIS B 69 14.66 23.91 16.03
CA HIS B 69 14.54 24.63 17.29
C HIS B 69 15.86 24.65 18.04
N HIS B 70 16.92 24.16 17.41
CA HIS B 70 18.22 24.12 18.07
C HIS B 70 19.28 25.08 17.51
N SER B 71 19.56 25.01 16.20
CA SER B 71 20.58 25.88 15.60
C SER B 71 20.40 26.16 14.12
N THR B 72 20.01 27.39 13.78
CA THR B 72 19.82 27.76 12.37
C THR B 72 20.01 29.25 12.10
N TRP B 73 20.94 29.58 11.19
CA TRP B 73 21.18 30.98 10.84
C TRP B 73 21.74 31.17 9.43
N LEU B 74 21.30 32.23 8.75
CA LEU B 74 21.76 32.54 7.40
C LEU B 74 21.85 34.05 7.17
N HIS B 75 22.84 34.47 6.38
CA HIS B 75 23.04 35.88 6.09
C HIS B 75 22.71 36.27 4.65
N PHE B 76 22.30 37.53 4.48
CA PHE B 76 21.95 38.07 3.17
C PHE B 76 22.59 39.45 2.97
N PRO B 77 23.07 39.73 1.75
CA PRO B 77 23.72 40.99 1.36
C PRO B 77 22.78 42.19 1.51
N GLY B 78 23.11 43.07 2.45
CA GLY B 78 22.28 44.25 2.70
C GLY B 78 21.44 44.06 3.94
N HIS B 79 22.01 43.37 4.93
CA HIS B 79 21.29 43.11 6.17
C HIS B 79 21.17 44.37 7.01
N ASN B 80 22.24 45.15 7.09
CA ASN B 80 22.25 46.38 7.87
C ASN B 80 21.51 47.52 7.18
N LEU B 81 21.30 47.39 5.88
CA LEU B 81 20.61 48.42 5.12
C LEU B 81 19.14 48.06 5.04
N ARG B 82 18.83 46.82 5.42
CA ARG B 82 17.46 46.32 5.42
C ARG B 82 16.80 46.67 6.75
N TRP B 83 17.61 46.74 7.79
CA TRP B 83 17.12 47.10 9.12
C TRP B 83 17.02 48.60 9.22
N ILE B 84 17.94 49.28 8.55
CA ILE B 84 17.98 50.73 8.56
C ILE B 84 16.85 51.30 7.73
N LEU B 85 16.33 50.49 6.81
CA LEU B 85 15.24 50.92 5.94
C LEU B 85 13.93 50.50 6.58
N THR B 86 14.01 49.57 7.51
CA THR B 86 12.83 49.06 8.21
C THR B 86 12.56 49.94 9.41
N PHE B 87 13.60 50.65 9.86
CA PHE B 87 13.50 51.56 10.99
C PHE B 87 13.13 52.95 10.50
N ILE B 88 13.66 53.31 9.34
CA ILE B 88 13.41 54.62 8.74
C ILE B 88 12.01 54.67 8.15
N LEU B 89 11.44 53.51 7.85
CA LEU B 89 10.10 53.43 7.28
C LEU B 89 9.10 53.47 8.43
N LEU B 90 9.61 53.31 9.65
CA LEU B 90 8.80 53.35 10.86
C LEU B 90 8.62 54.81 11.23
N PHE B 91 9.70 55.57 11.06
CA PHE B 91 9.70 57.00 11.36
C PHE B 91 8.87 57.74 10.32
N VAL B 92 8.76 57.14 9.13
CA VAL B 92 8.00 57.73 8.04
C VAL B 92 6.54 57.30 8.12
N LEU B 93 6.27 56.24 8.88
CA LEU B 93 4.90 55.75 9.02
C LEU B 93 4.24 56.47 10.19
N VAL B 94 5.07 56.82 11.17
CA VAL B 94 4.62 57.60 12.32
C VAL B 94 4.29 59.01 11.83
N CYS B 95 5.17 59.53 10.98
CA CYS B 95 5.04 60.86 10.42
C CYS B 95 3.82 61.05 9.52
N GLU B 96 3.56 60.07 8.66
CA GLU B 96 2.43 60.16 7.75
C GLU B 96 1.13 60.23 8.52
N ILE B 97 1.01 59.35 9.52
CA ILE B 97 -0.15 59.28 10.40
C ILE B 97 -0.32 60.55 11.22
N ALA B 98 0.79 61.11 11.68
CA ALA B 98 0.77 62.32 12.49
C ALA B 98 0.16 63.47 11.71
N GLU B 99 0.59 63.62 10.46
CA GLU B 99 0.05 64.62 9.55
C GLU B 99 -1.41 64.29 9.27
N GLY B 100 -1.69 62.99 9.14
CA GLY B 100 -3.01 62.48 8.85
C GLY B 100 -4.00 62.80 9.95
N ILE B 101 -3.55 62.74 11.19
CA ILE B 101 -4.42 63.04 12.33
C ILE B 101 -4.90 64.48 12.27
N LEU B 102 -4.01 65.39 11.91
CA LEU B 102 -4.36 66.80 11.83
C LEU B 102 -5.43 67.06 10.77
N SER B 103 -5.31 66.40 9.63
CA SER B 103 -6.27 66.56 8.55
C SER B 103 -7.67 66.09 8.95
N ASP B 104 -7.72 64.96 9.66
CA ASP B 104 -8.99 64.39 10.10
C ASP B 104 -9.74 65.31 11.06
N GLY B 105 -9.00 65.94 11.97
CA GLY B 105 -9.58 66.82 12.96
C GLY B 105 -10.29 68.04 12.40
N VAL B 106 -9.70 68.66 11.38
CA VAL B 106 -10.29 69.86 10.79
C VAL B 106 -11.70 70.07 11.33
N THR B 107 -12.25 69.00 11.90
CA THR B 107 -13.58 69.02 12.51
C THR B 107 -14.77 69.38 11.61
N GLU B 108 -14.69 69.06 10.33
CA GLU B 108 -15.81 69.35 9.44
C GLU B 108 -16.48 68.04 9.02
N SER B 109 -15.67 67.15 8.48
CA SER B 109 -16.12 65.84 8.04
C SER B 109 -14.91 64.93 8.15
N ARG B 110 -15.12 63.68 8.53
CA ARG B 110 -14.02 62.74 8.68
C ARG B 110 -13.76 61.98 7.38
N HIS B 111 -12.67 62.34 6.69
CA HIS B 111 -12.30 61.68 5.44
C HIS B 111 -11.52 60.41 5.78
N LEU B 112 -12.15 59.26 5.57
CA LEU B 112 -11.52 57.97 5.85
C LEU B 112 -10.38 57.58 4.92
N HIS B 113 -10.47 57.99 3.66
CA HIS B 113 -9.44 57.63 2.68
C HIS B 113 -8.27 58.61 2.63
N LEU B 114 -8.05 59.34 3.71
CA LEU B 114 -6.96 60.32 3.76
C LEU B 114 -5.78 59.82 4.59
N TYR B 115 -6.08 59.06 5.64
CA TYR B 115 -5.06 58.54 6.54
C TYR B 115 -4.93 57.01 6.47
N MET B 116 -5.68 56.38 5.59
CA MET B 116 -5.64 54.92 5.45
C MET B 116 -4.35 54.36 4.86
N PRO B 117 -3.77 55.04 3.85
CA PRO B 117 -2.53 54.55 3.24
C PRO B 117 -1.36 54.44 4.19
N ALA B 118 -1.42 55.18 5.31
CA ALA B 118 -0.35 55.17 6.28
C ALA B 118 -0.49 54.05 7.30
N GLY B 119 -1.72 53.62 7.53
CA GLY B 119 -1.97 52.55 8.49
C GLY B 119 -1.78 51.18 7.89
N MET B 120 -1.97 51.08 6.58
CA MET B 120 -1.74 49.83 5.86
C MET B 120 -0.25 49.51 5.83
N ALA B 121 0.53 50.56 5.62
CA ALA B 121 1.99 50.46 5.51
C ALA B 121 2.68 49.95 6.76
N PHE B 122 2.22 50.38 7.93
CA PHE B 122 2.85 49.93 9.16
C PHE B 122 2.71 48.43 9.29
N MET B 123 1.52 47.91 8.99
CA MET B 123 1.30 46.47 9.06
C MET B 123 2.14 45.77 8.00
N ALA B 124 2.18 46.35 6.80
CA ALA B 124 2.95 45.78 5.70
C ALA B 124 4.46 45.73 5.92
N ALA B 125 5.00 46.80 6.49
CA ALA B 125 6.42 46.93 6.74
C ALA B 125 6.78 46.02 7.90
N ILE B 126 5.78 45.75 8.73
CA ILE B 126 5.97 44.87 9.88
C ILE B 126 5.88 43.44 9.38
N THR B 127 5.17 43.27 8.27
CA THR B 127 5.00 41.95 7.67
C THR B 127 6.21 41.65 6.80
N SER B 128 6.91 42.71 6.39
CA SER B 128 8.10 42.57 5.57
C SER B 128 9.27 42.16 6.44
N VAL B 129 9.17 42.49 7.73
CA VAL B 129 10.22 42.16 8.68
C VAL B 129 10.10 40.69 9.09
N VAL B 130 8.88 40.16 8.97
CA VAL B 130 8.60 38.76 9.30
C VAL B 130 8.94 37.88 8.11
N TYR B 131 9.00 38.50 6.94
CA TYR B 131 9.32 37.81 5.69
C TYR B 131 10.83 37.65 5.59
N TYR B 132 11.52 38.60 6.22
CA TYR B 132 12.98 38.64 6.24
C TYR B 132 13.48 37.66 7.29
N HIS B 133 12.63 37.40 8.27
CA HIS B 133 12.98 36.47 9.32
C HIS B 133 12.65 35.06 8.88
N ASN B 134 11.64 34.95 8.02
CA ASN B 134 11.24 33.65 7.50
C ASN B 134 12.19 33.28 6.38
N ILE B 135 12.83 34.29 5.81
CA ILE B 135 13.78 34.09 4.72
C ILE B 135 15.16 33.84 5.31
N GLU B 136 15.40 34.38 6.50
CA GLU B 136 16.68 34.22 7.18
C GLU B 136 16.75 32.83 7.80
N THR B 137 15.61 32.15 7.83
CA THR B 137 15.51 30.80 8.40
C THR B 137 15.61 29.78 7.26
N SER B 138 14.89 30.06 6.19
CA SER B 138 14.86 29.22 5.01
C SER B 138 15.22 30.13 3.83
N ASN B 139 16.31 29.79 3.15
CA ASN B 139 16.81 30.56 2.02
C ASN B 139 16.15 30.23 0.69
N PHE B 140 15.28 31.13 0.25
CA PHE B 140 14.58 30.97 -1.02
C PHE B 140 14.35 32.37 -1.57
N PRO B 141 14.43 32.54 -2.90
CA PRO B 141 14.23 33.82 -3.58
C PRO B 141 12.79 34.18 -3.87
N LYS B 142 11.87 33.25 -3.60
CA LYS B 142 10.45 33.46 -3.85
C LYS B 142 9.86 34.58 -3.01
N LEU B 143 10.49 34.87 -1.87
CA LEU B 143 10.00 35.92 -0.98
C LEU B 143 10.51 37.28 -1.44
N LEU B 144 11.74 37.31 -1.92
CA LEU B 144 12.35 38.56 -2.38
C LEU B 144 11.72 38.98 -3.69
N ILE B 145 11.00 38.07 -4.32
CA ILE B 145 10.35 38.34 -5.59
C ILE B 145 8.95 38.89 -5.32
N ALA B 146 8.40 38.55 -4.17
CA ALA B 146 7.07 39.00 -3.76
C ALA B 146 7.18 40.36 -3.08
N LEU B 147 8.37 40.66 -2.59
CA LEU B 147 8.66 41.92 -1.91
C LEU B 147 9.00 42.92 -2.99
N LEU B 148 9.75 42.44 -3.99
CA LEU B 148 10.16 43.25 -5.12
C LEU B 148 8.91 43.67 -5.89
N ILE B 149 7.91 42.79 -5.87
CA ILE B 149 6.64 43.06 -6.55
C ILE B 149 5.90 44.15 -5.79
N TYR B 150 6.20 44.26 -4.50
CA TYR B 150 5.57 45.27 -3.66
C TYR B 150 6.33 46.60 -3.76
N TRP B 151 7.65 46.52 -3.64
CA TRP B 151 8.50 47.70 -3.71
C TRP B 151 8.32 48.46 -5.01
N THR B 152 7.97 47.72 -6.07
CA THR B 152 7.77 48.30 -7.38
C THR B 152 6.38 48.93 -7.52
N LEU B 153 5.38 48.33 -6.88
CA LEU B 153 4.03 48.87 -6.94
C LEU B 153 3.92 50.07 -5.99
N ALA B 154 4.74 50.06 -4.95
CA ALA B 154 4.76 51.15 -3.97
C ALA B 154 5.54 52.32 -4.56
N PHE B 155 6.45 52.00 -5.48
CA PHE B 155 7.27 53.00 -6.14
C PHE B 155 6.41 53.78 -7.14
N ILE B 156 5.49 53.08 -7.79
CA ILE B 156 4.61 53.67 -8.79
C ILE B 156 3.50 54.53 -8.17
N THR B 157 3.19 54.25 -6.90
CA THR B 157 2.14 55.00 -6.20
C THR B 157 2.69 56.33 -5.67
N LYS B 158 3.99 56.33 -5.42
CA LYS B 158 4.71 57.51 -4.95
C LYS B 158 4.70 58.55 -6.04
N THR B 159 4.86 58.09 -7.28
CA THR B 159 4.89 58.95 -8.45
C THR B 159 3.57 59.69 -8.64
N ILE B 160 2.46 59.00 -8.39
CA ILE B 160 1.16 59.62 -8.54
C ILE B 160 1.03 60.79 -7.57
N LYS B 161 1.44 60.58 -6.33
CA LYS B 161 1.32 61.65 -5.34
C LYS B 161 2.17 62.83 -5.78
N PHE B 162 3.39 62.55 -6.23
CA PHE B 162 4.27 63.60 -6.70
C PHE B 162 3.69 64.24 -7.96
N VAL B 163 3.17 63.39 -8.84
CA VAL B 163 2.58 63.86 -10.09
C VAL B 163 1.37 64.74 -9.81
N LYS B 164 0.54 64.31 -8.86
CA LYS B 164 -0.65 65.07 -8.49
C LYS B 164 -0.24 66.41 -7.92
N PHE B 165 0.77 66.35 -7.05
CA PHE B 165 1.32 67.49 -6.31
C PHE B 165 1.98 68.60 -7.13
N TYR B 166 2.69 68.23 -8.19
CA TYR B 166 3.40 69.24 -8.98
C TYR B 166 2.40 70.26 -9.55
N ASP B 167 1.29 69.77 -10.08
CA ASP B 167 0.25 70.65 -10.58
C ASP B 167 -0.30 71.45 -9.41
N HIS B 168 -0.44 70.76 -8.28
CA HIS B 168 -0.98 71.33 -7.04
C HIS B 168 0.24 71.49 -6.16
N ALA B 169 1.11 72.42 -6.54
CA ALA B 169 2.35 72.67 -5.83
C ALA B 169 2.33 73.73 -4.74
N ILE B 170 2.97 73.38 -3.62
CA ILE B 170 3.08 74.26 -2.47
C ILE B 170 4.54 74.65 -2.31
N GLY B 171 5.42 73.65 -2.36
CA GLY B 171 6.84 73.87 -2.21
C GLY B 171 7.35 73.22 -0.94
N PHE B 172 7.59 74.05 0.07
CA PHE B 172 8.09 73.55 1.35
C PHE B 172 7.03 73.69 2.45
N SER B 173 5.90 74.29 2.09
CA SER B 173 4.82 74.52 3.03
C SER B 173 3.81 73.38 3.11
N GLN B 174 4.21 72.20 2.64
CA GLN B 174 3.33 71.04 2.67
C GLN B 174 3.94 69.89 3.49
N LEU B 175 3.15 69.35 4.41
CA LEU B 175 3.60 68.26 5.27
C LEU B 175 3.31 66.90 4.65
N ARG B 176 2.36 66.85 3.72
CA ARG B 176 2.08 65.60 3.02
C ARG B 176 3.30 65.27 2.16
N PHE B 177 3.84 66.30 1.53
CA PHE B 177 4.99 66.19 0.65
C PHE B 177 6.24 65.72 1.38
N CYS B 178 6.44 66.23 2.60
CA CYS B 178 7.61 65.83 3.38
C CYS B 178 7.55 64.34 3.66
N LEU B 179 6.37 63.85 4.03
CA LEU B 179 6.20 62.43 4.30
C LEU B 179 6.44 61.63 3.02
N THR B 180 5.89 62.13 1.93
CA THR B 180 6.05 61.47 0.62
C THR B 180 7.51 61.45 0.19
N GLY B 181 8.21 62.56 0.42
CA GLY B 181 9.60 62.66 0.04
C GLY B 181 10.46 61.66 0.79
N LEU B 182 10.21 61.52 2.08
CA LEU B 182 10.96 60.58 2.91
C LEU B 182 10.71 59.15 2.44
N LEU B 183 9.45 58.88 2.11
CA LEU B 183 9.00 57.59 1.63
C LEU B 183 9.64 57.22 0.29
N VAL B 184 9.79 58.22 -0.57
CA VAL B 184 10.39 58.03 -1.89
C VAL B 184 11.81 57.51 -1.79
N ILE B 185 12.57 58.02 -0.84
CA ILE B 185 13.95 57.60 -0.62
C ILE B 185 14.01 56.12 -0.25
N LEU B 186 13.03 55.65 0.52
CA LEU B 186 13.01 54.25 0.92
C LEU B 186 12.89 53.33 -0.29
N TYR B 187 12.05 53.72 -1.24
CA TYR B 187 11.85 52.93 -2.45
C TYR B 187 13.16 52.86 -3.25
N GLY B 188 13.85 53.99 -3.33
CA GLY B 188 15.13 54.06 -4.04
C GLY B 188 16.15 53.17 -3.37
N MET B 189 16.18 53.24 -2.04
CA MET B 189 17.05 52.42 -1.21
C MET B 189 16.66 50.95 -1.30
N LEU B 190 15.35 50.73 -1.40
CA LEU B 190 14.75 49.39 -1.46
C LEU B 190 15.20 48.57 -2.66
N LEU B 191 15.55 49.19 -3.78
CA LEU B 191 15.95 48.42 -4.96
C LEU B 191 17.22 47.55 -4.81
N LEU B 192 18.22 48.08 -4.11
CA LEU B 192 19.49 47.36 -3.94
C LEU B 192 19.29 46.02 -3.24
N VAL B 193 18.39 46.00 -2.25
CA VAL B 193 18.09 44.78 -1.51
C VAL B 193 17.53 43.74 -2.48
N GLU B 194 16.72 44.21 -3.41
CA GLU B 194 16.09 43.38 -4.45
C GLU B 194 17.05 42.93 -5.58
N VAL B 195 18.22 43.56 -5.63
CA VAL B 195 19.24 43.30 -6.65
C VAL B 195 20.26 42.24 -6.22
N ASN B 196 19.97 41.48 -5.18
CA ASN B 196 20.90 40.48 -4.70
C ASN B 196 21.26 39.49 -5.80
N VAL B 197 22.55 39.16 -5.87
CA VAL B 197 23.12 38.29 -6.90
C VAL B 197 23.01 36.83 -6.46
N ILE B 198 22.72 36.60 -5.18
CA ILE B 198 22.58 35.25 -4.64
C ILE B 198 21.19 34.67 -4.84
N ARG B 199 20.31 35.44 -5.48
CA ARG B 199 18.94 34.99 -5.75
C ARG B 199 18.89 34.34 -7.13
N VAL B 200 18.46 33.09 -7.18
CA VAL B 200 18.39 32.34 -8.44
C VAL B 200 16.98 32.22 -9.04
N ARG B 201 16.15 33.24 -8.82
CA ARG B 201 14.79 33.23 -9.33
C ARG B 201 14.66 33.54 -10.82
N ARG B 202 15.73 34.09 -11.41
CA ARG B 202 15.71 34.46 -12.82
C ARG B 202 15.98 33.29 -13.77
N TYR B 203 15.72 33.52 -15.06
CA TYR B 203 15.92 32.51 -16.09
C TYR B 203 17.40 32.23 -16.29
N ILE B 204 18.23 33.24 -16.02
CA ILE B 204 19.68 33.12 -16.16
C ILE B 204 20.32 32.44 -14.96
N PHE B 205 21.50 31.87 -15.16
CA PHE B 205 22.23 31.14 -14.11
C PHE B 205 21.35 30.21 -13.29
N PHE B 206 20.71 29.25 -13.97
CA PHE B 206 19.80 28.29 -13.34
C PHE B 206 20.37 27.49 -12.17
N LYS B 207 21.67 27.62 -11.93
CA LYS B 207 22.32 26.92 -10.82
C LYS B 207 22.50 27.92 -9.68
N THR B 208 22.98 27.43 -8.53
CA THR B 208 23.20 28.31 -7.39
C THR B 208 24.43 29.16 -7.62
N PRO B 209 24.25 30.49 -7.71
CA PRO B 209 25.34 31.46 -7.94
C PRO B 209 26.37 31.49 -6.83
N ARG B 210 25.96 31.06 -5.64
CA ARG B 210 26.84 31.04 -4.46
C ARG B 210 26.69 29.74 -3.68
N GLU B 211 27.72 28.90 -3.77
CA GLU B 211 27.72 27.60 -3.09
C GLU B 211 28.39 27.62 -1.72
N VAL B 212 29.09 28.72 -1.42
CA VAL B 212 29.78 28.83 -0.14
C VAL B 212 28.98 29.65 0.84
N LYS B 213 27.80 30.09 0.43
CA LYS B 213 26.94 30.89 1.27
C LYS B 213 26.16 30.09 2.31
N PRO B 214 25.65 28.91 1.93
CA PRO B 214 24.88 28.07 2.86
C PRO B 214 25.65 27.69 4.13
N PRO B 215 26.89 27.20 3.99
CA PRO B 215 27.69 26.82 5.17
C PRO B 215 28.29 28.03 5.86
N GLU B 216 27.92 28.25 7.12
CA GLU B 216 28.43 29.40 7.89
C GLU B 216 29.47 28.96 8.94
N ASP B 217 30.46 29.81 9.18
CA ASP B 217 31.45 29.52 10.21
C ASP B 217 30.80 29.53 11.59
N LEU B 218 29.90 30.49 11.77
CA LEU B 218 29.19 30.69 13.03
C LEU B 218 28.33 29.50 13.45
N GLN B 219 27.63 28.89 12.50
CA GLN B 219 26.78 27.75 12.82
C GLN B 219 27.64 26.60 13.34
N ASP B 220 28.78 26.39 12.68
CA ASP B 220 29.71 25.33 13.08
C ASP B 220 30.25 25.62 14.46
N LEU B 221 30.41 26.91 14.79
CA LEU B 221 30.81 27.27 16.14
C LEU B 221 29.67 26.81 17.08
N GLY B 222 28.45 27.18 16.72
CA GLY B 222 27.21 26.86 17.42
C GLY B 222 26.70 25.41 17.51
N VAL B 223 26.93 24.60 16.47
CA VAL B 223 26.45 23.22 16.41
C VAL B 223 27.03 22.40 17.56
N ARG B 224 28.31 22.61 17.84
CA ARG B 224 28.99 21.96 18.95
C ARG B 224 28.90 22.82 20.23
N PHE B 225 28.19 23.95 20.15
CA PHE B 225 28.03 24.89 21.24
C PHE B 225 26.74 24.73 22.03
N LEU B 226 26.88 24.57 23.34
CA LEU B 226 25.73 24.49 24.23
C LEU B 226 24.98 25.83 24.20
N GLN B 227 25.75 26.91 24.17
CA GLN B 227 25.23 28.27 24.09
C GLN B 227 26.00 28.94 22.95
N PRO B 228 25.32 29.24 21.86
CA PRO B 228 25.99 29.84 20.69
C PRO B 228 26.63 31.20 20.93
N PHE B 229 25.93 32.12 21.62
CA PHE B 229 26.47 33.44 21.92
C PHE B 229 27.02 34.14 20.67
N VAL B 230 26.26 34.13 19.59
CA VAL B 230 26.71 34.74 18.33
C VAL B 230 26.19 36.17 18.11
N ASN B 231 27.11 37.07 17.78
CA ASN B 231 26.78 38.47 17.53
C ASN B 231 25.82 38.64 16.35
N LEU B 232 25.99 37.80 15.34
CA LEU B 232 25.15 37.83 14.14
C LEU B 232 23.67 37.50 14.40
N LEU B 233 23.01 38.36 15.18
CA LEU B 233 21.60 38.22 15.53
C LEU B 233 20.81 39.52 15.34
N SER B 234 19.58 39.54 15.85
CA SER B 234 18.71 40.71 15.75
C SER B 234 19.32 41.97 16.37
N LYS B 235 20.37 41.78 17.15
CA LYS B 235 21.07 42.88 17.80
C LYS B 235 20.21 43.68 18.77
N GLY B 236 19.16 43.05 19.29
CA GLY B 236 18.27 43.75 20.22
C GLY B 236 18.48 43.33 21.66
N THR B 237 19.40 42.39 21.90
CA THR B 237 19.64 41.90 23.26
C THR B 237 18.35 41.25 23.75
N TYR B 238 17.71 40.50 22.86
CA TYR B 238 16.46 39.80 23.13
C TYR B 238 16.65 38.29 23.20
N TRP B 239 17.51 37.75 22.34
CA TRP B 239 17.77 36.32 22.37
C TRP B 239 18.94 35.97 23.29
N TRP B 240 19.81 36.95 23.56
CA TRP B 240 20.96 36.74 24.42
C TRP B 240 20.47 36.55 25.85
N MET B 241 19.25 36.98 26.08
CA MET B 241 18.63 36.91 27.40
C MET B 241 17.54 35.86 27.52
N ASN B 242 17.02 35.38 26.38
CA ASN B 242 15.96 34.38 26.41
C ASN B 242 16.51 32.96 26.47
N ALA B 243 17.80 32.82 26.17
CA ALA B 243 18.45 31.52 26.19
C ALA B 243 18.97 31.20 27.59
N PHE B 244 19.54 32.21 28.22
CA PHE B 244 19.95 32.13 29.61
C PHE B 244 18.70 32.13 30.50
N ILE B 245 17.76 32.98 30.10
CA ILE B 245 16.50 33.22 30.80
C ILE B 245 15.58 32.03 30.92
N LYS B 246 15.44 31.22 29.88
CA LYS B 246 14.56 30.06 29.97
C LYS B 246 15.09 29.10 31.03
N THR B 247 16.40 28.88 31.01
CA THR B 247 17.06 28.01 31.98
C THR B 247 16.88 28.58 33.37
N ALA B 248 17.04 29.91 33.50
CA ALA B 248 16.90 30.54 34.80
C ALA B 248 15.47 30.35 35.34
N HIS B 249 14.49 30.49 34.46
CA HIS B 249 13.09 30.35 34.81
C HIS B 249 12.80 28.92 35.28
N LYS B 250 13.38 27.94 34.60
CA LYS B 250 13.15 26.56 35.02
C LYS B 250 13.79 26.38 36.40
N LYS B 251 13.13 25.68 37.32
CA LYS B 251 13.77 25.53 38.61
C LYS B 251 14.81 24.41 38.65
N PRO B 252 14.47 23.26 38.06
CA PRO B 252 15.42 22.14 38.02
C PRO B 252 16.65 22.49 37.18
N ILE B 253 16.40 23.15 36.05
CA ILE B 253 17.47 23.57 35.14
C ILE B 253 18.42 24.60 35.75
N ASP B 254 17.86 25.52 36.52
CA ASP B 254 18.66 26.59 37.10
C ASP B 254 19.76 26.12 38.05
N LEU B 255 19.45 25.11 38.88
CA LEU B 255 20.47 24.63 39.80
C LEU B 255 21.63 24.04 39.01
N ARG B 256 21.32 23.25 37.99
CA ARG B 256 22.35 22.65 37.15
C ARG B 256 23.12 23.72 36.36
N ALA B 257 22.38 24.67 35.82
CA ALA B 257 22.95 25.76 35.02
C ALA B 257 23.87 26.67 35.84
N ILE B 258 23.46 26.97 37.06
CA ILE B 258 24.22 27.87 37.92
C ILE B 258 25.41 27.20 38.60
N ALA B 259 25.79 26.00 38.15
CA ALA B 259 26.91 25.31 38.75
C ALA B 259 27.95 24.90 37.71
N LYS B 260 27.42 24.37 36.63
CA LYS B 260 28.22 23.89 35.51
C LYS B 260 28.15 24.89 34.39
N LEU B 261 28.00 26.18 34.73
CA LEU B 261 27.88 27.24 33.73
C LEU B 261 29.09 27.32 32.82
N PRO B 262 30.29 27.11 33.36
CA PRO B 262 31.49 27.14 32.50
C PRO B 262 31.37 26.00 31.48
N ILE B 263 30.96 24.82 31.93
CA ILE B 263 30.73 23.69 31.04
C ILE B 263 29.56 24.01 30.12
N ALA B 264 28.54 24.65 30.70
CA ALA B 264 27.34 25.04 29.98
C ALA B 264 27.80 26.04 28.95
N MET B 265 28.69 26.95 29.35
CA MET B 265 29.18 27.87 28.33
C MET B 265 29.86 27.05 27.24
N ARG B 266 29.65 27.45 26.00
CA ARG B 266 30.20 26.73 24.90
C ARG B 266 31.53 27.24 24.41
N ALA B 267 32.04 28.29 25.06
CA ALA B 267 33.31 28.92 24.66
C ALA B 267 33.25 29.26 23.18
N LEU B 268 32.19 29.96 22.78
CA LEU B 268 31.99 30.31 21.39
C LEU B 268 32.94 31.38 20.84
N THR B 269 33.16 32.45 21.58
CA THR B 269 34.04 33.50 21.07
C THR B 269 35.50 33.10 21.21
N ASN B 270 35.74 31.80 21.32
CA ASN B 270 37.10 31.29 21.46
C ASN B 270 37.84 31.32 20.13
N TYR B 271 37.07 31.35 19.04
CA TYR B 271 37.65 31.38 17.70
C TYR B 271 37.88 32.83 17.29
N GLN B 272 37.41 33.74 18.13
CA GLN B 272 37.54 35.17 17.88
C GLN B 272 38.52 35.81 18.86
N ARG B 273 38.77 35.14 19.99
CA ARG B 273 39.78 35.64 20.93
C ARG B 273 41.17 35.52 20.30
N LEU B 274 41.36 34.38 19.62
CA LEU B 274 42.63 34.05 18.97
C LEU B 274 42.99 35.04 17.88
N CYS B 275 41.99 35.48 17.12
CA CYS B 275 42.23 36.45 16.06
C CYS B 275 42.77 37.75 16.65
N VAL B 276 42.19 38.17 17.77
CA VAL B 276 42.64 39.38 18.44
C VAL B 276 44.07 39.18 18.93
N ALA B 277 44.44 38.02 19.43
CA ALA B 277 45.84 37.90 19.84
C ALA B 277 46.73 38.08 18.59
N PHE B 278 46.30 37.41 17.52
CA PHE B 278 47.01 37.47 16.24
C PHE B 278 46.96 38.89 15.69
N ASP B 279 45.88 39.61 15.93
CA ASP B 279 45.75 40.97 15.43
C ASP B 279 46.71 41.91 16.16
N ALA B 280 46.96 41.62 17.43
CA ALA B 280 47.86 42.45 18.22
C ALA B 280 49.27 42.40 17.65
N GLN B 281 49.70 41.20 17.24
CA GLN B 281 51.02 41.04 16.66
C GLN B 281 51.15 41.83 15.37
N ALA B 282 50.09 41.80 14.56
CA ALA B 282 50.08 42.52 13.29
C ALA B 282 50.20 44.02 13.53
N ARG B 283 49.48 44.51 14.53
CA ARG B 283 49.51 45.93 14.86
C ARG B 283 50.89 46.35 15.30
N LYS B 284 51.54 45.49 16.09
CA LYS B 284 52.89 45.75 16.58
C LYS B 284 53.88 45.86 15.43
N ASP B 285 53.72 44.99 14.44
CA ASP B 285 54.60 44.96 13.28
C ASP B 285 54.68 46.30 12.55
N THR B 286 55.53 47.18 13.05
CA THR B 286 55.75 48.49 12.45
C THR B 286 57.19 48.64 11.99
N GLN B 287 57.51 49.79 11.41
CA GLN B 287 58.86 50.06 10.91
C GLN B 287 59.76 50.67 11.98
N SER B 288 59.17 51.09 13.10
CA SER B 288 59.93 51.71 14.19
C SER B 288 59.98 50.80 15.42
N PRO B 289 61.01 50.95 16.26
CA PRO B 289 61.21 50.16 17.48
C PRO B 289 60.07 50.23 18.49
N GLN B 290 60.09 49.32 19.46
CA GLN B 290 59.06 49.26 20.49
C GLN B 290 59.10 50.50 21.37
N GLY B 291 57.92 51.02 21.69
CA GLY B 291 57.80 52.20 22.53
C GLY B 291 56.49 52.20 23.28
N ALA B 292 56.43 52.94 24.38
CA ALA B 292 55.20 53.04 25.16
C ALA B 292 54.15 53.67 24.25
N ARG B 293 54.58 54.64 23.47
CA ARG B 293 53.71 55.35 22.54
C ARG B 293 53.41 54.42 21.37
N ALA B 294 54.44 53.70 20.95
CA ALA B 294 54.35 52.75 19.84
C ALA B 294 53.40 51.60 20.16
N ILE B 295 53.45 51.10 21.39
CA ILE B 295 52.51 50.05 21.78
C ILE B 295 51.14 50.64 22.03
N TRP B 296 51.07 51.91 22.39
CA TRP B 296 49.78 52.56 22.63
C TRP B 296 49.04 52.78 21.32
N ARG B 297 49.66 53.49 20.38
CA ARG B 297 49.04 53.71 19.08
C ARG B 297 48.96 52.42 18.28
N ALA B 298 49.80 51.41 18.54
CA ALA B 298 49.58 50.13 17.81
C ALA B 298 48.35 49.53 18.44
N LEU B 299 48.16 49.68 19.75
CA LEU B 299 46.98 49.04 20.32
C LEU B 299 45.71 49.70 19.82
N CYS B 300 45.72 51.03 19.70
CA CYS B 300 44.57 51.73 19.13
C CYS B 300 44.37 51.38 17.66
N HIS B 301 45.46 51.07 16.98
CA HIS B 301 45.39 50.63 15.60
C HIS B 301 44.99 49.15 15.55
N ALA B 302 45.30 48.41 16.61
CA ALA B 302 44.98 46.99 16.70
C ALA B 302 43.48 46.79 16.84
N PHE B 303 42.85 47.55 17.75
CA PHE B 303 41.41 47.35 17.91
C PHE B 303 40.67 47.64 16.62
N GLY B 304 41.10 48.65 15.86
CA GLY B 304 40.52 48.94 14.58
C GLY B 304 39.15 49.60 14.63
N ARG B 305 38.12 48.85 14.24
CA ARG B 305 36.82 49.45 13.97
C ARG B 305 36.09 49.86 15.25
N ARG B 306 36.17 49.04 16.29
CA ARG B 306 35.26 49.17 17.42
C ARG B 306 35.54 50.37 18.31
N LEU B 307 36.74 50.94 18.23
CA LEU B 307 37.05 52.10 19.05
C LEU B 307 36.27 53.32 18.58
N ILE B 308 36.50 53.75 17.34
CA ILE B 308 35.79 54.91 16.82
C ILE B 308 34.36 54.55 16.47
N LEU B 309 34.10 53.26 16.24
CA LEU B 309 32.74 52.81 15.97
C LEU B 309 31.87 52.93 17.22
N SER B 310 32.32 52.34 18.32
CA SER B 310 31.58 52.43 19.57
C SER B 310 31.59 53.85 20.12
N SER B 311 32.64 54.62 19.82
CA SER B 311 32.63 56.04 20.13
C SER B 311 31.54 56.77 19.33
N THR B 312 31.34 56.35 18.08
CA THR B 312 30.33 57.00 17.25
C THR B 312 28.92 56.62 17.70
N PHE B 313 28.73 55.37 18.13
CA PHE B 313 27.46 55.01 18.76
C PHE B 313 27.25 55.76 20.07
N ARG B 314 28.33 56.03 20.81
CA ARG B 314 28.20 56.83 22.01
C ARG B 314 27.83 58.27 21.68
N ILE B 315 28.31 58.79 20.55
CA ILE B 315 27.96 60.14 20.15
C ILE B 315 26.52 60.19 19.67
N LEU B 316 26.04 59.11 19.05
CA LEU B 316 24.63 59.04 18.70
C LEU B 316 23.77 58.95 19.95
N ALA B 317 24.27 58.26 20.98
CA ALA B 317 23.58 58.25 22.26
C ALA B 317 23.57 59.62 22.91
N ASP B 318 24.62 60.40 22.69
CA ASP B 318 24.61 61.80 23.14
C ASP B 318 23.63 62.62 22.33
N LEU B 319 23.42 62.26 21.06
CA LEU B 319 22.48 63.00 20.22
C LEU B 319 21.05 62.74 20.65
N LEU B 320 20.68 61.47 20.82
CA LEU B 320 19.32 61.16 21.22
C LEU B 320 19.05 61.53 22.68
N GLY B 321 20.02 61.24 23.54
CA GLY B 321 19.89 61.53 24.96
C GLY B 321 19.82 62.99 25.38
N PHE B 322 20.62 63.84 24.74
CA PHE B 322 20.68 65.25 25.10
C PHE B 322 19.40 66.06 24.91
N ALA B 323 18.69 65.83 23.81
CA ALA B 323 17.46 66.55 23.53
C ALA B 323 16.37 66.27 24.56
N GLY B 324 16.29 65.01 24.97
CA GLY B 324 15.30 64.53 25.91
C GLY B 324 14.30 65.57 26.39
N PRO B 325 14.72 66.62 27.10
CA PRO B 325 13.84 67.70 27.62
C PRO B 325 13.06 68.68 26.66
N LEU B 326 13.65 68.89 25.49
CA LEU B 326 13.09 69.85 24.52
C LEU B 326 11.67 69.51 24.12
N CYS B 327 11.37 68.23 23.93
CA CYS B 327 10.01 67.78 23.61
C CYS B 327 9.06 68.12 24.75
N ILE B 328 9.53 67.97 25.99
CA ILE B 328 8.75 68.28 27.17
C ILE B 328 8.35 69.75 27.26
N PHE B 329 9.19 70.70 26.82
CA PHE B 329 8.75 72.12 26.95
C PHE B 329 7.41 72.50 26.22
N GLY B 330 7.31 72.03 24.98
CA GLY B 330 6.23 72.06 24.01
C GLY B 330 4.90 71.66 24.64
N ILE B 331 4.92 70.75 25.60
CA ILE B 331 3.70 70.37 26.28
C ILE B 331 3.23 71.48 27.21
N VAL B 332 4.17 72.14 27.89
CA VAL B 332 3.81 73.25 28.77
C VAL B 332 3.37 74.47 27.97
N ASP B 333 3.83 74.60 26.73
CA ASP B 333 3.48 75.72 25.88
C ASP B 333 2.17 75.52 25.15
N HIS B 334 2.08 74.48 24.32
CA HIS B 334 0.85 74.22 23.58
C HIS B 334 -0.27 73.71 24.47
N LEU B 335 0.07 73.15 25.64
CA LEU B 335 -0.95 72.79 26.62
C LEU B 335 -1.14 73.89 27.66
N GLY B 336 -0.09 74.23 28.39
CA GLY B 336 -0.20 75.18 29.48
C GLY B 336 -0.32 76.62 29.03
N LYS B 337 0.68 77.09 28.27
CA LYS B 337 0.70 78.49 27.86
C LYS B 337 -0.40 78.77 26.83
N GLU B 338 -0.60 77.86 25.89
CA GLU B 338 -1.75 77.99 25.00
C GLU B 338 -3.01 77.61 25.77
N ASN B 339 -3.63 78.60 26.42
CA ASN B 339 -4.81 78.34 27.24
C ASN B 339 -6.10 78.45 26.44
N HIS B 340 -6.19 79.43 25.55
CA HIS B 340 -7.40 79.65 24.76
C HIS B 340 -7.04 79.89 23.30
N VAL B 341 -6.16 79.04 22.76
CA VAL B 341 -5.81 79.15 21.34
C VAL B 341 -6.96 78.67 20.47
N PHE B 342 -7.27 77.37 20.54
CA PHE B 342 -8.48 76.74 19.99
C PHE B 342 -8.63 76.94 18.48
N GLN B 343 -7.52 77.14 17.77
CA GLN B 343 -7.54 77.31 16.31
C GLN B 343 -6.70 76.22 15.68
N PRO B 344 -7.31 75.28 14.95
CA PRO B 344 -6.51 74.15 14.43
C PRO B 344 -5.60 74.51 13.28
N LYS B 345 -6.07 75.30 12.31
CA LYS B 345 -5.28 75.53 11.10
C LYS B 345 -5.71 76.85 10.46
N THR B 346 -4.80 77.38 9.62
CA THR B 346 -5.07 78.56 8.82
C THR B 346 -4.63 78.42 7.38
N GLN B 347 -4.01 77.33 7.00
CA GLN B 347 -3.57 77.10 5.63
C GLN B 347 -4.69 76.43 4.85
N PHE B 348 -4.35 75.88 3.67
CA PHE B 348 -5.32 75.15 2.86
C PHE B 348 -5.74 73.87 3.58
N LEU B 349 -6.97 73.86 4.08
CA LEU B 349 -7.43 72.79 4.96
C LEU B 349 -7.75 71.50 4.22
N GLY B 350 -7.80 71.53 2.89
CA GLY B 350 -8.02 70.31 2.13
C GLY B 350 -6.85 69.34 2.15
N VAL B 351 -5.65 69.83 2.47
CA VAL B 351 -4.46 69.01 2.52
C VAL B 351 -3.67 69.37 3.77
N TYR B 352 -2.49 68.78 3.90
CA TYR B 352 -1.63 68.93 5.07
C TYR B 352 -0.53 69.95 4.75
N PHE B 353 -0.18 70.76 5.75
CA PHE B 353 0.85 71.77 5.59
C PHE B 353 1.96 71.57 6.63
N VAL B 354 3.17 71.98 6.25
CA VAL B 354 4.36 71.69 7.06
C VAL B 354 4.48 72.58 8.27
N SER B 355 3.76 73.71 8.32
CA SER B 355 3.87 74.61 9.44
C SER B 355 3.14 74.04 10.66
N SER B 356 3.50 74.57 11.83
CA SER B 356 2.89 74.24 13.13
C SER B 356 2.95 72.75 13.42
N GLN B 357 4.07 72.12 13.06
CA GLN B 357 4.24 70.69 13.28
C GLN B 357 4.38 70.34 14.75
N GLU B 358 4.69 71.32 15.60
CA GLU B 358 4.67 71.13 17.05
C GLU B 358 3.28 71.46 17.57
N PHE B 359 2.33 70.60 17.21
CA PHE B 359 0.97 70.74 17.68
C PHE B 359 0.82 70.09 19.05
N LEU B 360 -0.41 70.10 19.57
CA LEU B 360 -0.68 69.49 20.87
C LEU B 360 -0.63 67.96 20.77
N GLY B 361 -1.36 67.39 19.81
CA GLY B 361 -1.30 65.96 19.61
C GLY B 361 0.05 65.48 19.14
N ASN B 362 0.71 66.27 18.29
CA ASN B 362 2.08 65.97 17.87
C ASN B 362 3.06 66.12 19.01
N ALA B 363 2.73 66.88 20.05
CA ALA B 363 3.55 66.85 21.25
C ALA B 363 3.37 65.55 22.01
N TYR B 364 2.18 64.95 21.94
CA TYR B 364 1.97 63.67 22.60
C TYR B 364 2.70 62.56 21.86
N VAL B 365 2.46 62.44 20.56
CA VAL B 365 3.07 61.36 19.80
C VAL B 365 4.55 61.62 19.58
N LEU B 366 4.96 62.88 19.58
CA LEU B 366 6.38 63.19 19.57
C LEU B 366 7.01 62.95 20.93
N ALA B 367 6.22 62.98 22.00
CA ALA B 367 6.74 62.60 23.31
C ALA B 367 6.92 61.10 23.40
N VAL B 368 6.00 60.34 22.79
CA VAL B 368 6.21 58.91 22.67
C VAL B 368 7.37 58.63 21.71
N LEU B 369 7.59 59.51 20.74
CA LEU B 369 8.77 59.41 19.90
C LEU B 369 10.04 59.73 20.68
N LEU B 370 9.93 60.57 21.70
CA LEU B 370 11.05 60.79 22.59
C LEU B 370 11.27 59.60 23.50
N PHE B 371 10.21 58.83 23.78
CA PHE B 371 10.39 57.59 24.51
C PHE B 371 11.06 56.54 23.63
N LEU B 372 10.68 56.49 22.36
CA LEU B 372 11.29 55.52 21.44
C LEU B 372 12.74 55.88 21.16
N ALA B 373 13.02 57.17 21.01
CA ALA B 373 14.39 57.63 20.87
C ALA B 373 15.16 57.51 22.18
N LEU B 374 14.44 57.50 23.31
CA LEU B 374 15.09 57.19 24.58
C LEU B 374 15.48 55.73 24.65
N LEU B 375 14.67 54.86 24.03
CA LEU B 375 15.07 53.47 23.86
C LEU B 375 16.23 53.36 22.87
N LEU B 376 16.29 54.26 21.89
CA LEU B 376 17.45 54.29 21.00
C LEU B 376 18.69 54.78 21.74
N GLN B 377 18.52 55.65 22.73
CA GLN B 377 19.65 56.24 23.44
C GLN B 377 20.19 55.29 24.50
N ARG B 378 19.30 54.69 25.28
CA ARG B 378 19.74 53.68 26.23
C ARG B 378 20.19 52.41 25.53
N THR B 379 19.55 52.07 24.40
CA THR B 379 19.92 50.88 23.66
C THR B 379 21.27 51.04 23.00
N PHE B 380 21.51 52.17 22.34
CA PHE B 380 22.81 52.42 21.74
C PHE B 380 23.86 52.68 22.81
N LEU B 381 23.44 53.22 23.95
CA LEU B 381 24.36 53.45 25.07
C LEU B 381 24.88 52.13 25.62
N GLN B 382 23.98 51.21 25.96
CA GLN B 382 24.38 49.89 26.40
C GLN B 382 25.00 49.06 25.28
N ALA B 383 24.75 49.43 24.03
CA ALA B 383 25.38 48.74 22.91
C ALA B 383 26.86 49.10 22.82
N SER B 384 27.16 50.40 22.88
CA SER B 384 28.56 50.82 22.87
C SER B 384 29.26 50.42 24.15
N TYR B 385 28.51 50.36 25.26
CA TYR B 385 29.02 49.75 26.48
C TYR B 385 29.38 48.28 26.25
N TYR B 386 28.53 47.57 25.51
CA TYR B 386 28.74 46.15 25.25
C TYR B 386 29.98 45.93 24.38
N VAL B 387 30.13 46.72 23.33
CA VAL B 387 31.31 46.61 22.48
C VAL B 387 32.55 47.08 23.22
N ALA B 388 32.38 47.98 24.20
CA ALA B 388 33.50 48.38 25.02
C ALA B 388 33.96 47.24 25.93
N ILE B 389 33.02 46.52 26.52
CA ILE B 389 33.37 45.41 27.40
C ILE B 389 33.98 44.27 26.61
N GLU B 390 33.45 44.00 25.42
CA GLU B 390 34.05 42.99 24.55
C GLU B 390 35.43 43.41 24.07
N THR B 391 35.60 44.71 23.84
CA THR B 391 36.89 45.25 23.44
C THR B 391 37.91 45.09 24.56
N GLY B 392 37.50 45.31 25.81
CA GLY B 392 38.38 45.08 26.94
C GLY B 392 38.66 43.61 27.18
N ILE B 393 37.71 42.75 26.83
CA ILE B 393 37.90 41.31 26.97
C ILE B 393 38.96 40.83 26.00
N ASN B 394 38.83 41.21 24.72
CA ASN B 394 39.86 40.92 23.74
C ASN B 394 41.16 41.64 24.04
N LEU B 395 41.09 42.77 24.76
CA LEU B 395 42.28 43.50 25.14
C LEU B 395 43.11 42.73 26.16
N ARG B 396 42.49 42.37 27.29
CA ARG B 396 43.24 41.66 28.33
C ARG B 396 43.57 40.25 27.91
N GLY B 397 42.78 39.65 27.02
CA GLY B 397 43.12 38.34 26.51
C GLY B 397 44.30 38.39 25.56
N ALA B 398 44.32 39.38 24.66
CA ALA B 398 45.41 39.49 23.69
C ALA B 398 46.71 39.92 24.35
N ILE B 399 46.64 40.96 25.18
CA ILE B 399 47.82 41.45 25.88
C ILE B 399 48.27 40.44 26.93
N GLN B 400 47.34 39.66 27.47
CA GLN B 400 47.73 38.54 28.31
C GLN B 400 48.47 37.48 27.51
N THR B 401 48.01 37.23 26.27
CA THR B 401 48.60 36.19 25.44
C THR B 401 50.03 36.54 25.05
N LYS B 402 50.23 37.74 24.50
CA LYS B 402 51.58 38.18 24.19
C LYS B 402 52.39 38.49 25.44
N ILE B 403 51.71 38.72 26.57
CA ILE B 403 52.41 38.98 27.82
C ILE B 403 53.09 37.71 28.32
N TYR B 404 52.31 36.67 28.59
CA TYR B 404 52.88 35.45 29.14
C TYR B 404 53.63 34.66 28.08
N ASN B 405 53.26 34.82 26.81
CA ASN B 405 54.10 34.29 25.74
C ASN B 405 55.42 35.03 25.67
N LYS B 406 55.42 36.32 25.98
CA LYS B 406 56.64 37.11 25.91
C LYS B 406 57.60 36.74 27.04
N ILE B 407 57.08 36.66 28.28
CA ILE B 407 57.95 36.32 29.40
C ILE B 407 58.30 34.84 29.37
N MET B 408 57.42 34.01 28.78
CA MET B 408 57.73 32.60 28.62
C MET B 408 58.79 32.38 27.56
N HIS B 409 58.86 33.26 26.57
CA HIS B 409 59.81 33.08 25.48
C HIS B 409 61.14 33.80 25.72
N MET B 410 61.13 34.86 26.52
CA MET B 410 62.31 35.73 26.60
C MET B 410 63.42 35.11 27.43
N SER B 411 63.17 34.91 28.73
CA SER B 411 64.15 34.43 29.72
C SER B 411 65.40 35.29 29.73
N THR B 412 65.21 36.60 29.84
CA THR B 412 66.29 37.57 29.87
C THR B 412 66.36 38.25 31.22
N SER B 413 67.58 38.63 31.61
CA SER B 413 67.91 39.34 32.85
C SER B 413 67.46 38.55 34.09
N ASN B 414 68.10 37.41 34.28
CA ASN B 414 67.78 36.52 35.38
C ASN B 414 68.19 37.06 36.75
N LEU B 415 68.92 38.18 36.81
CA LEU B 415 69.31 38.75 38.10
C LEU B 415 68.10 39.33 38.82
N SER B 416 67.30 40.14 38.12
CA SER B 416 66.03 40.58 38.71
C SER B 416 65.04 39.43 38.81
N MET B 417 65.14 38.44 37.91
CA MET B 417 64.36 37.23 38.06
C MET B 417 64.90 36.34 39.18
N GLY B 418 66.15 36.56 39.59
CA GLY B 418 66.65 35.88 40.77
C GLY B 418 65.98 36.34 42.04
N GLU B 419 65.54 37.60 42.08
CA GLU B 419 64.76 38.11 43.20
C GLU B 419 63.29 37.82 42.96
N MET B 420 62.46 38.16 43.95
CA MET B 420 61.02 37.97 43.86
C MET B 420 60.31 39.15 43.19
N THR B 421 61.06 40.04 42.53
CA THR B 421 60.46 41.16 41.84
C THR B 421 59.69 40.71 40.59
N ALA B 422 60.03 39.55 40.03
CA ALA B 422 59.27 39.03 38.89
C ALA B 422 57.88 38.60 39.32
N GLY B 423 57.73 38.09 40.54
CA GLY B 423 56.41 37.79 41.06
C GLY B 423 55.59 39.03 41.34
N GLN B 424 56.27 40.11 41.76
CA GLN B 424 55.61 41.40 41.83
C GLN B 424 55.24 41.91 40.45
N ILE B 425 56.01 41.55 39.43
CA ILE B 425 55.64 41.92 38.07
C ILE B 425 54.47 41.08 37.60
N CYS B 426 54.29 39.90 38.17
CA CYS B 426 53.13 39.08 37.80
C CYS B 426 51.87 39.59 38.48
N ASN B 427 51.95 39.88 39.78
CA ASN B 427 50.78 40.36 40.51
C ASN B 427 50.40 41.76 40.05
N LEU B 428 51.38 42.65 39.91
CA LEU B 428 51.13 43.96 39.34
C LEU B 428 50.83 43.88 37.85
N VAL B 429 51.20 42.79 37.17
CA VAL B 429 50.78 42.61 35.80
C VAL B 429 49.30 42.27 35.75
N ALA B 430 48.81 41.52 36.74
CA ALA B 430 47.39 41.19 36.78
C ALA B 430 46.56 42.39 37.19
N ILE B 431 46.94 43.03 38.31
CA ILE B 431 46.16 44.15 38.83
C ILE B 431 46.29 45.37 37.93
N ASP B 432 47.44 45.53 37.27
CA ASP B 432 47.59 46.63 36.33
C ASP B 432 46.99 46.31 34.97
N THR B 433 46.90 45.02 34.62
CA THR B 433 46.29 44.65 33.34
C THR B 433 44.78 44.81 33.41
N ASN B 434 44.14 44.22 34.44
CA ASN B 434 42.71 44.43 34.62
C ASN B 434 42.42 45.86 35.03
N GLN B 435 43.38 46.53 35.69
CA GLN B 435 43.26 47.95 35.91
C GLN B 435 43.39 48.75 34.61
N LEU B 436 44.00 48.17 33.58
CA LEU B 436 44.13 48.85 32.30
C LEU B 436 42.92 48.64 31.42
N MET B 437 42.32 47.45 31.47
CA MET B 437 41.04 47.24 30.80
C MET B 437 39.94 48.02 31.50
N TRP B 438 39.98 48.06 32.83
CA TRP B 438 39.11 48.90 33.61
C TRP B 438 39.43 50.38 33.41
N PHE B 439 40.65 50.70 32.99
CA PHE B 439 40.98 52.06 32.60
C PHE B 439 40.39 52.38 31.22
N PHE B 440 40.34 51.39 30.35
CA PHE B 440 39.77 51.56 29.02
C PHE B 440 38.25 51.36 29.04
N PHE B 441 37.68 51.07 30.21
CA PHE B 441 36.32 50.57 30.33
C PHE B 441 35.27 51.56 29.85
N LEU B 442 35.51 52.85 30.00
CA LEU B 442 34.53 53.86 29.60
C LEU B 442 35.21 55.00 28.85
N CYS B 443 36.14 54.67 27.98
CA CYS B 443 36.85 55.68 27.20
C CYS B 443 35.99 56.42 26.17
N PRO B 444 35.05 55.79 25.44
CA PRO B 444 34.10 56.62 24.67
C PRO B 444 33.14 57.40 25.55
N ASN B 445 32.89 56.97 26.79
CA ASN B 445 32.09 57.78 27.69
C ASN B 445 32.81 59.06 28.06
N LEU B 446 34.13 58.98 28.25
CA LEU B 446 34.93 60.18 28.45
C LEU B 446 35.03 60.99 27.17
N TRP B 447 35.03 60.34 26.02
CA TRP B 447 35.10 61.07 24.76
C TRP B 447 33.80 61.80 24.47
N THR B 448 32.68 61.28 24.94
CA THR B 448 31.37 61.86 24.70
C THR B 448 30.84 62.67 25.88
N MET B 449 31.59 62.72 26.98
CA MET B 449 31.15 63.53 28.12
C MET B 449 31.20 65.04 27.85
N PRO B 450 32.30 65.65 27.35
CA PRO B 450 32.27 67.12 27.18
C PRO B 450 31.36 67.60 26.06
N VAL B 451 31.02 66.75 25.10
CA VAL B 451 30.04 67.15 24.09
C VAL B 451 28.66 67.25 24.72
N GLN B 452 28.35 66.37 25.67
CA GLN B 452 27.07 66.43 26.36
C GLN B 452 27.05 67.59 27.35
N ILE B 453 28.19 67.88 27.99
CA ILE B 453 28.26 69.00 28.91
C ILE B 453 28.16 70.32 28.16
N ILE B 454 28.75 70.38 26.96
CA ILE B 454 28.75 71.61 26.19
C ILE B 454 27.40 71.83 25.52
N VAL B 455 26.79 70.77 25.02
CA VAL B 455 25.49 70.90 24.36
C VAL B 455 24.40 71.17 25.39
N GLY B 456 24.44 70.46 26.52
CA GLY B 456 23.48 70.71 27.58
C GLY B 456 23.67 72.06 28.23
N VAL B 457 24.93 72.52 28.32
CA VAL B 457 25.17 73.88 28.80
C VAL B 457 24.72 74.90 27.78
N ILE B 458 24.73 74.55 26.50
CA ILE B 458 24.29 75.47 25.47
C ILE B 458 22.77 75.61 25.50
N LEU B 459 22.05 74.49 25.65
CA LEU B 459 20.60 74.56 25.80
C LEU B 459 20.21 75.22 27.11
N LEU B 460 21.01 75.02 28.15
CA LEU B 460 20.85 75.78 29.39
C LEU B 460 21.04 77.27 29.14
N TYR B 461 21.94 77.63 28.22
CA TYR B 461 22.09 79.04 27.86
C TYR B 461 20.92 79.55 27.04
N TYR B 462 20.26 78.68 26.26
CA TYR B 462 19.01 79.08 25.64
C TYR B 462 17.88 79.23 26.66
N ILE B 463 17.99 78.56 27.81
CA ILE B 463 17.01 78.81 28.88
C ILE B 463 17.28 80.16 29.54
N LEU B 464 18.44 80.33 30.14
CA LEU B 464 18.80 81.57 30.83
C LEU B 464 20.32 81.61 31.00
N GLY B 465 20.81 82.64 31.68
CA GLY B 465 22.23 82.74 31.95
C GLY B 465 22.63 82.36 33.36
N VAL B 466 21.89 82.88 34.34
CA VAL B 466 22.28 82.75 35.74
C VAL B 466 22.10 81.33 36.24
N SER B 467 21.15 80.58 35.66
CA SER B 467 21.00 79.17 35.98
C SER B 467 22.18 78.36 35.47
N ALA B 468 22.67 78.70 34.28
CA ALA B 468 23.87 78.06 33.74
C ALA B 468 25.09 78.40 34.56
N LEU B 469 25.16 79.62 35.10
CA LEU B 469 26.25 79.97 36.00
C LEU B 469 26.14 79.19 37.31
N ILE B 470 24.92 78.94 37.77
CA ILE B 470 24.71 78.27 39.05
C ILE B 470 25.06 76.78 38.94
N GLY B 471 24.45 76.09 37.98
CA GLY B 471 24.72 74.66 37.83
C GLY B 471 26.10 74.38 37.29
N ALA B 472 26.57 75.20 36.34
CA ALA B 472 27.90 75.00 35.77
C ALA B 472 28.99 75.33 36.79
N ALA B 473 28.75 76.32 37.66
CA ALA B 473 29.66 76.55 38.76
C ALA B 473 29.58 75.45 39.80
N VAL B 474 28.40 74.82 39.92
CA VAL B 474 28.23 73.75 40.92
C VAL B 474 28.98 72.50 40.49
N ILE B 475 28.93 72.16 39.20
CA ILE B 475 29.75 71.05 38.71
C ILE B 475 31.20 71.45 38.66
N ILE B 476 31.48 72.74 38.38
CA ILE B 476 32.84 73.24 38.27
C ILE B 476 33.54 73.24 39.62
N LEU B 477 32.79 73.31 40.71
CA LEU B 477 33.36 73.07 42.03
C LEU B 477 33.20 71.61 42.48
N LEU B 478 32.26 70.88 41.89
CA LEU B 478 31.99 69.51 42.33
C LEU B 478 33.01 68.53 41.80
N ALA B 479 33.67 68.83 40.67
CA ALA B 479 34.69 67.92 40.16
C ALA B 479 35.97 67.86 41.01
N PRO B 480 36.61 68.97 41.43
CA PRO B 480 37.86 68.80 42.20
C PRO B 480 37.67 68.23 43.59
N VAL B 481 36.49 68.42 44.20
CA VAL B 481 36.19 67.72 45.44
C VAL B 481 35.99 66.23 45.18
N GLN B 482 35.52 65.89 43.98
CA GLN B 482 35.28 64.49 43.65
C GLN B 482 36.60 63.75 43.46
N TYR B 483 37.45 64.21 42.54
CA TYR B 483 38.68 63.44 42.35
C TYR B 483 39.74 63.73 43.40
N PHE B 484 39.70 64.91 44.03
CA PHE B 484 40.66 65.18 45.08
C PHE B 484 40.27 64.51 46.38
N VAL B 485 39.00 64.59 46.77
CA VAL B 485 38.53 63.91 47.97
C VAL B 485 38.55 62.40 47.76
N ALA B 486 38.27 61.96 46.54
CA ALA B 486 38.39 60.53 46.21
C ALA B 486 39.84 60.09 46.19
N THR B 487 40.76 60.99 45.85
CA THR B 487 42.18 60.68 45.97
C THR B 487 42.60 60.59 47.43
N LYS B 488 41.98 61.41 48.29
CA LYS B 488 42.23 61.29 49.72
C LYS B 488 41.68 59.98 50.26
N LEU B 489 40.53 59.54 49.74
CA LEU B 489 40.03 58.22 50.07
C LEU B 489 40.89 57.11 49.49
N SER B 490 41.61 57.39 48.39
CA SER B 490 42.51 56.40 47.82
C SER B 490 43.77 56.24 48.66
N GLN B 491 44.31 57.36 49.17
CA GLN B 491 45.40 57.27 50.13
C GLN B 491 44.93 56.65 51.43
N ALA B 492 43.67 56.88 51.80
CA ALA B 492 43.07 56.19 52.94
C ALA B 492 42.95 54.69 52.68
N GLN B 493 42.76 54.30 51.43
CA GLN B 493 42.79 52.89 51.07
C GLN B 493 44.20 52.34 51.02
N ARG B 494 45.20 53.20 50.81
CA ARG B 494 46.58 52.73 50.84
C ARG B 494 47.04 52.47 52.27
N THR B 495 46.85 53.46 53.15
CA THR B 495 47.26 53.29 54.55
C THR B 495 46.35 52.30 55.27
N THR B 496 45.04 52.34 54.98
CA THR B 496 44.12 51.36 55.53
C THR B 496 44.37 49.98 54.94
N LEU B 497 44.90 49.91 53.72
CA LEU B 497 45.32 48.63 53.17
C LEU B 497 46.58 48.11 53.85
N GLU B 498 47.45 49.02 54.31
CA GLU B 498 48.63 48.59 55.05
C GLU B 498 48.26 48.08 56.43
N HIS B 499 47.38 48.80 57.13
CA HIS B 499 46.93 48.35 58.44
C HIS B 499 46.08 47.09 58.34
N SER B 500 45.31 46.95 57.26
CA SER B 500 44.57 45.71 57.03
C SER B 500 45.51 44.58 56.65
N ASN B 501 46.65 44.89 56.03
CA ASN B 501 47.68 43.87 55.82
C ASN B 501 48.31 43.45 57.13
N GLU B 502 48.43 44.38 58.09
CA GLU B 502 48.84 44.00 59.45
C GLU B 502 47.78 43.17 60.13
N ARG B 503 46.50 43.41 59.81
CA ARG B 503 45.43 42.54 60.31
C ARG B 503 45.49 41.16 59.68
N LEU B 504 45.98 41.07 58.44
CA LEU B 504 46.17 39.76 57.83
C LEU B 504 47.38 39.05 58.42
N LYS B 505 48.42 39.82 58.79
CA LYS B 505 49.59 39.21 59.43
C LYS B 505 49.27 38.72 60.83
N GLN B 506 48.46 39.48 61.58
CA GLN B 506 47.97 38.98 62.85
C GLN B 506 46.91 37.90 62.68
N THR B 507 46.30 37.81 61.50
CA THR B 507 45.32 36.77 61.23
C THR B 507 45.98 35.42 60.97
N ASN B 508 47.04 35.41 60.14
CA ASN B 508 47.81 34.20 59.98
C ASN B 508 48.64 33.90 61.23
N GLU B 509 48.97 34.94 62.00
CA GLU B 509 49.54 34.72 63.33
C GLU B 509 48.52 34.10 64.28
N MET B 510 47.24 34.37 64.06
CA MET B 510 46.20 33.68 64.82
C MET B 510 45.99 32.27 64.30
N LEU B 511 46.29 32.01 63.03
CA LEU B 511 46.37 30.64 62.54
C LEU B 511 47.54 29.91 63.20
N ARG B 512 48.64 30.63 63.45
CA ARG B 512 49.71 30.08 64.27
C ARG B 512 49.28 29.91 65.71
N GLY B 513 48.35 30.75 66.19
CA GLY B 513 47.78 30.54 67.52
C GLY B 513 46.90 29.31 67.59
N MET B 514 46.22 28.99 66.50
CA MET B 514 45.52 27.70 66.41
C MET B 514 46.51 26.55 66.30
N LYS B 515 47.69 26.80 65.74
CA LYS B 515 48.75 25.80 65.78
C LYS B 515 49.38 25.68 67.15
N LEU B 516 49.22 26.69 68.01
CA LEU B 516 49.84 26.71 69.33
C LEU B 516 48.93 26.02 70.35
N LEU B 517 49.24 26.22 71.63
CA LEU B 517 48.51 25.57 72.72
C LEU B 517 47.17 26.29 72.96
N LYS B 518 46.50 25.93 74.05
CA LYS B 518 45.18 26.48 74.35
C LYS B 518 45.26 27.71 75.24
N LEU B 519 45.86 27.58 76.43
CA LEU B 519 45.83 28.66 77.41
C LEU B 519 46.79 29.79 77.03
N TYR B 520 47.99 29.45 76.59
CA TYR B 520 49.01 30.46 76.28
C TYR B 520 48.62 31.26 75.05
N ALA B 521 48.20 30.59 73.98
CA ALA B 521 47.78 31.29 72.77
C ALA B 521 46.43 31.96 72.96
N TRP B 522 45.59 31.45 73.86
CA TRP B 522 44.32 32.11 74.14
C TRP B 522 44.54 33.44 74.86
N GLU B 523 45.40 33.44 75.89
CA GLU B 523 45.64 34.67 76.65
C GLU B 523 46.49 35.65 75.86
N SER B 524 47.67 35.21 75.42
CA SER B 524 48.60 36.10 74.74
C SER B 524 48.16 36.43 73.31
N ILE B 525 47.45 35.52 72.65
CA ILE B 525 47.01 35.80 71.29
C ILE B 525 45.64 36.46 71.26
N PHE B 526 44.78 36.20 72.26
CA PHE B 526 43.54 36.97 72.35
C PHE B 526 43.82 38.40 72.78
N CYS B 527 44.72 38.58 73.76
CA CYS B 527 45.05 39.92 74.22
C CYS B 527 45.92 40.66 73.21
N SER B 528 46.95 40.00 72.69
CA SER B 528 47.86 40.66 71.75
C SER B 528 47.21 40.85 70.39
N ARG B 529 46.50 39.83 69.89
CA ARG B 529 45.85 39.95 68.60
C ARG B 529 44.63 40.86 68.66
N VAL B 530 43.93 40.87 69.80
CA VAL B 530 42.80 41.78 69.93
C VAL B 530 43.27 43.22 70.12
N GLU B 531 44.40 43.42 70.80
CA GLU B 531 44.90 44.77 71.03
C GLU B 531 45.55 45.36 69.79
N VAL B 532 46.39 44.58 69.11
CA VAL B 532 47.01 45.06 67.89
C VAL B 532 46.01 45.12 66.75
N THR B 533 45.04 44.19 66.73
CA THR B 533 43.99 44.23 65.72
C THR B 533 43.03 45.38 65.97
N ARG B 534 42.82 45.75 67.24
CA ARG B 534 42.09 46.98 67.54
C ARG B 534 42.94 48.22 67.27
N ARG B 535 44.26 48.07 67.23
CA ARG B 535 45.14 49.20 66.93
C ARG B 535 45.13 49.52 65.44
N LYS B 536 45.48 48.52 64.61
CA LYS B 536 45.45 48.72 63.17
C LYS B 536 44.01 48.86 62.66
N GLU B 537 43.06 48.18 63.29
CA GLU B 537 41.66 48.39 62.96
C GLU B 537 41.14 49.72 63.51
N MET B 538 41.86 50.34 64.44
CA MET B 538 41.49 51.68 64.89
C MET B 538 42.03 52.74 63.94
N THR B 539 43.26 52.55 63.45
CA THR B 539 43.81 53.46 62.45
C THR B 539 43.04 53.35 61.13
N SER B 540 42.70 52.11 60.74
CA SER B 540 41.85 51.90 59.58
C SER B 540 40.38 52.20 59.89
N LEU B 541 40.02 52.32 61.16
CA LEU B 541 38.68 52.78 61.52
C LEU B 541 38.55 54.28 61.34
N ARG B 542 39.58 55.03 61.72
CA ARG B 542 39.59 56.46 61.45
C ARG B 542 39.78 56.74 59.97
N ALA B 543 40.56 55.90 59.29
CA ALA B 543 40.67 55.99 57.83
C ALA B 543 39.34 55.64 57.18
N PHE B 544 38.60 54.71 57.77
CA PHE B 544 37.25 54.41 57.29
C PHE B 544 36.30 55.56 57.56
N ALA B 545 36.55 56.32 58.63
CA ALA B 545 35.73 57.51 58.88
C ALA B 545 36.05 58.62 57.90
N VAL B 546 37.30 58.71 57.43
CA VAL B 546 37.63 59.69 56.42
C VAL B 546 37.06 59.29 55.07
N TYR B 547 37.08 57.99 54.77
CA TYR B 547 36.54 57.51 53.51
C TYR B 547 35.02 57.64 53.46
N THR B 548 34.34 57.29 54.56
CA THR B 548 32.91 57.51 54.66
C THR B 548 32.58 58.99 54.75
N SER B 549 33.53 59.81 55.20
CA SER B 549 33.33 61.26 55.16
C SER B 549 33.39 61.80 53.75
N ILE B 550 34.25 61.23 52.90
CA ILE B 550 34.27 61.63 51.50
C ILE B 550 33.04 61.08 50.77
N SER B 551 32.54 59.91 51.18
CA SER B 551 31.27 59.42 50.66
C SER B 551 30.13 60.33 51.08
N ILE B 552 30.21 60.88 52.29
CA ILE B 552 29.26 61.90 52.71
C ILE B 552 29.50 63.22 52.00
N PHE B 553 30.74 63.38 51.53
CA PHE B 553 31.11 64.53 50.72
C PHE B 553 30.35 64.38 49.41
N MET B 554 30.31 63.14 48.89
CA MET B 554 29.58 62.80 47.67
C MET B 554 28.08 62.99 47.88
N ASN B 555 27.61 62.56 49.06
CA ASN B 555 26.19 62.68 49.41
C ASN B 555 25.80 64.16 49.47
N THR B 556 26.70 64.95 50.06
CA THR B 556 26.54 66.40 50.18
C THR B 556 26.55 67.05 48.80
N ALA B 557 27.39 66.51 47.91
CA ALA B 557 27.55 67.02 46.57
C ALA B 557 26.24 66.98 45.80
N ILE B 558 25.45 65.91 45.92
CA ILE B 558 24.18 65.98 45.18
C ILE B 558 23.29 67.14 45.66
N PRO B 559 23.21 67.50 46.96
CA PRO B 559 22.58 68.78 47.30
C PRO B 559 23.33 70.02 46.84
N ILE B 560 24.56 69.87 46.38
CA ILE B 560 25.25 71.03 45.80
C ILE B 560 24.43 71.40 44.56
N ALA B 561 24.07 70.38 43.78
CA ALA B 561 23.28 70.53 42.57
C ALA B 561 21.89 71.04 42.96
N ALA B 562 21.37 70.51 44.06
CA ALA B 562 20.05 70.91 44.56
C ALA B 562 20.08 72.38 44.95
N VAL B 563 21.18 72.79 45.58
CA VAL B 563 21.36 74.19 45.98
C VAL B 563 21.41 75.07 44.74
N LEU B 564 22.09 74.60 43.71
CA LEU B 564 22.19 75.32 42.45
C LEU B 564 20.81 75.48 41.82
N ILE B 565 19.99 74.42 41.89
CA ILE B 565 18.65 74.46 41.32
C ILE B 565 17.82 75.52 42.00
N THR B 566 17.93 75.61 43.32
CA THR B 566 17.21 76.63 44.08
C THR B 566 17.82 78.01 43.86
N PHE B 567 19.15 78.11 43.90
CA PHE B 567 19.82 79.37 43.58
C PHE B 567 19.69 79.73 42.11
N VAL B 568 19.53 78.72 41.25
CA VAL B 568 19.38 78.96 39.83
C VAL B 568 18.03 79.61 39.54
N GLY B 569 16.96 79.03 40.06
CA GLY B 569 15.64 79.61 39.84
C GLY B 569 15.43 80.90 40.63
N HIS B 570 16.04 80.99 41.80
CA HIS B 570 15.88 82.19 42.63
C HIS B 570 16.63 83.37 42.04
N VAL B 571 17.94 83.20 41.80
CA VAL B 571 18.76 84.31 41.32
C VAL B 571 18.47 84.60 39.85
N SER B 572 18.26 83.54 39.05
CA SER B 572 17.86 83.72 37.66
C SER B 572 16.44 84.28 37.56
N PHE B 573 15.62 84.09 38.58
CA PHE B 573 14.34 84.77 38.63
C PHE B 573 14.49 86.23 39.00
N PHE B 574 15.44 86.53 39.90
CA PHE B 574 15.52 87.90 40.42
C PHE B 574 16.27 88.84 39.47
N LYS B 575 17.24 88.33 38.72
CA LYS B 575 17.97 89.19 37.79
C LYS B 575 17.10 89.62 36.62
N GLU B 576 16.24 88.73 36.13
CA GLU B 576 15.33 89.04 35.04
C GLU B 576 14.00 89.52 35.61
N SER B 577 13.00 89.65 34.74
CA SER B 577 11.68 90.14 35.14
C SER B 577 10.58 89.30 34.48
N ASP B 578 10.74 87.98 34.52
CA ASP B 578 9.72 87.09 33.94
C ASP B 578 9.67 85.77 34.72
N LEU B 579 8.53 85.11 34.63
CA LEU B 579 8.28 83.83 35.29
C LEU B 579 7.71 82.85 34.27
N SER B 580 8.12 81.58 34.38
CA SER B 580 7.70 80.54 33.46
C SER B 580 7.82 79.20 34.13
N PRO B 581 7.00 78.20 33.74
CA PRO B 581 7.18 76.85 34.27
C PRO B 581 8.15 76.02 33.43
N SER B 582 8.93 76.68 32.59
CA SER B 582 9.81 75.97 31.67
C SER B 582 11.04 75.42 32.37
N VAL B 583 11.83 76.31 32.98
CA VAL B 583 13.17 75.96 33.44
C VAL B 583 13.14 75.09 34.69
N ALA B 584 12.01 75.02 35.39
CA ALA B 584 11.92 74.16 36.56
C ALA B 584 11.92 72.70 36.14
N PHE B 585 10.94 72.29 35.33
CA PHE B 585 10.87 70.91 34.86
C PHE B 585 12.00 70.61 33.89
N ALA B 586 12.19 71.48 32.90
CA ALA B 586 13.15 71.23 31.84
C ALA B 586 14.59 71.38 32.34
N SER B 587 14.86 72.49 33.03
CA SER B 587 16.22 72.69 33.52
C SER B 587 16.51 71.78 34.70
N LEU B 588 15.52 71.26 35.41
CA LEU B 588 15.82 70.26 36.43
C LEU B 588 16.37 69.01 35.71
N SER B 589 15.76 68.72 34.56
CA SER B 589 16.10 67.58 33.72
C SER B 589 17.54 67.71 33.20
N LEU B 590 17.94 68.93 32.86
CA LEU B 590 19.29 69.21 32.40
C LEU B 590 20.28 68.89 33.52
N PHE B 591 19.92 69.25 34.75
CA PHE B 591 20.73 68.98 35.93
C PHE B 591 20.90 67.47 36.12
N HIS B 592 19.86 66.68 35.86
CA HIS B 592 20.01 65.22 36.04
C HIS B 592 21.13 64.64 35.13
N ILE B 593 21.15 65.10 33.88
CA ILE B 593 22.15 64.77 32.87
C ILE B 593 23.57 65.08 33.33
N LEU B 594 23.73 66.20 34.02
CA LEU B 594 25.03 66.66 34.51
C LEU B 594 25.73 65.73 35.51
N VAL B 595 24.96 65.12 36.41
CA VAL B 595 25.54 64.27 37.44
C VAL B 595 26.29 63.05 36.91
N THR B 596 25.76 62.40 35.88
CA THR B 596 26.43 61.22 35.32
C THR B 596 27.79 61.57 34.75
N PRO B 597 27.88 62.71 34.09
CA PRO B 597 29.12 63.19 33.46
C PRO B 597 30.09 63.86 34.43
N LEU B 598 29.64 64.30 35.60
CA LEU B 598 30.56 64.93 36.54
C LEU B 598 31.46 63.90 37.20
N PHE B 599 30.86 62.97 37.95
CA PHE B 599 31.66 61.97 38.65
C PHE B 599 32.23 60.93 37.69
N LEU B 600 31.55 60.71 36.57
CA LEU B 600 32.14 59.89 35.52
C LEU B 600 33.28 60.64 34.82
N LEU B 601 33.25 61.97 34.84
CA LEU B 601 34.33 62.74 34.23
C LEU B 601 35.58 62.71 35.09
N SER B 602 35.43 62.93 36.40
CA SER B 602 36.60 62.86 37.28
C SER B 602 37.08 61.42 37.44
N SER B 603 36.13 60.47 37.44
CA SER B 603 36.50 59.06 37.45
C SER B 603 37.20 58.65 36.18
N VAL B 604 36.84 59.29 35.06
CA VAL B 604 37.56 59.07 33.81
C VAL B 604 38.91 59.75 33.83
N VAL B 605 39.06 60.80 34.64
CA VAL B 605 40.35 61.48 34.74
C VAL B 605 41.34 60.63 35.52
N ARG B 606 40.93 60.13 36.68
CA ARG B 606 41.79 59.22 37.42
C ARG B 606 41.94 57.89 36.71
N SER B 607 40.94 57.52 35.88
CA SER B 607 41.09 56.37 35.02
C SER B 607 42.12 56.63 33.92
N THR B 608 42.28 57.88 33.51
CA THR B 608 43.30 58.19 32.53
C THR B 608 44.69 58.24 33.16
N VAL B 609 44.77 58.69 34.42
CA VAL B 609 46.05 58.68 35.12
C VAL B 609 46.49 57.25 35.39
N LYS B 610 45.56 56.40 35.84
CA LYS B 610 45.85 54.98 35.97
C LYS B 610 46.07 54.31 34.62
N ALA B 611 45.53 54.89 33.55
CA ALA B 611 45.76 54.35 32.21
C ALA B 611 47.18 54.62 31.76
N LEU B 612 47.68 55.84 31.98
CA LEU B 612 49.06 56.15 31.64
C LEU B 612 50.04 55.43 32.54
N VAL B 613 49.65 55.21 33.81
CA VAL B 613 50.51 54.43 34.70
C VAL B 613 50.52 52.97 34.30
N SER B 614 49.39 52.44 33.84
CA SER B 614 49.33 51.03 33.45
C SER B 614 50.06 50.79 32.14
N VAL B 615 49.98 51.73 31.21
CA VAL B 615 50.74 51.62 29.97
C VAL B 615 52.22 51.85 30.24
N GLN B 616 52.53 52.65 31.26
CA GLN B 616 53.94 52.83 31.65
C GLN B 616 54.51 51.55 32.24
N LYS B 617 53.73 50.85 33.07
CA LYS B 617 54.19 49.58 33.61
C LYS B 617 54.24 48.50 32.54
N LEU B 618 53.36 48.58 31.54
CA LEU B 618 53.40 47.63 30.43
C LEU B 618 54.62 47.85 29.56
N SER B 619 54.96 49.11 29.30
CA SER B 619 56.18 49.41 28.56
C SER B 619 57.42 49.08 29.37
N GLU B 620 57.34 49.20 30.70
CA GLU B 620 58.45 48.78 31.54
C GLU B 620 58.61 47.26 31.53
N PHE B 621 57.52 46.52 31.41
CA PHE B 621 57.61 45.08 31.27
C PHE B 621 58.03 44.66 29.86
N LEU B 622 57.85 45.54 28.88
CA LEU B 622 58.11 45.20 27.48
C LEU B 622 59.60 45.01 27.20
N SER B 623 60.48 45.45 28.09
CA SER B 623 61.91 45.22 27.93
C SER B 623 62.25 43.76 28.18
N CYS B 686 78.08 12.12 22.47
CA CYS B 686 76.72 12.56 22.77
C CYS B 686 76.72 14.00 23.28
N VAL B 687 77.76 14.38 24.00
CA VAL B 687 77.91 15.72 24.56
C VAL B 687 79.26 16.25 24.12
N GLN B 688 79.28 17.47 23.59
CA GLN B 688 80.54 18.17 23.30
C GLN B 688 80.50 19.59 23.85
N ILE B 689 81.42 19.89 24.76
CA ILE B 689 81.54 21.23 25.35
C ILE B 689 82.97 21.70 25.10
N ILE B 690 83.11 22.87 24.49
CA ILE B 690 84.40 23.42 24.12
C ILE B 690 84.48 24.88 24.59
N GLY B 691 85.46 25.17 25.46
CA GLY B 691 85.75 26.51 25.92
C GLY B 691 84.60 27.38 26.39
N GLY B 692 83.77 26.84 27.27
CA GLY B 692 82.48 27.42 27.60
C GLY B 692 82.58 28.28 28.84
N PHE B 693 81.96 29.46 28.75
CA PHE B 693 82.02 30.51 29.77
C PHE B 693 80.60 30.85 30.22
N PHE B 694 80.42 30.96 31.54
CA PHE B 694 79.11 31.11 32.14
C PHE B 694 79.14 32.26 33.13
N THR B 695 78.06 33.02 33.15
CA THR B 695 77.88 34.21 33.98
C THR B 695 76.60 34.17 34.80
N TRP B 696 76.63 34.91 35.91
CA TRP B 696 75.42 35.24 36.64
C TRP B 696 74.75 36.49 36.09
N THR B 697 75.49 37.29 35.34
CA THR B 697 75.14 38.64 34.91
C THR B 697 75.97 38.98 33.67
N PRO B 698 75.34 39.18 32.51
CA PRO B 698 76.12 39.44 31.29
C PRO B 698 76.76 40.82 31.25
N ASP B 699 76.39 41.72 32.16
CA ASP B 699 77.02 43.04 32.25
C ASP B 699 78.43 42.98 32.83
N GLY B 700 78.78 41.86 33.48
CA GLY B 700 80.09 41.66 34.05
C GLY B 700 80.77 40.42 33.49
N ILE B 701 82.02 40.23 33.93
CA ILE B 701 82.85 39.07 33.61
C ILE B 701 82.12 37.78 33.98
N PRO B 702 82.16 36.76 33.11
CA PRO B 702 81.65 35.42 33.45
C PRO B 702 82.12 34.88 34.80
N THR B 703 81.19 34.21 35.49
CA THR B 703 81.46 33.55 36.75
C THR B 703 82.25 32.26 36.55
N LEU B 704 82.00 31.58 35.44
CA LEU B 704 82.67 30.32 35.10
C LEU B 704 83.42 30.52 33.79
N SER B 705 84.67 30.05 33.76
CA SER B 705 85.56 30.31 32.65
C SER B 705 86.21 29.01 32.18
N ASN B 706 86.15 28.79 30.87
CA ASN B 706 86.84 27.69 30.17
C ASN B 706 86.43 26.31 30.68
N ILE B 707 85.14 26.14 30.98
CA ILE B 707 84.65 24.89 31.54
C ILE B 707 84.67 23.88 30.40
N THR B 708 85.38 22.76 30.60
CA THR B 708 85.45 21.74 29.56
C THR B 708 85.30 20.33 30.12
N ILE B 709 84.25 19.63 29.66
CA ILE B 709 84.04 18.22 29.94
C ILE B 709 83.05 17.74 28.90
N ARG B 710 83.09 16.45 28.62
CA ARG B 710 82.09 15.81 27.75
C ARG B 710 81.54 14.56 28.40
N ILE B 711 80.24 14.32 28.24
CA ILE B 711 79.69 13.10 28.81
C ILE B 711 79.18 12.19 27.71
N PRO B 712 79.82 11.05 27.46
CA PRO B 712 79.18 9.93 26.75
C PRO B 712 77.78 9.63 27.26
N ARG B 713 76.89 9.31 26.33
CA ARG B 713 75.57 8.79 26.67
C ARG B 713 75.69 7.54 27.53
N GLY B 714 75.00 7.54 28.66
CA GLY B 714 75.04 6.46 29.61
C GLY B 714 76.09 6.53 30.69
N GLN B 715 76.96 7.56 30.70
CA GLN B 715 77.98 7.63 31.74
C GLN B 715 77.32 8.06 33.05
N LEU B 716 77.85 7.57 34.17
CA LEU B 716 77.50 8.10 35.48
C LEU B 716 78.61 9.05 35.91
N THR B 717 78.29 10.34 36.00
CA THR B 717 79.28 11.39 36.20
C THR B 717 78.87 12.24 37.38
N MET B 718 79.74 12.31 38.40
CA MET B 718 79.49 13.17 39.54
C MET B 718 80.06 14.56 39.28
N ILE B 719 79.46 15.55 39.93
CA ILE B 719 79.96 16.92 39.92
C ILE B 719 80.07 17.33 41.39
N VAL B 720 81.27 17.70 41.83
CA VAL B 720 81.50 17.98 43.23
C VAL B 720 82.32 19.24 43.42
N GLY B 721 82.30 19.73 44.64
CA GLY B 721 83.10 20.86 45.07
C GLY B 721 82.44 21.55 46.24
N GLN B 722 83.25 22.40 46.89
CA GLN B 722 82.85 23.20 48.05
C GLN B 722 81.52 23.95 47.82
N VAL B 723 80.74 24.08 48.89
CA VAL B 723 79.59 24.98 48.96
C VAL B 723 79.93 26.35 48.38
N GLY B 724 79.16 26.81 47.41
CA GLY B 724 79.38 28.10 46.80
C GLY B 724 80.42 28.13 45.69
N CYS B 725 80.99 26.99 45.31
CA CYS B 725 82.02 26.98 44.27
C CYS B 725 81.44 27.14 42.87
N GLY B 726 80.12 27.06 42.75
CA GLY B 726 79.45 27.29 41.50
C GLY B 726 78.81 26.04 40.95
N LYS B 727 78.63 25.01 41.78
CA LYS B 727 78.06 23.73 41.34
C LYS B 727 76.65 23.91 40.83
N SER B 728 75.81 24.62 41.60
CA SER B 728 74.47 24.93 41.14
C SER B 728 74.51 25.79 39.88
N SER B 729 75.44 26.77 39.85
CA SER B 729 75.66 27.58 38.66
C SER B 729 76.17 26.74 37.49
N LEU B 730 77.00 25.74 37.78
CA LEU B 730 77.44 24.78 36.77
C LEU B 730 76.26 24.00 36.20
N LEU B 731 75.32 23.62 37.07
CA LEU B 731 74.08 23.00 36.62
C LEU B 731 73.24 23.96 35.76
N LEU B 732 73.24 25.25 36.11
CA LEU B 732 72.60 26.25 35.27
C LEU B 732 73.28 26.37 33.91
N ALA B 733 74.61 26.27 33.88
CA ALA B 733 75.34 26.18 32.61
C ALA B 733 74.94 24.94 31.84
N THR B 734 74.78 23.82 32.53
CA THR B 734 74.30 22.58 31.92
C THR B 734 72.86 22.71 31.41
N LEU B 735 72.09 23.62 31.97
CA LEU B 735 70.73 23.88 31.50
C LEU B 735 70.65 24.97 30.44
N GLY B 736 71.79 25.52 30.00
CA GLY B 736 71.74 26.58 29.02
C GLY B 736 71.19 27.88 29.55
N GLU B 737 71.35 28.13 30.85
CA GLU B 737 70.77 29.27 31.54
C GLU B 737 71.76 30.40 31.78
N MET B 738 72.99 30.24 31.34
CA MET B 738 73.99 31.31 31.36
C MET B 738 74.26 31.83 29.95
N GLN B 739 75.09 32.86 29.88
CA GLN B 739 75.50 33.49 28.64
C GLN B 739 76.88 32.97 28.22
N LYS B 740 76.91 32.26 27.11
CA LYS B 740 78.15 31.71 26.54
C LYS B 740 78.91 32.84 25.86
N VAL B 741 80.06 33.19 26.44
CA VAL B 741 80.89 34.26 25.88
C VAL B 741 81.50 33.83 24.55
N SER B 742 82.02 32.60 24.49
CA SER B 742 82.61 32.09 23.25
C SER B 742 82.68 30.57 23.32
N GLY B 743 82.97 29.98 22.16
CA GLY B 743 83.20 28.55 22.04
C GLY B 743 82.00 27.86 21.41
N ALA B 744 82.18 26.56 21.20
CA ALA B 744 81.19 25.75 20.51
C ALA B 744 80.68 24.69 21.45
N VAL B 745 79.36 24.46 21.43
CA VAL B 745 78.79 23.41 22.25
C VAL B 745 77.71 22.68 21.45
N PHE B 746 77.85 21.37 21.34
CA PHE B 746 76.89 20.50 20.67
C PHE B 746 76.60 19.30 21.55
N TRP B 747 75.33 19.14 21.92
CA TRP B 747 74.86 18.07 22.78
C TRP B 747 73.85 17.16 22.06
N ASN B 748 73.89 17.17 20.73
CA ASN B 748 72.98 16.58 19.74
C ASN B 748 71.64 17.29 19.67
N SER B 749 71.42 18.35 20.46
CA SER B 749 70.15 19.05 20.47
C SER B 749 70.17 20.33 19.64
N ASN B 750 71.30 20.64 19.01
CA ASN B 750 71.39 21.80 18.13
C ASN B 750 71.24 21.40 16.66
N LEU B 751 71.08 20.11 16.39
CA LEU B 751 70.73 19.63 15.06
C LEU B 751 69.39 20.20 14.63
N PRO B 752 69.25 20.66 13.37
CA PRO B 752 67.98 21.13 12.84
C PRO B 752 67.09 19.97 12.39
N VAL B 778 63.97 16.48 28.29
CA VAL B 778 64.88 16.84 29.36
C VAL B 778 64.12 17.09 30.66
N ALA B 779 64.53 16.45 31.75
CA ALA B 779 63.99 16.73 33.07
C ALA B 779 65.03 17.40 33.96
N TYR B 780 64.53 18.10 34.97
CA TYR B 780 65.31 19.00 35.82
C TYR B 780 64.89 18.87 37.28
N ALA B 781 65.86 18.72 38.17
CA ALA B 781 65.65 18.88 39.60
C ALA B 781 66.48 20.07 40.05
N SER B 782 65.81 21.17 40.35
CA SER B 782 66.50 22.43 40.65
C SER B 782 67.14 22.37 42.03
N GLN B 783 68.10 23.28 42.24
CA GLN B 783 68.88 23.30 43.48
C GLN B 783 67.97 23.54 44.68
N LYS B 784 66.94 24.37 44.47
CA LYS B 784 65.90 24.63 45.45
C LYS B 784 64.61 24.10 44.84
N PRO B 785 63.99 23.08 45.43
CA PRO B 785 62.79 22.48 44.83
C PRO B 785 61.60 23.42 44.88
N TRP B 786 60.77 23.32 43.84
CA TRP B 786 59.57 24.12 43.72
C TRP B 786 58.41 23.22 43.34
N LEU B 787 57.21 23.67 43.65
CA LEU B 787 56.01 22.88 43.49
C LEU B 787 55.01 23.63 42.63
N LEU B 788 54.39 22.92 41.71
CA LEU B 788 53.27 23.50 40.99
C LEU B 788 52.03 23.37 41.87
N ASN B 789 51.12 24.33 41.74
CA ASN B 789 49.83 24.25 42.43
C ASN B 789 48.87 23.24 41.82
N ALA B 790 48.97 21.99 42.24
CA ALA B 790 48.13 20.91 41.73
C ALA B 790 48.19 19.75 42.71
N THR B 791 47.46 18.69 42.39
CA THR B 791 47.59 17.40 43.03
C THR B 791 49.01 16.86 42.94
N VAL B 792 49.34 15.94 43.86
CA VAL B 792 50.57 15.17 43.78
C VAL B 792 50.62 14.38 42.48
N GLU B 793 49.49 13.78 42.12
CA GLU B 793 49.31 13.09 40.84
C GLU B 793 49.68 13.96 39.65
N GLU B 794 49.11 15.16 39.56
CA GLU B 794 49.46 16.04 38.44
C GLU B 794 50.85 16.64 38.58
N ASN B 795 51.40 16.72 39.79
CA ASN B 795 52.81 17.04 39.97
C ASN B 795 53.71 15.93 39.42
N ILE B 796 53.21 14.70 39.42
CA ILE B 796 53.89 13.55 38.85
C ILE B 796 53.74 13.46 37.34
N THR B 797 52.51 13.66 36.82
CA THR B 797 52.27 13.52 35.39
C THR B 797 53.03 14.53 34.54
N PHE B 798 52.99 15.82 34.88
CA PHE B 798 53.76 16.88 34.20
C PHE B 798 53.55 16.88 32.67
N GLU B 799 52.27 17.01 32.29
CA GLU B 799 51.79 17.05 30.90
C GLU B 799 52.12 15.76 30.15
N SER B 800 51.45 14.70 30.59
CA SER B 800 51.64 13.33 30.14
C SER B 800 50.31 12.63 30.30
N PRO B 801 50.06 11.51 29.62
CA PRO B 801 48.93 10.69 30.02
C PRO B 801 49.22 9.90 31.29
N PHE B 802 48.13 9.67 32.03
CA PHE B 802 48.12 8.83 33.22
C PHE B 802 48.17 7.32 32.97
N ASN B 803 49.18 6.71 33.58
CA ASN B 803 49.49 5.29 33.56
C ASN B 803 49.58 4.94 35.03
N LYS B 804 48.93 3.86 35.46
CA LYS B 804 48.97 3.48 36.87
C LYS B 804 49.86 2.28 37.18
N GLN B 805 50.47 1.67 36.17
CA GLN B 805 51.50 0.71 36.50
C GLN B 805 52.80 1.47 36.58
N ARG B 806 52.94 2.43 35.66
CA ARG B 806 54.10 3.31 35.69
C ARG B 806 54.08 4.09 36.99
N TYR B 807 52.89 4.55 37.38
CA TYR B 807 52.68 5.22 38.67
C TYR B 807 53.04 4.32 39.84
N LYS B 808 52.59 3.06 39.82
CA LYS B 808 52.97 2.11 40.87
C LYS B 808 54.49 1.93 40.98
N MET B 809 55.15 1.73 39.83
CA MET B 809 56.61 1.60 39.81
C MET B 809 57.32 2.88 40.25
N VAL B 810 56.80 4.03 39.84
CA VAL B 810 57.32 5.32 40.27
C VAL B 810 57.13 5.53 41.76
N ILE B 811 55.95 5.21 42.29
CA ILE B 811 55.66 5.33 43.72
C ILE B 811 56.62 4.48 44.54
N GLU B 812 56.83 3.23 44.13
CA GLU B 812 57.80 2.39 44.84
C GLU B 812 59.22 2.92 44.67
N ALA B 813 59.61 3.25 43.44
CA ALA B 813 60.96 3.72 43.13
C ALA B 813 61.30 5.08 43.72
N CYS B 814 60.33 5.97 43.89
CA CYS B 814 60.63 7.31 44.42
C CYS B 814 60.43 7.45 45.92
N SER B 815 60.21 6.34 46.64
CA SER B 815 60.11 6.31 48.11
C SER B 815 58.90 7.12 48.58
N LEU B 816 57.83 7.08 47.78
CA LEU B 816 56.67 7.92 48.00
C LEU B 816 55.59 7.23 48.80
N GLN B 817 55.76 5.94 49.09
CA GLN B 817 54.81 5.24 49.97
C GLN B 817 54.70 5.88 51.36
N PRO B 818 55.79 6.20 52.11
CA PRO B 818 55.58 6.91 53.39
C PRO B 818 54.88 8.26 53.26
N ASP B 819 55.11 8.96 52.13
CA ASP B 819 54.44 10.24 51.91
C ASP B 819 52.95 10.04 51.67
N ILE B 820 52.60 9.08 50.80
CA ILE B 820 51.20 8.76 50.56
C ILE B 820 50.56 8.33 51.87
N ASP B 821 51.29 7.51 52.64
CA ASP B 821 50.83 7.00 53.94
C ASP B 821 50.54 8.12 54.91
N ILE B 822 51.23 9.26 54.78
CA ILE B 822 50.98 10.40 55.65
C ILE B 822 50.19 11.49 54.93
N LEU B 823 49.72 11.22 53.66
CA LEU B 823 48.93 12.28 53.05
C LEU B 823 47.45 12.02 53.30
N PRO B 824 46.67 13.07 53.58
CA PRO B 824 45.28 12.87 54.05
C PRO B 824 44.37 12.20 53.04
N HIS B 825 44.60 12.43 51.74
CA HIS B 825 43.81 11.83 50.68
C HIS B 825 44.67 11.16 49.62
N GLY B 826 45.88 10.74 49.99
CA GLY B 826 46.80 10.17 49.02
C GLY B 826 47.19 11.12 47.89
N ASP B 827 47.01 10.65 46.65
CA ASP B 827 47.28 11.47 45.48
C ASP B 827 46.27 12.57 45.23
N GLN B 828 45.10 12.50 45.85
CA GLN B 828 44.10 13.56 45.67
C GLN B 828 44.33 14.75 46.60
N THR B 829 45.37 14.72 47.43
CA THR B 829 45.76 15.88 48.22
C THR B 829 46.17 17.07 47.34
N GLN B 830 45.54 18.21 47.58
CA GLN B 830 45.94 19.46 46.95
C GLN B 830 47.31 19.89 47.47
N ILE B 831 48.25 20.10 46.55
CA ILE B 831 49.60 20.53 46.92
C ILE B 831 49.93 21.84 46.20
N GLY B 832 51.08 22.39 46.56
CA GLY B 832 51.49 23.71 46.12
C GLY B 832 50.91 24.82 46.99
N GLU B 833 50.82 25.99 46.38
CA GLU B 833 50.38 27.22 47.05
C GLU B 833 48.96 27.08 47.58
N ARG B 834 48.77 27.45 48.85
CA ARG B 834 47.51 27.43 49.60
C ARG B 834 47.01 26.01 49.89
N GLY B 835 47.84 24.99 49.68
CA GLY B 835 47.49 23.63 49.96
C GLY B 835 48.33 23.04 51.07
N ILE B 836 48.45 21.71 51.06
CA ILE B 836 49.28 21.01 52.03
C ILE B 836 50.74 21.41 51.86
N ASN B 837 51.40 21.74 52.98
CA ASN B 837 52.78 22.21 52.99
C ASN B 837 53.73 21.02 53.09
N LEU B 838 54.25 20.60 51.94
CA LEU B 838 55.23 19.52 51.90
C LEU B 838 56.58 20.01 52.41
N SER B 839 57.31 19.11 53.09
CA SER B 839 58.66 19.39 53.50
C SER B 839 59.60 19.49 52.29
N GLY B 840 60.78 20.05 52.55
CA GLY B 840 61.83 20.11 51.53
C GLY B 840 62.24 18.74 51.01
N GLY B 841 62.24 17.73 51.89
CA GLY B 841 62.50 16.38 51.43
C GLY B 841 61.36 15.82 50.60
N GLN B 842 60.12 16.05 51.04
CA GLN B 842 58.95 15.62 50.27
C GLN B 842 58.90 16.32 48.92
N ARG B 843 59.19 17.62 48.89
CA ARG B 843 59.30 18.36 47.64
C ARG B 843 60.39 17.78 46.74
N GLN B 844 61.54 17.44 47.31
CA GLN B 844 62.62 16.82 46.56
C GLN B 844 62.21 15.47 45.97
N ARG B 845 61.56 14.64 46.79
CA ARG B 845 61.07 13.33 46.33
C ARG B 845 60.02 13.47 45.24
N ILE B 846 59.14 14.47 45.35
CA ILE B 846 58.20 14.79 44.27
C ILE B 846 58.94 15.20 42.99
N SER B 847 59.97 16.05 43.12
CA SER B 847 60.78 16.44 41.96
C SER B 847 61.50 15.26 41.31
N VAL B 848 62.06 14.37 42.12
CA VAL B 848 62.67 13.14 41.64
C VAL B 848 61.65 12.28 40.92
N ALA B 849 60.46 12.11 41.51
CA ALA B 849 59.40 11.33 40.88
C ALA B 849 58.95 11.94 39.56
N ARG B 850 58.87 13.27 39.51
CA ARG B 850 58.60 14.00 38.28
C ARG B 850 59.62 13.72 37.19
N ALA B 851 60.91 13.75 37.55
CA ALA B 851 61.96 13.42 36.60
C ALA B 851 61.94 11.96 36.16
N LEU B 852 61.77 11.03 37.10
CA LEU B 852 61.71 9.62 36.72
C LEU B 852 60.49 9.32 35.84
N TYR B 853 59.34 9.91 36.17
CA TYR B 853 58.14 9.71 35.35
C TYR B 853 58.30 10.29 33.96
N GLN B 854 59.02 11.41 33.82
CA GLN B 854 59.18 12.01 32.51
C GLN B 854 60.05 11.18 31.55
N GLN B 855 60.86 10.24 32.07
CA GLN B 855 61.67 9.28 31.30
C GLN B 855 62.54 9.98 30.24
N THR B 856 63.18 11.07 30.64
CA THR B 856 64.02 11.85 29.75
C THR B 856 65.36 11.18 29.49
N ASN B 857 66.07 11.68 28.48
CA ASN B 857 67.36 11.13 28.12
C ASN B 857 68.44 11.63 29.08
N VAL B 858 68.28 12.83 29.62
CA VAL B 858 69.26 13.45 30.49
C VAL B 858 68.57 13.85 31.78
N VAL B 859 69.18 13.52 32.92
CA VAL B 859 68.68 13.88 34.23
C VAL B 859 69.73 14.73 34.91
N PHE B 860 69.32 15.89 35.43
CA PHE B 860 70.20 16.74 36.23
C PHE B 860 69.70 16.73 37.67
N LEU B 861 70.47 16.11 38.55
CA LEU B 861 70.10 16.00 39.96
C LEU B 861 70.98 16.95 40.75
N ASP B 862 70.37 17.95 41.39
CA ASP B 862 71.09 18.91 42.22
C ASP B 862 70.97 18.49 43.68
N ASP B 863 71.96 17.73 44.15
CA ASP B 863 72.12 17.24 45.52
C ASP B 863 70.92 16.46 46.04
N PRO B 864 70.43 15.42 45.34
CA PRO B 864 69.02 15.04 45.49
C PRO B 864 68.70 14.34 46.80
N PHE B 865 69.72 13.91 47.55
CA PHE B 865 69.53 13.15 48.78
C PHE B 865 69.93 13.97 50.01
N SER B 866 70.22 15.26 49.80
CA SER B 866 70.59 16.15 50.90
C SER B 866 69.44 16.32 51.88
N ALA B 867 68.22 16.44 51.36
CA ALA B 867 67.04 16.75 52.14
C ALA B 867 66.32 15.49 52.60
N LEU B 868 66.89 14.33 52.33
CA LEU B 868 66.32 13.05 52.75
C LEU B 868 67.21 12.38 53.79
N ASP B 869 66.58 11.53 54.61
CA ASP B 869 67.25 10.76 55.65
C ASP B 869 68.18 9.70 55.05
N VAL B 870 68.97 9.10 55.95
CA VAL B 870 69.97 8.10 55.57
C VAL B 870 69.32 6.88 54.91
N HIS B 871 68.18 6.45 55.46
CA HIS B 871 67.45 5.31 54.90
C HIS B 871 66.89 5.65 53.52
N LEU B 872 66.30 6.84 53.39
CA LEU B 872 65.84 7.33 52.10
C LEU B 872 67.00 7.55 51.14
N SER B 873 68.17 7.99 51.63
CA SER B 873 69.36 8.06 50.79
C SER B 873 69.76 6.68 50.27
N ASP B 874 69.66 5.66 51.14
CA ASP B 874 69.89 4.28 50.72
C ASP B 874 68.86 3.85 49.67
N HIS B 875 67.61 4.26 49.85
CA HIS B 875 66.57 4.04 48.85
C HIS B 875 66.96 4.65 47.52
N LEU B 876 67.35 5.93 47.55
CA LEU B 876 67.74 6.65 46.33
C LEU B 876 68.99 6.02 45.69
N MET B 877 69.88 5.48 46.52
CA MET B 877 71.00 4.66 46.05
C MET B 877 70.51 3.46 45.24
N GLN B 878 69.72 2.58 45.85
CA GLN B 878 69.33 1.33 45.19
C GLN B 878 68.35 1.59 44.05
N ALA B 879 67.39 2.48 44.26
CA ALA B 879 66.38 2.72 43.24
C ALA B 879 66.95 3.67 42.22
N GLY B 880 67.99 4.41 42.61
CA GLY B 880 68.66 5.29 41.69
C GLY B 880 69.45 4.40 40.75
N ILE B 881 70.09 3.37 41.32
CA ILE B 881 70.92 2.44 40.56
C ILE B 881 70.03 1.57 39.67
N LEU B 882 68.72 1.55 39.98
CA LEU B 882 67.76 0.78 39.20
C LEU B 882 66.82 1.73 38.49
N GLU B 883 67.27 2.97 38.40
CA GLU B 883 66.65 4.06 37.68
C GLU B 883 67.56 4.34 36.51
N LEU B 884 68.87 4.39 36.81
CA LEU B 884 69.85 4.51 35.76
C LEU B 884 69.90 3.16 35.06
N LEU B 885 69.78 2.08 35.86
CA LEU B 885 69.66 0.76 35.27
C LEU B 885 68.34 0.65 34.52
N ARG B 886 67.26 1.20 35.10
CA ARG B 886 65.98 1.32 34.39
C ARG B 886 66.12 2.16 33.13
N ASP B 887 66.93 3.25 33.20
CA ASP B 887 67.30 4.06 32.06
C ASP B 887 67.95 3.15 31.02
N ASP B 888 67.25 2.97 29.90
CA ASP B 888 67.75 2.18 28.78
C ASP B 888 68.78 2.97 27.98
N LYS B 889 70.03 2.90 28.46
CA LYS B 889 71.25 3.58 28.03
C LYS B 889 71.34 5.08 28.28
N ARG B 890 70.33 5.73 28.90
CA ARG B 890 70.34 7.19 29.00
C ARG B 890 71.54 7.71 29.82
N THR B 891 71.92 8.95 29.51
CA THR B 891 72.90 9.73 30.28
C THR B 891 72.32 10.37 31.54
N VAL B 892 72.96 10.14 32.68
CA VAL B 892 72.48 10.62 33.96
C VAL B 892 73.62 11.40 34.60
N VAL B 893 73.39 12.68 34.86
CA VAL B 893 74.35 13.55 35.54
C VAL B 893 73.90 13.84 36.95
N LEU B 894 74.71 13.46 37.93
CA LEU B 894 74.36 13.56 39.35
C LEU B 894 75.33 14.55 39.98
N VAL B 895 74.94 15.82 40.09
CA VAL B 895 75.64 16.74 40.97
C VAL B 895 75.41 16.32 42.42
N THR B 896 76.46 16.35 43.22
CA THR B 896 76.33 16.10 44.64
C THR B 896 77.46 16.81 45.38
N HIS B 897 77.17 17.23 46.61
CA HIS B 897 78.18 17.76 47.52
C HIS B 897 78.78 16.70 48.43
N LYS B 898 78.31 15.46 48.34
CA LYS B 898 78.70 14.40 49.25
C LYS B 898 79.61 13.40 48.56
N LEU B 899 80.56 12.86 49.33
CA LEU B 899 81.52 11.88 48.84
C LEU B 899 81.06 10.45 49.06
N GLN B 900 79.90 10.27 49.71
CA GLN B 900 79.43 8.97 50.19
C GLN B 900 79.33 7.95 49.06
N TYR B 901 78.88 8.38 47.88
CA TYR B 901 78.62 7.47 46.78
C TYR B 901 79.49 7.74 45.56
N LEU B 902 80.52 8.59 45.69
CA LEU B 902 81.46 8.75 44.57
C LEU B 902 82.19 7.45 44.17
N PRO B 903 82.49 6.48 45.07
CA PRO B 903 82.99 5.20 44.54
C PRO B 903 81.91 4.42 43.80
N HIS B 904 80.63 4.76 44.00
CA HIS B 904 79.51 3.96 43.56
C HIS B 904 78.84 4.56 42.33
N ALA B 905 79.42 5.57 41.73
CA ALA B 905 79.06 6.00 40.39
C ALA B 905 80.22 5.61 39.49
N ASP B 906 80.12 5.90 38.19
CA ASP B 906 81.11 5.28 37.32
C ASP B 906 82.40 6.08 37.28
N TRP B 907 82.31 7.39 37.07
CA TRP B 907 83.48 8.25 36.88
C TRP B 907 83.14 9.59 37.53
N ILE B 908 84.17 10.28 38.05
CA ILE B 908 83.98 11.59 38.66
C ILE B 908 84.68 12.69 37.88
N ILE B 909 83.99 13.83 37.76
CA ILE B 909 84.55 15.11 37.29
C ILE B 909 84.52 16.05 38.48
N ALA B 910 85.70 16.54 38.88
CA ALA B 910 85.82 17.48 40.00
C ALA B 910 85.95 18.92 39.53
N MET B 911 85.10 19.79 40.06
CA MET B 911 85.07 21.20 39.73
C MET B 911 85.51 21.99 40.95
N LYS B 912 86.14 23.14 40.72
CA LYS B 912 86.42 24.07 41.80
C LYS B 912 86.45 25.51 41.28
N ASP B 913 85.86 26.41 42.07
CA ASP B 913 85.88 27.86 41.84
C ASP B 913 85.27 28.26 40.50
N GLY B 914 84.25 27.53 40.07
CA GLY B 914 83.61 27.79 38.80
C GLY B 914 84.39 27.26 37.60
N THR B 915 85.44 26.48 37.84
CA THR B 915 86.27 25.89 36.82
C THR B 915 86.27 24.39 37.07
N ILE B 916 86.62 23.61 36.05
CA ILE B 916 86.82 22.18 36.25
C ILE B 916 88.28 21.98 36.67
N GLN B 917 88.49 21.36 37.82
CA GLN B 917 89.85 21.12 38.27
C GLN B 917 90.45 19.83 37.71
N ARG B 918 89.70 18.73 37.71
CA ARG B 918 90.16 17.48 37.14
C ARG B 918 88.99 16.56 36.86
N GLU B 919 89.15 15.71 35.85
CA GLU B 919 88.23 14.63 35.53
C GLU B 919 89.05 13.38 35.35
N GLY B 920 88.54 12.22 35.74
CA GLY B 920 89.44 11.09 35.82
C GLY B 920 89.01 10.00 36.76
N THR B 921 89.79 8.93 36.71
CA THR B 921 89.68 7.72 37.50
C THR B 921 89.97 7.98 38.98
N LEU B 922 89.59 6.99 39.79
CA LEU B 922 89.94 6.95 41.21
C LEU B 922 91.44 7.09 41.43
N LYS B 923 92.25 6.36 40.66
CA LYS B 923 93.72 6.47 40.78
C LYS B 923 94.19 7.87 40.39
N ASP B 924 93.61 8.44 39.33
CA ASP B 924 93.91 9.80 38.88
C ASP B 924 93.62 10.83 39.96
N PHE B 925 92.52 10.64 40.69
CA PHE B 925 92.11 11.57 41.73
C PHE B 925 92.82 11.27 43.03
N GLN B 926 93.33 10.05 43.18
CA GLN B 926 94.29 9.77 44.24
C GLN B 926 95.56 10.57 43.99
N ARG B 927 95.99 10.66 42.71
CA ARG B 927 97.16 11.48 42.41
C ARG B 927 96.83 12.96 42.60
N SER B 928 95.56 13.32 42.42
CA SER B 928 95.07 14.66 42.73
C SER B 928 95.13 14.92 44.24
N GLU B 929 95.07 13.83 45.02
CA GLU B 929 95.05 13.80 46.48
C GLU B 929 93.84 14.53 47.04
N CYS B 930 92.69 14.28 46.42
CA CYS B 930 91.43 14.95 46.70
C CYS B 930 90.35 13.96 47.12
N GLN B 931 90.12 12.94 46.28
CA GLN B 931 89.07 11.94 46.48
C GLN B 931 89.24 11.18 47.80
N LEU B 932 90.49 10.86 48.15
CA LEU B 932 90.76 10.23 49.45
C LEU B 932 90.43 11.17 50.60
N PHE B 933 90.80 12.45 50.48
CA PHE B 933 90.46 13.45 51.50
C PHE B 933 88.95 13.58 51.67
N GLU B 934 88.20 13.60 50.57
CA GLU B 934 86.74 13.59 50.65
C GLU B 934 86.21 12.28 51.23
N HIS B 935 86.86 11.17 50.91
CA HIS B 935 86.55 9.90 51.57
C HIS B 935 86.86 9.96 53.06
N TRP B 936 87.92 10.65 53.44
CA TRP B 936 88.24 10.89 54.84
C TRP B 936 87.19 11.79 55.50
N ALA B 1008 14.88 37.73 54.16
CA ALA B 1008 16.12 37.12 54.62
C ALA B 1008 17.09 38.17 55.13
N CYS B 1009 16.57 39.14 55.87
CA CYS B 1009 17.38 40.21 56.44
C CYS B 1009 17.29 40.29 57.95
N THR B 1010 16.60 39.35 58.60
CA THR B 1010 16.44 39.39 60.05
C THR B 1010 17.74 39.15 60.78
N LYS B 1011 18.68 38.42 60.15
CA LYS B 1011 20.01 38.29 60.72
C LYS B 1011 20.79 39.60 60.60
N TYR B 1012 20.61 40.32 59.48
CA TYR B 1012 21.34 41.56 59.27
C TYR B 1012 20.79 42.71 60.11
N LEU B 1013 19.52 42.63 60.52
CA LEU B 1013 18.91 43.71 61.29
C LEU B 1013 19.53 43.86 62.68
N SER B 1014 20.15 42.81 63.21
CA SER B 1014 20.80 42.86 64.50
C SER B 1014 22.27 43.25 64.41
N SER B 1015 22.76 43.53 63.21
CA SER B 1015 24.18 43.85 63.02
C SER B 1015 24.43 45.32 63.37
N ALA B 1016 25.42 45.54 64.25
CA ALA B 1016 25.88 46.87 64.68
C ALA B 1016 24.75 47.71 65.30
N GLY B 1017 23.88 47.04 66.05
CA GLY B 1017 22.76 47.70 66.67
C GLY B 1017 21.53 47.73 65.79
N ILE B 1018 20.38 47.98 66.43
CA ILE B 1018 19.09 48.02 65.75
C ILE B 1018 18.37 49.36 65.97
N LEU B 1019 18.39 49.86 67.21
CA LEU B 1019 17.59 51.04 67.56
C LEU B 1019 18.16 52.32 66.97
N LEU B 1020 19.47 52.55 67.15
CA LEU B 1020 20.08 53.77 66.63
C LEU B 1020 20.17 53.76 65.12
N LEU B 1021 20.36 52.59 64.51
CA LEU B 1021 20.35 52.50 63.06
C LEU B 1021 18.94 52.68 62.51
N SER B 1022 17.94 52.18 63.22
CA SER B 1022 16.55 52.37 62.79
C SER B 1022 16.11 53.82 62.91
N LEU B 1023 16.57 54.53 63.96
CA LEU B 1023 16.24 55.93 64.10
C LEU B 1023 17.04 56.80 63.14
N LEU B 1024 18.28 56.41 62.83
CA LEU B 1024 19.10 57.18 61.91
C LEU B 1024 18.60 57.04 60.47
N VAL B 1025 18.36 55.80 60.03
CA VAL B 1025 17.85 55.58 58.68
C VAL B 1025 16.40 56.04 58.57
N PHE B 1026 15.66 55.98 59.68
CA PHE B 1026 14.31 56.54 59.70
C PHE B 1026 14.35 58.06 59.53
N SER B 1027 15.32 58.72 60.17
CA SER B 1027 15.50 60.15 59.97
C SER B 1027 15.99 60.47 58.57
N GLN B 1028 16.72 59.55 57.94
CA GLN B 1028 17.12 59.74 56.55
C GLN B 1028 15.92 59.63 55.61
N LEU B 1029 15.01 58.69 55.90
CA LEU B 1029 13.79 58.56 55.09
C LEU B 1029 12.88 59.77 55.28
N LEU B 1030 12.82 60.31 56.51
CA LEU B 1030 12.05 61.52 56.74
C LEU B 1030 12.72 62.72 56.07
N LYS B 1031 14.05 62.72 55.99
CA LYS B 1031 14.75 63.79 55.29
C LYS B 1031 14.51 63.72 53.80
N HIS B 1032 14.38 62.52 53.24
CA HIS B 1032 14.05 62.42 51.82
C HIS B 1032 12.58 62.72 51.56
N MET B 1033 11.70 62.47 52.54
CA MET B 1033 10.33 62.96 52.44
C MET B 1033 10.29 64.47 52.49
N VAL B 1034 11.23 65.09 53.22
CA VAL B 1034 11.38 66.53 53.16
C VAL B 1034 11.97 66.95 51.81
N LEU B 1035 12.73 66.07 51.17
CA LEU B 1035 13.28 66.40 49.85
C LEU B 1035 12.19 66.40 48.79
N VAL B 1036 11.30 65.41 48.81
CA VAL B 1036 10.18 65.43 47.88
C VAL B 1036 9.15 66.48 48.31
N ALA B 1037 9.20 66.92 49.57
CA ALA B 1037 8.42 68.09 49.96
C ALA B 1037 8.99 69.36 49.35
N ILE B 1038 10.31 69.45 49.23
CA ILE B 1038 10.93 70.55 48.49
C ILE B 1038 10.57 70.45 47.00
N ASP B 1039 10.45 69.22 46.50
CA ASP B 1039 10.04 69.01 45.11
C ASP B 1039 8.61 69.49 44.86
N TYR B 1040 7.68 69.11 45.74
CA TYR B 1040 6.29 69.51 45.55
C TYR B 1040 6.07 70.98 45.88
N TRP B 1041 6.89 71.55 46.77
CA TRP B 1041 6.76 72.98 47.07
C TRP B 1041 7.30 73.82 45.93
N LEU B 1042 8.41 73.39 45.32
CA LEU B 1042 8.90 74.05 44.12
C LEU B 1042 7.97 73.84 42.94
N ALA B 1043 7.24 72.73 42.93
CA ALA B 1043 6.26 72.49 41.87
C ALA B 1043 5.02 73.35 42.05
N LYS B 1044 4.57 73.51 43.29
CA LYS B 1044 3.37 74.31 43.54
C LYS B 1044 3.65 75.79 43.40
N TRP B 1045 4.85 76.23 43.83
CA TRP B 1045 5.25 77.60 43.56
C TRP B 1045 5.57 77.82 42.09
N THR B 1046 5.96 76.74 41.39
CA THR B 1046 6.07 76.83 39.94
C THR B 1046 4.70 76.98 39.31
N ASP B 1047 3.66 76.40 39.91
CA ASP B 1047 2.30 76.67 39.47
C ASP B 1047 1.87 78.09 39.84
N SER B 1048 2.44 78.63 40.92
CA SER B 1048 2.14 80.02 41.28
C SER B 1048 2.79 80.99 40.31
N ALA B 1049 4.00 80.67 39.84
CA ALA B 1049 4.61 81.48 38.79
C ALA B 1049 3.93 81.27 37.46
N LEU B 1050 3.37 80.08 37.24
CA LEU B 1050 2.59 79.82 36.04
C LEU B 1050 1.23 80.51 36.07
N VAL B 1051 0.73 80.86 37.25
CA VAL B 1051 -0.55 81.56 37.34
C VAL B 1051 -0.44 83.04 37.02
N LEU B 1052 0.77 83.56 36.82
CA LEU B 1052 0.96 84.97 36.49
C LEU B 1052 1.06 85.16 34.98
N GLN B 1069 7.64 88.34 44.56
CA GLN B 1069 6.26 87.90 44.34
C GLN B 1069 5.46 87.92 45.64
N SER B 1070 4.44 87.05 45.72
CA SER B 1070 3.56 87.04 46.89
C SER B 1070 4.24 86.38 48.09
N VAL B 1071 4.68 85.13 47.92
CA VAL B 1071 5.31 84.37 49.00
C VAL B 1071 6.71 83.99 48.54
N TYR B 1072 7.35 84.87 47.77
CA TYR B 1072 8.63 84.55 47.13
C TYR B 1072 9.75 84.36 48.15
N ALA B 1073 9.76 85.18 49.19
CA ALA B 1073 10.72 84.97 50.27
C ALA B 1073 10.42 83.67 51.02
N MET B 1074 9.13 83.37 51.21
CA MET B 1074 8.74 82.12 51.85
C MET B 1074 9.07 80.92 50.97
N VAL B 1075 8.89 81.06 49.66
CA VAL B 1075 9.10 79.94 48.74
C VAL B 1075 10.59 79.66 48.58
N PHE B 1076 11.34 80.66 48.10
CA PHE B 1076 12.75 80.44 47.80
C PHE B 1076 13.60 80.37 49.07
N THR B 1077 13.13 80.94 50.17
CA THR B 1077 13.87 80.80 51.42
C THR B 1077 13.54 79.49 52.11
N LEU B 1078 12.25 79.10 52.13
CA LEU B 1078 11.85 77.89 52.81
C LEU B 1078 12.18 76.63 52.01
N LEU B 1079 12.43 76.76 50.71
CA LEU B 1079 12.71 75.61 49.86
C LEU B 1079 14.15 75.14 49.93
N CYS B 1080 14.98 75.76 50.77
CA CYS B 1080 16.37 75.36 50.93
C CYS B 1080 16.67 74.89 52.34
N SER B 1081 15.66 74.43 53.06
CA SER B 1081 15.85 74.03 54.45
C SER B 1081 16.51 72.67 54.57
N LEU B 1082 15.94 71.66 53.92
CA LEU B 1082 16.41 70.29 54.05
C LEU B 1082 17.51 69.93 53.07
N GLY B 1083 18.25 70.92 52.58
CA GLY B 1083 19.37 70.64 51.69
C GLY B 1083 20.57 70.13 52.45
N ILE B 1084 21.10 70.98 53.34
CA ILE B 1084 22.20 70.56 54.21
C ILE B 1084 21.69 69.54 55.21
N VAL B 1085 20.41 69.62 55.58
CA VAL B 1085 19.82 68.66 56.51
C VAL B 1085 19.70 67.29 55.87
N LEU B 1086 19.31 67.25 54.59
CA LEU B 1086 19.28 65.98 53.89
C LEU B 1086 20.68 65.46 53.61
N CYS B 1087 21.64 66.37 53.40
CA CYS B 1087 23.01 65.98 53.11
C CYS B 1087 23.70 65.39 54.34
N LEU B 1088 23.39 65.91 55.52
CA LEU B 1088 24.01 65.41 56.74
C LEU B 1088 23.24 64.24 57.34
N VAL B 1089 21.91 64.35 57.40
CA VAL B 1089 21.09 63.30 58.01
C VAL B 1089 21.02 62.08 57.11
N THR B 1090 20.97 62.28 55.78
CA THR B 1090 20.91 61.15 54.86
C THR B 1090 22.21 60.35 54.85
N SER B 1091 23.33 60.99 55.16
CA SER B 1091 24.61 60.31 55.28
C SER B 1091 24.98 60.03 56.73
N VAL B 1092 24.03 60.21 57.66
CA VAL B 1092 24.34 60.03 59.08
C VAL B 1092 24.23 58.59 59.55
N THR B 1093 23.40 57.77 58.90
CA THR B 1093 23.19 56.39 59.36
C THR B 1093 24.44 55.53 59.12
N VAL B 1094 25.24 55.88 58.13
CA VAL B 1094 26.48 55.17 57.86
C VAL B 1094 27.64 56.14 58.00
N GLU B 1095 27.45 57.19 58.80
CA GLU B 1095 28.53 58.14 59.03
C GLU B 1095 29.63 57.51 59.88
N TRP B 1096 29.28 57.03 61.08
CA TRP B 1096 30.21 56.30 61.92
C TRP B 1096 29.75 54.87 62.18
N THR B 1097 28.92 54.32 61.29
CA THR B 1097 28.45 52.95 61.46
C THR B 1097 29.55 51.92 61.23
N GLY B 1098 30.61 52.30 60.50
CA GLY B 1098 31.75 51.41 60.35
C GLY B 1098 32.56 51.23 61.62
N LEU B 1099 32.44 52.15 62.58
CA LEU B 1099 33.14 52.01 63.84
C LEU B 1099 32.45 50.98 64.74
N LYS B 1100 31.14 51.11 64.93
CA LYS B 1100 30.40 50.15 65.74
C LYS B 1100 30.27 48.80 65.03
N VAL B 1101 30.21 48.81 63.70
CA VAL B 1101 30.25 47.55 62.96
C VAL B 1101 31.66 46.96 62.99
N ALA B 1102 32.68 47.81 63.12
CA ALA B 1102 34.06 47.33 63.13
C ALA B 1102 34.41 46.67 64.45
N LYS B 1103 34.14 47.36 65.56
CA LYS B 1103 34.43 46.77 66.87
C LYS B 1103 33.41 45.72 67.27
N ARG B 1104 32.15 45.89 66.84
CA ARG B 1104 31.13 44.91 67.18
C ARG B 1104 31.28 43.65 66.36
N LEU B 1105 31.48 43.79 65.04
CA LEU B 1105 31.63 42.63 64.18
C LEU B 1105 33.00 41.99 64.34
N HIS B 1106 34.05 42.80 64.40
CA HIS B 1106 35.40 42.26 64.51
C HIS B 1106 35.68 41.74 65.91
N ARG B 1107 35.27 42.49 66.94
CA ARG B 1107 35.50 42.06 68.31
C ARG B 1107 34.55 40.95 68.71
N SER B 1108 33.28 41.03 68.30
CA SER B 1108 32.33 39.97 68.62
C SER B 1108 32.60 38.71 67.81
N LEU B 1109 33.14 38.85 66.61
CA LEU B 1109 33.50 37.68 65.82
C LEU B 1109 34.79 37.05 66.32
N LEU B 1110 35.80 37.87 66.60
CA LEU B 1110 37.08 37.35 67.08
C LEU B 1110 36.98 36.82 68.50
N ASN B 1111 36.03 37.34 69.29
CA ASN B 1111 35.79 36.78 70.62
C ASN B 1111 34.89 35.56 70.55
N ARG B 1112 33.89 35.58 69.65
CA ARG B 1112 33.00 34.44 69.48
C ARG B 1112 33.71 33.25 68.87
N ILE B 1113 34.81 33.47 68.15
CA ILE B 1113 35.67 32.40 67.69
C ILE B 1113 36.89 32.22 68.58
N ILE B 1114 37.18 33.18 69.47
CA ILE B 1114 38.34 33.04 70.34
C ILE B 1114 38.00 32.22 71.57
N LEU B 1115 36.79 32.37 72.13
CA LEU B 1115 36.38 31.62 73.30
C LEU B 1115 36.01 30.19 73.00
N ALA B 1116 35.96 29.81 71.73
CA ALA B 1116 35.65 28.43 71.35
C ALA B 1116 36.82 27.51 71.69
N PRO B 1117 36.56 26.23 71.95
CA PRO B 1117 37.65 25.28 72.17
C PRO B 1117 38.46 25.06 70.91
N MET B 1118 39.74 24.75 71.10
CA MET B 1118 40.67 24.59 69.99
C MET B 1118 40.63 23.21 69.36
N ARG B 1119 39.80 22.29 69.89
CA ARG B 1119 39.70 20.97 69.29
C ARG B 1119 38.80 20.98 68.06
N PHE B 1120 37.58 21.52 68.20
CA PHE B 1120 36.67 21.61 67.06
C PHE B 1120 37.13 22.64 66.05
N PHE B 1121 37.87 23.65 66.48
CA PHE B 1121 38.52 24.55 65.54
C PHE B 1121 39.77 23.94 64.94
N GLU B 1122 40.41 23.02 65.66
CA GLU B 1122 41.60 22.34 65.14
C GLU B 1122 41.26 21.24 64.14
N THR B 1123 40.05 20.69 64.19
CA THR B 1123 39.61 19.69 63.23
C THR B 1123 38.85 20.31 62.05
N THR B 1124 39.17 21.54 61.68
CA THR B 1124 38.46 22.28 60.65
C THR B 1124 39.43 22.85 59.62
N PRO B 1125 39.02 22.97 58.36
CA PRO B 1125 39.89 23.62 57.36
C PRO B 1125 39.99 25.12 57.61
N LEU B 1126 41.22 25.60 57.77
CA LEU B 1126 41.47 27.00 58.09
C LEU B 1126 41.30 27.93 56.88
N GLY B 1127 41.23 27.38 55.67
CA GLY B 1127 41.09 28.23 54.50
C GLY B 1127 39.70 28.85 54.39
N SER B 1128 38.67 28.08 54.72
CA SER B 1128 37.31 28.63 54.71
C SER B 1128 37.09 29.57 55.90
N ILE B 1129 37.70 29.24 57.04
CA ILE B 1129 37.52 30.04 58.25
C ILE B 1129 38.21 31.39 58.10
N LEU B 1130 39.49 31.38 57.72
CA LEU B 1130 40.22 32.64 57.57
C LEU B 1130 39.82 33.37 56.29
N ASN B 1131 39.43 32.64 55.24
CA ASN B 1131 39.03 33.28 54.00
C ASN B 1131 37.69 33.99 54.17
N ARG B 1132 36.68 33.27 54.65
CA ARG B 1132 35.37 33.87 54.90
C ARG B 1132 35.43 34.90 56.02
N PHE B 1133 36.28 34.66 57.02
CA PHE B 1133 36.40 35.56 58.16
C PHE B 1133 37.03 36.89 57.74
N SER B 1134 38.27 36.83 57.25
CA SER B 1134 39.00 38.05 56.94
C SER B 1134 38.44 38.75 55.71
N SER B 1135 38.03 37.98 54.70
CA SER B 1135 37.43 38.60 53.53
C SER B 1135 36.05 39.16 53.84
N ASP B 1136 35.33 38.55 54.79
CA ASP B 1136 34.06 39.11 55.22
C ASP B 1136 34.27 40.41 55.99
N CYS B 1137 35.34 40.48 56.78
CA CYS B 1137 35.60 41.69 57.57
C CYS B 1137 36.05 42.84 56.69
N ASN B 1138 37.04 42.61 55.83
CA ASN B 1138 37.54 43.70 54.98
C ASN B 1138 36.53 44.05 53.90
N THR B 1139 35.90 43.04 53.30
CA THR B 1139 34.97 43.29 52.20
C THR B 1139 33.67 43.88 52.70
N ILE B 1140 33.11 43.32 53.77
CA ILE B 1140 31.85 43.83 54.30
C ILE B 1140 32.06 45.17 55.00
N ASP B 1141 33.16 45.29 55.74
CA ASP B 1141 33.46 46.53 56.45
C ASP B 1141 33.90 47.64 55.51
N GLN B 1142 34.36 47.31 54.30
CA GLN B 1142 34.77 48.33 53.36
C GLN B 1142 33.66 48.70 52.38
N HIS B 1143 32.87 47.71 51.95
CA HIS B 1143 31.94 47.91 50.86
C HIS B 1143 30.48 47.78 51.25
N ILE B 1144 30.18 47.43 52.50
CA ILE B 1144 28.78 47.32 52.92
C ILE B 1144 28.04 48.66 52.97
N PRO B 1145 28.55 49.74 53.61
CA PRO B 1145 27.69 50.93 53.77
C PRO B 1145 27.47 51.71 52.49
N SER B 1146 28.36 51.59 51.51
CA SER B 1146 28.19 52.33 50.26
C SER B 1146 27.00 51.79 49.47
N THR B 1147 26.97 50.48 49.25
CA THR B 1147 25.83 49.87 48.56
C THR B 1147 24.60 49.83 49.45
N LEU B 1148 24.77 49.85 50.76
CA LEU B 1148 23.60 49.88 51.64
C LEU B 1148 22.89 51.22 51.58
N GLU B 1149 23.63 52.31 51.76
CA GLU B 1149 23.04 53.65 51.69
C GLU B 1149 22.62 53.99 50.26
N CYS B 1150 23.34 53.46 49.27
CA CYS B 1150 22.91 53.62 47.89
C CYS B 1150 21.63 52.86 47.62
N LEU B 1151 21.45 51.71 48.28
CA LEU B 1151 20.23 50.94 48.11
C LEU B 1151 19.03 51.63 48.76
N SER B 1152 19.24 52.19 49.96
CA SER B 1152 18.16 52.90 50.62
C SER B 1152 17.83 54.20 49.90
N ARG B 1153 18.83 54.88 49.35
CA ARG B 1153 18.57 56.09 48.59
C ARG B 1153 17.87 55.79 47.28
N SER B 1154 18.27 54.70 46.62
CA SER B 1154 17.68 54.35 45.34
C SER B 1154 16.24 53.87 45.50
N THR B 1155 15.98 53.04 46.51
CA THR B 1155 14.62 52.56 46.73
C THR B 1155 13.73 53.68 47.27
N LEU B 1156 14.29 54.54 48.12
CA LEU B 1156 13.53 55.66 48.68
C LEU B 1156 13.14 56.64 47.58
N LEU B 1157 14.07 56.93 46.67
CA LEU B 1157 13.74 57.81 45.55
C LEU B 1157 12.79 57.14 44.57
N CYS B 1158 12.92 55.82 44.39
CA CYS B 1158 12.09 55.10 43.44
C CYS B 1158 10.64 55.05 43.86
N VAL B 1159 10.40 54.65 45.12
CA VAL B 1159 9.02 54.64 45.61
C VAL B 1159 8.53 56.06 45.85
N SER B 1160 9.46 56.99 46.13
CA SER B 1160 9.08 58.37 46.43
C SER B 1160 8.53 59.07 45.20
N ALA B 1161 9.31 59.14 44.12
CA ALA B 1161 8.79 59.73 42.90
C ALA B 1161 7.80 58.80 42.19
N LEU B 1162 7.82 57.50 42.52
CA LEU B 1162 6.84 56.57 41.95
C LEU B 1162 5.44 56.89 42.46
N THR B 1163 5.28 56.99 43.78
CA THR B 1163 3.99 57.37 44.33
C THR B 1163 3.69 58.84 44.12
N VAL B 1164 4.72 59.67 43.97
CA VAL B 1164 4.52 61.11 43.76
C VAL B 1164 3.93 61.36 42.38
N ILE B 1165 4.59 60.83 41.35
CA ILE B 1165 4.05 60.93 40.00
C ILE B 1165 2.81 60.07 39.82
N SER B 1166 2.65 59.03 40.67
CA SER B 1166 1.43 58.24 40.62
C SER B 1166 0.24 59.03 41.12
N TYR B 1167 0.41 59.81 42.19
CA TYR B 1167 -0.66 60.69 42.64
C TYR B 1167 -0.82 61.88 41.69
N VAL B 1168 0.25 62.27 41.00
CA VAL B 1168 0.14 63.29 39.97
C VAL B 1168 -0.75 62.79 38.84
N THR B 1169 -0.69 61.51 38.54
CA THR B 1169 -1.66 60.89 37.67
C THR B 1169 -2.98 60.71 38.39
N PRO B 1170 -4.09 60.64 37.66
CA PRO B 1170 -5.36 60.21 38.27
C PRO B 1170 -5.32 58.75 38.68
N VAL B 1171 -6.36 58.34 39.40
CA VAL B 1171 -6.43 56.99 39.95
C VAL B 1171 -6.61 55.96 38.84
N PHE B 1172 -7.23 56.36 37.74
CA PHE B 1172 -7.30 55.47 36.58
C PHE B 1172 -5.96 55.37 35.88
N LEU B 1173 -5.12 56.40 35.99
CA LEU B 1173 -3.84 56.47 35.30
C LEU B 1173 -2.68 55.95 36.13
N VAL B 1174 -2.95 55.20 37.20
CA VAL B 1174 -1.87 54.61 37.98
C VAL B 1174 -1.27 53.43 37.21
N ALA B 1175 -2.08 52.39 36.98
CA ALA B 1175 -1.73 51.18 36.22
C ALA B 1175 -0.46 50.51 36.75
N LEU B 1176 -0.36 50.42 38.07
CA LEU B 1176 0.86 49.91 38.70
C LEU B 1176 0.98 48.40 38.62
N LEU B 1177 -0.10 47.68 38.39
CA LEU B 1177 -0.08 46.22 38.33
C LEU B 1177 0.70 45.65 37.13
N PRO B 1178 0.61 46.19 35.90
CA PRO B 1178 1.55 45.72 34.87
C PRO B 1178 2.99 46.13 35.14
N LEU B 1179 3.20 47.29 35.78
CA LEU B 1179 4.55 47.76 36.05
C LEU B 1179 5.26 46.87 37.06
N ALA B 1180 4.59 46.53 38.14
CA ALA B 1180 5.14 45.57 39.09
C ALA B 1180 4.96 44.13 38.63
N VAL B 1181 4.20 43.90 37.56
CA VAL B 1181 4.09 42.55 37.00
C VAL B 1181 5.34 42.22 36.18
N VAL B 1182 5.62 43.06 35.17
CA VAL B 1182 6.82 42.85 34.36
C VAL B 1182 8.07 43.16 35.15
N CYS B 1183 7.98 44.15 36.06
CA CYS B 1183 9.11 44.42 36.95
C CYS B 1183 9.30 43.29 37.95
N TYR B 1184 8.22 42.63 38.36
CA TYR B 1184 8.33 41.47 39.24
C TYR B 1184 8.99 40.30 38.53
N PHE B 1185 8.61 40.07 37.28
CA PHE B 1185 9.28 39.12 36.40
C PHE B 1185 10.77 39.42 36.29
N ILE B 1186 11.11 40.71 36.11
CA ILE B 1186 12.49 41.11 35.87
C ILE B 1186 13.33 40.95 37.13
N GLN B 1187 12.79 41.37 38.29
CA GLN B 1187 13.56 41.27 39.52
C GLN B 1187 13.67 39.82 39.99
N LYS B 1188 12.66 39.01 39.70
CA LYS B 1188 12.71 37.61 40.07
C LYS B 1188 13.76 36.88 39.24
N TYR B 1189 13.56 36.83 37.93
CA TYR B 1189 14.44 35.99 37.12
C TYR B 1189 15.81 36.63 36.92
N PHE B 1190 15.88 37.96 36.95
CA PHE B 1190 17.20 38.59 36.96
C PHE B 1190 17.85 38.46 38.33
N ARG B 1191 17.08 38.32 39.39
CA ARG B 1191 17.69 38.01 40.68
C ARG B 1191 18.32 36.63 40.67
N VAL B 1192 17.63 35.66 40.05
CA VAL B 1192 18.17 34.30 39.98
C VAL B 1192 19.39 34.24 39.07
N ALA B 1193 19.22 34.66 37.82
CA ALA B 1193 20.31 34.54 36.86
C ALA B 1193 21.44 35.51 37.15
N SER B 1194 21.15 36.62 37.82
CA SER B 1194 22.21 37.55 38.21
C SER B 1194 23.00 37.03 39.40
N ARG B 1195 22.31 36.35 40.33
CA ARG B 1195 23.03 35.69 41.41
C ARG B 1195 23.91 34.57 40.86
N ASP B 1196 23.42 33.84 39.86
CA ASP B 1196 24.21 32.78 39.25
C ASP B 1196 25.38 33.35 38.45
N LEU B 1197 25.14 34.43 37.71
CA LEU B 1197 26.18 34.99 36.84
C LEU B 1197 27.28 35.67 37.65
N GLN B 1198 26.89 36.43 38.68
CA GLN B 1198 27.89 37.02 39.56
C GLN B 1198 28.58 35.95 40.39
N GLN B 1199 27.89 34.83 40.65
CA GLN B 1199 28.52 33.73 41.38
C GLN B 1199 29.61 33.08 40.55
N LEU B 1200 29.29 32.67 39.31
CA LEU B 1200 30.25 31.94 38.49
C LEU B 1200 31.36 32.86 37.99
N ASP B 1201 31.00 34.06 37.53
CA ASP B 1201 31.99 35.02 37.09
C ASP B 1201 32.83 35.53 38.25
N ASP B 1202 32.25 35.61 39.45
CA ASP B 1202 33.04 35.95 40.62
C ASP B 1202 34.02 34.83 40.98
N THR B 1203 33.60 33.58 40.82
CA THR B 1203 34.44 32.45 41.18
C THR B 1203 35.47 32.11 40.10
N THR B 1204 35.37 32.69 38.92
CA THR B 1204 36.24 32.29 37.82
C THR B 1204 37.66 32.85 37.92
N GLN B 1205 37.90 33.85 38.78
CA GLN B 1205 39.12 34.64 38.68
C GLN B 1205 40.36 33.98 39.28
N LEU B 1206 40.25 33.42 40.48
CA LEU B 1206 41.38 32.91 41.28
C LEU B 1206 42.30 31.85 40.65
N PRO B 1207 41.82 30.83 39.92
CA PRO B 1207 42.78 29.86 39.35
C PRO B 1207 43.70 30.45 38.30
N LEU B 1208 43.27 31.53 37.63
CA LEU B 1208 44.13 32.24 36.69
C LEU B 1208 45.38 32.76 37.40
N VAL B 1209 45.21 33.46 38.52
CA VAL B 1209 46.33 33.95 39.29
C VAL B 1209 47.10 32.80 39.94
N SER B 1210 46.42 31.67 40.19
CA SER B 1210 47.12 30.50 40.72
C SER B 1210 48.14 29.96 39.73
N HIS B 1211 47.75 29.74 38.47
CA HIS B 1211 48.75 29.33 37.52
C HIS B 1211 49.60 30.48 37.00
N PHE B 1212 49.29 31.72 37.39
CA PHE B 1212 50.25 32.79 37.17
C PHE B 1212 51.40 32.71 38.16
N ALA B 1213 51.08 32.40 39.42
CA ALA B 1213 52.13 32.13 40.40
C ALA B 1213 52.91 30.88 40.03
N GLU B 1214 52.22 29.86 39.51
CA GLU B 1214 52.91 28.69 39.01
C GLU B 1214 53.72 29.01 37.76
N THR B 1215 53.27 29.98 36.97
CA THR B 1215 54.01 30.38 35.79
C THR B 1215 55.28 31.14 36.17
N VAL B 1216 55.23 31.89 37.26
CA VAL B 1216 56.43 32.61 37.70
C VAL B 1216 57.39 31.66 38.42
N GLU B 1217 56.85 30.63 39.08
CA GLU B 1217 57.70 29.75 39.86
C GLU B 1217 58.48 28.77 38.99
N GLY B 1218 57.80 28.03 38.13
CA GLY B 1218 58.46 27.02 37.33
C GLY B 1218 58.97 27.52 36.00
N LEU B 1219 59.70 28.64 36.02
CA LEU B 1219 60.23 29.19 34.77
C LEU B 1219 61.37 28.34 34.24
N THR B 1220 62.24 27.86 35.13
CA THR B 1220 63.26 26.90 34.72
C THR B 1220 62.65 25.54 34.43
N THR B 1221 61.46 25.25 34.98
CA THR B 1221 60.71 24.08 34.56
C THR B 1221 60.09 24.29 33.18
N ILE B 1222 59.76 25.54 32.85
CA ILE B 1222 59.33 25.84 31.48
C ILE B 1222 60.51 25.72 30.53
N ARG B 1223 61.72 25.99 31.02
CA ARG B 1223 62.91 25.62 30.26
C ARG B 1223 63.08 24.11 30.20
N ALA B 1224 62.64 23.40 31.25
CA ALA B 1224 62.75 21.95 31.27
C ALA B 1224 61.65 21.32 30.42
N PHE B 1225 60.43 21.84 30.49
CA PHE B 1225 59.36 21.39 29.63
C PHE B 1225 59.67 21.82 28.20
N ARG B 1226 60.07 20.87 27.36
CA ARG B 1226 60.46 21.16 25.99
C ARG B 1226 59.28 21.57 25.11
N TYR B 1227 58.05 21.31 25.56
CA TYR B 1227 56.84 21.78 24.90
C TYR B 1227 56.22 22.83 25.81
N GLU B 1228 56.67 24.07 25.66
CA GLU B 1228 56.15 25.19 26.44
C GLU B 1228 54.76 25.63 25.98
N ALA B 1229 54.31 25.16 24.82
CA ALA B 1229 53.00 25.53 24.31
C ALA B 1229 51.85 24.86 25.06
N ARG B 1230 52.13 23.89 25.93
CA ARG B 1230 51.07 23.24 26.70
C ARG B 1230 50.44 24.21 27.68
N PHE B 1231 51.27 24.92 28.45
CA PHE B 1231 50.78 26.00 29.29
C PHE B 1231 50.29 27.18 28.47
N GLN B 1232 50.73 27.30 27.22
CA GLN B 1232 50.26 28.40 26.38
C GLN B 1232 48.80 28.18 25.97
N GLN B 1233 48.49 26.98 25.48
CA GLN B 1233 47.12 26.71 25.06
C GLN B 1233 46.20 26.46 26.25
N LYS B 1234 46.72 25.88 27.34
CA LYS B 1234 45.93 25.75 28.56
C LYS B 1234 45.65 27.11 29.17
N LEU B 1235 46.69 27.94 29.24
CA LEU B 1235 46.60 29.36 29.57
C LEU B 1235 45.54 30.07 28.75
N LEU B 1236 45.54 29.82 27.44
CA LEU B 1236 44.54 30.42 26.55
C LEU B 1236 43.15 29.88 26.85
N GLU B 1237 43.05 28.65 27.35
CA GLU B 1237 41.74 28.15 27.77
C GLU B 1237 41.28 28.82 29.06
N TYR B 1238 42.21 29.12 29.98
CA TYR B 1238 41.83 29.81 31.21
C TYR B 1238 41.37 31.22 30.94
N THR B 1239 42.18 32.01 30.23
CA THR B 1239 41.80 33.38 29.91
C THR B 1239 40.62 33.42 28.94
N ASP B 1240 40.46 32.38 28.14
CA ASP B 1240 39.26 32.23 27.33
C ASP B 1240 38.03 32.06 28.20
N SER B 1241 38.13 31.25 29.25
CA SER B 1241 36.99 31.04 30.13
C SER B 1241 36.64 32.31 30.92
N ASN B 1242 37.65 33.07 31.34
CA ASN B 1242 37.37 34.34 31.99
C ASN B 1242 36.78 35.35 31.02
N ASN B 1243 37.18 35.28 29.75
CA ASN B 1243 36.59 36.17 28.74
C ASN B 1243 35.12 35.82 28.48
N ILE B 1244 34.80 34.53 28.46
CA ILE B 1244 33.41 34.11 28.31
C ILE B 1244 32.59 34.56 29.51
N ALA B 1245 33.17 34.45 30.71
CA ALA B 1245 32.49 34.96 31.91
C ALA B 1245 32.29 36.48 31.85
N SER B 1246 33.23 37.20 31.25
CA SER B 1246 33.04 38.63 31.02
C SER B 1246 31.90 38.88 30.05
N LEU B 1247 31.74 38.01 29.05
CA LEU B 1247 30.59 38.14 28.17
C LEU B 1247 29.29 37.85 28.90
N PHE B 1248 29.32 36.98 29.92
CA PHE B 1248 28.14 36.81 30.76
C PHE B 1248 27.86 38.07 31.57
N LEU B 1249 28.91 38.75 32.04
CA LEU B 1249 28.73 40.00 32.77
C LEU B 1249 28.09 41.06 31.88
N THR B 1250 28.55 41.15 30.64
CA THR B 1250 27.95 42.09 29.69
C THR B 1250 26.54 41.67 29.30
N ALA B 1251 26.24 40.37 29.36
CA ALA B 1251 24.86 39.93 29.16
C ALA B 1251 23.98 40.39 30.30
N ALA B 1252 24.50 40.33 31.52
CA ALA B 1252 23.73 40.74 32.70
C ALA B 1252 23.43 42.24 32.66
N ASN B 1253 24.46 43.06 32.40
CA ASN B 1253 24.22 44.49 32.27
C ASN B 1253 23.40 44.82 31.04
N ARG B 1254 23.49 43.97 30.01
CA ARG B 1254 22.75 44.18 28.77
C ARG B 1254 21.25 44.04 28.98
N TRP B 1255 20.81 42.87 29.46
CA TRP B 1255 19.38 42.68 29.66
C TRP B 1255 18.87 43.46 30.86
N LEU B 1256 19.74 43.74 31.82
CA LEU B 1256 19.37 44.60 32.94
C LEU B 1256 19.02 46.00 32.46
N GLU B 1257 19.96 46.65 31.75
CA GLU B 1257 19.76 48.02 31.32
C GLU B 1257 18.68 48.12 30.25
N VAL B 1258 18.68 47.19 29.30
CA VAL B 1258 17.74 47.26 28.18
C VAL B 1258 16.33 46.92 28.63
N CYS B 1259 16.20 45.91 29.50
CA CYS B 1259 14.87 45.53 29.98
C CYS B 1259 14.31 46.57 30.93
N MET B 1260 15.14 47.08 31.85
CA MET B 1260 14.68 48.05 32.82
C MET B 1260 14.35 49.38 32.16
N GLU B 1261 15.20 49.83 31.24
CA GLU B 1261 14.91 51.09 30.54
C GLU B 1261 13.78 50.91 29.54
N TYR B 1262 13.56 49.69 29.05
CA TYR B 1262 12.47 49.47 28.11
C TYR B 1262 11.12 49.53 28.82
N ILE B 1263 11.00 48.80 29.93
CA ILE B 1263 9.75 48.83 30.69
C ILE B 1263 9.53 50.20 31.32
N GLY B 1264 10.62 50.87 31.72
CA GLY B 1264 10.50 52.23 32.21
C GLY B 1264 10.11 53.21 31.13
N ALA B 1265 10.50 52.93 29.89
CA ALA B 1265 10.05 53.74 28.76
C ALA B 1265 8.56 53.52 28.49
N CYS B 1266 8.08 52.30 28.68
CA CYS B 1266 6.65 52.05 28.64
C CYS B 1266 5.93 52.80 29.76
N VAL B 1267 6.57 52.92 30.92
CA VAL B 1267 6.02 53.74 32.00
C VAL B 1267 6.04 55.22 31.62
N VAL B 1268 7.00 55.63 30.78
CA VAL B 1268 7.03 57.01 30.32
C VAL B 1268 5.89 57.27 29.33
N LEU B 1269 5.57 56.27 28.51
CA LEU B 1269 4.45 56.42 27.59
C LEU B 1269 3.12 56.43 28.33
N ILE B 1270 3.02 55.62 29.40
CA ILE B 1270 1.82 55.66 30.24
C ILE B 1270 1.73 56.98 30.97
N ALA B 1271 2.88 57.56 31.32
CA ALA B 1271 2.90 58.91 31.88
C ALA B 1271 2.43 59.94 30.87
N ALA B 1272 2.76 59.73 29.60
CA ALA B 1272 2.26 60.63 28.56
C ALA B 1272 0.76 60.49 28.39
N ALA B 1273 0.23 59.27 28.58
CA ALA B 1273 -1.22 59.10 28.57
C ALA B 1273 -1.87 59.80 29.76
N THR B 1274 -1.20 59.77 30.91
CA THR B 1274 -1.72 60.45 32.09
C THR B 1274 -1.70 61.97 31.91
N SER B 1275 -0.67 62.50 31.26
CA SER B 1275 -0.65 63.92 30.95
C SER B 1275 -1.66 64.27 29.88
N ILE B 1276 -2.02 63.32 29.03
CA ILE B 1276 -3.01 63.57 28.00
C ILE B 1276 -4.40 63.69 28.62
N SER B 1277 -4.79 62.69 29.41
CA SER B 1277 -6.12 62.69 30.01
C SER B 1277 -6.23 63.79 31.07
N ASN B 1278 -5.19 64.00 31.86
CA ASN B 1278 -5.22 65.06 32.86
C ASN B 1278 -5.11 66.43 32.21
N SER B 1279 -4.53 66.50 31.02
CA SER B 1279 -4.40 67.78 30.33
C SER B 1279 -5.73 68.19 29.71
N LEU B 1280 -6.25 67.39 28.79
CA LEU B 1280 -7.40 67.81 28.01
C LEU B 1280 -8.73 67.27 28.53
N HIS B 1281 -8.71 66.15 29.27
CA HIS B 1281 -9.96 65.53 29.70
C HIS B 1281 -10.67 66.33 30.78
N ARG B 1282 -9.96 67.17 31.51
CA ARG B 1282 -10.55 68.02 32.52
C ARG B 1282 -9.71 69.29 32.63
N GLU B 1283 -9.89 70.02 33.72
CA GLU B 1283 -9.09 71.21 33.98
C GLU B 1283 -7.67 70.80 34.33
N LEU B 1284 -6.72 71.09 33.43
CA LEU B 1284 -5.33 70.79 33.69
C LEU B 1284 -4.77 71.76 34.74
N SER B 1285 -3.93 71.23 35.61
CA SER B 1285 -3.34 72.05 36.67
C SER B 1285 -2.32 73.01 36.11
N ALA B 1286 -2.06 74.09 36.86
CA ALA B 1286 -1.09 75.09 36.45
C ALA B 1286 0.34 74.56 36.50
N GLY B 1287 0.60 73.54 37.30
CA GLY B 1287 1.90 72.90 37.34
C GLY B 1287 1.76 71.39 37.31
N LEU B 1288 2.87 70.70 37.60
CA LEU B 1288 2.95 69.24 37.75
C LEU B 1288 2.59 68.48 36.49
N VAL B 1289 2.55 69.15 35.34
CA VAL B 1289 2.32 68.46 34.07
C VAL B 1289 3.58 67.76 33.59
N GLY B 1290 4.71 68.45 33.65
CA GLY B 1290 5.99 67.83 33.33
C GLY B 1290 6.64 67.11 34.47
N LEU B 1291 6.03 67.15 35.66
CA LEU B 1291 6.59 66.44 36.81
C LEU B 1291 6.51 64.93 36.60
N GLY B 1292 5.44 64.45 35.97
CA GLY B 1292 5.39 63.04 35.62
C GLY B 1292 6.31 62.67 34.48
N LEU B 1293 6.75 63.65 33.69
CA LEU B 1293 7.65 63.37 32.58
C LEU B 1293 9.09 63.30 33.05
N THR B 1294 9.52 64.32 33.81
CA THR B 1294 10.84 64.30 34.42
C THR B 1294 10.94 63.16 35.42
N TYR B 1295 9.88 62.92 36.17
CA TYR B 1295 9.84 61.77 37.06
C TYR B 1295 9.54 60.48 36.32
N ALA B 1296 9.24 60.54 35.04
CA ALA B 1296 9.14 59.31 34.24
C ALA B 1296 10.50 58.88 33.75
N LEU B 1297 11.27 59.81 33.20
CA LEU B 1297 12.65 59.50 32.80
C LEU B 1297 13.50 59.15 34.02
N MET B 1298 13.42 59.97 35.07
CA MET B 1298 14.10 59.62 36.31
C MET B 1298 13.44 58.46 37.02
N VAL B 1299 12.19 58.12 36.69
CA VAL B 1299 11.60 56.89 37.22
C VAL B 1299 12.26 55.68 36.60
N SER B 1300 12.57 55.76 35.31
CA SER B 1300 13.31 54.68 34.66
C SER B 1300 14.75 54.63 35.15
N ASN B 1301 15.34 55.79 35.45
CA ASN B 1301 16.64 55.79 36.10
C ASN B 1301 16.55 55.17 37.48
N TYR B 1302 15.44 55.40 38.19
CA TYR B 1302 15.25 54.79 39.51
C TYR B 1302 15.06 53.29 39.41
N LEU B 1303 14.45 52.82 38.33
CA LEU B 1303 14.36 51.38 38.14
C LEU B 1303 15.71 50.80 37.76
N ASN B 1304 16.56 51.59 37.09
CA ASN B 1304 17.88 51.10 36.70
C ASN B 1304 18.80 50.97 37.91
N TRP B 1305 19.04 52.09 38.61
CA TRP B 1305 19.85 52.02 39.82
C TRP B 1305 19.17 51.27 40.96
N MET B 1306 17.84 51.11 40.91
CA MET B 1306 17.17 50.28 41.89
C MET B 1306 17.36 48.80 41.60
N VAL B 1307 17.43 48.43 40.32
CA VAL B 1307 17.66 47.03 39.96
C VAL B 1307 19.11 46.65 40.24
N ARG B 1308 20.05 47.46 39.76
CA ARG B 1308 21.47 47.17 39.99
C ARG B 1308 21.84 47.36 41.45
N ASN B 1309 21.17 48.29 42.14
CA ASN B 1309 21.34 48.40 43.58
C ASN B 1309 20.75 47.20 44.29
N LEU B 1310 19.69 46.61 43.74
CA LEU B 1310 19.18 45.35 44.29
C LEU B 1310 20.15 44.21 44.06
N ALA B 1311 20.92 44.28 42.97
CA ALA B 1311 21.95 43.28 42.72
C ALA B 1311 23.11 43.42 43.69
N ASP B 1312 23.58 44.64 43.90
CA ASP B 1312 24.67 44.88 44.85
C ASP B 1312 24.24 44.59 46.28
N MET B 1313 22.96 44.80 46.59
CA MET B 1313 22.42 44.38 47.87
C MET B 1313 22.25 42.87 47.95
N GLU B 1314 22.12 42.20 46.80
CA GLU B 1314 22.02 40.74 46.83
C GLU B 1314 23.38 40.11 47.09
N ILE B 1315 24.43 40.59 46.41
CA ILE B 1315 25.75 40.01 46.60
C ILE B 1315 26.34 40.46 47.94
N GLN B 1316 26.19 41.74 48.28
CA GLN B 1316 26.66 42.24 49.56
C GLN B 1316 25.86 41.67 50.72
N LEU B 1317 24.56 41.42 50.50
CA LEU B 1317 23.78 40.65 51.46
C LEU B 1317 24.25 39.21 51.53
N GLY B 1318 24.83 38.70 50.44
CA GLY B 1318 25.53 37.43 50.53
C GLY B 1318 26.79 37.50 51.36
N ALA B 1319 27.47 38.66 51.36
CA ALA B 1319 28.65 38.82 52.20
C ALA B 1319 28.27 38.92 53.67
N VAL B 1320 27.18 39.62 53.97
CA VAL B 1320 26.69 39.66 55.34
C VAL B 1320 26.13 38.31 55.76
N LYS B 1321 25.59 37.55 54.80
CA LYS B 1321 25.15 36.19 55.10
C LYS B 1321 26.33 35.26 55.35
N ARG B 1322 27.47 35.55 54.72
CA ARG B 1322 28.71 34.85 55.05
C ARG B 1322 29.18 35.22 56.45
N ILE B 1323 29.00 36.49 56.83
CA ILE B 1323 29.37 36.92 58.17
C ILE B 1323 28.46 36.29 59.21
N HIS B 1324 27.18 36.05 58.86
CA HIS B 1324 26.31 35.33 59.76
C HIS B 1324 26.60 33.83 59.75
N ALA B 1325 27.14 33.32 58.65
CA ALA B 1325 27.58 31.94 58.58
C ALA B 1325 28.91 31.72 59.28
N LEU B 1326 29.61 32.80 59.66
CA LEU B 1326 30.83 32.65 60.44
C LEU B 1326 30.54 32.27 61.89
N LEU B 1327 29.38 32.66 62.41
CA LEU B 1327 29.01 32.34 63.77
C LEU B 1327 28.55 30.90 63.90
N GLY B 1351 52.29 16.56 92.90
CA GLY B 1351 52.84 16.03 91.67
C GLY B 1351 52.63 14.53 91.49
N LYS B 1352 51.72 13.97 92.28
CA LYS B 1352 51.35 12.57 92.18
C LYS B 1352 50.22 12.40 91.16
N ILE B 1353 50.38 11.42 90.26
CA ILE B 1353 49.44 11.21 89.17
C ILE B 1353 49.07 9.73 89.15
N GLN B 1354 47.77 9.44 89.01
CA GLN B 1354 47.30 8.09 88.77
C GLN B 1354 46.10 8.11 87.84
N ILE B 1355 46.08 7.17 86.90
CA ILE B 1355 44.92 6.92 86.04
C ILE B 1355 44.25 5.66 86.53
N GLN B 1356 42.93 5.70 86.75
CA GLN B 1356 42.19 4.51 87.14
C GLN B 1356 41.05 4.22 86.17
N ASN B 1357 41.23 3.17 85.36
CA ASN B 1357 40.22 2.59 84.47
C ASN B 1357 39.59 3.60 83.50
N LEU B 1358 40.41 4.44 82.88
CA LEU B 1358 39.86 5.55 82.12
C LEU B 1358 39.49 5.10 80.72
N SER B 1359 38.25 5.35 80.31
CA SER B 1359 37.80 5.14 78.94
C SER B 1359 37.32 6.46 78.34
N VAL B 1360 37.70 6.72 77.09
CA VAL B 1360 37.22 7.91 76.39
C VAL B 1360 37.14 7.60 74.90
N ARG B 1361 36.19 8.26 74.22
CA ARG B 1361 36.07 8.24 72.77
C ARG B 1361 35.53 9.61 72.39
N TYR B 1362 36.11 10.25 71.38
CA TYR B 1362 35.47 11.44 70.84
C TYR B 1362 34.23 11.12 70.02
N ASP B 1363 34.31 10.12 69.12
CA ASP B 1363 33.13 9.76 68.33
C ASP B 1363 32.01 9.20 69.22
N SER B 1364 32.40 8.39 70.22
CA SER B 1364 31.61 7.43 70.99
C SER B 1364 31.06 6.29 70.13
N SER B 1365 31.57 6.10 68.91
CA SER B 1365 30.95 5.16 68.00
C SER B 1365 31.91 4.14 67.39
N LEU B 1366 33.01 4.64 66.81
CA LEU B 1366 34.08 3.80 66.27
C LEU B 1366 34.74 2.92 67.32
N LYS B 1367 35.43 3.55 68.26
CA LYS B 1367 36.16 2.80 69.28
C LYS B 1367 36.50 3.72 70.43
N PRO B 1368 36.57 3.21 71.66
CA PRO B 1368 37.27 3.92 72.73
C PRO B 1368 38.72 4.21 72.35
N VAL B 1369 39.20 5.38 72.78
CA VAL B 1369 40.56 5.78 72.47
C VAL B 1369 41.53 5.12 73.43
N LEU B 1370 41.20 5.15 74.71
CA LEU B 1370 41.89 4.42 75.76
C LEU B 1370 40.87 3.55 76.47
N LYS B 1371 41.27 2.33 76.84
CA LYS B 1371 40.36 1.39 77.50
C LYS B 1371 41.00 0.84 78.77
N HIS B 1372 40.42 1.23 79.90
CA HIS B 1372 40.74 0.74 81.24
C HIS B 1372 42.22 0.92 81.61
N VAL B 1373 42.80 2.03 81.16
CA VAL B 1373 44.20 2.34 81.45
C VAL B 1373 44.41 2.49 82.94
N ASN B 1374 45.46 1.85 83.48
CA ASN B 1374 45.77 2.01 84.88
C ASN B 1374 47.28 2.04 85.05
N THR B 1375 47.75 3.10 85.70
CA THR B 1375 49.15 3.30 86.09
C THR B 1375 49.19 4.45 87.09
N LEU B 1376 50.28 4.48 87.86
CA LEU B 1376 50.50 5.47 88.91
C LEU B 1376 51.92 5.98 88.79
N ILE B 1377 52.08 7.30 88.83
CA ILE B 1377 53.39 7.94 88.73
C ILE B 1377 53.64 8.72 90.00
N SER B 1378 54.70 8.36 90.71
CA SER B 1378 55.13 9.07 91.90
C SER B 1378 55.78 10.39 91.53
N PRO B 1379 55.71 11.39 92.41
CA PRO B 1379 56.47 12.65 92.22
C PRO B 1379 57.94 12.40 91.91
N GLY B 1380 58.43 13.07 90.87
CA GLY B 1380 59.81 13.01 90.47
C GLY B 1380 60.16 11.86 89.57
N GLN B 1381 59.19 11.01 89.21
CA GLN B 1381 59.42 9.91 88.28
C GLN B 1381 59.45 10.45 86.84
N LYS B 1382 60.29 9.83 86.02
CA LYS B 1382 60.34 10.09 84.59
C LYS B 1382 59.57 8.98 83.87
N ILE B 1383 58.45 9.31 83.23
CA ILE B 1383 57.54 8.31 82.70
C ILE B 1383 57.49 8.45 81.20
N GLY B 1384 57.67 7.33 80.50
CA GLY B 1384 57.53 7.26 79.06
C GLY B 1384 56.22 6.56 78.69
N ILE B 1385 55.50 7.17 77.76
CA ILE B 1385 54.30 6.57 77.19
C ILE B 1385 54.64 6.01 75.81
N CYS B 1386 54.44 4.71 75.63
CA CYS B 1386 54.74 4.05 74.38
C CYS B 1386 53.56 3.18 73.97
N GLY B 1387 53.44 2.98 72.66
CA GLY B 1387 52.37 2.23 72.04
C GLY B 1387 52.14 2.91 70.71
N ARG B 1388 50.91 3.34 70.42
CA ARG B 1388 50.65 4.11 69.22
C ARG B 1388 51.47 5.41 69.24
N THR B 1389 51.69 6.00 68.08
CA THR B 1389 52.17 7.38 68.04
C THR B 1389 51.23 8.40 68.67
N GLY B 1390 50.12 8.68 67.99
CA GLY B 1390 49.27 9.72 68.50
C GLY B 1390 47.99 9.31 69.17
N SER B 1391 47.76 8.01 69.40
CA SER B 1391 46.53 7.70 70.11
C SER B 1391 46.73 7.92 71.59
N GLY B 1392 47.98 7.94 72.04
CA GLY B 1392 48.26 8.20 73.42
C GLY B 1392 49.44 9.13 73.56
N LYS B 1393 50.09 9.50 72.46
CA LYS B 1393 50.65 10.85 72.43
C LYS B 1393 49.51 11.87 72.52
N SER B 1394 48.50 11.70 71.66
CA SER B 1394 47.34 12.59 71.73
C SER B 1394 46.42 12.29 72.90
N SER B 1395 46.24 11.01 73.26
CA SER B 1395 45.41 10.75 74.43
C SER B 1395 46.08 11.18 75.73
N PHE B 1396 47.40 10.96 75.85
CA PHE B 1396 48.17 11.50 76.98
C PHE B 1396 48.12 13.03 77.05
N SER B 1397 48.40 13.71 75.92
CA SER B 1397 48.36 15.17 75.90
C SER B 1397 46.97 15.72 76.14
N LEU B 1398 45.98 15.18 75.42
CA LEU B 1398 44.58 15.54 75.57
C LEU B 1398 44.08 15.36 77.00
N ALA B 1399 44.45 14.26 77.66
CA ALA B 1399 44.13 14.12 79.07
C ALA B 1399 44.86 15.13 79.95
N PHE B 1400 46.14 15.38 79.67
CA PHE B 1400 46.85 16.42 80.42
C PHE B 1400 46.29 17.82 80.17
N PHE B 1401 46.01 18.17 78.90
CA PHE B 1401 45.34 19.44 78.62
C PHE B 1401 43.86 19.47 79.00
N ARG B 1402 43.25 18.34 79.36
CA ARG B 1402 41.80 18.22 79.63
C ARG B 1402 41.00 18.70 78.42
N MET B 1403 41.31 18.14 77.25
CA MET B 1403 40.47 18.33 76.08
C MET B 1403 39.21 17.50 76.10
N VAL B 1404 39.14 16.45 76.91
CA VAL B 1404 37.90 15.69 77.07
C VAL B 1404 37.85 15.10 78.47
N ASP B 1405 36.64 14.88 78.96
CA ASP B 1405 36.45 14.08 80.15
C ASP B 1405 36.37 12.62 79.74
N MET B 1406 36.76 11.74 80.66
CA MET B 1406 36.61 10.31 80.44
C MET B 1406 35.13 9.92 80.38
N PHE B 1407 34.86 8.86 79.62
CA PHE B 1407 33.53 8.29 79.60
C PHE B 1407 33.30 7.49 80.88
N GLU B 1408 34.30 6.73 81.30
CA GLU B 1408 34.27 5.94 82.51
C GLU B 1408 35.63 6.05 83.17
N GLY B 1409 35.66 5.72 84.46
CA GLY B 1409 36.89 5.82 85.23
C GLY B 1409 37.17 7.27 85.62
N ARG B 1410 38.41 7.51 86.03
CA ARG B 1410 38.80 8.86 86.40
C ARG B 1410 40.28 9.08 86.16
N ILE B 1411 40.63 10.36 85.98
CA ILE B 1411 42.00 10.83 85.81
C ILE B 1411 42.26 11.81 86.96
N ILE B 1412 43.24 11.51 87.81
CA ILE B 1412 43.57 12.41 88.90
C ILE B 1412 44.91 13.08 88.65
N ILE B 1413 44.97 14.37 88.99
CA ILE B 1413 46.20 15.17 89.02
C ILE B 1413 46.35 15.73 90.42
N ASP B 1414 47.49 15.44 91.06
CA ASP B 1414 47.81 15.84 92.44
C ASP B 1414 46.78 15.35 93.45
N GLY B 1415 46.17 14.20 93.17
CA GLY B 1415 45.11 13.65 93.99
C GLY B 1415 43.70 14.12 93.70
N ILE B 1416 43.50 15.04 92.76
CA ILE B 1416 42.17 15.58 92.48
C ILE B 1416 41.77 15.15 91.09
N ASP B 1417 40.55 14.63 90.96
CA ASP B 1417 39.94 14.33 89.66
C ASP B 1417 39.89 15.56 88.76
N ILE B 1418 40.34 15.39 87.51
CA ILE B 1418 40.41 16.51 86.57
C ILE B 1418 39.02 17.01 86.15
N ALA B 1419 37.98 16.21 86.36
CA ALA B 1419 36.60 16.63 86.16
C ALA B 1419 36.12 17.62 87.22
N LYS B 1420 36.85 17.79 88.32
CA LYS B 1420 36.48 18.74 89.36
C LYS B 1420 37.45 19.92 89.46
N LEU B 1421 38.31 20.13 88.46
CA LEU B 1421 39.13 21.32 88.52
C LEU B 1421 38.65 22.33 87.49
N PRO B 1422 38.75 23.62 87.79
CA PRO B 1422 38.57 24.65 86.74
C PRO B 1422 39.53 24.46 85.58
N LEU B 1423 38.96 24.24 84.40
CA LEU B 1423 39.74 23.84 83.22
C LEU B 1423 40.74 24.91 82.80
N HIS B 1424 40.30 26.18 82.79
CA HIS B 1424 41.19 27.29 82.48
C HIS B 1424 42.30 27.44 83.53
N THR B 1425 41.95 27.24 84.80
CA THR B 1425 42.96 27.25 85.86
C THR B 1425 43.93 26.10 85.74
N LEU B 1426 43.41 24.88 85.51
CA LEU B 1426 44.23 23.70 85.21
C LEU B 1426 45.22 23.95 84.06
N ARG B 1427 44.69 24.24 82.87
CA ARG B 1427 45.54 24.48 81.70
C ARG B 1427 46.49 25.66 81.90
N SER B 1428 46.03 26.71 82.58
CA SER B 1428 46.93 27.83 82.88
C SER B 1428 48.02 27.42 83.85
N ARG B 1429 47.75 26.47 84.73
CA ARG B 1429 48.72 25.96 85.69
C ARG B 1429 49.57 24.85 85.13
N LEU B 1430 49.36 24.48 83.87
CA LEU B 1430 50.12 23.44 83.19
C LEU B 1430 51.01 24.08 82.13
N SER B 1431 52.30 23.80 82.19
CA SER B 1431 53.23 24.27 81.18
C SER B 1431 53.45 23.17 80.15
N ILE B 1432 53.53 23.56 78.88
CA ILE B 1432 53.80 22.65 77.78
C ILE B 1432 55.04 23.12 77.03
N ILE B 1433 55.99 22.20 76.85
CA ILE B 1433 57.12 22.42 75.96
C ILE B 1433 57.13 21.23 75.01
N LEU B 1434 56.85 21.49 73.75
CA LEU B 1434 56.92 20.50 72.68
C LEU B 1434 58.25 20.59 71.94
N GLN B 1435 58.47 19.60 71.06
CA GLN B 1435 59.64 19.64 70.17
C GLN B 1435 59.59 20.85 69.25
N ASP B 1436 58.41 21.16 68.71
CA ASP B 1436 58.26 22.30 67.83
C ASP B 1436 57.37 23.34 68.51
N PRO B 1437 57.91 24.47 68.94
CA PRO B 1437 57.10 25.46 69.67
C PRO B 1437 56.68 26.60 68.75
N VAL B 1438 55.41 27.00 68.82
CA VAL B 1438 54.95 28.13 68.04
C VAL B 1438 55.07 29.38 68.89
N LEU B 1439 55.71 30.41 68.31
CA LEU B 1439 55.94 31.68 68.97
C LEU B 1439 55.23 32.81 68.22
N PHE B 1440 54.92 33.87 68.95
CA PHE B 1440 54.26 35.02 68.37
C PHE B 1440 55.29 35.92 67.68
N SER B 1441 54.82 36.66 66.68
CA SER B 1441 55.66 37.58 65.89
C SER B 1441 55.91 38.89 66.65
N GLY B 1442 56.45 38.76 67.86
CA GLY B 1442 56.71 39.84 68.77
C GLY B 1442 58.13 39.77 69.29
N THR B 1443 58.45 40.57 70.30
CA THR B 1443 59.76 40.51 70.96
C THR B 1443 60.01 39.11 71.55
N ILE B 1444 61.31 38.77 71.65
CA ILE B 1444 61.74 37.58 72.39
C ILE B 1444 61.13 37.56 73.78
N ARG B 1445 61.23 38.68 74.50
CA ARG B 1445 60.62 38.82 75.81
C ARG B 1445 59.12 38.55 75.73
N PHE B 1446 58.46 39.18 74.75
CA PHE B 1446 57.03 38.98 74.56
C PHE B 1446 56.72 37.55 74.10
N ASN B 1447 57.55 36.98 73.21
CA ASN B 1447 57.39 35.58 72.88
C ASN B 1447 57.61 34.67 74.09
N LEU B 1448 58.47 35.07 75.01
CA LEU B 1448 58.67 34.35 76.26
C LEU B 1448 57.76 34.85 77.37
N ASP B 1449 56.74 35.66 77.06
CA ASP B 1449 55.68 35.83 78.05
C ASP B 1449 54.32 35.23 77.74
N PRO B 1450 54.10 33.93 77.93
CA PRO B 1450 52.74 33.43 78.16
C PRO B 1450 52.29 33.54 79.60
N GLU B 1451 53.09 34.23 80.42
CA GLU B 1451 52.89 34.49 81.85
C GLU B 1451 53.13 35.99 81.96
N LYS B 1452 52.12 36.77 81.56
CA LYS B 1452 52.24 38.20 81.29
C LYS B 1452 52.73 39.05 82.47
N LYS B 1453 52.65 38.57 83.72
CA LYS B 1453 53.15 39.41 84.80
C LYS B 1453 54.61 39.14 85.14
N CYS B 1454 55.27 38.21 84.45
CA CYS B 1454 56.69 37.92 84.68
C CYS B 1454 57.52 39.18 84.38
N SER B 1455 58.46 39.49 85.25
CA SER B 1455 59.38 40.58 84.89
C SER B 1455 60.44 40.07 83.91
N ASP B 1456 60.97 41.00 83.11
CA ASP B 1456 62.05 40.72 82.18
C ASP B 1456 63.28 40.12 82.86
N SER B 1457 63.62 40.61 84.05
CA SER B 1457 64.72 40.06 84.84
C SER B 1457 64.48 38.62 85.26
N THR B 1458 63.28 38.33 85.78
CA THR B 1458 62.92 36.95 86.15
C THR B 1458 62.90 36.01 84.95
N LEU B 1459 62.41 36.49 83.81
CA LEU B 1459 62.44 35.69 82.58
C LEU B 1459 63.86 35.40 82.10
N TRP B 1460 64.69 36.45 82.01
CA TRP B 1460 66.09 36.31 81.57
C TRP B 1460 66.88 35.42 82.54
N GLU B 1461 66.68 35.63 83.84
CA GLU B 1461 67.25 34.79 84.90
C GLU B 1461 66.81 33.34 84.75
N ALA B 1462 65.51 33.13 84.51
CA ALA B 1462 64.95 31.81 84.24
C ALA B 1462 65.63 31.15 83.05
N LEU B 1463 65.90 31.92 81.99
CA LEU B 1463 66.66 31.42 80.86
C LEU B 1463 68.10 31.07 81.24
N GLU B 1464 68.68 31.80 82.21
CA GLU B 1464 69.99 31.40 82.73
C GLU B 1464 69.90 30.06 83.45
N ILE B 1465 68.91 29.92 84.33
CA ILE B 1465 68.66 28.65 85.04
C ILE B 1465 68.39 27.53 84.03
N ALA B 1466 67.59 27.84 83.01
CA ALA B 1466 67.22 26.91 81.94
C ALA B 1466 68.11 27.09 80.71
N GLN B 1467 69.41 27.37 80.96
CA GLN B 1467 70.55 27.27 80.04
C GLN B 1467 70.30 27.80 78.64
N LEU B 1468 69.52 28.87 78.55
CA LEU B 1468 69.11 29.50 77.31
C LEU B 1468 69.66 30.91 77.17
N LYS B 1469 70.09 31.51 78.30
CA LYS B 1469 70.60 32.88 78.36
C LYS B 1469 71.73 33.17 77.38
N LEU B 1470 72.61 32.20 77.11
CA LEU B 1470 73.69 32.42 76.15
C LEU B 1470 73.15 32.69 74.75
N VAL B 1471 72.23 31.85 74.26
CA VAL B 1471 71.70 32.07 72.93
C VAL B 1471 70.69 33.21 72.93
N VAL B 1472 70.07 33.48 74.09
CA VAL B 1472 69.23 34.66 74.25
C VAL B 1472 70.08 35.92 74.10
N LYS B 1473 71.21 35.96 74.79
CA LYS B 1473 72.14 37.09 74.73
C LYS B 1473 72.73 37.25 73.32
N ALA B 1474 72.84 36.15 72.57
CA ALA B 1474 73.40 36.24 71.23
C ALA B 1474 72.35 36.40 70.15
N LEU B 1475 71.07 36.50 70.53
CA LEU B 1475 70.09 37.11 69.65
C LEU B 1475 70.38 38.61 69.46
N PRO B 1476 70.05 39.16 68.27
CA PRO B 1476 70.47 40.54 67.94
C PRO B 1476 70.04 41.63 68.93
N GLY B 1477 68.82 41.54 69.45
CA GLY B 1477 68.34 42.46 70.47
C GLY B 1477 68.21 41.86 71.86
N GLY B 1478 68.81 40.70 72.06
CA GLY B 1478 68.65 39.94 73.29
C GLY B 1478 67.20 39.63 73.60
N LEU B 1479 66.74 40.04 74.79
CA LEU B 1479 65.34 39.88 75.16
C LEU B 1479 64.41 40.73 74.31
N ASP B 1480 64.91 41.82 73.73
CA ASP B 1480 64.10 42.72 72.93
C ASP B 1480 64.13 42.38 71.45
N ALA B 1481 64.80 41.28 71.08
CA ALA B 1481 64.80 40.80 69.71
C ALA B 1481 63.39 40.40 69.27
N ILE B 1482 62.92 41.03 68.20
CA ILE B 1482 61.64 40.68 67.62
C ILE B 1482 61.74 39.30 66.98
N ILE B 1483 60.92 38.36 67.46
CA ILE B 1483 60.81 37.05 66.84
C ILE B 1483 59.99 37.12 65.56
N THR B 1484 60.57 37.76 64.54
CA THR B 1484 59.95 37.85 63.22
C THR B 1484 59.77 36.47 62.62
N GLU B 1485 58.67 36.32 61.85
CA GLU B 1485 58.21 35.06 61.24
C GLU B 1485 57.88 34.00 62.29
N GLY B 1486 57.45 34.42 63.48
CA GLY B 1486 57.03 33.49 64.51
C GLY B 1486 58.09 32.56 65.06
N GLY B 1487 59.36 32.89 64.90
CA GLY B 1487 60.42 32.14 65.54
C GLY B 1487 61.32 31.35 64.61
N GLU B 1488 61.31 31.64 63.31
CA GLU B 1488 62.02 30.86 62.31
C GLU B 1488 63.48 31.23 62.18
N ASN B 1489 63.92 32.34 62.76
CA ASN B 1489 65.34 32.66 62.80
C ASN B 1489 66.10 31.93 63.91
N PHE B 1490 65.39 31.31 64.85
CA PHE B 1490 66.03 30.43 65.84
C PHE B 1490 66.09 29.02 65.29
N SER B 1491 67.10 28.26 65.73
CA SER B 1491 67.12 26.85 65.39
C SER B 1491 66.02 26.08 66.13
N GLN B 1492 65.80 24.84 65.70
CA GLN B 1492 64.91 23.92 66.39
C GLN B 1492 65.36 23.69 67.84
N GLY B 1493 66.67 23.56 68.05
CA GLY B 1493 67.19 23.37 69.39
C GLY B 1493 67.01 24.60 70.27
N GLN B 1494 67.32 25.78 69.72
CA GLN B 1494 67.17 27.02 70.46
C GLN B 1494 65.71 27.29 70.80
N ARG B 1495 64.81 26.98 69.87
CA ARG B 1495 63.38 27.00 70.15
C ARG B 1495 62.99 26.01 71.24
N GLN B 1496 63.57 24.81 71.22
CA GLN B 1496 63.34 23.84 72.28
C GLN B 1496 63.78 24.34 73.65
N LEU B 1497 64.98 24.94 73.72
CA LEU B 1497 65.44 25.59 74.94
C LEU B 1497 64.51 26.71 75.40
N PHE B 1498 64.07 27.54 74.45
CA PHE B 1498 63.12 28.62 74.74
C PHE B 1498 61.83 28.07 75.35
N CYS B 1499 61.31 26.99 74.76
CA CYS B 1499 60.12 26.33 75.27
C CYS B 1499 60.35 25.76 76.68
N LEU B 1500 61.53 25.19 76.91
CA LEU B 1500 61.89 24.67 78.22
C LEU B 1500 61.95 25.78 79.27
N ALA B 1501 62.56 26.92 78.93
CA ALA B 1501 62.57 28.07 79.83
C ALA B 1501 61.16 28.61 80.07
N ARG B 1502 60.35 28.65 79.02
CA ARG B 1502 58.93 28.98 79.12
C ARG B 1502 58.17 28.06 80.07
N ALA B 1503 58.50 26.77 80.08
CA ALA B 1503 57.98 25.89 81.13
C ALA B 1503 58.54 26.25 82.50
N PHE B 1504 59.85 26.50 82.58
CA PHE B 1504 60.50 26.83 83.85
C PHE B 1504 59.94 28.10 84.46
N VAL B 1505 59.72 29.13 83.63
CA VAL B 1505 59.15 30.40 84.08
C VAL B 1505 57.74 30.23 84.63
N ARG B 1506 56.98 29.27 84.13
CA ARG B 1506 55.61 29.08 84.61
C ARG B 1506 55.55 28.24 85.88
N LYS B 1507 56.68 27.68 86.32
CA LYS B 1507 56.85 26.96 87.59
C LYS B 1507 55.84 25.82 87.71
N THR B 1508 55.75 25.03 86.64
CA THR B 1508 54.86 23.89 86.58
C THR B 1508 55.20 22.81 87.60
N SER B 1509 54.19 22.06 87.99
CA SER B 1509 54.34 20.93 88.88
C SER B 1509 54.64 19.66 88.09
N ILE B 1510 54.33 19.67 86.80
CA ILE B 1510 54.35 18.53 85.91
C ILE B 1510 54.83 19.03 84.55
N PHE B 1511 55.57 18.20 83.83
CA PHE B 1511 56.05 18.57 82.51
C PHE B 1511 55.51 17.59 81.49
N ILE B 1512 55.20 18.11 80.31
CA ILE B 1512 54.84 17.33 79.14
C ILE B 1512 55.77 17.70 77.99
N MET B 1513 56.47 16.71 77.44
CA MET B 1513 57.52 16.92 76.46
C MET B 1513 57.18 16.07 75.24
N ASP B 1514 57.17 16.71 74.08
CA ASP B 1514 57.03 16.04 72.79
C ASP B 1514 58.41 15.68 72.25
N GLU B 1515 58.64 14.38 72.07
CA GLU B 1515 59.92 13.87 71.59
C GLU B 1515 60.18 14.32 70.16
N ALA B 1516 61.41 14.79 69.92
CA ALA B 1516 61.86 15.22 68.61
C ALA B 1516 61.75 14.10 67.59
N THR B 1517 61.32 14.45 66.38
CA THR B 1517 61.16 13.50 65.30
C THR B 1517 62.39 13.45 64.40
N ALA B 1518 63.44 14.19 64.75
CA ALA B 1518 64.64 14.31 63.94
C ALA B 1518 65.79 14.46 64.90
N SER B 1519 67.01 14.47 64.37
CA SER B 1519 68.17 14.66 65.24
C SER B 1519 68.63 16.11 65.20
N ILE B 1520 69.50 16.45 66.13
CA ILE B 1520 70.00 17.81 66.27
C ILE B 1520 71.51 17.80 66.09
N ASP B 1521 72.19 17.23 67.06
CA ASP B 1521 73.64 17.21 67.20
C ASP B 1521 73.96 16.17 68.27
N MET B 1522 75.23 15.99 68.57
CA MET B 1522 75.56 15.12 69.68
C MET B 1522 75.65 15.93 70.96
N ALA B 1523 76.34 17.07 70.91
CA ALA B 1523 76.45 17.95 72.07
C ALA B 1523 75.12 18.62 72.40
N THR B 1524 74.27 18.82 71.38
CA THR B 1524 73.03 19.54 71.63
C THR B 1524 71.91 18.59 72.00
N GLU B 1525 71.76 17.44 71.33
CA GLU B 1525 70.77 16.48 71.78
C GLU B 1525 71.15 15.94 73.16
N ASN B 1526 72.45 15.69 73.36
CA ASN B 1526 72.99 15.29 74.66
C ASN B 1526 72.72 16.33 75.74
N ILE B 1527 72.89 17.62 75.37
CA ILE B 1527 72.54 18.71 76.28
C ILE B 1527 71.03 18.71 76.54
N LEU B 1528 70.24 18.62 75.48
CA LEU B 1528 68.78 18.60 75.56
C LEU B 1528 68.28 17.51 76.53
N GLN B 1529 68.84 16.32 76.40
CA GLN B 1529 68.58 15.22 77.33
C GLN B 1529 69.02 15.54 78.75
N LYS B 1530 70.19 16.19 78.92
CA LYS B 1530 70.60 16.67 80.24
C LYS B 1530 69.61 17.68 80.82
N VAL B 1531 69.11 18.59 79.98
CA VAL B 1531 68.08 19.56 80.37
C VAL B 1531 66.78 18.87 80.75
N VAL B 1532 66.39 17.84 79.99
CA VAL B 1532 65.23 17.02 80.35
C VAL B 1532 65.44 16.32 81.68
N MET B 1533 66.63 15.77 81.91
CA MET B 1533 66.95 15.13 83.19
C MET B 1533 66.90 16.10 84.37
N THR B 1534 67.46 17.30 84.21
CA THR B 1534 67.36 18.33 85.25
C THR B 1534 65.95 18.83 85.46
N ALA B 1535 65.20 19.04 84.36
CA ALA B 1535 63.79 19.43 84.45
C ALA B 1535 62.97 18.37 85.16
N PHE B 1536 63.17 17.10 84.80
CA PHE B 1536 62.41 16.02 85.39
C PHE B 1536 62.91 15.65 86.78
N ALA B 1537 64.10 16.12 87.17
CA ALA B 1537 64.56 15.92 88.54
C ALA B 1537 63.59 16.60 89.49
N ASP B 1538 62.98 15.81 90.36
CA ASP B 1538 62.08 16.16 91.46
C ASP B 1538 60.69 16.49 90.93
N ARG B 1539 60.43 16.23 89.66
CA ARG B 1539 59.19 16.66 89.01
C ARG B 1539 58.61 15.52 88.18
N THR B 1540 57.32 15.62 87.91
CA THR B 1540 56.64 14.61 87.11
C THR B 1540 56.81 14.93 85.63
N VAL B 1541 57.30 13.95 84.87
CA VAL B 1541 57.66 14.13 83.48
C VAL B 1541 56.81 13.18 82.65
N VAL B 1542 56.10 13.73 81.67
CA VAL B 1542 55.35 12.95 80.72
C VAL B 1542 56.04 13.03 79.37
N THR B 1543 56.61 11.93 78.93
CA THR B 1543 57.37 11.86 77.69
C THR B 1543 56.46 11.16 76.68
N ILE B 1544 56.14 11.84 75.58
CA ILE B 1544 55.42 11.15 74.51
C ILE B 1544 56.46 10.45 73.65
N ALA B 1545 56.63 9.15 73.89
CA ALA B 1545 57.64 8.35 73.23
C ALA B 1545 57.05 7.66 72.00
N HIS B 1546 57.88 7.49 70.98
CA HIS B 1546 57.43 6.86 69.76
C HIS B 1546 58.52 5.86 69.43
N ARG B 1547 59.76 6.32 69.49
CA ARG B 1547 60.93 5.47 69.33
C ARG B 1547 61.26 4.91 70.70
N VAL B 1548 61.62 3.62 70.75
CA VAL B 1548 62.14 3.11 72.02
C VAL B 1548 63.63 3.34 72.15
N HIS B 1549 64.25 3.95 71.12
CA HIS B 1549 65.70 4.15 71.09
C HIS B 1549 66.15 5.09 72.21
N THR B 1550 65.43 6.19 72.39
CA THR B 1550 65.79 7.22 73.36
C THR B 1550 65.49 6.80 74.79
N ILE B 1551 64.46 5.98 74.97
CA ILE B 1551 63.74 5.80 76.24
C ILE B 1551 64.43 4.75 77.09
N LEU B 1552 65.61 4.29 76.64
CA LEU B 1552 66.42 3.35 77.40
C LEU B 1552 66.93 3.90 78.73
N SER B 1553 66.94 5.22 78.93
CA SER B 1553 67.25 5.76 80.25
C SER B 1553 66.06 6.49 80.87
N ALA B 1554 64.84 6.22 80.40
CA ALA B 1554 63.64 6.61 81.12
C ALA B 1554 63.58 5.90 82.46
N ASP B 1555 63.07 6.60 83.48
CA ASP B 1555 62.83 5.96 84.77
C ASP B 1555 61.75 4.89 84.64
N LEU B 1556 60.75 5.15 83.80
CA LEU B 1556 59.70 4.18 83.53
C LEU B 1556 59.22 4.36 82.10
N VAL B 1557 58.83 3.24 81.49
CA VAL B 1557 58.23 3.18 80.16
C VAL B 1557 56.90 2.47 80.29
N MET B 1558 55.86 3.07 79.75
CA MET B 1558 54.50 2.54 79.78
C MET B 1558 54.13 2.12 78.37
N VAL B 1559 53.83 0.84 78.21
CA VAL B 1559 53.62 0.19 76.91
C VAL B 1559 52.12 -0.02 76.72
N LEU B 1560 51.56 0.54 75.64
CA LEU B 1560 50.13 0.52 75.36
C LEU B 1560 49.85 -0.33 74.13
N LYS B 1561 48.73 -1.05 74.18
CA LYS B 1561 48.32 -1.92 73.09
C LYS B 1561 46.80 -1.99 73.06
N ARG B 1562 46.23 -1.58 71.92
CA ARG B 1562 44.78 -1.65 71.63
C ARG B 1562 43.95 -0.83 72.62
N GLY B 1563 44.51 0.30 73.04
CA GLY B 1563 43.87 1.19 73.98
C GLY B 1563 44.05 0.86 75.45
N ALA B 1564 44.85 -0.14 75.79
CA ALA B 1564 45.06 -0.45 77.20
C ALA B 1564 46.55 -0.46 77.50
N ILE B 1565 46.90 -0.06 78.73
CA ILE B 1565 48.23 -0.31 79.25
C ILE B 1565 48.28 -1.76 79.69
N LEU B 1566 49.09 -2.57 79.02
CA LEU B 1566 49.24 -3.94 79.50
C LEU B 1566 50.41 -4.10 80.43
N GLU B 1567 51.48 -3.35 80.21
CA GLU B 1567 52.67 -3.45 81.04
C GLU B 1567 53.37 -2.09 81.12
N PHE B 1568 54.06 -1.88 82.24
CA PHE B 1568 54.84 -0.67 82.45
C PHE B 1568 55.98 -1.08 83.37
N ASP B 1569 57.20 -0.67 83.01
CA ASP B 1569 58.41 -0.87 83.79
C ASP B 1569 59.57 -0.05 83.22
N LYS B 1570 60.77 -0.37 83.63
CA LYS B 1570 61.98 0.23 83.12
C LYS B 1570 62.50 -0.53 81.91
N PRO B 1571 63.37 0.11 81.12
CA PRO B 1571 63.75 -0.45 79.80
C PRO B 1571 64.43 -1.82 79.84
N GLU B 1572 65.38 -2.02 80.76
CA GLU B 1572 66.08 -3.31 80.88
C GLU B 1572 65.11 -4.44 81.18
N THR B 1573 64.22 -4.22 82.15
CA THR B 1573 63.21 -5.21 82.50
C THR B 1573 62.23 -5.47 81.35
N LEU B 1574 61.77 -4.40 80.69
CA LEU B 1574 60.88 -4.55 79.53
C LEU B 1574 61.55 -5.31 78.39
N LEU B 1575 62.84 -5.06 78.15
CA LEU B 1575 63.60 -5.85 77.19
C LEU B 1575 63.69 -7.31 77.62
N SER B 1576 63.87 -7.54 78.93
CA SER B 1576 63.92 -8.90 79.48
C SER B 1576 62.59 -9.62 79.33
N GLN B 1577 61.48 -8.87 79.39
CA GLN B 1577 60.14 -9.43 79.19
C GLN B 1577 60.00 -10.10 77.83
N LYS B 1578 60.67 -9.54 76.81
CA LYS B 1578 60.71 -10.03 75.42
C LYS B 1578 59.38 -9.83 74.71
N ASP B 1579 58.61 -8.83 75.12
CA ASP B 1579 57.30 -8.62 74.52
C ASP B 1579 57.34 -7.60 73.40
N SER B 1580 56.23 -6.89 73.21
CA SER B 1580 56.08 -5.92 72.11
C SER B 1580 57.02 -4.72 72.25
N VAL B 1581 57.21 -4.22 73.47
CA VAL B 1581 58.17 -3.13 73.70
C VAL B 1581 59.61 -3.58 73.46
N PHE B 1582 59.94 -4.81 73.83
CA PHE B 1582 61.27 -5.36 73.53
C PHE B 1582 61.49 -5.50 72.03
N ALA B 1583 60.44 -5.91 71.29
CA ALA B 1583 60.52 -5.96 69.84
C ALA B 1583 60.68 -4.56 69.25
N SER B 1584 60.03 -3.57 69.86
CA SER B 1584 60.22 -2.20 69.39
C SER B 1584 61.58 -1.66 69.83
N PHE B 1585 62.06 -2.06 70.99
CA PHE B 1585 63.41 -1.71 71.42
C PHE B 1585 64.45 -2.46 70.59
N ARG C 32 34.57 8.51 -16.53
CA ARG C 32 33.84 9.77 -16.86
C ARG C 32 32.37 9.48 -17.12
N ALA C 33 32.08 8.29 -17.62
CA ALA C 33 30.72 7.85 -17.93
C ALA C 33 29.93 7.54 -16.67
N ARG C 34 28.76 8.16 -16.56
CA ARG C 34 27.91 7.99 -15.38
C ARG C 34 26.57 7.32 -15.69
N PHE C 35 26.00 6.70 -14.67
CA PHE C 35 24.73 5.98 -14.75
C PHE C 35 23.62 6.78 -14.04
N VAL C 36 23.93 7.24 -12.84
CA VAL C 36 22.98 8.02 -12.05
C VAL C 36 23.73 9.07 -11.22
N SER C 37 23.08 10.22 -11.03
CA SER C 37 23.65 11.34 -10.31
C SER C 37 23.79 11.14 -8.80
N LYS C 38 24.62 11.98 -8.19
CA LYS C 38 24.85 11.92 -6.75
C LYS C 38 23.61 12.37 -5.98
N LYS C 39 22.60 12.85 -6.70
CA LYS C 39 21.35 13.29 -6.06
C LYS C 39 20.25 12.28 -6.40
N GLY C 40 20.26 11.76 -7.63
CA GLY C 40 19.27 10.79 -8.04
C GLY C 40 18.80 10.90 -9.49
N ASN C 41 17.58 10.45 -9.75
CA ASN C 41 16.96 10.53 -11.08
C ASN C 41 17.81 10.28 -12.34
N CYS C 42 18.41 9.10 -12.38
CA CYS C 42 19.25 8.67 -13.49
C CYS C 42 18.54 8.73 -14.84
N ASN C 43 19.10 9.53 -15.74
CA ASN C 43 18.56 9.74 -17.08
C ASN C 43 19.11 8.70 -18.09
N VAL C 44 18.20 8.12 -18.86
CA VAL C 44 18.54 7.09 -19.85
C VAL C 44 17.97 7.44 -21.24
N ALA C 45 18.69 7.12 -22.30
CA ALA C 45 18.23 7.42 -23.65
C ALA C 45 17.55 6.23 -24.33
N HIS C 46 16.31 6.43 -24.78
CA HIS C 46 15.53 5.38 -25.44
C HIS C 46 15.45 5.52 -26.95
N LYS C 47 15.70 4.42 -27.64
CA LYS C 47 15.66 4.41 -29.10
C LYS C 47 14.64 3.38 -29.56
N ASN C 48 14.11 3.63 -30.75
CA ASN C 48 13.13 2.74 -31.36
C ASN C 48 11.77 2.57 -30.69
N ILE C 49 11.03 3.66 -30.51
CA ILE C 49 9.70 3.62 -29.89
C ILE C 49 8.64 3.03 -30.84
N ARG C 50 7.76 2.19 -30.32
CA ARG C 50 6.73 1.56 -31.15
C ARG C 50 5.50 2.43 -31.40
N GLU C 51 4.88 2.93 -30.34
CA GLU C 51 3.70 3.78 -30.44
C GLU C 51 3.77 4.83 -29.35
N GLN C 52 3.36 6.04 -29.70
CA GLN C 52 3.20 7.14 -28.74
C GLN C 52 1.70 7.28 -28.33
N GLY C 53 0.82 6.59 -29.05
CA GLY C 53 -0.61 6.61 -28.84
C GLY C 53 -1.00 6.08 -27.49
N ARG C 54 -0.32 5.04 -27.02
CA ARG C 54 -0.63 4.48 -25.71
C ARG C 54 -0.35 5.53 -24.63
N PHE C 55 0.78 6.23 -24.77
CA PHE C 55 1.15 7.27 -23.84
C PHE C 55 0.11 8.38 -23.87
N LEU C 56 -0.35 8.74 -25.07
CA LEU C 56 -1.37 9.78 -25.19
C LEU C 56 -2.67 9.35 -24.50
N GLN C 57 -3.02 8.09 -24.67
CA GLN C 57 -4.21 7.49 -24.10
C GLN C 57 -4.15 7.50 -22.58
N ASP C 58 -2.97 7.27 -22.04
CA ASP C 58 -2.82 7.24 -20.58
C ASP C 58 -2.71 8.66 -20.05
N VAL C 59 -3.80 9.42 -20.02
CA VAL C 59 -3.74 10.83 -19.59
C VAL C 59 -3.41 11.25 -18.13
N PHE C 60 -3.97 10.52 -17.17
CA PHE C 60 -3.82 10.89 -15.77
C PHE C 60 -2.41 10.91 -15.21
N THR C 61 -1.60 9.90 -15.54
CA THR C 61 -0.25 9.88 -15.00
C THR C 61 0.54 11.10 -15.46
N THR C 62 0.43 11.43 -16.74
CA THR C 62 1.15 12.58 -17.28
C THR C 62 0.67 13.86 -16.61
N LEU C 63 -0.65 13.97 -16.45
CA LEU C 63 -1.17 15.17 -15.83
C LEU C 63 -0.61 15.33 -14.42
N VAL C 64 -0.61 14.24 -13.65
CA VAL C 64 -0.12 14.28 -12.28
C VAL C 64 1.35 14.66 -12.24
N ASP C 65 2.12 14.10 -13.17
CA ASP C 65 3.54 14.36 -13.27
C ASP C 65 3.90 15.81 -13.58
N LEU C 66 3.12 16.49 -14.43
CA LEU C 66 3.51 17.87 -14.79
C LEU C 66 3.58 18.95 -13.67
N LYS C 67 4.61 19.79 -13.71
CA LYS C 67 4.77 20.91 -12.79
C LYS C 67 3.53 21.78 -12.61
N TRP C 68 3.56 22.58 -11.54
CA TRP C 68 2.47 23.47 -11.18
C TRP C 68 2.09 24.60 -12.13
N PRO C 69 3.08 25.21 -12.79
CA PRO C 69 2.71 26.30 -13.70
C PRO C 69 1.86 25.86 -14.89
N HIS C 70 2.20 24.72 -15.47
CA HIS C 70 1.47 24.18 -16.62
C HIS C 70 0.14 23.61 -16.18
N THR C 71 0.14 22.99 -15.00
CA THR C 71 -1.06 22.37 -14.45
C THR C 71 -2.21 23.36 -14.26
N LEU C 72 -1.85 24.58 -13.86
CA LEU C 72 -2.83 25.62 -13.62
C LEU C 72 -3.35 26.13 -14.95
N LEU C 73 -2.45 26.10 -15.93
CA LEU C 73 -2.72 26.55 -17.29
C LEU C 73 -3.69 25.62 -18.01
N ILE C 74 -3.59 24.33 -17.70
CA ILE C 74 -4.45 23.33 -18.33
C ILE C 74 -5.89 23.48 -17.83
N PHE C 75 -6.02 23.70 -16.53
CA PHE C 75 -7.34 23.84 -15.93
C PHE C 75 -7.98 25.20 -16.13
N THR C 76 -7.17 26.20 -16.40
CA THR C 76 -7.70 27.55 -16.61
C THR C 76 -8.18 27.73 -18.04
N MET C 77 -7.41 27.21 -18.99
CA MET C 77 -7.77 27.33 -20.39
C MET C 77 -8.90 26.38 -20.80
N SER C 78 -8.89 25.18 -20.27
CA SER C 78 -9.92 24.20 -20.59
C SER C 78 -11.28 24.67 -20.07
N PHE C 79 -11.26 25.47 -19.01
CA PHE C 79 -12.49 25.99 -18.44
C PHE C 79 -12.99 27.12 -19.34
N LEU C 80 -12.07 28.00 -19.70
CA LEU C 80 -12.37 29.13 -20.56
C LEU C 80 -12.78 28.63 -21.93
N CYS C 81 -12.09 27.59 -22.40
CA CYS C 81 -12.39 27.03 -23.71
C CYS C 81 -13.81 26.47 -23.72
N SER C 82 -14.29 26.05 -22.56
CA SER C 82 -15.64 25.51 -22.45
C SER C 82 -16.63 26.67 -22.34
N TRP C 83 -16.27 27.67 -21.54
CA TRP C 83 -17.14 28.81 -21.33
C TRP C 83 -17.50 29.55 -22.61
N LEU C 84 -16.63 29.45 -23.61
CA LEU C 84 -16.86 30.16 -24.88
C LEU C 84 -17.77 29.37 -25.80
N LEU C 85 -17.77 28.06 -25.60
CA LEU C 85 -18.58 27.17 -26.42
C LEU C 85 -20.03 27.27 -25.96
N PHE C 86 -20.23 27.41 -24.66
CA PHE C 86 -21.57 27.52 -24.09
C PHE C 86 -22.14 28.92 -24.28
N ALA C 87 -21.29 29.84 -24.73
CA ALA C 87 -21.69 31.21 -24.94
C ALA C 87 -22.07 31.48 -26.38
N MET C 88 -21.42 30.77 -27.30
CA MET C 88 -21.68 30.96 -28.72
C MET C 88 -23.05 30.39 -29.09
N VAL C 89 -23.37 29.22 -28.56
CA VAL C 89 -24.64 28.56 -28.84
C VAL C 89 -25.78 29.25 -28.12
N TRP C 90 -25.45 30.15 -27.21
CA TRP C 90 -26.47 30.86 -26.47
C TRP C 90 -26.74 32.19 -27.16
N TRP C 91 -25.76 32.64 -27.93
CA TRP C 91 -25.85 33.88 -28.68
C TRP C 91 -26.54 33.52 -29.97
N LEU C 92 -26.62 32.21 -30.19
CA LEU C 92 -27.21 31.66 -31.40
C LEU C 92 -28.70 31.39 -31.25
N ILE C 93 -29.12 31.04 -30.04
CA ILE C 93 -30.52 30.75 -29.77
C ILE C 93 -31.33 32.04 -29.71
N ALA C 94 -30.61 33.15 -29.51
CA ALA C 94 -31.25 34.46 -29.43
C ALA C 94 -31.23 35.06 -30.84
N PHE C 95 -30.30 34.57 -31.65
CA PHE C 95 -30.16 35.03 -33.02
C PHE C 95 -31.07 34.22 -33.92
N ALA C 96 -31.41 33.03 -33.46
CA ALA C 96 -32.29 32.12 -34.18
C ALA C 96 -33.74 32.48 -33.92
N HIS C 97 -33.99 33.08 -32.76
CA HIS C 97 -35.33 33.51 -32.39
C HIS C 97 -35.43 34.94 -32.91
N GLY C 98 -34.32 35.67 -32.76
CA GLY C 98 -34.24 37.04 -33.24
C GLY C 98 -34.88 38.13 -32.42
N ASP C 99 -35.41 37.76 -31.26
CA ASP C 99 -36.08 38.71 -30.37
C ASP C 99 -35.24 39.82 -29.74
N LEU C 100 -33.91 39.73 -29.81
CA LEU C 100 -33.07 40.72 -29.17
C LEU C 100 -32.94 42.15 -29.75
N ALA C 101 -33.00 42.31 -31.06
CA ALA C 101 -32.88 43.65 -31.65
C ALA C 101 -34.17 44.44 -31.94
N PRO C 102 -35.25 43.77 -32.36
CA PRO C 102 -36.50 44.49 -32.66
C PRO C 102 -37.25 45.08 -31.46
N GLY C 103 -37.04 44.49 -30.29
CA GLY C 103 -37.68 44.99 -29.08
C GLY C 103 -39.19 45.00 -29.07
N GLU C 104 -39.80 43.95 -29.60
CA GLU C 104 -41.26 43.82 -29.62
C GLU C 104 -41.78 43.47 -28.23
N GLY C 105 -42.80 44.20 -27.79
CA GLY C 105 -43.36 43.96 -26.47
C GLY C 105 -44.22 42.72 -26.29
N THR C 106 -44.81 42.20 -27.36
CA THR C 106 -45.66 41.02 -27.25
C THR C 106 -44.83 39.74 -27.36
N ASN C 107 -43.75 39.82 -28.13
CA ASN C 107 -42.84 38.69 -28.32
C ASN C 107 -41.88 38.56 -27.15
N VAL C 108 -42.12 37.57 -26.31
CA VAL C 108 -41.29 37.31 -25.14
C VAL C 108 -40.06 36.45 -25.47
N PRO C 109 -38.87 36.93 -25.07
CA PRO C 109 -37.58 36.28 -25.27
C PRO C 109 -37.36 35.02 -24.44
N CYS C 110 -36.60 34.07 -24.96
CA CYS C 110 -36.37 32.83 -24.24
C CYS C 110 -35.47 33.09 -23.03
N VAL C 111 -34.75 34.21 -23.08
CA VAL C 111 -33.87 34.62 -21.98
C VAL C 111 -33.88 36.14 -21.96
N THR C 112 -34.18 36.71 -20.80
CA THR C 112 -34.25 38.16 -20.68
C THR C 112 -32.91 38.88 -20.51
N SER C 113 -32.95 40.17 -20.81
CA SER C 113 -31.79 41.06 -20.72
C SER C 113 -30.61 40.71 -21.64
N ILE C 114 -30.88 40.09 -22.77
CA ILE C 114 -29.82 39.77 -23.71
C ILE C 114 -29.78 40.86 -24.76
N HIS C 115 -28.92 41.85 -24.51
CA HIS C 115 -28.79 43.00 -25.38
C HIS C 115 -27.54 42.94 -26.25
N SER C 116 -26.45 42.45 -25.67
CA SER C 116 -25.21 42.35 -26.40
C SER C 116 -24.72 40.93 -26.60
N PHE C 117 -23.65 40.80 -27.38
CA PHE C 117 -23.04 39.51 -27.63
C PHE C 117 -22.38 38.99 -26.35
N SER C 118 -21.76 39.91 -25.62
CA SER C 118 -21.05 39.61 -24.36
C SER C 118 -21.97 39.06 -23.29
N SER C 119 -23.21 39.55 -23.26
CA SER C 119 -24.18 39.16 -22.26
C SER C 119 -24.45 37.65 -22.27
N ALA C 120 -24.51 37.06 -23.45
CA ALA C 120 -24.74 35.62 -23.56
C ALA C 120 -23.59 34.87 -22.88
N PHE C 121 -22.36 35.33 -23.11
CA PHE C 121 -21.18 34.70 -22.50
C PHE C 121 -21.24 34.83 -20.99
N LEU C 122 -21.68 35.99 -20.51
CA LEU C 122 -21.80 36.23 -19.08
C LEU C 122 -22.82 35.25 -18.48
N PHE C 123 -23.93 35.06 -19.19
CA PHE C 123 -24.98 34.14 -18.76
C PHE C 123 -24.43 32.71 -18.71
N SER C 124 -23.63 32.36 -19.70
CA SER C 124 -23.03 31.04 -19.78
C SER C 124 -22.12 30.81 -18.57
N ILE C 125 -21.36 31.83 -18.17
CA ILE C 125 -20.50 31.67 -17.00
C ILE C 125 -21.39 31.38 -15.80
N GLU C 126 -22.48 32.15 -15.70
CA GLU C 126 -23.40 32.01 -14.57
C GLU C 126 -23.87 30.58 -14.35
N VAL C 127 -24.38 29.94 -15.40
CA VAL C 127 -24.88 28.59 -15.28
C VAL C 127 -23.81 27.57 -14.89
N GLN C 128 -22.62 27.69 -15.49
CA GLN C 128 -21.54 26.76 -15.20
C GLN C 128 -21.05 26.80 -13.76
N VAL C 129 -20.91 28.01 -13.21
CA VAL C 129 -20.44 28.17 -11.83
C VAL C 129 -21.58 28.29 -10.82
N THR C 130 -22.81 28.27 -11.32
CA THR C 130 -24.04 28.39 -10.51
C THR C 130 -24.09 29.70 -9.70
N ILE C 131 -23.59 30.78 -10.30
CA ILE C 131 -23.59 32.09 -9.65
C ILE C 131 -25.01 32.58 -9.40
N GLY C 132 -25.87 32.38 -10.38
CA GLY C 132 -27.26 32.80 -10.30
C GLY C 132 -27.46 34.27 -10.02
N PHE C 133 -26.94 35.13 -10.88
CA PHE C 133 -27.10 36.58 -10.70
C PHE C 133 -28.54 37.09 -10.63
N GLY C 134 -29.40 36.57 -11.51
CA GLY C 134 -30.80 36.98 -11.51
C GLY C 134 -31.23 37.96 -12.59
N GLY C 135 -30.27 38.60 -13.25
CA GLY C 135 -30.61 39.55 -14.29
C GLY C 135 -31.14 38.93 -15.57
N ARG C 136 -30.53 37.82 -15.96
CA ARG C 136 -30.89 37.11 -17.18
C ARG C 136 -31.80 35.94 -16.82
N MET C 137 -33.08 36.07 -17.12
CA MET C 137 -34.04 35.03 -16.81
C MET C 137 -34.47 34.17 -18.01
N VAL C 138 -34.68 32.89 -17.74
CA VAL C 138 -35.08 31.92 -18.77
C VAL C 138 -36.57 31.61 -18.71
N THR C 139 -37.21 31.56 -19.87
CA THR C 139 -38.65 31.31 -19.97
C THR C 139 -39.03 29.96 -20.55
N GLU C 140 -40.32 29.83 -20.86
CA GLU C 140 -40.90 28.60 -21.43
C GLU C 140 -41.29 28.77 -22.89
N GLU C 141 -40.62 29.67 -23.62
CA GLU C 141 -40.94 29.91 -25.01
C GLU C 141 -40.25 29.00 -26.02
N CYS C 142 -38.98 28.69 -25.78
CA CYS C 142 -38.22 27.86 -26.70
C CYS C 142 -37.74 26.54 -26.09
N PRO C 143 -38.39 25.42 -26.43
CA PRO C 143 -38.10 24.06 -25.94
C PRO C 143 -36.76 23.50 -26.41
N LEU C 144 -35.96 24.33 -27.06
CA LEU C 144 -34.66 23.91 -27.57
C LEU C 144 -33.53 24.30 -26.64
N ALA C 145 -33.57 25.55 -26.17
CA ALA C 145 -32.58 26.10 -25.26
C ALA C 145 -32.60 25.50 -23.87
N ILE C 146 -33.77 25.03 -23.45
CA ILE C 146 -33.92 24.43 -22.13
C ILE C 146 -33.27 23.06 -22.06
N LEU C 147 -33.28 22.33 -23.17
CA LEU C 147 -32.65 21.01 -23.19
C LEU C 147 -31.15 21.25 -23.35
N ILE C 148 -30.79 22.39 -23.94
CA ILE C 148 -29.39 22.74 -24.16
C ILE C 148 -28.77 23.18 -22.85
N LEU C 149 -29.59 23.81 -22.03
CA LEU C 149 -29.16 24.32 -20.75
C LEU C 149 -28.79 23.16 -19.84
N ILE C 150 -29.44 22.03 -20.06
CA ILE C 150 -29.19 20.83 -19.27
C ILE C 150 -27.87 20.20 -19.67
N VAL C 151 -27.57 20.29 -20.96
CA VAL C 151 -26.33 19.73 -21.48
C VAL C 151 -25.15 20.60 -21.07
N GLN C 152 -25.43 21.89 -20.86
CA GLN C 152 -24.40 22.82 -20.48
C GLN C 152 -24.03 22.60 -19.01
N ASN C 153 -25.04 22.33 -18.21
CA ASN C 153 -24.86 22.14 -16.79
C ASN C 153 -24.24 20.82 -16.36
N ILE C 154 -24.57 19.74 -17.07
CA ILE C 154 -24.05 18.43 -16.74
C ILE C 154 -22.59 18.23 -17.14
N VAL C 155 -22.18 18.86 -18.23
CA VAL C 155 -20.80 18.74 -18.69
C VAL C 155 -19.92 19.70 -17.91
N GLY C 156 -20.49 20.82 -17.50
CA GLY C 156 -19.73 21.81 -16.76
C GLY C 156 -19.64 21.46 -15.29
N LEU C 157 -20.43 20.49 -14.89
CA LEU C 157 -20.46 20.02 -13.50
C LEU C 157 -19.51 18.83 -13.47
N MET C 158 -19.31 18.21 -14.62
CA MET C 158 -18.44 17.05 -14.75
C MET C 158 -16.95 17.38 -14.82
N ILE C 159 -16.61 18.48 -15.47
CA ILE C 159 -15.20 18.88 -15.59
C ILE C 159 -14.76 19.56 -14.32
N ASN C 160 -15.72 20.03 -13.54
CA ASN C 160 -15.40 20.69 -12.29
C ASN C 160 -15.10 19.62 -11.26
N ALA C 161 -15.71 18.45 -11.46
CA ALA C 161 -15.51 17.33 -10.57
C ALA C 161 -14.23 16.58 -10.94
N ILE C 162 -13.97 16.46 -12.23
CA ILE C 162 -12.78 15.77 -12.74
C ILE C 162 -11.52 16.52 -12.35
N MET C 163 -11.65 17.82 -12.16
CA MET C 163 -10.52 18.64 -11.80
C MET C 163 -10.15 18.44 -10.32
N LEU C 164 -11.16 18.15 -9.51
CA LEU C 164 -10.97 17.93 -8.08
C LEU C 164 -10.12 16.71 -7.80
N GLY C 165 -10.29 15.68 -8.61
CA GLY C 165 -9.55 14.46 -8.43
C GLY C 165 -8.14 14.53 -8.98
N CYS C 166 -7.91 15.43 -9.94
CA CYS C 166 -6.59 15.54 -10.54
C CYS C 166 -5.65 16.38 -9.69
N ILE C 167 -6.19 17.39 -9.01
CA ILE C 167 -5.40 18.27 -8.17
C ILE C 167 -5.06 17.59 -6.85
N PHE C 168 -5.93 16.69 -6.42
CA PHE C 168 -5.74 15.96 -5.19
C PHE C 168 -4.54 15.01 -5.35
N MET C 169 -4.47 14.36 -6.51
CA MET C 169 -3.41 13.41 -6.81
C MET C 169 -2.02 14.04 -6.75
N LYS C 170 -1.97 15.35 -6.99
CA LYS C 170 -0.71 16.07 -6.95
C LYS C 170 -0.43 16.55 -5.53
N THR C 171 -1.48 16.56 -4.72
CA THR C 171 -1.34 16.99 -3.33
C THR C 171 -0.80 15.83 -2.51
N ALA C 172 -0.75 14.66 -3.13
CA ALA C 172 -0.26 13.46 -2.45
C ALA C 172 1.06 12.91 -2.98
N GLN C 173 1.78 13.68 -3.79
CA GLN C 173 3.03 13.17 -4.31
C GLN C 173 4.11 13.22 -3.23
N ALA C 174 4.73 12.07 -3.00
CA ALA C 174 5.76 11.93 -1.98
C ALA C 174 7.21 11.91 -2.48
N HIS C 175 7.57 12.58 -3.56
CA HIS C 175 9.02 12.70 -3.88
C HIS C 175 9.78 13.61 -2.83
N ARG C 176 9.06 14.66 -2.43
CA ARG C 176 9.56 15.69 -1.52
C ARG C 176 9.95 15.11 -0.17
N ARG C 177 9.16 14.14 0.31
CA ARG C 177 9.45 13.47 1.58
C ARG C 177 10.78 12.70 1.46
N ALA C 178 10.99 12.08 0.30
CA ALA C 178 12.22 11.34 0.02
C ALA C 178 13.46 12.25 0.05
N GLU C 179 13.34 13.53 -0.35
CA GLU C 179 14.59 14.36 -0.31
C GLU C 179 15.34 14.48 1.07
N THR C 180 14.58 14.74 2.15
CA THR C 180 15.00 14.76 3.55
C THR C 180 15.86 13.55 3.91
N LEU C 181 15.93 12.59 2.99
CA LEU C 181 16.73 11.38 3.19
C LEU C 181 18.11 11.65 2.60
N ILE C 182 19.08 11.92 3.47
CA ILE C 182 20.44 12.25 3.04
C ILE C 182 21.46 11.12 3.11
N PHE C 183 22.32 11.07 2.09
CA PHE C 183 23.39 10.10 1.99
C PHE C 183 24.71 10.85 2.09
N SER C 184 25.74 10.14 2.55
CA SER C 184 27.08 10.71 2.73
C SER C 184 27.79 11.11 1.43
N LYS C 185 28.90 11.82 1.60
CA LYS C 185 29.72 12.29 0.49
C LYS C 185 30.53 11.17 -0.14
N HIS C 186 31.22 10.41 0.71
CA HIS C 186 32.04 9.29 0.27
C HIS C 186 31.74 8.04 1.09
N ALA C 187 32.31 6.92 0.68
CA ALA C 187 32.13 5.65 1.39
C ALA C 187 33.44 5.15 1.98
N VAL C 188 33.38 4.15 2.86
CA VAL C 188 34.56 3.60 3.51
C VAL C 188 34.61 2.08 3.53
N ILE C 189 35.82 1.52 3.56
CA ILE C 189 36.03 0.08 3.59
C ILE C 189 37.11 -0.31 4.60
N THR C 190 36.70 -0.80 5.77
CA THR C 190 37.63 -1.17 6.83
C THR C 190 37.18 -2.50 7.46
N PRO C 191 38.15 -3.30 7.96
CA PRO C 191 37.82 -4.58 8.58
C PRO C 191 37.28 -4.51 10.00
N ARG C 192 36.12 -5.13 10.21
CA ARG C 192 35.47 -5.18 11.51
C ARG C 192 35.42 -6.61 12.01
N HIS C 193 35.85 -6.84 13.25
CA HIS C 193 35.85 -8.18 13.84
C HIS C 193 36.74 -9.17 13.09
N GLY C 194 37.64 -8.66 12.27
CA GLY C 194 38.52 -9.54 11.53
C GLY C 194 38.09 -9.77 10.10
N ARG C 195 37.02 -9.11 9.68
CA ARG C 195 36.54 -9.26 8.32
C ARG C 195 36.36 -7.89 7.67
N LEU C 196 36.78 -7.78 6.41
CA LEU C 196 36.70 -6.55 5.63
C LEU C 196 35.25 -6.20 5.30
N CYS C 197 34.86 -4.95 5.53
CA CYS C 197 33.49 -4.54 5.28
C CYS C 197 33.40 -3.19 4.59
N PHE C 198 32.32 -2.97 3.86
CA PHE C 198 32.09 -1.72 3.16
C PHE C 198 31.02 -0.94 3.91
N MET C 199 31.31 0.30 4.26
CA MET C 199 30.37 1.10 5.04
C MET C 199 29.74 2.32 4.38
N LEU C 200 28.42 2.43 4.52
CA LEU C 200 27.64 3.54 3.99
C LEU C 200 26.71 4.03 5.10
N ARG C 201 26.58 5.35 5.21
CA ARG C 201 25.75 5.94 6.26
C ARG C 201 24.62 6.81 5.70
N VAL C 202 23.44 6.66 6.29
CA VAL C 202 22.26 7.40 5.88
C VAL C 202 21.55 8.10 7.05
N GLY C 203 20.97 9.26 6.78
CA GLY C 203 20.29 10.00 7.84
C GLY C 203 18.98 10.66 7.45
N ASP C 204 18.23 11.10 8.45
CA ASP C 204 16.94 11.74 8.24
C ASP C 204 16.88 13.12 8.91
N LEU C 205 16.37 14.10 8.17
CA LEU C 205 16.28 15.47 8.68
C LEU C 205 14.89 15.85 9.23
N ARG C 206 13.97 14.89 9.26
CA ARG C 206 12.62 15.17 9.75
C ARG C 206 12.28 14.56 11.10
N LYS C 207 11.17 15.00 11.67
CA LYS C 207 10.71 14.49 12.95
C LYS C 207 9.75 13.37 12.57
N SER C 208 9.35 13.35 11.31
CA SER C 208 8.45 12.32 10.79
C SER C 208 9.27 11.16 10.28
N MET C 209 8.72 9.95 10.39
CA MET C 209 9.44 8.75 9.97
C MET C 209 8.95 8.01 8.73
N ILE C 210 9.65 6.92 8.44
CA ILE C 210 9.36 6.04 7.31
C ILE C 210 9.16 4.62 7.81
N ILE C 211 8.05 4.02 7.41
CA ILE C 211 7.72 2.69 7.84
C ILE C 211 8.09 1.59 6.85
N SER C 212 8.54 0.47 7.38
CA SER C 212 8.90 -0.69 6.58
C SER C 212 9.69 -0.29 5.35
N ALA C 213 10.76 0.48 5.55
CA ALA C 213 11.59 0.94 4.43
C ALA C 213 12.78 0.01 4.18
N THR C 214 12.66 -0.82 3.15
CA THR C 214 13.71 -1.77 2.78
C THR C 214 14.76 -1.15 1.86
N ILE C 215 16.01 -1.51 2.12
CA ILE C 215 17.14 -0.99 1.33
C ILE C 215 17.80 -2.09 0.52
N HIS C 216 18.01 -1.82 -0.77
CA HIS C 216 18.65 -2.77 -1.68
C HIS C 216 19.85 -2.14 -2.36
N MET C 217 21.02 -2.77 -2.23
CA MET C 217 22.23 -2.24 -2.86
C MET C 217 22.69 -3.16 -3.97
N GLN C 218 22.95 -2.57 -5.14
CA GLN C 218 23.40 -3.34 -6.28
C GLN C 218 24.71 -2.84 -6.86
N VAL C 219 25.53 -3.78 -7.33
CA VAL C 219 26.82 -3.48 -7.95
C VAL C 219 26.66 -3.55 -9.45
N VAL C 220 26.72 -2.39 -10.11
CA VAL C 220 26.57 -2.35 -11.56
C VAL C 220 27.92 -2.25 -12.29
N ARG C 221 28.41 -3.40 -12.76
CA ARG C 221 29.67 -3.45 -13.48
C ARG C 221 29.47 -4.28 -14.75
N LYS C 222 30.34 -4.08 -15.73
CA LYS C 222 30.24 -4.79 -17.00
C LYS C 222 31.04 -6.09 -16.95
N THR C 223 30.34 -7.21 -16.78
CA THR C 223 30.95 -8.52 -16.69
C THR C 223 30.95 -9.35 -17.97
N THR C 224 31.97 -10.18 -18.09
CA THR C 224 32.14 -11.06 -19.25
C THR C 224 32.12 -12.51 -18.81
N SER C 225 31.27 -13.31 -19.46
CA SER C 225 31.16 -14.72 -19.14
C SER C 225 32.21 -15.56 -19.85
N PRO C 226 32.50 -16.75 -19.32
CA PRO C 226 33.47 -17.69 -19.87
C PRO C 226 33.16 -18.16 -21.29
N GLU C 227 31.95 -17.89 -21.76
CA GLU C 227 31.59 -18.30 -23.11
C GLU C 227 31.86 -17.22 -24.13
N GLY C 228 32.10 -15.99 -23.67
CA GLY C 228 32.39 -14.91 -24.59
C GLY C 228 31.29 -13.87 -24.76
N GLU C 229 30.38 -13.80 -23.80
CA GLU C 229 29.29 -12.83 -23.88
C GLU C 229 29.54 -11.63 -22.97
N VAL C 230 29.45 -10.44 -23.56
CA VAL C 230 29.65 -9.20 -22.82
C VAL C 230 28.36 -8.44 -22.54
N VAL C 231 27.93 -8.50 -21.28
CA VAL C 231 26.74 -7.77 -20.86
C VAL C 231 27.27 -6.43 -20.39
N PRO C 232 26.76 -5.34 -20.97
CA PRO C 232 27.14 -3.96 -20.68
C PRO C 232 27.03 -3.49 -19.23
N LEU C 233 25.95 -3.88 -18.56
CA LEU C 233 25.73 -3.51 -17.16
C LEU C 233 25.02 -4.62 -16.43
N HIS C 234 25.78 -5.42 -15.71
CA HIS C 234 25.22 -6.53 -14.97
C HIS C 234 24.97 -6.11 -13.53
N GLN C 235 23.78 -6.41 -13.03
CA GLN C 235 23.42 -6.05 -11.67
C GLN C 235 23.38 -7.22 -10.72
N VAL C 236 24.36 -7.24 -9.82
CA VAL C 236 24.49 -8.29 -8.82
C VAL C 236 24.32 -7.69 -7.44
N ASP C 237 23.45 -8.32 -6.65
CA ASP C 237 23.11 -7.87 -5.32
C ASP C 237 24.09 -8.30 -4.21
N ILE C 238 24.31 -7.40 -3.25
CA ILE C 238 25.19 -7.66 -2.12
C ILE C 238 24.39 -7.68 -0.82
N PRO C 239 24.72 -8.62 0.08
CA PRO C 239 24.10 -8.84 1.38
C PRO C 239 24.15 -7.67 2.36
N MET C 240 23.06 -7.51 3.12
CA MET C 240 22.93 -6.46 4.10
C MET C 240 23.58 -6.86 5.42
N GLU C 241 24.04 -8.10 5.48
CA GLU C 241 24.72 -8.62 6.66
C GLU C 241 23.91 -8.63 7.96
N ASN C 242 22.60 -8.49 7.86
CA ASN C 242 21.80 -8.59 9.07
C ASN C 242 21.83 -10.06 9.46
N GLY C 243 22.00 -10.36 10.74
CA GLY C 243 22.09 -11.74 11.18
C GLY C 243 20.83 -12.55 10.91
N VAL C 244 19.69 -11.93 11.17
CA VAL C 244 18.39 -12.56 10.96
C VAL C 244 18.07 -12.88 9.50
N GLY C 245 18.45 -11.97 8.61
CA GLY C 245 18.14 -12.09 7.19
C GLY C 245 17.46 -10.80 6.77
N GLY C 246 18.03 -9.69 7.24
CA GLY C 246 17.48 -8.36 7.07
C GLY C 246 17.20 -7.67 5.74
N ASN C 247 16.08 -6.97 5.80
CA ASN C 247 15.47 -6.15 4.76
C ASN C 247 15.50 -4.68 5.12
N SER C 248 15.20 -4.36 6.38
CA SER C 248 15.19 -2.96 6.80
C SER C 248 15.50 -2.73 8.27
N ILE C 249 15.79 -1.48 8.58
CA ILE C 249 16.11 -1.06 9.93
C ILE C 249 15.51 0.30 10.29
N PHE C 250 15.04 0.37 11.52
CA PHE C 250 14.40 1.54 12.13
C PHE C 250 15.37 2.73 12.09
N LEU C 251 15.06 3.73 11.26
CA LEU C 251 15.92 4.89 11.07
C LEU C 251 15.51 6.25 11.64
N VAL C 252 16.06 6.59 12.80
CA VAL C 252 15.80 7.88 13.43
C VAL C 252 17.08 8.71 13.42
N ALA C 253 18.20 8.03 13.69
CA ALA C 253 19.51 8.65 13.70
C ALA C 253 20.33 7.97 12.61
N PRO C 254 21.41 8.62 12.17
CA PRO C 254 22.30 8.11 11.13
C PRO C 254 22.94 6.78 11.47
N LEU C 255 22.64 5.77 10.65
CA LEU C 255 23.16 4.42 10.84
C LEU C 255 24.02 3.99 9.66
N ILE C 256 25.00 3.13 9.95
CA ILE C 256 25.94 2.60 8.98
C ILE C 256 25.53 1.22 8.47
N ILE C 257 25.60 1.01 7.16
CA ILE C 257 25.30 -0.30 6.57
C ILE C 257 26.66 -0.95 6.27
N TYR C 258 26.80 -2.24 6.58
CA TYR C 258 28.08 -2.93 6.35
C TYR C 258 28.06 -4.09 5.35
N HIS C 259 29.03 -4.12 4.44
CA HIS C 259 29.14 -5.16 3.42
C HIS C 259 30.36 -6.08 3.58
N VAL C 260 30.13 -7.21 4.23
CA VAL C 260 31.12 -8.24 4.52
C VAL C 260 31.60 -8.87 3.20
N ILE C 261 32.89 -8.78 2.94
CA ILE C 261 33.46 -9.33 1.71
C ILE C 261 33.80 -10.81 1.82
N ASP C 262 32.91 -11.66 1.32
CA ASP C 262 33.15 -13.10 1.35
C ASP C 262 33.46 -13.61 -0.04
N SER C 263 33.46 -14.93 -0.17
CA SER C 263 33.76 -15.59 -1.43
C SER C 263 32.74 -15.30 -2.53
N ASN C 264 31.58 -14.76 -2.16
CA ASN C 264 30.57 -14.46 -3.17
C ASN C 264 30.59 -12.99 -3.57
N SER C 265 31.32 -12.19 -2.80
CA SER C 265 31.41 -10.76 -3.10
C SER C 265 32.40 -10.47 -4.21
N PRO C 266 31.99 -9.66 -5.19
CA PRO C 266 32.82 -9.29 -6.33
C PRO C 266 34.05 -8.45 -5.96
N LEU C 267 34.04 -7.88 -4.75
CA LEU C 267 35.14 -7.05 -4.27
C LEU C 267 36.16 -7.85 -3.49
N TYR C 268 36.11 -9.16 -3.67
CA TYR C 268 37.00 -10.10 -3.00
C TYR C 268 38.38 -10.12 -3.65
N ASP C 269 38.42 -9.78 -4.94
CA ASP C 269 39.66 -9.79 -5.69
C ASP C 269 40.16 -8.36 -5.97
N LEU C 270 39.88 -7.45 -5.05
CA LEU C 270 40.26 -6.06 -5.20
C LEU C 270 41.28 -5.54 -4.17
N ALA C 271 42.27 -4.80 -4.67
CA ALA C 271 43.31 -4.22 -3.80
C ALA C 271 42.93 -2.77 -3.53
N PRO C 272 43.40 -2.21 -2.40
CA PRO C 272 43.13 -0.83 -1.96
C PRO C 272 43.53 0.36 -2.86
N SER C 273 44.78 0.42 -3.30
CA SER C 273 45.19 1.53 -4.14
C SER C 273 45.03 1.22 -5.64
N ASP C 274 44.88 -0.05 -5.98
CA ASP C 274 44.70 -0.45 -7.37
C ASP C 274 43.26 -0.44 -7.84
N LEU C 275 42.32 -0.63 -6.94
CA LEU C 275 40.92 -0.68 -7.33
C LEU C 275 40.25 0.68 -7.56
N HIS C 276 40.75 1.73 -6.93
CA HIS C 276 40.12 3.05 -7.08
C HIS C 276 40.31 3.75 -8.42
N HIS C 277 41.38 3.45 -9.12
CA HIS C 277 41.62 4.09 -10.40
C HIS C 277 41.50 3.15 -11.60
N HIS C 278 42.00 1.92 -11.44
CA HIS C 278 41.96 0.93 -12.50
C HIS C 278 40.54 0.60 -12.93
N GLN C 279 39.66 0.42 -11.95
CA GLN C 279 38.27 0.08 -12.24
C GLN C 279 37.40 1.31 -12.38
N ASP C 280 36.49 1.25 -13.34
CA ASP C 280 35.55 2.34 -13.59
C ASP C 280 34.15 1.78 -13.46
N LEU C 281 33.77 1.43 -12.24
CA LEU C 281 32.46 0.87 -11.98
C LEU C 281 31.69 1.73 -10.99
N GLU C 282 30.47 1.31 -10.69
CA GLU C 282 29.59 2.04 -9.78
C GLU C 282 28.70 1.11 -8.97
N ILE C 283 28.38 1.56 -7.75
CA ILE C 283 27.51 0.82 -6.85
C ILE C 283 26.34 1.71 -6.46
N ILE C 284 25.13 1.25 -6.75
CA ILE C 284 23.93 2.01 -6.46
C ILE C 284 23.20 1.69 -5.16
N VAL C 285 22.72 2.74 -4.51
CA VAL C 285 22.00 2.64 -3.26
C VAL C 285 20.49 2.82 -3.50
N ILE C 286 19.70 1.82 -3.12
CA ILE C 286 18.25 1.89 -3.31
C ILE C 286 17.48 1.87 -2.00
N LEU C 287 17.12 3.06 -1.53
CA LEU C 287 16.37 3.23 -0.29
C LEU C 287 14.88 3.40 -0.56
N GLU C 288 14.08 2.46 -0.09
CA GLU C 288 12.64 2.50 -0.31
C GLU C 288 11.92 2.71 1.02
N GLY C 289 10.60 2.84 0.97
CA GLY C 289 9.84 3.04 2.19
C GLY C 289 8.56 3.85 2.02
N VAL C 290 7.75 3.87 3.08
CA VAL C 290 6.48 4.59 3.07
C VAL C 290 6.44 5.71 4.13
N VAL C 291 5.59 6.69 3.86
CA VAL C 291 5.40 7.84 4.74
C VAL C 291 4.37 7.56 5.82
N GLU C 292 4.66 8.03 7.03
CA GLU C 292 3.73 7.82 8.13
C GLU C 292 2.51 8.73 8.01
N THR C 293 2.53 9.65 7.05
CA THR C 293 1.39 10.55 6.87
C THR C 293 0.57 10.10 5.69
N THR C 294 1.24 9.71 4.61
CA THR C 294 0.55 9.25 3.41
C THR C 294 0.95 7.83 3.01
N GLY C 295 -0.03 7.09 2.48
CA GLY C 295 0.20 5.71 2.07
C GLY C 295 1.24 5.47 1.00
N ILE C 296 1.60 6.52 0.26
CA ILE C 296 2.55 6.41 -0.84
C ILE C 296 3.98 6.03 -0.42
N THR C 297 4.59 5.13 -1.19
CA THR C 297 5.95 4.67 -0.93
C THR C 297 6.92 5.33 -1.92
N THR C 298 7.96 5.95 -1.39
CA THR C 298 8.96 6.65 -2.19
C THR C 298 10.33 5.96 -2.24
N GLN C 299 11.16 6.41 -3.16
CA GLN C 299 12.49 5.85 -3.35
C GLN C 299 13.58 6.92 -3.53
N ALA C 300 14.70 6.76 -2.82
CA ALA C 300 15.82 7.69 -2.89
C ALA C 300 17.07 6.95 -3.34
N ARG C 301 17.66 7.40 -4.45
CA ARG C 301 18.82 6.76 -5.03
C ARG C 301 20.05 7.61 -5.27
N THR C 302 21.20 6.96 -5.13
CA THR C 302 22.49 7.60 -5.34
C THR C 302 23.49 6.54 -5.80
N SER C 303 24.67 6.98 -6.24
CA SER C 303 25.69 6.06 -6.72
C SER C 303 27.08 6.55 -6.32
N TYR C 304 27.94 5.61 -5.97
CA TYR C 304 29.30 5.93 -5.56
C TYR C 304 30.34 5.32 -6.50
N LEU C 305 31.12 6.19 -7.15
CA LEU C 305 32.15 5.74 -8.08
C LEU C 305 33.41 5.20 -7.41
N ALA C 306 34.32 4.76 -8.26
CA ALA C 306 35.61 4.20 -7.84
C ALA C 306 36.45 5.23 -7.09
N ASP C 307 36.28 6.50 -7.44
CA ASP C 307 37.01 7.57 -6.78
C ASP C 307 36.21 8.10 -5.60
N GLU C 308 34.94 7.75 -5.55
CA GLU C 308 34.08 8.21 -4.47
C GLU C 308 34.18 7.35 -3.23
N ILE C 309 34.92 6.24 -3.35
CA ILE C 309 35.10 5.32 -2.23
C ILE C 309 36.48 5.49 -1.60
N LEU C 310 36.50 5.55 -0.28
CA LEU C 310 37.74 5.73 0.47
C LEU C 310 38.14 4.47 1.23
N TRP C 311 39.43 4.18 1.22
CA TRP C 311 39.96 3.01 1.91
C TRP C 311 40.89 3.45 3.04
N GLY C 312 40.69 2.89 4.22
CA GLY C 312 41.54 3.23 5.35
C GLY C 312 40.91 4.07 6.45
N GLN C 313 39.93 4.90 6.11
CA GLN C 313 39.26 5.74 7.09
C GLN C 313 37.88 5.20 7.47
N ARG C 314 37.27 5.85 8.45
CA ARG C 314 35.96 5.44 8.95
C ARG C 314 35.04 6.63 9.22
N PHE C 315 33.76 6.34 9.48
CA PHE C 315 32.77 7.37 9.76
C PHE C 315 32.86 7.87 11.19
N VAL C 316 33.01 9.17 11.37
CA VAL C 316 33.09 9.78 12.69
C VAL C 316 31.76 9.70 13.44
N PRO C 317 31.79 9.31 14.73
CA PRO C 317 30.61 9.18 15.59
C PRO C 317 29.80 10.47 15.73
N ILE C 318 28.59 10.42 15.18
CA ILE C 318 27.64 11.54 15.17
C ILE C 318 26.84 11.69 16.46
N VAL C 319 26.45 10.56 17.04
CA VAL C 319 25.65 10.56 18.27
C VAL C 319 26.42 10.96 19.53
N ALA C 320 25.90 11.95 20.24
CA ALA C 320 26.51 12.44 21.48
C ALA C 320 25.43 12.49 22.54
N GLU C 321 25.70 11.92 23.71
CA GLU C 321 24.70 11.89 24.77
C GLU C 321 24.68 13.09 25.69
N GLU C 322 23.51 13.71 25.79
CA GLU C 322 23.32 14.87 26.63
C GLU C 322 22.38 14.54 27.77
N ASP C 323 22.07 15.56 28.56
CA ASP C 323 21.19 15.38 29.71
C ASP C 323 19.75 15.03 29.32
N GLY C 324 19.23 15.68 28.30
CA GLY C 324 17.86 15.42 27.90
C GLY C 324 17.69 14.28 26.91
N ARG C 325 18.44 14.33 25.81
CA ARG C 325 18.37 13.30 24.78
C ARG C 325 19.70 13.15 24.07
N TYR C 326 19.71 12.32 23.03
CA TYR C 326 20.92 12.06 22.25
C TYR C 326 20.94 12.96 21.02
N SER C 327 21.98 13.78 20.91
CA SER C 327 22.09 14.71 19.79
C SER C 327 22.99 14.22 18.67
N VAL C 328 22.61 14.56 17.44
CA VAL C 328 23.36 14.17 16.24
C VAL C 328 23.78 15.35 15.37
N ASP C 329 25.08 15.56 15.27
CA ASP C 329 25.64 16.66 14.49
C ASP C 329 25.91 16.23 13.04
N TYR C 330 25.31 16.97 12.10
CA TYR C 330 25.45 16.66 10.67
C TYR C 330 26.62 17.27 9.91
N SER C 331 27.53 17.92 10.62
CA SER C 331 28.68 18.51 9.97
C SER C 331 29.77 17.44 9.98
N LYS C 332 29.61 16.47 10.87
CA LYS C 332 30.55 15.37 11.03
C LYS C 332 30.13 14.23 10.11
N PHE C 333 28.96 14.38 9.52
CA PHE C 333 28.40 13.37 8.63
C PHE C 333 29.26 13.18 7.39
N GLY C 334 29.90 14.26 6.94
CA GLY C 334 30.76 14.20 5.78
C GLY C 334 32.21 14.21 6.16
N ASN C 335 32.50 13.79 7.39
CA ASN C 335 33.86 13.73 7.91
C ASN C 335 34.28 12.30 8.21
N THR C 336 35.51 11.97 7.84
CA THR C 336 36.05 10.63 8.06
C THR C 336 37.50 10.64 8.53
N VAL C 337 37.82 9.75 9.44
CA VAL C 337 39.16 9.65 10.01
C VAL C 337 39.89 8.35 9.69
N LYS C 338 41.16 8.51 9.32
CA LYS C 338 42.02 7.42 8.93
C LYS C 338 42.63 6.61 10.08
N VAL C 339 42.56 5.28 9.97
CA VAL C 339 43.11 4.37 10.95
C VAL C 339 43.90 3.27 10.22
N PRO C 340 44.91 2.69 10.88
CA PRO C 340 45.76 1.64 10.31
C PRO C 340 45.04 0.38 9.83
N THR C 341 45.03 0.19 8.52
CA THR C 341 44.40 -0.96 7.89
C THR C 341 45.35 -1.63 6.89
N PRO C 342 45.15 -2.94 6.65
CA PRO C 342 45.96 -3.74 5.73
C PRO C 342 45.82 -3.33 4.27
N LEU C 343 46.94 -3.39 3.55
CA LEU C 343 47.01 -3.02 2.14
C LEU C 343 46.88 -4.23 1.22
N CYS C 344 46.16 -5.25 1.67
CA CYS C 344 45.99 -6.45 0.85
C CYS C 344 44.53 -6.67 0.49
N THR C 345 44.30 -7.56 -0.47
CA THR C 345 42.95 -7.87 -0.93
C THR C 345 42.34 -8.96 -0.05
N ALA C 346 41.01 -8.99 -0.07
CA ALA C 346 40.25 -9.95 0.72
C ALA C 346 40.57 -11.42 0.43
N ARG C 347 41.01 -11.73 -0.78
CA ARG C 347 41.35 -13.12 -1.09
C ARG C 347 42.68 -13.38 -0.40
N GLN C 348 43.49 -12.34 -0.34
CA GLN C 348 44.79 -12.41 0.27
C GLN C 348 44.72 -12.36 1.78
N LEU C 349 43.70 -11.67 2.30
CA LEU C 349 43.49 -11.52 3.73
C LEU C 349 42.93 -12.77 4.38
N ASP C 350 42.17 -13.54 3.61
CA ASP C 350 41.58 -14.76 4.12
C ASP C 350 42.60 -15.87 3.91
N GLU C 351 43.49 -15.60 2.98
CA GLU C 351 44.55 -16.54 2.62
C GLU C 351 45.65 -16.43 3.65
N ASP C 352 45.81 -15.25 4.20
CA ASP C 352 46.84 -14.98 5.18
C ASP C 352 46.39 -15.50 6.55
N ARG C 353 45.09 -15.54 6.75
CA ARG C 353 44.50 -16.01 8.00
C ARG C 353 44.25 -17.52 7.97
N SER C 354 44.26 -18.11 6.78
CA SER C 354 44.03 -19.54 6.64
C SER C 354 45.36 -20.29 6.67
N LEU C 355 46.44 -19.53 6.58
CA LEU C 355 47.79 -20.04 6.57
C LEU C 355 48.36 -19.85 7.97
N LEU C 356 47.74 -18.93 8.70
CA LEU C 356 48.14 -18.58 10.06
C LEU C 356 47.54 -19.56 11.06
N CYS D 14 -22.96 42.55 -36.53
CA CYS D 14 -23.65 42.45 -37.82
C CYS D 14 -24.72 43.52 -37.93
N GLY D 15 -25.10 44.10 -36.79
CA GLY D 15 -26.15 45.11 -36.81
C GLY D 15 -25.69 46.56 -36.84
N THR D 16 -26.33 47.36 -37.69
CA THR D 16 -26.00 48.77 -37.77
C THR D 16 -27.18 49.57 -37.22
N GLU D 17 -28.36 49.46 -37.84
CA GLU D 17 -29.53 50.14 -37.30
C GLU D 17 -30.65 49.16 -36.93
N ASN D 18 -31.28 48.55 -37.93
CA ASN D 18 -32.38 47.58 -37.73
C ASN D 18 -32.22 46.16 -38.32
N HIS D 19 -30.98 45.79 -38.64
CA HIS D 19 -30.69 44.52 -39.28
C HIS D 19 -31.10 43.27 -38.50
N SER D 20 -30.87 43.24 -37.20
CA SER D 20 -31.22 42.05 -36.43
C SER D 20 -32.72 41.79 -36.50
N ALA D 21 -33.53 42.84 -36.34
CA ALA D 21 -34.97 42.71 -36.40
C ALA D 21 -35.41 42.24 -37.78
N ALA D 22 -34.76 42.81 -38.80
CA ALA D 22 -35.12 42.40 -40.15
C ALA D 22 -34.86 40.91 -40.35
N TYR D 23 -33.71 40.44 -39.88
CA TYR D 23 -33.33 39.03 -40.00
C TYR D 23 -34.31 38.14 -39.25
N ARG D 24 -34.72 38.59 -38.07
CA ARG D 24 -35.65 37.88 -37.22
C ARG D 24 -37.02 37.69 -37.86
N VAL D 25 -37.52 38.68 -38.61
CA VAL D 25 -38.87 38.54 -39.19
C VAL D 25 -39.17 37.39 -40.20
N ASP D 26 -38.21 37.11 -41.07
CA ASP D 26 -38.27 36.15 -42.16
C ASP D 26 -38.00 34.73 -41.66
N GLN D 27 -38.76 33.76 -42.18
CA GLN D 27 -38.63 32.36 -41.79
C GLN D 27 -37.35 31.71 -42.31
N GLY D 28 -36.85 30.72 -41.58
CA GLY D 28 -35.64 30.03 -41.98
C GLY D 28 -34.39 30.87 -41.78
N VAL D 29 -34.31 31.54 -40.64
CA VAL D 29 -33.19 32.40 -40.30
C VAL D 29 -33.01 33.44 -41.39
N LEU D 30 -34.12 33.86 -41.98
CA LEU D 30 -34.14 34.86 -43.03
C LEU D 30 -33.18 34.52 -44.17
N ASN D 31 -33.24 33.27 -44.62
CA ASN D 31 -32.38 32.82 -45.70
C ASN D 31 -30.90 33.04 -45.36
N ASN D 32 -30.60 32.99 -44.06
CA ASN D 32 -29.25 33.14 -43.55
C ASN D 32 -28.53 34.47 -43.84
N GLY D 33 -29.12 35.60 -43.42
CA GLY D 33 -28.43 36.86 -43.68
C GLY D 33 -27.11 36.96 -42.92
N CYS D 34 -27.17 36.87 -41.60
CA CYS D 34 -25.97 36.93 -40.78
C CYS D 34 -25.76 35.58 -40.11
N PHE D 35 -26.78 34.73 -40.22
CA PHE D 35 -26.75 33.39 -39.63
C PHE D 35 -25.83 32.43 -40.35
N VAL D 36 -25.69 32.59 -41.66
CA VAL D 36 -24.83 31.71 -42.45
C VAL D 36 -23.37 31.92 -42.05
N ASP D 37 -23.07 33.10 -41.53
CA ASP D 37 -21.72 33.44 -41.11
C ASP D 37 -21.48 32.96 -39.69
N ALA D 38 -22.50 33.10 -38.85
CA ALA D 38 -22.41 32.69 -37.45
C ALA D 38 -22.39 31.17 -37.34
N LEU D 39 -23.00 30.50 -38.32
CA LEU D 39 -23.06 29.05 -38.34
C LEU D 39 -21.68 28.44 -38.54
N ASN D 40 -20.89 29.05 -39.40
CA ASN D 40 -19.53 28.60 -39.69
C ASN D 40 -18.59 28.67 -38.49
N VAL D 41 -18.75 29.73 -37.70
CA VAL D 41 -17.90 30.00 -36.54
C VAL D 41 -17.93 28.97 -35.41
N VAL D 42 -19.08 28.38 -35.13
CA VAL D 42 -19.17 27.43 -34.02
C VAL D 42 -18.27 26.20 -34.17
N PRO D 43 -18.20 25.65 -35.37
CA PRO D 43 -17.35 24.48 -35.61
C PRO D 43 -15.88 24.81 -35.39
N HIS D 44 -15.45 25.99 -35.83
CA HIS D 44 -14.06 26.39 -35.67
C HIS D 44 -13.72 26.50 -34.19
N VAL D 45 -14.63 27.08 -33.42
CA VAL D 45 -14.43 27.23 -31.98
C VAL D 45 -14.34 25.85 -31.32
N PHE D 46 -15.20 24.95 -31.76
CA PHE D 46 -15.22 23.59 -31.22
C PHE D 46 -13.92 22.87 -31.54
N LEU D 47 -13.42 23.09 -32.74
CA LEU D 47 -12.18 22.46 -33.18
C LEU D 47 -10.96 23.06 -32.48
N LEU D 48 -11.14 24.25 -31.92
CA LEU D 48 -10.04 24.92 -31.23
C LEU D 48 -10.13 24.78 -29.71
N PHE D 49 -11.32 24.44 -29.22
CA PHE D 49 -11.53 24.29 -27.79
C PHE D 49 -11.22 22.88 -27.31
N ILE D 50 -11.39 21.92 -28.21
CA ILE D 50 -11.02 20.53 -27.98
C ILE D 50 -9.51 20.35 -27.97
N THR D 51 -8.88 21.06 -28.91
CA THR D 51 -7.44 21.02 -29.18
C THR D 51 -6.43 21.47 -28.11
N PHE D 52 -6.78 22.51 -27.36
CA PHE D 52 -5.85 23.05 -26.37
C PHE D 52 -5.41 22.03 -25.33
N PRO D 53 -6.35 21.22 -24.86
CA PRO D 53 -6.04 20.19 -23.86
C PRO D 53 -5.04 19.15 -24.36
N ILE D 54 -5.17 18.75 -25.62
CA ILE D 54 -4.30 17.74 -26.21
C ILE D 54 -3.00 18.32 -26.75
N LEU D 55 -3.11 19.54 -27.27
CA LEU D 55 -1.94 20.26 -27.77
C LEU D 55 -1.03 20.75 -26.65
N PHE D 56 -1.63 21.33 -25.62
CA PHE D 56 -0.91 21.86 -24.47
C PHE D 56 -0.20 20.80 -23.65
N ILE D 57 -0.89 19.68 -23.43
CA ILE D 57 -0.35 18.58 -22.66
C ILE D 57 0.86 17.98 -23.35
N GLY D 58 0.79 17.89 -24.67
CA GLY D 58 1.87 17.29 -25.44
C GLY D 58 3.01 18.28 -25.53
N TRP D 59 2.70 19.52 -25.16
CA TRP D 59 3.68 20.61 -25.17
C TRP D 59 4.41 20.60 -23.83
N GLY D 60 3.70 20.17 -22.79
CA GLY D 60 4.29 20.12 -21.46
C GLY D 60 5.00 18.83 -21.13
N SER D 61 4.42 17.71 -21.53
CA SER D 61 5.03 16.41 -21.25
C SER D 61 6.32 16.18 -22.02
N GLN D 62 6.55 16.98 -23.06
CA GLN D 62 7.75 16.86 -23.87
C GLN D 62 8.78 17.92 -23.48
N SER D 63 8.45 18.68 -22.44
CA SER D 63 9.32 19.75 -21.95
C SER D 63 9.94 19.45 -20.59
N SER D 64 9.29 18.59 -19.80
CA SER D 64 9.79 18.25 -18.47
C SER D 64 10.34 16.83 -18.38
N LYS D 65 9.56 15.85 -18.83
CA LYS D 65 9.99 14.44 -18.79
C LYS D 65 9.40 13.65 -19.95
N VAL D 66 10.20 13.48 -21.00
CA VAL D 66 9.77 12.73 -22.19
C VAL D 66 10.91 11.90 -22.74
N HIS D 67 10.59 10.75 -23.32
CA HIS D 67 11.59 9.87 -23.88
C HIS D 67 11.53 9.87 -25.40
N ILE D 68 10.53 10.52 -25.96
CA ILE D 68 10.35 10.59 -27.41
C ILE D 68 11.07 11.79 -28.00
N HIS D 69 12.15 12.21 -27.33
CA HIS D 69 12.92 13.35 -27.77
C HIS D 69 14.13 12.92 -28.61
N HIS D 70 14.19 11.62 -28.93
CA HIS D 70 15.31 11.11 -29.71
C HIS D 70 14.98 10.65 -31.13
N SER D 71 14.02 9.74 -31.29
CA SER D 71 13.66 9.25 -32.63
C SER D 71 12.23 8.74 -32.77
N THR D 72 11.37 9.48 -33.48
CA THR D 72 9.99 9.06 -33.67
C THR D 72 9.36 9.62 -34.96
N TRP D 73 8.89 8.73 -35.82
CA TRP D 73 8.23 9.16 -37.06
C TRP D 73 7.22 8.16 -37.61
N LEU D 74 6.12 8.66 -38.16
CA LEU D 74 5.06 7.83 -38.74
C LEU D 74 4.43 8.48 -39.96
N HIS D 75 4.04 7.65 -40.92
CA HIS D 75 3.43 8.15 -42.17
C HIS D 75 1.94 7.82 -42.28
N PHE D 76 1.22 8.67 -43.00
CA PHE D 76 -0.22 8.51 -43.22
C PHE D 76 -0.55 8.76 -44.70
N PRO D 77 -1.47 7.96 -45.26
CA PRO D 77 -1.94 8.02 -46.65
C PRO D 77 -2.59 9.38 -46.97
N GLY D 78 -1.93 10.15 -47.83
CA GLY D 78 -2.45 11.45 -48.20
C GLY D 78 -1.68 12.55 -47.49
N HIS D 79 -0.38 12.32 -47.30
CA HIS D 79 0.45 13.30 -46.62
C HIS D 79 0.71 14.53 -47.48
N ASN D 80 0.98 14.30 -48.75
CA ASN D 80 1.25 15.39 -49.69
C ASN D 80 -0.01 16.14 -50.12
N LEU D 81 -1.17 15.50 -49.93
CA LEU D 81 -2.44 16.12 -50.29
C LEU D 81 -3.00 16.83 -49.08
N ARG D 82 -2.42 16.55 -47.93
CA ARG D 82 -2.85 17.15 -46.67
C ARG D 82 -2.11 18.47 -46.48
N TRP D 83 -0.89 18.53 -47.03
CA TRP D 83 -0.09 19.74 -46.94
C TRP D 83 -0.53 20.69 -48.03
N ILE D 84 -0.91 20.12 -49.18
CA ILE D 84 -1.35 20.91 -50.31
C ILE D 84 -2.72 21.51 -50.05
N LEU D 85 -3.47 20.91 -49.13
CA LEU D 85 -4.79 21.39 -48.78
C LEU D 85 -4.69 22.35 -47.60
N THR D 86 -3.55 22.27 -46.91
CA THR D 86 -3.30 23.12 -45.75
C THR D 86 -2.67 24.43 -46.23
N PHE D 87 -2.09 24.37 -47.42
CA PHE D 87 -1.45 25.53 -48.03
C PHE D 87 -2.46 26.28 -48.89
N ILE D 88 -3.35 25.52 -49.53
CA ILE D 88 -4.38 26.10 -50.39
C ILE D 88 -5.50 26.71 -49.56
N LEU D 89 -5.60 26.28 -48.31
CA LEU D 89 -6.62 26.80 -47.40
C LEU D 89 -6.10 28.08 -46.77
N LEU D 90 -4.79 28.30 -46.94
CA LEU D 90 -4.12 29.49 -46.42
C LEU D 90 -4.35 30.60 -47.42
N PHE D 91 -4.28 30.24 -48.70
CA PHE D 91 -4.49 31.17 -49.80
C PHE D 91 -5.95 31.57 -49.86
N VAL D 92 -6.81 30.69 -49.37
CA VAL D 92 -8.25 30.93 -49.36
C VAL D 92 -8.66 31.67 -48.10
N LEU D 93 -7.81 31.66 -47.09
CA LEU D 93 -8.09 32.35 -45.84
C LEU D 93 -7.61 33.80 -45.95
N VAL D 94 -6.54 33.97 -46.72
CA VAL D 94 -6.01 35.30 -46.99
C VAL D 94 -7.01 36.03 -47.88
N CYS D 95 -7.52 35.30 -48.86
CA CYS D 95 -8.49 35.83 -49.82
C CYS D 95 -9.83 36.23 -49.22
N GLU D 96 -10.34 35.41 -48.31
CA GLU D 96 -11.63 35.71 -47.69
C GLU D 96 -11.54 37.00 -46.89
N ILE D 97 -10.47 37.12 -46.12
CA ILE D 97 -10.19 38.28 -45.30
C ILE D 97 -9.97 39.54 -46.14
N ALA D 98 -9.29 39.36 -47.28
CA ALA D 98 -9.00 40.48 -48.17
C ALA D 98 -10.29 41.10 -48.70
N GLU D 99 -11.20 40.23 -49.11
CA GLU D 99 -12.53 40.64 -49.57
C GLU D 99 -13.28 41.26 -48.39
N GLY D 100 -13.09 40.65 -47.22
CA GLY D 100 -13.73 41.08 -45.99
C GLY D 100 -13.32 42.48 -45.58
N ILE D 101 -12.05 42.81 -45.78
CA ILE D 101 -11.55 44.13 -45.43
C ILE D 101 -12.27 45.21 -46.23
N LEU D 102 -12.49 44.95 -47.52
CA LEU D 102 -13.16 45.90 -48.38
C LEU D 102 -14.59 46.18 -47.92
N SER D 103 -15.29 45.14 -47.52
CA SER D 103 -16.67 45.28 -47.06
C SER D 103 -16.76 46.13 -45.80
N ASP D 104 -15.83 45.92 -44.88
CA ASP D 104 -15.81 46.66 -43.62
C ASP D 104 -15.61 48.15 -43.83
N GLY D 105 -14.72 48.51 -44.76
CA GLY D 105 -14.41 49.89 -45.05
C GLY D 105 -15.58 50.72 -45.55
N VAL D 106 -16.39 50.14 -46.43
CA VAL D 106 -17.52 50.87 -46.99
C VAL D 106 -17.72 52.18 -46.24
N THR D 107 -17.12 52.25 -45.05
CA THR D 107 -17.18 53.44 -44.20
C THR D 107 -18.56 53.93 -43.75
N GLU D 108 -19.51 53.02 -43.58
CA GLU D 108 -20.84 53.44 -43.12
C GLU D 108 -21.05 52.93 -41.70
N SER D 109 -20.90 51.62 -41.53
CA SER D 109 -21.02 50.96 -40.25
C SER D 109 -20.14 49.74 -40.33
N ARG D 110 -19.50 49.39 -39.21
CA ARG D 110 -18.61 48.23 -39.19
C ARG D 110 -19.36 46.95 -38.80
N HIS D 111 -19.59 46.09 -39.78
CA HIS D 111 -20.29 44.83 -39.55
C HIS D 111 -19.28 43.80 -39.06
N LEU D 112 -19.35 43.46 -37.78
CA LEU D 112 -18.43 42.50 -37.18
C LEU D 112 -18.61 41.05 -37.62
N HIS D 113 -19.85 40.67 -37.92
CA HIS D 113 -20.13 39.29 -38.33
C HIS D 113 -19.99 39.04 -39.82
N LEU D 114 -19.22 39.89 -40.51
CA LEU D 114 -19.03 39.74 -41.94
C LEU D 114 -17.67 39.15 -42.29
N TYR D 115 -16.66 39.48 -41.49
CA TYR D 115 -15.30 39.00 -41.70
C TYR D 115 -14.81 38.04 -40.61
N MET D 116 -15.68 37.71 -39.67
CA MET D 116 -15.31 36.81 -38.58
C MET D 116 -15.09 35.35 -38.98
N PRO D 117 -15.91 34.82 -39.90
CA PRO D 117 -15.76 33.43 -40.33
C PRO D 117 -14.40 33.12 -40.97
N ALA D 118 -13.74 34.15 -41.47
CA ALA D 118 -12.44 33.98 -42.12
C ALA D 118 -11.28 33.98 -41.13
N GLY D 119 -11.47 34.67 -40.01
CA GLY D 119 -10.43 34.75 -39.01
C GLY D 119 -10.42 33.54 -38.09
N MET D 120 -11.59 32.92 -37.93
CA MET D 120 -11.69 31.70 -37.12
C MET D 120 -10.99 30.55 -37.83
N ALA D 121 -11.16 30.51 -39.15
CA ALA D 121 -10.62 29.46 -40.00
C ALA D 121 -9.09 29.40 -40.01
N PHE D 122 -8.44 30.55 -40.03
CA PHE D 122 -6.99 30.55 -40.04
C PHE D 122 -6.45 29.88 -38.79
N MET D 123 -7.03 30.20 -37.64
CA MET D 123 -6.63 29.59 -36.39
C MET D 123 -6.94 28.09 -36.41
N ALA D 124 -8.12 27.75 -36.92
CA ALA D 124 -8.56 26.35 -37.00
C ALA D 124 -7.72 25.47 -37.92
N ALA D 125 -7.34 26.02 -39.07
CA ALA D 125 -6.57 25.31 -40.08
C ALA D 125 -5.15 25.18 -39.56
N ILE D 126 -4.77 26.11 -38.69
CA ILE D 126 -3.45 26.12 -38.11
C ILE D 126 -3.45 25.13 -36.96
N THR D 127 -4.63 24.89 -36.41
CA THR D 127 -4.80 23.96 -35.30
C THR D 127 -4.92 22.56 -35.87
N SER D 128 -5.31 22.47 -37.13
CA SER D 128 -5.47 21.20 -37.82
C SER D 128 -4.09 20.68 -38.21
N VAL D 129 -3.15 21.59 -38.37
CA VAL D 129 -1.79 21.25 -38.76
C VAL D 129 -1.02 20.74 -37.54
N VAL D 130 -1.48 21.16 -36.36
CA VAL D 130 -0.86 20.75 -35.10
C VAL D 130 -1.46 19.42 -34.66
N TYR D 131 -2.62 19.09 -35.22
CA TYR D 131 -3.32 17.86 -34.92
C TYR D 131 -2.71 16.73 -35.75
N TYR D 132 -2.21 17.14 -36.91
CA TYR D 132 -1.57 16.24 -37.87
C TYR D 132 -0.16 15.93 -37.41
N HIS D 133 0.40 16.85 -36.64
CA HIS D 133 1.74 16.68 -36.12
C HIS D 133 1.67 15.88 -34.84
N ASN D 134 0.55 16.00 -34.13
CA ASN D 134 0.35 15.27 -32.89
C ASN D 134 -0.09 13.86 -33.24
N ILE D 135 -0.61 13.70 -34.44
CA ILE D 135 -1.07 12.41 -34.92
C ILE D 135 0.10 11.69 -35.59
N GLU D 136 1.03 12.47 -36.12
CA GLU D 136 2.19 11.91 -36.79
C GLU D 136 3.21 11.43 -35.75
N THR D 137 2.96 11.79 -34.49
CA THR D 137 3.82 11.42 -33.37
C THR D 137 3.24 10.20 -32.69
N SER D 138 1.93 10.26 -32.48
CA SER D 138 1.18 9.18 -31.85
C SER D 138 0.05 8.83 -32.80
N ASN D 139 0.04 7.58 -33.25
CA ASN D 139 -0.95 7.08 -34.19
C ASN D 139 -2.25 6.62 -33.55
N PHE D 140 -3.29 7.44 -33.71
CA PHE D 140 -4.61 7.13 -33.17
C PHE D 140 -5.61 7.77 -34.12
N PRO D 141 -6.76 7.11 -34.33
CA PRO D 141 -7.84 7.57 -35.22
C PRO D 141 -8.81 8.55 -34.57
N LYS D 142 -8.66 8.78 -33.27
CA LYS D 142 -9.54 9.67 -32.54
C LYS D 142 -9.44 11.12 -33.00
N LEU D 143 -8.31 11.48 -33.59
CA LEU D 143 -8.09 12.83 -34.07
C LEU D 143 -8.69 13.02 -35.45
N LEU D 144 -8.59 11.99 -36.28
CA LEU D 144 -9.12 12.04 -37.64
C LEU D 144 -10.64 11.98 -37.60
N ILE D 145 -11.18 11.61 -36.44
CA ILE D 145 -12.62 11.52 -36.28
C ILE D 145 -13.17 12.87 -35.82
N ALA D 146 -12.30 13.65 -35.16
CA ALA D 146 -12.67 14.96 -34.66
C ALA D 146 -12.47 16.00 -35.75
N LEU D 147 -11.66 15.65 -36.72
CA LEU D 147 -11.37 16.51 -37.86
C LEU D 147 -12.46 16.28 -38.88
N LEU D 148 -12.83 15.01 -39.01
CA LEU D 148 -13.88 14.59 -39.93
C LEU D 148 -15.19 15.21 -39.47
N ILE D 149 -15.32 15.39 -38.16
CA ILE D 149 -16.51 15.99 -37.58
C ILE D 149 -16.53 17.47 -37.93
N TYR D 150 -15.35 18.03 -38.17
CA TYR D 150 -15.22 19.44 -38.53
C TYR D 150 -15.41 19.63 -40.03
N TRP D 151 -14.72 18.80 -40.81
CA TRP D 151 -14.80 18.86 -42.27
C TRP D 151 -16.23 18.70 -42.77
N THR D 152 -17.03 17.96 -42.01
CA THR D 152 -18.42 17.72 -42.36
C THR D 152 -19.32 18.89 -41.96
N LEU D 153 -19.01 19.54 -40.85
CA LEU D 153 -19.80 20.68 -40.41
C LEU D 153 -19.43 21.91 -41.24
N ALA D 154 -18.20 21.93 -41.73
CA ALA D 154 -17.72 23.03 -42.55
C ALA D 154 -18.25 22.86 -43.96
N PHE D 155 -18.53 21.62 -44.31
CA PHE D 155 -19.08 21.29 -45.63
C PHE D 155 -20.53 21.75 -45.71
N ILE D 156 -21.25 21.60 -44.60
CA ILE D 156 -22.65 21.98 -44.52
C ILE D 156 -22.88 23.49 -44.46
N THR D 157 -21.85 24.22 -44.01
CA THR D 157 -21.93 25.67 -43.91
C THR D 157 -21.67 26.33 -45.25
N LYS D 158 -20.92 25.62 -46.09
CA LYS D 158 -20.59 26.06 -47.44
C LYS D 158 -21.86 26.07 -48.27
N THR D 159 -22.69 25.05 -48.04
CA THR D 159 -23.95 24.89 -48.76
C THR D 159 -24.90 26.04 -48.50
N ILE D 160 -24.94 26.51 -47.25
CA ILE D 160 -25.81 27.61 -46.90
C ILE D 160 -25.41 28.85 -47.69
N LYS D 161 -24.12 29.14 -47.75
CA LYS D 161 -23.68 30.32 -48.48
C LYS D 161 -24.07 30.19 -49.95
N PHE D 162 -23.85 29.01 -50.51
CA PHE D 162 -24.21 28.77 -51.90
C PHE D 162 -25.72 28.84 -52.05
N VAL D 163 -26.43 28.24 -51.09
CA VAL D 163 -27.88 28.22 -51.12
C VAL D 163 -28.44 29.63 -51.01
N LYS D 164 -27.85 30.43 -50.13
CA LYS D 164 -28.28 31.81 -49.95
C LYS D 164 -28.05 32.59 -51.23
N PHE D 165 -26.86 32.37 -51.80
CA PHE D 165 -26.37 33.03 -53.01
C PHE D 165 -27.13 32.78 -54.31
N TYR D 166 -27.62 31.56 -54.50
CA TYR D 166 -28.31 31.24 -55.75
C TYR D 166 -29.54 32.14 -55.92
N ASP D 167 -30.30 32.32 -54.84
CA ASP D 167 -31.45 33.20 -54.87
C ASP D 167 -30.94 34.62 -55.11
N HIS D 168 -29.82 34.92 -54.46
CA HIS D 168 -29.19 36.24 -54.52
C HIS D 168 -27.97 36.01 -55.40
N ALA D 169 -28.24 35.76 -56.68
CA ALA D 169 -27.18 35.46 -57.65
C ALA D 169 -26.60 36.64 -58.42
N ILE D 170 -25.27 36.64 -58.52
CA ILE D 170 -24.53 37.66 -59.24
C ILE D 170 -23.90 37.02 -60.48
N GLY D 171 -23.25 35.88 -60.25
CA GLY D 171 -22.60 35.15 -61.33
C GLY D 171 -21.10 35.15 -61.13
N PHE D 172 -20.40 35.97 -61.89
CA PHE D 172 -18.94 36.06 -61.78
C PHE D 172 -18.52 37.39 -61.19
N SER D 173 -19.49 38.27 -60.95
CA SER D 173 -19.21 39.60 -60.41
C SER D 173 -19.20 39.65 -58.88
N GLN D 174 -19.06 38.50 -58.24
CA GLN D 174 -19.04 38.43 -56.78
C GLN D 174 -17.72 37.85 -56.27
N LEU D 175 -17.10 38.55 -55.33
CA LEU D 175 -15.83 38.11 -54.74
C LEU D 175 -16.04 37.21 -53.53
N ARG D 176 -17.21 37.31 -52.92
CA ARG D 176 -17.53 36.44 -51.80
C ARG D 176 -17.63 35.01 -52.33
N PHE D 177 -18.27 34.89 -53.49
CA PHE D 177 -18.51 33.63 -54.17
C PHE D 177 -17.20 32.95 -54.58
N CYS D 178 -16.24 33.74 -55.05
CA CYS D 178 -14.97 33.19 -55.47
C CYS D 178 -14.26 32.55 -54.28
N LEU D 179 -14.30 33.23 -53.14
CA LEU D 179 -13.69 32.71 -51.93
C LEU D 179 -14.41 31.43 -51.50
N THR D 180 -15.74 31.47 -51.57
CA THR D 180 -16.55 30.33 -51.20
C THR D 180 -16.30 29.15 -52.12
N GLY D 181 -16.18 29.42 -53.42
CA GLY D 181 -15.94 28.37 -54.39
C GLY D 181 -14.62 27.67 -54.15
N LEU D 182 -13.59 28.44 -53.85
CA LEU D 182 -12.27 27.88 -53.57
C LEU D 182 -12.33 27.00 -52.33
N LEU D 183 -13.04 27.50 -51.32
CA LEU D 183 -13.23 26.81 -50.05
C LEU D 183 -13.97 25.49 -50.22
N VAL D 184 -14.95 25.49 -51.12
CA VAL D 184 -15.76 24.30 -51.37
C VAL D 184 -14.91 23.14 -51.88
N ILE D 185 -13.94 23.45 -52.74
CA ILE D 185 -13.05 22.43 -53.28
C ILE D 185 -12.24 21.77 -52.16
N LEU D 186 -11.84 22.56 -51.16
CA LEU D 186 -11.07 22.01 -50.06
C LEU D 186 -11.86 20.94 -49.31
N TYR D 187 -13.14 21.20 -49.10
CA TYR D 187 -13.99 20.24 -48.40
C TYR D 187 -14.09 18.94 -49.18
N GLY D 188 -14.23 19.07 -50.50
CA GLY D 188 -14.32 17.92 -51.38
C GLY D 188 -13.03 17.11 -51.34
N MET D 189 -11.91 17.84 -51.38
CA MET D 189 -10.57 17.27 -51.28
C MET D 189 -10.35 16.66 -49.89
N LEU D 190 -10.92 17.33 -48.89
CA LEU D 190 -10.81 16.95 -47.49
C LEU D 190 -11.35 15.57 -47.17
N LEU D 191 -12.37 15.11 -47.90
CA LEU D 191 -12.95 13.79 -47.61
C LEU D 191 -12.00 12.57 -47.73
N LEU D 192 -11.15 12.59 -48.75
CA LEU D 192 -10.25 11.47 -49.00
C LEU D 192 -9.32 11.22 -47.82
N VAL D 193 -8.84 12.30 -47.22
CA VAL D 193 -7.95 12.22 -46.07
C VAL D 193 -8.67 11.50 -44.93
N GLU D 194 -9.97 11.79 -44.80
CA GLU D 194 -10.84 11.19 -43.80
C GLU D 194 -11.25 9.73 -44.09
N VAL D 195 -11.00 9.28 -45.32
CA VAL D 195 -11.35 7.95 -45.79
C VAL D 195 -10.23 6.92 -45.61
N ASN D 196 -9.22 7.26 -44.81
CA ASN D 196 -8.10 6.35 -44.61
C ASN D 196 -8.57 4.99 -44.11
N VAL D 197 -7.96 3.95 -44.68
CA VAL D 197 -8.32 2.55 -44.40
C VAL D 197 -7.53 2.05 -43.19
N ILE D 198 -6.50 2.79 -42.81
CA ILE D 198 -5.67 2.42 -41.67
C ILE D 198 -6.23 2.89 -40.34
N ARG D 199 -7.40 3.54 -40.38
CA ARG D 199 -8.05 4.04 -39.17
C ARG D 199 -9.05 2.98 -38.68
N VAL D 200 -8.86 2.54 -37.44
CA VAL D 200 -9.72 1.52 -36.85
C VAL D 200 -10.79 2.03 -35.88
N ARG D 201 -11.28 3.24 -36.13
CA ARG D 201 -12.29 3.84 -35.26
C ARG D 201 -13.70 3.32 -35.47
N ARG D 202 -13.93 2.62 -36.58
CA ARG D 202 -15.26 2.08 -36.90
C ARG D 202 -15.58 0.77 -36.19
N TYR D 203 -16.84 0.39 -36.23
CA TYR D 203 -17.32 -0.85 -35.61
C TYR D 203 -16.78 -2.07 -36.35
N ILE D 204 -16.52 -1.91 -37.64
CA ILE D 204 -15.99 -2.98 -38.48
C ILE D 204 -14.48 -3.13 -38.33
N PHE D 205 -13.96 -4.32 -38.65
CA PHE D 205 -12.54 -4.63 -38.53
C PHE D 205 -11.91 -4.14 -37.21
N PHE D 206 -12.45 -4.62 -36.09
CA PHE D 206 -12.00 -4.23 -34.75
C PHE D 206 -10.51 -4.41 -34.47
N LYS D 207 -9.80 -5.06 -35.39
CA LYS D 207 -8.36 -5.27 -35.24
C LYS D 207 -7.63 -4.23 -36.09
N THR D 208 -6.30 -4.20 -35.99
CA THR D 208 -5.52 -3.26 -36.78
C THR D 208 -5.47 -3.71 -38.24
N PRO D 209 -6.05 -2.91 -39.14
CA PRO D 209 -6.09 -3.19 -40.58
C PRO D 209 -4.72 -3.25 -41.23
N ARG D 210 -3.74 -2.60 -40.61
CA ARG D 210 -2.37 -2.55 -41.12
C ARG D 210 -1.35 -2.76 -40.01
N GLU D 211 -0.72 -3.94 -40.01
CA GLU D 211 0.27 -4.29 -39.00
C GLU D 211 1.70 -3.99 -39.40
N VAL D 212 1.90 -3.68 -40.68
CA VAL D 212 3.24 -3.39 -41.18
C VAL D 212 3.48 -1.90 -41.28
N LYS D 213 2.48 -1.12 -40.87
CA LYS D 213 2.58 0.34 -40.92
C LYS D 213 3.39 0.94 -39.78
N PRO D 214 3.23 0.42 -38.55
CA PRO D 214 3.97 0.94 -37.39
C PRO D 214 5.48 0.91 -37.56
N PRO D 215 6.05 -0.24 -37.97
CA PRO D 215 7.51 -0.33 -38.15
C PRO D 215 7.96 0.31 -39.46
N GLU D 216 8.81 1.34 -39.36
CA GLU D 216 9.30 2.04 -40.55
C GLU D 216 10.77 1.69 -40.84
N ASP D 217 11.13 1.65 -42.11
CA ASP D 217 12.51 1.40 -42.50
C ASP D 217 13.41 2.55 -42.05
N LEU D 218 12.86 3.76 -42.22
CA LEU D 218 13.57 4.98 -41.89
C LEU D 218 13.94 5.11 -40.41
N GLN D 219 13.03 4.73 -39.52
CA GLN D 219 13.31 4.81 -38.10
C GLN D 219 14.49 3.89 -37.74
N ASP D 220 14.48 2.69 -38.32
CA ASP D 220 15.54 1.73 -38.08
C ASP D 220 16.85 2.28 -38.62
N LEU D 221 16.79 3.04 -39.70
CA LEU D 221 17.99 3.71 -40.20
C LEU D 221 18.45 4.69 -39.10
N GLY D 222 17.50 5.49 -38.61
CA GLY D 222 17.67 6.47 -37.55
C GLY D 222 18.00 6.06 -36.11
N VAL D 223 17.49 4.91 -35.66
CA VAL D 223 17.67 4.43 -34.30
C VAL D 223 19.15 4.20 -34.00
N ARG D 224 19.86 3.65 -34.98
CA ARG D 224 21.30 3.43 -34.88
C ARG D 224 22.08 4.65 -35.45
N PHE D 225 21.34 5.68 -35.86
CA PHE D 225 21.89 6.88 -36.45
C PHE D 225 22.08 8.05 -35.49
N LEU D 226 23.30 8.56 -35.43
CA LEU D 226 23.60 9.73 -34.61
C LEU D 226 22.83 10.93 -35.16
N GLN D 227 22.77 11.01 -36.49
CA GLN D 227 22.05 12.05 -37.21
C GLN D 227 21.21 11.33 -38.24
N PRO D 228 19.89 11.36 -38.07
CA PRO D 228 18.99 10.64 -38.99
C PRO D 228 19.03 11.11 -40.44
N PHE D 229 19.03 12.42 -40.68
CA PHE D 229 19.08 12.96 -42.04
C PHE D 229 18.03 12.34 -42.97
N VAL D 230 16.80 12.25 -42.50
CA VAL D 230 15.73 11.63 -43.29
C VAL D 230 14.87 12.63 -44.06
N ASN D 231 14.69 12.36 -45.35
CA ASN D 231 13.89 13.22 -46.22
C ASN D 231 12.43 13.30 -45.78
N LEU D 232 11.90 12.19 -45.27
CA LEU D 232 10.52 12.12 -44.78
C LEU D 232 10.23 13.03 -43.59
N LEU D 233 10.33 14.34 -43.81
CA LEU D 233 10.07 15.36 -42.79
C LEU D 233 9.17 16.49 -43.29
N SER D 234 9.08 17.56 -42.52
CA SER D 234 8.25 18.72 -42.86
C SER D 234 8.63 19.35 -44.21
N LYS D 235 9.80 18.98 -44.71
CA LYS D 235 10.30 19.47 -45.98
C LYS D 235 10.49 20.99 -46.02
N GLY D 236 10.69 21.59 -44.85
CA GLY D 236 10.89 23.03 -44.81
C GLY D 236 12.33 23.43 -44.58
N THR D 237 13.22 22.45 -44.43
CA THR D 237 14.63 22.74 -44.17
C THR D 237 14.71 23.48 -42.84
N TYR D 238 13.93 23.00 -41.88
CA TYR D 238 13.85 23.56 -40.54
C TYR D 238 14.48 22.65 -39.49
N TRP D 239 14.28 21.34 -39.64
CA TRP D 239 14.87 20.39 -38.70
C TRP D 239 16.26 19.95 -39.16
N TRP D 240 16.54 20.06 -40.46
CA TRP D 240 17.83 19.66 -41.00
C TRP D 240 18.89 20.62 -40.52
N MET D 241 18.43 21.78 -40.06
CA MET D 241 19.31 22.83 -39.58
C MET D 241 19.29 23.01 -38.06
N ASN D 242 18.27 22.49 -37.40
CA ASN D 242 18.16 22.63 -35.95
C ASN D 242 18.90 21.53 -35.20
N ALA D 243 19.23 20.46 -35.92
CA ALA D 243 19.93 19.33 -35.33
C ALA D 243 21.44 19.56 -35.38
N PHE D 244 21.89 20.09 -36.51
CA PHE D 244 23.28 20.51 -36.67
C PHE D 244 23.50 21.79 -35.86
N ILE D 245 22.48 22.65 -35.92
CA ILE D 245 22.48 23.97 -35.29
C ILE D 245 22.58 23.96 -33.77
N LYS D 246 21.89 23.06 -33.08
CA LYS D 246 21.97 23.03 -31.64
C LYS D 246 23.40 22.72 -31.20
N THR D 247 24.00 21.76 -31.88
CA THR D 247 25.37 21.36 -31.59
C THR D 247 26.30 22.52 -31.89
N ALA D 248 26.06 23.21 -33.00
CA ALA D 248 26.90 24.35 -33.36
C ALA D 248 26.81 25.45 -32.30
N HIS D 249 25.61 25.69 -31.80
CA HIS D 249 25.36 26.69 -30.79
C HIS D 249 26.09 26.35 -29.50
N LYS D 250 26.07 25.07 -29.12
CA LYS D 250 26.77 24.69 -27.90
C LYS D 250 28.26 24.91 -28.13
N LYS D 251 28.98 25.43 -27.15
CA LYS D 251 30.41 25.62 -27.41
C LYS D 251 31.23 24.35 -27.20
N PRO D 252 30.96 23.62 -26.12
CA PRO D 252 31.68 22.37 -25.86
C PRO D 252 31.38 21.34 -26.94
N ILE D 253 30.11 21.26 -27.32
CA ILE D 253 29.66 20.33 -28.34
C ILE D 253 30.24 20.59 -29.72
N ASP D 254 30.36 21.87 -30.07
CA ASP D 254 30.86 22.26 -31.38
C ASP D 254 32.27 21.78 -31.69
N LEU D 255 33.17 21.87 -30.71
CA LEU D 255 34.54 21.43 -30.95
C LEU D 255 34.55 19.94 -31.26
N ARG D 256 33.80 19.16 -30.48
CA ARG D 256 33.71 17.73 -30.70
C ARG D 256 33.04 17.40 -32.03
N ALA D 257 31.95 18.12 -32.31
CA ALA D 257 31.18 17.92 -33.53
C ALA D 257 31.95 18.27 -34.80
N ILE D 258 32.72 19.34 -34.74
CA ILE D 258 33.49 19.80 -35.89
C ILE D 258 34.78 19.03 -36.11
N ALA D 259 34.93 17.88 -35.44
CA ALA D 259 36.16 17.09 -35.60
C ALA D 259 35.83 15.66 -35.97
N LYS D 260 34.87 15.12 -35.26
CA LYS D 260 34.41 13.75 -35.43
C LYS D 260 33.10 13.76 -36.19
N LEU D 261 32.91 14.74 -37.07
CA LEU D 261 31.68 14.88 -37.84
C LEU D 261 31.40 13.65 -38.70
N PRO D 262 32.42 13.06 -39.29
CA PRO D 262 32.19 11.85 -40.08
C PRO D 262 31.64 10.76 -39.17
N ILE D 263 32.23 10.60 -37.99
CA ILE D 263 31.74 9.66 -36.99
C ILE D 263 30.35 10.11 -36.52
N ALA D 264 30.22 11.42 -36.33
CA ALA D 264 28.98 12.03 -35.90
C ALA D 264 27.98 11.75 -36.99
N MET D 265 28.39 11.88 -38.25
CA MET D 265 27.45 11.52 -39.30
C MET D 265 27.06 10.06 -39.12
N ARG D 266 25.81 9.77 -39.34
CA ARG D 266 25.34 8.43 -39.16
C ARG D 266 25.32 7.60 -40.41
N ALA D 267 25.74 8.18 -41.53
CA ALA D 267 25.74 7.50 -42.84
C ALA D 267 24.35 6.94 -43.09
N LEU D 268 23.35 7.81 -42.98
CA LEU D 268 21.96 7.40 -43.16
C LEU D 268 21.56 7.08 -44.60
N THR D 269 21.93 7.92 -45.55
CA THR D 269 21.53 7.66 -46.92
C THR D 269 22.40 6.57 -47.55
N ASN D 270 23.02 5.76 -46.70
CA ASN D 270 23.87 4.67 -47.16
C ASN D 270 23.04 3.52 -47.69
N TYR D 271 21.79 3.44 -47.25
CA TYR D 271 20.89 2.38 -47.68
C TYR D 271 20.17 2.82 -48.95
N GLN D 272 20.39 4.07 -49.34
CA GLN D 272 19.78 4.63 -50.53
C GLN D 272 20.82 4.88 -51.62
N ARG D 273 22.10 4.94 -51.23
CA ARG D 273 23.16 5.07 -52.23
C ARG D 273 23.26 3.77 -53.04
N LEU D 274 23.12 2.66 -52.31
CA LEU D 274 23.21 1.31 -52.87
C LEU D 274 22.12 1.05 -53.89
N CYS D 275 20.92 1.54 -53.62
CA CYS D 275 19.81 1.35 -54.54
C CYS D 275 20.12 2.03 -55.87
N VAL D 276 20.69 3.24 -55.81
CA VAL D 276 21.06 3.96 -57.00
C VAL D 276 22.14 3.18 -57.75
N ALA D 277 23.10 2.58 -57.07
CA ALA D 277 24.07 1.83 -57.86
C ALA D 277 23.33 0.69 -58.60
N PHE D 278 22.46 0.02 -57.84
CA PHE D 278 21.65 -1.07 -58.37
C PHE D 278 20.71 -0.55 -59.45
N ASP D 279 20.23 0.67 -59.31
CA ASP D 279 19.32 1.24 -60.30
C ASP D 279 20.04 1.52 -61.60
N ALA D 280 21.31 1.88 -61.51
CA ALA D 280 22.10 2.17 -62.70
C ALA D 280 22.23 0.93 -63.57
N GLN D 281 22.44 -0.21 -62.94
CA GLN D 281 22.56 -1.48 -63.66
C GLN D 281 21.26 -1.80 -64.39
N ALA D 282 20.14 -1.56 -63.72
CA ALA D 282 18.84 -1.83 -64.30
C ALA D 282 18.60 -0.96 -65.52
N ARG D 283 18.99 0.31 -65.42
CA ARG D 283 18.83 1.26 -66.52
C ARG D 283 19.66 0.82 -67.71
N LYS D 284 20.87 0.35 -67.44
CA LYS D 284 21.77 -0.11 -68.49
C LYS D 284 21.19 -1.31 -69.23
N ASP D 285 20.56 -2.20 -68.48
CA ASP D 285 19.94 -3.40 -69.05
C ASP D 285 18.93 -3.10 -70.16
N THR D 286 19.43 -2.90 -71.37
CA THR D 286 18.60 -2.63 -72.54
C THR D 286 18.77 -3.74 -73.58
N GLN D 287 18.06 -3.61 -74.69
CA GLN D 287 18.11 -4.59 -75.77
C GLN D 287 19.20 -4.27 -76.79
N SER D 288 19.77 -3.08 -76.70
CA SER D 288 20.82 -2.65 -77.62
C SER D 288 22.17 -2.53 -76.92
N PRO D 289 23.27 -2.66 -77.67
CA PRO D 289 24.64 -2.58 -77.15
C PRO D 289 25.00 -1.27 -76.45
N GLN D 290 26.12 -1.28 -75.75
CA GLN D 290 26.58 -0.11 -75.02
C GLN D 290 26.94 1.03 -75.97
N GLY D 291 26.54 2.24 -75.62
CA GLY D 291 26.84 3.41 -76.42
C GLY D 291 26.91 4.66 -75.57
N ALA D 292 27.58 5.69 -76.08
CA ALA D 292 27.70 6.94 -75.35
C ALA D 292 26.29 7.48 -75.19
N ARG D 293 25.49 7.34 -76.24
CA ARG D 293 24.11 7.79 -76.25
C ARG D 293 23.28 6.86 -75.37
N ALA D 294 23.59 5.57 -75.48
CA ALA D 294 22.92 4.53 -74.73
C ALA D 294 23.16 4.67 -73.23
N ILE D 295 24.39 5.00 -72.84
CA ILE D 295 24.66 5.24 -71.42
C ILE D 295 24.10 6.58 -70.99
N TRP D 296 23.97 7.53 -71.92
CA TRP D 296 23.42 8.84 -71.60
C TRP D 296 21.92 8.75 -71.33
N ARG D 297 21.16 8.23 -72.30
CA ARG D 297 19.73 8.07 -72.11
C ARG D 297 19.42 7.00 -71.08
N ALA D 298 20.32 6.03 -70.83
CA ALA D 298 20.02 5.08 -69.72
C ALA D 298 20.22 5.87 -68.46
N LEU D 299 21.22 6.77 -68.42
CA LEU D 299 21.41 7.49 -67.16
C LEU D 299 20.22 8.40 -66.87
N CYS D 300 19.70 9.06 -67.90
CA CYS D 300 18.51 9.90 -67.73
C CYS D 300 17.29 9.06 -67.37
N HIS D 301 17.27 7.82 -67.85
CA HIS D 301 16.21 6.89 -67.50
C HIS D 301 16.47 6.30 -66.10
N ALA D 302 17.75 6.26 -65.71
CA ALA D 302 18.14 5.73 -64.40
C ALA D 302 17.69 6.66 -63.30
N PHE D 303 17.95 7.96 -63.45
CA PHE D 303 17.53 8.87 -62.38
C PHE D 303 16.04 8.83 -62.16
N GLY D 304 15.26 8.71 -63.24
CA GLY D 304 13.83 8.57 -63.12
C GLY D 304 13.09 9.83 -62.76
N ARG D 305 12.56 9.88 -61.53
CA ARG D 305 11.59 10.91 -61.17
C ARG D 305 12.25 12.28 -60.99
N ARG D 306 13.43 12.32 -60.38
CA ARG D 306 13.96 13.58 -59.87
C ARG D 306 14.43 14.53 -60.95
N LEU D 307 14.70 14.03 -62.16
CA LEU D 307 15.15 14.90 -63.23
C LEU D 307 14.03 15.83 -63.69
N ILE D 308 12.94 15.27 -64.19
CA ILE D 308 11.83 16.09 -64.66
C ILE D 308 11.04 16.63 -63.47
N LEU D 309 11.14 15.96 -62.32
CA LEU D 309 10.49 16.45 -61.11
C LEU D 309 11.14 17.73 -60.63
N SER D 310 12.47 17.70 -60.42
CA SER D 310 13.18 18.89 -59.99
C SER D 310 13.19 19.97 -61.08
N SER D 311 13.13 19.55 -62.34
CA SER D 311 12.94 20.51 -63.42
C SER D 311 11.57 21.18 -63.31
N THR D 312 10.55 20.43 -62.89
CA THR D 312 9.21 20.99 -62.77
C THR D 312 9.13 21.93 -61.58
N PHE D 313 9.81 21.60 -60.48
CA PHE D 313 9.92 22.54 -59.37
C PHE D 313 10.70 23.78 -59.78
N ARG D 314 11.70 23.63 -60.65
CA ARG D 314 12.42 24.79 -61.16
C ARG D 314 11.53 25.65 -62.04
N ILE D 315 10.61 25.02 -62.78
CA ILE D 315 9.68 25.79 -63.61
C ILE D 315 8.64 26.49 -62.75
N LEU D 316 8.26 25.88 -61.62
CA LEU D 316 7.39 26.56 -60.67
C LEU D 316 8.11 27.73 -60.02
N ALA D 317 9.42 27.57 -59.80
CA ALA D 317 10.23 28.68 -59.30
C ALA D 317 10.32 29.79 -60.33
N ASP D 318 10.34 29.43 -61.62
CA ASP D 318 10.27 30.43 -62.67
C ASP D 318 8.90 31.10 -62.71
N LEU D 319 7.85 30.36 -62.32
CA LEU D 319 6.52 30.93 -62.32
C LEU D 319 6.35 31.95 -61.20
N LEU D 320 6.75 31.58 -59.98
CA LEU D 320 6.61 32.50 -58.86
C LEU D 320 7.62 33.64 -58.93
N GLY D 321 8.85 33.31 -59.30
CA GLY D 321 9.92 34.30 -59.41
C GLY D 321 9.77 35.38 -60.47
N PHE D 322 9.29 34.98 -61.65
CA PHE D 322 9.17 35.92 -62.79
C PHE D 322 8.21 37.09 -62.58
N ALA D 323 7.05 36.83 -61.99
CA ALA D 323 6.06 37.88 -61.76
C ALA D 323 6.56 38.98 -60.82
N GLY D 324 7.28 38.55 -59.80
CA GLY D 324 7.81 39.42 -58.77
C GLY D 324 7.47 40.90 -58.92
N PRO D 325 7.91 41.57 -59.98
CA PRO D 325 7.63 43.02 -60.24
C PRO D 325 6.18 43.55 -60.53
N LEU D 326 5.36 42.67 -61.09
CA LEU D 326 4.00 43.05 -61.51
C LEU D 326 3.17 43.57 -60.35
N CYS D 327 3.29 42.95 -59.17
CA CYS D 327 2.59 43.40 -57.98
C CYS D 327 3.05 44.82 -57.60
N ILE D 328 4.34 45.08 -57.74
CA ILE D 328 4.92 46.38 -57.46
C ILE D 328 4.35 47.50 -58.33
N PHE D 329 4.03 47.24 -59.62
CA PHE D 329 3.50 48.39 -60.42
C PHE D 329 2.19 49.07 -59.88
N GLY D 330 1.25 48.22 -59.49
CA GLY D 330 -0.03 48.43 -58.84
C GLY D 330 0.06 49.39 -57.69
N ILE D 331 1.18 49.38 -56.97
CA ILE D 331 1.36 50.32 -55.87
C ILE D 331 1.59 51.73 -56.41
N VAL D 332 2.36 51.84 -57.49
CA VAL D 332 2.60 53.15 -58.09
C VAL D 332 1.36 53.68 -58.78
N ASP D 333 0.45 52.80 -59.21
CA ASP D 333 -0.78 53.20 -59.87
C ASP D 333 -1.89 53.55 -58.90
N HIS D 334 -2.30 52.59 -58.07
CA HIS D 334 -3.36 52.85 -57.11
C HIS D 334 -2.91 53.77 -55.97
N LEU D 335 -1.61 53.86 -55.72
CA LEU D 335 -1.08 54.83 -54.78
C LEU D 335 -0.64 56.11 -55.47
N GLY D 336 0.32 56.00 -56.39
CA GLY D 336 0.89 57.18 -57.02
C GLY D 336 0.00 57.81 -58.07
N LYS D 337 -0.37 57.03 -59.08
CA LYS D 337 -1.16 57.57 -60.18
C LYS D 337 -2.58 57.89 -59.73
N GLU D 338 -3.18 57.02 -58.92
CA GLU D 338 -4.46 57.36 -58.32
C GLU D 338 -4.22 58.37 -57.20
N ASN D 339 -4.24 59.65 -57.55
CA ASN D 339 -3.97 60.71 -56.59
C ASN D 339 -5.22 61.19 -55.86
N HIS D 340 -6.33 61.31 -56.58
CA HIS D 340 -7.57 61.79 -55.99
C HIS D 340 -8.74 60.91 -56.45
N VAL D 341 -8.55 59.60 -56.37
CA VAL D 341 -9.65 58.68 -56.72
C VAL D 341 -10.72 58.70 -55.65
N PHE D 342 -10.38 58.22 -54.44
CA PHE D 342 -11.16 58.36 -53.20
C PHE D 342 -12.57 57.76 -53.29
N GLN D 343 -12.76 56.79 -54.18
CA GLN D 343 -14.06 56.13 -54.33
C GLN D 343 -13.90 54.65 -54.05
N PRO D 344 -14.46 54.13 -52.95
CA PRO D 344 -14.20 52.72 -52.60
C PRO D 344 -14.92 51.72 -53.50
N LYS D 345 -16.19 51.94 -53.82
CA LYS D 345 -16.96 50.93 -54.54
C LYS D 345 -18.10 51.59 -55.30
N THR D 346 -18.60 50.85 -56.30
CA THR D 346 -19.76 51.27 -57.06
C THR D 346 -20.77 50.14 -57.28
N GLN D 347 -20.47 48.92 -56.84
CA GLN D 347 -21.37 47.79 -56.99
C GLN D 347 -22.30 47.73 -55.77
N PHE D 348 -22.97 46.60 -55.59
CA PHE D 348 -23.84 46.39 -54.44
C PHE D 348 -23.00 46.34 -53.17
N LEU D 349 -23.08 47.39 -52.36
CA LEU D 349 -22.19 47.56 -51.22
C LEU D 349 -22.55 46.67 -50.04
N GLY D 350 -23.70 46.00 -50.07
CA GLY D 350 -24.05 45.08 -49.01
C GLY D 350 -23.24 43.80 -49.01
N VAL D 351 -22.61 43.46 -50.14
CA VAL D 351 -21.80 42.26 -50.27
C VAL D 351 -20.52 42.61 -51.02
N TYR D 352 -19.72 41.59 -51.31
CA TYR D 352 -18.42 41.75 -51.94
C TYR D 352 -18.55 41.44 -53.43
N PHE D 353 -17.81 42.17 -54.25
CA PHE D 353 -17.83 41.99 -55.69
C PHE D 353 -16.43 41.71 -56.22
N VAL D 354 -16.36 40.95 -57.31
CA VAL D 354 -15.09 40.46 -57.82
C VAL D 354 -14.28 41.52 -58.56
N SER D 355 -14.91 42.61 -58.97
CA SER D 355 -14.20 43.64 -59.70
C SER D 355 -13.30 44.44 -58.77
N SER D 356 -12.31 45.12 -59.38
CA SER D 356 -11.37 46.01 -58.70
C SER D 356 -10.62 45.31 -57.57
N GLN D 357 -10.24 44.05 -57.81
CA GLN D 357 -9.54 43.28 -56.81
C GLN D 357 -8.11 43.76 -56.59
N GLU D 358 -7.59 44.56 -57.52
CA GLU D 358 -6.30 45.23 -57.32
C GLU D 358 -6.55 46.59 -56.67
N PHE D 359 -6.98 46.53 -55.42
CA PHE D 359 -7.20 47.74 -54.65
C PHE D 359 -5.90 48.21 -54.01
N LEU D 360 -5.98 49.28 -53.23
CA LEU D 360 -4.79 49.79 -52.55
C LEU D 360 -4.37 48.88 -51.41
N GLY D 361 -5.30 48.52 -50.53
CA GLY D 361 -4.99 47.58 -49.46
C GLY D 361 -4.67 46.19 -49.98
N ASN D 362 -5.36 45.76 -51.03
CA ASN D 362 -5.05 44.49 -51.67
C ASN D 362 -3.71 44.55 -52.40
N ALA D 363 -3.21 45.73 -52.73
CA ALA D 363 -1.84 45.82 -53.20
C ALA D 363 -0.86 45.62 -52.07
N TYR D 364 -1.22 46.03 -50.85
CA TYR D 364 -0.34 45.80 -49.71
C TYR D 364 -0.31 44.32 -49.34
N VAL D 365 -1.48 43.71 -49.13
CA VAL D 365 -1.52 42.33 -48.70
C VAL D 365 -1.16 41.40 -49.85
N LEU D 366 -1.40 41.83 -51.09
CA LEU D 366 -0.90 41.09 -52.23
C LEU D 366 0.59 41.26 -52.42
N ALA D 367 1.16 42.35 -51.90
CA ALA D 367 2.60 42.50 -51.91
C ALA D 367 3.24 41.61 -50.86
N VAL D 368 2.58 41.45 -49.71
CA VAL D 368 3.03 40.46 -48.74
C VAL D 368 2.80 39.06 -49.28
N LEU D 369 1.78 38.90 -50.13
CA LEU D 369 1.59 37.63 -50.83
C LEU D 369 2.69 37.41 -51.86
N LEU D 370 3.24 38.48 -52.41
CA LEU D 370 4.40 38.35 -53.28
C LEU D 370 5.65 38.03 -52.48
N PHE D 371 5.67 38.43 -51.20
CA PHE D 371 6.77 38.02 -50.34
C PHE D 371 6.65 36.55 -49.98
N LEU D 372 5.43 36.08 -49.73
CA LEU D 372 5.21 34.68 -49.41
C LEU D 372 5.46 33.79 -50.61
N ALA D 373 5.04 34.23 -51.79
CA ALA D 373 5.36 33.52 -53.01
C ALA D 373 6.83 33.67 -53.37
N LEU D 374 7.49 34.71 -52.89
CA LEU D 374 8.94 34.80 -53.03
C LEU D 374 9.63 33.78 -52.14
N LEU D 375 9.04 33.50 -50.98
CA LEU D 375 9.52 32.38 -50.17
C LEU D 375 9.20 31.05 -50.83
N LEU D 376 8.11 30.99 -51.60
CA LEU D 376 7.84 29.79 -52.38
C LEU D 376 8.82 29.65 -53.53
N GLN D 377 9.31 30.77 -54.07
CA GLN D 377 10.20 30.73 -55.22
C GLN D 377 11.63 30.43 -54.81
N ARG D 378 12.11 31.07 -53.75
CA ARG D 378 13.44 30.74 -53.23
C ARG D 378 13.43 29.37 -52.55
N THR D 379 12.31 29.01 -51.93
CA THR D 379 12.21 27.73 -51.25
C THR D 379 12.18 26.59 -52.27
N PHE D 380 11.35 26.71 -53.29
CA PHE D 380 11.32 25.69 -54.34
C PHE D 380 12.59 25.73 -55.18
N LEU D 381 13.21 26.89 -55.29
CA LEU D 381 14.46 27.02 -56.02
C LEU D 381 15.57 26.24 -55.33
N GLN D 382 15.77 26.50 -54.03
CA GLN D 382 16.75 25.75 -53.26
C GLN D 382 16.32 24.30 -53.04
N ALA D 383 15.03 24.00 -53.20
CA ALA D 383 14.58 22.62 -53.10
C ALA D 383 15.01 21.82 -54.33
N SER D 384 14.77 22.38 -55.52
CA SER D 384 15.21 21.70 -56.73
C SER D 384 16.73 21.71 -56.84
N TYR D 385 17.37 22.73 -56.28
CA TYR D 385 18.82 22.72 -56.11
C TYR D 385 19.24 21.56 -55.22
N TYR D 386 18.49 21.33 -54.14
CA TYR D 386 18.81 20.25 -53.20
C TYR D 386 18.67 18.88 -53.83
N VAL D 387 17.58 18.67 -54.57
CA VAL D 387 17.39 17.40 -55.25
C VAL D 387 18.39 17.25 -56.38
N ALA D 388 18.86 18.36 -56.94
CA ALA D 388 19.91 18.30 -57.95
C ALA D 388 21.23 17.86 -57.33
N ILE D 389 21.57 18.38 -56.16
CA ILE D 389 22.82 18.02 -55.51
C ILE D 389 22.77 16.57 -55.04
N GLU D 390 21.62 16.13 -54.52
CA GLU D 390 21.46 14.73 -54.15
C GLU D 390 21.50 13.83 -55.36
N THR D 391 20.97 14.30 -56.48
CA THR D 391 21.01 13.55 -57.73
C THR D 391 22.43 13.40 -58.24
N GLY D 392 23.25 14.45 -58.10
CA GLY D 392 24.65 14.35 -58.46
C GLY D 392 25.44 13.49 -57.50
N ILE D 393 25.02 13.45 -56.24
CA ILE D 393 25.68 12.60 -55.25
C ILE D 393 25.45 11.13 -55.58
N ASN D 394 24.19 10.76 -55.81
CA ASN D 394 23.89 9.40 -56.28
C ASN D 394 24.46 9.13 -57.66
N LEU D 395 24.68 10.18 -58.46
CA LEU D 395 25.27 10.02 -59.77
C LEU D 395 26.74 9.60 -59.67
N ARG D 396 27.55 10.39 -58.98
CA ARG D 396 28.97 10.07 -58.88
C ARG D 396 29.22 8.84 -58.01
N GLY D 397 28.31 8.57 -57.07
CA GLY D 397 28.43 7.35 -56.29
C GLY D 397 28.12 6.11 -57.11
N ALA D 398 27.04 6.17 -57.91
CA ALA D 398 26.65 5.02 -58.71
C ALA D 398 27.62 4.77 -59.85
N ILE D 399 27.96 5.82 -60.59
CA ILE D 399 28.90 5.69 -61.70
C ILE D 399 30.30 5.41 -61.19
N GLN D 400 30.61 5.86 -59.97
CA GLN D 400 31.85 5.45 -59.33
C GLN D 400 31.82 3.95 -59.01
N THR D 401 30.66 3.46 -58.57
CA THR D 401 30.54 2.06 -58.16
C THR D 401 30.69 1.13 -59.35
N LYS D 402 29.92 1.37 -60.41
CA LYS D 402 30.09 0.58 -61.62
C LYS D 402 31.40 0.89 -62.34
N ILE D 403 32.00 2.04 -62.06
CA ILE D 403 33.27 2.40 -62.66
C ILE D 403 34.39 1.52 -62.11
N TYR D 404 34.62 1.60 -60.80
CA TYR D 404 35.72 0.85 -60.21
C TYR D 404 35.38 -0.63 -60.10
N ASN D 405 34.11 -0.98 -60.03
CA ASN D 405 33.72 -2.37 -60.18
C ASN D 405 33.98 -2.87 -61.60
N LYS D 406 33.82 -1.99 -62.59
CA LYS D 406 34.04 -2.37 -63.98
C LYS D 406 35.52 -2.58 -64.27
N ILE D 407 36.37 -1.65 -63.85
CA ILE D 407 37.80 -1.81 -64.11
C ILE D 407 38.39 -2.86 -63.18
N MET D 408 37.79 -3.07 -62.01
CA MET D 408 38.24 -4.12 -61.13
C MET D 408 37.86 -5.50 -61.66
N HIS D 409 36.77 -5.58 -62.40
CA HIS D 409 36.30 -6.87 -62.90
C HIS D 409 36.83 -7.19 -64.29
N MET D 410 37.18 -6.19 -65.09
CA MET D 410 37.45 -6.42 -66.49
C MET D 410 38.83 -7.04 -66.72
N SER D 411 39.88 -6.31 -66.35
CA SER D 411 41.29 -6.67 -66.58
C SER D 411 41.55 -7.01 -68.05
N THR D 412 41.15 -6.10 -68.93
CA THR D 412 41.32 -6.25 -70.36
C THR D 412 42.29 -5.20 -70.90
N SER D 413 43.00 -5.57 -71.95
CA SER D 413 43.96 -4.74 -72.68
C SER D 413 45.07 -4.23 -71.76
N ASN D 414 45.88 -5.17 -71.29
CA ASN D 414 46.96 -4.87 -70.35
C ASN D 414 48.12 -4.11 -71.00
N LEU D 415 48.12 -3.94 -72.32
CA LEU D 415 49.20 -3.19 -72.98
C LEU D 415 49.11 -1.71 -72.64
N SER D 416 47.93 -1.12 -72.76
CA SER D 416 47.74 0.25 -72.28
C SER D 416 47.78 0.31 -70.76
N MET D 417 47.38 -0.77 -70.09
CA MET D 417 47.56 -0.86 -68.65
C MET D 417 49.02 -1.11 -68.29
N GLY D 418 49.83 -1.57 -69.23
CA GLY D 418 51.26 -1.64 -68.99
C GLY D 418 51.91 -0.28 -68.89
N GLU D 419 51.36 0.71 -69.59
CA GLU D 419 51.80 2.08 -69.46
C GLU D 419 51.08 2.75 -68.29
N MET D 420 51.45 3.99 -68.01
CA MET D 420 50.83 4.77 -66.94
C MET D 420 49.59 5.53 -67.41
N THR D 421 49.07 5.19 -68.59
CA THR D 421 47.86 5.82 -69.10
C THR D 421 46.62 5.41 -68.30
N ALA D 422 46.66 4.26 -67.63
CA ALA D 422 45.55 3.85 -66.78
C ALA D 422 45.45 4.75 -65.56
N GLY D 423 46.59 5.20 -65.02
CA GLY D 423 46.57 6.16 -63.94
C GLY D 423 46.07 7.52 -64.38
N GLN D 424 46.36 7.90 -65.63
CA GLN D 424 45.74 9.09 -66.19
C GLN D 424 44.24 8.86 -66.39
N ILE D 425 43.82 7.63 -66.64
CA ILE D 425 42.39 7.35 -66.72
C ILE D 425 41.76 7.40 -65.34
N CYS D 426 42.55 7.17 -64.30
CA CYS D 426 42.02 7.27 -62.93
C CYS D 426 41.89 8.72 -62.52
N ASN D 427 42.93 9.52 -62.75
CA ASN D 427 42.90 10.92 -62.36
C ASN D 427 41.91 11.70 -63.20
N LEU D 428 41.91 11.48 -64.52
CA LEU D 428 40.90 12.07 -65.38
C LEU D 428 39.54 11.43 -65.17
N VAL D 429 39.47 10.23 -64.59
CA VAL D 429 38.19 9.67 -64.22
C VAL D 429 37.63 10.41 -63.00
N ALA D 430 38.51 10.84 -62.10
CA ALA D 430 38.05 11.59 -60.94
C ALA D 430 37.66 13.01 -61.32
N ILE D 431 38.56 13.72 -62.02
CA ILE D 431 38.32 15.11 -62.38
C ILE D 431 37.22 15.22 -63.43
N ASP D 432 37.09 14.22 -64.29
CA ASP D 432 36.00 14.23 -65.27
C ASP D 432 34.70 13.72 -64.67
N THR D 433 34.78 12.88 -63.63
CA THR D 433 33.56 12.40 -62.98
C THR D 433 32.92 13.50 -62.15
N ASN D 434 33.71 14.12 -61.26
CA ASN D 434 33.20 15.26 -60.51
C ASN D 434 32.98 16.46 -61.41
N GLN D 435 33.71 16.54 -62.52
CA GLN D 435 33.40 17.53 -63.55
C GLN D 435 32.10 17.20 -64.27
N LEU D 436 31.67 15.94 -64.24
CA LEU D 436 30.42 15.55 -64.89
C LEU D 436 29.22 15.76 -63.97
N MET D 437 29.40 15.51 -62.67
CA MET D 437 28.36 15.87 -61.72
C MET D 437 28.24 17.38 -61.60
N TRP D 438 29.37 18.06 -61.61
CA TRP D 438 29.39 19.52 -61.69
C TRP D 438 28.89 20.02 -63.04
N PHE D 439 28.95 19.17 -64.07
CA PHE D 439 28.32 19.51 -65.33
C PHE D 439 26.80 19.35 -65.25
N PHE D 440 26.35 18.37 -64.48
CA PHE D 440 24.94 18.13 -64.27
C PHE D 440 24.36 19.01 -63.16
N PHE D 441 25.21 19.83 -62.55
CA PHE D 441 24.91 20.50 -61.29
C PHE D 441 23.73 21.47 -61.38
N LEU D 442 23.55 22.11 -62.54
CA LEU D 442 22.47 23.08 -62.71
C LEU D 442 21.75 22.88 -64.03
N CYS D 443 21.52 21.63 -64.39
CA CYS D 443 20.84 21.31 -65.64
C CYS D 443 19.37 21.74 -65.69
N PRO D 444 18.55 21.62 -64.62
CA PRO D 444 17.24 22.27 -64.68
C PRO D 444 17.31 23.78 -64.65
N ASN D 445 18.40 24.37 -64.12
CA ASN D 445 18.57 25.81 -64.22
C ASN D 445 18.78 26.25 -65.66
N LEU D 446 19.52 25.45 -66.42
CA LEU D 446 19.65 25.70 -67.85
C LEU D 446 18.34 25.41 -68.58
N TRP D 447 17.58 24.43 -68.11
CA TRP D 447 16.30 24.13 -68.75
C TRP D 447 15.27 25.22 -68.50
N THR D 448 15.37 25.90 -67.36
CA THR D 448 14.43 26.94 -66.99
C THR D 448 14.95 28.34 -67.24
N MET D 449 16.18 28.48 -67.73
CA MET D 449 16.70 29.81 -68.05
C MET D 449 16.01 30.48 -69.24
N PRO D 450 15.85 29.83 -70.42
CA PRO D 450 15.23 30.58 -71.54
C PRO D 450 13.74 30.84 -71.36
N VAL D 451 13.05 30.07 -70.51
CA VAL D 451 11.66 30.39 -70.22
C VAL D 451 11.57 31.67 -69.41
N GLN D 452 12.53 31.87 -68.50
CA GLN D 452 12.56 33.11 -67.73
C GLN D 452 13.02 34.29 -68.57
N ILE D 453 13.95 34.04 -69.51
CA ILE D 453 14.41 35.11 -70.39
C ILE D 453 13.30 35.50 -71.37
N ILE D 454 12.52 34.53 -71.83
CA ILE D 454 11.47 34.80 -72.79
C ILE D 454 10.26 35.44 -72.12
N VAL D 455 9.91 34.98 -70.92
CA VAL D 455 8.76 35.54 -70.22
C VAL D 455 9.09 36.94 -69.70
N GLY D 456 10.29 37.11 -69.15
CA GLY D 456 10.70 38.43 -68.71
C GLY D 456 10.92 39.40 -69.85
N VAL D 457 11.37 38.89 -71.00
CA VAL D 457 11.45 39.74 -72.19
C VAL D 457 10.07 40.06 -72.71
N ILE D 458 9.10 39.17 -72.48
CA ILE D 458 7.73 39.42 -72.94
C ILE D 458 7.08 40.50 -72.08
N LEU D 459 7.26 40.43 -70.76
CA LEU D 459 6.75 41.47 -69.88
C LEU D 459 7.48 42.78 -70.10
N LEU D 460 8.78 42.71 -70.44
CA LEU D 460 9.51 43.88 -70.88
C LEU D 460 8.91 44.45 -72.16
N TYR D 461 8.38 43.58 -73.03
CA TYR D 461 7.70 44.07 -74.23
C TYR D 461 6.34 44.68 -73.89
N TYR D 462 5.69 44.21 -72.83
CA TYR D 462 4.50 44.90 -72.35
C TYR D 462 4.84 46.26 -71.72
N ILE D 463 6.08 46.43 -71.25
CA ILE D 463 6.49 47.76 -70.79
C ILE D 463 6.72 48.69 -71.98
N LEU D 464 7.68 48.35 -72.84
CA LEU D 464 8.02 49.16 -74.01
C LEU D 464 8.79 48.29 -75.00
N GLY D 465 9.24 48.91 -76.08
CA GLY D 465 10.04 48.18 -77.06
C GLY D 465 11.53 48.46 -76.99
N VAL D 466 11.88 49.75 -76.89
CA VAL D 466 13.28 50.16 -77.00
C VAL D 466 14.07 49.76 -75.77
N SER D 467 13.42 49.66 -74.61
CA SER D 467 14.08 49.15 -73.42
C SER D 467 14.41 47.66 -73.55
N ALA D 468 13.49 46.91 -74.17
CA ALA D 468 13.75 45.49 -74.44
C ALA D 468 14.85 45.32 -75.46
N LEU D 469 14.95 46.24 -76.44
CA LEU D 469 16.06 46.20 -77.37
C LEU D 469 17.38 46.54 -76.67
N ILE D 470 17.33 47.44 -75.69
CA ILE D 470 18.55 47.87 -75.01
C ILE D 470 19.07 46.77 -74.09
N GLY D 471 18.22 46.27 -73.19
CA GLY D 471 18.67 45.24 -72.27
C GLY D 471 18.88 43.90 -72.93
N ALA D 472 18.00 43.55 -73.89
CA ALA D 472 18.16 42.28 -74.61
C ALA D 472 19.37 42.30 -75.53
N ALA D 473 19.69 43.46 -76.11
CA ALA D 473 20.93 43.57 -76.85
C ALA D 473 22.14 43.58 -75.92
N VAL D 474 21.95 44.06 -74.67
CA VAL D 474 23.05 44.10 -73.72
C VAL D 474 23.41 42.69 -73.24
N ILE D 475 22.41 41.86 -72.98
CA ILE D 475 22.68 40.46 -72.66
C ILE D 475 23.14 39.73 -73.90
N ILE D 476 22.60 40.11 -75.06
CA ILE D 476 22.92 39.45 -76.33
C ILE D 476 24.36 39.71 -76.74
N LEU D 477 24.95 40.80 -76.28
CA LEU D 477 26.38 41.00 -76.42
C LEU D 477 27.16 40.54 -75.19
N LEU D 478 26.50 40.43 -74.04
CA LEU D 478 27.19 40.09 -72.81
C LEU D 478 27.50 38.60 -72.71
N ALA D 479 26.72 37.75 -73.40
CA ALA D 479 27.00 36.32 -73.36
C ALA D 479 28.29 35.91 -74.10
N PRO D 480 28.56 36.33 -75.36
CA PRO D 480 29.80 35.84 -76.00
C PRO D 480 31.07 36.38 -75.39
N VAL D 481 31.03 37.57 -74.77
CA VAL D 481 32.19 38.03 -74.02
C VAL D 481 32.35 37.21 -72.76
N GLN D 482 31.25 36.69 -72.21
CA GLN D 482 31.30 35.89 -71.00
C GLN D 482 31.93 34.53 -71.27
N TYR D 483 31.38 33.75 -72.19
CA TYR D 483 31.98 32.43 -72.38
C TYR D 483 33.22 32.47 -73.25
N PHE D 484 33.36 33.47 -74.12
CA PHE D 484 34.58 33.55 -74.92
C PHE D 484 35.74 34.13 -74.11
N VAL D 485 35.49 35.20 -73.36
CA VAL D 485 36.54 35.76 -72.51
C VAL D 485 36.84 34.80 -71.36
N ALA D 486 35.83 34.08 -70.87
CA ALA D 486 36.06 33.06 -69.86
C ALA D 486 36.80 31.86 -70.44
N THR D 487 36.61 31.59 -71.74
CA THR D 487 37.41 30.57 -72.39
C THR D 487 38.86 31.02 -72.55
N LYS D 488 39.06 32.32 -72.77
CA LYS D 488 40.41 32.86 -72.80
C LYS D 488 41.06 32.77 -71.42
N LEU D 489 40.27 32.99 -70.36
CA LEU D 489 40.75 32.77 -69.01
C LEU D 489 40.98 31.29 -68.72
N SER D 490 40.28 30.40 -69.43
CA SER D 490 40.49 28.97 -69.25
C SER D 490 41.78 28.51 -69.92
N GLN D 491 42.08 29.05 -71.09
CA GLN D 491 43.39 28.81 -71.71
C GLN D 491 44.49 29.46 -70.90
N ALA D 492 44.19 30.60 -70.25
CA ALA D 492 45.13 31.21 -69.31
C ALA D 492 45.34 30.33 -68.10
N GLN D 493 44.32 29.56 -67.70
CA GLN D 493 44.48 28.58 -66.64
C GLN D 493 45.20 27.33 -67.12
N ARG D 494 45.18 27.05 -68.42
CA ARG D 494 45.94 25.91 -68.94
C ARG D 494 47.43 26.24 -69.00
N THR D 495 47.78 27.36 -69.62
CA THR D 495 49.19 27.76 -69.70
C THR D 495 49.74 28.18 -68.34
N THR D 496 48.92 28.89 -67.56
CA THR D 496 49.31 29.23 -66.20
C THR D 496 49.37 28.00 -65.30
N LEU D 497 48.58 26.97 -65.62
CA LEU D 497 48.70 25.71 -64.91
C LEU D 497 49.96 24.96 -65.30
N GLU D 498 50.44 25.15 -66.54
CA GLU D 498 51.70 24.53 -66.94
C GLU D 498 52.88 25.23 -66.28
N HIS D 499 52.86 26.57 -66.25
CA HIS D 499 53.94 27.30 -65.58
C HIS D 499 53.89 27.09 -64.07
N SER D 500 52.70 26.94 -63.50
CA SER D 500 52.58 26.62 -62.09
C SER D 500 53.02 25.19 -61.81
N ASN D 501 52.89 24.30 -62.80
CA ASN D 501 53.46 22.97 -62.69
C ASN D 501 54.97 23.02 -62.73
N GLU D 502 55.54 23.96 -63.49
CA GLU D 502 56.98 24.20 -63.43
C GLU D 502 57.38 24.79 -62.09
N ARG D 503 56.50 25.57 -61.47
CA ARG D 503 56.75 26.05 -60.11
C ARG D 503 56.68 24.92 -59.10
N LEU D 504 55.86 23.90 -59.37
CA LEU D 504 55.84 22.72 -58.51
C LEU D 504 57.08 21.86 -58.71
N LYS D 505 57.60 21.82 -59.95
CA LYS D 505 58.82 21.07 -60.21
C LYS D 505 60.03 21.75 -59.59
N GLN D 506 60.08 23.08 -59.64
CA GLN D 506 61.12 23.79 -58.91
C GLN D 506 60.87 23.79 -57.41
N THR D 507 59.63 23.51 -56.98
CA THR D 507 59.32 23.44 -55.56
C THR D 507 59.81 22.12 -54.96
N ASN D 508 59.56 21.00 -55.63
CA ASN D 508 60.14 19.74 -55.20
C ASN D 508 61.64 19.70 -55.47
N GLU D 509 62.11 20.47 -56.46
CA GLU D 509 63.54 20.69 -56.62
C GLU D 509 64.11 21.50 -55.47
N MET D 510 63.30 22.36 -54.85
CA MET D 510 63.73 23.06 -53.64
C MET D 510 63.64 22.14 -52.43
N LEU D 511 62.77 21.13 -52.47
CA LEU D 511 62.84 20.06 -51.47
C LEU D 511 64.12 19.26 -51.64
N ARG D 512 64.57 19.08 -52.89
CA ARG D 512 65.89 18.51 -53.13
C ARG D 512 67.00 19.46 -52.67
N GLY D 513 66.74 20.77 -52.72
CA GLY D 513 67.69 21.73 -52.16
C GLY D 513 67.78 21.65 -50.65
N MET D 514 66.66 21.34 -49.99
CA MET D 514 66.70 21.04 -48.57
C MET D 514 67.39 19.71 -48.31
N LYS D 515 67.35 18.79 -49.27
CA LYS D 515 68.13 17.57 -49.17
C LYS D 515 69.62 17.83 -49.45
N LEU D 516 69.95 18.94 -50.09
CA LEU D 516 71.32 19.25 -50.47
C LEU D 516 72.02 19.99 -49.34
N LEU D 517 73.18 20.59 -49.65
CA LEU D 517 73.99 21.28 -48.66
C LEU D 517 73.41 22.65 -48.35
N LYS D 518 74.17 23.48 -47.62
CA LYS D 518 73.68 24.79 -47.20
C LYS D 518 74.07 25.88 -48.18
N LEU D 519 75.37 26.05 -48.42
CA LEU D 519 75.85 27.19 -49.21
C LEU D 519 75.58 27.00 -50.70
N TYR D 520 75.83 25.80 -51.21
CA TYR D 520 75.67 25.53 -52.65
C TYR D 520 74.20 25.57 -53.06
N ALA D 521 73.33 24.90 -52.29
CA ALA D 521 71.91 24.92 -52.60
C ALA D 521 71.28 26.26 -52.25
N TRP D 522 71.86 27.00 -51.30
CA TRP D 522 71.35 28.34 -50.99
C TRP D 522 71.63 29.30 -52.13
N GLU D 523 72.86 29.30 -52.65
CA GLU D 523 73.21 30.22 -53.73
C GLU D 523 72.59 29.78 -55.06
N SER D 524 72.85 28.55 -55.47
CA SER D 524 72.39 28.09 -56.78
C SER D 524 70.88 27.80 -56.78
N ILE D 525 70.31 27.40 -55.66
CA ILE D 525 68.88 27.12 -55.62
C ILE D 525 68.07 28.36 -55.26
N PHE D 526 68.63 29.29 -54.48
CA PHE D 526 67.95 30.56 -54.28
C PHE D 526 67.97 31.39 -55.56
N CYS D 527 69.11 31.44 -56.24
CA CYS D 527 69.22 32.20 -57.47
C CYS D 527 68.50 31.52 -58.62
N SER D 528 68.70 30.21 -58.78
CA SER D 528 68.09 29.50 -59.89
C SER D 528 66.59 29.30 -59.67
N ARG D 529 66.20 28.93 -58.44
CA ARG D 529 64.78 28.74 -58.15
C ARG D 529 64.03 30.05 -58.08
N VAL D 530 64.69 31.12 -57.62
CA VAL D 530 64.03 32.42 -57.59
C VAL D 530 63.94 33.01 -58.99
N GLU D 531 64.93 32.74 -59.84
CA GLU D 531 64.91 33.30 -61.20
C GLU D 531 63.94 32.55 -62.10
N VAL D 532 63.96 31.20 -62.04
CA VAL D 532 63.04 30.42 -62.86
C VAL D 532 61.63 30.50 -62.27
N THR D 533 61.50 30.60 -60.95
CA THR D 533 60.19 30.77 -60.35
C THR D 533 59.63 32.16 -60.62
N ARG D 534 60.49 33.17 -60.74
CA ARG D 534 60.05 34.47 -61.21
C ARG D 534 59.78 34.48 -62.71
N ARG D 535 60.35 33.52 -63.44
CA ARG D 535 60.11 33.42 -64.87
C ARG D 535 58.75 32.80 -65.15
N LYS D 536 58.50 31.60 -64.62
CA LYS D 536 57.21 30.96 -64.80
C LYS D 536 56.12 31.69 -64.01
N GLU D 537 56.47 32.27 -62.87
CA GLU D 537 55.53 33.12 -62.14
C GLU D 537 55.34 34.46 -62.81
N MET D 538 56.25 34.85 -63.73
CA MET D 538 56.05 36.05 -64.52
C MET D 538 55.13 35.79 -65.69
N THR D 539 55.29 34.64 -66.36
CA THR D 539 54.38 34.25 -67.43
C THR D 539 52.98 33.98 -66.88
N SER D 540 52.90 33.31 -65.73
CA SER D 540 51.63 33.14 -65.05
C SER D 540 51.17 34.41 -64.35
N LEU D 541 52.06 35.38 -64.18
CA LEU D 541 51.65 36.69 -63.65
C LEU D 541 50.96 37.51 -64.73
N ARG D 542 51.48 37.46 -65.96
CA ARG D 542 50.80 38.10 -67.09
C ARG D 542 49.53 37.34 -67.45
N ALA D 543 49.55 36.01 -67.33
CA ALA D 543 48.33 35.23 -67.50
C ALA D 543 47.32 35.54 -66.40
N PHE D 544 47.80 35.83 -65.19
CA PHE D 544 46.93 36.28 -64.12
C PHE D 544 46.39 37.66 -64.39
N ALA D 545 47.16 38.50 -65.11
CA ALA D 545 46.66 39.81 -65.50
C ALA D 545 45.60 39.69 -66.58
N VAL D 546 45.71 38.70 -67.46
CA VAL D 546 44.66 38.49 -68.46
C VAL D 546 43.41 37.92 -67.82
N TYR D 547 43.58 37.03 -66.84
CA TYR D 547 42.43 36.44 -66.15
C TYR D 547 41.72 37.47 -65.29
N THR D 548 42.48 38.29 -64.56
CA THR D 548 41.88 39.39 -63.82
C THR D 548 41.35 40.47 -64.74
N SER D 549 41.86 40.55 -65.97
CA SER D 549 41.29 41.47 -66.96
C SER D 549 39.94 40.97 -67.45
N ILE D 550 39.77 39.65 -67.58
CA ILE D 550 38.45 39.11 -67.93
C ILE D 550 37.49 39.22 -66.76
N SER D 551 38.01 39.12 -65.53
CA SER D 551 37.19 39.38 -64.35
C SER D 551 36.77 40.84 -64.31
N ILE D 552 37.65 41.75 -64.76
CA ILE D 552 37.29 43.14 -64.92
C ILE D 552 36.36 43.33 -66.11
N PHE D 553 36.43 42.39 -67.05
CA PHE D 553 35.53 42.34 -68.18
C PHE D 553 34.15 42.06 -67.60
N MET D 554 34.08 41.13 -66.66
CA MET D 554 32.86 40.77 -65.97
C MET D 554 32.35 41.95 -65.15
N ASN D 555 33.27 42.64 -64.48
CA ASN D 555 32.94 43.81 -63.67
C ASN D 555 32.36 44.90 -64.55
N THR D 556 32.97 45.08 -65.72
CA THR D 556 32.55 46.03 -66.73
C THR D 556 31.18 45.66 -67.27
N ALA D 557 30.95 44.35 -67.42
CA ALA D 557 29.71 43.82 -67.95
C ALA D 557 28.52 44.23 -67.10
N ILE D 558 28.63 44.21 -65.77
CA ILE D 558 27.45 44.69 -65.04
C ILE D 558 27.10 46.15 -65.35
N PRO D 559 28.06 47.08 -65.54
CA PRO D 559 27.68 48.38 -66.10
C PRO D 559 27.20 48.33 -67.56
N ILE D 560 27.37 47.22 -68.24
CA ILE D 560 26.81 47.11 -69.59
C ILE D 560 25.29 47.18 -69.40
N ALA D 561 24.80 46.44 -68.40
CA ALA D 561 23.40 46.40 -68.04
C ALA D 561 22.98 47.77 -67.53
N ALA D 562 23.86 48.41 -66.75
CA ALA D 562 23.60 49.74 -66.22
C ALA D 562 23.47 50.73 -67.36
N VAL D 563 24.34 50.60 -68.36
CA VAL D 563 24.31 51.46 -69.54
C VAL D 563 23.00 51.25 -70.28
N LEU D 564 22.56 50.00 -70.38
CA LEU D 564 21.30 49.68 -71.04
C LEU D 564 20.13 50.32 -70.29
N ILE D 565 20.19 50.30 -68.96
CA ILE D 565 19.12 50.88 -68.15
C ILE D 565 19.01 52.37 -68.42
N THR D 566 20.15 53.04 -68.53
CA THR D 566 20.17 54.47 -68.83
C THR D 566 19.80 54.73 -70.29
N PHE D 567 20.35 53.93 -71.22
CA PHE D 567 19.97 54.03 -72.62
C PHE D 567 18.55 53.54 -72.84
N VAL D 568 18.09 52.63 -72.00
CA VAL D 568 16.73 52.10 -72.12
C VAL D 568 15.71 53.18 -71.77
N GLY D 569 15.88 53.83 -70.62
CA GLY D 569 14.95 54.89 -70.24
C GLY D 569 15.12 56.14 -71.08
N HIS D 570 16.35 56.43 -71.51
CA HIS D 570 16.60 57.62 -72.30
C HIS D 570 16.03 57.48 -73.71
N VAL D 571 16.43 56.42 -74.42
CA VAL D 571 16.02 56.24 -75.80
C VAL D 571 14.56 55.81 -75.88
N SER D 572 14.14 54.94 -74.97
CA SER D 572 12.72 54.57 -74.88
C SER D 572 11.86 55.72 -74.41
N PHE D 573 12.44 56.70 -73.71
CA PHE D 573 11.72 57.92 -73.42
C PHE D 573 11.64 58.83 -74.63
N PHE D 574 12.70 58.86 -75.44
CA PHE D 574 12.75 59.83 -76.54
C PHE D 574 11.96 59.37 -77.76
N LYS D 575 11.89 58.06 -78.01
CA LYS D 575 11.13 57.58 -79.16
C LYS D 575 9.63 57.76 -78.97
N GLU D 576 9.14 57.56 -77.75
CA GLU D 576 7.74 57.74 -77.44
C GLU D 576 7.50 59.16 -76.95
N SER D 577 6.30 59.43 -76.43
CA SER D 577 5.93 60.75 -75.96
C SER D 577 5.17 60.65 -74.63
N ASP D 578 5.69 59.84 -73.71
CA ASP D 578 5.06 59.70 -72.39
C ASP D 578 6.12 59.42 -71.33
N LEU D 579 5.77 59.76 -70.09
CA LEU D 579 6.63 59.56 -68.93
C LEU D 579 5.84 58.84 -67.84
N SER D 580 6.52 57.93 -67.12
CA SER D 580 5.88 57.14 -66.08
C SER D 580 6.95 56.68 -65.09
N PRO D 581 6.58 56.46 -63.81
CA PRO D 581 7.53 55.87 -62.87
C PRO D 581 7.50 54.35 -62.87
N SER D 582 6.91 53.76 -63.90
CA SER D 582 6.72 52.31 -63.95
C SER D 582 8.02 51.59 -64.28
N VAL D 583 8.57 51.89 -65.46
CA VAL D 583 9.65 51.08 -66.02
C VAL D 583 10.97 51.28 -65.30
N ALA D 584 11.11 52.34 -64.51
CA ALA D 584 12.34 52.54 -63.76
C ALA D 584 12.45 51.51 -62.64
N PHE D 585 11.48 51.50 -61.73
CA PHE D 585 11.49 50.53 -60.63
C PHE D 585 11.24 49.12 -61.14
N ALA D 586 10.20 48.96 -61.97
CA ALA D 586 9.79 47.63 -62.41
C ALA D 586 10.77 47.06 -63.42
N SER D 587 11.12 47.86 -64.44
CA SER D 587 12.05 47.35 -65.45
C SER D 587 13.47 47.28 -64.91
N LEU D 588 13.80 48.01 -63.85
CA LEU D 588 15.12 47.81 -63.24
C LEU D 588 15.14 46.37 -62.65
N SER D 589 14.01 46.01 -62.06
CA SER D 589 13.79 44.71 -61.43
C SER D 589 13.92 43.59 -62.45
N LEU D 590 13.41 43.82 -63.66
CA LEU D 590 13.51 42.86 -64.75
C LEU D 590 14.98 42.64 -65.11
N PHE D 591 15.75 43.72 -65.11
CA PHE D 591 17.18 43.67 -65.39
C PHE D 591 17.90 42.83 -64.33
N HIS D 592 17.49 42.93 -63.07
CA HIS D 592 18.18 42.12 -62.04
C HIS D 592 18.06 40.61 -62.33
N ILE D 593 16.87 40.18 -62.73
CA ILE D 593 16.53 38.81 -63.14
C ILE D 593 17.42 38.31 -64.27
N LEU D 594 17.72 39.20 -65.22
CA LEU D 594 18.54 38.87 -66.39
C LEU D 594 19.98 38.43 -66.09
N VAL D 595 20.60 39.06 -65.11
CA VAL D 595 22.00 38.77 -64.78
C VAL D 595 22.27 37.33 -64.34
N THR D 596 21.37 36.77 -63.53
CA THR D 596 21.55 35.41 -63.05
C THR D 596 21.53 34.40 -64.21
N PRO D 597 20.64 34.63 -65.16
CA PRO D 597 20.48 33.76 -66.34
C PRO D 597 21.50 34.01 -67.45
N LEU D 598 22.16 35.16 -67.47
CA LEU D 598 23.14 35.42 -68.52
C LEU D 598 24.41 34.61 -68.28
N PHE D 599 25.10 34.89 -67.17
CA PHE D 599 26.35 34.20 -66.88
C PHE D 599 26.11 32.75 -66.47
N LEU D 600 24.93 32.47 -65.89
CA LEU D 600 24.55 31.09 -65.68
C LEU D 600 24.20 30.39 -66.99
N LEU D 601 23.79 31.15 -68.00
CA LEU D 601 23.48 30.56 -69.29
C LEU D 601 24.75 30.18 -70.04
N SER D 602 25.72 31.10 -70.08
CA SER D 602 26.98 30.77 -70.75
C SER D 602 27.78 29.75 -69.94
N SER D 603 27.69 29.84 -68.61
CA SER D 603 28.31 28.83 -67.75
C SER D 603 27.65 27.48 -67.92
N VAL D 604 26.34 27.47 -68.21
CA VAL D 604 25.66 26.23 -68.53
C VAL D 604 26.03 25.74 -69.92
N VAL D 605 26.44 26.65 -70.80
CA VAL D 605 26.85 26.24 -72.14
C VAL D 605 28.20 25.55 -72.09
N ARG D 606 29.17 26.16 -71.42
CA ARG D 606 30.46 25.49 -71.25
C ARG D 606 30.33 24.29 -70.33
N SER D 607 29.34 24.29 -69.44
CA SER D 607 29.03 23.10 -68.66
C SER D 607 28.46 22.00 -69.55
N THR D 608 27.77 22.36 -70.62
CA THR D 608 27.28 21.36 -71.55
C THR D 608 28.39 20.83 -72.45
N VAL D 609 29.34 21.69 -72.82
CA VAL D 609 30.49 21.23 -73.61
C VAL D 609 31.35 20.29 -72.78
N LYS D 610 31.61 20.66 -71.51
CA LYS D 610 32.30 19.77 -70.60
C LYS D 610 31.46 18.55 -70.26
N ALA D 611 30.13 18.64 -70.39
CA ALA D 611 29.28 17.49 -70.16
C ALA D 611 29.41 16.47 -71.29
N LEU D 612 29.41 16.95 -72.54
CA LEU D 612 29.60 16.05 -73.66
C LEU D 612 31.02 15.50 -73.71
N VAL D 613 32.00 16.29 -73.26
CA VAL D 613 33.36 15.79 -73.19
C VAL D 613 33.50 14.76 -72.07
N SER D 614 32.81 14.95 -70.96
CA SER D 614 32.90 14.01 -69.84
C SER D 614 32.17 12.71 -70.16
N VAL D 615 31.03 12.79 -70.85
CA VAL D 615 30.35 11.59 -71.28
C VAL D 615 31.13 10.90 -72.40
N GLN D 616 31.88 11.67 -73.19
CA GLN D 616 32.74 11.08 -74.20
C GLN D 616 33.89 10.31 -73.58
N LYS D 617 34.49 10.87 -72.52
CA LYS D 617 35.55 10.16 -71.81
C LYS D 617 35.01 8.97 -71.04
N LEU D 618 33.76 9.05 -70.57
CA LEU D 618 33.14 7.92 -69.89
C LEU D 618 32.85 6.79 -70.86
N SER D 619 32.36 7.13 -72.06
CA SER D 619 32.15 6.11 -73.09
C SER D 619 33.47 5.55 -73.60
N GLU D 620 34.53 6.38 -73.60
CA GLU D 620 35.84 5.88 -73.97
C GLU D 620 36.39 4.93 -72.90
N PHE D 621 36.06 5.16 -71.64
CA PHE D 621 36.44 4.23 -70.59
C PHE D 621 35.56 2.99 -70.57
N LEU D 622 34.37 3.07 -71.16
CA LEU D 622 33.40 1.97 -71.10
C LEU D 622 33.85 0.76 -71.91
N SER D 623 34.84 0.91 -72.78
CA SER D 623 35.38 -0.22 -73.52
C SER D 623 36.20 -1.12 -72.61
N CYS D 686 48.16 -31.81 -58.46
CA CYS D 686 47.71 -30.52 -57.92
C CYS D 686 47.66 -29.46 -59.01
N VAL D 687 48.60 -29.54 -59.96
CA VAL D 687 48.71 -28.61 -61.07
C VAL D 687 48.73 -29.41 -62.36
N GLN D 688 47.90 -29.03 -63.32
CA GLN D 688 47.97 -29.61 -64.66
C GLN D 688 47.96 -28.52 -65.71
N ILE D 689 49.03 -28.45 -66.51
CA ILE D 689 49.15 -27.50 -67.60
C ILE D 689 49.39 -28.29 -68.87
N ILE D 690 48.56 -28.05 -69.89
CA ILE D 690 48.61 -28.77 -71.15
C ILE D 690 48.58 -27.78 -72.30
N GLY D 691 49.64 -27.78 -73.13
CA GLY D 691 49.73 -26.98 -74.34
C GLY D 691 49.35 -25.52 -74.27
N GLY D 692 49.93 -24.82 -73.30
CA GLY D 692 49.47 -23.49 -72.92
C GLY D 692 50.30 -22.42 -73.61
N PHE D 693 49.59 -21.42 -74.12
CA PHE D 693 50.13 -20.34 -74.93
C PHE D 693 49.82 -19.01 -74.30
N PHE D 694 50.82 -18.13 -74.22
CA PHE D 694 50.73 -16.87 -73.49
C PHE D 694 51.21 -15.74 -74.38
N THR D 695 50.53 -14.60 -74.27
CA THR D 695 50.78 -13.40 -75.06
C THR D 695 50.94 -12.17 -74.18
N TRP D 696 51.65 -11.19 -74.74
CA TRP D 696 51.66 -9.84 -74.20
C TRP D 696 50.52 -9.01 -74.76
N THR D 697 49.93 -9.44 -75.87
CA THR D 697 48.99 -8.70 -76.70
C THR D 697 48.19 -9.70 -77.51
N PRO D 698 46.87 -9.80 -77.29
CA PRO D 698 46.07 -10.80 -78.03
C PRO D 698 45.88 -10.48 -79.51
N ASP D 699 46.20 -9.27 -79.94
CA ASP D 699 46.12 -8.89 -81.35
C ASP D 699 47.23 -9.53 -82.18
N GLY D 700 48.29 -10.03 -81.54
CA GLY D 700 49.39 -10.68 -82.19
C GLY D 700 49.59 -12.11 -81.69
N ILE D 701 50.55 -12.78 -82.32
CA ILE D 701 51.01 -14.12 -81.96
C ILE D 701 51.42 -14.16 -80.50
N PRO D 702 51.03 -15.21 -79.76
CA PRO D 702 51.53 -15.44 -78.39
C PRO D 702 53.05 -15.33 -78.24
N THR D 703 53.44 -14.74 -77.11
CA THR D 703 54.85 -14.61 -76.74
C THR D 703 55.42 -15.94 -76.27
N LEU D 704 54.60 -16.75 -75.60
CA LEU D 704 54.99 -18.04 -75.07
C LEU D 704 54.14 -19.11 -75.74
N SER D 705 54.78 -20.19 -76.17
CA SER D 705 54.14 -21.22 -76.98
C SER D 705 54.42 -22.60 -76.40
N ASN D 706 53.36 -23.37 -76.22
CA ASN D 706 53.40 -24.79 -75.82
C ASN D 706 54.12 -25.02 -74.49
N ILE D 707 53.88 -24.12 -73.54
CA ILE D 707 54.54 -24.21 -72.24
C ILE D 707 53.91 -25.37 -71.51
N THR D 708 54.73 -26.34 -71.09
CA THR D 708 54.21 -27.49 -70.37
C THR D 708 55.07 -27.88 -69.18
N ILE D 709 54.46 -27.83 -67.99
CA ILE D 709 55.06 -28.33 -66.76
C ILE D 709 53.92 -28.50 -65.78
N ARG D 710 54.10 -29.39 -64.81
CA ARG D 710 53.16 -29.56 -63.72
C ARG D 710 53.87 -29.56 -62.38
N ILE D 711 53.26 -28.93 -61.38
CA ILE D 711 53.91 -28.94 -60.07
C ILE D 711 53.04 -29.69 -59.06
N PRO D 712 53.47 -30.87 -58.62
CA PRO D 712 52.96 -31.45 -57.36
C PRO D 712 52.90 -30.44 -56.22
N ARG D 713 51.82 -30.54 -55.43
CA ARG D 713 51.73 -29.79 -54.18
C ARG D 713 52.91 -30.11 -53.27
N GLY D 714 53.57 -29.05 -52.80
CA GLY D 714 54.74 -29.18 -51.96
C GLY D 714 56.07 -29.24 -52.67
N GLN D 715 56.12 -29.24 -54.00
CA GLN D 715 57.41 -29.31 -54.69
C GLN D 715 58.11 -27.95 -54.56
N LEU D 716 59.44 -27.97 -54.50
CA LEU D 716 60.24 -26.76 -54.64
C LEU D 716 60.77 -26.73 -56.08
N THR D 717 60.28 -25.77 -56.86
CA THR D 717 60.55 -25.72 -58.30
C THR D 717 61.10 -24.35 -58.66
N MET D 718 62.31 -24.34 -59.23
CA MET D 718 62.89 -23.10 -59.71
C MET D 718 62.48 -22.83 -61.15
N ILE D 719 62.45 -21.57 -61.52
CA ILE D 719 62.22 -21.14 -62.89
C ILE D 719 63.37 -20.21 -63.24
N VAL D 720 64.14 -20.54 -64.28
CA VAL D 720 65.34 -19.79 -64.59
C VAL D 720 65.44 -19.54 -66.09
N GLY D 721 66.31 -18.60 -66.42
CA GLY D 721 66.65 -18.27 -67.79
C GLY D 721 67.15 -16.84 -67.88
N GLN D 722 67.76 -16.54 -69.03
CA GLN D 722 68.33 -15.23 -69.35
C GLN D 722 67.34 -14.09 -69.09
N VAL D 723 67.88 -12.94 -68.67
CA VAL D 723 67.15 -11.67 -68.63
C VAL D 723 66.37 -11.44 -69.92
N GLY D 724 65.07 -11.20 -69.80
CA GLY D 724 64.24 -10.96 -70.95
C GLY D 724 63.73 -12.19 -71.67
N CYS D 725 64.01 -13.40 -71.17
CA CYS D 725 63.57 -14.62 -71.83
C CYS D 725 62.09 -14.89 -71.63
N GLY D 726 61.44 -14.15 -70.75
CA GLY D 726 60.02 -14.25 -70.51
C GLY D 726 59.69 -14.82 -69.15
N LYS D 727 60.65 -14.83 -68.22
CA LYS D 727 60.45 -15.41 -66.90
C LYS D 727 59.35 -14.67 -66.14
N SER D 728 59.42 -13.33 -66.14
CA SER D 728 58.37 -12.54 -65.54
C SER D 728 57.05 -12.75 -66.27
N SER D 729 57.10 -12.82 -67.60
CA SER D 729 55.92 -13.16 -68.40
C SER D 729 55.42 -14.56 -68.10
N LEU D 730 56.34 -15.50 -67.86
CA LEU D 730 55.97 -16.84 -67.42
C LEU D 730 55.24 -16.81 -66.09
N LEU D 731 55.70 -15.95 -65.17
CA LEU D 731 54.98 -15.74 -63.92
C LEU D 731 53.61 -15.12 -64.16
N LEU D 732 53.49 -14.22 -65.13
CA LEU D 732 52.19 -13.70 -65.52
C LEU D 732 51.28 -14.79 -66.08
N ALA D 733 51.84 -15.72 -66.86
CA ALA D 733 51.11 -16.92 -67.28
C ALA D 733 50.67 -17.75 -66.08
N THR D 734 51.56 -17.90 -65.10
CA THR D 734 51.22 -18.60 -63.86
C THR D 734 50.15 -17.87 -63.06
N LEU D 735 50.00 -16.57 -63.25
CA LEU D 735 48.96 -15.79 -62.60
C LEU D 735 47.67 -15.71 -63.42
N GLY D 736 47.60 -16.37 -64.57
CA GLY D 736 46.41 -16.27 -65.39
C GLY D 736 46.22 -14.91 -66.03
N GLU D 737 47.31 -14.20 -66.28
CA GLU D 737 47.28 -12.83 -66.77
C GLU D 737 47.54 -12.72 -68.27
N MET D 738 47.75 -13.84 -68.95
CA MET D 738 47.83 -13.88 -70.40
C MET D 738 46.60 -14.51 -71.00
N GLN D 739 46.56 -14.52 -72.34
CA GLN D 739 45.48 -15.09 -73.12
C GLN D 739 45.86 -16.48 -73.60
N LYS D 740 45.15 -17.49 -73.11
CA LYS D 740 45.38 -18.88 -73.49
C LYS D 740 44.77 -19.13 -74.86
N VAL D 741 45.63 -19.36 -75.86
CA VAL D 741 45.16 -19.61 -77.21
C VAL D 741 44.43 -20.94 -77.31
N SER D 742 44.99 -21.99 -76.70
CA SER D 742 44.34 -23.30 -76.71
C SER D 742 44.91 -24.14 -75.59
N GLY D 743 44.25 -25.26 -75.34
CA GLY D 743 44.70 -26.26 -74.39
C GLY D 743 43.89 -26.21 -73.11
N ALA D 744 44.19 -27.15 -72.23
CA ALA D 744 43.45 -27.34 -71.00
C ALA D 744 44.37 -27.08 -69.82
N VAL D 745 43.88 -26.37 -68.81
CA VAL D 745 44.67 -26.15 -67.60
C VAL D 745 43.76 -26.27 -66.40
N PHE D 746 44.15 -27.15 -65.47
CA PHE D 746 43.44 -27.36 -64.21
C PHE D 746 44.45 -27.38 -63.07
N TRP D 747 44.28 -26.45 -62.14
CA TRP D 747 45.16 -26.28 -60.97
C TRP D 747 44.41 -26.50 -59.66
N ASN D 748 43.29 -27.24 -59.73
CA ASN D 748 42.27 -27.50 -58.73
C ASN D 748 41.41 -26.27 -58.41
N SER D 749 41.64 -25.13 -59.07
CA SER D 749 40.89 -23.92 -58.80
C SER D 749 39.80 -23.67 -59.83
N ASN D 750 39.63 -24.56 -60.80
CA ASN D 750 38.55 -24.45 -61.77
C ASN D 750 37.38 -25.34 -61.41
N LEU D 751 37.49 -26.10 -60.32
CA LEU D 751 36.37 -26.84 -59.77
C LEU D 751 35.25 -25.89 -59.36
N PRO D 752 33.99 -26.21 -59.67
CA PRO D 752 32.85 -25.41 -59.21
C PRO D 752 32.46 -25.72 -57.77
N VAL D 778 45.74 -17.21 -52.67
CA VAL D 778 46.93 -17.04 -53.51
C VAL D 778 47.62 -15.72 -53.18
N ALA D 779 48.93 -15.77 -52.92
CA ALA D 779 49.73 -14.56 -52.76
C ALA D 779 50.71 -14.40 -53.91
N TYR D 780 51.13 -13.14 -54.10
CA TYR D 780 51.90 -12.71 -55.27
C TYR D 780 52.99 -11.74 -54.87
N ALA D 781 54.21 -11.98 -55.35
CA ALA D 781 55.29 -10.99 -55.29
C ALA D 781 55.63 -10.63 -56.73
N SER D 782 55.26 -9.44 -57.16
CA SER D 782 55.40 -9.02 -58.54
C SER D 782 56.85 -8.74 -58.86
N GLN D 783 57.15 -8.75 -60.17
CA GLN D 783 58.52 -8.58 -60.65
C GLN D 783 59.07 -7.23 -60.23
N LYS D 784 58.20 -6.22 -60.22
CA LYS D 784 58.51 -4.89 -59.73
C LYS D 784 57.62 -4.68 -58.51
N PRO D 785 58.18 -4.53 -57.32
CA PRO D 785 57.35 -4.40 -56.12
C PRO D 785 56.59 -3.09 -56.07
N TRP D 786 55.39 -3.15 -55.50
CA TRP D 786 54.53 -2.00 -55.35
C TRP D 786 54.01 -1.96 -53.93
N LEU D 787 53.62 -0.76 -53.52
CA LEU D 787 53.23 -0.50 -52.13
C LEU D 787 51.84 0.09 -52.09
N LEU D 788 51.02 -0.38 -51.18
CA LEU D 788 49.75 0.29 -50.93
C LEU D 788 50.01 1.47 -50.02
N ASN D 789 49.21 2.52 -50.18
CA ASN D 789 49.28 3.67 -49.29
C ASN D 789 48.68 3.40 -47.92
N ALA D 790 49.49 2.88 -47.00
CA ALA D 790 49.04 2.55 -45.65
C ALA D 790 50.27 2.40 -44.76
N THR D 791 50.02 2.11 -43.49
CA THR D 791 51.04 1.66 -42.56
C THR D 791 51.73 0.39 -43.06
N VAL D 792 52.95 0.16 -42.54
CA VAL D 792 53.64 -1.10 -42.73
C VAL D 792 52.81 -2.26 -42.18
N GLU D 793 52.22 -2.04 -41.01
CA GLU D 793 51.29 -3.00 -40.40
C GLU D 793 50.15 -3.38 -41.34
N GLU D 794 49.44 -2.39 -41.90
CA GLU D 794 48.37 -2.71 -42.83
C GLU D 794 48.87 -3.22 -44.17
N ASN D 795 50.11 -2.89 -44.56
CA ASN D 795 50.76 -3.53 -45.69
C ASN D 795 51.04 -5.01 -45.43
N ILE D 796 51.21 -5.36 -44.17
CA ILE D 796 51.39 -6.74 -43.73
C ILE D 796 50.06 -7.49 -43.59
N THR D 797 49.05 -6.87 -42.98
CA THR D 797 47.77 -7.53 -42.76
C THR D 797 47.04 -7.93 -44.04
N PHE D 798 46.91 -7.00 -45.01
CA PHE D 798 46.32 -7.28 -46.33
C PHE D 798 44.93 -7.96 -46.23
N GLU D 799 44.03 -7.25 -45.53
CA GLU D 799 42.64 -7.67 -45.30
C GLU D 799 42.54 -8.98 -44.53
N SER D 800 42.98 -8.90 -43.28
CA SER D 800 43.12 -10.02 -42.35
C SER D 800 42.92 -9.45 -40.96
N PRO D 801 42.60 -10.28 -39.97
CA PRO D 801 42.71 -9.79 -38.59
C PRO D 801 44.16 -9.73 -38.13
N PHE D 802 44.40 -8.77 -37.24
CA PHE D 802 45.68 -8.60 -36.55
C PHE D 802 45.97 -9.60 -35.45
N ASN D 803 47.11 -10.26 -35.59
CA ASN D 803 47.67 -11.26 -34.69
C ASN D 803 49.08 -10.72 -34.44
N LYS D 804 49.51 -10.67 -33.18
CA LYS D 804 50.85 -10.16 -32.89
C LYS D 804 51.87 -11.24 -32.51
N GLN D 805 51.46 -12.50 -32.45
CA GLN D 805 52.48 -13.52 -32.36
C GLN D 805 52.85 -13.90 -33.78
N ARG D 806 51.83 -13.95 -34.63
CA ARG D 806 52.06 -14.19 -36.04
C ARG D 806 52.91 -13.06 -36.59
N TYR D 807 52.59 -11.83 -36.19
CA TYR D 807 53.38 -10.65 -36.54
C TYR D 807 54.81 -10.75 -36.03
N LYS D 808 55.00 -11.18 -34.78
CA LYS D 808 56.36 -11.38 -34.27
C LYS D 808 57.15 -12.41 -35.09
N MET D 809 56.53 -13.56 -35.40
CA MET D 809 57.15 -14.58 -36.22
C MET D 809 57.42 -14.10 -37.64
N VAL D 810 56.49 -13.34 -38.21
CA VAL D 810 56.66 -12.74 -39.52
C VAL D 810 57.78 -11.71 -39.54
N ILE D 811 57.83 -10.85 -38.52
CA ILE D 811 58.89 -9.85 -38.39
C ILE D 811 60.26 -10.49 -38.31
N GLU D 812 60.40 -11.53 -37.50
CA GLU D 812 61.68 -12.25 -37.45
C GLU D 812 61.98 -12.96 -38.77
N ALA D 813 60.99 -13.69 -39.30
CA ALA D 813 61.15 -14.45 -40.53
C ALA D 813 61.36 -13.61 -41.78
N CYS D 814 60.80 -12.40 -41.85
CA CYS D 814 60.95 -11.58 -43.05
C CYS D 814 62.09 -10.59 -43.00
N SER D 815 62.96 -10.68 -41.98
CA SER D 815 64.18 -9.85 -41.86
C SER D 815 63.80 -8.38 -41.69
N LEU D 816 62.69 -8.13 -41.00
CA LEU D 816 62.11 -6.80 -40.91
C LEU D 816 62.55 -6.06 -39.67
N GLN D 817 63.29 -6.72 -38.77
CA GLN D 817 63.86 -6.04 -37.62
C GLN D 817 64.79 -4.88 -37.98
N PRO D 818 65.78 -5.01 -38.91
CA PRO D 818 66.55 -3.80 -39.30
C PRO D 818 65.70 -2.68 -39.90
N ASP D 819 64.63 -3.03 -40.61
CA ASP D 819 63.74 -2.02 -41.17
C ASP D 819 62.98 -1.29 -40.08
N ILE D 820 62.41 -2.06 -39.14
CA ILE D 820 61.71 -1.46 -38.00
C ILE D 820 62.69 -0.58 -37.23
N ASP D 821 63.91 -1.09 -37.04
CA ASP D 821 64.98 -0.40 -36.32
C ASP D 821 65.34 0.93 -36.98
N ILE D 822 65.14 1.03 -38.30
CA ILE D 822 65.41 2.29 -38.99
C ILE D 822 64.12 3.01 -39.36
N LEU D 823 62.93 2.50 -38.88
CA LEU D 823 61.73 3.26 -39.21
C LEU D 823 61.41 4.22 -38.05
N PRO D 824 60.98 5.45 -38.36
CA PRO D 824 60.86 6.47 -37.31
C PRO D 824 59.83 6.15 -36.24
N HIS D 825 58.75 5.45 -36.60
CA HIS D 825 57.71 5.07 -35.65
C HIS D 825 57.38 3.59 -35.73
N GLY D 826 58.34 2.77 -36.16
CA GLY D 826 58.09 1.34 -36.34
C GLY D 826 57.00 1.03 -37.33
N ASP D 827 56.02 0.22 -36.90
CA ASP D 827 54.87 -0.12 -37.73
C ASP D 827 53.90 1.02 -37.94
N GLN D 828 53.94 2.06 -37.12
CA GLN D 828 53.03 3.19 -37.32
C GLN D 828 53.54 4.18 -38.35
N THR D 829 54.68 3.94 -38.97
CA THR D 829 55.15 4.74 -40.10
C THR D 829 54.20 4.67 -41.29
N GLN D 830 53.77 5.84 -41.77
CA GLN D 830 53.00 5.93 -43.00
C GLN D 830 53.88 5.55 -44.19
N ILE D 831 53.43 4.58 -44.98
CA ILE D 831 54.18 4.14 -46.15
C ILE D 831 53.30 4.27 -47.38
N GLY D 832 53.92 4.02 -48.55
CA GLY D 832 53.29 4.26 -49.82
C GLY D 832 53.43 5.70 -50.30
N GLU D 833 52.49 6.08 -51.16
CA GLU D 833 52.48 7.40 -51.81
C GLU D 833 52.38 8.52 -50.78
N ARG D 834 53.27 9.52 -50.91
CA ARG D 834 53.37 10.71 -50.06
C ARG D 834 53.85 10.42 -48.65
N GLY D 835 54.35 9.20 -48.40
CA GLY D 835 54.88 8.82 -47.11
C GLY D 835 56.37 8.54 -47.17
N ILE D 836 56.84 7.73 -46.22
CA ILE D 836 58.23 7.32 -46.19
C ILE D 836 58.58 6.50 -47.43
N ASN D 837 59.69 6.86 -48.07
CA ASN D 837 60.14 6.23 -49.31
C ASN D 837 61.00 5.00 -49.00
N LEU D 838 60.38 3.83 -49.04
CA LEU D 838 61.10 2.58 -48.84
C LEU D 838 61.96 2.26 -50.05
N SER D 839 63.12 1.66 -49.80
CA SER D 839 63.96 1.15 -50.87
C SER D 839 63.30 -0.03 -51.58
N GLY D 840 63.84 -0.36 -52.75
CA GLY D 840 63.40 -1.53 -53.49
C GLY D 840 63.57 -2.83 -52.71
N GLY D 841 64.63 -2.93 -51.91
CA GLY D 841 64.78 -4.07 -51.05
C GLY D 841 63.78 -4.09 -49.91
N GLN D 842 63.56 -2.92 -49.29
CA GLN D 842 62.55 -2.83 -48.24
C GLN D 842 61.15 -3.11 -48.77
N ARG D 843 60.84 -2.60 -49.97
CA ARG D 843 59.58 -2.93 -50.64
C ARG D 843 59.46 -4.43 -50.91
N GLN D 844 60.55 -5.05 -51.36
CA GLN D 844 60.56 -6.50 -51.60
C GLN D 844 60.33 -7.28 -50.31
N ARG D 845 61.01 -6.90 -49.23
CA ARG D 845 60.83 -7.53 -47.93
C ARG D 845 59.41 -7.36 -47.39
N ILE D 846 58.81 -6.18 -47.61
CA ILE D 846 57.39 -5.98 -47.28
C ILE D 846 56.50 -6.90 -48.09
N SER D 847 56.78 -7.04 -49.40
CA SER D 847 56.00 -7.94 -50.25
C SER D 847 56.13 -9.40 -49.81
N VAL D 848 57.35 -9.82 -49.47
CA VAL D 848 57.59 -11.16 -48.92
C VAL D 848 56.83 -11.36 -47.61
N ALA D 849 56.88 -10.36 -46.72
CA ALA D 849 56.14 -10.45 -45.46
C ALA D 849 54.63 -10.52 -45.69
N ARG D 850 54.13 -9.76 -46.67
CA ARG D 850 52.74 -9.83 -47.09
C ARG D 850 52.35 -11.23 -47.54
N ALA D 851 53.18 -11.85 -48.37
CA ALA D 851 52.92 -13.21 -48.83
C ALA D 851 53.01 -14.23 -47.69
N LEU D 852 54.02 -14.14 -46.84
CA LEU D 852 54.13 -15.08 -45.72
C LEU D 852 52.97 -14.92 -44.74
N TYR D 853 52.57 -13.68 -44.45
CA TYR D 853 51.43 -13.45 -43.56
C TYR D 853 50.13 -13.98 -44.14
N GLN D 854 49.97 -13.88 -45.47
CA GLN D 854 48.72 -14.36 -46.07
C GLN D 854 48.54 -15.88 -46.01
N GLN D 855 49.63 -16.65 -45.80
CA GLN D 855 49.61 -18.11 -45.59
C GLN D 855 48.87 -18.84 -46.70
N THR D 856 49.13 -18.44 -47.94
CA THR D 856 48.49 -19.02 -49.11
C THR D 856 49.04 -20.41 -49.44
N ASN D 857 48.32 -21.11 -50.32
CA ASN D 857 48.75 -22.45 -50.72
C ASN D 857 49.85 -22.37 -51.76
N VAL D 858 49.85 -21.30 -52.57
CA VAL D 858 50.82 -21.14 -53.66
C VAL D 858 51.49 -19.78 -53.49
N VAL D 859 52.81 -19.76 -53.60
CA VAL D 859 53.60 -18.54 -53.51
C VAL D 859 54.35 -18.39 -54.83
N PHE D 860 54.25 -17.22 -55.43
CA PHE D 860 55.03 -16.90 -56.63
C PHE D 860 56.04 -15.82 -56.27
N LEU D 861 57.31 -16.18 -56.26
CA LEU D 861 58.39 -15.26 -55.90
C LEU D 861 59.13 -14.89 -57.18
N ASP D 862 59.08 -13.61 -57.54
CA ASP D 862 59.79 -13.10 -58.72
C ASP D 862 61.11 -12.47 -58.28
N ASP D 863 62.17 -13.29 -58.30
CA ASP D 863 63.56 -12.94 -58.01
C ASP D 863 63.75 -12.32 -56.61
N PRO D 864 63.27 -12.94 -55.53
CA PRO D 864 62.92 -12.17 -54.32
C PRO D 864 64.12 -11.66 -53.54
N PHE D 865 65.33 -12.15 -53.84
CA PHE D 865 66.53 -11.80 -53.12
C PHE D 865 67.48 -10.96 -53.96
N SER D 866 67.02 -10.54 -55.15
CA SER D 866 67.83 -9.71 -56.04
C SER D 866 68.11 -8.36 -55.41
N ALA D 867 67.12 -7.78 -54.75
CA ALA D 867 67.19 -6.43 -54.21
C ALA D 867 67.68 -6.42 -52.78
N LEU D 868 68.05 -7.57 -52.23
CA LEU D 868 68.58 -7.68 -50.88
C LEU D 868 70.06 -8.07 -50.91
N ASP D 869 70.75 -7.71 -49.83
CA ASP D 869 72.16 -8.01 -49.63
C ASP D 869 72.39 -9.52 -49.41
N VAL D 870 73.67 -9.89 -49.44
CA VAL D 870 74.10 -11.28 -49.31
C VAL D 870 73.65 -11.87 -47.98
N HIS D 871 73.78 -11.09 -46.90
CA HIS D 871 73.35 -11.55 -45.58
C HIS D 871 71.85 -11.72 -45.52
N LEU D 872 71.11 -10.75 -46.06
CA LEU D 872 69.65 -10.88 -46.18
C LEU D 872 69.24 -12.01 -47.13
N SER D 873 70.03 -12.25 -48.19
CA SER D 873 69.80 -13.43 -49.03
C SER D 873 69.97 -14.72 -48.23
N ASP D 874 70.98 -14.77 -47.36
CA ASP D 874 71.17 -15.90 -46.45
C ASP D 874 69.98 -16.03 -45.49
N HIS D 875 69.47 -14.90 -45.01
CA HIS D 875 68.26 -14.88 -44.19
C HIS D 875 67.11 -15.49 -44.96
N LEU D 876 66.87 -15.04 -46.19
CA LEU D 876 65.78 -15.53 -47.03
C LEU D 876 65.97 -17.01 -47.36
N MET D 877 67.22 -17.46 -47.49
CA MET D 877 67.56 -18.87 -47.58
C MET D 877 67.05 -19.66 -46.36
N GLN D 878 67.52 -19.29 -45.16
CA GLN D 878 67.18 -20.08 -43.96
C GLN D 878 65.72 -19.92 -43.58
N ALA D 879 65.20 -18.69 -43.64
CA ALA D 879 63.84 -18.45 -43.21
C ALA D 879 62.91 -18.84 -44.34
N GLY D 880 63.45 -18.88 -45.56
CA GLY D 880 62.67 -19.33 -46.69
C GLY D 880 62.49 -20.82 -46.52
N ILE D 881 63.57 -21.51 -46.13
CA ILE D 881 63.57 -22.95 -45.97
C ILE D 881 62.72 -23.32 -44.75
N LEU D 882 62.45 -22.33 -43.88
CA LEU D 882 61.62 -22.55 -42.70
C LEU D 882 60.31 -21.80 -42.86
N GLU D 883 60.02 -21.45 -44.10
CA GLU D 883 58.80 -20.82 -44.57
C GLU D 883 58.11 -21.88 -45.39
N LEU D 884 58.90 -22.54 -46.24
CA LEU D 884 58.39 -23.67 -47.00
C LEU D 884 58.25 -24.80 -46.00
N LEU D 885 59.21 -24.90 -45.07
CA LEU D 885 59.10 -25.86 -44.00
C LEU D 885 57.93 -25.47 -43.10
N ARG D 886 57.80 -24.16 -42.81
CA ARG D 886 56.62 -23.64 -42.12
C ARG D 886 55.34 -23.93 -42.90
N ASP D 887 55.39 -23.83 -44.23
CA ASP D 887 54.31 -24.22 -45.13
C ASP D 887 54.00 -25.69 -44.87
N ASP D 888 52.82 -25.93 -44.31
CA ASP D 888 52.33 -27.28 -44.05
C ASP D 888 51.83 -27.94 -45.34
N LYS D 889 52.80 -28.52 -46.06
CA LYS D 889 52.71 -29.16 -47.38
C LYS D 889 52.50 -28.26 -48.59
N ARG D 890 52.39 -26.93 -48.43
CA ARG D 890 52.01 -26.07 -49.56
C ARG D 890 53.04 -26.13 -50.70
N THR D 891 52.55 -25.85 -51.90
CA THR D 891 53.36 -25.64 -53.10
C THR D 891 53.98 -24.25 -53.19
N VAL D 892 55.29 -24.20 -53.41
CA VAL D 892 56.02 -22.94 -53.43
C VAL D 892 56.79 -22.90 -54.75
N VAL D 893 56.51 -21.91 -55.58
CA VAL D 893 57.20 -21.70 -56.84
C VAL D 893 58.13 -20.49 -56.73
N LEU D 894 59.42 -20.70 -56.93
CA LEU D 894 60.44 -19.68 -56.75
C LEU D 894 61.08 -19.43 -58.11
N VAL D 895 60.59 -18.41 -58.83
CA VAL D 895 61.35 -17.89 -59.97
C VAL D 895 62.61 -17.21 -59.46
N THR D 896 63.73 -17.45 -60.13
CA THR D 896 64.96 -16.75 -59.82
C THR D 896 65.83 -16.69 -61.07
N HIS D 897 66.62 -15.62 -61.18
CA HIS D 897 67.65 -15.50 -62.20
C HIS D 897 69.01 -16.00 -61.75
N LYS D 898 69.13 -16.42 -60.49
CA LYS D 898 70.41 -16.78 -59.90
C LYS D 898 70.53 -18.28 -59.72
N LEU D 899 71.75 -18.78 -59.90
CA LEU D 899 72.05 -20.20 -59.76
C LEU D 899 72.49 -20.58 -58.36
N GLN D 900 72.63 -19.58 -57.47
CA GLN D 900 73.25 -19.75 -56.15
C GLN D 900 72.57 -20.84 -55.33
N TYR D 901 71.25 -20.94 -55.41
CA TYR D 901 70.49 -21.85 -54.57
C TYR D 901 69.74 -22.91 -55.38
N LEU D 902 70.01 -23.04 -56.67
CA LEU D 902 69.42 -24.15 -57.43
C LEU D 902 69.80 -25.54 -56.90
N PRO D 903 70.99 -25.80 -56.31
CA PRO D 903 71.16 -27.11 -55.66
C PRO D 903 70.33 -27.24 -54.41
N HIS D 904 69.85 -26.12 -53.85
CA HIS D 904 69.25 -26.07 -52.53
C HIS D 904 67.74 -25.95 -52.58
N ALA D 905 67.16 -26.09 -53.76
CA ALA D 905 65.73 -26.32 -53.89
C ALA D 905 65.58 -27.77 -54.35
N ASP D 906 64.34 -28.24 -54.54
CA ASP D 906 64.22 -29.68 -54.73
C ASP D 906 64.47 -30.08 -56.17
N TRP D 907 63.83 -29.42 -57.12
CA TRP D 907 63.90 -29.79 -58.53
C TRP D 907 63.87 -28.50 -59.34
N ILE D 908 64.53 -28.50 -60.50
CA ILE D 908 64.55 -27.33 -61.37
C ILE D 908 63.83 -27.59 -62.70
N ILE D 909 63.08 -26.58 -63.14
CA ILE D 909 62.51 -26.49 -64.48
C ILE D 909 63.20 -25.32 -65.17
N ALA D 910 63.89 -25.59 -66.28
CA ALA D 910 64.58 -24.56 -67.05
C ALA D 910 63.78 -24.10 -68.26
N MET D 911 63.59 -22.79 -68.37
CA MET D 911 62.85 -22.17 -69.44
C MET D 911 63.81 -21.37 -70.30
N LYS D 912 63.51 -21.27 -71.59
CA LYS D 912 64.25 -20.37 -72.47
C LYS D 912 63.37 -19.87 -73.60
N ASP D 913 63.50 -18.57 -73.90
CA ASP D 913 62.85 -17.90 -75.04
C ASP D 913 61.33 -18.00 -74.99
N GLY D 914 60.77 -17.97 -73.79
CA GLY D 914 59.33 -18.10 -73.62
C GLY D 914 58.83 -19.52 -73.74
N THR D 915 59.71 -20.50 -73.81
CA THR D 915 59.37 -21.91 -73.90
C THR D 915 60.07 -22.59 -72.74
N ILE D 916 59.61 -23.79 -72.39
CA ILE D 916 60.32 -24.60 -71.42
C ILE D 916 61.35 -25.43 -72.18
N GLN D 917 62.62 -25.30 -71.80
CA GLN D 917 63.65 -26.08 -72.47
C GLN D 917 63.84 -27.47 -71.88
N ARG D 918 63.88 -27.59 -70.54
CA ARG D 918 64.00 -28.89 -69.90
C ARG D 918 63.55 -28.77 -68.44
N GLU D 919 63.03 -29.88 -67.92
CA GLU D 919 62.71 -30.06 -66.51
C GLU D 919 63.32 -31.38 -66.08
N GLY D 920 63.80 -31.47 -64.85
CA GLY D 920 64.60 -32.64 -64.55
C GLY D 920 65.57 -32.46 -63.40
N THR D 921 66.20 -33.59 -63.09
CA THR D 921 67.22 -33.76 -62.05
C THR D 921 68.51 -33.02 -62.40
N LEU D 922 69.36 -32.90 -61.36
CA LEU D 922 70.71 -32.38 -61.53
C LEU D 922 71.49 -33.16 -62.59
N LYS D 923 71.41 -34.49 -62.56
CA LYS D 923 72.10 -35.31 -63.58
C LYS D 923 71.52 -35.06 -64.97
N ASP D 924 70.19 -34.92 -65.06
CA ASP D 924 69.50 -34.61 -66.33
C ASP D 924 69.97 -33.28 -66.89
N PHE D 925 70.19 -32.29 -66.03
CA PHE D 925 70.59 -30.97 -66.46
C PHE D 925 72.09 -30.90 -66.65
N GLN D 926 72.83 -31.82 -66.02
CA GLN D 926 74.22 -32.04 -66.40
C GLN D 926 74.29 -32.55 -67.83
N ARG D 927 73.35 -33.45 -68.20
CA ARG D 927 73.33 -33.92 -69.59
C ARG D 927 72.88 -32.79 -70.51
N SER D 928 72.08 -31.87 -69.99
CA SER D 928 71.71 -30.64 -70.70
C SER D 928 72.93 -29.75 -70.89
N GLU D 929 73.91 -29.89 -70.00
CA GLU D 929 75.16 -29.12 -69.92
C GLU D 929 74.89 -27.64 -69.70
N CYS D 930 73.95 -27.37 -68.79
CA CYS D 930 73.45 -26.04 -68.50
C CYS D 930 73.66 -25.67 -67.04
N GLN D 931 73.17 -26.53 -66.13
CA GLN D 931 73.22 -26.29 -64.68
C GLN D 931 74.64 -26.13 -64.16
N LEU D 932 75.59 -26.92 -64.70
CA LEU D 932 76.99 -26.74 -64.36
C LEU D 932 77.54 -25.41 -64.84
N PHE D 933 77.19 -25.01 -66.07
CA PHE D 933 77.59 -23.70 -66.59
C PHE D 933 77.04 -22.55 -65.73
N GLU D 934 75.79 -22.65 -65.29
CA GLU D 934 75.25 -21.67 -64.36
C GLU D 934 75.93 -21.74 -63.00
N HIS D 935 76.29 -22.95 -62.56
CA HIS D 935 77.13 -23.10 -61.36
C HIS D 935 78.50 -22.48 -61.56
N TRP D 936 79.06 -22.58 -62.77
CA TRP D 936 80.30 -21.90 -63.12
C TRP D 936 80.13 -20.39 -63.13
N ALA D 1008 40.17 39.86 -37.10
CA ALA D 1008 41.28 38.95 -37.41
C ALA D 1008 41.79 39.18 -38.83
N CYS D 1009 41.88 40.45 -39.23
CA CYS D 1009 42.36 40.81 -40.54
C CYS D 1009 43.58 41.72 -40.52
N THR D 1010 44.14 41.98 -39.33
CA THR D 1010 45.29 42.89 -39.22
C THR D 1010 46.54 42.29 -39.84
N LYS D 1011 46.63 40.95 -39.90
CA LYS D 1011 47.71 40.33 -40.63
C LYS D 1011 47.52 40.49 -42.14
N TYR D 1012 46.28 40.40 -42.61
CA TYR D 1012 46.00 40.51 -44.03
C TYR D 1012 46.10 41.94 -44.54
N LEU D 1013 45.95 42.94 -43.66
CA LEU D 1013 46.01 44.32 -44.10
C LEU D 1013 47.39 44.74 -44.56
N SER D 1014 48.44 44.04 -44.13
CA SER D 1014 49.80 44.34 -44.56
C SER D 1014 50.22 43.55 -45.80
N SER D 1015 49.32 42.75 -46.35
CA SER D 1015 49.65 41.92 -47.51
C SER D 1015 49.59 42.75 -48.79
N ALA D 1016 50.67 42.70 -49.57
CA ALA D 1016 50.80 43.37 -50.87
C ALA D 1016 50.59 44.88 -50.78
N GLY D 1017 51.08 45.47 -49.70
CA GLY D 1017 50.92 46.90 -49.48
C GLY D 1017 49.64 47.24 -48.73
N ILE D 1018 49.62 48.44 -48.18
CA ILE D 1018 48.48 48.95 -47.42
C ILE D 1018 47.95 50.26 -47.98
N LEU D 1019 48.84 51.19 -48.35
CA LEU D 1019 48.42 52.53 -48.73
C LEU D 1019 47.76 52.55 -50.09
N LEU D 1020 48.38 51.93 -51.10
CA LEU D 1020 47.82 51.94 -52.45
C LEU D 1020 46.57 51.08 -52.54
N LEU D 1021 46.51 49.99 -51.78
CA LEU D 1021 45.30 49.18 -51.73
C LEU D 1021 44.18 49.89 -50.99
N SER D 1022 44.52 50.65 -49.94
CA SER D 1022 43.52 51.41 -49.22
C SER D 1022 42.97 52.56 -50.06
N LEU D 1023 43.82 53.21 -50.86
CA LEU D 1023 43.36 54.28 -51.74
C LEU D 1023 42.59 53.72 -52.94
N LEU D 1024 42.98 52.54 -53.43
CA LEU D 1024 42.30 51.95 -54.58
C LEU D 1024 40.92 51.44 -54.19
N VAL D 1025 40.84 50.67 -53.09
CA VAL D 1025 39.55 50.17 -52.63
C VAL D 1025 38.69 51.30 -52.06
N PHE D 1026 39.34 52.34 -51.52
CA PHE D 1026 38.62 53.53 -51.10
C PHE D 1026 38.00 54.24 -52.29
N SER D 1027 38.74 54.32 -53.40
CA SER D 1027 38.19 54.89 -54.62
C SER D 1027 37.10 54.01 -55.22
N GLN D 1028 37.17 52.69 -54.99
CA GLN D 1028 36.10 51.82 -55.43
C GLN D 1028 34.83 52.02 -54.60
N LEU D 1029 35.00 52.26 -53.29
CA LEU D 1029 33.85 52.54 -52.44
C LEU D 1029 33.23 53.89 -52.78
N LEU D 1030 34.07 54.88 -53.12
CA LEU D 1030 33.55 56.17 -53.57
C LEU D 1030 32.89 56.04 -54.93
N LYS D 1031 33.38 55.14 -55.79
CA LYS D 1031 32.75 54.91 -57.08
C LYS D 1031 31.39 54.23 -56.91
N HIS D 1032 31.24 53.36 -55.91
CA HIS D 1032 29.94 52.78 -55.66
C HIS D 1032 29.00 53.74 -54.96
N MET D 1033 29.55 54.69 -54.19
CA MET D 1033 28.72 55.79 -53.69
C MET D 1033 28.26 56.69 -54.84
N VAL D 1034 29.09 56.80 -55.89
CA VAL D 1034 28.63 57.46 -57.10
C VAL D 1034 27.60 56.61 -57.83
N LEU D 1035 27.66 55.29 -57.65
CA LEU D 1035 26.67 54.42 -58.29
C LEU D 1035 25.31 54.56 -57.63
N VAL D 1036 25.27 54.60 -56.30
CA VAL D 1036 24.00 54.85 -55.62
C VAL D 1036 23.60 56.30 -55.78
N ALA D 1037 24.54 57.19 -56.11
CA ALA D 1037 24.17 58.55 -56.50
C ALA D 1037 23.49 58.55 -57.86
N ILE D 1038 23.91 57.69 -58.77
CA ILE D 1038 23.20 57.50 -60.03
C ILE D 1038 21.82 56.89 -59.76
N ASP D 1039 21.73 56.03 -58.75
CA ASP D 1039 20.45 55.44 -58.37
C ASP D 1039 19.48 56.50 -57.84
N TYR D 1040 19.95 57.35 -56.93
CA TYR D 1040 19.08 58.37 -56.35
C TYR D 1040 18.79 59.49 -57.35
N TRP D 1041 19.71 59.75 -58.27
CA TRP D 1041 19.46 60.77 -59.28
C TRP D 1041 18.45 60.28 -60.31
N LEU D 1042 18.54 59.01 -60.69
CA LEU D 1042 17.51 58.43 -61.55
C LEU D 1042 16.19 58.29 -60.83
N ALA D 1043 16.23 58.14 -59.50
CA ALA D 1043 14.99 58.08 -58.72
C ALA D 1043 14.34 59.45 -58.60
N LYS D 1044 15.15 60.49 -58.40
CA LYS D 1044 14.60 61.83 -58.24
C LYS D 1044 14.13 62.39 -59.57
N TRP D 1045 14.86 62.09 -60.66
CA TRP D 1045 14.37 62.45 -61.98
C TRP D 1045 13.19 61.58 -62.38
N THR D 1046 13.10 60.36 -61.83
CA THR D 1046 11.89 59.58 -62.00
C THR D 1046 10.72 60.21 -61.26
N ASP D 1047 10.98 60.88 -60.14
CA ASP D 1047 9.95 61.68 -59.49
C ASP D 1047 9.63 62.93 -60.30
N SER D 1048 10.60 63.44 -61.06
CA SER D 1048 10.35 64.58 -61.92
C SER D 1048 9.49 64.18 -63.11
N ALA D 1049 9.69 62.98 -63.65
CA ALA D 1049 8.81 62.48 -64.69
C ALA D 1049 7.46 62.09 -64.14
N LEU D 1050 7.41 61.69 -62.86
CA LEU D 1050 6.15 61.40 -62.20
C LEU D 1050 5.38 62.68 -61.86
N VAL D 1051 6.06 63.82 -61.78
CA VAL D 1051 5.37 65.08 -61.51
C VAL D 1051 4.67 65.65 -62.72
N LEU D 1052 4.86 65.06 -63.90
CA LEU D 1052 4.20 65.54 -65.11
C LEU D 1052 2.90 64.78 -65.37
N GLN D 1069 12.78 67.37 -71.75
CA GLN D 1069 12.16 67.89 -70.54
C GLN D 1069 12.93 69.10 -70.01
N SER D 1070 12.83 69.33 -68.70
CA SER D 1070 13.46 70.50 -68.08
C SER D 1070 14.96 70.33 -67.97
N VAL D 1071 15.42 69.27 -67.30
CA VAL D 1071 16.83 69.02 -67.10
C VAL D 1071 17.17 67.66 -67.70
N TYR D 1072 16.49 67.32 -68.81
CA TYR D 1072 16.60 65.98 -69.39
C TYR D 1072 17.99 65.69 -69.93
N ALA D 1073 18.63 66.70 -70.54
CA ALA D 1073 20.02 66.53 -70.96
C ALA D 1073 20.93 66.41 -69.75
N MET D 1074 20.65 67.17 -68.69
CA MET D 1074 21.43 67.07 -67.46
C MET D 1074 21.20 65.73 -66.77
N VAL D 1075 19.96 65.23 -66.81
CA VAL D 1075 19.64 63.99 -66.10
C VAL D 1075 20.21 62.80 -66.84
N PHE D 1076 19.81 62.60 -68.10
CA PHE D 1076 20.23 61.41 -68.83
C PHE D 1076 21.67 61.50 -69.28
N THR D 1077 22.23 62.71 -69.40
CA THR D 1077 23.65 62.80 -69.72
C THR D 1077 24.52 62.66 -68.48
N LEU D 1078 24.12 63.29 -67.37
CA LEU D 1078 24.90 63.24 -66.15
C LEU D 1078 24.77 61.91 -65.41
N LEU D 1079 23.73 61.13 -65.71
CA LEU D 1079 23.48 59.87 -65.03
C LEU D 1079 24.31 58.71 -65.58
N CYS D 1080 25.17 58.97 -66.56
CA CYS D 1080 26.02 57.93 -67.14
C CYS D 1080 27.50 58.23 -66.93
N SER D 1081 27.83 59.00 -65.90
CA SER D 1081 29.21 59.41 -65.69
C SER D 1081 30.04 58.29 -65.06
N LEU D 1082 29.57 57.75 -63.93
CA LEU D 1082 30.32 56.77 -63.16
C LEU D 1082 30.06 55.34 -63.62
N GLY D 1083 29.64 55.15 -64.87
CA GLY D 1083 29.44 53.80 -65.39
C GLY D 1083 30.76 53.14 -65.74
N ILE D 1084 31.47 53.74 -66.71
CA ILE D 1084 32.80 53.26 -67.06
C ILE D 1084 33.77 53.55 -65.93
N VAL D 1085 33.51 54.61 -65.16
CA VAL D 1085 34.37 54.96 -64.03
C VAL D 1085 34.19 53.95 -62.90
N LEU D 1086 32.97 53.50 -62.66
CA LEU D 1086 32.77 52.45 -61.68
C LEU D 1086 33.29 51.11 -62.18
N CYS D 1087 33.22 50.88 -63.50
CA CYS D 1087 33.68 49.62 -64.08
C CYS D 1087 35.20 49.51 -64.02
N LEU D 1088 35.90 50.63 -64.20
CA LEU D 1088 37.35 50.60 -64.17
C LEU D 1088 37.91 50.76 -62.77
N VAL D 1089 37.38 51.71 -62.00
CA VAL D 1089 37.88 51.98 -60.66
C VAL D 1089 37.48 50.88 -59.69
N THR D 1090 36.27 50.32 -59.86
CA THR D 1090 35.82 49.25 -58.97
C THR D 1090 36.61 47.97 -59.18
N SER D 1091 37.15 47.76 -60.39
CA SER D 1091 38.02 46.62 -60.67
C SER D 1091 39.49 47.00 -60.66
N VAL D 1092 39.83 48.20 -60.17
CA VAL D 1092 41.21 48.65 -60.18
C VAL D 1092 42.02 48.16 -58.99
N THR D 1093 41.38 47.91 -57.85
CA THR D 1093 42.12 47.53 -56.65
C THR D 1093 42.72 46.14 -56.78
N VAL D 1094 42.10 45.27 -57.58
CA VAL D 1094 42.63 43.95 -57.84
C VAL D 1094 42.92 43.81 -59.32
N GLU D 1095 43.19 44.93 -59.99
CA GLU D 1095 43.55 44.88 -61.40
C GLU D 1095 44.93 44.28 -61.59
N TRP D 1096 45.94 44.87 -60.97
CA TRP D 1096 47.29 44.31 -60.98
C TRP D 1096 47.76 43.95 -59.57
N THR D 1097 46.84 43.71 -58.64
CA THR D 1097 47.23 43.35 -57.28
C THR D 1097 47.82 41.95 -57.19
N GLY D 1098 47.54 41.10 -58.18
CA GLY D 1098 48.17 39.79 -58.23
C GLY D 1098 49.64 39.84 -58.57
N LEU D 1099 50.10 40.93 -59.17
CA LEU D 1099 51.52 41.07 -59.48
C LEU D 1099 52.32 41.41 -58.22
N LYS D 1100 51.88 42.44 -57.49
CA LYS D 1100 52.57 42.82 -56.25
C LYS D 1100 52.36 41.78 -55.16
N VAL D 1101 51.20 41.12 -55.16
CA VAL D 1101 50.99 40.01 -54.24
C VAL D 1101 51.80 38.80 -54.67
N ALA D 1102 52.06 38.68 -55.98
CA ALA D 1102 52.81 37.52 -56.48
C ALA D 1102 54.28 37.63 -56.16
N LYS D 1103 54.89 38.77 -56.49
CA LYS D 1103 56.31 38.94 -56.19
C LYS D 1103 56.55 39.24 -54.72
N ARG D 1104 55.61 39.92 -54.05
CA ARG D 1104 55.78 40.22 -52.65
C ARG D 1104 55.55 38.99 -51.78
N LEU D 1105 54.47 38.25 -52.06
CA LEU D 1105 54.17 37.05 -51.27
C LEU D 1105 55.09 35.89 -51.65
N HIS D 1106 55.32 35.69 -52.94
CA HIS D 1106 56.16 34.59 -53.39
C HIS D 1106 57.63 34.87 -53.14
N ARG D 1107 58.09 36.09 -53.41
CA ARG D 1107 59.49 36.43 -53.20
C ARG D 1107 59.79 36.65 -51.72
N SER D 1108 58.86 37.28 -50.99
CA SER D 1108 59.08 37.49 -49.56
C SER D 1108 58.93 36.19 -48.78
N LEU D 1109 58.09 35.28 -49.26
CA LEU D 1109 57.94 33.99 -48.60
C LEU D 1109 59.10 33.06 -48.93
N LEU D 1110 59.51 33.02 -50.20
CA LEU D 1110 60.62 32.15 -50.61
C LEU D 1110 61.95 32.69 -50.09
N ASN D 1111 62.06 33.99 -49.87
CA ASN D 1111 63.25 34.55 -49.25
C ASN D 1111 63.22 34.42 -47.74
N ARG D 1112 62.03 34.60 -47.15
CA ARG D 1112 61.87 34.46 -45.70
C ARG D 1112 62.04 33.02 -45.25
N ILE D 1113 61.81 32.06 -46.14
CA ILE D 1113 62.13 30.66 -45.87
C ILE D 1113 63.45 30.24 -46.50
N ILE D 1114 64.03 31.06 -47.39
CA ILE D 1114 65.30 30.69 -48.00
C ILE D 1114 66.46 31.11 -47.12
N LEU D 1115 66.37 32.27 -46.46
CA LEU D 1115 67.44 32.74 -45.59
C LEU D 1115 67.49 32.03 -44.24
N ALA D 1116 66.50 31.18 -43.94
CA ALA D 1116 66.49 30.43 -42.71
C ALA D 1116 67.57 29.34 -42.74
N PRO D 1117 68.09 28.95 -41.57
CA PRO D 1117 69.04 27.84 -41.53
C PRO D 1117 68.38 26.52 -41.91
N MET D 1118 69.18 25.62 -42.49
CA MET D 1118 68.69 24.35 -42.98
C MET D 1118 68.58 23.28 -41.90
N ARG D 1119 68.97 23.58 -40.66
CA ARG D 1119 68.84 22.61 -39.59
C ARG D 1119 67.41 22.54 -39.07
N PHE D 1120 66.85 23.70 -38.70
CA PHE D 1120 65.47 23.74 -38.21
C PHE D 1120 64.47 23.46 -39.33
N PHE D 1121 64.83 23.78 -40.57
CA PHE D 1121 64.01 23.36 -41.70
C PHE D 1121 64.23 21.89 -42.04
N GLU D 1122 65.41 21.35 -41.72
CA GLU D 1122 65.69 19.93 -41.97
C GLU D 1122 65.04 19.02 -40.94
N THR D 1123 64.75 19.53 -39.74
CA THR D 1123 64.06 18.75 -38.71
C THR D 1123 62.55 18.97 -38.73
N THR D 1124 61.97 19.24 -39.90
CA THR D 1124 60.57 19.56 -40.04
C THR D 1124 59.93 18.70 -41.13
N PRO D 1125 58.63 18.37 -41.00
CA PRO D 1125 57.96 17.63 -42.08
C PRO D 1125 57.72 18.54 -43.29
N LEU D 1126 58.22 18.08 -44.44
CA LEU D 1126 58.15 18.87 -45.67
C LEU D 1126 56.77 18.84 -46.30
N GLY D 1127 55.88 17.95 -45.87
CA GLY D 1127 54.55 17.88 -46.46
C GLY D 1127 53.68 19.06 -46.06
N SER D 1128 53.77 19.49 -44.80
CA SER D 1128 53.02 20.66 -44.37
C SER D 1128 53.63 21.94 -44.92
N ILE D 1129 54.96 21.98 -45.02
CA ILE D 1129 55.65 23.17 -45.49
C ILE D 1129 55.39 23.39 -46.98
N LEU D 1130 55.60 22.36 -47.79
CA LEU D 1130 55.38 22.50 -49.22
C LEU D 1130 53.90 22.49 -49.57
N ASN D 1131 53.08 21.78 -48.79
CA ASN D 1131 51.65 21.73 -49.07
C ASN D 1131 51.00 23.08 -48.75
N ARG D 1132 51.22 23.59 -47.53
CA ARG D 1132 50.67 24.89 -47.16
C ARG D 1132 51.33 26.02 -47.96
N PHE D 1133 52.61 25.87 -48.29
CA PHE D 1133 53.32 26.90 -49.03
C PHE D 1133 52.83 27.00 -50.47
N SER D 1134 52.95 25.90 -51.22
CA SER D 1134 52.61 25.94 -52.64
C SER D 1134 51.11 26.04 -52.86
N SER D 1135 50.31 25.34 -52.02
CA SER D 1135 48.87 25.46 -52.16
C SER D 1135 48.37 26.81 -51.69
N ASP D 1136 49.07 27.44 -50.74
CA ASP D 1136 48.72 28.80 -50.35
C ASP D 1136 49.05 29.79 -51.47
N CYS D 1137 50.15 29.55 -52.19
CA CYS D 1137 50.54 30.47 -53.26
C CYS D 1137 49.62 30.35 -54.46
N ASN D 1138 49.38 29.12 -54.93
CA ASN D 1138 48.53 28.97 -56.11
C ASN D 1138 47.07 29.24 -55.77
N THR D 1139 46.62 28.78 -54.60
CA THR D 1139 45.21 28.92 -54.23
C THR D 1139 44.89 30.35 -53.84
N ILE D 1140 45.75 30.97 -53.03
CA ILE D 1140 45.50 32.34 -52.61
C ILE D 1140 45.76 33.32 -53.75
N ASP D 1141 46.81 33.06 -54.53
CA ASP D 1141 47.14 33.93 -55.66
C ASP D 1141 46.17 33.76 -56.82
N GLN D 1142 45.45 32.64 -56.89
CA GLN D 1142 44.50 32.45 -57.97
C GLN D 1142 43.08 32.84 -57.56
N HIS D 1143 42.70 32.59 -56.32
CA HIS D 1143 41.32 32.71 -55.90
C HIS D 1143 41.07 33.79 -54.86
N ILE D 1144 42.12 34.45 -54.37
CA ILE D 1144 41.92 35.53 -53.39
C ILE D 1144 41.22 36.76 -53.95
N PRO D 1145 41.64 37.37 -55.08
CA PRO D 1145 41.02 38.66 -55.44
C PRO D 1145 39.60 38.56 -55.95
N SER D 1146 39.18 37.40 -56.44
CA SER D 1146 37.81 37.26 -56.94
C SER D 1146 36.81 37.31 -55.79
N THR D 1147 37.02 36.49 -54.76
CA THR D 1147 36.17 36.53 -53.59
C THR D 1147 36.40 37.76 -52.74
N LEU D 1148 37.59 38.37 -52.82
CA LEU D 1148 37.84 39.60 -52.08
C LEU D 1148 37.04 40.77 -52.67
N GLU D 1149 37.17 40.98 -53.99
CA GLU D 1149 36.43 42.06 -54.63
C GLU D 1149 34.93 41.77 -54.67
N CYS D 1150 34.57 40.49 -54.75
CA CYS D 1150 33.16 40.11 -54.64
C CYS D 1150 32.63 40.38 -53.23
N LEU D 1151 33.49 40.22 -52.21
CA LEU D 1151 33.07 40.49 -50.85
C LEU D 1151 32.90 41.98 -50.60
N SER D 1152 33.82 42.79 -51.14
CA SER D 1152 33.71 44.24 -50.99
C SER D 1152 32.53 44.79 -51.79
N ARG D 1153 32.28 44.22 -52.97
CA ARG D 1153 31.14 44.65 -53.76
C ARG D 1153 29.83 44.24 -53.11
N SER D 1154 29.79 43.04 -52.55
CA SER D 1154 28.56 42.55 -51.93
C SER D 1154 28.24 43.30 -50.64
N THR D 1155 29.25 43.54 -49.81
CA THR D 1155 29.01 44.27 -48.57
C THR D 1155 28.74 45.74 -48.85
N LEU D 1156 29.42 46.31 -49.84
CA LEU D 1156 29.21 47.70 -50.21
C LEU D 1156 27.82 47.93 -50.75
N LEU D 1157 27.33 47.01 -51.59
CA LEU D 1157 25.97 47.11 -52.09
C LEU D 1157 24.95 46.83 -50.99
N CYS D 1158 25.28 45.93 -50.06
CA CYS D 1158 24.34 45.55 -49.00
C CYS D 1158 24.11 46.70 -48.03
N VAL D 1159 25.19 47.30 -47.53
CA VAL D 1159 25.02 48.45 -46.63
C VAL D 1159 24.58 49.67 -47.41
N SER D 1160 24.91 49.73 -48.70
CA SER D 1160 24.57 50.89 -49.52
C SER D 1160 23.06 50.98 -49.74
N ALA D 1161 22.46 49.95 -50.32
CA ALA D 1161 21.01 49.95 -50.48
C ALA D 1161 20.29 49.71 -49.15
N LEU D 1162 20.99 49.15 -48.15
CA LEU D 1162 20.40 48.98 -46.84
C LEU D 1162 20.14 50.32 -46.17
N THR D 1163 21.15 51.18 -46.10
CA THR D 1163 20.95 52.51 -45.56
C THR D 1163 20.17 53.41 -46.52
N VAL D 1164 20.22 53.12 -47.82
CA VAL D 1164 19.50 53.93 -48.80
C VAL D 1164 18.00 53.72 -48.65
N ILE D 1165 17.56 52.46 -48.69
CA ILE D 1165 16.16 52.15 -48.46
C ILE D 1165 15.78 52.37 -47.01
N SER D 1166 16.75 52.36 -46.09
CA SER D 1166 16.45 52.68 -44.70
C SER D 1166 16.12 54.15 -44.54
N TYR D 1167 16.85 55.03 -45.23
CA TYR D 1167 16.49 56.44 -45.21
C TYR D 1167 15.24 56.71 -46.04
N VAL D 1168 14.98 55.87 -47.05
CA VAL D 1168 13.73 55.95 -47.80
C VAL D 1168 12.56 55.65 -46.88
N THR D 1169 12.74 54.76 -45.93
CA THR D 1169 11.78 54.57 -44.86
C THR D 1169 11.90 55.71 -43.86
N PRO D 1170 10.84 56.00 -43.11
CA PRO D 1170 10.96 56.91 -41.96
C PRO D 1170 11.78 56.28 -40.86
N VAL D 1171 12.09 57.12 -39.85
CA VAL D 1171 12.96 56.71 -38.76
C VAL D 1171 12.27 55.67 -37.87
N PHE D 1172 10.95 55.71 -37.81
CA PHE D 1172 10.22 54.65 -37.12
C PHE D 1172 10.22 53.34 -37.92
N LEU D 1173 10.35 53.44 -39.24
CA LEU D 1173 10.27 52.29 -40.12
C LEU D 1173 11.64 51.70 -40.44
N VAL D 1174 12.67 52.03 -39.66
CA VAL D 1174 13.97 51.41 -39.88
C VAL D 1174 13.95 49.97 -39.38
N ALA D 1175 13.75 49.80 -38.05
CA ALA D 1175 13.64 48.50 -37.37
C ALA D 1175 14.83 47.59 -37.65
N LEU D 1176 16.03 48.18 -37.60
CA LEU D 1176 17.23 47.44 -37.97
C LEU D 1176 17.70 46.48 -36.89
N LEU D 1177 17.28 46.66 -35.66
CA LEU D 1177 17.71 45.82 -34.55
C LEU D 1177 17.20 44.37 -34.63
N PRO D 1178 15.94 44.07 -35.02
CA PRO D 1178 15.63 42.66 -35.29
C PRO D 1178 16.32 42.10 -36.51
N LEU D 1179 16.58 42.94 -37.53
CA LEU D 1179 17.24 42.48 -38.74
C LEU D 1179 18.67 42.06 -38.47
N ALA D 1180 19.43 42.88 -37.76
CA ALA D 1180 20.76 42.49 -37.34
C ALA D 1180 20.76 41.56 -36.14
N VAL D 1181 19.60 41.37 -35.50
CA VAL D 1181 19.52 40.40 -34.42
C VAL D 1181 19.44 38.97 -34.97
N VAL D 1182 18.44 38.72 -35.81
CA VAL D 1182 18.33 37.40 -36.44
C VAL D 1182 19.44 37.19 -37.46
N CYS D 1183 19.85 38.27 -38.14
CA CYS D 1183 20.99 38.17 -39.04
C CYS D 1183 22.28 37.94 -38.27
N TYR D 1184 22.39 38.49 -37.06
CA TYR D 1184 23.56 38.26 -36.21
C TYR D 1184 23.61 36.81 -35.75
N PHE D 1185 22.45 36.26 -35.36
CA PHE D 1185 22.29 34.84 -35.08
C PHE D 1185 22.73 33.99 -36.26
N ILE D 1186 22.31 34.38 -37.47
CA ILE D 1186 22.56 33.58 -38.67
C ILE D 1186 24.04 33.63 -39.05
N GLN D 1187 24.66 34.81 -39.00
CA GLN D 1187 26.05 34.91 -39.38
C GLN D 1187 26.97 34.30 -38.33
N LYS D 1188 26.55 34.35 -37.06
CA LYS D 1188 27.34 33.73 -36.00
C LYS D 1188 27.31 32.22 -36.13
N TYR D 1189 26.13 31.63 -36.00
CA TYR D 1189 26.08 30.17 -35.95
C TYR D 1189 26.29 29.54 -37.31
N PHE D 1190 25.92 30.24 -38.38
CA PHE D 1190 26.28 29.73 -39.70
C PHE D 1190 27.75 29.96 -39.99
N ARG D 1191 28.37 30.95 -39.35
CA ARG D 1191 29.83 31.07 -39.46
C ARG D 1191 30.52 29.89 -38.80
N VAL D 1192 30.02 29.48 -37.64
CA VAL D 1192 30.63 28.35 -36.93
C VAL D 1192 30.39 27.04 -37.69
N ALA D 1193 29.12 26.72 -37.94
CA ALA D 1193 28.80 25.44 -38.56
C ALA D 1193 29.22 25.40 -40.03
N SER D 1194 29.31 26.56 -40.67
CA SER D 1194 29.78 26.59 -42.05
C SER D 1194 31.29 26.42 -42.12
N ARG D 1195 32.01 26.98 -41.14
CA ARG D 1195 33.44 26.72 -41.06
C ARG D 1195 33.70 25.25 -40.78
N ASP D 1196 32.88 24.64 -39.92
CA ASP D 1196 33.04 23.22 -39.63
C ASP D 1196 32.67 22.36 -40.83
N LEU D 1197 31.61 22.72 -41.54
CA LEU D 1197 31.13 21.90 -42.65
C LEU D 1197 32.06 21.99 -43.85
N GLN D 1198 32.52 23.20 -44.16
CA GLN D 1198 33.51 23.35 -45.22
C GLN D 1198 34.84 22.76 -44.82
N GLN D 1199 35.13 22.72 -43.52
CA GLN D 1199 36.36 22.09 -43.04
C GLN D 1199 36.32 20.58 -43.26
N LEU D 1200 35.27 19.92 -42.78
CA LEU D 1200 35.22 18.46 -42.85
C LEU D 1200 34.97 17.99 -44.28
N ASP D 1201 34.04 18.64 -44.97
CA ASP D 1201 33.78 18.29 -46.36
C ASP D 1201 34.95 18.64 -47.26
N ASP D 1202 35.70 19.70 -46.93
CA ASP D 1202 36.92 19.99 -47.66
C ASP D 1202 38.00 18.95 -47.40
N THR D 1203 38.08 18.44 -46.18
CA THR D 1203 39.10 17.46 -45.84
C THR D 1203 38.73 16.04 -46.26
N THR D 1204 37.49 15.80 -46.67
CA THR D 1204 37.07 14.44 -46.95
C THR D 1204 37.57 13.88 -48.29
N GLN D 1205 38.09 14.73 -49.18
CA GLN D 1205 38.26 14.32 -50.57
C GLN D 1205 39.50 13.48 -50.84
N LEU D 1206 40.66 13.87 -50.31
CA LEU D 1206 41.97 13.29 -50.61
C LEU D 1206 42.17 11.78 -50.39
N PRO D 1207 41.67 11.14 -49.32
CA PRO D 1207 41.90 9.68 -49.20
C PRO D 1207 41.21 8.86 -50.27
N LEU D 1208 40.12 9.38 -50.84
CA LEU D 1208 39.46 8.72 -51.96
C LEU D 1208 40.41 8.57 -53.14
N VAL D 1209 41.07 9.66 -53.54
CA VAL D 1209 42.04 9.61 -54.62
C VAL D 1209 43.28 8.83 -54.20
N SER D 1210 43.57 8.77 -52.90
CA SER D 1210 44.68 7.97 -52.42
C SER D 1210 44.45 6.48 -52.68
N HIS D 1211 43.29 5.96 -52.29
CA HIS D 1211 43.04 4.56 -52.64
C HIS D 1211 42.59 4.39 -54.08
N PHE D 1212 42.39 5.47 -54.83
CA PHE D 1212 42.26 5.33 -56.27
C PHE D 1212 43.61 5.06 -56.92
N ALA D 1213 44.65 5.77 -56.44
CA ALA D 1213 46.01 5.46 -56.88
C ALA D 1213 46.43 4.06 -56.42
N GLU D 1214 46.03 3.68 -55.22
CA GLU D 1214 46.27 2.32 -54.77
C GLU D 1214 45.44 1.31 -55.55
N THR D 1215 44.27 1.72 -56.03
CA THR D 1215 43.46 0.84 -56.86
C THR D 1215 44.06 0.64 -58.23
N VAL D 1216 44.74 1.67 -58.76
CA VAL D 1216 45.39 1.53 -60.05
C VAL D 1216 46.70 0.76 -59.91
N GLU D 1217 47.36 0.88 -58.76
CA GLU D 1217 48.68 0.27 -58.61
C GLU D 1217 48.57 -1.24 -58.37
N GLY D 1218 47.79 -1.67 -57.39
CA GLY D 1218 47.71 -3.07 -57.05
C GLY D 1218 46.64 -3.83 -57.80
N LEU D 1219 46.60 -3.66 -59.12
CA LEU D 1219 45.60 -4.36 -59.93
C LEU D 1219 45.91 -5.85 -60.00
N THR D 1220 47.19 -6.21 -60.17
CA THR D 1220 47.57 -7.61 -60.08
C THR D 1220 47.50 -8.12 -58.65
N THR D 1221 47.55 -7.22 -57.67
CA THR D 1221 47.25 -7.62 -56.29
C THR D 1221 45.76 -7.82 -56.09
N ILE D 1222 44.93 -7.10 -56.85
CA ILE D 1222 43.50 -7.38 -56.85
C ILE D 1222 43.23 -8.71 -57.53
N ARG D 1223 44.06 -9.08 -58.51
CA ARG D 1223 44.04 -10.45 -58.99
C ARG D 1223 44.55 -11.42 -57.93
N ALA D 1224 45.49 -10.98 -57.09
CA ALA D 1224 46.00 -11.83 -56.03
C ALA D 1224 45.02 -11.92 -54.87
N PHE D 1225 44.40 -10.81 -54.49
CA PHE D 1225 43.35 -10.83 -53.49
C PHE D 1225 42.14 -11.55 -54.06
N ARG D 1226 41.91 -12.78 -53.60
CA ARG D 1226 40.82 -13.58 -54.12
C ARG D 1226 39.44 -13.06 -53.70
N TYR D 1227 39.38 -12.18 -52.70
CA TYR D 1227 38.17 -11.49 -52.31
C TYR D 1227 38.34 -10.02 -52.71
N GLU D 1228 37.99 -9.71 -53.95
CA GLU D 1228 38.09 -8.35 -54.46
C GLU D 1228 36.98 -7.46 -53.93
N ALA D 1229 35.96 -8.03 -53.31
CA ALA D 1229 34.85 -7.26 -52.77
C ALA D 1229 35.20 -6.49 -51.51
N ARG D 1230 36.37 -6.74 -50.91
CA ARG D 1230 36.78 -6.00 -49.72
C ARG D 1230 37.04 -4.54 -50.04
N PHE D 1231 37.82 -4.29 -51.09
CA PHE D 1231 37.98 -2.92 -51.58
C PHE D 1231 36.71 -2.40 -52.21
N GLN D 1232 35.78 -3.27 -52.62
CA GLN D 1232 34.53 -2.80 -53.18
C GLN D 1232 33.63 -2.21 -52.10
N GLN D 1233 33.46 -2.92 -50.98
CA GLN D 1233 32.62 -2.40 -49.92
C GLN D 1233 33.32 -1.33 -49.11
N LYS D 1234 34.65 -1.40 -48.98
CA LYS D 1234 35.39 -0.33 -48.33
C LYS D 1234 35.35 0.93 -49.18
N LEU D 1235 35.59 0.75 -50.48
CA LEU D 1235 35.38 1.78 -51.50
C LEU D 1235 34.00 2.41 -51.40
N LEU D 1236 32.97 1.59 -51.24
CA LEU D 1236 31.61 2.08 -51.09
C LEU D 1236 31.44 2.85 -49.78
N GLU D 1237 32.22 2.50 -48.76
CA GLU D 1237 32.19 3.28 -47.53
C GLU D 1237 32.86 4.64 -47.72
N TYR D 1238 33.94 4.69 -48.52
CA TYR D 1238 34.62 5.95 -48.77
C TYR D 1238 33.73 6.90 -49.58
N THR D 1239 33.22 6.43 -50.72
CA THR D 1239 32.35 7.27 -51.54
C THR D 1239 31.02 7.54 -50.85
N ASP D 1240 30.62 6.63 -49.96
CA ASP D 1240 29.47 6.89 -49.11
C ASP D 1240 29.73 8.06 -48.17
N SER D 1241 30.92 8.11 -47.58
CA SER D 1241 31.26 9.20 -46.67
C SER D 1241 31.37 10.54 -47.40
N ASN D 1242 31.91 10.53 -48.62
CA ASN D 1242 31.94 11.75 -49.40
C ASN D 1242 30.54 12.17 -49.83
N ASN D 1243 29.65 11.21 -50.07
CA ASN D 1243 28.27 11.54 -50.40
C ASN D 1243 27.55 12.15 -49.21
N ILE D 1244 27.81 11.64 -48.01
CA ILE D 1244 27.22 12.22 -46.80
C ILE D 1244 27.75 13.64 -46.59
N ALA D 1245 29.05 13.85 -46.85
CA ALA D 1245 29.62 15.20 -46.78
C ALA D 1245 28.99 16.13 -47.81
N SER D 1246 28.64 15.60 -48.98
CA SER D 1246 27.92 16.40 -49.98
C SER D 1246 26.54 16.76 -49.47
N LEU D 1247 25.90 15.85 -48.73
CA LEU D 1247 24.63 16.19 -48.11
C LEU D 1247 24.79 17.27 -47.04
N PHE D 1248 25.94 17.31 -46.37
CA PHE D 1248 26.21 18.42 -45.47
C PHE D 1248 26.38 19.72 -46.22
N LEU D 1249 27.00 19.67 -47.41
CA LEU D 1249 27.14 20.86 -48.24
C LEU D 1249 25.78 21.39 -48.67
N THR D 1250 24.89 20.49 -49.08
CA THR D 1250 23.53 20.89 -49.44
C THR D 1250 22.74 21.36 -48.23
N ALA D 1251 23.09 20.87 -47.04
CA ALA D 1251 22.47 21.41 -45.83
C ALA D 1251 22.91 22.83 -45.58
N ALA D 1252 24.19 23.12 -45.84
CA ALA D 1252 24.74 24.45 -45.64
C ALA D 1252 24.10 25.46 -46.60
N ASN D 1253 24.05 25.10 -47.88
CA ASN D 1253 23.39 25.98 -48.85
C ASN D 1253 21.88 26.03 -48.61
N ARG D 1254 21.32 24.97 -48.03
CA ARG D 1254 19.90 24.90 -47.76
C ARG D 1254 19.49 25.91 -46.70
N TRP D 1255 20.08 25.80 -45.50
CA TRP D 1255 19.70 26.73 -44.43
C TRP D 1255 20.25 28.12 -44.68
N LEU D 1256 21.35 28.22 -45.43
CA LEU D 1256 21.86 29.53 -45.82
C LEU D 1256 20.87 30.27 -46.70
N GLU D 1257 20.45 29.64 -47.80
CA GLU D 1257 19.56 30.30 -48.75
C GLU D 1257 18.16 30.49 -48.17
N VAL D 1258 17.65 29.47 -47.47
CA VAL D 1258 16.28 29.52 -46.96
C VAL D 1258 16.18 30.49 -45.79
N CYS D 1259 17.19 30.47 -44.90
CA CYS D 1259 17.17 31.37 -43.75
C CYS D 1259 17.40 32.82 -44.18
N MET D 1260 18.37 33.03 -45.06
CA MET D 1260 18.68 34.40 -45.50
C MET D 1260 17.55 34.99 -46.33
N GLU D 1261 16.99 34.20 -47.24
CA GLU D 1261 15.87 34.71 -48.04
C GLU D 1261 14.60 34.81 -47.23
N TYR D 1262 14.48 34.02 -46.16
CA TYR D 1262 13.30 34.11 -45.30
C TYR D 1262 13.31 35.39 -44.48
N ILE D 1263 14.43 35.66 -43.81
CA ILE D 1263 14.54 36.88 -43.01
C ILE D 1263 14.55 38.10 -43.91
N GLY D 1264 15.13 37.99 -45.12
CA GLY D 1264 15.06 39.07 -46.07
C GLY D 1264 13.66 39.28 -46.60
N ALA D 1265 12.87 38.22 -46.67
CA ALA D 1265 11.47 38.37 -47.04
C ALA D 1265 10.67 39.06 -45.93
N CYS D 1266 11.02 38.80 -44.67
CA CYS D 1266 10.46 39.57 -43.57
C CYS D 1266 10.87 41.04 -43.66
N VAL D 1267 12.09 41.30 -44.14
CA VAL D 1267 12.51 42.67 -44.40
C VAL D 1267 11.71 43.28 -45.55
N VAL D 1268 11.28 42.45 -46.50
CA VAL D 1268 10.47 42.95 -47.59
C VAL D 1268 9.08 43.29 -47.10
N LEU D 1269 8.55 42.52 -46.14
CA LEU D 1269 7.25 42.84 -45.57
C LEU D 1269 7.32 44.09 -44.70
N ILE D 1270 8.43 44.28 -43.99
CA ILE D 1270 8.63 45.52 -43.24
C ILE D 1270 8.80 46.69 -44.18
N ALA D 1271 9.39 46.46 -45.36
CA ALA D 1271 9.44 47.48 -46.38
C ALA D 1271 8.06 47.82 -46.91
N ALA D 1272 7.18 46.82 -47.00
CA ALA D 1272 5.80 47.08 -47.40
C ALA D 1272 5.07 47.88 -46.33
N ALA D 1273 5.39 47.66 -45.06
CA ALA D 1273 4.83 48.49 -44.00
C ALA D 1273 5.34 49.92 -44.10
N THR D 1274 6.60 50.09 -44.47
CA THR D 1274 7.18 51.43 -44.64
C THR D 1274 6.55 52.15 -45.81
N SER D 1275 6.26 51.43 -46.89
CA SER D 1275 5.55 52.04 -48.02
C SER D 1275 4.10 52.33 -47.67
N ILE D 1276 3.53 51.56 -46.73
CA ILE D 1276 2.16 51.81 -46.31
C ILE D 1276 2.06 53.10 -45.51
N SER D 1277 2.89 53.22 -44.47
CA SER D 1277 2.84 54.40 -43.61
C SER D 1277 3.33 55.64 -44.35
N ASN D 1278 4.38 55.49 -45.16
CA ASN D 1278 4.87 56.63 -45.94
C ASN D 1278 3.93 56.96 -47.08
N SER D 1279 3.14 56.00 -47.54
CA SER D 1279 2.21 56.26 -48.62
C SER D 1279 0.98 57.01 -48.11
N LEU D 1280 0.24 56.42 -47.18
CA LEU D 1280 -1.04 56.99 -46.79
C LEU D 1280 -0.98 57.81 -45.52
N HIS D 1281 0.01 57.58 -44.65
CA HIS D 1281 0.04 58.27 -43.35
C HIS D 1281 0.40 59.74 -43.50
N ARG D 1282 1.05 60.13 -44.58
CA ARG D 1282 1.39 61.53 -44.83
C ARG D 1282 1.43 61.73 -46.33
N GLU D 1283 2.05 62.83 -46.76
CA GLU D 1283 2.22 63.11 -48.18
C GLU D 1283 3.25 62.14 -48.76
N LEU D 1284 2.80 61.23 -49.60
CA LEU D 1284 3.70 60.29 -50.26
C LEU D 1284 4.51 61.03 -51.32
N SER D 1285 5.78 60.65 -51.44
CA SER D 1285 6.66 61.28 -52.40
C SER D 1285 6.31 60.85 -53.83
N ALA D 1286 6.72 61.68 -54.79
CA ALA D 1286 6.46 61.39 -56.20
C ALA D 1286 7.27 60.20 -56.70
N GLY D 1287 8.39 59.90 -56.05
CA GLY D 1287 9.17 58.73 -56.39
C GLY D 1287 9.57 57.96 -55.14
N LEU D 1288 10.51 57.02 -55.30
CA LEU D 1288 11.14 56.25 -54.23
C LEU D 1288 10.15 55.39 -53.45
N VAL D 1289 8.95 55.17 -53.97
CA VAL D 1289 8.00 54.28 -53.33
C VAL D 1289 8.35 52.83 -53.59
N GLY D 1290 8.65 52.50 -54.85
CA GLY D 1290 9.11 51.18 -55.20
C GLY D 1290 10.60 50.95 -55.02
N LEU D 1291 11.33 52.01 -54.63
CA LEU D 1291 12.77 51.86 -54.41
C LEU D 1291 13.04 50.96 -53.22
N GLY D 1292 12.21 51.06 -52.16
CA GLY D 1292 12.34 50.13 -51.05
C GLY D 1292 11.88 48.73 -51.39
N LEU D 1293 11.08 48.57 -52.44
CA LEU D 1293 10.61 47.25 -52.82
C LEU D 1293 11.65 46.52 -53.68
N THR D 1294 12.14 47.21 -54.72
CA THR D 1294 13.22 46.68 -55.53
C THR D 1294 14.48 46.50 -54.69
N TYR D 1295 14.75 47.46 -53.81
CA TYR D 1295 15.85 47.32 -52.87
C TYR D 1295 15.52 46.40 -51.70
N ALA D 1296 14.27 45.95 -51.60
CA ALA D 1296 13.94 44.93 -50.60
C ALA D 1296 14.24 43.54 -51.15
N LEU D 1297 13.80 43.27 -52.39
CA LEU D 1297 14.15 42.00 -53.03
C LEU D 1297 15.65 41.90 -53.27
N MET D 1298 16.24 42.96 -53.82
CA MET D 1298 17.69 42.98 -53.96
C MET D 1298 18.39 43.15 -52.61
N VAL D 1299 17.69 43.59 -51.57
CA VAL D 1299 18.29 43.58 -50.24
C VAL D 1299 18.43 42.16 -49.74
N SER D 1300 17.43 41.32 -50.03
CA SER D 1300 17.55 39.90 -49.69
C SER D 1300 18.58 39.20 -50.55
N ASN D 1301 18.71 39.62 -51.81
CA ASN D 1301 19.82 39.13 -52.63
C ASN D 1301 21.16 39.58 -52.06
N TYR D 1302 21.20 40.79 -51.50
CA TYR D 1302 22.44 41.27 -50.88
C TYR D 1302 22.75 40.52 -49.60
N LEU D 1303 21.73 40.08 -48.88
CA LEU D 1303 21.99 39.24 -47.73
C LEU D 1303 22.43 37.85 -48.14
N ASN D 1304 21.96 37.39 -49.30
CA ASN D 1304 22.35 36.06 -49.78
C ASN D 1304 23.80 36.03 -50.23
N TRP D 1305 24.14 36.87 -51.22
CA TRP D 1305 25.53 36.95 -51.66
C TRP D 1305 26.45 37.58 -50.62
N MET D 1306 25.90 38.32 -49.66
CA MET D 1306 26.71 38.81 -48.56
C MET D 1306 27.02 37.71 -47.56
N VAL D 1307 26.09 36.80 -47.34
CA VAL D 1307 26.33 35.68 -46.43
C VAL D 1307 27.29 34.68 -47.04
N ARG D 1308 27.02 34.27 -48.27
CA ARG D 1308 27.91 33.32 -48.95
C ARG D 1308 29.25 33.96 -49.29
N ASN D 1309 29.25 35.26 -49.57
CA ASN D 1309 30.51 35.98 -49.72
C ASN D 1309 31.25 36.07 -48.40
N LEU D 1310 30.52 36.13 -47.28
CA LEU D 1310 31.18 36.06 -45.99
C LEU D 1310 31.75 34.68 -45.73
N ALA D 1311 31.13 33.65 -46.30
CA ALA D 1311 31.67 32.31 -46.19
C ALA D 1311 32.94 32.14 -47.01
N ASP D 1312 32.93 32.63 -48.26
CA ASP D 1312 34.12 32.55 -49.10
C ASP D 1312 35.24 33.43 -48.55
N MET D 1313 34.90 34.54 -47.89
CA MET D 1313 35.89 35.33 -47.20
C MET D 1313 36.37 34.65 -45.92
N GLU D 1314 35.56 33.76 -45.35
CA GLU D 1314 36.00 33.03 -44.17
C GLU D 1314 37.00 31.94 -44.54
N ILE D 1315 36.72 31.18 -45.59
CA ILE D 1315 37.62 30.10 -45.99
C ILE D 1315 38.85 30.68 -46.68
N GLN D 1316 38.67 31.66 -47.55
CA GLN D 1316 39.80 32.31 -48.20
C GLN D 1316 40.63 33.12 -47.22
N LEU D 1317 39.97 33.70 -46.21
CA LEU D 1317 40.70 34.30 -45.10
C LEU D 1317 41.42 33.24 -44.28
N GLY D 1318 40.91 32.01 -44.29
CA GLY D 1318 41.67 30.89 -43.75
C GLY D 1318 42.90 30.57 -44.59
N ALA D 1319 42.81 30.77 -45.91
CA ALA D 1319 43.98 30.54 -46.76
C ALA D 1319 45.03 31.61 -46.56
N VAL D 1320 44.59 32.86 -46.40
CA VAL D 1320 45.54 33.93 -46.09
C VAL D 1320 46.08 33.76 -44.67
N LYS D 1321 45.29 33.18 -43.77
CA LYS D 1321 45.80 32.88 -42.44
C LYS D 1321 46.80 31.73 -42.47
N ARG D 1322 46.66 30.83 -43.44
CA ARG D 1322 47.69 29.82 -43.67
C ARG D 1322 48.94 30.45 -44.22
N ILE D 1323 48.79 31.47 -45.08
CA ILE D 1323 49.94 32.19 -45.61
C ILE D 1323 50.64 32.97 -44.50
N HIS D 1324 49.89 33.47 -43.52
CA HIS D 1324 50.51 34.12 -42.38
C HIS D 1324 51.10 33.10 -41.42
N ALA D 1325 50.55 31.89 -41.39
CA ALA D 1325 51.13 30.81 -40.62
C ALA D 1325 52.36 30.20 -41.28
N LEU D 1326 52.63 30.54 -42.54
CA LEU D 1326 53.85 30.08 -43.18
C LEU D 1326 55.07 30.83 -42.66
N LEU D 1327 54.91 32.06 -42.21
CA LEU D 1327 56.01 32.86 -41.70
C LEU D 1327 56.38 32.43 -40.28
N GLY D 1351 95.60 24.54 -43.58
CA GLY D 1351 94.95 23.24 -43.56
C GLY D 1351 95.18 22.46 -42.28
N LYS D 1352 95.64 23.16 -41.24
CA LYS D 1352 95.86 22.56 -39.93
C LYS D 1352 94.57 22.66 -39.11
N ILE D 1353 94.19 21.55 -38.48
CA ILE D 1353 92.94 21.46 -37.75
C ILE D 1353 93.23 20.87 -36.38
N GLN D 1354 92.65 21.47 -35.33
CA GLN D 1354 92.69 20.90 -33.99
C GLN D 1354 91.39 21.19 -33.27
N ILE D 1355 90.89 20.20 -32.55
CA ILE D 1355 89.74 20.35 -31.65
C ILE D 1355 90.28 20.34 -30.23
N GLN D 1356 89.89 21.33 -29.42
CA GLN D 1356 90.29 21.36 -28.02
C GLN D 1356 89.09 21.42 -27.10
N ASN D 1357 88.81 20.30 -26.43
CA ASN D 1357 87.81 20.16 -25.36
C ASN D 1357 86.41 20.61 -25.76
N LEU D 1358 85.96 20.22 -26.94
CA LEU D 1358 84.72 20.79 -27.47
C LEU D 1358 83.52 20.03 -26.93
N SER D 1359 82.57 20.76 -26.34
CA SER D 1359 81.29 20.21 -25.93
C SER D 1359 80.16 20.92 -26.65
N VAL D 1360 79.17 20.16 -27.13
CA VAL D 1360 78.00 20.76 -27.76
C VAL D 1360 76.79 19.85 -27.52
N ARG D 1361 75.61 20.46 -27.43
CA ARG D 1361 74.33 19.77 -27.38
C ARG D 1361 73.34 20.67 -28.09
N TYR D 1362 72.52 20.10 -28.99
CA TYR D 1362 71.41 20.89 -29.52
C TYR D 1362 70.30 21.09 -28.50
N ASP D 1363 69.88 20.02 -27.81
CA ASP D 1363 68.84 20.16 -26.79
C ASP D 1363 69.30 21.04 -25.63
N SER D 1364 70.56 20.87 -25.23
CA SER D 1364 71.19 21.25 -23.96
C SER D 1364 70.60 20.53 -22.76
N SER D 1365 69.85 19.45 -22.96
CA SER D 1365 69.10 18.84 -21.87
C SER D 1365 69.31 17.34 -21.72
N LEU D 1366 69.13 16.60 -22.82
CA LEU D 1366 69.38 15.17 -22.87
C LEU D 1366 70.83 14.82 -22.58
N LYS D 1367 71.74 15.21 -23.48
CA LYS D 1367 73.14 14.86 -23.34
C LYS D 1367 73.97 15.76 -24.24
N PRO D 1368 75.21 16.08 -23.85
CA PRO D 1368 76.18 16.58 -24.82
C PRO D 1368 76.38 15.62 -25.97
N VAL D 1369 76.57 16.18 -27.17
CA VAL D 1369 76.75 15.36 -28.36
C VAL D 1369 78.19 14.88 -28.43
N LEU D 1370 79.12 15.79 -28.21
CA LEU D 1370 80.54 15.50 -28.06
C LEU D 1370 80.99 16.04 -26.73
N LYS D 1371 81.86 15.30 -26.03
CA LYS D 1371 82.34 15.72 -24.72
C LYS D 1371 83.85 15.68 -24.67
N HIS D 1372 84.45 16.88 -24.56
CA HIS D 1372 85.89 17.10 -24.35
C HIS D 1372 86.76 16.43 -25.41
N VAL D 1373 86.27 16.44 -26.66
CA VAL D 1373 87.00 15.86 -27.79
C VAL D 1373 88.32 16.60 -27.98
N ASN D 1374 89.41 15.86 -28.15
CA ASN D 1374 90.69 16.48 -28.44
C ASN D 1374 91.45 15.61 -29.42
N THR D 1375 91.87 16.23 -30.52
CA THR D 1375 92.73 15.66 -31.55
C THR D 1375 93.23 16.78 -32.44
N LEU D 1376 94.33 16.51 -33.14
CA LEU D 1376 95.00 17.47 -34.00
C LEU D 1376 95.33 16.77 -35.32
N ILE D 1377 95.01 17.42 -36.43
CA ILE D 1377 95.27 16.87 -37.76
C ILE D 1377 96.21 17.82 -38.48
N SER D 1378 97.37 17.31 -38.86
CA SER D 1378 98.33 18.05 -39.64
C SER D 1378 97.87 18.16 -41.09
N PRO D 1379 98.27 19.23 -41.80
CA PRO D 1379 98.02 19.33 -43.25
C PRO D 1379 98.46 18.08 -44.00
N GLY D 1380 97.57 17.59 -44.86
CA GLY D 1380 97.84 16.45 -45.71
C GLY D 1380 97.59 15.11 -45.06
N GLN D 1381 97.15 15.08 -43.81
CA GLN D 1381 96.81 13.84 -43.13
C GLN D 1381 95.44 13.34 -43.60
N LYS D 1382 95.28 12.03 -43.68
CA LYS D 1382 94.00 11.39 -43.94
C LYS D 1382 93.43 10.88 -42.62
N ILE D 1383 92.32 11.45 -42.19
CA ILE D 1383 91.80 11.21 -40.84
C ILE D 1383 90.45 10.52 -40.96
N GLY D 1384 90.29 9.42 -40.22
CA GLY D 1384 89.04 8.71 -40.12
C GLY D 1384 88.40 8.98 -38.78
N ILE D 1385 87.11 9.29 -38.79
CA ILE D 1385 86.30 9.43 -37.58
C ILE D 1385 85.46 8.18 -37.40
N CYS D 1386 85.64 7.49 -36.28
CA CYS D 1386 84.91 6.26 -36.00
C CYS D 1386 84.34 6.33 -34.59
N GLY D 1387 83.25 5.61 -34.39
CA GLY D 1387 82.51 5.55 -33.15
C GLY D 1387 81.07 5.37 -33.57
N ARG D 1388 80.17 6.24 -33.11
CA ARG D 1388 78.78 6.20 -33.58
C ARG D 1388 78.75 6.40 -35.11
N THR D 1389 77.65 5.97 -35.73
CA THR D 1389 77.39 6.39 -37.10
C THR D 1389 77.20 7.90 -37.27
N GLY D 1390 76.06 8.41 -36.79
CA GLY D 1390 75.79 9.81 -37.04
C GLY D 1390 75.97 10.77 -35.89
N SER D 1391 76.47 10.32 -34.73
CA SER D 1391 76.66 11.31 -33.70
C SER D 1391 77.93 12.09 -33.95
N GLY D 1392 78.82 11.53 -34.76
CA GLY D 1392 80.04 12.23 -35.09
C GLY D 1392 80.37 12.06 -36.56
N LYS D 1393 79.59 11.26 -37.30
CA LYS D 1393 79.36 11.62 -38.68
C LYS D 1393 78.64 12.96 -38.75
N SER D 1394 77.53 13.08 -38.01
CA SER D 1394 76.81 14.34 -37.94
C SER D 1394 77.52 15.38 -37.09
N SER D 1395 78.16 14.99 -35.98
CA SER D 1395 78.88 16.00 -35.21
C SER D 1395 80.13 16.50 -35.95
N PHE D 1396 80.86 15.59 -36.61
CA PHE D 1396 81.96 15.99 -37.49
C PHE D 1396 81.51 16.90 -38.63
N SER D 1397 80.46 16.49 -39.35
CA SER D 1397 79.96 17.31 -40.47
C SER D 1397 79.40 18.64 -39.99
N LEU D 1398 78.55 18.59 -38.97
CA LEU D 1398 77.96 19.79 -38.35
C LEU D 1398 79.02 20.77 -37.86
N ALA D 1399 80.08 20.26 -37.23
CA ALA D 1399 81.19 21.15 -36.87
C ALA D 1399 81.92 21.70 -38.10
N PHE D 1400 82.16 20.86 -39.11
CA PHE D 1400 82.75 21.37 -40.35
C PHE D 1400 81.85 22.37 -41.08
N PHE D 1401 80.56 22.07 -41.20
CA PHE D 1401 79.63 23.06 -41.75
C PHE D 1401 79.31 24.23 -40.84
N ARG D 1402 79.73 24.20 -39.56
CA ARG D 1402 79.37 25.20 -38.54
C ARG D 1402 77.85 25.35 -38.43
N MET D 1403 77.18 24.21 -38.24
CA MET D 1403 75.77 24.24 -37.87
C MET D 1403 75.51 24.62 -36.42
N VAL D 1404 76.51 24.51 -35.55
CA VAL D 1404 76.36 24.97 -34.18
C VAL D 1404 77.71 25.41 -33.65
N ASP D 1405 77.69 26.33 -32.70
CA ASP D 1405 78.88 26.64 -31.93
C ASP D 1405 78.97 25.67 -30.76
N MET D 1406 80.19 25.42 -30.31
CA MET D 1406 80.40 24.63 -29.11
C MET D 1406 79.85 25.32 -27.87
N PHE D 1407 79.43 24.51 -26.91
CA PHE D 1407 79.03 25.06 -25.62
C PHE D 1407 80.27 25.44 -24.82
N GLU D 1408 81.29 24.59 -24.87
CA GLU D 1408 82.56 24.81 -24.20
C GLU D 1408 83.67 24.35 -25.13
N GLY D 1409 84.88 24.83 -24.87
CA GLY D 1409 86.01 24.50 -25.70
C GLY D 1409 86.00 25.32 -26.99
N ARG D 1410 86.79 24.87 -27.96
CA ARG D 1410 86.84 25.56 -29.24
C ARG D 1410 87.19 24.60 -30.36
N ILE D 1411 86.78 24.98 -31.57
CA ILE D 1411 87.06 24.27 -32.81
C ILE D 1411 87.83 25.24 -33.68
N ILE D 1412 89.07 24.90 -34.07
CA ILE D 1412 89.84 25.76 -34.95
C ILE D 1412 89.98 25.13 -36.32
N ILE D 1413 89.88 25.98 -37.35
CA ILE D 1413 90.16 25.64 -38.73
C ILE D 1413 91.24 26.60 -39.23
N ASP D 1414 92.37 26.04 -39.71
CA ASP D 1414 93.53 26.79 -40.19
C ASP D 1414 94.12 27.72 -39.13
N GLY D 1415 93.99 27.34 -37.86
CA GLY D 1415 94.41 28.14 -36.74
C GLY D 1415 93.42 29.16 -36.21
N ILE D 1416 92.25 29.30 -36.82
CA ILE D 1416 91.28 30.31 -36.40
C ILE D 1416 90.06 29.59 -35.85
N ASP D 1417 89.61 30.02 -34.67
CA ASP D 1417 88.34 29.57 -34.09
C ASP D 1417 87.16 29.80 -35.02
N ILE D 1418 86.34 28.76 -35.21
CA ILE D 1418 85.22 28.84 -36.15
C ILE D 1418 84.12 29.77 -35.67
N ALA D 1419 84.12 30.12 -34.38
CA ALA D 1419 83.23 31.14 -33.83
C ALA D 1419 83.61 32.56 -34.25
N LYS D 1420 84.79 32.75 -34.83
CA LYS D 1420 85.22 34.06 -35.30
C LYS D 1420 85.33 34.15 -36.81
N LEU D 1421 84.78 33.18 -37.54
CA LEU D 1421 84.81 33.33 -38.99
C LEU D 1421 83.40 33.66 -39.48
N PRO D 1422 83.28 34.47 -40.54
CA PRO D 1422 81.99 34.60 -41.24
C PRO D 1422 81.48 33.26 -41.74
N LEU D 1423 80.30 32.88 -41.25
CA LEU D 1423 79.76 31.54 -41.45
C LEU D 1423 79.48 31.26 -42.93
N HIS D 1424 78.87 32.23 -43.62
CA HIS D 1424 78.64 32.10 -45.06
C HIS D 1424 79.94 32.03 -45.86
N THR D 1425 80.95 32.81 -45.44
CA THR D 1425 82.26 32.73 -46.07
C THR D 1425 82.95 31.40 -45.80
N LEU D 1426 82.92 30.95 -44.54
CA LEU D 1426 83.37 29.61 -44.17
C LEU D 1426 82.74 28.51 -45.01
N ARG D 1427 81.42 28.37 -44.93
CA ARG D 1427 80.70 27.34 -45.69
C ARG D 1427 80.90 27.48 -47.19
N SER D 1428 80.95 28.72 -47.70
CA SER D 1428 81.22 28.92 -49.12
C SER D 1428 82.64 28.50 -49.49
N ARG D 1429 83.57 28.61 -48.54
CA ARG D 1429 84.96 28.22 -48.74
C ARG D 1429 85.20 26.76 -48.44
N LEU D 1430 84.16 26.02 -48.07
CA LEU D 1430 84.24 24.59 -47.77
C LEU D 1430 83.50 23.82 -48.84
N SER D 1431 84.19 22.86 -49.46
CA SER D 1431 83.57 21.98 -50.44
C SER D 1431 83.16 20.69 -49.76
N ILE D 1432 81.98 20.19 -50.13
CA ILE D 1432 81.46 18.92 -49.64
C ILE D 1432 81.20 17.98 -50.81
N ILE D 1433 81.74 16.78 -50.72
CA ILE D 1433 81.41 15.69 -51.63
C ILE D 1433 80.97 14.52 -50.74
N LEU D 1434 79.69 14.19 -50.80
CA LEU D 1434 79.13 13.03 -50.11
C LEU D 1434 79.03 11.83 -51.04
N GLN D 1435 78.70 10.68 -50.46
CA GLN D 1435 78.43 9.49 -51.25
C GLN D 1435 77.24 9.70 -52.17
N ASP D 1436 76.19 10.33 -51.66
CA ASP D 1436 75.01 10.60 -52.47
C ASP D 1436 74.88 12.10 -52.69
N PRO D 1437 75.11 12.60 -53.89
CA PRO D 1437 75.07 14.05 -54.12
C PRO D 1437 73.76 14.48 -54.76
N VAL D 1438 73.15 15.54 -54.26
CA VAL D 1438 71.92 16.06 -54.86
C VAL D 1438 72.29 17.12 -55.88
N LEU D 1439 71.76 16.97 -57.09
CA LEU D 1439 72.00 17.87 -58.19
C LEU D 1439 70.71 18.55 -58.63
N PHE D 1440 70.84 19.72 -59.22
CA PHE D 1440 69.71 20.47 -59.72
C PHE D 1440 69.28 19.94 -61.07
N SER D 1441 67.99 20.12 -61.38
CA SER D 1441 67.39 19.68 -62.65
C SER D 1441 67.71 20.64 -63.80
N GLY D 1442 69.01 20.85 -64.00
CA GLY D 1442 69.54 21.76 -64.99
C GLY D 1442 70.60 21.07 -65.81
N THR D 1443 71.35 21.85 -66.61
CA THR D 1443 72.47 21.33 -67.37
C THR D 1443 73.52 20.70 -66.45
N ILE D 1444 74.27 19.73 -67.01
CA ILE D 1444 75.46 19.18 -66.34
C ILE D 1444 76.39 20.30 -65.90
N ARG D 1445 76.68 21.24 -66.82
CA ARG D 1445 77.50 22.40 -66.50
C ARG D 1445 76.88 23.18 -65.34
N PHE D 1446 75.57 23.43 -65.42
CA PHE D 1446 74.86 24.14 -64.36
C PHE D 1446 74.80 23.32 -63.08
N ASN D 1447 74.58 22.00 -63.19
CA ASN D 1447 74.69 21.14 -62.02
C ASN D 1447 76.09 21.14 -61.43
N LEU D 1448 77.11 21.30 -62.26
CA LEU D 1448 78.48 21.44 -61.79
C LEU D 1448 78.89 22.88 -61.58
N ASP D 1449 77.94 23.82 -61.55
CA ASP D 1449 78.26 25.12 -61.00
C ASP D 1449 77.61 25.51 -59.66
N PRO D 1450 78.11 25.03 -58.52
CA PRO D 1450 77.88 25.75 -57.26
C PRO D 1450 78.88 26.87 -57.02
N GLU D 1451 79.69 27.17 -58.04
CA GLU D 1451 80.74 28.18 -58.09
C GLU D 1451 80.46 28.92 -59.38
N LYS D 1452 79.44 29.80 -59.35
CA LYS D 1452 78.80 30.37 -60.53
C LYS D 1452 79.73 31.14 -61.46
N LYS D 1453 80.91 31.58 -61.03
CA LYS D 1453 81.78 32.30 -61.96
C LYS D 1453 82.77 31.38 -62.67
N CYS D 1454 82.75 30.08 -62.40
CA CYS D 1454 83.64 29.13 -63.07
C CYS D 1454 83.34 29.13 -64.57
N SER D 1455 84.37 29.15 -65.40
CA SER D 1455 84.12 28.97 -66.81
C SER D 1455 83.89 27.49 -67.13
N ASP D 1456 83.14 27.24 -68.21
CA ASP D 1456 82.89 25.89 -68.71
C ASP D 1456 84.18 25.13 -69.00
N SER D 1457 85.18 25.81 -69.56
CA SER D 1457 86.49 25.21 -69.82
C SER D 1457 87.21 24.80 -68.55
N THR D 1458 87.23 25.67 -67.55
CA THR D 1458 87.85 25.35 -66.26
C THR D 1458 87.11 24.21 -65.54
N LEU D 1459 85.78 24.19 -65.62
CA LEU D 1459 85.00 23.08 -65.06
C LEU D 1459 85.30 21.75 -65.76
N TRP D 1460 85.23 21.75 -67.10
CA TRP D 1460 85.49 20.54 -67.89
C TRP D 1460 86.93 20.05 -67.69
N GLU D 1461 87.89 20.98 -67.68
CA GLU D 1461 89.29 20.70 -67.38
C GLU D 1461 89.45 20.12 -65.98
N ALA D 1462 88.75 20.71 -65.00
CA ALA D 1462 88.72 20.20 -63.63
C ALA D 1462 88.20 18.76 -63.58
N LEU D 1463 87.17 18.46 -64.38
CA LEU D 1463 86.69 17.09 -64.50
C LEU D 1463 87.73 16.18 -65.15
N GLU D 1464 88.57 16.71 -66.05
CA GLU D 1464 89.69 15.92 -66.57
C GLU D 1464 90.70 15.62 -65.45
N ILE D 1465 91.08 16.66 -64.70
CA ILE D 1465 91.97 16.49 -63.54
C ILE D 1465 91.36 15.52 -62.53
N ALA D 1466 90.06 15.65 -62.28
CA ALA D 1466 89.29 14.81 -61.36
C ALA D 1466 88.57 13.70 -62.09
N GLN D 1467 89.23 13.15 -63.13
CA GLN D 1467 88.97 11.87 -63.81
C GLN D 1467 87.51 11.56 -64.10
N LEU D 1468 86.76 12.63 -64.42
CA LEU D 1468 85.34 12.58 -64.68
C LEU D 1468 85.00 12.92 -66.12
N LYS D 1469 85.94 13.58 -66.83
CA LYS D 1469 85.76 14.04 -68.21
C LYS D 1469 85.32 12.95 -69.18
N LEU D 1470 85.77 11.71 -68.99
CA LEU D 1470 85.35 10.61 -69.87
C LEU D 1470 83.84 10.38 -69.79
N VAL D 1471 83.32 10.24 -68.57
CA VAL D 1471 81.89 10.01 -68.42
C VAL D 1471 81.11 11.29 -68.67
N VAL D 1472 81.74 12.45 -68.45
CA VAL D 1472 81.14 13.73 -68.83
C VAL D 1472 80.96 13.80 -70.34
N LYS D 1473 82.02 13.46 -71.07
CA LYS D 1473 81.99 13.44 -72.53
C LYS D 1473 81.00 12.41 -73.06
N ALA D 1474 80.77 11.33 -72.31
CA ALA D 1474 79.84 10.31 -72.77
C ALA D 1474 78.42 10.51 -72.25
N LEU D 1475 78.16 11.58 -71.51
CA LEU D 1475 76.81 12.09 -71.37
C LEU D 1475 76.30 12.62 -72.71
N PRO D 1476 74.98 12.51 -72.96
CA PRO D 1476 74.43 12.84 -74.31
C PRO D 1476 74.74 14.23 -74.84
N GLY D 1477 74.70 15.25 -73.98
CA GLY D 1477 75.06 16.60 -74.37
C GLY D 1477 76.37 17.09 -73.78
N GLY D 1478 77.17 16.17 -73.26
CA GLY D 1478 78.39 16.50 -72.54
C GLY D 1478 78.14 17.44 -71.37
N LEU D 1479 78.82 18.58 -71.36
CA LEU D 1479 78.59 19.59 -70.33
C LEU D 1479 77.21 20.22 -70.43
N ASP D 1480 76.58 20.18 -71.59
CA ASP D 1480 75.27 20.79 -71.79
C ASP D 1480 74.14 19.78 -71.60
N ALA D 1481 74.47 18.56 -71.18
CA ALA D 1481 73.46 17.56 -70.84
C ALA D 1481 72.62 18.02 -69.65
N ILE D 1482 71.31 18.11 -69.87
CA ILE D 1482 70.38 18.44 -68.80
C ILE D 1482 70.32 17.27 -67.82
N ILE D 1483 70.68 17.53 -66.56
CA ILE D 1483 70.54 16.56 -65.49
C ILE D 1483 69.08 16.44 -65.05
N THR D 1484 68.25 15.90 -65.94
CA THR D 1484 66.85 15.63 -65.65
C THR D 1484 66.70 14.67 -64.49
N GLU D 1485 65.63 14.90 -63.70
CA GLU D 1485 65.32 14.18 -62.46
C GLU D 1485 66.41 14.36 -61.40
N GLY D 1486 67.10 15.49 -61.42
CA GLY D 1486 68.09 15.80 -60.41
C GLY D 1486 69.30 14.89 -60.35
N GLY D 1487 69.61 14.17 -61.41
CA GLY D 1487 70.83 13.41 -61.50
C GLY D 1487 70.68 11.90 -61.49
N GLU D 1488 69.47 11.38 -61.74
CA GLU D 1488 69.18 9.97 -61.61
C GLU D 1488 69.56 9.15 -62.84
N ASN D 1489 69.89 9.80 -63.96
CA ASN D 1489 70.43 9.07 -65.11
C ASN D 1489 71.92 8.77 -64.99
N PHE D 1490 72.62 9.38 -64.04
CA PHE D 1490 74.00 9.02 -63.75
C PHE D 1490 74.01 7.90 -62.71
N SER D 1491 75.05 7.06 -62.76
CA SER D 1491 75.24 6.10 -61.69
C SER D 1491 75.64 6.79 -60.38
N GLN D 1492 75.57 5.99 -59.29
CA GLN D 1492 76.09 6.44 -58.00
C GLN D 1492 77.56 6.78 -58.07
N GLY D 1493 78.35 5.98 -58.80
CA GLY D 1493 79.76 6.25 -58.95
C GLY D 1493 80.03 7.50 -59.76
N GLN D 1494 79.33 7.66 -60.87
CA GLN D 1494 79.50 8.83 -61.73
C GLN D 1494 79.08 10.11 -61.00
N ARG D 1495 78.01 10.02 -60.20
CA ARG D 1495 77.63 11.11 -59.30
C ARG D 1495 78.71 11.39 -58.25
N GLN D 1496 79.33 10.35 -57.70
CA GLN D 1496 80.44 10.52 -56.77
C GLN D 1496 81.63 11.23 -57.41
N LEU D 1497 82.00 10.84 -58.63
CA LEU D 1497 83.03 11.53 -59.40
C LEU D 1497 82.66 12.99 -59.65
N PHE D 1498 81.40 13.24 -60.05
CA PHE D 1498 80.89 14.59 -60.26
C PHE D 1498 81.05 15.44 -59.01
N CYS D 1499 80.67 14.88 -57.85
CA CYS D 1499 80.82 15.55 -56.57
C CYS D 1499 82.29 15.83 -56.25
N LEU D 1500 83.17 14.86 -56.55
CA LEU D 1500 84.60 15.06 -56.34
C LEU D 1500 85.16 16.18 -57.21
N ALA D 1501 84.77 16.23 -58.47
CA ALA D 1501 85.16 17.34 -59.36
C ALA D 1501 84.60 18.67 -58.86
N ARG D 1502 83.36 18.66 -58.40
CA ARG D 1502 82.73 19.82 -57.75
C ARG D 1502 83.52 20.31 -56.54
N ALA D 1503 84.07 19.38 -55.75
CA ALA D 1503 85.02 19.78 -54.72
C ALA D 1503 86.31 20.34 -55.31
N PHE D 1504 86.84 19.68 -56.34
CA PHE D 1504 88.10 20.11 -56.97
C PHE D 1504 87.97 21.50 -57.57
N VAL D 1505 86.85 21.78 -58.24
CA VAL D 1505 86.58 23.08 -58.85
C VAL D 1505 86.51 24.19 -57.81
N ARG D 1506 86.07 23.88 -56.60
CA ARG D 1506 85.96 24.91 -55.56
C ARG D 1506 87.27 25.17 -54.85
N LYS D 1507 88.31 24.36 -55.12
CA LYS D 1507 89.68 24.52 -54.64
C LYS D 1507 89.73 24.61 -53.11
N THR D 1508 89.03 23.67 -52.48
CA THR D 1508 88.97 23.57 -51.04
C THR D 1508 90.33 23.31 -50.40
N SER D 1509 90.46 23.75 -49.16
CA SER D 1509 91.66 23.49 -48.36
C SER D 1509 91.52 22.19 -47.60
N ILE D 1510 90.29 21.71 -47.44
CA ILE D 1510 89.90 20.59 -46.60
C ILE D 1510 88.79 19.85 -47.33
N PHE D 1511 88.76 18.54 -47.18
CA PHE D 1511 87.72 17.73 -47.80
C PHE D 1511 86.94 16.99 -46.73
N ILE D 1512 85.64 16.87 -46.96
CA ILE D 1512 84.75 16.04 -46.17
C ILE D 1512 84.05 15.04 -47.08
N MET D 1513 84.19 13.75 -46.77
CA MET D 1513 83.74 12.67 -47.62
C MET D 1513 82.83 11.78 -46.79
N ASP D 1514 81.64 11.52 -47.31
CA ASP D 1514 80.71 10.56 -46.74
C ASP D 1514 80.94 9.18 -47.35
N GLU D 1515 81.30 8.23 -46.50
CA GLU D 1515 81.60 6.87 -46.94
C GLU D 1515 80.35 6.18 -47.49
N ALA D 1516 80.51 5.53 -48.64
CA ALA D 1516 79.45 4.77 -49.30
C ALA D 1516 78.90 3.69 -48.39
N THR D 1517 77.58 3.53 -48.43
CA THR D 1517 76.90 2.52 -47.61
C THR D 1517 76.68 1.23 -48.37
N ALA D 1518 77.17 1.14 -49.61
CA ALA D 1518 76.96 0.01 -50.48
C ALA D 1518 78.22 -0.14 -51.31
N SER D 1519 78.28 -1.20 -52.10
CA SER D 1519 79.44 -1.39 -52.96
C SER D 1519 79.14 -0.90 -54.38
N ILE D 1520 80.19 -0.78 -55.17
CA ILE D 1520 80.09 -0.27 -56.53
C ILE D 1520 80.57 -1.36 -57.49
N ASP D 1521 81.87 -1.60 -57.46
CA ASP D 1521 82.60 -2.47 -58.37
C ASP D 1521 83.96 -2.68 -57.73
N MET D 1522 84.81 -3.44 -58.42
CA MET D 1522 86.18 -3.56 -57.91
C MET D 1522 87.04 -2.48 -58.56
N ALA D 1523 86.94 -2.33 -59.88
CA ALA D 1523 87.68 -1.30 -60.59
C ALA D 1523 87.18 0.10 -60.25
N THR D 1524 85.90 0.22 -59.89
CA THR D 1524 85.35 1.55 -59.65
C THR D 1524 85.49 1.95 -58.19
N GLU D 1525 85.24 1.05 -57.24
CA GLU D 1525 85.51 1.40 -55.85
C GLU D 1525 87.01 1.60 -55.64
N ASN D 1526 87.80 0.72 -56.26
CA ASN D 1526 89.27 0.84 -56.27
C ASN D 1526 89.72 2.16 -56.88
N ILE D 1527 89.09 2.56 -57.98
CA ILE D 1527 89.35 3.87 -58.58
C ILE D 1527 88.94 4.98 -57.63
N LEU D 1528 87.73 4.89 -57.06
CA LEU D 1528 87.19 5.86 -56.12
C LEU D 1528 88.15 6.09 -54.95
N GLN D 1529 88.67 5.00 -54.37
CA GLN D 1529 89.69 5.06 -53.34
C GLN D 1529 90.99 5.70 -53.83
N LYS D 1530 91.41 5.39 -55.06
CA LYS D 1530 92.54 6.09 -55.66
C LYS D 1530 92.30 7.59 -55.80
N VAL D 1531 91.08 7.97 -56.20
CA VAL D 1531 90.67 9.37 -56.28
C VAL D 1531 90.66 10.04 -54.91
N VAL D 1532 90.19 9.32 -53.89
CA VAL D 1532 90.25 9.80 -52.52
C VAL D 1532 91.70 9.99 -52.07
N MET D 1533 92.58 9.04 -52.41
CA MET D 1533 94.00 9.16 -52.08
C MET D 1533 94.67 10.35 -52.76
N THR D 1534 94.39 10.57 -54.05
CA THR D 1534 94.91 11.74 -54.75
C THR D 1534 94.31 13.04 -54.23
N ALA D 1535 93.01 13.07 -53.95
CA ALA D 1535 92.35 14.23 -53.35
C ALA D 1535 92.95 14.55 -51.98
N PHE D 1536 93.14 13.54 -51.15
CA PHE D 1536 93.67 13.74 -49.81
C PHE D 1536 95.17 13.95 -49.81
N ALA D 1537 95.86 13.64 -50.92
CA ALA D 1537 97.28 13.97 -51.02
C ALA D 1537 97.46 15.47 -50.90
N ASP D 1538 98.20 15.88 -49.88
CA ASP D 1538 98.64 17.24 -49.54
C ASP D 1538 97.49 18.04 -48.93
N ARG D 1539 96.38 17.39 -48.60
CA ARG D 1539 95.17 18.08 -48.17
C ARG D 1539 94.60 17.40 -46.94
N THR D 1540 93.78 18.13 -46.20
CA THR D 1540 93.14 17.60 -45.01
C THR D 1540 91.85 16.88 -45.40
N VAL D 1541 91.73 15.63 -44.97
CA VAL D 1541 90.64 14.75 -45.39
C VAL D 1541 89.88 14.34 -44.14
N VAL D 1542 88.58 14.59 -44.13
CA VAL D 1542 87.70 14.14 -43.07
C VAL D 1542 86.82 13.02 -43.62
N THR D 1543 87.05 11.80 -43.14
CA THR D 1543 86.33 10.63 -43.60
C THR D 1543 85.32 10.30 -42.51
N ILE D 1544 84.04 10.29 -42.86
CA ILE D 1544 83.05 9.81 -41.90
C ILE D 1544 82.97 8.30 -42.04
N ALA D 1545 83.67 7.61 -41.15
CA ALA D 1545 83.79 6.17 -41.19
C ALA D 1545 82.73 5.51 -40.32
N HIS D 1546 82.26 4.35 -40.74
CA HIS D 1546 81.23 3.63 -39.99
C HIS D 1546 81.73 2.20 -39.93
N ARG D 1547 82.15 1.69 -41.07
CA ARG D 1547 82.79 0.38 -41.17
C ARG D 1547 84.27 0.58 -40.90
N VAL D 1548 84.88 -0.33 -40.14
CA VAL D 1548 86.34 -0.28 -40.04
C VAL D 1548 87.00 -1.04 -41.16
N HIS D 1549 86.20 -1.65 -42.06
CA HIS D 1549 86.72 -2.49 -43.13
C HIS D 1549 87.55 -1.68 -44.13
N THR D 1550 87.06 -0.50 -44.51
CA THR D 1550 87.70 0.35 -45.51
C THR D 1550 88.93 1.06 -44.95
N ILE D 1551 88.90 1.38 -43.65
CA ILE D 1551 89.73 2.41 -43.03
C ILE D 1551 91.09 1.83 -42.64
N LEU D 1552 91.34 0.59 -43.04
CA LEU D 1552 92.63 -0.06 -42.81
C LEU D 1552 93.79 0.62 -43.54
N SER D 1553 93.55 1.44 -44.55
CA SER D 1553 94.62 2.25 -45.12
C SER D 1553 94.42 3.74 -44.91
N ALA D 1554 93.59 4.12 -43.94
CA ALA D 1554 93.56 5.49 -43.47
C ALA D 1554 94.90 5.86 -42.83
N ASP D 1555 95.33 7.11 -43.03
CA ASP D 1555 96.53 7.59 -42.35
C ASP D 1555 96.30 7.63 -40.83
N LEU D 1556 95.09 7.97 -40.42
CA LEU D 1556 94.73 7.98 -39.01
C LEU D 1556 93.25 7.63 -38.88
N VAL D 1557 92.93 6.94 -37.79
CA VAL D 1557 91.57 6.59 -37.40
C VAL D 1557 91.35 7.12 -35.99
N MET D 1558 90.26 7.85 -35.81
CA MET D 1558 89.88 8.43 -34.53
C MET D 1558 88.65 7.70 -34.02
N VAL D 1559 88.80 7.09 -32.85
CA VAL D 1559 87.82 6.20 -32.24
C VAL D 1559 87.10 6.96 -31.14
N LEU D 1560 85.76 7.04 -31.24
CA LEU D 1560 84.93 7.81 -30.32
C LEU D 1560 84.04 6.87 -29.52
N LYS D 1561 83.84 7.22 -28.24
CA LYS D 1561 83.02 6.43 -27.34
C LYS D 1561 82.37 7.35 -26.33
N ARG D 1562 81.03 7.35 -26.31
CA ARG D 1562 80.20 8.09 -25.35
C ARG D 1562 80.43 9.60 -25.41
N GLY D 1563 80.66 10.10 -26.62
CA GLY D 1563 80.90 11.49 -26.89
C GLY D 1563 82.32 11.97 -26.71
N ALA D 1564 83.28 11.08 -26.44
CA ALA D 1564 84.66 11.51 -26.30
C ALA D 1564 85.54 10.71 -27.22
N ILE D 1565 86.60 11.36 -27.72
CA ILE D 1565 87.69 10.64 -28.38
C ILE D 1565 88.55 10.03 -27.27
N LEU D 1566 88.59 8.71 -27.17
CA LEU D 1566 89.48 8.12 -26.20
C LEU D 1566 90.84 7.76 -26.80
N GLU D 1567 90.85 7.37 -28.08
CA GLU D 1567 92.09 6.98 -28.74
C GLU D 1567 92.02 7.32 -30.21
N PHE D 1568 93.18 7.59 -30.79
CA PHE D 1568 93.31 7.86 -32.21
C PHE D 1568 94.70 7.39 -32.60
N ASP D 1569 94.78 6.64 -33.70
CA ASP D 1569 96.03 6.16 -34.30
C ASP D 1569 95.76 5.57 -35.67
N LYS D 1570 96.72 4.83 -36.18
CA LYS D 1570 96.60 4.11 -37.45
C LYS D 1570 96.04 2.71 -37.21
N PRO D 1571 95.53 2.09 -38.28
CA PRO D 1571 94.76 0.83 -38.13
C PRO D 1571 95.52 -0.34 -37.50
N GLU D 1572 96.76 -0.58 -37.93
CA GLU D 1572 97.57 -1.67 -37.39
C GLU D 1572 97.77 -1.51 -35.88
N THR D 1573 98.15 -0.30 -35.45
CA THR D 1573 98.34 0.00 -34.04
C THR D 1573 97.04 -0.12 -33.25
N LEU D 1574 95.93 0.41 -33.79
CA LEU D 1574 94.63 0.29 -33.14
C LEU D 1574 94.19 -1.17 -33.01
N LEU D 1575 94.43 -1.99 -34.04
CA LEU D 1575 94.20 -3.43 -33.94
C LEU D 1575 95.07 -4.06 -32.86
N SER D 1576 96.33 -3.62 -32.76
CA SER D 1576 97.25 -4.11 -31.73
C SER D 1576 96.80 -3.71 -30.34
N GLN D 1577 96.15 -2.56 -30.20
CA GLN D 1577 95.59 -2.10 -28.93
C GLN D 1577 94.58 -3.10 -28.35
N LYS D 1578 93.83 -3.77 -29.24
CA LYS D 1578 92.83 -4.80 -28.93
C LYS D 1578 91.59 -4.22 -28.24
N ASP D 1579 91.29 -2.95 -28.52
CA ASP D 1579 90.17 -2.30 -27.86
C ASP D 1579 88.90 -2.36 -28.71
N SER D 1580 88.04 -1.34 -28.55
CA SER D 1580 86.75 -1.30 -29.22
C SER D 1580 86.87 -1.17 -30.75
N VAL D 1581 87.83 -0.37 -31.22
CA VAL D 1581 88.07 -0.26 -32.66
C VAL D 1581 88.62 -1.57 -33.24
N PHE D 1582 89.48 -2.27 -32.49
CA PHE D 1582 89.95 -3.58 -32.92
C PHE D 1582 88.82 -4.60 -32.99
N ALA D 1583 87.89 -4.54 -32.04
CA ALA D 1583 86.70 -5.39 -32.09
C ALA D 1583 85.83 -5.03 -33.27
N SER D 1584 85.75 -3.75 -33.61
CA SER D 1584 84.99 -3.36 -34.81
C SER D 1584 85.76 -3.70 -36.07
N PHE D 1585 87.09 -3.62 -36.04
CA PHE D 1585 87.91 -4.06 -37.16
C PHE D 1585 87.89 -5.59 -37.27
N ARG E 32 -2.16 -26.36 -29.00
CA ARG E 32 -3.15 -25.37 -29.52
C ARG E 32 -3.89 -24.71 -28.37
N ALA E 33 -4.07 -25.46 -27.28
CA ALA E 33 -4.76 -24.98 -26.08
C ALA E 33 -3.93 -23.97 -25.32
N ARG E 34 -4.52 -22.82 -25.04
CA ARG E 34 -3.83 -21.75 -24.33
C ARG E 34 -4.45 -21.41 -22.97
N PHE E 35 -3.62 -20.84 -22.09
CA PHE E 35 -3.99 -20.46 -20.73
C PHE E 35 -4.12 -18.94 -20.62
N VAL E 36 -3.11 -18.24 -21.15
CA VAL E 36 -3.09 -16.77 -21.13
C VAL E 36 -2.41 -16.24 -22.39
N SER E 37 -2.89 -15.10 -22.85
CA SER E 37 -2.39 -14.46 -24.07
C SER E 37 -0.99 -13.87 -23.96
N LYS E 38 -0.39 -13.62 -25.12
CA LYS E 38 0.95 -13.03 -25.18
C LYS E 38 0.94 -11.57 -24.71
N LYS E 39 -0.25 -11.04 -24.46
CA LYS E 39 -0.39 -9.67 -23.99
C LYS E 39 -0.81 -9.68 -22.52
N GLY E 40 -1.68 -10.63 -22.17
CA GLY E 40 -2.14 -10.74 -20.78
C GLY E 40 -3.60 -11.15 -20.63
N ASN E 41 -4.20 -10.75 -19.50
CA ASN E 41 -5.62 -11.01 -19.20
C ASN E 41 -6.24 -12.35 -19.59
N CYS E 42 -5.65 -13.42 -19.06
CA CYS E 42 -6.09 -14.79 -19.30
C CYS E 42 -7.56 -15.00 -18.92
N ASN E 43 -8.35 -15.40 -19.92
CA ASN E 43 -9.78 -15.65 -19.77
C ASN E 43 -10.06 -17.10 -19.35
N VAL E 44 -10.92 -17.25 -18.33
CA VAL E 44 -11.29 -18.56 -17.78
C VAL E 44 -12.82 -18.72 -17.73
N ALA E 45 -13.31 -19.93 -17.97
CA ALA E 45 -14.75 -20.17 -17.95
C ALA E 45 -15.23 -20.75 -16.62
N HIS E 46 -16.20 -20.09 -15.99
CA HIS E 46 -16.75 -20.51 -14.70
C HIS E 46 -18.12 -21.18 -14.80
N LYS E 47 -18.24 -22.32 -14.13
CA LYS E 47 -19.49 -23.06 -14.14
C LYS E 47 -19.98 -23.22 -12.71
N ASN E 48 -21.30 -23.36 -12.59
CA ASN E 48 -21.95 -23.54 -11.30
C ASN E 48 -21.89 -22.40 -10.28
N ILE E 49 -22.40 -21.23 -10.64
CA ILE E 49 -22.42 -20.07 -9.75
C ILE E 49 -23.49 -20.21 -8.65
N ARG E 50 -23.15 -19.83 -7.43
CA ARG E 50 -24.10 -19.96 -6.30
C ARG E 50 -25.11 -18.82 -6.20
N GLU E 51 -24.62 -17.58 -6.16
CA GLU E 51 -25.47 -16.40 -6.07
C GLU E 51 -24.86 -15.29 -6.89
N GLN E 52 -25.72 -14.54 -7.57
CA GLN E 52 -25.32 -13.33 -8.29
C GLN E 52 -25.65 -12.06 -7.44
N GLY E 53 -26.41 -12.26 -6.36
CA GLY E 53 -26.85 -11.22 -5.46
C GLY E 53 -25.69 -10.54 -4.77
N ARG E 54 -24.68 -11.30 -4.38
CA ARG E 54 -23.51 -10.72 -3.72
C ARG E 54 -22.81 -9.75 -4.69
N PHE E 55 -22.69 -10.18 -5.95
CA PHE E 55 -22.06 -9.34 -6.96
C PHE E 55 -22.88 -8.07 -7.16
N LEU E 56 -24.21 -8.21 -7.17
CA LEU E 56 -25.08 -7.04 -7.33
C LEU E 56 -24.92 -6.07 -6.16
N GLN E 57 -24.81 -6.64 -4.96
CA GLN E 57 -24.63 -5.90 -3.72
C GLN E 57 -23.32 -5.13 -3.72
N ASP E 58 -22.28 -5.72 -4.29
CA ASP E 58 -20.98 -5.08 -4.32
C ASP E 58 -20.92 -4.08 -5.47
N VAL E 59 -21.61 -2.95 -5.36
CA VAL E 59 -21.67 -1.97 -6.48
C VAL E 59 -20.42 -1.19 -6.97
N PHE E 60 -19.61 -0.71 -6.02
CA PHE E 60 -18.47 0.14 -6.37
C PHE E 60 -17.41 -0.48 -7.27
N THR E 61 -17.03 -1.73 -7.02
CA THR E 61 -15.99 -2.32 -7.85
C THR E 61 -16.44 -2.40 -9.30
N THR E 62 -17.67 -2.83 -9.52
CA THR E 62 -18.20 -2.94 -10.88
C THR E 62 -18.25 -1.58 -11.54
N LEU E 63 -18.69 -0.57 -10.78
CA LEU E 63 -18.78 0.76 -11.37
C LEU E 63 -17.39 1.23 -11.80
N VAL E 64 -16.40 1.03 -10.94
CA VAL E 64 -15.04 1.46 -11.26
C VAL E 64 -14.50 0.74 -12.48
N ASP E 65 -14.79 -0.56 -12.55
CA ASP E 65 -14.36 -1.38 -13.67
C ASP E 65 -14.93 -0.98 -15.02
N LEU E 66 -16.19 -0.55 -15.07
CA LEU E 66 -16.77 -0.24 -16.39
C LEU E 66 -16.15 0.91 -17.23
N LYS E 67 -16.02 0.68 -18.55
CA LYS E 67 -15.53 1.68 -19.48
C LYS E 67 -16.17 3.06 -19.37
N TRP E 68 -15.51 4.05 -19.97
CA TRP E 68 -15.94 5.44 -19.94
C TRP E 68 -17.28 5.79 -20.61
N PRO E 69 -17.61 5.15 -21.72
CA PRO E 69 -18.89 5.51 -22.35
C PRO E 69 -20.11 5.19 -21.50
N HIS E 70 -20.10 4.02 -20.85
CA HIS E 70 -21.21 3.60 -20.00
C HIS E 70 -21.22 4.37 -18.70
N THR E 71 -20.02 4.65 -18.19
CA THR E 71 -19.86 5.37 -16.93
C THR E 71 -20.50 6.76 -16.98
N LEU E 72 -20.40 7.42 -18.12
CA LEU E 72 -20.94 8.75 -18.30
C LEU E 72 -22.46 8.65 -18.40
N LEU E 73 -22.90 7.55 -18.98
CA LEU E 73 -24.31 7.25 -19.19
C LEU E 73 -25.03 6.98 -17.86
N ILE E 74 -24.31 6.37 -16.92
CA ILE E 74 -24.89 6.05 -15.62
C ILE E 74 -25.11 7.32 -14.81
N PHE E 75 -24.14 8.21 -14.86
CA PHE E 75 -24.23 9.46 -14.11
C PHE E 75 -25.11 10.51 -14.75
N THR E 76 -25.32 10.39 -16.06
CA THR E 76 -26.15 11.37 -16.76
C THR E 76 -27.62 11.02 -16.63
N MET E 77 -27.94 9.74 -16.75
CA MET E 77 -29.32 9.29 -16.66
C MET E 77 -29.85 9.29 -15.22
N SER E 78 -29.00 8.90 -14.26
CA SER E 78 -29.40 8.86 -12.86
C SER E 78 -29.67 10.26 -12.36
N PHE E 79 -29.02 11.25 -12.96
CA PHE E 79 -29.24 12.65 -12.56
C PHE E 79 -30.56 13.10 -13.13
N LEU E 80 -30.77 12.80 -14.40
CA LEU E 80 -31.98 13.17 -15.11
C LEU E 80 -33.15 12.43 -14.50
N CYS E 81 -32.94 11.18 -14.15
CA CYS E 81 -33.98 10.36 -13.56
C CYS E 81 -34.42 10.97 -12.23
N SER E 82 -33.51 11.65 -11.56
CA SER E 82 -33.81 12.28 -10.29
C SER E 82 -34.49 13.62 -10.55
N TRP E 83 -33.99 14.36 -11.52
CA TRP E 83 -34.54 15.67 -11.84
C TRP E 83 -36.01 15.63 -12.22
N LEU E 84 -36.47 14.49 -12.73
CA LEU E 84 -37.86 14.36 -13.15
C LEU E 84 -38.78 14.03 -12.00
N LEU E 85 -38.19 13.40 -10.99
CA LEU E 85 -38.94 13.01 -9.80
C LEU E 85 -39.20 14.23 -8.94
N PHE E 86 -38.22 15.13 -8.89
CA PHE E 86 -38.34 16.36 -8.10
C PHE E 86 -39.19 17.39 -8.83
N ALA E 87 -39.50 17.11 -10.09
CA ALA E 87 -40.29 18.02 -10.90
C ALA E 87 -41.76 17.65 -10.90
N MET E 88 -42.04 16.35 -10.80
CA MET E 88 -43.41 15.88 -10.81
C MET E 88 -44.13 16.25 -9.51
N VAL E 89 -43.43 16.09 -8.39
CA VAL E 89 -44.00 16.40 -7.08
C VAL E 89 -44.10 17.90 -6.87
N TRP E 90 -43.46 18.66 -7.75
CA TRP E 90 -43.50 20.11 -7.62
C TRP E 90 -44.62 20.64 -8.49
N TRP E 91 -45.00 19.85 -9.49
CA TRP E 91 -46.07 20.20 -10.41
C TRP E 91 -47.34 19.76 -9.72
N LEU E 92 -47.15 18.97 -8.67
CA LEU E 92 -48.25 18.41 -7.89
C LEU E 92 -48.66 19.31 -6.73
N ILE E 93 -47.70 20.02 -6.17
CA ILE E 93 -47.97 20.91 -5.04
C ILE E 93 -48.67 22.17 -5.53
N ALA E 94 -48.56 22.43 -6.83
CA ALA E 94 -49.18 23.61 -7.44
C ALA E 94 -50.55 23.17 -7.94
N PHE E 95 -50.69 21.88 -8.17
CA PHE E 95 -51.95 21.31 -8.66
C PHE E 95 -52.83 20.99 -7.48
N ALA E 96 -52.20 20.79 -6.33
CA ALA E 96 -52.89 20.47 -5.09
C ALA E 96 -53.40 21.74 -4.43
N HIS E 97 -52.72 22.85 -4.71
CA HIS E 97 -53.10 24.15 -4.18
C HIS E 97 -54.04 24.72 -5.23
N GLY E 98 -53.68 24.49 -6.49
CA GLY E 98 -54.50 24.93 -7.61
C GLY E 98 -54.41 26.39 -8.02
N ASP E 99 -53.53 27.14 -7.37
CA ASP E 99 -53.37 28.57 -7.66
C ASP E 99 -52.83 28.98 -9.03
N LEU E 100 -52.31 28.03 -9.81
CA LEU E 100 -51.72 28.37 -11.09
C LEU E 100 -52.61 28.76 -12.28
N ALA E 101 -53.81 28.20 -12.41
CA ALA E 101 -54.68 28.55 -13.53
C ALA E 101 -55.73 29.66 -13.33
N PRO E 102 -56.33 29.77 -12.14
CA PRO E 102 -57.34 30.82 -11.90
C PRO E 102 -56.83 32.26 -11.85
N GLY E 103 -55.56 32.42 -11.50
CA GLY E 103 -54.96 33.74 -11.45
C GLY E 103 -55.59 34.74 -10.49
N GLU E 104 -55.96 34.26 -9.30
CA GLU E 104 -56.54 35.12 -8.27
C GLU E 104 -55.48 36.00 -7.64
N GLY E 105 -55.77 37.29 -7.54
CA GLY E 105 -54.81 38.22 -6.96
C GLY E 105 -54.62 38.19 -5.45
N THR E 106 -55.61 37.71 -4.71
CA THR E 106 -55.51 37.67 -3.25
C THR E 106 -54.83 36.38 -2.80
N ASN E 107 -55.06 35.31 -3.57
CA ASN E 107 -54.48 34.01 -3.29
C ASN E 107 -53.03 33.93 -3.76
N VAL E 108 -52.10 33.98 -2.82
CA VAL E 108 -50.68 33.92 -3.12
C VAL E 108 -50.17 32.48 -3.25
N PRO E 109 -49.48 32.19 -4.37
CA PRO E 109 -48.90 30.89 -4.70
C PRO E 109 -47.70 30.50 -3.84
N CYS E 110 -47.52 29.21 -3.60
CA CYS E 110 -46.41 28.75 -2.78
C CYS E 110 -45.09 28.94 -3.52
N VAL E 111 -45.18 29.08 -4.84
CA VAL E 111 -44.01 29.32 -5.68
C VAL E 111 -44.48 30.18 -6.85
N THR E 112 -43.81 31.29 -7.07
CA THR E 112 -44.20 32.21 -8.14
C THR E 112 -43.72 31.83 -9.54
N SER E 113 -44.41 32.41 -10.52
CA SER E 113 -44.13 32.20 -11.94
C SER E 113 -44.30 30.77 -12.45
N ILE E 114 -45.18 30.00 -11.83
CA ILE E 114 -45.41 28.63 -12.28
C ILE E 114 -46.63 28.66 -13.17
N HIS E 115 -46.38 28.77 -14.48
CA HIS E 115 -47.42 28.86 -15.47
C HIS E 115 -47.62 27.57 -16.24
N SER E 116 -46.51 26.90 -16.54
CA SER E 116 -46.57 25.66 -17.28
C SER E 116 -46.08 24.45 -16.50
N PHE E 117 -46.26 23.28 -17.09
CA PHE E 117 -45.79 22.04 -16.50
C PHE E 117 -44.27 22.00 -16.49
N SER E 118 -43.68 22.49 -17.58
CA SER E 118 -42.23 22.54 -17.76
C SER E 118 -41.51 23.40 -16.72
N SER E 119 -42.17 24.48 -16.31
CA SER E 119 -41.60 25.43 -15.36
C SER E 119 -41.25 24.76 -14.03
N ALA E 120 -42.09 23.85 -13.57
CA ALA E 120 -41.81 23.15 -12.32
C ALA E 120 -40.51 22.35 -12.45
N PHE E 121 -40.33 21.69 -13.60
CA PHE E 121 -39.13 20.91 -13.84
C PHE E 121 -37.90 21.81 -13.87
N LEU E 122 -38.06 22.99 -14.48
CA LEU E 122 -36.97 23.95 -14.54
C LEU E 122 -36.58 24.39 -13.12
N PHE E 123 -37.59 24.63 -12.28
CA PHE E 123 -37.37 25.02 -10.90
C PHE E 123 -36.65 23.92 -10.14
N SER E 124 -37.03 22.68 -10.41
CA SER E 124 -36.42 21.51 -9.78
C SER E 124 -34.94 21.44 -10.14
N ILE E 125 -34.61 21.73 -11.40
CA ILE E 125 -33.20 21.70 -11.79
C ILE E 125 -32.47 22.76 -10.97
N GLU E 126 -33.09 23.93 -10.87
CA GLU E 126 -32.48 25.05 -10.15
C GLU E 126 -32.02 24.68 -8.74
N VAL E 127 -32.93 24.10 -7.95
CA VAL E 127 -32.61 23.74 -6.58
C VAL E 127 -31.49 22.69 -6.47
N GLN E 128 -31.54 21.68 -7.34
CA GLN E 128 -30.54 20.62 -7.31
C GLN E 128 -29.13 21.09 -7.61
N VAL E 129 -28.98 21.95 -8.61
CA VAL E 129 -27.68 22.46 -9.00
C VAL E 129 -27.34 23.80 -8.35
N THR E 130 -28.26 24.32 -7.55
CA THR E 130 -28.14 25.61 -6.85
C THR E 130 -27.89 26.79 -7.80
N ILE E 131 -28.53 26.75 -8.97
CA ILE E 131 -28.40 27.81 -9.96
C ILE E 131 -28.95 29.14 -9.44
N GLY E 132 -30.08 29.05 -8.75
CA GLY E 132 -30.73 30.23 -8.19
C GLY E 132 -31.04 31.32 -9.18
N PHE E 133 -31.83 31.00 -10.20
CA PHE E 133 -32.21 32.00 -11.21
C PHE E 133 -32.92 33.24 -10.68
N GLY E 134 -33.87 33.05 -9.76
CA GLY E 134 -34.59 34.17 -9.19
C GLY E 134 -35.99 34.42 -9.70
N GLY E 135 -36.36 33.80 -10.81
CA GLY E 135 -37.69 34.00 -11.36
C GLY E 135 -38.79 33.33 -10.58
N ARG E 136 -38.52 32.11 -10.12
CA ARG E 136 -39.47 31.31 -9.38
C ARG E 136 -39.17 31.44 -7.89
N MET E 137 -40.02 32.18 -7.18
CA MET E 137 -39.82 32.39 -5.75
C MET E 137 -40.75 31.56 -4.86
N VAL E 138 -40.21 31.13 -3.73
CA VAL E 138 -40.93 30.31 -2.75
C VAL E 138 -41.41 31.14 -1.56
N THR E 139 -42.65 30.91 -1.15
CA THR E 139 -43.26 31.65 -0.05
C THR E 139 -43.49 30.84 1.23
N GLU E 140 -44.25 31.43 2.14
CA GLU E 140 -44.58 30.83 3.44
C GLU E 140 -46.05 30.41 3.52
N GLU E 141 -46.66 30.08 2.38
CA GLU E 141 -48.06 29.69 2.36
C GLU E 141 -48.33 28.20 2.59
N CYS E 142 -47.49 27.34 2.03
CA CYS E 142 -47.69 25.89 2.16
C CYS E 142 -46.54 25.19 2.89
N PRO E 143 -46.75 24.82 4.17
CA PRO E 143 -45.78 24.13 5.04
C PRO E 143 -45.44 22.71 4.60
N LEU E 144 -45.91 22.31 3.44
CA LEU E 144 -45.67 20.97 2.92
C LEU E 144 -44.52 20.95 1.92
N ALA E 145 -44.54 21.91 1.00
CA ALA E 145 -43.53 22.06 -0.03
C ALA E 145 -42.16 22.48 0.49
N ILE E 146 -42.15 23.19 1.60
CA ILE E 146 -40.91 23.67 2.19
C ILE E 146 -40.13 22.52 2.83
N LEU E 147 -40.85 21.54 3.37
CA LEU E 147 -40.17 20.39 3.99
C LEU E 147 -39.75 19.47 2.84
N ILE E 148 -40.47 19.56 1.72
CA ILE E 148 -40.17 18.73 0.56
C ILE E 148 -38.94 19.26 -0.15
N LEU E 149 -38.79 20.57 -0.09
CA LEU E 149 -37.69 21.25 -0.72
C LEU E 149 -36.38 20.86 -0.03
N ILE E 150 -36.49 20.54 1.25
CA ILE E 150 -35.33 20.13 2.03
C ILE E 150 -34.91 18.72 1.67
N VAL E 151 -35.90 17.90 1.37
CA VAL E 151 -35.64 16.51 1.00
C VAL E 151 -35.08 16.45 -0.42
N GLN E 152 -35.43 17.45 -1.22
CA GLN E 152 -34.96 17.50 -2.59
C GLN E 152 -33.51 17.90 -2.62
N ASN E 153 -33.16 18.84 -1.74
CA ASN E 153 -31.81 19.37 -1.67
C ASN E 153 -30.76 18.47 -1.04
N ILE E 154 -31.16 17.71 -0.02
CA ILE E 154 -30.24 16.83 0.68
C ILE E 154 -29.90 15.56 -0.11
N VAL E 155 -30.85 15.07 -0.89
CA VAL E 155 -30.63 13.88 -1.69
C VAL E 155 -29.90 14.24 -2.96
N GLY E 156 -30.15 15.45 -3.46
CA GLY E 156 -29.52 15.89 -4.69
C GLY E 156 -28.13 16.42 -4.44
N LEU E 157 -27.80 16.61 -3.16
CA LEU E 157 -26.49 17.10 -2.75
C LEU E 157 -25.68 15.85 -2.44
N MET E 158 -26.38 14.77 -2.12
CA MET E 158 -25.76 13.50 -1.78
C MET E 158 -25.28 12.69 -2.99
N ILE E 159 -26.05 12.72 -4.08
CA ILE E 159 -25.68 11.97 -5.27
C ILE E 159 -24.63 12.74 -6.05
N ASN E 160 -24.53 14.04 -5.78
CA ASN E 160 -23.55 14.84 -6.46
C ASN E 160 -22.20 14.60 -5.79
N ALA E 161 -22.26 14.25 -4.52
CA ALA E 161 -21.06 13.98 -3.75
C ALA E 161 -20.59 12.54 -4.00
N ILE E 162 -21.54 11.62 -4.10
CA ILE E 162 -21.24 10.21 -4.35
C ILE E 162 -20.62 10.01 -5.72
N MET E 163 -20.93 10.91 -6.63
CA MET E 163 -20.41 10.82 -7.98
C MET E 163 -18.94 11.26 -8.02
N LEU E 164 -18.58 12.17 -7.12
CA LEU E 164 -17.22 12.69 -7.04
C LEU E 164 -16.23 11.62 -6.64
N GLY E 165 -16.67 10.73 -5.74
CA GLY E 165 -15.81 9.67 -5.27
C GLY E 165 -15.70 8.51 -6.25
N CYS E 166 -16.70 8.36 -7.11
CA CYS E 166 -16.70 7.25 -8.06
C CYS E 166 -15.84 7.55 -9.28
N ILE E 167 -15.82 8.82 -9.69
CA ILE E 167 -15.05 9.24 -10.85
C ILE E 167 -13.57 9.34 -10.50
N PHE E 168 -13.29 9.63 -9.25
CA PHE E 168 -11.93 9.75 -8.77
C PHE E 168 -11.26 8.37 -8.82
N MET E 169 -12.01 7.36 -8.38
CA MET E 169 -11.50 5.99 -8.34
C MET E 169 -11.07 5.48 -9.71
N LYS E 170 -11.67 6.03 -10.75
CA LYS E 170 -11.34 5.63 -12.12
C LYS E 170 -10.17 6.47 -12.63
N THR E 171 -9.92 7.58 -11.94
CA THR E 171 -8.83 8.47 -12.31
C THR E 171 -7.53 7.92 -11.75
N ALA E 172 -7.66 6.91 -10.90
CA ALA E 172 -6.49 6.29 -10.27
C ALA E 172 -6.22 4.86 -10.70
N GLN E 173 -6.84 4.39 -11.77
CA GLN E 173 -6.59 3.03 -12.19
C GLN E 173 -5.24 2.92 -12.89
N ALA E 174 -4.41 2.01 -12.40
CA ALA E 174 -3.07 1.81 -12.91
C ALA E 174 -2.87 0.60 -13.83
N HIS E 175 -3.84 0.17 -14.60
CA HIS E 175 -3.54 -0.87 -15.62
C HIS E 175 -2.63 -0.29 -16.78
N ARG E 176 -2.94 0.95 -17.13
CA ARG E 176 -2.27 1.67 -18.22
C ARG E 176 -0.78 1.82 -17.98
N ARG E 177 -0.40 2.06 -16.72
CA ARG E 177 1.02 2.15 -16.36
C ARG E 177 1.72 0.82 -16.61
N ALA E 178 1.03 -0.28 -16.30
CA ALA E 178 1.53 -1.62 -16.52
C ALA E 178 1.80 -1.91 -17.99
N GLU E 179 1.01 -1.34 -18.93
CA GLU E 179 1.30 -1.67 -20.36
C GLU E 179 2.74 -1.34 -20.88
N THR E 180 3.26 -0.15 -20.59
CA THR E 180 4.62 0.34 -20.83
C THR E 180 5.67 -0.70 -20.43
N LEU E 181 5.23 -1.76 -19.76
CA LEU E 181 6.13 -2.84 -19.33
C LEU E 181 6.12 -3.89 -20.44
N ILE E 182 7.18 -3.91 -21.23
CA ILE E 182 7.29 -4.83 -22.36
C ILE E 182 8.13 -6.08 -22.16
N PHE E 183 7.65 -7.20 -22.69
CA PHE E 183 8.32 -8.48 -22.63
C PHE E 183 8.72 -8.87 -24.04
N SER E 184 9.77 -9.68 -24.14
CA SER E 184 10.30 -10.12 -25.43
C SER E 184 9.38 -11.06 -26.21
N LYS E 185 9.76 -11.29 -27.46
CA LYS E 185 9.02 -12.15 -28.38
C LYS E 185 9.19 -13.62 -28.04
N HIS E 186 10.45 -14.04 -27.89
CA HIS E 186 10.77 -15.41 -27.55
C HIS E 186 11.75 -15.47 -26.37
N ALA E 187 12.01 -16.68 -25.88
CA ALA E 187 12.93 -16.89 -24.77
C ALA E 187 14.15 -17.70 -25.21
N VAL E 188 15.18 -17.73 -24.37
CA VAL E 188 16.41 -18.46 -24.69
C VAL E 188 16.93 -19.33 -23.54
N ILE E 189 17.64 -20.40 -23.89
CA ILE E 189 18.21 -21.32 -22.90
C ILE E 189 19.65 -21.69 -23.26
N THR E 190 20.64 -21.08 -22.59
CA THR E 190 22.05 -21.32 -22.87
C THR E 190 22.82 -21.43 -21.55
N PRO E 191 23.90 -22.23 -21.53
CA PRO E 191 24.69 -22.40 -20.31
C PRO E 191 25.66 -21.26 -19.99
N ARG E 192 25.54 -20.74 -18.77
CA ARG E 192 26.39 -19.67 -18.29
C ARG E 192 27.25 -20.15 -17.12
N HIS E 193 28.55 -19.90 -17.20
CA HIS E 193 29.47 -20.33 -16.15
C HIS E 193 29.54 -21.84 -15.98
N GLY E 194 29.05 -22.58 -16.97
CA GLY E 194 29.08 -24.03 -16.87
C GLY E 194 27.76 -24.63 -16.44
N ARG E 195 26.74 -23.79 -16.30
CA ARG E 195 25.43 -24.29 -15.91
C ARG E 195 24.37 -23.76 -16.87
N LEU E 196 23.45 -24.64 -17.25
CA LEU E 196 22.36 -24.32 -18.17
C LEU E 196 21.36 -23.36 -17.52
N CYS E 197 20.99 -22.31 -18.24
CA CYS E 197 20.06 -21.32 -17.69
C CYS E 197 19.01 -20.89 -18.69
N PHE E 198 17.86 -20.45 -18.19
CA PHE E 198 16.76 -19.99 -19.03
C PHE E 198 16.71 -18.47 -18.92
N MET E 199 16.72 -17.79 -20.06
CA MET E 199 16.75 -16.33 -20.04
C MET E 199 15.52 -15.60 -20.61
N LEU E 200 15.05 -14.61 -19.83
CA LEU E 200 13.92 -13.78 -20.22
C LEU E 200 14.30 -12.32 -19.98
N ARG E 201 13.93 -11.45 -20.90
CA ARG E 201 14.27 -10.04 -20.80
C ARG E 201 13.05 -9.12 -20.77
N VAL E 202 13.10 -8.13 -19.88
CA VAL E 202 12.00 -7.18 -19.71
C VAL E 202 12.48 -5.72 -19.77
N GLY E 203 11.64 -4.84 -20.31
CA GLY E 203 12.01 -3.43 -20.42
C GLY E 203 10.91 -2.44 -20.09
N ASP E 204 11.31 -1.18 -19.94
CA ASP E 204 10.39 -0.10 -19.61
C ASP E 204 10.48 1.05 -20.61
N LEU E 205 9.34 1.53 -21.07
CA LEU E 205 9.28 2.61 -22.04
C LEU E 205 9.04 4.00 -21.44
N ARG E 206 8.99 4.09 -20.12
CA ARG E 206 8.74 5.37 -19.46
C ARG E 206 9.94 5.96 -18.75
N LYS E 207 9.81 7.23 -18.37
CA LYS E 207 10.88 7.93 -17.63
C LYS E 207 10.51 7.73 -16.17
N SER E 208 9.27 7.30 -15.94
CA SER E 208 8.79 7.05 -14.59
C SER E 208 9.06 5.60 -14.22
N MET E 209 9.31 5.35 -12.94
CA MET E 209 9.64 4.00 -12.49
C MET E 209 8.62 3.26 -11.63
N ILE E 210 9.02 2.04 -11.26
CA ILE E 210 8.22 1.15 -10.42
C ILE E 210 9.01 0.77 -9.19
N ILE E 211 8.39 0.94 -8.03
CA ILE E 211 9.04 0.64 -6.78
C ILE E 211 8.70 -0.73 -6.19
N SER E 212 9.71 -1.35 -5.60
CA SER E 212 9.55 -2.64 -4.96
C SER E 212 8.71 -3.58 -5.80
N ALA E 213 9.09 -3.75 -7.07
CA ALA E 213 8.35 -4.62 -7.98
C ALA E 213 8.93 -6.04 -8.03
N THR E 214 8.28 -6.96 -7.34
CA THR E 214 8.71 -8.36 -7.29
C THR E 214 8.17 -9.18 -8.46
N ILE E 215 9.03 -10.05 -8.98
CA ILE E 215 8.68 -10.90 -10.11
C ILE E 215 8.61 -12.37 -9.70
N HIS E 216 7.53 -13.04 -10.09
CA HIS E 216 7.33 -14.45 -9.78
C HIS E 216 7.05 -15.24 -11.04
N MET E 217 7.86 -16.26 -11.31
CA MET E 217 7.67 -17.09 -12.50
C MET E 217 7.20 -18.48 -12.11
N GLN E 218 6.14 -18.94 -12.77
CA GLN E 218 5.60 -20.27 -12.49
C GLN E 218 5.50 -21.15 -13.73
N VAL E 219 5.75 -22.44 -13.52
CA VAL E 219 5.68 -23.43 -14.60
C VAL E 219 4.35 -24.16 -14.48
N VAL E 220 3.45 -23.91 -15.42
CA VAL E 220 2.16 -24.56 -15.41
C VAL E 220 2.07 -25.76 -16.35
N ARG E 221 2.25 -26.95 -15.80
CA ARG E 221 2.18 -28.18 -16.58
C ARG E 221 1.28 -29.17 -15.85
N LYS E 222 0.76 -30.15 -16.59
CA LYS E 222 -0.13 -31.15 -16.01
C LYS E 222 0.66 -32.35 -15.51
N THR E 223 0.86 -32.42 -14.20
CA THR E 223 1.63 -33.49 -13.58
C THR E 223 0.80 -34.62 -12.97
N THR E 224 1.40 -35.82 -12.99
CA THR E 224 0.76 -37.01 -12.46
C THR E 224 1.59 -37.58 -11.30
N SER E 225 0.94 -37.81 -10.17
CA SER E 225 1.62 -38.34 -9.01
C SER E 225 1.71 -39.87 -9.04
N PRO E 226 2.68 -40.43 -8.29
CA PRO E 226 2.92 -41.86 -8.21
C PRO E 226 1.73 -42.67 -7.68
N GLU E 227 0.74 -41.98 -7.13
CA GLU E 227 -0.42 -42.69 -6.62
C GLU E 227 -1.53 -42.83 -7.65
N GLY E 228 -1.43 -42.05 -8.73
CA GLY E 228 -2.45 -42.13 -9.78
C GLY E 228 -3.37 -40.94 -9.88
N GLU E 229 -2.96 -39.80 -9.33
CA GLU E 229 -3.79 -38.60 -9.39
C GLU E 229 -3.31 -37.63 -10.46
N VAL E 230 -4.23 -37.21 -11.33
CA VAL E 230 -3.91 -36.27 -12.39
C VAL E 230 -4.46 -34.88 -12.14
N VAL E 231 -3.56 -33.97 -11.79
CA VAL E 231 -3.94 -32.58 -11.58
C VAL E 231 -3.74 -31.92 -12.95
N PRO E 232 -4.79 -31.30 -13.48
CA PRO E 232 -4.83 -30.63 -14.77
C PRO E 232 -3.80 -29.53 -15.02
N LEU E 233 -3.56 -28.70 -14.01
CA LEU E 233 -2.59 -27.62 -14.12
C LEU E 233 -1.91 -27.38 -12.79
N HIS E 234 -0.72 -27.94 -12.65
CA HIS E 234 0.03 -27.80 -11.42
C HIS E 234 1.01 -26.64 -11.54
N GLN E 235 1.03 -25.77 -10.54
CA GLN E 235 1.91 -24.62 -10.56
C GLN E 235 3.08 -24.74 -9.60
N VAL E 236 4.26 -24.91 -10.19
CA VAL E 236 5.50 -25.04 -9.43
C VAL E 236 6.41 -23.86 -9.75
N ASP E 237 6.91 -23.24 -8.70
CA ASP E 237 7.76 -22.06 -8.78
C ASP E 237 9.23 -22.34 -9.04
N ILE E 238 9.86 -21.49 -9.85
CA ILE E 238 11.28 -21.60 -10.19
C ILE E 238 12.06 -20.41 -9.63
N PRO E 239 13.25 -20.68 -9.09
CA PRO E 239 14.16 -19.70 -8.49
C PRO E 239 14.64 -18.57 -9.40
N MET E 240 14.77 -17.39 -8.81
CA MET E 240 15.22 -16.18 -9.51
C MET E 240 16.74 -16.14 -9.58
N GLU E 241 17.38 -17.09 -8.92
CA GLU E 241 18.84 -17.19 -8.92
C GLU E 241 19.60 -15.98 -8.36
N ASN E 242 18.92 -15.11 -7.63
CA ASN E 242 19.64 -14.01 -7.02
C ASN E 242 20.46 -14.63 -5.89
N GLY E 243 21.71 -14.23 -5.74
CA GLY E 243 22.55 -14.82 -4.72
C GLY E 243 22.05 -14.59 -3.30
N VAL E 244 21.59 -13.38 -3.05
CA VAL E 244 21.07 -13.00 -1.74
C VAL E 244 19.79 -13.74 -1.33
N GLY E 245 18.91 -13.96 -2.30
CA GLY E 245 17.62 -14.58 -2.05
C GLY E 245 16.56 -13.64 -2.61
N GLY E 246 16.84 -13.15 -3.81
CA GLY E 246 16.04 -12.16 -4.50
C GLY E 246 14.58 -12.30 -4.88
N ASN E 247 13.93 -11.16 -4.70
CA ASN E 247 12.52 -10.86 -4.97
C ASN E 247 12.38 -9.87 -6.12
N SER E 248 13.21 -8.84 -6.15
CA SER E 248 13.12 -7.85 -7.21
C SER E 248 14.42 -7.15 -7.55
N ILE E 249 14.41 -6.46 -8.68
CA ILE E 249 15.56 -5.73 -9.18
C ILE E 249 15.17 -4.41 -9.83
N PHE E 250 16.00 -3.41 -9.55
CA PHE E 250 15.88 -2.03 -10.03
C PHE E 250 15.86 -2.02 -11.57
N LEU E 251 14.71 -1.71 -12.16
CA LEU E 251 14.54 -1.73 -13.62
C LEU E 251 14.41 -0.41 -14.38
N VAL E 252 15.53 0.03 -14.96
CA VAL E 252 15.54 1.25 -15.77
C VAL E 252 15.81 0.87 -17.22
N ALA E 253 16.72 -0.08 -17.40
CA ALA E 253 17.09 -0.58 -18.73
C ALA E 253 16.73 -2.06 -18.74
N PRO E 254 16.60 -2.63 -19.94
CA PRO E 254 16.25 -4.04 -20.16
C PRO E 254 17.24 -5.01 -19.52
N LEU E 255 16.74 -5.80 -18.57
CA LEU E 255 17.55 -6.78 -17.87
C LEU E 255 17.05 -8.20 -18.11
N ILE E 256 17.99 -9.15 -18.05
CA ILE E 256 17.72 -10.56 -18.29
C ILE E 256 17.57 -11.32 -16.96
N ILE E 257 16.56 -12.17 -16.88
CA ILE E 257 16.35 -13.02 -15.71
C ILE E 257 16.86 -14.42 -16.07
N TYR E 258 17.61 -15.06 -15.17
CA TYR E 258 18.16 -16.38 -15.46
C TYR E 258 17.68 -17.54 -14.57
N HIS E 259 17.33 -18.66 -15.20
CA HIS E 259 16.85 -19.84 -14.48
C HIS E 259 17.79 -21.05 -14.55
N VAL E 260 18.60 -21.18 -13.51
CA VAL E 260 19.59 -22.25 -13.34
C VAL E 260 18.89 -23.59 -13.19
N ILE E 261 19.18 -24.51 -14.09
CA ILE E 261 18.55 -25.83 -14.07
C ILE E 261 19.26 -26.81 -13.15
N ASP E 262 18.73 -26.98 -11.94
CA ASP E 262 19.31 -27.90 -10.97
C ASP E 262 18.43 -29.12 -10.81
N SER E 263 18.75 -29.91 -9.80
CA SER E 263 18.02 -31.14 -9.51
C SER E 263 16.55 -30.91 -9.12
N ASN E 264 16.21 -29.66 -8.78
CA ASN E 264 14.83 -29.38 -8.40
C ASN E 264 14.04 -28.79 -9.56
N SER E 265 14.73 -28.41 -10.63
CA SER E 265 14.06 -27.84 -11.79
C SER E 265 13.45 -28.91 -12.66
N PRO E 266 12.18 -28.71 -13.06
CA PRO E 266 11.44 -29.65 -13.90
C PRO E 266 12.02 -29.78 -15.32
N LEU E 267 12.85 -28.83 -15.72
CA LEU E 267 13.46 -28.82 -17.06
C LEU E 267 14.81 -29.52 -17.07
N TYR E 268 15.05 -30.30 -16.04
CA TYR E 268 16.29 -31.04 -15.85
C TYR E 268 16.33 -32.28 -16.72
N ASP E 269 15.15 -32.79 -17.05
CA ASP E 269 15.03 -34.00 -17.86
C ASP E 269 14.55 -33.69 -19.27
N LEU E 270 14.93 -32.51 -19.78
CA LEU E 270 14.51 -32.07 -21.11
C LEU E 270 15.65 -31.90 -22.13
N ALA E 271 15.41 -32.40 -23.34
CA ALA E 271 16.38 -32.28 -24.42
C ALA E 271 16.00 -31.08 -25.29
N PRO E 272 16.98 -30.50 -25.99
CA PRO E 272 16.80 -29.33 -26.87
C PRO E 272 15.83 -29.40 -28.06
N SER E 273 15.96 -30.42 -28.91
CA SER E 273 15.06 -30.52 -30.06
C SER E 273 13.82 -31.36 -29.76
N ASP E 274 13.89 -32.14 -28.69
CA ASP E 274 12.76 -33.00 -28.32
C ASP E 274 11.74 -32.32 -27.41
N LEU E 275 12.18 -31.33 -26.64
CA LEU E 275 11.27 -30.66 -25.72
C LEU E 275 10.36 -29.60 -26.34
N HIS E 276 10.77 -29.00 -27.46
CA HIS E 276 9.94 -27.96 -28.08
C HIS E 276 8.67 -28.39 -28.78
N HIS E 277 8.62 -29.63 -29.23
CA HIS E 277 7.43 -30.10 -29.93
C HIS E 277 6.67 -31.18 -29.15
N HIS E 278 7.40 -32.10 -28.53
CA HIS E 278 6.81 -33.18 -27.76
C HIS E 278 5.95 -32.67 -26.61
N GLN E 279 6.46 -31.68 -25.88
CA GLN E 279 5.74 -31.12 -24.75
C GLN E 279 4.85 -29.97 -25.15
N ASP E 280 3.67 -29.91 -24.54
CA ASP E 280 2.73 -28.84 -24.80
C ASP E 280 2.41 -28.18 -23.47
N LEU E 281 3.41 -27.48 -22.92
CA LEU E 281 3.25 -26.80 -21.65
C LEU E 281 3.50 -25.31 -21.80
N GLU E 282 3.37 -24.59 -20.70
CA GLU E 282 3.54 -23.14 -20.67
C GLU E 282 4.15 -22.65 -19.37
N ILE E 283 4.90 -21.56 -19.48
CA ILE E 283 5.54 -20.92 -18.33
C ILE E 283 5.09 -19.47 -18.26
N ILE E 284 4.48 -19.10 -17.14
CA ILE E 284 3.97 -17.74 -16.95
C ILE E 284 4.87 -16.77 -16.21
N VAL E 285 4.88 -15.54 -16.70
CA VAL E 285 5.67 -14.46 -16.12
C VAL E 285 4.77 -13.52 -15.31
N ILE E 286 5.08 -13.36 -14.02
CA ILE E 286 4.29 -12.49 -13.16
C ILE E 286 5.08 -11.30 -12.62
N LEU E 287 4.93 -10.17 -13.29
CA LEU E 287 5.63 -8.94 -12.93
C LEU E 287 4.71 -8.03 -12.12
N GLU E 288 5.07 -7.79 -10.86
CA GLU E 288 4.28 -6.94 -9.98
C GLU E 288 5.02 -5.66 -9.64
N GLY E 289 4.37 -4.77 -8.90
CA GLY E 289 5.02 -3.52 -8.54
C GLY E 289 4.09 -2.33 -8.36
N VAL E 290 4.64 -1.24 -7.83
CA VAL E 290 3.87 -0.03 -7.58
C VAL E 290 4.39 1.17 -8.39
N VAL E 291 3.49 2.13 -8.61
CA VAL E 291 3.79 3.34 -9.36
C VAL E 291 4.36 4.42 -8.45
N GLU E 292 5.35 5.13 -8.96
CA GLU E 292 5.97 6.20 -8.19
C GLU E 292 5.06 7.42 -8.11
N THR E 293 3.97 7.41 -8.86
CA THR E 293 3.04 8.55 -8.83
C THR E 293 1.84 8.21 -7.99
N THR E 294 1.33 6.99 -8.15
CA THR E 294 0.16 6.54 -7.39
C THR E 294 0.44 5.29 -6.55
N GLY E 295 -0.18 5.24 -5.38
CA GLY E 295 0.01 4.12 -4.47
C GLY E 295 -0.38 2.74 -4.98
N ILE E 296 -1.19 2.70 -6.03
CA ILE E 296 -1.69 1.44 -6.59
C ILE E 296 -0.60 0.54 -7.19
N THR E 297 -0.71 -0.76 -6.91
CA THR E 297 0.22 -1.77 -7.42
C THR E 297 -0.41 -2.55 -8.56
N THR E 298 0.28 -2.59 -9.69
CA THR E 298 -0.20 -3.28 -10.88
C THR E 298 0.55 -4.56 -11.22
N GLN E 299 -0.03 -5.35 -12.13
CA GLN E 299 0.55 -6.62 -12.55
C GLN E 299 0.53 -6.81 -14.07
N ALA E 300 1.64 -7.25 -14.63
CA ALA E 300 1.77 -7.50 -16.08
C ALA E 300 2.15 -8.95 -16.31
N ARG E 301 1.31 -9.66 -17.06
CA ARG E 301 1.51 -11.08 -17.31
C ARG E 301 1.55 -11.54 -18.76
N THR E 302 2.37 -12.56 -19.00
CA THR E 302 2.53 -13.15 -20.32
C THR E 302 2.89 -14.62 -20.15
N SER E 303 2.87 -15.38 -21.24
CA SER E 303 3.20 -16.80 -21.20
C SER E 303 3.97 -17.21 -22.44
N TYR E 304 4.93 -18.10 -22.27
CA TYR E 304 5.75 -18.58 -23.36
C TYR E 304 5.58 -20.08 -23.59
N LEU E 305 5.09 -20.45 -24.77
CA LEU E 305 4.87 -21.85 -25.10
C LEU E 305 6.14 -22.61 -25.47
N ALA E 306 5.95 -23.90 -25.75
CA ALA E 306 7.02 -24.82 -26.11
C ALA E 306 7.68 -24.39 -27.43
N ASP E 307 6.91 -23.77 -28.30
CA ASP E 307 7.44 -23.30 -29.58
C ASP E 307 7.94 -21.86 -29.45
N GLU E 308 7.56 -21.21 -28.36
CA GLU E 308 7.96 -19.82 -28.14
C GLU E 308 9.34 -19.71 -27.51
N ILE E 309 9.90 -20.85 -27.13
CA ILE E 309 11.21 -20.90 -26.50
C ILE E 309 12.27 -21.36 -27.50
N LEU E 310 13.39 -20.65 -27.53
CA LEU E 310 14.49 -20.96 -28.43
C LEU E 310 15.71 -21.49 -27.70
N TRP E 311 16.34 -22.50 -28.30
CA TRP E 311 17.52 -23.12 -27.71
C TRP E 311 18.72 -22.89 -28.61
N GLY E 312 19.82 -22.44 -28.02
CA GLY E 312 21.03 -22.20 -28.79
C GLY E 312 21.43 -20.75 -29.01
N GLN E 313 20.46 -19.84 -29.03
CA GLN E 313 20.75 -18.42 -29.22
C GLN E 313 20.66 -17.64 -27.93
N ARG E 314 21.03 -16.36 -28.01
CA ARG E 314 21.03 -15.47 -26.85
C ARG E 314 20.48 -14.09 -27.17
N PHE E 315 20.26 -13.28 -26.12
CA PHE E 315 19.75 -11.93 -26.29
C PHE E 315 20.85 -10.96 -26.68
N VAL E 316 20.64 -10.24 -27.78
CA VAL E 316 21.61 -9.25 -28.26
C VAL E 316 21.71 -8.03 -27.33
N PRO E 317 22.93 -7.60 -27.02
CA PRO E 317 23.21 -6.44 -26.15
C PRO E 317 22.57 -5.14 -26.62
N ILE E 318 21.61 -4.68 -25.83
CA ILE E 318 20.84 -3.46 -26.09
C ILE E 318 21.55 -2.18 -25.66
N VAL E 319 22.25 -2.23 -24.53
CA VAL E 319 22.94 -1.08 -23.98
C VAL E 319 24.21 -0.68 -24.74
N ALA E 320 24.28 0.57 -25.17
CA ALA E 320 25.43 1.10 -25.90
C ALA E 320 25.85 2.39 -25.22
N GLU E 321 27.14 2.52 -24.92
CA GLU E 321 27.62 3.71 -24.23
C GLU E 321 28.02 4.87 -25.13
N GLU E 322 27.41 6.01 -24.85
CA GLU E 322 27.67 7.22 -25.59
C GLU E 322 28.36 8.26 -24.72
N ASP E 323 28.57 9.43 -25.29
CA ASP E 323 29.23 10.51 -24.56
C ASP E 323 28.40 11.04 -23.38
N GLY E 324 27.11 11.19 -23.58
CA GLY E 324 26.28 11.73 -22.51
C GLY E 324 25.72 10.68 -21.56
N ARG E 325 25.10 9.65 -22.10
CA ARG E 325 24.52 8.58 -21.29
C ARG E 325 24.53 7.25 -22.04
N TYR E 326 23.92 6.24 -21.43
CA TYR E 326 23.85 4.91 -22.02
C TYR E 326 22.53 4.74 -22.77
N SER E 327 22.60 4.47 -24.06
CA SER E 327 21.41 4.32 -24.88
C SER E 327 20.99 2.87 -25.10
N VAL E 328 19.68 2.65 -25.15
CA VAL E 328 19.10 1.32 -25.37
C VAL E 328 18.16 1.25 -26.56
N ASP E 329 18.56 0.46 -27.56
CA ASP E 329 17.78 0.29 -28.78
C ASP E 329 16.80 -0.87 -28.66
N TYR E 330 15.52 -0.59 -28.87
CA TYR E 330 14.46 -1.60 -28.76
C TYR E 330 14.12 -2.42 -29.99
N SER E 331 14.90 -2.27 -31.06
CA SER E 331 14.64 -3.04 -32.26
C SER E 331 15.46 -4.32 -32.14
N LYS E 332 16.45 -4.28 -31.24
CA LYS E 332 17.32 -5.42 -31.00
C LYS E 332 16.74 -6.26 -29.89
N PHE E 333 15.70 -5.73 -29.26
CA PHE E 333 15.02 -6.40 -28.15
C PHE E 333 14.40 -7.71 -28.60
N GLY E 334 13.95 -7.77 -29.84
CA GLY E 334 13.33 -8.97 -30.37
C GLY E 334 14.27 -9.70 -31.30
N ASN E 335 15.57 -9.47 -31.11
CA ASN E 335 16.60 -10.10 -31.92
C ASN E 335 17.49 -11.01 -31.08
N THR E 336 17.80 -12.18 -31.62
CA THR E 336 18.64 -13.15 -30.93
C THR E 336 19.66 -13.83 -31.86
N VAL E 337 20.85 -14.04 -31.33
CA VAL E 337 21.93 -14.66 -32.10
C VAL E 337 22.39 -16.02 -31.58
N LYS E 338 22.55 -16.94 -32.52
CA LYS E 338 22.93 -18.31 -32.23
C LYS E 338 24.43 -18.54 -31.97
N VAL E 339 24.73 -19.28 -30.90
CA VAL E 339 26.09 -19.63 -30.52
C VAL E 339 26.15 -21.13 -30.19
N PRO E 340 27.31 -21.75 -30.38
CA PRO E 340 27.53 -23.18 -30.12
C PRO E 340 27.22 -23.66 -28.71
N THR E 341 26.16 -24.46 -28.59
CA THR E 341 25.74 -25.02 -27.31
C THR E 341 25.50 -26.53 -27.43
N PRO E 342 25.63 -27.25 -26.32
CA PRO E 342 25.45 -28.70 -26.24
C PRO E 342 24.02 -29.15 -26.50
N LEU E 343 23.90 -30.28 -27.19
CA LEU E 343 22.62 -30.87 -27.55
C LEU E 343 22.18 -31.94 -26.56
N CYS E 344 22.57 -31.80 -25.29
CA CYS E 344 22.20 -32.78 -24.29
C CYS E 344 21.34 -32.16 -23.20
N THR E 345 20.70 -33.01 -22.39
CA THR E 345 19.86 -32.55 -21.30
C THR E 345 20.68 -32.29 -20.05
N ALA E 346 20.12 -31.46 -19.18
CA ALA E 346 20.77 -31.09 -17.93
C ALA E 346 21.13 -32.25 -17.02
N ARG E 347 20.39 -33.35 -17.09
CA ARG E 347 20.71 -34.50 -16.25
C ARG E 347 21.94 -35.14 -16.87
N GLN E 348 22.00 -35.04 -18.18
CA GLN E 348 23.09 -35.61 -18.95
C GLN E 348 24.33 -34.73 -18.90
N LEU E 349 24.11 -33.42 -18.77
CA LEU E 349 25.20 -32.45 -18.72
C LEU E 349 25.91 -32.44 -17.38
N ASP E 350 25.18 -32.78 -16.33
CA ASP E 350 25.76 -32.80 -15.00
C ASP E 350 26.37 -34.17 -14.79
N GLU E 351 25.86 -35.10 -15.58
CA GLU E 351 26.31 -36.48 -15.55
C GLU E 351 27.61 -36.60 -16.30
N ASP E 352 27.77 -35.75 -17.31
CA ASP E 352 28.95 -35.74 -18.14
C ASP E 352 30.09 -35.03 -17.42
N ARG E 353 29.71 -34.10 -16.55
CA ARG E 353 30.68 -33.32 -15.79
C ARG E 353 31.03 -34.01 -14.46
N SER E 354 30.21 -34.96 -14.04
CA SER E 354 30.45 -35.68 -12.79
C SER E 354 31.28 -36.93 -13.06
N LEU E 355 31.41 -37.24 -14.34
CA LEU E 355 32.15 -38.41 -14.81
C LEU E 355 33.51 -37.94 -15.29
N LEU E 356 33.57 -36.65 -15.57
CA LEU E 356 34.78 -36.00 -16.07
C LEU E 356 35.70 -35.61 -14.90
N CYS F 14 -54.28 18.96 -19.13
CA CYS F 14 -55.63 18.67 -18.65
C CYS F 14 -56.52 19.89 -18.80
N GLY F 15 -55.91 21.06 -18.96
CA GLY F 15 -56.68 22.29 -19.08
C GLY F 15 -56.98 22.77 -20.49
N THR F 16 -58.23 23.17 -20.72
CA THR F 16 -58.62 23.70 -22.02
C THR F 16 -58.90 25.19 -21.87
N GLU F 17 -59.88 25.56 -21.05
CA GLU F 17 -60.14 26.98 -20.82
C GLU F 17 -59.99 27.36 -19.35
N ASN F 18 -60.90 26.90 -18.49
CA ASN F 18 -60.89 27.18 -17.04
C ASN F 18 -60.87 25.98 -16.05
N HIS F 19 -60.49 24.81 -16.58
CA HIS F 19 -60.51 23.58 -15.79
C HIS F 19 -59.62 23.56 -14.55
N SER F 20 -58.41 24.09 -14.65
CA SER F 20 -57.53 24.08 -13.48
C SER F 20 -58.13 24.86 -12.32
N ALA F 21 -58.68 26.04 -12.62
CA ALA F 21 -59.29 26.87 -11.60
C ALA F 21 -60.50 26.16 -11.00
N ALA F 22 -61.28 25.51 -11.87
CA ALA F 22 -62.45 24.82 -11.37
C ALA F 22 -62.02 23.71 -10.39
N TYR F 23 -60.98 22.96 -10.75
CA TYR F 23 -60.48 21.88 -9.91
C TYR F 23 -59.97 22.42 -8.58
N ARG F 24 -59.29 23.56 -8.64
CA ARG F 24 -58.74 24.22 -7.47
C ARG F 24 -59.80 24.66 -6.47
N VAL F 25 -60.95 25.12 -6.93
CA VAL F 25 -61.98 25.62 -5.99
C VAL F 25 -62.59 24.64 -4.93
N ASP F 26 -62.84 23.41 -5.35
CA ASP F 26 -63.48 22.33 -4.59
C ASP F 26 -62.49 21.64 -3.65
N GLN F 27 -62.94 21.33 -2.45
CA GLN F 27 -62.11 20.68 -1.45
C GLN F 27 -61.80 19.21 -1.77
N GLY F 28 -60.65 18.74 -1.31
CA GLY F 28 -60.26 17.36 -1.56
C GLY F 28 -59.83 17.12 -2.99
N VAL F 29 -59.04 18.05 -3.52
CA VAL F 29 -58.55 17.97 -4.90
C VAL F 29 -59.74 17.85 -5.84
N LEU F 30 -60.84 18.50 -5.47
CA LEU F 30 -62.06 18.50 -6.26
C LEU F 30 -62.51 17.09 -6.64
N ASN F 31 -62.52 16.20 -5.65
CA ASN F 31 -62.93 14.82 -5.88
C ASN F 31 -62.08 14.17 -6.97
N ASN F 32 -60.84 14.64 -7.09
CA ASN F 32 -59.89 14.12 -8.06
C ASN F 32 -60.25 14.24 -9.55
N GLY F 33 -60.51 15.46 -10.04
CA GLY F 33 -60.84 15.57 -11.45
C GLY F 33 -59.67 15.18 -12.35
N CYS F 34 -58.54 15.87 -12.20
CA CYS F 34 -57.36 15.55 -13.00
C CYS F 34 -56.28 15.03 -12.07
N PHE F 35 -56.53 15.15 -10.76
CA PHE F 35 -55.59 14.72 -9.74
C PHE F 35 -55.50 13.21 -9.61
N VAL F 36 -56.61 12.52 -9.86
CA VAL F 36 -56.63 11.06 -9.75
C VAL F 36 -55.75 10.44 -10.82
N ASP F 37 -55.56 11.19 -11.91
CA ASP F 37 -54.74 10.72 -13.02
C ASP F 37 -53.27 11.05 -12.77
N ALA F 38 -53.04 12.23 -12.20
CA ALA F 38 -51.69 12.68 -11.90
C ALA F 38 -51.09 11.89 -10.75
N LEU F 39 -51.96 11.40 -9.87
CA LEU F 39 -51.55 10.63 -8.71
C LEU F 39 -50.94 9.30 -9.12
N ASN F 40 -51.53 8.66 -10.12
CA ASN F 40 -51.06 7.38 -10.64
C ASN F 40 -49.67 7.46 -11.27
N VAL F 41 -49.40 8.56 -11.97
CA VAL F 41 -48.15 8.77 -12.68
C VAL F 41 -46.87 8.81 -11.85
N VAL F 42 -46.93 9.39 -10.65
CA VAL F 42 -45.73 9.51 -9.83
C VAL F 42 -45.07 8.17 -9.45
N PRO F 43 -45.89 7.18 -9.11
CA PRO F 43 -45.36 5.86 -8.76
C PRO F 43 -44.66 5.21 -9.94
N HIS F 44 -45.23 5.35 -11.13
CA HIS F 44 -44.64 4.76 -12.32
C HIS F 44 -43.27 5.38 -12.60
N VAL F 45 -43.19 6.71 -12.43
CA VAL F 45 -41.93 7.41 -12.64
C VAL F 45 -40.89 6.94 -11.62
N PHE F 46 -41.33 6.77 -10.38
CA PHE F 46 -40.45 6.32 -9.31
C PHE F 46 -39.94 4.92 -9.60
N LEU F 47 -40.82 4.08 -10.11
CA LEU F 47 -40.47 2.70 -10.43
C LEU F 47 -39.55 2.62 -11.64
N LEU F 48 -39.53 3.68 -12.44
CA LEU F 48 -38.69 3.71 -13.63
C LEU F 48 -37.40 4.49 -13.42
N PHE F 49 -37.39 5.33 -12.39
CA PHE F 49 -36.21 6.13 -12.10
C PHE F 49 -35.21 5.41 -11.21
N ILE F 50 -35.76 4.51 -10.39
CA ILE F 50 -34.95 3.64 -9.54
C ILE F 50 -34.25 2.56 -10.36
N THR F 51 -35.00 2.05 -11.33
CA THR F 51 -34.62 0.96 -12.22
C THR F 51 -33.44 1.13 -13.19
N PHE F 52 -33.26 2.32 -13.75
CA PHE F 52 -32.21 2.54 -14.74
C PHE F 52 -30.82 2.26 -14.20
N PRO F 53 -30.56 2.65 -12.96
CA PRO F 53 -29.25 2.42 -12.35
C PRO F 53 -28.91 0.93 -12.19
N ILE F 54 -29.91 0.13 -11.83
CA ILE F 54 -29.72 -1.31 -11.61
C ILE F 54 -29.82 -2.10 -12.91
N LEU F 55 -30.69 -1.64 -13.80
CA LEU F 55 -30.86 -2.26 -15.11
C LEU F 55 -29.67 -1.99 -16.04
N PHE F 56 -29.25 -0.73 -16.06
CA PHE F 56 -28.13 -0.29 -16.91
C PHE F 56 -26.80 -0.91 -16.52
N ILE F 57 -26.55 -0.96 -15.21
CA ILE F 57 -25.32 -1.51 -14.69
C ILE F 57 -25.19 -2.99 -15.02
N GLY F 58 -26.32 -3.69 -14.94
CA GLY F 58 -26.33 -5.12 -15.18
C GLY F 58 -26.24 -5.36 -16.67
N TRP F 59 -26.45 -4.28 -17.43
CA TRP F 59 -26.40 -4.31 -18.88
C TRP F 59 -24.94 -4.09 -19.30
N GLY F 60 -24.22 -3.32 -18.50
CA GLY F 60 -22.83 -3.02 -18.81
C GLY F 60 -21.84 -4.02 -18.24
N SER F 61 -22.06 -4.48 -17.02
CA SER F 61 -21.16 -5.45 -16.40
C SER F 61 -21.19 -6.81 -17.08
N GLN F 62 -22.23 -7.06 -17.86
CA GLN F 62 -22.37 -8.33 -18.55
C GLN F 62 -21.95 -8.20 -20.01
N SER F 63 -21.44 -7.02 -20.36
CA SER F 63 -21.01 -6.74 -21.73
C SER F 63 -19.49 -6.58 -21.86
N SER F 64 -18.83 -6.23 -20.76
CA SER F 64 -17.38 -6.02 -20.77
C SER F 64 -16.61 -7.11 -20.03
N LYS F 65 -17.01 -7.39 -18.79
CA LYS F 65 -16.34 -8.42 -17.98
C LYS F 65 -17.32 -9.09 -17.03
N VAL F 66 -17.82 -10.26 -17.43
CA VAL F 66 -18.77 -11.01 -16.61
C VAL F 66 -18.49 -12.50 -16.72
N HIS F 67 -18.76 -13.23 -15.65
CA HIS F 67 -18.52 -14.67 -15.61
C HIS F 67 -19.84 -15.43 -15.62
N ILE F 68 -20.95 -14.72 -15.49
CA ILE F 68 -22.27 -15.34 -15.47
C ILE F 68 -22.85 -15.45 -16.88
N HIS F 69 -21.96 -15.56 -17.86
CA HIS F 69 -22.38 -15.67 -19.25
C HIS F 69 -22.44 -17.12 -19.70
N HIS F 70 -22.27 -18.05 -18.75
CA HIS F 70 -22.30 -19.46 -19.09
C HIS F 70 -23.50 -20.25 -18.57
N SER F 71 -23.74 -20.22 -17.26
CA SER F 71 -24.88 -20.97 -16.68
C SER F 71 -25.44 -20.41 -15.38
N THR F 72 -26.63 -19.81 -15.43
CA THR F 72 -27.26 -19.25 -14.23
C THR F 72 -28.78 -19.22 -14.30
N TRP F 73 -29.44 -19.86 -13.33
CA TRP F 73 -30.90 -19.86 -13.27
C TRP F 73 -31.47 -20.05 -11.87
N LEU F 74 -32.57 -19.34 -11.58
CA LEU F 74 -33.23 -19.44 -10.28
C LEU F 74 -34.75 -19.32 -10.40
N HIS F 75 -35.47 -20.03 -9.55
CA HIS F 75 -36.93 -20.01 -9.57
C HIS F 75 -37.56 -19.30 -8.37
N PHE F 76 -38.74 -18.74 -8.59
CA PHE F 76 -39.48 -18.02 -7.56
C PHE F 76 -40.95 -18.45 -7.58
N PRO F 77 -41.57 -18.59 -6.38
CA PRO F 77 -42.96 -18.99 -6.18
C PRO F 77 -43.94 -18.00 -6.81
N GLY F 78 -44.64 -18.45 -7.84
CA GLY F 78 -45.59 -17.60 -8.53
C GLY F 78 -45.02 -17.12 -9.85
N HIS F 79 -44.23 -17.97 -10.49
CA HIS F 79 -43.61 -17.61 -11.76
C HIS F 79 -44.63 -17.55 -12.89
N ASN F 80 -45.53 -18.53 -12.92
CA ASN F 80 -46.56 -18.60 -13.96
C ASN F 80 -47.69 -17.60 -13.74
N LEU F 81 -47.81 -17.10 -12.52
CA LEU F 81 -48.85 -16.13 -12.19
C LEU F 81 -48.29 -14.74 -12.35
N ARG F 82 -46.97 -14.66 -12.48
CA ARG F 82 -46.28 -13.39 -12.63
C ARG F 82 -46.23 -13.04 -14.11
N TRP F 83 -46.21 -14.06 -14.96
CA TRP F 83 -46.18 -13.88 -16.39
C TRP F 83 -47.60 -13.66 -16.88
N ILE F 84 -48.54 -14.32 -16.22
CA ILE F 84 -49.95 -14.20 -16.58
C ILE F 84 -50.50 -12.85 -16.16
N LEU F 85 -49.83 -12.21 -15.20
CA LEU F 85 -50.26 -10.90 -14.72
C LEU F 85 -49.51 -9.83 -15.49
N THR F 86 -48.42 -10.24 -16.13
CA THR F 86 -47.60 -9.32 -16.92
C THR F 86 -48.16 -9.26 -18.33
N PHE F 87 -48.90 -10.30 -18.70
CA PHE F 87 -49.52 -10.38 -20.01
C PHE F 87 -50.91 -9.77 -19.97
N ILE F 88 -51.59 -9.95 -18.84
CA ILE F 88 -52.94 -9.43 -18.65
C ILE F 88 -52.90 -7.92 -18.39
N LEU F 89 -51.75 -7.43 -17.96
CA LEU F 89 -51.59 -6.01 -17.68
C LEU F 89 -51.23 -5.31 -18.99
N LEU F 90 -50.90 -6.12 -19.99
CA LEU F 90 -50.55 -5.63 -21.31
C LEU F 90 -51.85 -5.40 -22.06
N PHE F 91 -52.79 -6.31 -21.86
CA PHE F 91 -54.11 -6.24 -22.48
C PHE F 91 -54.90 -5.11 -21.86
N VAL F 92 -54.57 -4.79 -20.61
CA VAL F 92 -55.24 -3.72 -19.88
C VAL F 92 -54.59 -2.38 -20.15
N LEU F 93 -53.36 -2.40 -20.67
CA LEU F 93 -52.64 -1.18 -20.98
C LEU F 93 -52.99 -0.75 -22.41
N VAL F 94 -53.25 -1.75 -23.24
CA VAL F 94 -53.69 -1.51 -24.61
C VAL F 94 -55.11 -0.93 -24.57
N CYS F 95 -55.92 -1.52 -23.69
CA CYS F 95 -57.30 -1.11 -23.52
C CYS F 95 -57.48 0.29 -22.96
N GLU F 96 -56.67 0.65 -21.97
CA GLU F 96 -56.78 1.97 -21.36
C GLU F 96 -56.49 3.05 -22.39
N ILE F 97 -55.41 2.83 -23.15
CA ILE F 97 -54.97 3.73 -24.21
C ILE F 97 -56.00 3.83 -25.33
N ALA F 98 -56.62 2.71 -25.66
CA ALA F 98 -57.61 2.66 -26.73
C ALA F 98 -58.80 3.54 -26.41
N GLU F 99 -59.26 3.45 -25.16
CA GLU F 99 -60.33 4.28 -24.65
C GLU F 99 -59.85 5.74 -24.62
N GLY F 100 -58.58 5.90 -24.23
CA GLY F 100 -57.94 7.19 -24.12
C GLY F 100 -57.87 7.92 -25.45
N ILE F 101 -57.62 7.18 -26.52
CA ILE F 101 -57.53 7.76 -27.85
C ILE F 101 -58.86 8.40 -28.24
N LEU F 102 -59.96 7.72 -27.93
CA LEU F 102 -61.28 8.22 -28.27
C LEU F 102 -61.59 9.54 -27.57
N SER F 103 -61.20 9.63 -26.30
CA SER F 103 -61.44 10.83 -25.51
C SER F 103 -60.68 12.03 -26.07
N ASP F 104 -59.44 11.80 -26.48
CA ASP F 104 -58.60 12.86 -27.03
C ASP F 104 -59.16 13.45 -28.33
N GLY F 105 -59.69 12.58 -29.18
CA GLY F 105 -60.24 12.99 -30.45
C GLY F 105 -61.43 13.93 -30.37
N VAL F 106 -62.33 13.67 -29.43
CA VAL F 106 -63.52 14.51 -29.28
C VAL F 106 -63.39 15.76 -30.14
N THR F 107 -62.15 16.04 -30.54
CA THR F 107 -61.83 17.18 -31.40
C THR F 107 -62.19 18.58 -30.90
N GLU F 108 -62.16 18.79 -29.59
CA GLU F 108 -62.46 20.11 -29.05
C GLU F 108 -61.18 20.72 -28.48
N SER F 109 -60.56 19.98 -27.58
CA SER F 109 -59.32 20.39 -26.94
C SER F 109 -58.61 19.09 -26.57
N ARG F 110 -57.28 19.09 -26.68
CA ARG F 110 -56.52 17.89 -26.35
C ARG F 110 -56.09 17.87 -24.88
N HIS F 111 -56.76 17.03 -24.09
CA HIS F 111 -56.45 16.90 -22.67
C HIS F 111 -55.28 15.94 -22.51
N LEU F 112 -54.11 16.47 -22.17
CA LEU F 112 -52.90 15.67 -22.00
C LEU F 112 -52.90 14.76 -20.77
N HIS F 113 -53.55 15.18 -19.70
CA HIS F 113 -53.57 14.39 -18.47
C HIS F 113 -54.71 13.36 -18.41
N LEU F 114 -55.23 12.98 -19.57
CA LEU F 114 -56.32 12.01 -19.61
C LEU F 114 -55.85 10.63 -20.03
N TYR F 115 -54.85 10.59 -20.91
CA TYR F 115 -54.30 9.33 -21.41
C TYR F 115 -52.88 9.06 -20.95
N MET F 116 -52.33 9.93 -20.12
CA MET F 116 -50.96 9.78 -19.63
C MET F 116 -50.74 8.62 -18.66
N PRO F 117 -51.70 8.37 -17.75
CA PRO F 117 -51.55 7.28 -16.79
C PRO F 117 -51.42 5.89 -17.43
N ALA F 118 -51.90 5.77 -18.66
CA ALA F 118 -51.86 4.49 -19.37
C ALA F 118 -50.53 4.27 -20.08
N GLY F 119 -49.87 5.36 -20.46
CA GLY F 119 -48.61 5.26 -21.16
C GLY F 119 -47.44 5.09 -20.22
N MET F 120 -47.59 5.58 -18.99
CA MET F 120 -46.56 5.39 -17.97
C MET F 120 -46.49 3.93 -17.54
N ALA F 121 -47.68 3.32 -17.43
CA ALA F 121 -47.84 1.95 -16.99
C ALA F 121 -47.19 0.91 -17.91
N PHE F 122 -47.28 1.12 -19.22
CA PHE F 122 -46.69 0.18 -20.14
C PHE F 122 -45.18 0.12 -19.93
N MET F 123 -44.56 1.29 -19.79
CA MET F 123 -43.13 1.35 -19.54
C MET F 123 -42.80 0.72 -18.19
N ALA F 124 -43.62 1.01 -17.19
CA ALA F 124 -43.42 0.49 -15.83
C ALA F 124 -43.57 -1.03 -15.72
N ALA F 125 -44.56 -1.58 -16.41
CA ALA F 125 -44.87 -3.00 -16.38
C ALA F 125 -43.79 -3.71 -17.17
N ILE F 126 -43.19 -2.98 -18.10
CA ILE F 126 -42.13 -3.52 -18.94
C ILE F 126 -40.85 -3.46 -18.14
N THR F 127 -40.80 -2.54 -17.19
CA THR F 127 -39.64 -2.36 -16.34
C THR F 127 -39.72 -3.35 -15.20
N SER F 128 -40.93 -3.81 -14.92
CA SER F 128 -41.17 -4.78 -13.85
C SER F 128 -40.76 -6.17 -14.33
N VAL F 129 -40.79 -6.35 -15.65
CA VAL F 129 -40.43 -7.63 -16.25
C VAL F 129 -38.92 -7.76 -16.31
N VAL F 130 -38.23 -6.61 -16.32
CA VAL F 130 -36.78 -6.56 -16.36
C VAL F 130 -36.23 -6.68 -14.95
N TYR F 131 -37.10 -6.40 -13.98
CA TYR F 131 -36.74 -6.48 -12.56
C TYR F 131 -36.83 -7.92 -12.11
N TYR F 132 -37.73 -8.64 -12.78
CA TYR F 132 -37.98 -10.06 -12.52
C TYR F 132 -36.90 -10.90 -13.15
N HIS F 133 -36.31 -10.34 -14.20
CA HIS F 133 -35.25 -11.02 -14.91
C HIS F 133 -33.93 -10.74 -14.21
N ASN F 134 -33.84 -9.58 -13.58
CA ASN F 134 -32.64 -9.19 -12.86
C ASN F 134 -32.67 -9.88 -11.50
N ILE F 135 -33.86 -10.26 -11.08
CA ILE F 135 -34.04 -10.93 -9.80
C ILE F 135 -33.89 -12.43 -10.01
N GLU F 136 -34.20 -12.89 -11.22
CA GLU F 136 -34.09 -14.30 -11.54
C GLU F 136 -32.64 -14.67 -11.79
N THR F 137 -31.79 -13.65 -11.88
CA THR F 137 -30.36 -13.82 -12.11
C THR F 137 -29.63 -13.75 -10.78
N SER F 138 -30.02 -12.76 -9.99
CA SER F 138 -29.45 -12.54 -8.66
C SER F 138 -30.63 -12.51 -7.70
N ASN F 139 -30.61 -13.43 -6.74
CA ASN F 139 -31.67 -13.56 -5.75
C ASN F 139 -31.54 -12.64 -4.55
N PHE F 140 -32.37 -11.60 -4.53
CA PHE F 140 -32.37 -10.64 -3.44
C PHE F 140 -33.80 -10.14 -3.31
N PRO F 141 -34.25 -9.87 -2.08
CA PRO F 141 -35.61 -9.39 -1.77
C PRO F 141 -35.78 -7.88 -1.89
N LYS F 142 -34.69 -7.17 -2.13
CA LYS F 142 -34.73 -5.72 -2.23
C LYS F 142 -35.54 -5.22 -3.43
N LEU F 143 -35.68 -6.08 -4.43
CA LEU F 143 -36.43 -5.71 -5.63
C LEU F 143 -37.91 -5.96 -5.43
N LEU F 144 -38.24 -7.03 -4.72
CA LEU F 144 -39.63 -7.38 -4.46
C LEU F 144 -40.22 -6.41 -3.45
N ILE F 145 -39.35 -5.65 -2.78
CA ILE F 145 -39.79 -4.68 -1.80
C ILE F 145 -40.06 -3.35 -2.47
N ALA F 146 -39.39 -3.13 -3.60
CA ALA F 146 -39.53 -1.90 -4.37
C ALA F 146 -40.71 -2.03 -5.33
N LEU F 147 -41.08 -3.28 -5.61
CA LEU F 147 -42.20 -3.58 -6.48
C LEU F 147 -43.45 -3.55 -5.63
N LEU F 148 -43.31 -4.08 -4.42
CA LEU F 148 -44.40 -4.11 -3.45
C LEU F 148 -44.76 -2.68 -3.09
N ILE F 149 -43.76 -1.81 -3.11
CA ILE F 149 -43.97 -0.40 -2.81
C ILE F 149 -44.74 0.25 -3.94
N TYR F 150 -44.63 -0.34 -5.13
CA TYR F 150 -45.32 0.16 -6.30
C TYR F 150 -46.74 -0.41 -6.36
N TRP F 151 -46.85 -1.72 -6.18
CA TRP F 151 -48.13 -2.40 -6.22
C TRP F 151 -49.11 -1.83 -5.20
N THR F 152 -48.57 -1.32 -4.10
CA THR F 152 -49.38 -0.74 -3.04
C THR F 152 -49.80 0.70 -3.36
N LEU F 153 -48.93 1.44 -4.03
CA LEU F 153 -49.25 2.81 -4.40
C LEU F 153 -50.19 2.82 -5.60
N ALA F 154 -50.09 1.78 -6.41
CA ALA F 154 -50.94 1.63 -7.59
C ALA F 154 -52.31 1.13 -7.16
N PHE F 155 -52.33 0.44 -6.02
CA PHE F 155 -53.56 -0.08 -5.46
C PHE F 155 -54.40 1.07 -4.89
N ILE F 156 -53.71 2.04 -4.29
CA ILE F 156 -54.37 3.19 -3.69
C ILE F 156 -54.88 4.20 -4.70
N THR F 157 -54.31 4.18 -5.90
CA THR F 157 -54.72 5.10 -6.97
C THR F 157 -55.96 4.58 -7.69
N LYS F 158 -56.12 3.26 -7.64
CA LYS F 158 -57.27 2.57 -8.21
C LYS F 158 -58.51 2.96 -7.44
N THR F 159 -58.34 3.06 -6.12
CA THR F 159 -59.43 3.39 -5.21
C THR F 159 -59.98 4.78 -5.49
N ILE F 160 -59.09 5.72 -5.80
CA ILE F 160 -59.52 7.09 -6.08
C ILE F 160 -60.42 7.10 -7.31
N LYS F 161 -60.01 6.37 -8.35
CA LYS F 161 -60.82 6.37 -9.56
C LYS F 161 -62.19 5.78 -9.26
N PHE F 162 -62.20 4.67 -8.50
CA PHE F 162 -63.44 4.04 -8.12
C PHE F 162 -64.24 4.97 -7.21
N VAL F 163 -63.53 5.60 -6.28
CA VAL F 163 -64.15 6.52 -5.34
C VAL F 163 -64.75 7.72 -6.07
N LYS F 164 -64.01 8.24 -7.04
CA LYS F 164 -64.47 9.37 -7.82
C LYS F 164 -65.72 8.98 -8.60
N PHE F 165 -65.63 7.79 -9.21
CA PHE F 165 -66.66 7.20 -10.06
C PHE F 165 -68.01 6.87 -9.42
N TYR F 166 -67.99 6.40 -8.17
CA TYR F 166 -69.23 6.02 -7.52
C TYR F 166 -70.18 7.21 -7.43
N ASP F 167 -69.65 8.37 -7.05
CA ASP F 167 -70.44 9.58 -7.00
C ASP F 167 -70.88 9.91 -8.43
N HIS F 168 -69.96 9.71 -9.36
CA HIS F 168 -70.16 9.99 -10.78
C HIS F 168 -70.31 8.61 -11.40
N ALA F 169 -71.44 7.97 -11.08
CA ALA F 169 -71.71 6.62 -11.54
C ALA F 169 -72.50 6.47 -12.84
N ILE F 170 -72.03 5.57 -13.68
CA ILE F 170 -72.66 5.27 -14.96
C ILE F 170 -73.22 3.86 -14.90
N GLY F 171 -72.41 2.92 -14.43
CA GLY F 171 -72.81 1.55 -14.31
C GLY F 171 -72.00 0.68 -15.26
N PHE F 172 -72.61 0.27 -16.36
CA PHE F 172 -71.95 -0.56 -17.35
C PHE F 172 -71.68 0.21 -18.64
N SER F 173 -72.16 1.45 -18.69
CA SER F 173 -72.01 2.29 -19.87
C SER F 173 -70.73 3.12 -19.89
N GLN F 174 -69.76 2.73 -19.07
CA GLN F 174 -68.49 3.45 -18.99
C GLN F 174 -67.32 2.55 -19.37
N LEU F 175 -66.47 3.03 -20.28
CA LEU F 175 -65.31 2.28 -20.73
C LEU F 175 -64.08 2.57 -19.87
N ARG F 176 -64.09 3.70 -19.19
CA ARG F 176 -62.99 4.01 -18.29
C ARG F 176 -63.03 3.01 -17.12
N PHE F 177 -64.25 2.75 -16.67
CA PHE F 177 -64.51 1.84 -15.56
C PHE F 177 -64.09 0.41 -15.88
N CYS F 178 -64.35 -0.03 -17.10
CA CYS F 178 -63.99 -1.38 -17.50
C CYS F 178 -62.48 -1.55 -17.43
N LEU F 179 -61.75 -0.55 -17.90
CA LEU F 179 -60.29 -0.59 -17.86
C LEU F 179 -59.82 -0.60 -16.41
N THR F 180 -60.45 0.24 -15.59
CA THR F 180 -60.13 0.34 -14.18
C THR F 180 -60.42 -0.97 -13.45
N GLY F 181 -61.56 -1.58 -13.78
CA GLY F 181 -61.94 -2.83 -13.15
C GLY F 181 -60.95 -3.94 -13.44
N LEU F 182 -60.51 -4.02 -14.69
CA LEU F 182 -59.54 -5.03 -15.08
C LEU F 182 -58.23 -4.83 -14.34
N LEU F 183 -57.84 -3.56 -14.24
CA LEU F 183 -56.61 -3.15 -13.56
C LEU F 183 -56.66 -3.48 -12.07
N VAL F 184 -57.82 -3.33 -11.47
CA VAL F 184 -58.01 -3.60 -10.04
C VAL F 184 -57.70 -5.05 -9.70
N ILE F 185 -58.13 -5.96 -10.58
CA ILE F 185 -57.88 -7.38 -10.38
C ILE F 185 -56.39 -7.67 -10.37
N LEU F 186 -55.62 -6.97 -11.19
CA LEU F 186 -54.17 -7.19 -11.23
C LEU F 186 -53.53 -6.88 -9.88
N TYR F 187 -53.97 -5.79 -9.26
CA TYR F 187 -53.44 -5.39 -7.96
C TYR F 187 -53.74 -6.46 -6.92
N GLY F 188 -54.95 -7.01 -6.97
CA GLY F 188 -55.36 -8.05 -6.05
C GLY F 188 -54.52 -9.30 -6.24
N MET F 189 -54.31 -9.64 -7.52
CA MET F 189 -53.49 -10.78 -7.93
C MET F 189 -52.03 -10.51 -7.56
N LEU F 190 -51.63 -9.25 -7.70
CA LEU F 190 -50.27 -8.79 -7.44
C LEU F 190 -49.80 -9.03 -6.01
N LEU F 191 -50.69 -9.02 -5.03
CA LEU F 191 -50.26 -9.22 -3.63
C LEU F 191 -49.57 -10.56 -3.30
N LEU F 192 -50.09 -11.64 -3.88
CA LEU F 192 -49.56 -12.98 -3.61
C LEU F 192 -48.09 -13.09 -3.98
N VAL F 193 -47.73 -12.48 -5.10
CA VAL F 193 -46.35 -12.49 -5.57
C VAL F 193 -45.46 -11.82 -4.52
N GLU F 194 -45.99 -10.75 -3.92
CA GLU F 194 -45.31 -10.00 -2.87
C GLU F 194 -45.27 -10.68 -1.50
N VAL F 195 -46.06 -11.74 -1.34
CA VAL F 195 -46.17 -12.50 -0.10
C VAL F 195 -45.23 -13.70 -0.03
N ASN F 196 -44.24 -13.75 -0.90
CA ASN F 196 -43.30 -14.86 -0.91
C ASN F 196 -42.64 -15.05 0.45
N VAL F 197 -42.53 -16.31 0.85
CA VAL F 197 -42.00 -16.70 2.16
C VAL F 197 -40.48 -16.84 2.09
N ILE F 198 -39.96 -16.90 0.86
CA ILE F 198 -38.52 -17.04 0.65
C ILE F 198 -37.78 -15.71 0.68
N ARG F 199 -38.52 -14.63 0.92
CA ARG F 199 -37.93 -13.29 0.99
C ARG F 199 -37.59 -12.97 2.45
N VAL F 200 -36.32 -12.67 2.71
CA VAL F 200 -35.85 -12.38 4.06
C VAL F 200 -35.65 -10.89 4.36
N ARG F 201 -36.45 -10.04 3.73
CA ARG F 201 -36.34 -8.59 3.93
C ARG F 201 -36.95 -8.08 5.23
N ARG F 202 -37.76 -8.90 5.89
CA ARG F 202 -38.41 -8.51 7.14
C ARG F 202 -37.53 -8.67 8.37
N TYR F 203 -37.98 -8.08 9.48
CA TYR F 203 -37.25 -8.12 10.74
C TYR F 203 -37.26 -9.53 11.32
N ILE F 204 -38.30 -10.30 11.00
CA ILE F 204 -38.44 -11.67 11.47
C ILE F 204 -37.63 -12.65 10.62
N PHE F 205 -37.30 -13.80 11.20
CA PHE F 205 -36.50 -14.84 10.54
C PHE F 205 -35.28 -14.28 9.80
N PHE F 206 -34.41 -13.60 10.53
CA PHE F 206 -33.19 -12.97 9.99
C PHE F 206 -32.27 -13.88 9.19
N LYS F 207 -32.54 -15.18 9.21
CA LYS F 207 -31.74 -16.14 8.45
C LYS F 207 -32.49 -16.49 7.17
N THR F 208 -31.86 -17.28 6.31
CA THR F 208 -32.49 -17.67 5.06
C THR F 208 -33.57 -18.73 5.33
N PRO F 209 -34.83 -18.40 5.06
CA PRO F 209 -35.97 -19.28 5.27
C PRO F 209 -35.93 -20.55 4.42
N ARG F 210 -35.21 -20.49 3.31
CA ARG F 210 -35.09 -21.62 2.39
C ARG F 210 -33.64 -21.81 1.94
N GLU F 211 -33.00 -22.87 2.45
CA GLU F 211 -31.61 -23.15 2.11
C GLU F 211 -31.45 -24.13 0.96
N VAL F 212 -32.54 -24.76 0.55
CA VAL F 212 -32.49 -25.74 -0.53
C VAL F 212 -32.95 -25.11 -1.84
N LYS F 213 -33.27 -23.83 -1.80
CA LYS F 213 -33.73 -23.11 -2.97
C LYS F 213 -32.62 -22.71 -3.93
N PRO F 214 -31.48 -22.24 -3.40
CA PRO F 214 -30.36 -21.82 -4.23
C PRO F 214 -29.85 -22.90 -5.18
N PRO F 215 -29.59 -24.12 -4.66
CA PRO F 215 -29.10 -25.20 -5.53
C PRO F 215 -30.22 -25.82 -6.35
N GLU F 216 -30.11 -25.75 -7.67
CA GLU F 216 -31.13 -26.32 -8.56
C GLU F 216 -30.65 -27.61 -9.23
N ASP F 217 -31.56 -28.53 -9.47
CA ASP F 217 -31.23 -29.78 -10.15
C ASP F 217 -30.85 -29.48 -11.60
N LEU F 218 -31.59 -28.55 -12.20
CA LEU F 218 -31.40 -28.16 -13.59
C LEU F 218 -30.04 -27.55 -13.88
N GLN F 219 -29.55 -26.70 -12.98
CA GLN F 219 -28.24 -26.09 -13.19
C GLN F 219 -27.16 -27.16 -13.22
N ASP F 220 -27.26 -28.12 -12.31
CA ASP F 220 -26.31 -29.21 -12.23
C ASP F 220 -26.38 -30.04 -13.50
N LEU F 221 -27.57 -30.15 -14.08
CA LEU F 221 -27.70 -30.82 -15.36
C LEU F 221 -26.89 -30.00 -16.38
N GLY F 222 -27.13 -28.69 -16.39
CA GLY F 222 -26.47 -27.69 -17.24
C GLY F 222 -24.98 -27.38 -17.08
N VAL F 223 -24.46 -27.43 -15.85
CA VAL F 223 -23.06 -27.10 -15.56
C VAL F 223 -22.11 -28.03 -16.32
N ARG F 224 -22.47 -29.30 -16.37
CA ARG F 224 -21.70 -30.29 -17.13
C ARG F 224 -22.25 -30.43 -18.57
N PHE F 225 -23.24 -29.61 -18.92
CA PHE F 225 -23.90 -29.62 -20.21
C PHE F 225 -23.37 -28.58 -21.19
N LEU F 226 -22.96 -29.05 -22.37
CA LEU F 226 -22.51 -28.16 -23.44
C LEU F 226 -23.69 -27.30 -23.88
N GLN F 227 -24.87 -27.92 -23.95
CA GLN F 227 -26.12 -27.26 -24.31
C GLN F 227 -27.12 -27.66 -23.23
N PRO F 228 -27.54 -26.71 -22.41
CA PRO F 228 -28.47 -27.01 -21.31
C PRO F 228 -29.83 -27.54 -21.74
N PHE F 229 -30.46 -26.94 -22.76
CA PHE F 229 -31.76 -27.40 -23.24
C PHE F 229 -32.79 -27.56 -22.12
N VAL F 230 -32.89 -26.56 -21.25
CA VAL F 230 -33.82 -26.63 -20.11
C VAL F 230 -35.15 -25.93 -20.35
N ASN F 231 -36.23 -26.64 -20.08
CA ASN F 231 -37.58 -26.12 -20.24
C ASN F 231 -37.86 -24.89 -19.37
N LEU F 232 -37.28 -24.90 -18.17
CA LEU F 232 -37.43 -23.78 -17.21
C LEU F 232 -36.83 -22.46 -17.70
N LEU F 233 -37.39 -21.93 -18.78
CA LEU F 233 -36.96 -20.66 -19.37
C LEU F 233 -38.13 -19.71 -19.69
N SER F 234 -37.85 -18.65 -20.44
CA SER F 234 -38.87 -17.67 -20.80
C SER F 234 -40.05 -18.27 -21.56
N LYS F 235 -39.86 -19.51 -22.04
CA LYS F 235 -40.89 -20.23 -22.78
C LYS F 235 -41.32 -19.53 -24.07
N GLY F 236 -40.44 -18.71 -24.63
CA GLY F 236 -40.78 -18.03 -25.86
C GLY F 236 -40.11 -18.61 -27.08
N THR F 237 -39.30 -19.65 -26.89
CA THR F 237 -38.57 -20.27 -28.00
C THR F 237 -37.65 -19.21 -28.59
N TYR F 238 -37.00 -18.46 -27.69
CA TYR F 238 -36.08 -17.38 -28.05
C TYR F 238 -34.64 -17.74 -27.70
N TRP F 239 -34.44 -18.41 -26.58
CA TRP F 239 -33.08 -18.81 -26.21
C TRP F 239 -32.74 -20.21 -26.75
N TRP F 240 -33.76 -21.00 -27.06
CA TRP F 240 -33.56 -22.34 -27.58
C TRP F 240 -33.00 -22.24 -28.99
N MET F 241 -33.17 -21.07 -29.57
CA MET F 241 -32.72 -20.80 -30.93
C MET F 241 -31.51 -19.88 -31.01
N ASN F 242 -31.21 -19.16 -29.94
CA ASN F 242 -30.07 -18.24 -29.95
C ASN F 242 -28.78 -18.94 -29.55
N ALA F 243 -28.91 -20.12 -28.95
CA ALA F 243 -27.75 -20.89 -28.52
C ALA F 243 -27.23 -21.76 -29.65
N PHE F 244 -28.16 -22.36 -30.38
CA PHE F 244 -27.84 -23.10 -31.60
C PHE F 244 -27.47 -22.11 -32.70
N ILE F 245 -28.23 -21.02 -32.72
CA ILE F 245 -28.12 -19.95 -33.71
C ILE F 245 -26.78 -19.22 -33.73
N LYS F 246 -26.21 -18.91 -32.57
CA LYS F 246 -24.93 -18.20 -32.57
C LYS F 246 -23.87 -19.07 -33.24
N THR F 247 -23.87 -20.35 -32.88
CA THR F 247 -22.93 -21.30 -33.44
C THR F 247 -23.16 -21.42 -34.94
N ALA F 248 -24.43 -21.46 -35.35
CA ALA F 248 -24.74 -21.57 -36.77
C ALA F 248 -24.23 -20.35 -37.53
N HIS F 249 -24.39 -19.18 -36.94
CA HIS F 249 -23.96 -17.92 -37.54
C HIS F 249 -22.44 -17.91 -37.69
N LYS F 250 -21.72 -18.40 -36.69
CA LYS F 250 -20.27 -18.43 -36.80
C LYS F 250 -19.90 -19.39 -37.92
N LYS F 251 -18.93 -19.04 -38.76
CA LYS F 251 -18.62 -20.00 -39.83
C LYS F 251 -17.69 -21.12 -39.37
N PRO F 252 -16.65 -20.77 -38.60
CA PRO F 252 -15.73 -21.79 -38.09
C PRO F 252 -16.43 -22.73 -37.13
N ILE F 253 -17.27 -22.16 -36.27
CA ILE F 253 -18.03 -22.92 -35.29
C ILE F 253 -19.05 -23.88 -35.90
N ASP F 254 -19.69 -23.44 -36.97
CA ASP F 254 -20.72 -24.24 -37.63
C ASP F 254 -20.23 -25.57 -38.17
N LEU F 255 -19.04 -25.58 -38.78
CA LEU F 255 -18.54 -26.83 -39.32
C LEU F 255 -18.32 -27.83 -38.18
N ARG F 256 -17.73 -27.36 -37.09
CA ARG F 256 -17.49 -28.21 -35.93
C ARG F 256 -18.79 -28.66 -35.28
N ALA F 257 -19.72 -27.71 -35.15
CA ALA F 257 -21.02 -27.97 -34.55
C ALA F 257 -21.88 -28.95 -35.34
N ILE F 258 -21.85 -28.82 -36.65
CA ILE F 258 -22.65 -29.67 -37.53
C ILE F 258 -22.03 -31.04 -37.76
N ALA F 259 -21.04 -31.43 -36.97
CA ALA F 259 -20.43 -32.73 -37.14
C ALA F 259 -20.40 -33.52 -35.83
N LYS F 260 -20.04 -32.81 -34.78
CA LYS F 260 -19.94 -33.35 -33.44
C LYS F 260 -21.14 -32.92 -32.63
N LEU F 261 -22.28 -32.72 -33.29
CA LEU F 261 -23.49 -32.25 -32.64
C LEU F 261 -23.96 -33.19 -31.53
N PRO F 262 -23.83 -34.50 -31.74
CA PRO F 262 -24.21 -35.44 -30.68
C PRO F 262 -23.32 -35.20 -29.47
N ILE F 263 -22.02 -35.04 -29.69
CA ILE F 263 -21.08 -34.72 -28.62
C ILE F 263 -21.42 -33.34 -28.08
N ALA F 264 -21.73 -32.42 -29.00
CA ALA F 264 -22.08 -31.06 -28.67
C ALA F 264 -23.34 -31.14 -27.84
N MET F 265 -24.27 -32.01 -28.24
CA MET F 265 -25.44 -32.14 -27.40
C MET F 265 -24.99 -32.61 -26.02
N ARG F 266 -25.61 -32.06 -25.00
CA ARG F 266 -25.22 -32.41 -23.66
C ARG F 266 -26.04 -33.52 -23.04
N ALA F 267 -26.98 -34.06 -23.79
CA ALA F 267 -27.87 -35.13 -23.31
C ALA F 267 -28.51 -34.67 -21.99
N LEU F 268 -29.11 -33.49 -22.01
CA LEU F 268 -29.72 -32.92 -20.82
C LEU F 268 -31.00 -33.59 -20.35
N THR F 269 -31.92 -33.87 -21.28
CA THR F 269 -33.17 -34.48 -20.85
C THR F 269 -32.99 -35.97 -20.58
N ASN F 270 -31.75 -36.38 -20.32
CA ASN F 270 -31.43 -37.76 -20.04
C ASN F 270 -31.87 -38.15 -18.63
N TYR F 271 -32.00 -37.15 -17.77
CA TYR F 271 -32.41 -37.37 -16.39
C TYR F 271 -33.92 -37.35 -16.31
N GLN F 272 -34.56 -37.00 -17.42
CA GLN F 272 -36.01 -36.93 -17.49
C GLN F 272 -36.57 -38.04 -18.37
N ARG F 273 -35.73 -38.63 -19.23
CA ARG F 273 -36.15 -39.77 -20.03
C ARG F 273 -36.39 -40.98 -19.11
N LEU F 274 -35.48 -41.12 -18.14
CA LEU F 274 -35.48 -42.21 -17.19
C LEU F 274 -36.72 -42.20 -16.31
N CYS F 275 -37.16 -41.01 -15.91
CA CYS F 275 -38.35 -40.87 -15.09
C CYS F 275 -39.56 -41.41 -15.85
N VAL F 276 -39.65 -41.07 -17.14
CA VAL F 276 -40.74 -41.55 -17.96
C VAL F 276 -40.68 -43.06 -18.07
N ALA F 277 -39.50 -43.67 -18.20
CA ALA F 277 -39.52 -45.12 -18.26
C ALA F 277 -40.09 -45.66 -16.94
N PHE F 278 -39.60 -45.07 -15.84
CA PHE F 278 -40.04 -45.43 -14.50
C PHE F 278 -41.51 -45.10 -14.32
N ASP F 279 -42.00 -44.05 -14.96
CA ASP F 279 -43.39 -43.66 -14.85
C ASP F 279 -44.30 -44.67 -15.55
N ALA F 280 -43.80 -45.24 -16.64
CA ALA F 280 -44.56 -46.21 -17.40
C ALA F 280 -44.86 -47.44 -16.54
N GLN F 281 -43.86 -47.88 -15.78
CA GLN F 281 -44.03 -49.03 -14.91
C GLN F 281 -45.08 -48.76 -13.85
N ALA F 282 -45.06 -47.55 -13.30
CA ALA F 282 -46.02 -47.17 -12.28
C ALA F 282 -47.44 -47.17 -12.83
N ARG F 283 -47.59 -46.67 -14.06
CA ARG F 283 -48.89 -46.63 -14.70
C ARG F 283 -49.42 -48.04 -14.93
N LYS F 284 -48.53 -48.94 -15.33
CA LYS F 284 -48.88 -50.33 -15.58
C LYS F 284 -49.38 -51.00 -14.31
N ASP F 285 -48.72 -50.69 -13.19
CA ASP F 285 -49.08 -51.26 -11.90
C ASP F 285 -50.54 -51.03 -11.51
N THR F 286 -51.42 -51.88 -12.02
CA THR F 286 -52.85 -51.81 -11.73
C THR F 286 -53.31 -53.08 -11.01
N GLN F 287 -54.60 -53.13 -10.68
CA GLN F 287 -55.17 -54.28 -9.99
C GLN F 287 -55.68 -55.34 -10.95
N SER F 288 -55.75 -55.00 -12.24
CA SER F 288 -56.23 -55.93 -13.26
C SER F 288 -55.10 -56.37 -14.20
N PRO F 289 -55.24 -57.55 -14.81
CA PRO F 289 -54.24 -58.12 -15.74
C PRO F 289 -53.91 -57.25 -16.95
N GLN F 290 -52.84 -57.61 -17.65
CA GLN F 290 -52.41 -56.87 -18.82
C GLN F 290 -53.42 -56.99 -19.95
N GLY F 291 -53.67 -55.88 -20.62
CA GLY F 291 -54.61 -55.84 -21.73
C GLY F 291 -54.25 -54.76 -22.72
N ALA F 292 -54.73 -54.90 -23.95
CA ALA F 292 -54.46 -53.89 -24.97
C ALA F 292 -55.09 -52.58 -24.49
N ARG F 293 -56.27 -52.72 -23.90
CA ARG F 293 -57.01 -51.58 -23.37
C ARG F 293 -56.32 -51.10 -22.09
N ALA F 294 -55.87 -52.07 -21.30
CA ALA F 294 -55.17 -51.81 -20.04
C ALA F 294 -53.85 -51.09 -20.28
N ILE F 295 -53.11 -51.50 -21.30
CA ILE F 295 -51.87 -50.78 -21.63
C ILE F 295 -52.17 -49.46 -22.29
N TRP F 296 -53.31 -49.35 -22.96
CA TRP F 296 -53.69 -48.10 -23.61
C TRP F 296 -54.06 -47.04 -22.58
N ARG F 297 -55.04 -47.34 -21.72
CA ARG F 297 -55.43 -46.41 -20.68
C ARG F 297 -54.34 -46.26 -19.62
N ALA F 298 -53.44 -47.24 -19.45
CA ALA F 298 -52.33 -46.99 -18.50
C ALA F 298 -51.42 -46.01 -19.20
N LEU F 299 -51.27 -46.13 -20.53
CA LEU F 299 -50.34 -45.20 -21.17
C LEU F 299 -50.88 -43.77 -21.12
N CYS F 300 -52.19 -43.62 -21.31
CA CYS F 300 -52.82 -42.31 -21.20
C CYS F 300 -52.76 -41.79 -19.77
N HIS F 301 -52.77 -42.71 -18.81
CA HIS F 301 -52.63 -42.35 -17.40
C HIS F 301 -51.14 -42.11 -17.09
N ALA F 302 -50.25 -42.74 -17.86
CA ALA F 302 -48.81 -42.60 -17.67
C ALA F 302 -48.37 -41.21 -18.07
N PHE F 303 -48.80 -40.74 -19.23
CA PHE F 303 -48.36 -39.41 -19.65
C PHE F 303 -48.79 -38.35 -18.65
N GLY F 304 -49.99 -38.48 -18.10
CA GLY F 304 -50.45 -37.58 -17.06
C GLY F 304 -50.86 -36.22 -17.56
N ARG F 305 -50.07 -35.20 -17.23
CA ARG F 305 -50.50 -33.82 -17.40
C ARG F 305 -50.51 -33.37 -18.86
N ARG F 306 -49.51 -33.80 -19.63
CA ARG F 306 -49.25 -33.18 -20.93
C ARG F 306 -50.27 -33.53 -21.99
N LEU F 307 -51.02 -34.62 -21.82
CA LEU F 307 -52.02 -34.99 -22.80
C LEU F 307 -53.17 -34.00 -22.82
N ILE F 308 -53.88 -33.88 -21.69
CA ILE F 308 -55.01 -32.95 -21.64
C ILE F 308 -54.51 -31.52 -21.52
N LEU F 309 -53.27 -31.34 -21.04
CA LEU F 309 -52.68 -30.02 -20.96
C LEU F 309 -52.40 -29.47 -22.36
N SER F 310 -51.67 -30.23 -23.17
CA SER F 310 -51.38 -29.81 -24.53
C SER F 310 -52.63 -29.80 -25.39
N SER F 311 -53.60 -30.66 -25.07
CA SER F 311 -54.90 -30.57 -25.72
C SER F 311 -55.61 -29.27 -25.36
N THR F 312 -55.43 -28.80 -24.12
CA THR F 312 -56.07 -27.56 -23.70
C THR F 312 -55.40 -26.36 -24.33
N PHE F 313 -54.07 -26.40 -24.49
CA PHE F 313 -53.39 -25.37 -25.25
C PHE F 313 -53.81 -25.41 -26.71
N ARG F 314 -54.08 -26.60 -27.26
CA ARG F 314 -54.58 -26.69 -28.62
C ARG F 314 -55.98 -26.10 -28.74
N ILE F 315 -56.79 -26.24 -27.69
CA ILE F 315 -58.13 -25.66 -27.70
C ILE F 315 -58.05 -24.15 -27.57
N LEU F 316 -57.06 -23.65 -26.82
CA LEU F 316 -56.85 -22.21 -26.77
C LEU F 316 -56.36 -21.69 -28.11
N ALA F 317 -55.57 -22.49 -28.83
CA ALA F 317 -55.16 -22.14 -30.18
C ALA F 317 -56.36 -22.14 -31.12
N ASP F 318 -57.33 -23.03 -30.89
CA ASP F 318 -58.57 -22.98 -31.64
C ASP F 318 -59.38 -21.75 -31.28
N LEU F 319 -59.27 -21.28 -30.04
CA LEU F 319 -60.02 -20.10 -29.62
C LEU F 319 -59.46 -18.85 -30.27
N LEU F 320 -58.14 -18.67 -30.21
CA LEU F 320 -57.54 -17.47 -30.80
C LEU F 320 -57.54 -17.53 -32.33
N GLY F 321 -57.22 -18.70 -32.86
CA GLY F 321 -57.19 -18.89 -34.30
C GLY F 321 -58.49 -18.78 -35.07
N PHE F 322 -59.57 -19.31 -34.51
CA PHE F 322 -60.88 -19.31 -35.17
C PHE F 322 -61.49 -17.94 -35.46
N ALA F 323 -61.40 -17.02 -34.51
CA ALA F 323 -61.96 -15.68 -34.67
C ALA F 323 -61.29 -14.91 -35.81
N GLY F 324 -59.98 -15.07 -35.91
CA GLY F 324 -59.17 -14.38 -36.90
C GLY F 324 -59.91 -13.43 -37.82
N PRO F 325 -60.84 -13.90 -38.65
CA PRO F 325 -61.64 -13.06 -39.60
C PRO F 325 -62.67 -11.98 -39.08
N LEU F 326 -63.21 -12.24 -37.90
CA LEU F 326 -64.26 -11.37 -37.34
C LEU F 326 -63.79 -9.93 -37.18
N CYS F 327 -62.55 -9.73 -36.75
CA CYS F 327 -61.97 -8.39 -36.63
C CYS F 327 -61.92 -7.71 -38.00
N ILE F 328 -61.57 -8.48 -39.02
CA ILE F 328 -61.50 -7.98 -40.39
C ILE F 328 -62.84 -7.47 -40.91
N PHE F 329 -63.98 -8.07 -40.55
CA PHE F 329 -65.26 -7.53 -41.11
C PHE F 329 -65.57 -6.03 -40.78
N GLY F 330 -65.36 -5.68 -39.52
CA GLY F 330 -65.42 -4.40 -38.84
C GLY F 330 -64.70 -3.31 -39.62
N ILE F 331 -63.62 -3.66 -40.32
CA ILE F 331 -62.92 -2.68 -41.12
C ILE F 331 -63.72 -2.34 -42.36
N VAL F 332 -64.36 -3.34 -42.97
CA VAL F 332 -65.19 -3.09 -44.14
C VAL F 332 -66.46 -2.35 -43.78
N ASP F 333 -66.92 -2.48 -42.54
CA ASP F 333 -68.13 -1.83 -42.08
C ASP F 333 -67.89 -0.40 -41.62
N HIS F 334 -67.05 -0.22 -40.59
CA HIS F 334 -66.76 1.12 -40.09
C HIS F 334 -65.90 1.93 -41.05
N LEU F 335 -65.17 1.27 -41.95
CA LEU F 335 -64.46 1.97 -43.01
C LEU F 335 -65.26 2.02 -44.30
N GLY F 336 -65.60 0.86 -44.85
CA GLY F 336 -66.27 0.80 -46.13
C GLY F 336 -67.74 1.17 -46.08
N LYS F 337 -68.51 0.44 -45.26
CA LYS F 337 -69.95 0.68 -45.21
C LYS F 337 -70.27 2.00 -44.54
N GLU F 338 -69.56 2.33 -43.47
CA GLU F 338 -69.69 3.66 -42.90
C GLU F 338 -68.97 4.66 -43.80
N ASN F 339 -69.68 5.19 -44.78
CA ASN F 339 -69.08 6.11 -45.75
C ASN F 339 -69.15 7.56 -45.29
N HIS F 340 -70.27 7.97 -44.71
CA HIS F 340 -70.46 9.35 -44.27
C HIS F 340 -71.06 9.38 -42.87
N VAL F 341 -70.49 8.58 -41.96
CA VAL F 341 -70.95 8.59 -40.57
C VAL F 341 -70.49 9.86 -39.87
N PHE F 342 -69.17 10.01 -39.70
CA PHE F 342 -68.50 11.25 -39.27
C PHE F 342 -68.98 11.78 -37.92
N GLN F 343 -69.50 10.90 -37.07
CA GLN F 343 -69.97 11.29 -35.74
C GLN F 343 -69.19 10.52 -34.69
N PRO F 344 -68.33 11.18 -33.90
CA PRO F 344 -67.48 10.42 -32.97
C PRO F 344 -68.22 9.86 -31.77
N LYS F 345 -69.10 10.62 -31.14
CA LYS F 345 -69.71 10.19 -29.89
C LYS F 345 -71.05 10.88 -29.69
N THR F 346 -71.88 10.27 -28.84
CA THR F 346 -73.15 10.84 -28.42
C THR F 346 -73.39 10.76 -26.92
N GLN F 347 -72.51 10.12 -26.16
CA GLN F 347 -72.64 10.01 -24.73
C GLN F 347 -71.99 11.22 -24.06
N PHE F 348 -71.76 11.12 -22.74
CA PHE F 348 -71.08 12.18 -22.01
C PHE F 348 -69.63 12.28 -22.47
N LEU F 349 -69.31 13.35 -23.20
CA LEU F 349 -68.03 13.46 -23.87
C LEU F 349 -66.89 13.82 -22.93
N GLY F 350 -67.19 14.18 -21.68
CA GLY F 350 -66.14 14.46 -20.72
C GLY F 350 -65.38 13.23 -20.25
N VAL F 351 -65.97 12.05 -20.42
CA VAL F 351 -65.36 10.79 -20.01
C VAL F 351 -65.57 9.77 -21.12
N TYR F 352 -65.15 8.54 -20.85
CA TYR F 352 -65.19 7.44 -21.82
C TYR F 352 -66.40 6.57 -21.53
N PHE F 353 -67.03 6.07 -22.59
CA PHE F 353 -68.21 5.21 -22.47
C PHE F 353 -67.97 3.87 -23.16
N VAL F 354 -68.63 2.84 -22.65
CA VAL F 354 -68.35 1.47 -23.10
C VAL F 354 -68.98 1.15 -24.44
N SER F 355 -69.95 1.94 -24.90
CA SER F 355 -70.59 1.66 -26.16
C SER F 355 -69.67 2.01 -27.33
N SER F 356 -70.00 1.42 -28.50
CA SER F 356 -69.32 1.67 -29.77
C SER F 356 -67.81 1.39 -29.67
N GLN F 357 -67.46 0.34 -28.94
CA GLN F 357 -66.06 -0.02 -28.77
C GLN F 357 -65.43 -0.56 -30.04
N GLU F 358 -66.25 -0.95 -31.02
CA GLU F 358 -65.75 -1.31 -32.35
C GLU F 358 -65.74 -0.05 -33.22
N PHE F 359 -64.85 0.86 -32.87
CA PHE F 359 -64.67 2.07 -33.64
C PHE F 359 -63.72 1.82 -34.81
N LEU F 360 -63.43 2.88 -35.57
CA LEU F 360 -62.53 2.76 -36.71
C LEU F 360 -61.09 2.58 -36.23
N GLY F 361 -60.62 3.45 -35.34
CA GLY F 361 -59.29 3.31 -34.79
C GLY F 361 -59.14 2.06 -33.94
N ASN F 362 -60.19 1.71 -33.19
CA ASN F 362 -60.19 0.46 -32.44
C ASN F 362 -60.26 -0.75 -33.34
N ALA F 363 -60.71 -0.60 -34.58
CA ALA F 363 -60.56 -1.69 -35.54
C ALA F 363 -59.12 -1.83 -35.98
N TYR F 364 -58.37 -0.73 -36.03
CA TYR F 364 -56.96 -0.81 -36.38
C TYR F 364 -56.16 -1.47 -35.26
N VAL F 365 -56.28 -0.91 -34.04
CA VAL F 365 -55.49 -1.43 -32.93
C VAL F 365 -56.01 -2.79 -32.48
N LEU F 366 -57.30 -3.04 -32.69
CA LEU F 366 -57.83 -4.38 -32.46
C LEU F 366 -57.41 -5.34 -33.55
N ALA F 367 -57.08 -4.84 -34.74
CA ALA F 367 -56.52 -5.69 -35.78
C ALA F 367 -55.08 -6.05 -35.46
N VAL F 368 -54.34 -5.10 -34.91
CA VAL F 368 -53.01 -5.41 -34.39
C VAL F 368 -53.12 -6.33 -33.18
N LEU F 369 -54.22 -6.22 -32.43
CA LEU F 369 -54.48 -7.15 -31.35
C LEU F 369 -54.82 -8.54 -31.90
N LEU F 370 -55.40 -8.59 -33.09
CA LEU F 370 -55.61 -9.87 -33.76
C LEU F 370 -54.29 -10.43 -34.29
N PHE F 371 -53.33 -9.54 -34.58
CA PHE F 371 -52.00 -10.02 -34.93
C PHE F 371 -51.29 -10.57 -33.72
N LEU F 372 -51.44 -9.90 -32.57
CA LEU F 372 -50.81 -10.37 -31.34
C LEU F 372 -51.43 -11.66 -30.85
N ALA F 373 -52.75 -11.76 -30.96
CA ALA F 373 -53.43 -13.01 -30.65
C ALA F 373 -53.16 -14.07 -31.70
N LEU F 374 -52.80 -13.66 -32.92
CA LEU F 374 -52.34 -14.62 -33.91
C LEU F 374 -50.97 -15.16 -33.54
N LEU F 375 -50.14 -14.32 -32.91
CA LEU F 375 -48.91 -14.81 -32.34
C LEU F 375 -49.17 -15.69 -31.13
N LEU F 376 -50.26 -15.44 -30.40
CA LEU F 376 -50.66 -16.33 -29.33
C LEU F 376 -51.17 -17.65 -29.88
N GLN F 377 -51.78 -17.64 -31.06
CA GLN F 377 -52.36 -18.84 -31.64
C GLN F 377 -51.32 -19.72 -32.30
N ARG F 378 -50.41 -19.11 -33.07
CA ARG F 378 -49.32 -19.87 -33.64
C ARG F 378 -48.31 -20.26 -32.57
N THR F 379 -48.14 -19.41 -31.56
CA THR F 379 -47.20 -19.70 -30.49
C THR F 379 -47.70 -20.84 -29.62
N PHE F 380 -48.97 -20.78 -29.21
CA PHE F 380 -49.54 -21.88 -28.44
C PHE F 380 -49.73 -23.12 -29.29
N LEU F 381 -49.93 -22.93 -30.59
CA LEU F 381 -50.06 -24.06 -31.52
C LEU F 381 -48.76 -24.83 -31.60
N GLN F 382 -47.66 -24.14 -31.88
CA GLN F 382 -46.35 -24.78 -31.91
C GLN F 382 -45.88 -25.18 -30.51
N ALA F 383 -46.47 -24.60 -29.47
CA ALA F 383 -46.14 -25.01 -28.11
C ALA F 383 -46.74 -26.38 -27.80
N SER F 384 -48.03 -26.55 -28.11
CA SER F 384 -48.65 -27.85 -27.90
C SER F 384 -48.10 -28.88 -28.88
N TYR F 385 -47.69 -28.43 -30.07
CA TYR F 385 -46.93 -29.29 -30.97
C TYR F 385 -45.62 -29.73 -30.32
N TYR F 386 -44.95 -28.80 -29.63
CA TYR F 386 -43.67 -29.10 -28.99
C TYR F 386 -43.83 -30.10 -27.86
N VAL F 387 -44.85 -29.91 -27.02
CA VAL F 387 -45.10 -30.84 -25.93
C VAL F 387 -45.59 -32.17 -26.48
N ALA F 388 -46.22 -32.16 -27.66
CA ALA F 388 -46.61 -33.40 -28.31
C ALA F 388 -45.39 -34.18 -28.79
N ILE F 389 -44.42 -33.48 -29.38
CA ILE F 389 -43.23 -34.15 -29.87
C ILE F 389 -42.39 -34.67 -28.71
N GLU F 390 -42.29 -33.89 -27.63
CA GLU F 390 -41.59 -34.36 -26.44
C GLU F 390 -42.32 -35.53 -25.80
N THR F 391 -43.65 -35.51 -25.86
CA THR F 391 -44.44 -36.61 -25.34
C THR F 391 -44.23 -37.88 -26.15
N GLY F 392 -44.10 -37.75 -27.48
CA GLY F 392 -43.79 -38.91 -28.29
C GLY F 392 -42.36 -39.38 -28.11
N ILE F 393 -41.45 -38.46 -27.77
CA ILE F 393 -40.07 -38.84 -27.51
C ILE F 393 -39.98 -39.68 -26.25
N ASN F 394 -40.58 -39.19 -25.17
CA ASN F 394 -40.67 -39.98 -23.95
C ASN F 394 -41.51 -41.24 -24.13
N LEU F 395 -42.43 -41.23 -25.09
CA LEU F 395 -43.24 -42.39 -25.39
C LEU F 395 -42.41 -43.52 -25.99
N ARG F 396 -41.73 -43.23 -27.11
CA ARG F 396 -40.95 -44.28 -27.75
C ARG F 396 -39.72 -44.65 -26.95
N GLY F 397 -39.21 -43.72 -26.13
CA GLY F 397 -38.11 -44.06 -25.25
C GLY F 397 -38.55 -44.98 -24.11
N ALA F 398 -39.69 -44.67 -23.51
CA ALA F 398 -40.16 -45.47 -22.38
C ALA F 398 -40.64 -46.84 -22.84
N ILE F 399 -41.47 -46.87 -23.89
CA ILE F 399 -41.97 -48.14 -24.41
C ILE F 399 -40.85 -48.93 -25.07
N GLN F 400 -39.84 -48.24 -25.59
CA GLN F 400 -38.64 -48.93 -26.04
C GLN F 400 -37.90 -49.56 -24.86
N THR F 401 -37.85 -48.85 -23.72
CA THR F 401 -37.12 -49.32 -22.56
C THR F 401 -37.76 -50.57 -21.97
N LYS F 402 -39.07 -50.51 -21.70
CA LYS F 402 -39.77 -51.69 -21.23
C LYS F 402 -39.92 -52.74 -22.32
N ILE F 403 -39.81 -52.33 -23.59
CA ILE F 403 -39.89 -53.28 -24.69
C ILE F 403 -38.67 -54.20 -24.71
N TYR F 404 -37.49 -53.61 -24.88
CA TYR F 404 -36.28 -54.42 -24.98
C TYR F 404 -35.86 -54.96 -23.63
N ASN F 405 -36.23 -54.29 -22.54
CA ASN F 405 -36.07 -54.89 -21.23
C ASN F 405 -37.00 -56.07 -21.06
N LYS F 406 -38.20 -56.01 -21.66
CA LYS F 406 -39.17 -57.10 -21.54
C LYS F 406 -38.71 -58.33 -22.32
N ILE F 407 -38.29 -58.14 -23.57
CA ILE F 407 -37.86 -59.29 -24.36
C ILE F 407 -36.49 -59.76 -23.90
N MET F 408 -35.68 -58.86 -23.33
CA MET F 408 -34.40 -59.27 -22.79
C MET F 408 -34.58 -60.06 -21.50
N HIS F 409 -35.65 -59.79 -20.75
CA HIS F 409 -35.85 -60.47 -19.48
C HIS F 409 -36.70 -61.72 -19.60
N MET F 410 -37.56 -61.81 -20.61
CA MET F 410 -38.56 -62.87 -20.65
C MET F 410 -37.96 -64.21 -21.05
N SER F 411 -37.45 -64.30 -22.28
CA SER F 411 -36.93 -65.53 -22.90
C SER F 411 -37.96 -66.66 -22.85
N THR F 412 -39.17 -66.36 -23.32
CA THR F 412 -40.26 -67.32 -23.35
C THR F 412 -40.65 -67.63 -24.79
N SER F 413 -41.12 -68.87 -24.98
CA SER F 413 -41.60 -69.42 -26.26
C SER F 413 -40.51 -69.35 -27.33
N ASN F 414 -39.46 -70.15 -27.10
CA ASN F 414 -38.31 -70.19 -28.01
C ASN F 414 -38.62 -70.87 -29.34
N LEU F 415 -39.80 -71.47 -29.51
CA LEU F 415 -40.15 -72.09 -30.79
C LEU F 415 -40.36 -71.05 -31.87
N SER F 416 -41.15 -70.01 -31.58
CA SER F 416 -41.26 -68.89 -32.50
C SER F 416 -39.97 -68.08 -32.53
N MET F 417 -39.23 -68.06 -31.42
CA MET F 417 -37.90 -67.47 -31.43
C MET F 417 -36.90 -68.35 -32.16
N GLY F 418 -37.20 -69.63 -32.34
CA GLY F 418 -36.38 -70.47 -33.19
C GLY F 418 -36.46 -70.08 -34.65
N GLU F 419 -37.60 -69.54 -35.07
CA GLU F 419 -37.73 -69.01 -36.42
C GLU F 419 -37.27 -67.56 -36.44
N MET F 420 -37.26 -66.96 -37.63
CA MET F 420 -36.87 -65.57 -37.80
C MET F 420 -38.03 -64.60 -37.61
N THR F 421 -39.15 -65.08 -37.05
CA THR F 421 -40.29 -64.21 -36.78
C THR F 421 -40.00 -63.22 -35.66
N ALA F 422 -39.05 -63.53 -34.78
CA ALA F 422 -38.67 -62.58 -33.73
C ALA F 422 -37.96 -61.37 -34.32
N GLY F 423 -37.17 -61.59 -35.38
CA GLY F 423 -36.56 -60.47 -36.09
C GLY F 423 -37.58 -59.62 -36.83
N GLN F 424 -38.64 -60.27 -37.34
CA GLN F 424 -39.77 -59.51 -37.86
C GLN F 424 -40.50 -58.76 -36.75
N ILE F 425 -40.49 -59.31 -35.54
CA ILE F 425 -41.07 -58.58 -34.41
C ILE F 425 -40.18 -57.42 -34.01
N CYS F 426 -38.89 -57.50 -34.31
CA CYS F 426 -37.99 -56.38 -34.02
C CYS F 426 -38.15 -55.28 -35.04
N ASN F 427 -38.16 -55.64 -36.33
CA ASN F 427 -38.29 -54.64 -37.38
C ASN F 427 -39.68 -54.01 -37.37
N LEU F 428 -40.72 -54.83 -37.24
CA LEU F 428 -42.07 -54.32 -37.07
C LEU F 428 -42.27 -53.67 -35.70
N VAL F 429 -41.41 -53.98 -34.72
CA VAL F 429 -41.47 -53.26 -33.46
C VAL F 429 -40.90 -51.86 -33.64
N ALA F 430 -39.90 -51.71 -34.51
CA ALA F 430 -39.35 -50.39 -34.77
C ALA F 430 -40.30 -49.56 -35.62
N ILE F 431 -40.73 -50.12 -36.76
CA ILE F 431 -41.59 -49.39 -37.68
C ILE F 431 -42.97 -49.17 -37.10
N ASP F 432 -43.44 -50.09 -36.26
CA ASP F 432 -44.73 -49.90 -35.60
C ASP F 432 -44.61 -49.03 -34.37
N THR F 433 -43.43 -48.99 -33.75
CA THR F 433 -43.24 -48.13 -32.59
C THR F 433 -43.15 -46.67 -33.00
N ASN F 434 -42.26 -46.36 -33.96
CA ASN F 434 -42.21 -45.01 -34.49
C ASN F 434 -43.45 -44.68 -35.30
N GLN F 435 -44.11 -45.70 -35.87
CA GLN F 435 -45.42 -45.49 -36.45
C GLN F 435 -46.48 -45.22 -35.39
N LEU F 436 -46.23 -45.62 -34.14
CA LEU F 436 -47.19 -45.37 -33.06
C LEU F 436 -46.98 -44.00 -32.43
N MET F 437 -45.72 -43.56 -32.32
CA MET F 437 -45.47 -42.19 -31.91
C MET F 437 -45.90 -41.21 -33.00
N TRP F 438 -45.66 -41.57 -34.25
CA TRP F 438 -46.18 -40.82 -35.38
C TRP F 438 -47.69 -40.94 -35.48
N PHE F 439 -48.28 -41.98 -34.89
CA PHE F 439 -49.72 -42.06 -34.79
C PHE F 439 -50.23 -41.13 -33.70
N PHE F 440 -49.46 -40.97 -32.63
CA PHE F 440 -49.81 -40.08 -31.54
C PHE F 440 -49.38 -38.64 -31.82
N PHE F 441 -48.76 -38.41 -32.98
CA PHE F 441 -48.04 -37.18 -33.27
C PHE F 441 -48.93 -35.94 -33.27
N LEU F 442 -50.19 -36.08 -33.68
CA LEU F 442 -51.09 -34.93 -33.75
C LEU F 442 -52.45 -35.28 -33.17
N CYS F 443 -52.47 -36.01 -32.07
CA CYS F 443 -53.72 -36.41 -31.42
C CYS F 443 -54.51 -35.25 -30.82
N PRO F 444 -53.91 -34.23 -30.17
CA PRO F 444 -54.73 -33.04 -29.84
C PRO F 444 -55.15 -32.23 -31.06
N ASN F 445 -54.44 -32.34 -32.18
CA ASN F 445 -54.90 -31.71 -33.40
C ASN F 445 -56.17 -32.37 -33.92
N LEU F 446 -56.25 -33.69 -33.79
CA LEU F 446 -57.49 -34.39 -34.10
C LEU F 446 -58.57 -34.09 -33.07
N TRP F 447 -58.18 -33.88 -31.81
CA TRP F 447 -59.16 -33.57 -30.79
C TRP F 447 -59.73 -32.16 -30.96
N THR F 448 -58.95 -31.26 -31.52
CA THR F 448 -59.36 -29.88 -31.71
C THR F 448 -59.80 -29.57 -33.14
N MET F 449 -59.74 -30.55 -34.04
CA MET F 449 -60.21 -30.32 -35.40
C MET F 449 -61.73 -30.15 -35.51
N PRO F 450 -62.60 -31.01 -34.94
CA PRO F 450 -64.05 -30.80 -35.14
C PRO F 450 -64.60 -29.60 -34.39
N VAL F 451 -63.93 -29.13 -33.34
CA VAL F 451 -64.38 -27.90 -32.70
C VAL F 451 -64.13 -26.71 -33.61
N GLN F 452 -63.03 -26.73 -34.35
CA GLN F 452 -62.75 -25.66 -35.30
C GLN F 452 -63.65 -25.76 -36.52
N ILE F 453 -63.97 -26.98 -36.95
CA ILE F 453 -64.87 -27.15 -38.08
C ILE F 453 -66.28 -26.74 -37.70
N ILE F 454 -66.69 -27.02 -36.47
CA ILE F 454 -68.04 -26.71 -36.04
C ILE F 454 -68.19 -25.22 -35.75
N VAL F 455 -67.16 -24.61 -35.13
CA VAL F 455 -67.24 -23.19 -34.82
C VAL F 455 -67.11 -22.36 -36.09
N GLY F 456 -66.19 -22.74 -36.97
CA GLY F 456 -66.06 -22.05 -38.24
C GLY F 456 -67.25 -22.26 -39.16
N VAL F 457 -67.87 -23.43 -39.08
CA VAL F 457 -69.12 -23.66 -39.82
C VAL F 457 -70.25 -22.86 -39.19
N ILE F 458 -70.18 -22.60 -37.89
CA ILE F 458 -71.22 -21.83 -37.22
C ILE F 458 -71.11 -20.36 -37.61
N LEU F 459 -69.89 -19.82 -37.64
CA LEU F 459 -69.70 -18.44 -38.10
C LEU F 459 -70.00 -18.31 -39.58
N LEU F 460 -69.71 -19.36 -40.35
CA LEU F 460 -70.15 -19.42 -41.74
C LEU F 460 -71.67 -19.40 -41.83
N TYR F 461 -72.36 -19.99 -40.85
CA TYR F 461 -73.81 -19.92 -40.82
C TYR F 461 -74.30 -18.53 -40.42
N TYR F 462 -73.52 -17.81 -39.61
CA TYR F 462 -73.84 -16.41 -39.38
C TYR F 462 -73.60 -15.55 -40.62
N ILE F 463 -72.73 -15.99 -41.53
CA ILE F 463 -72.58 -15.29 -42.80
C ILE F 463 -73.80 -15.55 -43.70
N LEU F 464 -74.00 -16.81 -44.07
CA LEU F 464 -75.11 -17.21 -44.95
C LEU F 464 -75.36 -18.70 -44.79
N GLY F 465 -76.28 -19.23 -45.58
CA GLY F 465 -76.54 -20.66 -45.55
C GLY F 465 -75.94 -21.43 -46.71
N VAL F 466 -76.12 -20.90 -47.93
CA VAL F 466 -75.76 -21.63 -49.14
C VAL F 466 -74.25 -21.71 -49.30
N SER F 467 -73.51 -20.73 -48.78
CA SER F 467 -72.05 -20.81 -48.77
C SER F 467 -71.57 -21.90 -47.84
N ALA F 468 -72.22 -22.06 -46.69
CA ALA F 468 -71.90 -23.15 -45.77
C ALA F 468 -72.24 -24.50 -46.37
N LEU F 469 -73.32 -24.57 -47.17
CA LEU F 469 -73.63 -25.80 -47.87
C LEU F 469 -72.59 -26.10 -48.95
N ILE F 470 -72.07 -25.06 -49.59
CA ILE F 470 -71.11 -25.24 -50.68
C ILE F 470 -69.76 -25.70 -50.14
N GLY F 471 -69.20 -24.95 -49.18
CA GLY F 471 -67.90 -25.32 -48.65
C GLY F 471 -67.94 -26.54 -47.77
N ALA F 472 -69.01 -26.68 -46.97
CA ALA F 472 -69.15 -27.85 -46.11
C ALA F 472 -69.42 -29.12 -46.92
N ALA F 473 -70.15 -28.99 -48.03
CA ALA F 473 -70.29 -30.11 -48.94
C ALA F 473 -68.99 -30.40 -49.67
N VAL F 474 -68.18 -29.37 -49.89
CA VAL F 474 -66.91 -29.54 -50.60
C VAL F 474 -65.90 -30.29 -49.73
N ILE F 475 -65.85 -29.96 -48.45
CA ILE F 475 -65.00 -30.75 -47.54
C ILE F 475 -65.64 -32.11 -47.28
N ILE F 476 -66.96 -32.16 -47.28
CA ILE F 476 -67.69 -33.40 -47.00
C ILE F 476 -67.52 -34.41 -48.13
N LEU F 477 -67.23 -33.94 -49.35
CA LEU F 477 -66.81 -34.83 -50.41
C LEU F 477 -65.29 -34.94 -50.52
N LEU F 478 -64.56 -33.97 -49.98
CA LEU F 478 -63.11 -33.94 -50.13
C LEU F 478 -62.43 -34.91 -49.17
N ALA F 479 -63.07 -35.24 -48.04
CA ALA F 479 -62.45 -36.19 -47.11
C ALA F 479 -62.41 -37.63 -47.64
N PRO F 480 -63.49 -38.24 -48.17
CA PRO F 480 -63.37 -39.65 -48.60
C PRO F 480 -62.48 -39.85 -49.81
N VAL F 481 -62.35 -38.85 -50.68
CA VAL F 481 -61.37 -38.94 -51.75
C VAL F 481 -59.97 -38.83 -51.19
N GLN F 482 -59.82 -38.12 -50.07
CA GLN F 482 -58.49 -37.96 -49.46
C GLN F 482 -58.02 -39.25 -48.82
N TYR F 483 -58.80 -39.82 -47.90
CA TYR F 483 -58.28 -41.02 -47.26
C TYR F 483 -58.51 -42.27 -48.10
N PHE F 484 -59.51 -42.27 -48.99
CA PHE F 484 -59.69 -43.43 -49.85
C PHE F 484 -58.71 -43.44 -51.00
N VAL F 485 -58.52 -42.28 -51.66
CA VAL F 485 -57.53 -42.20 -52.73
C VAL F 485 -56.12 -42.32 -52.16
N ALA F 486 -55.90 -41.80 -50.95
CA ALA F 486 -54.62 -41.98 -50.28
C ALA F 486 -54.43 -43.42 -49.84
N THR F 487 -55.51 -44.14 -49.55
CA THR F 487 -55.40 -45.56 -49.28
C THR F 487 -55.08 -46.33 -50.56
N LYS F 488 -55.59 -45.87 -51.70
CA LYS F 488 -55.21 -46.45 -52.98
C LYS F 488 -53.74 -46.19 -53.28
N LEU F 489 -53.25 -45.00 -52.92
CA LEU F 489 -51.83 -44.73 -53.02
C LEU F 489 -51.02 -45.54 -52.02
N SER F 490 -51.62 -45.94 -50.90
CA SER F 490 -50.93 -46.78 -49.93
C SER F 490 -50.80 -48.21 -50.42
N GLN F 491 -51.85 -48.73 -51.05
CA GLN F 491 -51.74 -50.03 -51.72
C GLN F 491 -50.79 -49.96 -52.90
N ALA F 492 -50.74 -48.80 -53.58
CA ALA F 492 -49.74 -48.57 -54.61
C ALA F 492 -48.33 -48.55 -54.03
N GLN F 493 -48.18 -48.10 -52.78
CA GLN F 493 -46.90 -48.19 -52.10
C GLN F 493 -46.60 -49.60 -51.62
N ARG F 494 -47.62 -50.42 -51.42
CA ARG F 494 -47.39 -51.82 -51.04
C ARG F 494 -46.91 -52.63 -52.24
N THR F 495 -47.64 -52.56 -53.35
CA THR F 495 -47.25 -53.30 -54.55
C THR F 495 -46.00 -52.70 -55.18
N THR F 496 -45.91 -51.36 -55.19
CA THR F 496 -44.70 -50.71 -55.67
C THR F 496 -43.53 -50.94 -54.73
N LEU F 497 -43.79 -51.18 -53.44
CA LEU F 497 -42.74 -51.58 -52.53
C LEU F 497 -42.30 -53.01 -52.78
N GLU F 498 -43.21 -53.87 -53.25
CA GLU F 498 -42.83 -55.23 -53.59
C GLU F 498 -41.98 -55.26 -54.86
N HIS F 499 -42.39 -54.50 -55.88
CA HIS F 499 -41.60 -54.44 -57.11
C HIS F 499 -40.28 -53.72 -56.88
N SER F 500 -40.25 -52.73 -55.99
CA SER F 500 -38.99 -52.09 -55.63
C SER F 500 -38.12 -53.02 -54.81
N ASN F 501 -38.73 -53.94 -54.05
CA ASN F 501 -37.96 -54.98 -53.39
C ASN F 501 -37.38 -55.96 -54.40
N GLU F 502 -38.09 -56.20 -55.50
CA GLU F 502 -37.51 -56.97 -56.60
C GLU F 502 -36.38 -56.19 -57.28
N ARG F 503 -36.48 -54.86 -57.30
CA ARG F 503 -35.38 -54.04 -57.79
C ARG F 503 -34.19 -54.09 -56.85
N LEU F 504 -34.43 -54.26 -55.55
CA LEU F 504 -33.33 -54.44 -54.61
C LEU F 504 -32.72 -55.82 -54.75
N LYS F 505 -33.52 -56.84 -55.07
CA LYS F 505 -33.00 -58.18 -55.27
C LYS F 505 -32.18 -58.26 -56.55
N GLN F 506 -32.62 -57.59 -57.61
CA GLN F 506 -31.79 -57.48 -58.80
C GLN F 506 -30.63 -56.51 -58.60
N THR F 507 -30.70 -55.65 -57.59
CA THR F 507 -29.60 -54.74 -57.29
C THR F 507 -28.45 -55.47 -56.57
N ASN F 508 -28.78 -56.27 -55.57
CA ASN F 508 -27.76 -57.12 -54.95
C ASN F 508 -27.35 -58.24 -55.89
N GLU F 509 -28.23 -58.65 -56.80
CA GLU F 509 -27.84 -59.54 -57.89
C GLU F 509 -26.88 -58.86 -58.86
N MET F 510 -26.98 -57.52 -58.99
CA MET F 510 -25.99 -56.78 -59.75
C MET F 510 -24.70 -56.59 -58.97
N LEU F 511 -24.78 -56.61 -57.64
CA LEU F 511 -23.56 -56.71 -56.83
C LEU F 511 -22.91 -58.07 -57.04
N ARG F 512 -23.72 -59.11 -57.21
CA ARG F 512 -23.19 -60.41 -57.63
C ARG F 512 -22.63 -60.35 -59.04
N GLY F 513 -23.21 -59.49 -59.90
CA GLY F 513 -22.63 -59.28 -61.21
C GLY F 513 -21.30 -58.58 -61.18
N MET F 514 -21.11 -57.69 -60.20
CA MET F 514 -19.79 -57.12 -59.96
C MET F 514 -18.85 -58.17 -59.37
N LYS F 515 -19.40 -59.15 -58.65
CA LYS F 515 -18.58 -60.28 -58.22
C LYS F 515 -18.28 -61.25 -59.36
N LEU F 516 -19.04 -61.18 -60.45
CA LEU F 516 -18.88 -62.10 -61.57
C LEU F 516 -17.86 -61.55 -62.57
N LEU F 517 -17.82 -62.12 -63.76
CA LEU F 517 -16.87 -61.76 -64.79
C LEU F 517 -17.28 -60.45 -65.47
N LYS F 518 -16.61 -60.10 -66.56
CA LYS F 518 -16.87 -58.84 -67.26
C LYS F 518 -17.89 -59.01 -68.38
N LEU F 519 -17.60 -59.88 -69.34
CA LEU F 519 -18.43 -59.98 -70.55
C LEU F 519 -19.75 -60.70 -70.27
N TYR F 520 -19.70 -61.79 -69.50
CA TYR F 520 -20.89 -62.59 -69.24
C TYR F 520 -21.88 -61.84 -68.35
N ALA F 521 -21.38 -61.25 -67.26
CA ALA F 521 -22.25 -60.47 -66.38
C ALA F 521 -22.64 -59.15 -67.00
N TRP F 522 -21.83 -58.61 -67.92
CA TRP F 522 -22.21 -57.38 -68.62
C TRP F 522 -23.37 -57.64 -69.56
N GLU F 523 -23.30 -58.70 -70.35
CA GLU F 523 -24.36 -58.99 -71.31
C GLU F 523 -25.60 -59.54 -70.63
N SER F 524 -25.45 -60.61 -69.85
CA SER F 524 -26.60 -61.25 -69.22
C SER F 524 -27.15 -60.44 -68.06
N ILE F 525 -26.31 -59.70 -67.36
CA ILE F 525 -26.79 -58.91 -66.22
C ILE F 525 -27.23 -57.51 -66.65
N PHE F 526 -26.63 -56.96 -67.71
CA PHE F 526 -27.15 -55.70 -68.24
C PHE F 526 -28.49 -55.93 -68.93
N CYS F 527 -28.60 -57.01 -69.72
CA CYS F 527 -29.84 -57.31 -70.41
C CYS F 527 -30.91 -57.81 -69.45
N SER F 528 -30.54 -58.75 -68.57
CA SER F 528 -31.51 -59.34 -67.66
C SER F 528 -31.88 -58.37 -66.55
N ARG F 529 -30.90 -57.67 -65.99
CA ARG F 529 -31.19 -56.71 -64.92
C ARG F 529 -31.86 -55.47 -65.46
N VAL F 530 -31.53 -55.05 -66.69
CA VAL F 530 -32.20 -53.90 -67.27
C VAL F 530 -33.61 -54.26 -67.71
N GLU F 531 -33.83 -55.49 -68.15
CA GLU F 531 -35.17 -55.89 -68.60
C GLU F 531 -36.11 -56.15 -67.43
N VAL F 532 -35.62 -56.88 -66.41
CA VAL F 532 -36.45 -57.14 -65.24
C VAL F 532 -36.58 -55.89 -64.38
N THR F 533 -35.54 -55.05 -64.35
CA THR F 533 -35.63 -53.78 -63.63
C THR F 533 -36.55 -52.79 -64.35
N ARG F 534 -36.60 -52.86 -65.68
CA ARG F 534 -37.61 -52.11 -66.41
C ARG F 534 -38.99 -52.73 -66.29
N ARG F 535 -39.07 -54.01 -65.93
CA ARG F 535 -40.35 -54.66 -65.73
C ARG F 535 -40.98 -54.27 -64.40
N LYS F 536 -40.25 -54.50 -63.30
CA LYS F 536 -40.72 -54.11 -61.99
C LYS F 536 -40.75 -52.59 -61.84
N GLU F 537 -39.82 -51.89 -62.48
CA GLU F 537 -39.87 -50.44 -62.51
C GLU F 537 -40.95 -49.93 -63.46
N MET F 538 -41.47 -50.78 -64.34
CA MET F 538 -42.60 -50.41 -65.17
C MET F 538 -43.92 -50.58 -64.41
N THR F 539 -44.03 -51.67 -63.65
CA THR F 539 -45.21 -51.87 -62.80
C THR F 539 -45.25 -50.83 -61.69
N SER F 540 -44.09 -50.53 -61.09
CA SER F 540 -43.99 -49.44 -60.13
C SER F 540 -43.99 -48.08 -60.79
N LEU F 541 -43.79 -48.01 -62.11
CA LEU F 541 -43.94 -46.76 -62.83
C LEU F 541 -45.41 -46.43 -63.07
N ARG F 542 -46.22 -47.45 -63.38
CA ARG F 542 -47.66 -47.25 -63.47
C ARG F 542 -48.27 -47.04 -62.10
N ALA F 543 -47.72 -47.72 -61.08
CA ALA F 543 -48.13 -47.46 -59.71
C ALA F 543 -47.74 -46.05 -59.28
N PHE F 544 -46.59 -45.57 -59.76
CA PHE F 544 -46.19 -44.19 -59.53
C PHE F 544 -47.10 -43.22 -60.26
N ALA F 545 -47.65 -43.64 -61.41
CA ALA F 545 -48.61 -42.80 -62.11
C ALA F 545 -49.94 -42.75 -61.39
N VAL F 546 -50.32 -43.84 -60.69
CA VAL F 546 -51.54 -43.80 -59.90
C VAL F 546 -51.34 -42.97 -58.65
N TYR F 547 -50.15 -43.05 -58.05
CA TYR F 547 -49.86 -42.27 -56.84
C TYR F 547 -49.77 -40.78 -57.16
N THR F 548 -49.09 -40.44 -58.26
CA THR F 548 -49.06 -39.05 -58.71
C THR F 548 -50.42 -38.60 -59.22
N SER F 549 -51.27 -39.54 -59.64
CA SER F 549 -52.64 -39.19 -60.00
C SER F 549 -53.47 -38.85 -58.78
N ILE F 550 -53.23 -39.54 -57.66
CA ILE F 550 -53.91 -39.18 -56.42
C ILE F 550 -53.36 -37.87 -55.86
N SER F 551 -52.06 -37.61 -56.07
CA SER F 551 -51.49 -36.31 -55.73
C SER F 551 -52.11 -35.21 -56.58
N ILE F 552 -52.39 -35.52 -57.85
CA ILE F 552 -53.14 -34.61 -58.69
C ILE F 552 -54.60 -34.53 -58.29
N PHE F 553 -55.06 -35.60 -57.63
CA PHE F 553 -56.38 -35.63 -57.05
C PHE F 553 -56.40 -34.60 -55.94
N MET F 554 -55.31 -34.56 -55.15
CA MET F 554 -55.13 -33.61 -54.08
C MET F 554 -55.03 -32.19 -54.64
N ASN F 555 -54.30 -32.06 -55.74
CA ASN F 555 -54.12 -30.77 -56.41
C ASN F 555 -55.46 -30.26 -56.90
N THR F 556 -56.25 -31.18 -57.46
CA THR F 556 -57.59 -30.91 -57.96
C THR F 556 -58.51 -30.52 -56.81
N ALA F 557 -58.31 -31.17 -55.66
CA ALA F 557 -59.11 -30.94 -54.47
C ALA F 557 -59.03 -29.50 -54.01
N ILE F 558 -57.85 -28.87 -54.03
CA ILE F 558 -57.88 -27.47 -53.63
C ILE F 558 -58.75 -26.60 -54.54
N PRO F 559 -58.81 -26.80 -55.87
CA PRO F 559 -59.88 -26.13 -56.64
C PRO F 559 -61.29 -26.63 -56.35
N ILE F 560 -61.44 -27.72 -55.61
CA ILE F 560 -62.78 -28.13 -55.21
C ILE F 560 -63.28 -27.01 -54.29
N ALA F 561 -62.41 -26.57 -53.39
CA ALA F 561 -62.69 -25.49 -52.45
C ALA F 561 -62.87 -24.20 -53.22
N ALA F 562 -62.04 -24.00 -54.25
CA ALA F 562 -62.12 -22.82 -55.10
C ALA F 562 -63.46 -22.80 -55.81
N VAL F 563 -63.90 -23.96 -56.29
CA VAL F 563 -65.19 -24.09 -56.96
C VAL F 563 -66.31 -23.74 -55.99
N LEU F 564 -66.17 -24.21 -54.75
CA LEU F 564 -67.16 -23.92 -53.72
C LEU F 564 -67.23 -22.42 -53.45
N ILE F 565 -66.07 -21.76 -53.44
CA ILE F 565 -66.01 -20.32 -53.18
C ILE F 565 -66.77 -19.57 -54.26
N THR F 566 -66.59 -20.00 -55.51
CA THR F 566 -67.30 -19.38 -56.63
C THR F 566 -68.77 -19.77 -56.63
N PHE F 567 -69.07 -21.05 -56.40
CA PHE F 567 -70.46 -21.50 -56.27
C PHE F 567 -71.08 -20.98 -54.99
N VAL F 568 -70.27 -20.73 -53.97
CA VAL F 568 -70.78 -20.21 -52.70
C VAL F 568 -71.26 -18.77 -52.88
N GLY F 569 -70.42 -17.91 -53.46
CA GLY F 569 -70.83 -16.53 -53.68
C GLY F 569 -71.87 -16.39 -54.77
N HIS F 570 -71.81 -17.26 -55.78
CA HIS F 570 -72.76 -17.17 -56.88
C HIS F 570 -74.15 -17.64 -56.46
N VAL F 571 -74.24 -18.85 -55.90
CA VAL F 571 -75.54 -19.40 -55.54
C VAL F 571 -76.08 -18.75 -54.28
N SER F 572 -75.20 -18.47 -53.32
CA SER F 572 -75.61 -17.72 -52.13
C SER F 572 -75.94 -16.28 -52.45
N PHE F 573 -75.41 -15.74 -53.56
CA PHE F 573 -75.86 -14.45 -54.03
C PHE F 573 -77.21 -14.54 -54.72
N PHE F 574 -77.47 -15.63 -55.44
CA PHE F 574 -78.68 -15.71 -56.24
C PHE F 574 -79.90 -16.10 -55.42
N LYS F 575 -79.73 -16.91 -54.37
CA LYS F 575 -80.87 -17.30 -53.55
C LYS F 575 -81.39 -16.13 -52.73
N GLU F 576 -80.50 -15.28 -52.23
CA GLU F 576 -80.89 -14.11 -51.46
C GLU F 576 -81.03 -12.90 -52.40
N SER F 577 -81.18 -11.72 -51.82
CA SER F 577 -81.36 -10.49 -52.59
C SER F 577 -80.52 -9.36 -52.00
N ASP F 578 -79.26 -9.65 -51.68
CA ASP F 578 -78.36 -8.63 -51.14
C ASP F 578 -76.93 -8.90 -51.57
N LEU F 579 -76.13 -7.84 -51.57
CA LEU F 579 -74.72 -7.89 -51.93
C LEU F 579 -73.90 -7.20 -50.85
N SER F 580 -72.71 -7.76 -50.56
CA SER F 580 -71.85 -7.22 -49.52
C SER F 580 -70.42 -7.65 -49.81
N PRO F 581 -69.42 -6.87 -49.38
CA PRO F 581 -68.02 -7.30 -49.51
C PRO F 581 -67.55 -8.13 -48.32
N SER F 582 -68.49 -8.61 -47.51
CA SER F 582 -68.14 -9.30 -46.28
C SER F 582 -67.65 -10.72 -46.55
N VAL F 583 -68.50 -11.53 -47.17
CA VAL F 583 -68.27 -12.98 -47.24
C VAL F 583 -67.16 -13.34 -48.22
N ALA F 584 -66.78 -12.42 -49.12
CA ALA F 584 -65.68 -12.71 -50.02
C ALA F 584 -64.36 -12.76 -49.27
N PHE F 585 -63.99 -11.66 -48.62
CA PHE F 585 -62.75 -11.62 -47.86
C PHE F 585 -62.83 -12.50 -46.62
N ALA F 586 -63.92 -12.36 -45.85
CA ALA F 586 -64.04 -13.06 -44.58
C ALA F 586 -64.32 -14.54 -44.80
N SER F 587 -65.27 -14.87 -45.66
CA SER F 587 -65.58 -16.28 -45.89
C SER F 587 -64.50 -16.94 -46.73
N LEU F 588 -63.70 -16.20 -47.47
CA LEU F 588 -62.56 -16.83 -48.14
C LEU F 588 -61.59 -17.33 -47.03
N SER F 589 -61.45 -16.49 -46.01
CA SER F 589 -60.59 -16.73 -44.86
C SER F 589 -61.05 -17.98 -44.10
N LEU F 590 -62.36 -18.15 -43.99
CA LEU F 590 -62.93 -19.33 -43.33
C LEU F 590 -62.54 -20.59 -44.11
N PHE F 591 -62.57 -20.49 -45.44
CA PHE F 591 -62.18 -21.59 -46.31
C PHE F 591 -60.72 -21.96 -46.10
N HIS F 592 -59.85 -20.97 -45.88
CA HIS F 592 -58.43 -21.31 -45.66
C HIS F 592 -58.24 -22.22 -44.44
N ILE F 593 -58.95 -21.90 -43.35
CA ILE F 593 -58.99 -22.65 -42.10
C ILE F 593 -59.42 -24.11 -42.31
N LEU F 594 -60.38 -24.31 -43.21
CA LEU F 594 -60.93 -25.64 -43.50
C LEU F 594 -59.93 -26.65 -44.08
N VAL F 595 -59.03 -26.18 -44.95
CA VAL F 595 -58.07 -27.08 -45.59
C VAL F 595 -57.13 -27.81 -44.64
N THR F 596 -56.64 -27.10 -43.62
CA THR F 596 -55.72 -27.72 -42.66
C THR F 596 -56.39 -28.88 -41.91
N PRO F 597 -57.65 -28.68 -41.55
CA PRO F 597 -58.43 -29.69 -40.80
C PRO F 597 -59.02 -30.79 -41.67
N LEU F 598 -59.13 -30.59 -42.98
CA LEU F 598 -59.68 -31.63 -43.84
C LEU F 598 -58.69 -32.78 -44.02
N PHE F 599 -57.55 -32.48 -44.64
CA PHE F 599 -56.56 -33.51 -44.89
C PHE F 599 -55.84 -33.94 -43.62
N LEU F 600 -55.76 -33.03 -42.63
CA LEU F 600 -55.30 -33.43 -41.32
C LEU F 600 -56.33 -34.29 -40.60
N LEU F 601 -57.61 -34.13 -40.94
CA LEU F 601 -58.65 -34.94 -40.33
C LEU F 601 -58.62 -36.36 -40.86
N SER F 602 -58.54 -36.51 -42.19
CA SER F 602 -58.47 -37.85 -42.76
C SER F 602 -57.13 -38.50 -42.46
N SER F 603 -56.06 -37.69 -42.43
CA SER F 603 -54.75 -38.19 -42.04
C SER F 603 -54.73 -38.60 -40.56
N VAL F 604 -55.53 -37.92 -39.74
CA VAL F 604 -55.70 -38.34 -38.36
C VAL F 604 -56.56 -39.57 -38.25
N VAL F 605 -57.43 -39.81 -39.24
CA VAL F 605 -58.27 -41.00 -39.22
C VAL F 605 -57.43 -42.23 -39.54
N ARG F 606 -56.65 -42.17 -40.62
CA ARG F 606 -55.75 -43.27 -40.92
C ARG F 606 -54.63 -43.37 -39.89
N SER F 607 -54.30 -42.26 -39.23
CA SER F 607 -53.39 -42.30 -38.09
C SER F 607 -54.03 -43.01 -36.91
N THR F 608 -55.34 -42.93 -36.78
CA THR F 608 -56.02 -43.66 -35.72
C THR F 608 -56.14 -45.14 -36.04
N VAL F 609 -56.33 -45.48 -37.31
CA VAL F 609 -56.37 -46.89 -37.71
C VAL F 609 -55.00 -47.53 -37.52
N LYS F 610 -53.94 -46.82 -37.94
CA LYS F 610 -52.59 -47.28 -37.66
C LYS F 610 -52.26 -47.22 -36.18
N ALA F 611 -52.97 -46.39 -35.40
CA ALA F 611 -52.76 -46.35 -33.97
C ALA F 611 -53.34 -47.58 -33.30
N LEU F 612 -54.55 -47.99 -33.70
CA LEU F 612 -55.13 -49.21 -33.16
C LEU F 612 -54.40 -50.45 -33.64
N VAL F 613 -53.86 -50.41 -34.86
CA VAL F 613 -53.06 -51.52 -35.34
C VAL F 613 -51.73 -51.59 -34.60
N SER F 614 -51.14 -50.44 -34.28
CA SER F 614 -49.86 -50.43 -33.58
C SER F 614 -50.01 -50.85 -32.13
N VAL F 615 -51.10 -50.44 -31.48
CA VAL F 615 -51.37 -50.89 -30.13
C VAL F 615 -51.77 -52.36 -30.13
N GLN F 616 -52.37 -52.83 -31.22
CA GLN F 616 -52.69 -54.25 -31.34
C GLN F 616 -51.42 -55.09 -31.47
N LYS F 617 -50.45 -54.60 -32.25
CA LYS F 617 -49.17 -55.31 -32.36
C LYS F 617 -48.37 -55.22 -31.07
N LEU F 618 -48.52 -54.11 -30.33
CA LEU F 618 -47.84 -53.97 -29.05
C LEU F 618 -48.43 -54.92 -28.01
N SER F 619 -49.76 -55.06 -28.00
CA SER F 619 -50.39 -56.03 -27.11
C SER F 619 -50.09 -57.45 -27.53
N GLU F 620 -49.92 -57.69 -28.83
CA GLU F 620 -49.51 -59.00 -29.29
C GLU F 620 -48.07 -59.32 -28.89
N PHE F 621 -47.21 -58.31 -28.83
CA PHE F 621 -45.86 -58.51 -28.33
C PHE F 621 -45.83 -58.62 -26.81
N LEU F 622 -46.85 -58.11 -26.12
CA LEU F 622 -46.86 -58.07 -24.66
C LEU F 622 -46.97 -59.45 -24.03
N SER F 623 -47.34 -60.47 -24.80
CA SER F 623 -47.38 -61.83 -24.29
C SER F 623 -45.97 -62.37 -24.10
N CYS F 686 -19.10 -79.52 -7.69
CA CYS F 686 -19.25 -78.25 -8.38
C CYS F 686 -20.54 -78.21 -9.20
N VAL F 687 -20.92 -79.36 -9.76
CA VAL F 687 -22.12 -79.50 -10.58
C VAL F 687 -22.94 -80.64 -10.00
N GLN F 688 -24.23 -80.40 -9.79
CA GLN F 688 -25.15 -81.46 -9.42
C GLN F 688 -26.40 -81.42 -10.29
N ILE F 689 -26.65 -82.50 -11.04
CA ILE F 689 -27.83 -82.62 -11.89
C ILE F 689 -28.55 -83.88 -11.47
N ILE F 690 -29.84 -83.75 -11.14
CA ILE F 690 -30.66 -84.86 -10.66
C ILE F 690 -31.97 -84.89 -11.43
N GLY F 691 -32.21 -86.02 -12.12
CA GLY F 691 -33.47 -86.28 -12.82
C GLY F 691 -34.03 -85.19 -13.72
N GLY F 692 -33.19 -84.66 -14.60
CA GLY F 692 -33.48 -83.43 -15.32
C GLY F 692 -34.06 -83.73 -16.69
N PHE F 693 -35.12 -83.00 -17.03
CA PHE F 693 -35.92 -83.19 -18.22
C PHE F 693 -35.94 -81.91 -19.03
N PHE F 694 -35.75 -82.03 -20.34
CA PHE F 694 -35.55 -80.90 -21.23
C PHE F 694 -36.46 -81.06 -22.44
N THR F 695 -37.01 -79.93 -22.87
CA THR F 695 -37.96 -79.84 -23.97
C THR F 695 -37.55 -78.80 -25.01
N TRP F 696 -38.04 -79.02 -26.24
CA TRP F 696 -38.01 -78.00 -27.26
C TRP F 696 -39.23 -77.10 -27.19
N THR F 697 -40.28 -77.55 -26.52
CA THR F 697 -41.62 -76.97 -26.52
C THR F 697 -42.32 -77.43 -25.25
N PRO F 698 -42.67 -76.52 -24.33
CA PRO F 698 -43.31 -76.94 -23.07
C PRO F 698 -44.74 -77.42 -23.23
N ASP F 699 -45.36 -77.19 -24.38
CA ASP F 699 -46.71 -77.68 -24.67
C ASP F 699 -46.75 -79.19 -24.89
N GLY F 700 -45.59 -79.80 -25.16
CA GLY F 700 -45.48 -81.22 -25.39
C GLY F 700 -44.50 -81.87 -24.40
N ILE F 701 -44.43 -83.19 -24.51
CA ILE F 701 -43.50 -84.04 -23.76
C ILE F 701 -42.06 -83.56 -23.94
N PRO F 702 -41.28 -83.49 -22.86
CA PRO F 702 -39.83 -83.23 -22.98
C PRO F 702 -39.10 -84.05 -24.03
N THR F 703 -38.16 -83.39 -24.70
CA THR F 703 -37.30 -84.03 -25.68
C THR F 703 -36.22 -84.88 -25.02
N LEU F 704 -35.75 -84.44 -23.85
CA LEU F 704 -34.72 -85.12 -23.09
C LEU F 704 -35.30 -85.52 -21.75
N SER F 705 -35.05 -86.76 -21.33
CA SER F 705 -35.68 -87.33 -20.15
C SER F 705 -34.63 -87.98 -19.25
N ASN F 706 -34.68 -87.62 -17.97
CA ASN F 706 -33.87 -88.22 -16.90
C ASN F 706 -32.37 -88.10 -17.13
N ILE F 707 -31.94 -86.95 -17.66
CA ILE F 707 -30.54 -86.74 -17.98
C ILE F 707 -29.81 -86.59 -16.65
N THR F 708 -28.80 -87.43 -16.42
CA THR F 708 -28.04 -87.36 -15.19
C THR F 708 -26.54 -87.49 -15.40
N ILE F 709 -25.81 -86.45 -15.02
CA ILE F 709 -24.35 -86.46 -14.99
C ILE F 709 -23.95 -85.29 -14.10
N ARG F 710 -22.77 -85.39 -13.50
CA ARG F 710 -22.19 -84.29 -12.75
C ARG F 710 -20.75 -84.04 -13.16
N ILE F 711 -20.35 -82.77 -13.23
CA ILE F 711 -18.97 -82.51 -13.61
C ILE F 711 -18.24 -81.83 -12.44
N PRO F 712 -17.30 -82.52 -11.79
CA PRO F 712 -16.26 -81.84 -11.00
C PRO F 712 -15.65 -80.65 -11.70
N ARG F 713 -15.40 -79.59 -10.92
CA ARG F 713 -14.63 -78.46 -11.40
C ARG F 713 -13.25 -78.91 -11.89
N GLY F 714 -12.91 -78.51 -13.11
CA GLY F 714 -11.66 -78.89 -13.74
C GLY F 714 -11.68 -80.16 -14.56
N GLN F 715 -12.79 -80.89 -14.62
CA GLN F 715 -12.80 -82.13 -15.41
C GLN F 715 -12.84 -81.76 -16.89
N LEU F 716 -12.22 -82.60 -17.73
CA LEU F 716 -12.39 -82.52 -19.17
C LEU F 716 -13.39 -83.60 -19.57
N THR F 717 -14.57 -83.18 -20.03
CA THR F 717 -15.69 -84.08 -20.27
C THR F 717 -16.20 -83.88 -21.68
N MET F 718 -16.19 -84.94 -22.48
CA MET F 718 -16.74 -84.90 -23.82
C MET F 718 -18.22 -85.25 -23.80
N ILE F 719 -18.95 -84.72 -24.76
CA ILE F 719 -20.35 -85.07 -24.99
C ILE F 719 -20.45 -85.48 -26.44
N VAL F 720 -20.90 -86.71 -26.70
CA VAL F 720 -20.90 -87.24 -28.06
C VAL F 720 -22.22 -87.94 -28.36
N GLY F 721 -22.42 -88.17 -29.64
CA GLY F 721 -23.55 -88.93 -30.14
C GLY F 721 -23.87 -88.51 -31.56
N GLN F 722 -24.68 -89.35 -32.22
CA GLN F 722 -25.14 -89.15 -33.60
C GLN F 722 -25.70 -87.75 -33.84
N VAL F 723 -25.47 -87.25 -35.05
CA VAL F 723 -26.16 -86.06 -35.58
C VAL F 723 -27.66 -86.11 -35.29
N GLY F 724 -28.17 -85.07 -34.64
CA GLY F 724 -29.59 -85.02 -34.33
C GLY F 724 -30.02 -85.74 -33.07
N CYS F 725 -29.08 -86.33 -32.31
CA CYS F 725 -29.44 -87.07 -31.10
C CYS F 725 -29.81 -86.15 -29.95
N GLY F 726 -29.57 -84.86 -30.08
CA GLY F 726 -29.93 -83.88 -29.09
C GLY F 726 -28.75 -83.25 -28.41
N LYS F 727 -27.55 -83.39 -28.98
CA LYS F 727 -26.32 -82.88 -28.38
C LYS F 727 -26.38 -81.36 -28.23
N SER F 728 -26.77 -80.67 -29.31
CA SER F 728 -26.97 -79.23 -29.23
C SER F 728 -28.07 -78.88 -28.24
N SER F 729 -29.16 -79.66 -28.26
CA SER F 729 -30.23 -79.51 -27.27
C SER F 729 -29.75 -79.80 -25.86
N LEU F 730 -28.85 -80.79 -25.72
CA LEU F 730 -28.20 -81.06 -24.43
C LEU F 730 -27.39 -79.86 -23.96
N LEU F 731 -26.69 -79.20 -24.88
CA LEU F 731 -26.00 -77.96 -24.57
C LEU F 731 -26.98 -76.86 -24.17
N LEU F 732 -28.14 -76.80 -24.81
CA LEU F 732 -29.18 -75.87 -24.40
C LEU F 732 -29.70 -76.19 -22.99
N ALA F 733 -29.82 -77.48 -22.65
CA ALA F 733 -30.11 -77.88 -21.28
C ALA F 733 -29.01 -77.43 -20.32
N THR F 734 -27.75 -77.56 -20.75
CA THR F 734 -26.62 -77.08 -19.96
C THR F 734 -26.63 -75.56 -19.82
N LEU F 735 -27.27 -74.85 -20.74
CA LEU F 735 -27.41 -73.40 -20.66
C LEU F 735 -28.67 -72.96 -19.92
N GLY F 736 -29.46 -73.89 -19.39
CA GLY F 736 -30.69 -73.50 -18.73
C GLY F 736 -31.75 -72.97 -19.68
N GLU F 737 -31.74 -73.40 -20.93
CA GLU F 737 -32.60 -72.89 -21.98
C GLU F 737 -33.79 -73.79 -22.27
N MET F 738 -33.93 -74.89 -21.55
CA MET F 738 -35.11 -75.75 -21.62
C MET F 738 -35.94 -75.61 -20.36
N GLN F 739 -37.09 -76.30 -20.36
CA GLN F 739 -38.03 -76.33 -19.24
C GLN F 739 -37.82 -77.60 -18.44
N LYS F 740 -37.39 -77.45 -17.20
CA LYS F 740 -37.16 -78.56 -16.28
C LYS F 740 -38.52 -79.02 -15.74
N VAL F 741 -38.91 -80.23 -16.13
CA VAL F 741 -40.19 -80.78 -15.68
C VAL F 741 -40.15 -81.09 -14.19
N SER F 742 -39.07 -81.71 -13.73
CA SER F 742 -38.93 -82.03 -12.30
C SER F 742 -37.46 -82.27 -11.99
N GLY F 743 -37.17 -82.32 -10.69
CA GLY F 743 -35.86 -82.66 -10.19
C GLY F 743 -35.13 -81.43 -9.68
N ALA F 744 -33.96 -81.69 -9.12
CA ALA F 744 -33.16 -80.65 -8.48
C ALA F 744 -31.85 -80.49 -9.22
N VAL F 745 -31.43 -79.24 -9.43
CA VAL F 745 -30.16 -78.98 -10.07
C VAL F 745 -29.46 -77.83 -9.36
N PHE F 746 -28.24 -78.08 -8.91
CA PHE F 746 -27.40 -77.08 -8.26
C PHE F 746 -26.00 -77.13 -8.87
N TRP F 747 -25.58 -76.02 -9.45
CA TRP F 747 -24.28 -75.87 -10.11
C TRP F 747 -23.41 -74.82 -9.42
N ASN F 748 -23.70 -74.54 -8.14
CA ASN F 748 -23.20 -73.49 -7.26
C ASN F 748 -23.68 -72.09 -7.66
N SER F 749 -24.51 -71.96 -8.71
CA SER F 749 -24.99 -70.67 -9.15
C SER F 749 -26.39 -70.36 -8.68
N ASN F 750 -27.01 -71.26 -7.91
CA ASN F 750 -28.33 -71.02 -7.33
C ASN F 750 -28.23 -70.57 -5.89
N LEU F 751 -27.02 -70.48 -5.35
CA LEU F 751 -26.79 -69.87 -4.05
C LEU F 751 -27.21 -68.41 -4.06
N PRO F 752 -27.90 -67.94 -3.01
CA PRO F 752 -28.25 -66.52 -2.89
C PRO F 752 -27.10 -65.67 -2.37
N VAL F 778 -19.88 -66.86 -17.25
CA VAL F 778 -20.16 -67.97 -18.16
C VAL F 778 -20.00 -67.52 -19.61
N ALA F 779 -19.22 -68.25 -20.40
CA ALA F 779 -19.12 -68.02 -21.83
C ALA F 779 -19.75 -69.17 -22.62
N TYR F 780 -20.12 -68.85 -23.85
CA TYR F 780 -20.94 -69.72 -24.70
C TYR F 780 -20.44 -69.68 -26.14
N ALA F 781 -20.26 -70.85 -26.75
CA ALA F 781 -20.07 -70.97 -28.20
C ALA F 781 -21.26 -71.76 -28.73
N SER F 782 -22.16 -71.08 -29.42
CA SER F 782 -23.41 -71.68 -29.86
C SER F 782 -23.16 -72.64 -31.02
N GLN F 783 -24.14 -73.53 -31.22
CA GLN F 783 -24.03 -74.58 -32.24
C GLN F 783 -23.87 -73.95 -33.62
N LYS F 784 -24.54 -72.82 -33.85
CA LYS F 784 -24.42 -72.04 -35.07
C LYS F 784 -23.83 -70.70 -34.62
N PRO F 785 -22.63 -70.35 -35.06
CA PRO F 785 -22.01 -69.11 -34.61
C PRO F 785 -22.71 -67.87 -35.13
N TRP F 786 -22.70 -66.83 -34.30
CA TRP F 786 -23.32 -65.56 -34.65
C TRP F 786 -22.35 -64.44 -34.30
N LEU F 787 -22.53 -63.32 -34.96
CA LEU F 787 -21.61 -62.20 -34.88
C LEU F 787 -22.35 -60.95 -34.45
N LEU F 788 -21.77 -60.20 -33.54
CA LEU F 788 -22.31 -58.89 -33.25
C LEU F 788 -21.80 -57.92 -34.29
N ASN F 789 -22.62 -56.90 -34.60
CA ASN F 789 -22.20 -55.85 -35.50
C ASN F 789 -21.21 -54.87 -34.89
N ALA F 790 -19.91 -55.20 -34.97
CA ALA F 790 -18.86 -54.38 -34.40
C ALA F 790 -17.54 -54.78 -35.03
N THR F 791 -16.47 -54.11 -34.62
CA THR F 791 -15.10 -54.53 -34.90
C THR F 791 -14.82 -55.94 -34.37
N VAL F 792 -13.81 -56.57 -34.96
CA VAL F 792 -13.27 -57.82 -34.44
C VAL F 792 -12.79 -57.63 -33.01
N GLU F 793 -12.10 -56.51 -32.76
CA GLU F 793 -11.68 -56.12 -31.42
C GLU F 793 -12.83 -56.09 -30.41
N GLU F 794 -13.91 -55.38 -30.74
CA GLU F 794 -15.06 -55.36 -29.83
C GLU F 794 -15.83 -56.67 -29.80
N ASN F 795 -15.74 -57.49 -30.85
CA ASN F 795 -16.22 -58.87 -30.80
C ASN F 795 -15.41 -59.71 -29.83
N ILE F 796 -14.15 -59.36 -29.63
CA ILE F 796 -13.25 -59.99 -28.68
C ILE F 796 -13.46 -59.49 -27.25
N THR F 797 -13.58 -58.16 -27.07
CA THR F 797 -13.71 -57.59 -25.74
C THR F 797 -14.99 -58.03 -25.01
N PHE F 798 -16.16 -57.94 -25.66
CA PHE F 798 -17.44 -58.40 -25.10
C PHE F 798 -17.72 -57.83 -23.70
N GLU F 799 -17.73 -56.49 -23.65
CA GLU F 799 -18.00 -55.69 -22.43
C GLU F 799 -16.95 -55.95 -21.34
N SER F 800 -15.73 -55.53 -21.65
CA SER F 800 -14.54 -55.74 -20.85
C SER F 800 -13.62 -54.56 -21.12
N PRO F 801 -12.65 -54.29 -20.25
CA PRO F 801 -11.59 -53.38 -20.67
C PRO F 801 -10.60 -54.03 -21.62
N PHE F 802 -10.06 -53.19 -22.49
CA PHE F 802 -8.99 -53.55 -23.41
C PHE F 802 -7.61 -53.70 -22.80
N ASN F 803 -7.04 -54.88 -23.03
CA ASN F 803 -5.73 -55.32 -22.60
C ASN F 803 -5.08 -55.79 -23.89
N LYS F 804 -3.85 -55.38 -24.17
CA LYS F 804 -3.20 -55.81 -25.41
C LYS F 804 -2.11 -56.86 -25.22
N GLN F 805 -1.83 -57.26 -23.99
CA GLN F 805 -0.99 -58.43 -23.84
C GLN F 805 -1.91 -59.63 -23.83
N ARG F 806 -3.05 -59.45 -23.17
CA ARG F 806 -4.08 -60.48 -23.16
C ARG F 806 -4.54 -60.70 -24.58
N TYR F 807 -4.73 -59.60 -25.32
CA TYR F 807 -5.07 -59.65 -26.74
C TYR F 807 -4.00 -60.36 -27.56
N LYS F 808 -2.72 -60.04 -27.33
CA LYS F 808 -1.66 -60.77 -28.02
C LYS F 808 -1.69 -62.28 -27.75
N MET F 809 -1.85 -62.66 -26.49
CA MET F 809 -1.96 -64.08 -26.11
C MET F 809 -3.20 -64.74 -26.69
N VAL F 810 -4.32 -64.02 -26.69
CA VAL F 810 -5.55 -64.50 -27.30
C VAL F 810 -5.42 -64.65 -28.81
N ILE F 811 -4.81 -63.67 -29.47
CA ILE F 811 -4.57 -63.73 -30.91
C ILE F 811 -3.73 -64.93 -31.29
N GLU F 812 -2.64 -65.16 -30.55
CA GLU F 812 -1.83 -66.36 -30.83
C GLU F 812 -2.60 -67.64 -30.50
N ALA F 813 -3.24 -67.68 -29.32
CA ALA F 813 -3.96 -68.86 -28.86
C ALA F 813 -5.21 -69.20 -29.67
N CYS F 814 -5.89 -68.21 -30.25
CA CYS F 814 -7.11 -68.49 -31.01
C CYS F 814 -6.89 -68.64 -32.51
N SER F 815 -5.64 -68.72 -32.96
CA SER F 815 -5.29 -68.97 -34.38
C SER F 815 -5.78 -67.84 -35.26
N LEU F 816 -5.74 -66.63 -34.73
CA LEU F 816 -6.33 -65.47 -35.38
C LEU F 816 -5.32 -64.69 -36.20
N GLN F 817 -4.04 -65.05 -36.14
CA GLN F 817 -3.04 -64.43 -37.00
C GLN F 817 -3.33 -64.59 -38.50
N PRO F 818 -3.66 -65.79 -39.05
CA PRO F 818 -4.05 -65.82 -40.48
C PRO F 818 -5.27 -64.98 -40.83
N ASP F 819 -6.21 -64.85 -39.89
CA ASP F 819 -7.39 -64.03 -40.12
C ASP F 819 -7.02 -62.55 -40.15
N ILE F 820 -6.22 -62.11 -39.18
CA ILE F 820 -5.74 -60.72 -39.18
C ILE F 820 -4.95 -60.47 -40.44
N ASP F 821 -4.11 -61.44 -40.83
CA ASP F 821 -3.27 -61.36 -42.02
C ASP F 821 -4.10 -61.21 -43.29
N ILE F 822 -5.34 -61.72 -43.28
CA ILE F 822 -6.21 -61.57 -44.44
C ILE F 822 -7.30 -60.53 -44.18
N LEU F 823 -7.24 -59.80 -43.02
CA LEU F 823 -8.26 -58.77 -42.86
C LEU F 823 -7.72 -57.43 -43.35
N PRO F 824 -8.55 -56.64 -44.04
CA PRO F 824 -8.04 -55.44 -44.72
C PRO F 824 -7.47 -54.38 -43.78
N HIS F 825 -8.01 -54.25 -42.57
CA HIS F 825 -7.52 -53.30 -41.59
C HIS F 825 -7.24 -53.94 -40.24
N GLY F 826 -6.94 -55.24 -40.23
CA GLY F 826 -6.74 -55.96 -38.98
C GLY F 826 -7.96 -55.96 -38.07
N ASP F 827 -7.74 -55.54 -36.81
CA ASP F 827 -8.82 -55.43 -35.83
C ASP F 827 -9.78 -54.28 -36.10
N GLN F 828 -9.39 -53.30 -36.91
CA GLN F 828 -10.31 -52.20 -37.21
C GLN F 828 -11.29 -52.52 -38.32
N THR F 829 -11.25 -53.73 -38.88
CA THR F 829 -12.26 -54.18 -39.82
C THR F 829 -13.65 -54.23 -39.19
N GLN F 830 -14.61 -53.57 -39.83
CA GLN F 830 -16.01 -53.67 -39.45
C GLN F 830 -16.53 -55.08 -39.75
N ILE F 831 -17.08 -55.74 -38.74
CA ILE F 831 -17.62 -57.08 -38.91
C ILE F 831 -19.09 -57.09 -38.49
N GLY F 832 -19.72 -58.25 -38.70
CA GLY F 832 -21.15 -58.38 -38.52
C GLY F 832 -21.95 -57.93 -39.74
N GLU F 833 -23.20 -57.57 -39.47
CA GLU F 833 -24.17 -57.18 -40.48
C GLU F 833 -23.70 -55.96 -41.25
N ARG F 834 -23.76 -56.05 -42.59
CA ARG F 834 -23.38 -55.00 -43.56
C ARG F 834 -21.88 -54.73 -43.59
N GLY F 835 -21.07 -55.59 -42.97
CA GLY F 835 -19.63 -55.47 -42.99
C GLY F 835 -18.97 -56.62 -43.72
N ILE F 836 -17.70 -56.86 -43.36
CA ILE F 836 -16.96 -57.97 -43.94
C ILE F 836 -17.60 -59.30 -43.55
N ASN F 837 -17.78 -60.15 -44.56
CA ASN F 837 -18.45 -61.45 -44.39
C ASN F 837 -17.43 -62.51 -43.99
N LEU F 838 -17.35 -62.78 -42.69
CA LEU F 838 -16.47 -63.83 -42.18
C LEU F 838 -17.04 -65.21 -42.51
N SER F 839 -16.14 -66.15 -42.78
CA SER F 839 -16.54 -67.54 -42.95
C SER F 839 -17.05 -68.13 -41.64
N GLY F 840 -17.70 -69.29 -41.76
CA GLY F 840 -18.14 -70.05 -40.60
C GLY F 840 -17.00 -70.46 -39.67
N GLY F 841 -15.84 -70.76 -40.26
CA GLY F 841 -14.68 -71.05 -39.45
C GLY F 841 -14.12 -69.81 -38.77
N GLN F 842 -14.06 -68.69 -39.51
CA GLN F 842 -13.63 -67.43 -38.92
C GLN F 842 -14.58 -66.97 -37.82
N ARG F 843 -15.89 -67.12 -38.05
CA ARG F 843 -16.89 -66.85 -37.01
C ARG F 843 -16.69 -67.74 -35.78
N GLN F 844 -16.41 -69.02 -36.01
CA GLN F 844 -16.14 -69.95 -34.90
C GLN F 844 -14.90 -69.55 -34.13
N ARG F 845 -13.82 -69.21 -34.82
CA ARG F 845 -12.60 -68.75 -34.19
C ARG F 845 -12.79 -67.46 -33.40
N ILE F 846 -13.60 -66.54 -33.94
CA ILE F 846 -13.99 -65.34 -33.19
C ILE F 846 -14.76 -65.70 -31.92
N SER F 847 -15.71 -66.63 -32.03
CA SER F 847 -16.46 -67.09 -30.87
C SER F 847 -15.57 -67.74 -29.81
N VAL F 848 -14.63 -68.59 -30.25
CA VAL F 848 -13.64 -69.18 -29.36
C VAL F 848 -12.79 -68.10 -28.68
N ALA F 849 -12.33 -67.12 -29.46
CA ALA F 849 -11.54 -66.03 -28.88
C ALA F 849 -12.34 -65.22 -27.88
N ARG F 850 -13.63 -65.00 -28.17
CA ARG F 850 -14.55 -64.36 -27.24
C ARG F 850 -14.66 -65.11 -25.92
N ALA F 851 -14.81 -66.43 -26.00
CA ALA F 851 -14.88 -67.26 -24.80
C ALA F 851 -13.55 -67.28 -24.04
N LEU F 852 -12.42 -67.43 -24.74
CA LEU F 852 -11.13 -67.42 -24.05
C LEU F 852 -10.84 -66.07 -23.41
N TYR F 853 -11.16 -64.97 -24.10
CA TYR F 853 -10.96 -63.64 -23.54
C TYR F 853 -11.83 -63.40 -22.32
N GLN F 854 -13.05 -63.94 -22.31
CA GLN F 854 -13.94 -63.73 -21.16
C GLN F 854 -13.48 -64.42 -19.88
N GLN F 855 -12.59 -65.43 -19.98
CA GLN F 855 -11.95 -66.11 -18.83
C GLN F 855 -12.98 -66.62 -17.82
N THR F 856 -14.05 -67.23 -18.33
CA THR F 856 -15.12 -67.74 -17.50
C THR F 856 -14.74 -69.04 -16.80
N ASN F 857 -15.55 -69.43 -15.82
CA ASN F 857 -15.30 -70.65 -15.08
C ASN F 857 -15.74 -71.87 -15.86
N VAL F 858 -16.75 -71.72 -16.71
CA VAL F 858 -17.32 -72.81 -17.47
C VAL F 858 -17.34 -72.42 -18.95
N VAL F 859 -16.87 -73.32 -19.81
CA VAL F 859 -16.85 -73.11 -21.25
C VAL F 859 -17.71 -74.21 -21.88
N PHE F 860 -18.64 -73.81 -22.73
CA PHE F 860 -19.43 -74.77 -23.51
C PHE F 860 -19.04 -74.64 -24.97
N LEU F 861 -18.37 -75.65 -25.51
CA LEU F 861 -17.92 -75.65 -26.89
C LEU F 861 -18.80 -76.60 -27.68
N ASP F 862 -19.53 -76.05 -28.65
CA ASP F 862 -20.40 -76.85 -29.52
C ASP F 862 -19.67 -77.13 -30.84
N ASP F 863 -18.98 -78.28 -30.88
CA ASP F 863 -18.25 -78.83 -32.03
C ASP F 863 -17.20 -77.87 -32.59
N PRO F 864 -16.27 -77.33 -31.78
CA PRO F 864 -15.64 -76.04 -32.12
C PRO F 864 -14.65 -76.13 -33.25
N PHE F 865 -14.24 -77.34 -33.65
CA PHE F 865 -13.21 -77.53 -34.67
C PHE F 865 -13.81 -78.11 -35.94
N SER F 866 -15.14 -78.23 -36.00
CA SER F 866 -15.82 -78.76 -37.18
C SER F 866 -15.60 -77.86 -38.39
N ALA F 867 -15.64 -76.56 -38.19
CA ALA F 867 -15.59 -75.58 -39.25
C ALA F 867 -14.16 -75.12 -39.54
N LEU F 868 -13.18 -75.71 -38.87
CA LEU F 868 -11.78 -75.39 -39.09
C LEU F 868 -11.05 -76.57 -39.73
N ASP F 869 -9.96 -76.26 -40.43
CA ASP F 869 -9.10 -77.23 -41.07
C ASP F 869 -8.33 -78.09 -40.06
N VAL F 870 -7.69 -79.14 -40.59
CA VAL F 870 -6.96 -80.12 -39.79
C VAL F 870 -5.84 -79.45 -39.01
N HIS F 871 -5.12 -78.53 -39.66
CA HIS F 871 -4.03 -77.80 -39.00
C HIS F 871 -4.57 -76.89 -37.91
N LEU F 872 -5.64 -76.17 -38.20
CA LEU F 872 -6.31 -75.37 -37.18
C LEU F 872 -6.92 -76.23 -36.08
N SER F 873 -7.42 -77.43 -36.41
CA SER F 873 -7.85 -78.37 -35.38
C SER F 873 -6.68 -78.78 -34.48
N ASP F 874 -5.51 -78.99 -35.06
CA ASP F 874 -4.30 -79.26 -34.28
C ASP F 874 -3.94 -78.06 -33.41
N HIS F 875 -4.12 -76.84 -33.94
CA HIS F 875 -3.93 -75.62 -33.16
C HIS F 875 -4.88 -75.62 -31.97
N LEU F 876 -6.17 -75.86 -32.21
CA LEU F 876 -7.18 -75.88 -31.16
C LEU F 876 -6.90 -76.99 -30.14
N MET F 877 -6.35 -78.11 -30.60
CA MET F 877 -5.82 -79.16 -29.72
C MET F 877 -4.77 -78.62 -28.77
N GLN F 878 -3.65 -78.09 -29.31
CA GLN F 878 -2.54 -77.68 -28.46
C GLN F 878 -2.87 -76.43 -27.65
N ALA F 879 -3.53 -75.46 -28.26
CA ALA F 879 -3.82 -74.22 -27.57
C ALA F 879 -5.05 -74.43 -26.71
N GLY F 880 -5.84 -75.45 -27.05
CA GLY F 880 -6.99 -75.78 -26.24
C GLY F 880 -6.45 -76.40 -24.97
N ILE F 881 -5.45 -77.27 -25.12
CA ILE F 881 -4.84 -77.99 -24.00
C ILE F 881 -4.04 -77.00 -23.14
N LEU F 882 -3.75 -75.81 -23.70
CA LEU F 882 -3.02 -74.77 -22.98
C LEU F 882 -3.94 -73.60 -22.73
N GLU F 883 -5.23 -73.87 -22.85
CA GLU F 883 -6.34 -73.00 -22.57
C GLU F 883 -6.99 -73.56 -21.34
N LEU F 884 -7.18 -74.89 -21.35
CA LEU F 884 -7.67 -75.57 -20.18
C LEU F 884 -6.52 -75.59 -19.18
N LEU F 885 -5.30 -75.77 -19.70
CA LEU F 885 -4.13 -75.66 -18.86
C LEU F 885 -3.98 -74.22 -18.39
N ARG F 886 -4.22 -73.25 -19.31
CA ARG F 886 -4.29 -71.84 -18.94
C ARG F 886 -5.39 -71.59 -17.92
N ASP F 887 -6.54 -72.26 -18.08
CA ASP F 887 -7.63 -72.27 -17.10
C ASP F 887 -7.07 -72.73 -15.76
N ASP F 888 -7.02 -71.82 -14.81
CA ASP F 888 -6.58 -72.11 -13.46
C ASP F 888 -7.67 -72.82 -12.66
N LYS F 889 -7.69 -74.15 -12.85
CA LYS F 889 -8.63 -75.15 -12.34
C LYS F 889 -10.04 -75.15 -12.93
N ARG F 890 -10.38 -74.26 -13.88
CA ARG F 890 -11.77 -74.14 -14.33
C ARG F 890 -12.28 -75.44 -14.98
N THR F 891 -13.60 -75.62 -14.90
CA THR F 891 -14.34 -76.65 -15.62
C THR F 891 -14.60 -76.34 -17.08
N VAL F 892 -14.25 -77.26 -17.96
CA VAL F 892 -14.37 -77.05 -19.41
C VAL F 892 -15.16 -78.23 -19.95
N VAL F 893 -16.31 -77.93 -20.56
CA VAL F 893 -17.15 -78.93 -21.20
C VAL F 893 -17.06 -78.81 -22.72
N LEU F 894 -16.61 -79.87 -23.38
CA LEU F 894 -16.35 -79.86 -24.81
C LEU F 894 -17.32 -80.85 -25.45
N VAL F 895 -18.47 -80.37 -25.93
CA VAL F 895 -19.27 -81.16 -26.85
C VAL F 895 -18.53 -81.33 -28.17
N THR F 896 -18.55 -82.54 -28.71
CA THR F 896 -18.00 -82.78 -30.03
C THR F 896 -18.70 -83.98 -30.67
N HIS F 897 -18.80 -83.95 -31.99
CA HIS F 897 -19.27 -85.09 -32.77
C HIS F 897 -18.15 -86.01 -33.24
N LYS F 898 -16.90 -85.66 -32.95
CA LYS F 898 -15.74 -86.36 -33.48
C LYS F 898 -15.06 -87.17 -32.40
N LEU F 899 -14.53 -88.33 -32.79
CA LEU F 899 -13.85 -89.24 -31.88
C LEU F 899 -12.35 -89.00 -31.84
N GLN F 900 -11.86 -88.05 -32.66
CA GLN F 900 -10.42 -87.85 -32.90
C GLN F 900 -9.66 -87.59 -31.61
N TYR F 901 -10.25 -86.82 -30.70
CA TYR F 901 -9.57 -86.40 -29.48
C TYR F 901 -10.23 -86.92 -28.21
N LEU F 902 -11.17 -87.84 -28.31
CA LEU F 902 -11.71 -88.48 -27.10
C LEU F 902 -10.66 -89.21 -26.26
N PRO F 903 -9.58 -89.82 -26.79
CA PRO F 903 -8.53 -90.30 -25.89
C PRO F 903 -7.77 -89.17 -25.22
N HIS F 904 -7.86 -87.95 -25.77
CA HIS F 904 -7.01 -86.84 -25.39
C HIS F 904 -7.73 -85.83 -24.52
N ALA F 905 -8.94 -86.15 -24.07
CA ALA F 905 -9.57 -85.43 -22.99
C ALA F 905 -9.56 -86.37 -21.79
N ASP F 906 -10.10 -85.92 -20.65
CA ASP F 906 -9.85 -86.74 -19.47
C ASP F 906 -10.83 -87.89 -19.35
N TRP F 907 -12.12 -87.62 -19.48
CA TRP F 907 -13.17 -88.61 -19.27
C TRP F 907 -14.28 -88.31 -20.27
N ILE F 908 -14.99 -89.34 -20.71
CA ILE F 908 -16.10 -89.18 -21.65
C ILE F 908 -17.44 -89.55 -21.02
N ILE F 909 -18.45 -88.75 -21.34
CA ILE F 909 -19.86 -89.04 -21.09
C ILE F 909 -20.53 -89.21 -22.45
N ALA F 910 -21.10 -90.38 -22.70
CA ALA F 910 -21.78 -90.68 -23.96
C ALA F 910 -23.29 -90.54 -23.83
N MET F 911 -23.88 -89.75 -24.72
CA MET F 911 -25.31 -89.50 -24.77
C MET F 911 -25.88 -90.13 -26.01
N LYS F 912 -27.14 -90.57 -25.94
CA LYS F 912 -27.86 -91.01 -27.12
C LYS F 912 -29.35 -90.77 -26.98
N ASP F 913 -29.97 -90.30 -28.08
CA ASP F 913 -31.42 -90.12 -28.20
C ASP F 913 -31.99 -89.16 -27.15
N GLY F 914 -31.22 -88.14 -26.79
CA GLY F 914 -31.64 -87.20 -25.77
C GLY F 914 -31.50 -87.71 -24.35
N THR F 915 -30.87 -88.86 -24.17
CA THR F 915 -30.64 -89.47 -22.87
C THR F 915 -29.14 -89.68 -22.76
N ILE F 916 -28.66 -89.86 -21.53
CA ILE F 916 -27.27 -90.26 -21.33
C ILE F 916 -27.23 -91.78 -21.37
N GLN F 917 -26.41 -92.33 -22.26
CA GLN F 917 -26.28 -93.78 -22.35
C GLN F 917 -25.26 -94.35 -21.38
N ARG F 918 -24.08 -93.74 -21.27
CA ARG F 918 -23.06 -94.18 -20.32
C ARG F 918 -22.06 -93.06 -20.09
N GLU F 919 -21.48 -93.06 -18.90
CA GLU F 919 -20.36 -92.21 -18.52
C GLU F 919 -19.32 -93.10 -17.88
N GLY F 920 -18.03 -92.81 -18.08
CA GLY F 920 -17.07 -93.82 -17.68
C GLY F 920 -15.75 -93.74 -18.41
N THR F 921 -14.85 -94.60 -17.93
CA THR F 921 -13.49 -94.80 -18.42
C THR F 921 -13.48 -95.41 -19.82
N LEU F 922 -12.29 -95.34 -20.42
CA LEU F 922 -12.00 -96.02 -21.69
C LEU F 922 -12.34 -97.52 -21.61
N LYS F 923 -11.92 -98.18 -20.54
CA LYS F 923 -12.23 -99.61 -20.37
C LYS F 923 -13.74 -99.84 -20.23
N ASP F 924 -14.42 -98.96 -19.50
CA ASP F 924 -15.87 -99.00 -19.32
C ASP F 924 -16.59 -98.88 -20.67
N PHE F 925 -16.08 -98.02 -21.55
CA PHE F 925 -16.70 -97.77 -22.83
C PHE F 925 -16.24 -98.80 -23.85
N GLN F 926 -15.11 -99.45 -23.59
CA GLN F 926 -14.77 -100.67 -24.32
C GLN F 926 -15.79 -101.75 -24.00
N ARG F 927 -16.22 -101.85 -22.72
CA ARG F 927 -17.25 -102.82 -22.39
C ARG F 927 -18.58 -102.40 -23.00
N SER F 928 -18.78 -101.09 -23.18
CA SER F 928 -19.93 -100.56 -23.91
C SER F 928 -19.87 -100.95 -25.38
N GLU F 929 -18.64 -101.19 -25.87
CA GLU F 929 -18.29 -101.53 -27.26
C GLU F 929 -18.70 -100.41 -28.22
N CYS F 930 -18.40 -99.19 -27.81
CA CYS F 930 -18.80 -97.97 -28.51
C CYS F 930 -17.59 -97.14 -28.88
N GLN F 931 -16.75 -96.81 -27.89
CA GLN F 931 -15.58 -95.94 -28.07
C GLN F 931 -14.59 -96.50 -29.08
N LEU F 932 -14.40 -97.83 -29.09
CA LEU F 932 -13.57 -98.47 -30.11
C LEU F 932 -14.17 -98.34 -31.50
N PHE F 933 -15.48 -98.53 -31.62
CA PHE F 933 -16.18 -98.34 -32.90
C PHE F 933 -16.05 -96.91 -33.40
N GLU F 934 -16.17 -95.92 -32.51
CA GLU F 934 -15.92 -94.54 -32.91
C GLU F 934 -14.46 -94.30 -33.25
N HIS F 935 -13.54 -94.96 -32.54
CA HIS F 935 -12.13 -94.96 -32.93
C HIS F 935 -11.91 -95.60 -34.29
N TRP F 936 -12.67 -96.66 -34.59
CA TRP F 936 -12.67 -97.27 -35.92
C TRP F 936 -13.23 -96.33 -36.98
N ALA F 1008 -27.27 -23.57 -57.27
CA ALA F 1008 -26.77 -24.94 -57.29
C ALA F 1008 -27.83 -25.89 -57.82
N CYS F 1009 -28.53 -25.47 -58.87
CA CYS F 1009 -29.58 -26.28 -59.49
C CYS F 1009 -29.32 -26.55 -60.96
N THR F 1010 -28.16 -26.14 -61.49
CA THR F 1010 -27.88 -26.32 -62.92
C THR F 1010 -27.68 -27.79 -63.27
N LYS F 1011 -27.27 -28.60 -62.30
CA LYS F 1011 -27.23 -30.05 -62.53
C LYS F 1011 -28.64 -30.63 -62.57
N TYR F 1012 -29.53 -30.12 -61.72
CA TYR F 1012 -30.89 -30.64 -61.67
C TYR F 1012 -31.74 -30.19 -62.85
N LEU F 1013 -31.38 -29.07 -63.50
CA LEU F 1013 -32.16 -28.57 -64.62
C LEU F 1013 -32.11 -29.48 -65.83
N SER F 1014 -31.08 -30.32 -65.95
CA SER F 1014 -30.95 -31.25 -67.05
C SER F 1014 -31.58 -32.61 -66.74
N SER F 1015 -32.18 -32.77 -65.57
CA SER F 1015 -32.76 -34.05 -65.17
C SER F 1015 -34.13 -34.23 -65.80
N ALA F 1016 -34.33 -35.37 -66.48
CA ALA F 1016 -35.59 -35.78 -67.11
C ALA F 1016 -36.07 -34.76 -68.13
N GLY F 1017 -35.15 -34.17 -68.88
CA GLY F 1017 -35.48 -33.16 -69.86
C GLY F 1017 -35.50 -31.76 -69.30
N ILE F 1018 -35.43 -30.78 -70.20
CA ILE F 1018 -35.42 -29.37 -69.84
C ILE F 1018 -36.54 -28.60 -70.52
N LEU F 1019 -36.77 -28.86 -71.82
CA LEU F 1019 -37.70 -28.06 -72.60
C LEU F 1019 -39.15 -28.32 -72.22
N LEU F 1020 -39.54 -29.61 -72.18
CA LEU F 1020 -40.92 -29.96 -71.86
C LEU F 1020 -41.25 -29.67 -70.40
N LEU F 1021 -40.28 -29.83 -69.50
CA LEU F 1021 -40.49 -29.47 -68.10
C LEU F 1021 -40.56 -27.97 -67.92
N SER F 1022 -39.78 -27.22 -68.69
CA SER F 1022 -39.83 -25.76 -68.62
C SER F 1022 -41.14 -25.22 -69.19
N LEU F 1023 -41.66 -25.84 -70.24
CA LEU F 1023 -42.95 -25.41 -70.79
C LEU F 1023 -44.11 -25.86 -69.92
N LEU F 1024 -43.99 -27.02 -69.27
CA LEU F 1024 -45.06 -27.50 -68.41
C LEU F 1024 -45.15 -26.70 -67.12
N VAL F 1025 -44.01 -26.49 -66.46
CA VAL F 1025 -44.00 -25.69 -65.24
C VAL F 1025 -44.24 -24.22 -65.54
N PHE F 1026 -43.83 -23.77 -66.74
CA PHE F 1026 -44.17 -22.43 -67.19
C PHE F 1026 -45.66 -22.27 -67.37
N SER F 1027 -46.32 -23.29 -67.93
CA SER F 1027 -47.77 -23.27 -68.05
C SER F 1027 -48.45 -23.36 -66.70
N GLN F 1028 -47.81 -24.01 -65.72
CA GLN F 1028 -48.36 -24.04 -64.38
C GLN F 1028 -48.26 -22.67 -63.71
N LEU F 1029 -47.14 -21.95 -63.96
CA LEU F 1029 -47.00 -20.60 -63.42
C LEU F 1029 -47.98 -19.64 -64.08
N LEU F 1030 -48.23 -19.82 -65.38
CA LEU F 1030 -49.24 -19.01 -66.06
C LEU F 1030 -50.64 -19.37 -65.57
N LYS F 1031 -50.87 -20.64 -65.21
CA LYS F 1031 -52.16 -21.04 -64.67
C LYS F 1031 -52.37 -20.45 -63.28
N HIS F 1032 -51.31 -20.31 -62.49
CA HIS F 1032 -51.46 -19.66 -61.19
C HIS F 1032 -51.58 -18.15 -61.33
N MET F 1033 -50.99 -17.56 -62.38
CA MET F 1033 -51.27 -16.17 -62.70
C MET F 1033 -52.72 -15.98 -63.12
N VAL F 1034 -53.30 -17.01 -63.76
CA VAL F 1034 -54.74 -16.99 -64.02
C VAL F 1034 -55.51 -17.18 -62.72
N LEU F 1035 -54.91 -17.86 -61.74
CA LEU F 1035 -55.59 -18.03 -60.45
C LEU F 1035 -55.65 -16.73 -59.67
N VAL F 1036 -54.55 -15.97 -59.65
CA VAL F 1036 -54.59 -14.66 -59.01
C VAL F 1036 -55.35 -13.67 -59.89
N ALA F 1037 -55.53 -13.97 -61.17
CA ALA F 1037 -56.45 -13.19 -61.99
C ALA F 1037 -57.89 -13.47 -61.60
N ILE F 1038 -58.21 -14.70 -61.22
CA ILE F 1038 -59.53 -15.00 -60.66
C ILE F 1038 -59.69 -14.31 -59.31
N ASP F 1039 -58.59 -14.19 -58.56
CA ASP F 1039 -58.62 -13.49 -57.28
C ASP F 1039 -58.91 -12.01 -57.46
N TYR F 1040 -58.21 -11.36 -58.39
CA TYR F 1040 -58.41 -9.93 -58.61
C TYR F 1040 -59.73 -9.65 -59.32
N TRP F 1041 -60.22 -10.59 -60.13
CA TRP F 1041 -61.51 -10.40 -60.79
C TRP F 1041 -62.66 -10.55 -59.80
N LEU F 1042 -62.53 -11.52 -58.87
CA LEU F 1042 -63.51 -11.64 -57.81
C LEU F 1042 -63.41 -10.47 -56.83
N ALA F 1043 -62.22 -9.88 -56.71
CA ALA F 1043 -62.06 -8.70 -55.85
C ALA F 1043 -62.66 -7.46 -56.49
N LYS F 1044 -62.49 -7.30 -57.80
CA LYS F 1044 -63.01 -6.13 -58.48
C LYS F 1044 -64.53 -6.22 -58.65
N TRP F 1045 -65.04 -7.43 -58.91
CA TRP F 1045 -66.48 -7.61 -58.90
C TRP F 1045 -67.05 -7.54 -57.49
N THR F 1046 -66.23 -7.87 -56.49
CA THR F 1046 -66.63 -7.61 -55.11
C THR F 1046 -66.70 -6.11 -54.84
N ASP F 1047 -65.84 -5.32 -55.49
CA ASP F 1047 -66.00 -3.87 -55.43
C ASP F 1047 -67.21 -3.40 -56.21
N SER F 1048 -67.61 -4.15 -57.24
CA SER F 1048 -68.81 -3.82 -57.99
C SER F 1048 -70.06 -4.10 -57.16
N ALA F 1049 -70.04 -5.19 -56.38
CA ALA F 1049 -71.14 -5.45 -55.46
C ALA F 1049 -71.11 -4.49 -54.29
N LEU F 1050 -69.92 -4.01 -53.91
CA LEU F 1050 -69.80 -3.00 -52.88
C LEU F 1050 -70.25 -1.62 -53.35
N VAL F 1051 -70.27 -1.39 -54.66
CA VAL F 1051 -70.72 -0.11 -55.20
C VAL F 1051 -72.22 0.02 -55.22
N LEU F 1052 -72.96 -1.05 -54.91
CA LEU F 1052 -74.42 -1.00 -54.89
C LEU F 1052 -74.94 -0.72 -53.49
N GLN F 1069 -77.01 -9.05 -61.94
CA GLN F 1069 -76.41 -7.71 -61.92
C GLN F 1069 -76.03 -7.26 -63.32
N SER F 1070 -75.03 -6.38 -63.40
CA SER F 1070 -74.62 -5.82 -64.69
C SER F 1070 -73.84 -6.83 -65.52
N VAL F 1071 -72.74 -7.33 -64.97
CA VAL F 1071 -71.89 -8.29 -65.68
C VAL F 1071 -71.82 -9.58 -64.86
N TYR F 1072 -72.93 -9.91 -64.20
CA TYR F 1072 -72.95 -11.02 -63.24
C TYR F 1072 -72.73 -12.36 -63.93
N ALA F 1073 -73.30 -12.55 -65.11
CA ALA F 1073 -73.03 -13.75 -65.89
C ALA F 1073 -71.57 -13.78 -66.34
N MET F 1074 -71.04 -12.62 -66.73
CA MET F 1074 -69.63 -12.52 -67.11
C MET F 1074 -68.72 -12.75 -65.92
N VAL F 1075 -69.11 -12.24 -64.74
CA VAL F 1075 -68.26 -12.34 -63.56
C VAL F 1075 -68.25 -13.76 -63.02
N PHE F 1076 -69.42 -14.27 -62.65
CA PHE F 1076 -69.49 -15.59 -62.02
C PHE F 1076 -69.29 -16.71 -63.02
N THR F 1077 -69.54 -16.47 -64.31
CA THR F 1077 -69.25 -17.51 -65.30
C THR F 1077 -67.78 -17.49 -65.71
N LEU F 1078 -67.21 -16.29 -65.91
CA LEU F 1078 -65.83 -16.18 -66.33
C LEU F 1078 -64.83 -16.44 -65.20
N LEU F 1079 -65.27 -16.36 -63.95
CA LEU F 1079 -64.40 -16.53 -62.80
C LEU F 1079 -64.15 -17.99 -62.45
N CYS F 1080 -64.70 -18.93 -63.22
CA CYS F 1080 -64.49 -20.36 -62.98
C CYS F 1080 -63.79 -21.04 -64.15
N SER F 1081 -63.03 -20.28 -64.93
CA SER F 1081 -62.40 -20.84 -66.12
C SER F 1081 -61.15 -21.65 -65.76
N LEU F 1082 -60.22 -21.04 -65.01
CA LEU F 1082 -58.94 -21.67 -64.71
C LEU F 1082 -58.98 -22.53 -63.46
N GLY F 1083 -60.15 -23.03 -63.08
CA GLY F 1083 -60.25 -23.91 -61.93
C GLY F 1083 -59.78 -25.32 -62.27
N ILE F 1084 -60.49 -25.96 -63.21
CA ILE F 1084 -60.08 -27.26 -63.69
C ILE F 1084 -58.80 -27.13 -64.51
N VAL F 1085 -58.61 -25.97 -65.15
CA VAL F 1085 -57.39 -25.72 -65.93
C VAL F 1085 -56.18 -25.58 -65.00
N LEU F 1086 -56.35 -24.91 -63.87
CA LEU F 1086 -55.26 -24.84 -62.90
C LEU F 1086 -55.05 -26.19 -62.23
N CYS F 1087 -56.12 -26.97 -62.04
CA CYS F 1087 -56.01 -28.26 -61.37
C CYS F 1087 -55.29 -29.28 -62.25
N LEU F 1088 -55.50 -29.20 -63.56
CA LEU F 1088 -54.86 -30.15 -64.47
C LEU F 1088 -53.48 -29.67 -64.91
N VAL F 1089 -53.36 -28.39 -65.28
CA VAL F 1089 -52.10 -27.86 -65.77
C VAL F 1089 -51.09 -27.70 -64.64
N THR F 1090 -51.57 -27.31 -63.45
CA THR F 1090 -50.66 -27.14 -62.31
C THR F 1090 -50.10 -28.48 -61.84
N SER F 1091 -50.82 -29.57 -62.05
CA SER F 1091 -50.34 -30.90 -61.73
C SER F 1091 -49.82 -31.64 -62.96
N VAL F 1092 -49.64 -30.94 -64.08
CA VAL F 1092 -49.22 -31.59 -65.32
C VAL F 1092 -47.71 -31.75 -65.42
N THR F 1093 -46.93 -30.87 -64.79
CA THR F 1093 -45.48 -30.93 -64.94
C THR F 1093 -44.89 -32.16 -64.25
N VAL F 1094 -45.56 -32.66 -63.22
CA VAL F 1094 -45.12 -33.87 -62.53
C VAL F 1094 -46.22 -34.91 -62.65
N GLU F 1095 -47.03 -34.82 -63.71
CA GLU F 1095 -48.07 -35.82 -63.93
C GLU F 1095 -47.45 -37.15 -64.35
N TRP F 1096 -46.68 -37.14 -65.44
CA TRP F 1096 -45.94 -38.33 -65.86
C TRP F 1096 -44.44 -38.10 -65.85
N THR F 1097 -43.95 -37.13 -65.05
CA THR F 1097 -42.52 -36.87 -64.98
C THR F 1097 -41.75 -37.98 -64.29
N GLY F 1098 -42.43 -38.78 -63.47
CA GLY F 1098 -41.79 -39.94 -62.86
C GLY F 1098 -41.48 -41.04 -63.86
N LEU F 1099 -42.15 -41.06 -65.01
CA LEU F 1099 -41.85 -42.06 -66.03
C LEU F 1099 -40.55 -41.72 -66.77
N LYS F 1100 -40.44 -40.48 -67.26
CA LYS F 1100 -39.23 -40.06 -67.95
C LYS F 1100 -38.06 -39.91 -66.99
N VAL F 1101 -38.33 -39.53 -65.73
CA VAL F 1101 -37.28 -39.53 -64.72
C VAL F 1101 -36.92 -40.94 -64.32
N ALA F 1102 -37.88 -41.87 -64.43
CA ALA F 1102 -37.63 -43.25 -64.03
C ALA F 1102 -36.77 -43.98 -65.04
N LYS F 1103 -37.15 -43.92 -66.31
CA LYS F 1103 -36.35 -44.58 -67.35
C LYS F 1103 -35.10 -43.79 -67.69
N ARG F 1104 -35.15 -42.46 -67.59
CA ARG F 1104 -33.98 -41.66 -67.90
C ARG F 1104 -32.96 -41.74 -66.77
N LEU F 1105 -33.40 -41.59 -65.53
CA LEU F 1105 -32.49 -41.64 -64.40
C LEU F 1105 -32.05 -43.08 -64.11
N HIS F 1106 -32.98 -44.02 -64.13
CA HIS F 1106 -32.65 -45.40 -63.82
C HIS F 1106 -31.91 -46.06 -64.96
N ARG F 1107 -32.34 -45.83 -66.20
CA ARG F 1107 -31.68 -46.44 -67.34
C ARG F 1107 -30.36 -45.73 -67.68
N SER F 1108 -30.34 -44.40 -67.56
CA SER F 1108 -29.10 -43.67 -67.82
C SER F 1108 -28.09 -43.87 -66.70
N LEU F 1109 -28.56 -44.08 -65.47
CA LEU F 1109 -27.65 -44.35 -64.37
C LEU F 1109 -27.15 -45.79 -64.40
N LEU F 1110 -28.03 -46.74 -64.66
CA LEU F 1110 -27.63 -48.16 -64.72
C LEU F 1110 -26.80 -48.44 -65.95
N ASN F 1111 -26.99 -47.67 -67.02
CA ASN F 1111 -26.14 -47.82 -68.20
C ASN F 1111 -24.83 -47.06 -68.02
N ARG F 1112 -24.89 -45.88 -67.40
CA ARG F 1112 -23.68 -45.10 -67.15
C ARG F 1112 -22.77 -45.76 -66.13
N ILE F 1113 -23.32 -46.62 -65.27
CA ILE F 1113 -22.50 -47.44 -64.40
C ILE F 1113 -22.34 -48.86 -64.93
N ILE F 1114 -23.12 -49.25 -65.94
CA ILE F 1114 -22.98 -50.59 -66.49
C ILE F 1114 -21.87 -50.66 -67.54
N LEU F 1115 -21.72 -49.60 -68.35
CA LEU F 1115 -20.68 -49.58 -69.38
C LEU F 1115 -19.30 -49.29 -68.81
N ALA F 1116 -19.19 -48.97 -67.53
CA ALA F 1116 -17.90 -48.72 -66.92
C ALA F 1116 -17.12 -50.02 -66.76
N PRO F 1117 -15.79 -49.96 -66.76
CA PRO F 1117 -15.01 -51.17 -66.50
C PRO F 1117 -15.18 -51.67 -65.07
N MET F 1118 -15.05 -52.99 -64.91
CA MET F 1118 -15.27 -53.64 -63.63
C MET F 1118 -14.05 -53.58 -62.71
N ARG F 1119 -12.93 -53.01 -63.16
CA ARG F 1119 -11.77 -52.90 -62.30
C ARG F 1119 -11.91 -51.73 -61.33
N PHE F 1120 -12.20 -50.53 -61.84
CA PHE F 1120 -12.37 -49.37 -60.98
C PHE F 1120 -13.66 -49.46 -60.16
N PHE F 1121 -14.67 -50.19 -60.66
CA PHE F 1121 -15.84 -50.48 -59.86
C PHE F 1121 -15.56 -51.61 -58.87
N GLU F 1122 -14.62 -52.50 -59.19
CA GLU F 1122 -14.26 -53.59 -58.29
C GLU F 1122 -13.37 -53.13 -57.15
N THR F 1123 -12.64 -52.04 -57.32
CA THR F 1123 -11.81 -51.48 -56.26
C THR F 1123 -12.53 -50.39 -55.46
N THR F 1124 -13.85 -50.49 -55.34
CA THR F 1124 -14.66 -49.48 -54.69
C THR F 1124 -15.59 -50.11 -53.64
N PRO F 1125 -15.91 -49.39 -52.56
CA PRO F 1125 -16.89 -49.92 -51.60
C PRO F 1125 -18.30 -49.92 -52.18
N LEU F 1126 -18.92 -51.10 -52.18
CA LEU F 1126 -20.24 -51.27 -52.76
C LEU F 1126 -21.36 -50.72 -51.89
N GLY F 1127 -21.07 -50.42 -50.62
CA GLY F 1127 -22.11 -49.91 -49.75
C GLY F 1127 -22.53 -48.49 -50.09
N SER F 1128 -21.54 -47.64 -50.43
CA SER F 1128 -21.87 -46.28 -50.84
C SER F 1128 -22.49 -46.27 -52.24
N ILE F 1129 -22.03 -47.16 -53.12
CA ILE F 1129 -22.52 -47.19 -54.49
C ILE F 1129 -23.96 -47.69 -54.53
N LEU F 1130 -24.24 -48.83 -53.90
CA LEU F 1130 -25.59 -49.37 -53.90
C LEU F 1130 -26.50 -48.60 -52.96
N ASN F 1131 -25.96 -48.05 -51.86
CA ASN F 1131 -26.77 -47.29 -50.93
C ASN F 1131 -27.22 -45.97 -51.54
N ARG F 1132 -26.25 -45.18 -52.05
CA ARG F 1132 -26.59 -43.92 -52.70
C ARG F 1132 -27.35 -44.13 -54.00
N PHE F 1133 -27.04 -45.22 -54.70
CA PHE F 1133 -27.69 -45.51 -55.98
C PHE F 1133 -29.15 -45.89 -55.77
N SER F 1134 -29.39 -46.98 -55.03
CA SER F 1134 -30.75 -47.49 -54.88
C SER F 1134 -31.60 -46.57 -54.00
N SER F 1135 -31.01 -46.01 -52.94
CA SER F 1135 -31.77 -45.08 -52.11
C SER F 1135 -32.03 -43.76 -52.83
N ASP F 1136 -31.12 -43.37 -53.73
CA ASP F 1136 -31.37 -42.18 -54.55
C ASP F 1136 -32.49 -42.45 -55.55
N CYS F 1137 -32.56 -43.66 -56.08
CA CYS F 1137 -33.60 -43.98 -57.06
C CYS F 1137 -34.97 -44.08 -56.42
N ASN F 1138 -35.09 -44.85 -55.34
CA ASN F 1138 -36.39 -45.02 -54.69
C ASN F 1138 -36.80 -43.75 -53.96
N THR F 1139 -35.85 -43.09 -53.30
CA THR F 1139 -36.18 -41.92 -52.51
C THR F 1139 -36.45 -40.71 -53.39
N ILE F 1140 -35.59 -40.49 -54.39
CA ILE F 1140 -35.77 -39.35 -55.28
C ILE F 1140 -36.95 -39.59 -56.22
N ASP F 1141 -37.08 -40.81 -56.72
CA ASP F 1141 -38.17 -41.14 -57.63
C ASP F 1141 -39.51 -41.23 -56.91
N GLN F 1142 -39.52 -41.42 -55.59
CA GLN F 1142 -40.77 -41.48 -54.86
C GLN F 1142 -41.16 -40.14 -54.26
N HIS F 1143 -40.18 -39.36 -53.78
CA HIS F 1143 -40.45 -38.19 -52.99
C HIS F 1143 -40.01 -36.88 -53.64
N ILE F 1144 -39.37 -36.93 -54.79
CA ILE F 1144 -38.96 -35.69 -55.47
C ILE F 1144 -40.12 -34.86 -55.99
N PRO F 1145 -41.10 -35.40 -56.76
CA PRO F 1145 -42.08 -34.48 -57.38
C PRO F 1145 -43.08 -33.87 -56.40
N SER F 1146 -43.31 -34.51 -55.25
CA SER F 1146 -44.26 -33.97 -54.29
C SER F 1146 -43.73 -32.68 -53.66
N THR F 1147 -42.50 -32.73 -53.14
CA THR F 1147 -41.88 -31.53 -52.59
C THR F 1147 -41.46 -30.56 -53.67
N LEU F 1148 -41.23 -31.04 -54.89
CA LEU F 1148 -40.88 -30.13 -55.98
C LEU F 1148 -42.08 -29.28 -56.38
N GLU F 1149 -43.21 -29.94 -56.67
CA GLU F 1149 -44.42 -29.21 -57.04
C GLU F 1149 -44.99 -28.43 -55.87
N CYS F 1150 -44.81 -28.94 -54.65
CA CYS F 1150 -45.18 -28.17 -53.47
C CYS F 1150 -44.30 -26.95 -53.30
N LEU F 1151 -43.02 -27.04 -53.69
CA LEU F 1151 -42.12 -25.90 -53.60
C LEU F 1151 -42.47 -24.84 -54.63
N SER F 1152 -42.79 -25.27 -55.85
CA SER F 1152 -43.17 -24.32 -56.89
C SER F 1152 -44.53 -23.68 -56.59
N ARG F 1153 -45.45 -24.46 -56.02
CA ARG F 1153 -46.74 -23.90 -55.65
C ARG F 1153 -46.62 -22.93 -54.48
N SER F 1154 -45.77 -23.27 -53.51
CA SER F 1154 -45.61 -22.43 -52.34
C SER F 1154 -44.89 -21.13 -52.68
N THR F 1155 -43.83 -21.21 -53.48
CA THR F 1155 -43.12 -20.00 -53.87
C THR F 1155 -43.94 -19.15 -54.83
N LEU F 1156 -44.68 -19.81 -55.73
CA LEU F 1156 -45.51 -19.09 -56.69
C LEU F 1156 -46.64 -18.36 -55.98
N LEU F 1157 -47.26 -19.00 -54.98
CA LEU F 1157 -48.29 -18.33 -54.21
C LEU F 1157 -47.70 -17.24 -53.32
N CYS F 1158 -46.48 -17.46 -52.80
CA CYS F 1158 -45.86 -16.50 -51.89
C CYS F 1158 -45.49 -15.21 -52.61
N VAL F 1159 -44.82 -15.31 -53.74
CA VAL F 1159 -44.49 -14.09 -54.49
C VAL F 1159 -45.73 -13.54 -55.18
N SER F 1160 -46.70 -14.41 -55.46
CA SER F 1160 -47.91 -13.98 -56.16
C SER F 1160 -48.76 -13.07 -55.29
N ALA F 1161 -49.19 -13.57 -54.12
CA ALA F 1161 -49.92 -12.71 -53.20
C ALA F 1161 -49.03 -11.68 -52.53
N LEU F 1162 -47.71 -11.90 -52.51
CA LEU F 1162 -46.78 -10.93 -51.96
C LEU F 1162 -46.75 -9.66 -52.82
N THR F 1163 -46.55 -9.81 -54.12
CA THR F 1163 -46.60 -8.66 -55.00
C THR F 1163 -48.03 -8.17 -55.23
N VAL F 1164 -49.02 -9.05 -55.07
CA VAL F 1164 -50.41 -8.65 -55.26
C VAL F 1164 -50.86 -7.72 -54.14
N ILE F 1165 -50.67 -8.16 -52.89
CA ILE F 1165 -50.96 -7.31 -51.75
C ILE F 1165 -49.98 -6.16 -51.64
N SER F 1166 -48.78 -6.31 -52.22
CA SER F 1166 -47.83 -5.21 -52.25
C SER F 1166 -48.30 -4.10 -53.17
N TYR F 1167 -48.86 -4.44 -54.34
CA TYR F 1167 -49.44 -3.42 -55.19
C TYR F 1167 -50.77 -2.92 -54.62
N VAL F 1168 -51.46 -3.75 -53.84
CA VAL F 1168 -52.64 -3.28 -53.12
C VAL F 1168 -52.27 -2.20 -52.13
N THR F 1169 -51.10 -2.32 -51.52
CA THR F 1169 -50.53 -1.24 -50.74
C THR F 1169 -50.00 -0.15 -51.66
N PRO F 1170 -49.91 1.08 -51.18
CA PRO F 1170 -49.17 2.11 -51.94
C PRO F 1170 -47.68 1.83 -51.95
N VAL F 1171 -46.97 2.61 -52.77
CA VAL F 1171 -45.54 2.41 -52.97
C VAL F 1171 -44.75 2.74 -51.71
N PHE F 1172 -45.27 3.65 -50.89
CA PHE F 1172 -44.65 3.91 -49.59
C PHE F 1172 -44.91 2.77 -48.63
N LEU F 1173 -46.02 2.04 -48.81
CA LEU F 1173 -46.42 0.99 -47.89
C LEU F 1173 -45.93 -0.39 -48.31
N VAL F 1174 -44.94 -0.47 -49.21
CA VAL F 1174 -44.37 -1.75 -49.56
C VAL F 1174 -43.49 -2.27 -48.42
N ALA F 1175 -42.41 -1.54 -48.13
CA ALA F 1175 -41.46 -1.82 -47.04
C ALA F 1175 -40.89 -3.24 -47.11
N LEU F 1176 -40.54 -3.67 -48.32
CA LEU F 1176 -40.11 -5.05 -48.54
C LEU F 1176 -38.69 -5.31 -48.07
N LEU F 1177 -37.87 -4.27 -47.90
CA LEU F 1177 -36.49 -4.44 -47.49
C LEU F 1177 -36.31 -4.95 -46.05
N PRO F 1178 -37.07 -4.51 -45.03
CA PRO F 1178 -36.99 -5.23 -43.75
C PRO F 1178 -37.55 -6.63 -43.79
N LEU F 1179 -38.56 -6.87 -44.64
CA LEU F 1179 -39.17 -8.19 -44.73
C LEU F 1179 -38.21 -9.21 -45.31
N ALA F 1180 -37.54 -8.86 -46.41
CA ALA F 1180 -36.50 -9.72 -46.95
C ALA F 1180 -35.18 -9.59 -46.20
N VAL F 1181 -35.07 -8.62 -45.29
CA VAL F 1181 -33.87 -8.52 -44.46
C VAL F 1181 -33.92 -9.56 -43.34
N VAL F 1182 -34.98 -9.49 -42.52
CA VAL F 1182 -35.14 -10.48 -41.45
C VAL F 1182 -35.46 -11.84 -42.03
N CYS F 1183 -36.21 -11.88 -43.13
CA CYS F 1183 -36.46 -13.15 -43.80
C CYS F 1183 -35.19 -13.69 -44.43
N TYR F 1184 -34.30 -12.83 -44.90
CA TYR F 1184 -33.01 -13.26 -45.43
C TYR F 1184 -32.13 -13.85 -44.34
N PHE F 1185 -32.13 -13.19 -43.17
CA PHE F 1185 -31.49 -13.73 -41.98
C PHE F 1185 -32.04 -15.11 -41.62
N ILE F 1186 -33.36 -15.25 -41.69
CA ILE F 1186 -34.02 -16.49 -41.27
C ILE F 1186 -33.74 -17.62 -42.25
N GLN F 1187 -33.81 -17.34 -43.55
CA GLN F 1187 -33.57 -18.39 -44.53
C GLN F 1187 -32.11 -18.75 -44.61
N LYS F 1188 -31.22 -17.79 -44.35
CA LYS F 1188 -29.80 -18.09 -44.35
C LYS F 1188 -29.42 -18.97 -43.18
N TYR F 1189 -29.63 -18.47 -41.96
CA TYR F 1189 -29.13 -19.20 -40.81
C TYR F 1189 -30.01 -20.41 -40.48
N PHE F 1190 -31.29 -20.36 -40.82
CA PHE F 1190 -32.10 -21.56 -40.69
C PHE F 1190 -31.79 -22.54 -41.82
N ARG F 1191 -31.30 -22.06 -42.96
CA ARG F 1191 -30.83 -22.99 -43.98
C ARG F 1191 -29.61 -23.74 -43.49
N VAL F 1192 -28.69 -23.03 -42.82
CA VAL F 1192 -27.47 -23.66 -42.32
C VAL F 1192 -27.79 -24.63 -41.18
N ALA F 1193 -28.44 -24.12 -40.13
CA ALA F 1193 -28.71 -24.94 -38.96
C ALA F 1193 -29.75 -26.01 -39.23
N SER F 1194 -30.63 -25.78 -40.21
CA SER F 1194 -31.61 -26.79 -40.56
C SER F 1194 -30.99 -27.90 -41.40
N ARG F 1195 -30.03 -27.54 -42.26
CA ARG F 1195 -29.27 -28.56 -42.97
C ARG F 1195 -28.44 -29.39 -42.00
N ASP F 1196 -27.87 -28.75 -40.98
CA ASP F 1196 -27.10 -29.48 -39.98
C ASP F 1196 -28.00 -30.35 -39.11
N LEU F 1197 -29.17 -29.84 -38.72
CA LEU F 1197 -30.05 -30.57 -37.81
C LEU F 1197 -30.70 -31.75 -38.52
N GLN F 1198 -31.17 -31.55 -39.75
CA GLN F 1198 -31.69 -32.67 -40.52
C GLN F 1198 -30.60 -33.64 -40.90
N GLN F 1199 -29.35 -33.16 -41.03
CA GLN F 1199 -28.24 -34.04 -41.30
C GLN F 1199 -27.96 -34.97 -40.13
N LEU F 1200 -27.78 -34.40 -38.93
CA LEU F 1200 -27.39 -35.21 -37.77
C LEU F 1200 -28.57 -36.06 -37.29
N ASP F 1201 -29.75 -35.47 -37.22
CA ASP F 1201 -30.94 -36.22 -36.83
C ASP F 1201 -31.31 -37.27 -37.86
N ASP F 1202 -31.04 -37.00 -39.14
CA ASP F 1202 -31.25 -38.00 -40.17
C ASP F 1202 -30.24 -39.14 -40.04
N THR F 1203 -29.00 -38.83 -39.68
CA THR F 1203 -27.97 -39.85 -39.55
C THR F 1203 -28.03 -40.61 -38.24
N THR F 1204 -28.83 -40.17 -37.28
CA THR F 1204 -28.80 -40.79 -35.96
C THR F 1204 -29.55 -42.13 -35.89
N GLN F 1205 -30.36 -42.46 -36.90
CA GLN F 1205 -31.33 -43.53 -36.73
C GLN F 1205 -30.77 -44.95 -36.88
N LEU F 1206 -29.95 -45.18 -37.91
CA LEU F 1206 -29.47 -46.52 -38.30
C LEU F 1206 -28.73 -47.36 -37.25
N PRO F 1207 -27.82 -46.83 -36.41
CA PRO F 1207 -27.16 -47.72 -35.43
C PRO F 1207 -28.09 -48.29 -34.39
N LEU F 1208 -29.21 -47.60 -34.11
CA LEU F 1208 -30.23 -48.14 -33.22
C LEU F 1208 -30.77 -49.46 -33.74
N VAL F 1209 -31.19 -49.48 -35.01
CA VAL F 1209 -31.67 -50.71 -35.61
C VAL F 1209 -30.54 -51.73 -35.79
N SER F 1210 -29.30 -51.25 -35.89
CA SER F 1210 -28.16 -52.16 -35.97
C SER F 1210 -28.01 -52.97 -34.68
N HIS F 1211 -28.00 -52.31 -33.53
CA HIS F 1211 -27.96 -53.09 -32.30
C HIS F 1211 -29.31 -53.67 -31.93
N PHE F 1212 -30.38 -53.33 -32.65
CA PHE F 1212 -31.61 -54.09 -32.49
C PHE F 1212 -31.50 -55.45 -33.17
N ALA F 1213 -30.88 -55.48 -34.36
CA ALA F 1213 -30.59 -56.76 -35.00
C ALA F 1213 -29.58 -57.56 -34.18
N GLU F 1214 -28.60 -56.87 -33.60
CA GLU F 1214 -27.68 -57.53 -32.68
C GLU F 1214 -28.38 -57.97 -31.41
N THR F 1215 -29.41 -57.25 -30.99
CA THR F 1215 -30.17 -57.64 -29.82
C THR F 1215 -31.02 -58.88 -30.08
N VAL F 1216 -31.51 -59.01 -31.31
CA VAL F 1216 -32.28 -60.21 -31.65
C VAL F 1216 -31.37 -61.40 -31.90
N GLU F 1217 -30.15 -61.15 -32.38
CA GLU F 1217 -29.27 -62.25 -32.75
C GLU F 1217 -28.63 -62.89 -31.51
N GLY F 1218 -27.99 -62.11 -30.66
CA GLY F 1218 -27.29 -62.65 -29.52
C GLY F 1218 -28.14 -62.76 -28.28
N LEU F 1219 -29.33 -63.35 -28.41
CA LEU F 1219 -30.21 -63.52 -27.25
C LEU F 1219 -29.66 -64.58 -26.30
N THR F 1220 -29.16 -65.69 -26.85
CA THR F 1220 -28.47 -66.66 -26.01
C THR F 1220 -27.12 -66.14 -25.53
N THR F 1221 -26.55 -65.16 -26.23
CA THR F 1221 -25.39 -64.46 -25.70
C THR F 1221 -25.78 -63.50 -24.59
N ILE F 1222 -27.01 -62.97 -24.64
CA ILE F 1222 -27.52 -62.20 -23.51
C ILE F 1222 -27.79 -63.12 -22.33
N ARG F 1223 -28.14 -64.38 -22.60
CA ARG F 1223 -28.13 -65.38 -21.54
C ARG F 1223 -26.70 -65.68 -21.09
N ALA F 1224 -25.74 -65.59 -22.01
CA ALA F 1224 -24.34 -65.84 -21.65
C ALA F 1224 -23.74 -64.64 -20.92
N PHE F 1225 -24.04 -63.43 -21.38
CA PHE F 1225 -23.62 -62.23 -20.67
C PHE F 1225 -24.39 -62.14 -19.36
N ARG F 1226 -23.71 -62.43 -18.25
CA ARG F 1226 -24.35 -62.44 -16.94
C ARG F 1226 -24.74 -61.04 -16.46
N TYR F 1227 -24.21 -60.00 -17.09
CA TYR F 1227 -24.61 -58.62 -16.83
C TYR F 1227 -25.33 -58.14 -18.08
N GLU F 1228 -26.64 -58.41 -18.14
CA GLU F 1228 -27.47 -57.98 -19.25
C GLU F 1228 -27.77 -56.48 -19.22
N ALA F 1229 -27.49 -55.82 -18.11
CA ALA F 1229 -27.75 -54.40 -17.98
C ALA F 1229 -26.77 -53.53 -18.77
N ARG F 1230 -25.69 -54.10 -19.31
CA ARG F 1230 -24.74 -53.34 -20.10
C ARG F 1230 -25.37 -52.86 -21.40
N PHE F 1231 -26.02 -53.79 -22.12
CA PHE F 1231 -26.80 -53.40 -23.29
C PHE F 1231 -28.05 -52.61 -22.90
N GLN F 1232 -28.50 -52.72 -21.65
CA GLN F 1232 -29.66 -51.95 -21.23
C GLN F 1232 -29.31 -50.47 -21.08
N GLN F 1233 -28.20 -50.17 -20.39
CA GLN F 1233 -27.82 -48.77 -20.23
C GLN F 1233 -27.18 -48.19 -21.49
N LYS F 1234 -26.48 -49.03 -22.27
CA LYS F 1234 -25.97 -48.57 -23.55
C LYS F 1234 -27.11 -48.31 -24.52
N LEU F 1235 -28.05 -49.24 -24.58
CA LEU F 1235 -29.34 -49.09 -25.26
C LEU F 1235 -30.04 -47.80 -24.87
N LEU F 1236 -30.07 -47.50 -23.56
CA LEU F 1236 -30.68 -46.27 -23.09
C LEU F 1236 -29.88 -45.05 -23.52
N GLU F 1237 -28.57 -45.20 -23.72
CA GLU F 1237 -27.80 -44.09 -24.28
C GLU F 1237 -28.10 -43.89 -25.75
N TYR F 1238 -28.34 -44.98 -26.50
CA TYR F 1238 -28.68 -44.84 -27.91
C TYR F 1238 -30.03 -44.18 -28.10
N THR F 1239 -31.07 -44.71 -27.44
CA THR F 1239 -32.40 -44.13 -27.55
C THR F 1239 -32.46 -42.75 -26.90
N ASP F 1240 -31.59 -42.52 -25.92
CA ASP F 1240 -31.43 -41.18 -25.37
C ASP F 1240 -30.90 -40.22 -26.41
N SER F 1241 -29.91 -40.65 -27.20
CA SER F 1241 -29.34 -39.78 -28.22
C SER F 1241 -30.35 -39.50 -29.34
N ASN F 1242 -31.14 -40.50 -29.72
CA ASN F 1242 -32.19 -40.25 -30.70
C ASN F 1242 -33.28 -39.35 -30.14
N ASN F 1243 -33.55 -39.43 -28.84
CA ASN F 1243 -34.52 -38.53 -28.22
C ASN F 1243 -34.01 -37.10 -28.20
N ILE F 1244 -32.72 -36.91 -27.94
CA ILE F 1244 -32.13 -35.58 -27.98
C ILE F 1244 -32.18 -35.02 -29.40
N ALA F 1245 -31.92 -35.88 -30.40
CA ALA F 1245 -32.05 -35.47 -31.80
C ALA F 1245 -33.48 -35.09 -32.15
N SER F 1246 -34.46 -35.79 -31.55
CA SER F 1246 -35.86 -35.41 -31.73
C SER F 1246 -36.13 -34.05 -31.11
N LEU F 1247 -35.48 -33.74 -29.99
CA LEU F 1247 -35.60 -32.40 -29.43
C LEU F 1247 -34.98 -31.35 -30.33
N PHE F 1248 -33.92 -31.71 -31.08
CA PHE F 1248 -33.40 -30.80 -32.09
C PHE F 1248 -34.39 -30.59 -33.21
N LEU F 1249 -35.12 -31.65 -33.60
CA LEU F 1249 -36.14 -31.53 -34.63
C LEU F 1249 -37.25 -30.58 -34.17
N THR F 1250 -37.68 -30.72 -32.93
CA THR F 1250 -38.70 -29.82 -32.38
C THR F 1250 -38.15 -28.40 -32.21
N ALA F 1251 -36.84 -28.26 -32.02
CA ALA F 1251 -36.24 -26.93 -32.01
C ALA F 1251 -36.31 -26.29 -33.39
N ALA F 1252 -36.07 -27.11 -34.42
CA ALA F 1252 -36.10 -26.61 -35.80
C ALA F 1252 -37.50 -26.16 -36.19
N ASN F 1253 -38.50 -27.01 -35.93
CA ASN F 1253 -39.88 -26.60 -36.20
C ASN F 1253 -40.33 -25.47 -35.28
N ARG F 1254 -39.73 -25.38 -34.08
CA ARG F 1254 -40.09 -24.36 -33.11
C ARG F 1254 -39.68 -22.98 -33.60
N TRP F 1255 -38.38 -22.80 -33.87
CA TRP F 1255 -37.93 -21.47 -34.31
C TRP F 1255 -38.35 -21.19 -35.74
N LEU F 1256 -38.55 -22.24 -36.54
CA LEU F 1256 -39.08 -22.06 -37.89
C LEU F 1256 -40.49 -21.47 -37.84
N GLU F 1257 -41.40 -22.13 -37.13
CA GLU F 1257 -42.79 -21.69 -37.09
C GLU F 1257 -42.94 -20.38 -36.33
N VAL F 1258 -42.24 -20.25 -35.20
CA VAL F 1258 -42.41 -19.07 -34.37
C VAL F 1258 -41.76 -17.85 -35.01
N CYS F 1259 -40.59 -18.03 -35.61
CA CYS F 1259 -39.90 -16.92 -36.25
C CYS F 1259 -40.63 -16.49 -37.53
N MET F 1260 -41.05 -17.46 -38.34
CA MET F 1260 -41.72 -17.15 -39.60
C MET F 1260 -43.08 -16.53 -39.35
N GLU F 1261 -43.85 -17.09 -38.42
CA GLU F 1261 -45.16 -16.52 -38.12
C GLU F 1261 -45.03 -15.20 -37.37
N TYR F 1262 -43.92 -14.99 -36.66
CA TYR F 1262 -43.73 -13.74 -35.94
C TYR F 1262 -43.43 -12.60 -36.91
N ILE F 1263 -42.47 -12.82 -37.82
CA ILE F 1263 -42.15 -11.80 -38.81
C ILE F 1263 -43.30 -11.60 -39.78
N GLY F 1264 -44.03 -12.68 -40.09
CA GLY F 1264 -45.22 -12.53 -40.91
C GLY F 1264 -46.33 -11.80 -40.20
N ALA F 1265 -46.38 -11.91 -38.87
CA ALA F 1265 -47.34 -11.12 -38.11
C ALA F 1265 -46.96 -9.64 -38.11
N CYS F 1266 -45.65 -9.34 -38.09
CA CYS F 1266 -45.21 -7.98 -38.30
C CYS F 1266 -45.58 -7.48 -39.69
N VAL F 1267 -45.55 -8.37 -40.69
CA VAL F 1267 -46.02 -8.02 -42.02
C VAL F 1267 -47.53 -7.78 -42.01
N VAL F 1268 -48.26 -8.47 -41.12
CA VAL F 1268 -49.70 -8.24 -41.01
C VAL F 1268 -49.98 -6.89 -40.38
N LEU F 1269 -49.13 -6.48 -39.42
CA LEU F 1269 -49.29 -5.15 -38.83
C LEU F 1269 -48.94 -4.05 -39.82
N ILE F 1270 -47.92 -4.29 -40.64
CA ILE F 1270 -47.59 -3.34 -41.71
C ILE F 1270 -48.71 -3.29 -42.74
N ALA F 1271 -49.37 -4.43 -42.97
CA ALA F 1271 -50.55 -4.45 -43.82
C ALA F 1271 -51.68 -3.64 -43.21
N ALA F 1272 -51.81 -3.67 -41.88
CA ALA F 1272 -52.81 -2.84 -41.22
C ALA F 1272 -52.48 -1.37 -41.34
N ALA F 1273 -51.18 -1.03 -41.35
CA ALA F 1273 -50.79 0.35 -41.60
C ALA F 1273 -51.11 0.76 -43.03
N THR F 1274 -50.95 -0.16 -43.98
CA THR F 1274 -51.28 0.12 -45.37
C THR F 1274 -52.78 0.30 -45.56
N SER F 1275 -53.59 -0.48 -44.85
CA SER F 1275 -55.03 -0.29 -44.91
C SER F 1275 -55.44 0.99 -44.19
N ILE F 1276 -54.64 1.45 -43.22
CA ILE F 1276 -54.94 2.68 -42.52
C ILE F 1276 -54.72 3.88 -43.43
N SER F 1277 -53.52 3.96 -44.02
CA SER F 1277 -53.19 5.10 -44.88
C SER F 1277 -54.01 5.07 -46.16
N ASN F 1278 -54.20 3.89 -46.74
CA ASN F 1278 -55.02 3.78 -47.95
C ASN F 1278 -56.49 3.98 -47.65
N SER F 1279 -56.90 3.71 -46.41
CA SER F 1279 -58.30 3.89 -46.04
C SER F 1279 -58.62 5.36 -45.83
N LEU F 1280 -57.96 6.00 -44.88
CA LEU F 1280 -58.35 7.35 -44.48
C LEU F 1280 -57.51 8.44 -45.13
N HIS F 1281 -56.28 8.14 -45.55
CA HIS F 1281 -55.40 9.17 -46.08
C HIS F 1281 -55.83 9.69 -47.44
N ARG F 1282 -56.60 8.91 -48.18
CA ARG F 1282 -57.11 9.32 -49.48
C ARG F 1282 -58.44 8.62 -49.70
N GLU F 1283 -58.89 8.60 -50.95
CA GLU F 1283 -60.11 7.88 -51.32
C GLU F 1283 -59.85 6.39 -51.24
N LEU F 1284 -60.48 5.73 -50.27
CA LEU F 1284 -60.35 4.28 -50.15
C LEU F 1284 -61.15 3.59 -51.25
N SER F 1285 -60.59 2.50 -51.77
CA SER F 1285 -61.24 1.77 -52.85
C SER F 1285 -62.45 1.02 -52.34
N ALA F 1286 -63.37 0.70 -53.25
CA ALA F 1286 -64.58 -0.04 -52.90
C ALA F 1286 -64.28 -1.48 -52.51
N GLY F 1287 -63.15 -2.03 -52.98
CA GLY F 1287 -62.74 -3.36 -52.58
C GLY F 1287 -61.27 -3.38 -52.22
N LEU F 1288 -60.71 -4.59 -52.10
CA LEU F 1288 -59.29 -4.85 -51.86
C LEU F 1288 -58.77 -4.27 -50.56
N VAL F 1289 -59.64 -3.89 -49.64
CA VAL F 1289 -59.21 -3.43 -48.33
C VAL F 1289 -58.83 -4.60 -47.44
N GLY F 1290 -59.67 -5.63 -47.41
CA GLY F 1290 -59.34 -6.85 -46.70
C GLY F 1290 -58.50 -7.84 -47.47
N LEU F 1291 -58.19 -7.53 -48.73
CA LEU F 1291 -57.35 -8.41 -49.52
C LEU F 1291 -55.93 -8.45 -48.98
N GLY F 1292 -55.43 -7.32 -48.50
CA GLY F 1292 -54.13 -7.32 -47.83
C GLY F 1292 -54.16 -7.98 -46.47
N LEU F 1293 -55.34 -8.10 -45.86
CA LEU F 1293 -55.44 -8.73 -44.55
C LEU F 1293 -55.51 -10.24 -44.68
N THR F 1294 -56.39 -10.74 -45.55
CA THR F 1294 -56.45 -12.16 -45.85
C THR F 1294 -55.15 -12.62 -46.49
N TYR F 1295 -54.60 -11.80 -47.38
CA TYR F 1295 -53.29 -12.09 -47.95
C TYR F 1295 -52.16 -11.77 -47.00
N ALA F 1296 -52.44 -11.16 -45.86
CA ALA F 1296 -51.42 -10.99 -44.84
C ALA F 1296 -51.31 -12.23 -43.97
N LEU F 1297 -52.45 -12.75 -43.52
CA LEU F 1297 -52.45 -14.02 -42.77
C LEU F 1297 -51.99 -15.16 -43.65
N MET F 1298 -52.54 -15.26 -44.86
CA MET F 1298 -52.05 -16.24 -45.81
C MET F 1298 -50.67 -15.89 -46.35
N VAL F 1299 -50.21 -14.65 -46.22
CA VAL F 1299 -48.83 -14.34 -46.56
C VAL F 1299 -47.90 -14.95 -45.52
N SER F 1300 -48.30 -14.92 -44.25
CA SER F 1300 -47.51 -15.60 -43.23
C SER F 1300 -47.58 -17.10 -43.37
N ASN F 1301 -48.72 -17.62 -43.81
CA ASN F 1301 -48.79 -19.04 -44.16
C ASN F 1301 -47.88 -19.35 -45.35
N TYR F 1302 -47.78 -18.42 -46.30
CA TYR F 1302 -46.89 -18.62 -47.44
C TYR F 1302 -45.44 -18.57 -47.03
N LEU F 1303 -45.11 -17.77 -46.00
CA LEU F 1303 -43.75 -17.79 -45.50
C LEU F 1303 -43.48 -19.07 -44.72
N ASN F 1304 -44.52 -19.64 -44.10
CA ASN F 1304 -44.34 -20.86 -43.33
C ASN F 1304 -44.10 -22.05 -44.25
N TRP F 1305 -45.06 -22.35 -45.14
CA TRP F 1305 -44.87 -23.42 -46.09
C TRP F 1305 -43.80 -23.11 -47.13
N MET F 1306 -43.45 -21.85 -47.32
CA MET F 1306 -42.34 -21.52 -48.19
C MET F 1306 -41.00 -21.79 -47.53
N VAL F 1307 -40.92 -21.58 -46.21
CA VAL F 1307 -39.68 -21.86 -45.49
C VAL F 1307 -39.48 -23.37 -45.34
N ARG F 1308 -40.51 -24.08 -44.88
CA ARG F 1308 -40.41 -25.52 -44.73
C ARG F 1308 -40.33 -26.21 -46.09
N ASN F 1309 -40.99 -25.65 -47.10
CA ASN F 1309 -40.82 -26.15 -48.46
C ASN F 1309 -39.41 -25.88 -48.97
N LEU F 1310 -38.79 -24.78 -48.52
CA LEU F 1310 -37.39 -24.55 -48.85
C LEU F 1310 -36.49 -25.55 -48.15
N ALA F 1311 -36.90 -26.02 -46.98
CA ALA F 1311 -36.15 -27.05 -46.28
C ALA F 1311 -36.26 -28.39 -46.98
N ASP F 1312 -37.47 -28.78 -47.38
CA ASP F 1312 -37.66 -30.03 -48.10
C ASP F 1312 -37.00 -29.98 -49.48
N MET F 1313 -36.95 -28.81 -50.09
CA MET F 1313 -36.19 -28.64 -51.33
C MET F 1313 -34.69 -28.65 -51.07
N GLU F 1314 -34.26 -28.31 -49.85
CA GLU F 1314 -32.84 -28.37 -49.53
C GLU F 1314 -32.39 -29.82 -49.34
N ILE F 1315 -33.15 -30.61 -48.60
CA ILE F 1315 -32.77 -32.00 -48.36
C ILE F 1315 -33.01 -32.84 -49.61
N GLN F 1316 -34.16 -32.64 -50.27
CA GLN F 1316 -34.43 -33.37 -51.51
C GLN F 1316 -33.51 -32.92 -52.63
N LEU F 1317 -33.11 -31.65 -52.64
CA LEU F 1317 -32.05 -31.20 -53.53
C LEU F 1317 -30.72 -31.82 -53.15
N GLY F 1318 -30.55 -32.17 -51.88
CA GLY F 1318 -29.42 -33.00 -51.50
C GLY F 1318 -29.50 -34.40 -52.05
N ALA F 1319 -30.72 -34.94 -52.18
CA ALA F 1319 -30.88 -36.27 -52.76
C ALA F 1319 -30.61 -36.25 -54.26
N VAL F 1320 -31.05 -35.20 -54.94
CA VAL F 1320 -30.73 -35.05 -56.36
C VAL F 1320 -29.25 -34.74 -56.55
N LYS F 1321 -28.63 -34.08 -55.56
CA LYS F 1321 -27.19 -33.87 -55.61
C LYS F 1321 -26.42 -35.16 -55.37
N ARG F 1322 -27.02 -36.08 -54.60
CA ARG F 1322 -26.46 -37.42 -54.49
C ARG F 1322 -26.60 -38.18 -55.80
N ILE F 1323 -27.71 -37.97 -56.50
CA ILE F 1323 -27.90 -38.60 -57.81
C ILE F 1323 -26.93 -38.03 -58.83
N HIS F 1324 -26.57 -36.75 -58.70
CA HIS F 1324 -25.54 -36.19 -59.58
C HIS F 1324 -24.16 -36.62 -59.14
N ALA F 1325 -23.98 -36.93 -57.85
CA ALA F 1325 -22.73 -37.49 -57.36
C ALA F 1325 -22.58 -38.96 -57.69
N LEU F 1326 -23.64 -39.62 -58.16
CA LEU F 1326 -23.53 -41.00 -58.61
C LEU F 1326 -22.81 -41.11 -59.95
N LEU F 1327 -22.90 -40.07 -60.78
CA LEU F 1327 -22.25 -40.08 -62.08
C LEU F 1327 -20.75 -39.81 -61.96
N GLY F 1351 -4.48 -71.21 -80.92
CA GLY F 1351 -4.32 -71.50 -79.51
C GLY F 1351 -2.87 -71.39 -79.03
N LYS F 1352 -2.03 -70.77 -79.84
CA LYS F 1352 -0.64 -70.53 -79.47
C LYS F 1352 -0.51 -69.22 -78.71
N ILE F 1353 0.21 -69.25 -77.59
CA ILE F 1353 0.34 -68.10 -76.70
C ILE F 1353 1.81 -67.89 -76.40
N GLN F 1354 2.26 -66.64 -76.47
CA GLN F 1354 3.60 -66.27 -76.02
C GLN F 1354 3.56 -64.89 -75.40
N ILE F 1355 4.28 -64.73 -74.29
CA ILE F 1355 4.51 -63.43 -73.66
C ILE F 1355 5.95 -63.04 -73.96
N GLN F 1356 6.15 -61.81 -74.45
CA GLN F 1356 7.50 -61.31 -74.70
C GLN F 1356 7.75 -60.01 -73.95
N ASN F 1357 8.56 -60.10 -72.89
CA ASN F 1357 9.10 -58.96 -72.12
C ASN F 1357 8.02 -58.02 -71.58
N LEU F 1358 6.95 -58.57 -71.03
CA LEU F 1358 5.80 -57.73 -70.69
C LEU F 1358 6.00 -57.09 -69.32
N SER F 1359 5.86 -55.77 -69.27
CA SER F 1359 5.84 -55.03 -68.02
C SER F 1359 4.52 -54.28 -67.86
N VAL F 1360 3.94 -54.33 -66.66
CA VAL F 1360 2.73 -53.57 -66.39
C VAL F 1360 2.71 -53.16 -64.91
N ARG F 1361 2.09 -52.02 -64.64
CA ARG F 1361 1.83 -51.55 -63.28
C ARG F 1361 0.50 -50.79 -63.36
N TYR F 1362 -0.42 -51.05 -62.43
CA TYR F 1362 -1.59 -50.18 -62.35
C TYR F 1362 -1.25 -48.81 -61.76
N ASP F 1363 -0.51 -48.77 -60.66
CA ASP F 1363 -0.12 -47.49 -60.07
C ASP F 1363 0.77 -46.68 -61.00
N SER F 1364 1.70 -47.37 -61.67
CA SER F 1364 2.92 -46.90 -62.34
C SER F 1364 3.92 -46.28 -61.37
N SER F 1365 3.77 -46.49 -60.07
CA SER F 1365 4.58 -45.77 -59.09
C SER F 1365 5.28 -46.66 -58.07
N LEU F 1366 4.51 -47.52 -57.40
CA LEU F 1366 5.03 -48.51 -56.47
C LEU F 1366 5.99 -49.49 -57.12
N LYS F 1367 5.49 -50.33 -58.02
CA LYS F 1367 6.31 -51.36 -58.64
C LYS F 1367 5.61 -51.87 -59.88
N PRO F 1368 6.36 -52.28 -60.91
CA PRO F 1368 5.79 -53.15 -61.94
C PRO F 1368 5.20 -54.42 -61.35
N VAL F 1369 4.09 -54.86 -61.93
CA VAL F 1369 3.42 -56.05 -61.45
C VAL F 1369 4.11 -57.29 -62.00
N LEU F 1370 4.41 -57.28 -63.29
CA LEU F 1370 5.22 -58.27 -63.96
C LEU F 1370 6.38 -57.55 -64.63
N LYS F 1371 7.56 -58.16 -64.60
CA LYS F 1371 8.75 -57.54 -65.19
C LYS F 1371 9.44 -58.52 -66.13
N HIS F 1372 9.41 -58.19 -67.43
CA HIS F 1372 10.12 -58.88 -68.51
C HIS F 1372 9.80 -60.37 -68.57
N VAL F 1373 8.53 -60.71 -68.31
CA VAL F 1373 8.07 -62.09 -68.34
C VAL F 1373 8.22 -62.64 -69.76
N ASN F 1374 8.78 -63.84 -69.88
CA ASN F 1374 8.87 -64.48 -71.19
C ASN F 1374 8.64 -65.97 -71.04
N THR F 1375 7.68 -66.48 -71.81
CA THR F 1375 7.36 -67.89 -71.94
C THR F 1375 6.46 -68.07 -73.15
N LEU F 1376 6.41 -69.29 -73.65
CA LEU F 1376 5.65 -69.65 -74.84
C LEU F 1376 4.91 -70.94 -74.55
N ILE F 1377 3.61 -70.98 -74.88
CA ILE F 1377 2.78 -72.14 -74.66
C ILE F 1377 2.26 -72.61 -76.01
N SER F 1378 2.59 -73.84 -76.36
CA SER F 1378 2.09 -74.47 -77.57
C SER F 1378 0.63 -74.88 -77.39
N PRO F 1379 -0.14 -74.92 -78.48
CA PRO F 1379 -1.51 -75.47 -78.45
C PRO F 1379 -1.57 -76.85 -77.79
N GLY F 1380 -2.50 -76.99 -76.85
CA GLY F 1380 -2.75 -78.24 -76.18
C GLY F 1380 -1.88 -78.48 -74.97
N GLN F 1381 -0.98 -77.54 -74.63
CA GLN F 1381 -0.17 -77.66 -73.43
C GLN F 1381 -0.97 -77.28 -72.20
N LYS F 1382 -0.70 -77.96 -71.09
CA LYS F 1382 -1.26 -77.63 -69.78
C LYS F 1382 -0.22 -76.83 -69.00
N ILE F 1383 -0.50 -75.56 -68.71
CA ILE F 1383 0.51 -74.66 -68.17
C ILE F 1383 0.06 -74.22 -66.77
N GLY F 1384 0.96 -74.35 -65.81
CA GLY F 1384 0.74 -73.88 -64.46
C GLY F 1384 1.54 -72.60 -64.22
N ILE F 1385 0.87 -71.61 -63.64
CA ILE F 1385 1.52 -70.37 -63.20
C ILE F 1385 1.71 -70.43 -61.70
N CYS F 1386 2.96 -70.32 -61.26
CA CYS F 1386 3.29 -70.38 -59.84
C CYS F 1386 4.22 -69.23 -59.50
N GLY F 1387 4.16 -68.82 -58.24
CA GLY F 1387 4.92 -67.72 -57.69
C GLY F 1387 4.01 -67.11 -56.64
N ARG F 1388 3.73 -65.80 -56.72
CA ARG F 1388 2.77 -65.18 -55.83
C ARG F 1388 1.40 -65.85 -56.00
N THR F 1389 0.55 -65.71 -54.98
CA THR F 1389 -0.86 -66.03 -55.17
C THR F 1389 -1.56 -65.17 -56.22
N GLY F 1390 -1.81 -63.90 -55.88
CA GLY F 1390 -2.57 -63.09 -56.79
C GLY F 1390 -1.84 -62.07 -57.61
N SER F 1391 -0.51 -62.03 -57.56
CA SER F 1391 0.15 -61.05 -58.41
C SER F 1391 0.21 -61.58 -59.84
N GLY F 1392 0.09 -62.89 -59.99
CA GLY F 1392 0.09 -63.48 -61.31
C GLY F 1392 -0.95 -64.55 -61.42
N LYS F 1393 -1.66 -64.87 -60.33
CA LYS F 1393 -3.04 -65.26 -60.50
C LYS F 1393 -3.83 -64.09 -61.08
N SER F 1394 -3.71 -62.92 -60.44
CA SER F 1394 -4.36 -61.73 -60.95
C SER F 1394 -3.67 -61.16 -62.19
N SER F 1395 -2.34 -61.20 -62.26
CA SER F 1395 -1.71 -60.70 -63.49
C SER F 1395 -1.95 -61.62 -64.68
N PHE F 1396 -1.93 -62.94 -64.47
CA PHE F 1396 -2.33 -63.90 -65.49
C PHE F 1396 -3.79 -63.72 -65.94
N SER F 1397 -4.71 -63.64 -64.98
CA SER F 1397 -6.12 -63.46 -65.31
C SER F 1397 -6.39 -62.11 -65.97
N LEU F 1398 -5.86 -61.04 -65.36
CA LEU F 1398 -5.96 -59.68 -65.91
C LEU F 1398 -5.42 -59.57 -67.32
N ALA F 1399 -4.27 -60.19 -67.59
CA ALA F 1399 -3.79 -60.23 -68.96
C ALA F 1399 -4.69 -61.05 -69.88
N PHE F 1400 -5.18 -62.20 -69.42
CA PHE F 1400 -6.15 -62.96 -70.23
C PHE F 1400 -7.46 -62.21 -70.43
N PHE F 1401 -8.01 -61.60 -69.38
CA PHE F 1401 -9.20 -60.75 -69.56
C PHE F 1401 -8.92 -59.41 -70.24
N ARG F 1402 -7.65 -59.03 -70.46
CA ARG F 1402 -7.26 -57.71 -70.98
C ARG F 1402 -7.86 -56.59 -70.12
N MET F 1403 -7.61 -56.67 -68.80
CA MET F 1403 -7.91 -55.55 -67.93
C MET F 1403 -6.90 -54.42 -68.01
N VAL F 1404 -5.71 -54.66 -68.53
CA VAL F 1404 -4.75 -53.59 -68.76
C VAL F 1404 -3.88 -53.94 -69.96
N ASP F 1405 -3.37 -52.91 -70.62
CA ASP F 1405 -2.32 -53.10 -71.59
C ASP F 1405 -0.98 -53.08 -70.87
N MET F 1406 0.00 -53.76 -71.45
CA MET F 1406 1.36 -53.71 -70.94
C MET F 1406 1.95 -52.31 -71.09
N PHE F 1407 2.85 -51.97 -70.17
CA PHE F 1407 3.61 -50.73 -70.30
C PHE F 1407 4.68 -50.90 -71.37
N GLU F 1408 5.35 -52.05 -71.36
CA GLU F 1408 6.37 -52.39 -72.33
C GLU F 1408 6.20 -53.86 -72.70
N GLY F 1409 6.78 -54.24 -73.84
CA GLY F 1409 6.65 -55.59 -74.33
C GLY F 1409 5.30 -55.81 -74.97
N ARG F 1410 4.96 -57.08 -75.16
CA ARG F 1410 3.67 -57.41 -75.76
C ARG F 1410 3.17 -58.77 -75.28
N ILE F 1411 1.85 -58.92 -75.33
CA ILE F 1411 1.15 -60.15 -75.00
C ILE F 1411 0.42 -60.58 -76.26
N ILE F 1412 0.72 -61.76 -76.78
CA ILE F 1412 0.03 -62.25 -77.98
C ILE F 1412 -0.88 -63.42 -77.62
N ILE F 1413 -2.06 -63.43 -78.23
CA ILE F 1413 -3.01 -64.53 -78.20
C ILE F 1413 -3.28 -64.96 -79.63
N ASP F 1414 -3.05 -66.25 -79.92
CA ASP F 1414 -3.19 -66.85 -81.26
C ASP F 1414 -2.35 -66.15 -82.32
N GLY F 1415 -1.20 -65.61 -81.91
CA GLY F 1415 -0.33 -64.84 -82.77
C GLY F 1415 -0.62 -63.37 -82.91
N ILE F 1416 -1.68 -62.85 -82.29
CA ILE F 1416 -2.05 -61.44 -82.44
C ILE F 1416 -1.87 -60.76 -81.10
N ASP F 1417 -1.20 -59.61 -81.10
CA ASP F 1417 -1.10 -58.74 -79.93
C ASP F 1417 -2.46 -58.34 -79.39
N ILE F 1418 -2.64 -58.49 -78.06
CA ILE F 1418 -3.93 -58.21 -77.43
C ILE F 1418 -4.28 -56.74 -77.45
N ALA F 1419 -3.29 -55.86 -77.67
CA ALA F 1419 -3.53 -54.43 -77.89
C ALA F 1419 -4.18 -54.12 -79.22
N LYS F 1420 -4.23 -55.08 -80.15
CA LYS F 1420 -4.87 -54.88 -81.44
C LYS F 1420 -6.14 -55.71 -81.61
N LEU F 1421 -6.68 -56.27 -80.54
CA LEU F 1421 -7.94 -56.96 -80.71
C LEU F 1421 -9.07 -56.14 -80.08
N PRO F 1422 -10.27 -56.18 -80.65
CA PRO F 1422 -11.45 -55.64 -79.95
C PRO F 1422 -11.67 -56.31 -78.60
N LEU F 1423 -11.61 -55.50 -77.54
CA LEU F 1423 -11.60 -56.00 -76.17
C LEU F 1423 -12.87 -56.76 -75.83
N HIS F 1424 -14.03 -56.20 -76.21
CA HIS F 1424 -15.31 -56.88 -75.99
C HIS F 1424 -15.40 -58.18 -76.79
N THR F 1425 -14.89 -58.18 -78.02
CA THR F 1425 -14.83 -59.40 -78.82
C THR F 1425 -13.88 -60.43 -78.22
N LEU F 1426 -12.69 -60.00 -77.81
CA LEU F 1426 -11.75 -60.83 -77.06
C LEU F 1426 -12.39 -61.48 -75.84
N ARG F 1427 -12.84 -60.66 -74.88
CA ARG F 1427 -13.45 -61.16 -73.65
C ARG F 1427 -14.69 -62.01 -73.92
N SER F 1428 -15.48 -61.62 -74.93
CA SER F 1428 -16.64 -62.45 -75.29
C SER F 1428 -16.22 -63.79 -75.89
N ARG F 1429 -15.06 -63.83 -76.54
CA ARG F 1429 -14.53 -65.05 -77.12
C ARG F 1429 -13.70 -65.85 -76.14
N LEU F 1430 -13.58 -65.38 -74.90
CA LEU F 1430 -12.85 -66.06 -73.85
C LEU F 1430 -13.82 -66.59 -72.81
N SER F 1431 -13.74 -67.88 -72.53
CA SER F 1431 -14.55 -68.49 -71.49
C SER F 1431 -13.73 -68.56 -70.20
N ILE F 1432 -14.40 -68.29 -69.08
CA ILE F 1432 -13.78 -68.38 -67.76
C ILE F 1432 -14.59 -69.34 -66.90
N ILE F 1433 -13.90 -70.32 -66.31
CA ILE F 1433 -14.46 -71.18 -65.28
C ILE F 1433 -13.53 -71.08 -64.09
N LEU F 1434 -14.00 -70.46 -63.01
CA LEU F 1434 -13.28 -70.38 -61.75
C LEU F 1434 -13.74 -71.47 -60.79
N GLN F 1435 -13.01 -71.57 -59.67
CA GLN F 1435 -13.41 -72.48 -58.60
C GLN F 1435 -14.77 -72.09 -58.02
N ASP F 1436 -14.98 -70.79 -57.83
CA ASP F 1436 -16.25 -70.31 -57.31
C ASP F 1436 -16.96 -69.51 -58.39
N PRO F 1437 -18.06 -70.03 -58.96
CA PRO F 1437 -18.73 -69.32 -60.05
C PRO F 1437 -19.96 -68.57 -59.56
N VAL F 1438 -20.14 -67.32 -59.99
CA VAL F 1438 -21.32 -66.57 -59.62
C VAL F 1438 -22.37 -66.76 -60.69
N LEU F 1439 -23.58 -67.14 -60.27
CA LEU F 1439 -24.70 -67.38 -61.15
C LEU F 1439 -25.83 -66.40 -60.86
N PHE F 1440 -26.65 -66.16 -61.87
CA PHE F 1440 -27.79 -65.27 -61.73
C PHE F 1440 -28.96 -66.01 -61.09
N SER F 1441 -29.82 -65.25 -60.42
CA SER F 1441 -31.00 -65.76 -59.72
C SER F 1441 -32.15 -66.06 -60.69
N GLY F 1442 -31.84 -66.88 -61.70
CA GLY F 1442 -32.74 -67.24 -62.77
C GLY F 1442 -32.78 -68.74 -62.94
N THR F 1443 -33.38 -69.22 -64.02
CA THR F 1443 -33.39 -70.63 -64.36
C THR F 1443 -31.96 -71.17 -64.52
N ILE F 1444 -31.81 -72.48 -64.26
CA ILE F 1444 -30.57 -73.20 -64.59
C ILE F 1444 -30.16 -72.96 -66.03
N ARG F 1445 -31.12 -73.11 -66.95
CA ARG F 1445 -30.88 -72.82 -68.36
C ARG F 1445 -30.40 -71.39 -68.53
N PHE F 1446 -31.11 -70.44 -67.91
CA PHE F 1446 -30.74 -69.04 -67.96
C PHE F 1446 -29.41 -68.77 -67.25
N ASN F 1447 -29.17 -69.42 -66.12
CA ASN F 1447 -27.85 -69.34 -65.48
C ASN F 1447 -26.76 -69.92 -66.36
N LEU F 1448 -27.10 -70.94 -67.15
CA LEU F 1448 -26.16 -71.50 -68.11
C LEU F 1448 -26.26 -70.86 -69.49
N ASP F 1449 -26.94 -69.71 -69.60
CA ASP F 1449 -26.75 -68.91 -70.80
C ASP F 1449 -26.02 -67.58 -70.65
N PRO F 1450 -24.68 -67.55 -70.57
CA PRO F 1450 -23.95 -66.34 -70.94
C PRO F 1450 -23.68 -66.24 -72.44
N GLU F 1451 -24.30 -67.14 -73.21
CA GLU F 1451 -24.21 -67.28 -74.66
C GLU F 1451 -25.67 -67.37 -75.09
N LYS F 1452 -26.35 -66.22 -75.11
CA LYS F 1452 -27.81 -66.12 -75.18
C LYS F 1452 -28.46 -66.79 -76.39
N LYS F 1453 -27.72 -67.07 -77.47
CA LYS F 1453 -28.38 -67.73 -78.59
C LYS F 1453 -28.27 -69.25 -78.55
N CYS F 1454 -27.63 -69.81 -77.52
CA CYS F 1454 -27.52 -71.26 -77.36
C CYS F 1454 -28.92 -71.86 -77.22
N SER F 1455 -29.20 -72.96 -77.92
CA SER F 1455 -30.46 -73.63 -77.64
C SER F 1455 -30.34 -74.48 -76.37
N ASP F 1456 -31.49 -74.70 -75.73
CA ASP F 1456 -31.58 -75.54 -74.54
C ASP F 1456 -31.04 -76.96 -74.78
N SER F 1457 -31.33 -77.53 -75.96
CA SER F 1457 -30.80 -78.83 -76.33
C SER F 1457 -29.28 -78.85 -76.44
N THR F 1458 -28.70 -77.84 -77.11
CA THR F 1458 -27.25 -77.75 -77.21
C THR F 1458 -26.59 -77.53 -75.85
N LEU F 1459 -27.20 -76.71 -74.99
CA LEU F 1459 -26.70 -76.53 -73.63
C LEU F 1459 -26.76 -77.82 -72.81
N TRP F 1460 -27.91 -78.49 -72.79
CA TRP F 1460 -28.08 -79.74 -72.05
C TRP F 1460 -27.16 -80.84 -72.58
N GLU F 1461 -27.04 -80.94 -73.91
CA GLU F 1461 -26.10 -81.83 -74.58
C GLU F 1461 -24.66 -81.52 -74.19
N ALA F 1462 -24.31 -80.23 -74.18
CA ALA F 1462 -23.01 -79.77 -73.74
C ALA F 1462 -22.72 -80.19 -72.29
N LEU F 1463 -23.74 -80.12 -71.43
CA LEU F 1463 -23.60 -80.63 -70.07
C LEU F 1463 -23.42 -82.15 -70.05
N GLU F 1464 -24.00 -82.87 -71.02
CA GLU F 1464 -23.71 -84.30 -71.13
C GLU F 1464 -22.26 -84.53 -71.52
N ILE F 1465 -21.78 -83.80 -72.53
CA ILE F 1465 -20.37 -83.86 -72.93
C ILE F 1465 -19.46 -83.46 -71.78
N ALA F 1466 -19.84 -82.41 -71.04
CA ALA F 1466 -19.10 -81.90 -69.88
C ALA F 1466 -19.69 -82.44 -68.58
N GLN F 1467 -20.11 -83.72 -68.61
CA GLN F 1467 -20.39 -84.62 -67.48
C GLN F 1467 -21.15 -83.98 -66.32
N LEU F 1468 -22.08 -83.09 -66.66
CA LEU F 1468 -22.90 -82.33 -65.73
C LEU F 1468 -24.36 -82.69 -65.83
N LYS F 1469 -24.77 -83.31 -66.94
CA LYS F 1469 -26.16 -83.67 -67.22
C LYS F 1469 -26.83 -84.50 -66.13
N LEU F 1470 -26.08 -85.38 -65.45
CA LEU F 1470 -26.66 -86.18 -64.37
C LEU F 1470 -27.14 -85.28 -63.22
N VAL F 1471 -26.29 -84.38 -62.75
CA VAL F 1471 -26.70 -83.50 -61.65
C VAL F 1471 -27.65 -82.42 -62.15
N VAL F 1472 -27.56 -82.07 -63.44
CA VAL F 1472 -28.54 -81.18 -64.06
C VAL F 1472 -29.91 -81.83 -64.04
N LYS F 1473 -29.99 -83.09 -64.47
CA LYS F 1473 -31.23 -83.85 -64.47
C LYS F 1473 -31.76 -84.06 -63.06
N ALA F 1474 -30.89 -84.11 -62.06
CA ALA F 1474 -31.34 -84.32 -60.70
C ALA F 1474 -31.57 -83.02 -59.94
N LEU F 1475 -31.38 -81.86 -60.58
CA LEU F 1475 -32.00 -80.64 -60.11
C LEU F 1475 -33.52 -80.73 -60.23
N PRO F 1476 -34.27 -80.06 -59.30
CA PRO F 1476 -35.74 -80.25 -59.24
C PRO F 1476 -36.50 -79.95 -60.53
N GLY F 1477 -36.12 -78.92 -61.26
CA GLY F 1477 -36.72 -78.61 -62.54
C GLY F 1477 -35.83 -78.87 -63.74
N GLY F 1478 -34.76 -79.62 -63.52
CA GLY F 1478 -33.74 -79.85 -64.55
C GLY F 1478 -33.15 -78.55 -65.07
N LEU F 1479 -33.22 -78.35 -66.39
CA LEU F 1479 -32.77 -77.11 -66.99
C LEU F 1479 -33.63 -75.91 -66.60
N ASP F 1480 -34.87 -76.15 -66.20
CA ASP F 1480 -35.78 -75.08 -65.84
C ASP F 1480 -35.78 -74.79 -64.34
N ALA F 1481 -34.91 -75.46 -63.59
CA ALA F 1481 -34.71 -75.18 -62.18
C ALA F 1481 -34.21 -73.77 -61.96
N ILE F 1482 -34.97 -72.98 -61.20
CA ILE F 1482 -34.56 -71.63 -60.84
C ILE F 1482 -33.38 -71.72 -59.87
N ILE F 1483 -32.25 -71.14 -60.27
CA ILE F 1483 -31.08 -71.02 -59.40
C ILE F 1483 -31.30 -69.92 -58.37
N THR F 1484 -32.23 -70.15 -57.44
CA THR F 1484 -32.50 -69.24 -56.34
C THR F 1484 -31.25 -69.05 -55.48
N GLU F 1485 -31.12 -67.82 -54.94
CA GLU F 1485 -29.96 -67.37 -54.17
C GLU F 1485 -28.66 -67.41 -54.96
N GLY F 1486 -28.74 -67.24 -56.28
CA GLY F 1486 -27.56 -67.17 -57.12
C GLY F 1486 -26.72 -68.42 -57.20
N GLY F 1487 -27.26 -69.58 -56.85
CA GLY F 1487 -26.58 -70.83 -57.05
C GLY F 1487 -26.14 -71.56 -55.79
N GLU F 1488 -26.70 -71.20 -54.64
CA GLU F 1488 -26.27 -71.72 -53.35
C GLU F 1488 -26.88 -73.07 -53.00
N ASN F 1489 -27.90 -73.52 -53.74
CA ASN F 1489 -28.41 -74.87 -53.55
C ASN F 1489 -27.59 -75.94 -54.27
N PHE F 1490 -26.68 -75.55 -55.16
CA PHE F 1490 -25.74 -76.49 -55.75
C PHE F 1490 -24.50 -76.57 -54.86
N SER F 1491 -23.83 -77.72 -54.89
CA SER F 1491 -22.54 -77.81 -54.23
C SER F 1491 -21.48 -77.00 -54.97
N GLN F 1492 -20.33 -76.81 -54.30
CA GLN F 1492 -19.16 -76.22 -54.93
C GLN F 1492 -18.70 -77.02 -56.14
N GLY F 1493 -18.73 -78.36 -56.04
CA GLY F 1493 -18.35 -79.20 -57.16
C GLY F 1493 -19.33 -79.12 -58.32
N GLN F 1494 -20.63 -79.17 -58.02
CA GLN F 1494 -21.65 -79.06 -59.06
C GLN F 1494 -21.61 -77.71 -59.75
N ARG F 1495 -21.36 -76.65 -58.98
CA ARG F 1495 -21.10 -75.33 -59.56
C ARG F 1495 -19.85 -75.32 -60.44
N GLN F 1496 -18.79 -76.00 -60.00
CA GLN F 1496 -17.58 -76.14 -60.82
C GLN F 1496 -17.84 -76.84 -62.14
N LEU F 1497 -18.61 -77.95 -62.11
CA LEU F 1497 -19.04 -78.63 -63.32
C LEU F 1497 -19.88 -77.72 -64.21
N PHE F 1498 -20.82 -76.99 -63.61
CA PHE F 1498 -21.65 -76.03 -64.35
C PHE F 1498 -20.79 -74.99 -65.06
N CYS F 1499 -19.80 -74.44 -64.35
CA CYS F 1499 -18.86 -73.50 -64.95
C CYS F 1499 -18.05 -74.12 -66.07
N LEU F 1500 -17.63 -75.37 -65.90
CA LEU F 1500 -16.91 -76.09 -66.96
C LEU F 1500 -17.78 -76.28 -68.20
N ALA F 1501 -19.04 -76.67 -68.02
CA ALA F 1501 -19.96 -76.78 -69.15
C ALA F 1501 -20.22 -75.43 -69.81
N ARG F 1502 -20.34 -74.38 -68.99
CA ARG F 1502 -20.42 -73.00 -69.47
C ARG F 1502 -19.21 -72.60 -70.31
N ALA F 1503 -18.02 -73.05 -69.94
CA ALA F 1503 -16.86 -72.89 -70.82
C ALA F 1503 -17.00 -73.73 -72.08
N PHE F 1504 -17.44 -74.98 -71.95
CA PHE F 1504 -17.58 -75.88 -73.09
C PHE F 1504 -18.59 -75.36 -74.11
N VAL F 1505 -19.73 -74.84 -73.61
CA VAL F 1505 -20.77 -74.27 -74.46
C VAL F 1505 -20.28 -73.07 -75.25
N ARG F 1506 -19.33 -72.31 -74.70
CA ARG F 1506 -18.83 -71.12 -75.39
C ARG F 1506 -17.75 -71.45 -76.42
N LYS F 1507 -17.29 -72.71 -76.45
CA LYS F 1507 -16.35 -73.25 -77.44
C LYS F 1507 -15.07 -72.42 -77.51
N THR F 1508 -14.52 -72.16 -76.32
CA THR F 1508 -13.29 -71.40 -76.16
C THR F 1508 -12.10 -72.09 -76.80
N SER F 1509 -11.13 -71.28 -77.21
CA SER F 1509 -9.86 -71.77 -77.74
C SER F 1509 -8.86 -72.00 -76.62
N ILE F 1510 -9.10 -71.39 -75.47
CA ILE F 1510 -8.18 -71.30 -74.34
C ILE F 1510 -9.03 -71.38 -73.09
N PHE F 1511 -8.49 -72.00 -72.04
CA PHE F 1511 -9.21 -72.11 -70.78
C PHE F 1511 -8.39 -71.46 -69.69
N ILE F 1512 -9.10 -70.81 -68.76
CA ILE F 1512 -8.54 -70.26 -67.53
C ILE F 1512 -9.29 -70.85 -66.35
N MET F 1513 -8.54 -71.48 -65.44
CA MET F 1513 -9.12 -72.24 -64.34
C MET F 1513 -8.51 -71.70 -63.06
N ASP F 1514 -9.37 -71.34 -62.10
CA ASP F 1514 -8.97 -70.98 -60.75
C ASP F 1514 -8.94 -72.21 -59.86
N GLU F 1515 -7.78 -72.52 -59.33
CA GLU F 1515 -7.59 -73.70 -58.48
C GLU F 1515 -8.35 -73.55 -57.18
N ALA F 1516 -9.06 -74.63 -56.81
CA ALA F 1516 -9.83 -74.71 -55.57
C ALA F 1516 -8.94 -74.47 -54.35
N THR F 1517 -9.47 -73.73 -53.39
CA THR F 1517 -8.75 -73.41 -52.16
C THR F 1517 -9.07 -74.38 -51.05
N ALA F 1518 -9.90 -75.40 -51.33
CA ALA F 1518 -10.36 -76.35 -50.34
C ALA F 1518 -10.48 -77.69 -51.05
N SER F 1519 -10.79 -78.74 -50.29
CA SER F 1519 -10.97 -80.04 -50.90
C SER F 1519 -12.45 -80.31 -51.13
N ILE F 1520 -12.71 -81.35 -51.91
CA ILE F 1520 -14.08 -81.73 -52.27
C ILE F 1520 -14.36 -83.14 -51.77
N ASP F 1521 -13.69 -84.09 -52.41
CA ASP F 1521 -13.87 -85.53 -52.23
C ASP F 1521 -12.69 -86.19 -52.92
N MET F 1522 -12.66 -87.52 -52.89
CA MET F 1522 -11.63 -88.20 -53.66
C MET F 1522 -12.16 -88.51 -55.06
N ALA F 1523 -13.37 -89.05 -55.13
CA ALA F 1523 -13.99 -89.34 -56.43
C ALA F 1523 -14.37 -88.06 -57.17
N THR F 1524 -14.64 -86.98 -56.45
CA THR F 1524 -15.10 -85.77 -57.12
C THR F 1524 -13.92 -84.87 -57.48
N GLU F 1525 -12.93 -84.70 -56.59
CA GLU F 1525 -11.74 -83.94 -57.00
C GLU F 1525 -11.01 -84.69 -58.09
N ASN F 1526 -10.91 -86.02 -57.94
CA ASN F 1526 -10.34 -86.90 -58.97
C ASN F 1526 -11.08 -86.79 -60.29
N ILE F 1527 -12.41 -86.74 -60.23
CA ILE F 1527 -13.23 -86.50 -61.43
C ILE F 1527 -12.95 -85.12 -61.99
N LEU F 1528 -12.96 -84.10 -61.12
CA LEU F 1528 -12.69 -82.71 -61.51
C LEU F 1528 -11.37 -82.58 -62.27
N GLN F 1529 -10.32 -83.22 -61.74
CA GLN F 1529 -9.02 -83.30 -62.41
C GLN F 1529 -9.10 -84.04 -63.74
N LYS F 1530 -9.87 -85.14 -63.81
CA LYS F 1530 -10.12 -85.80 -65.09
C LYS F 1530 -10.82 -84.89 -66.09
N VAL F 1531 -11.80 -84.10 -65.63
CA VAL F 1531 -12.49 -83.11 -66.44
C VAL F 1531 -11.54 -82.01 -66.90
N VAL F 1532 -10.65 -81.55 -66.02
CA VAL F 1532 -9.60 -80.61 -66.40
C VAL F 1532 -8.68 -81.21 -67.46
N MET F 1533 -8.29 -82.47 -67.29
CA MET F 1533 -7.45 -83.15 -68.28
C MET F 1533 -8.12 -83.28 -69.64
N THR F 1534 -9.40 -83.67 -69.66
CA THR F 1534 -10.16 -83.73 -70.91
C THR F 1534 -10.38 -82.35 -71.54
N ALA F 1535 -10.70 -81.35 -70.71
CA ALA F 1535 -10.83 -79.96 -71.17
C ALA F 1535 -9.53 -79.45 -71.77
N PHE F 1536 -8.42 -79.69 -71.08
CA PHE F 1536 -7.13 -79.22 -71.54
C PHE F 1536 -6.56 -80.06 -72.66
N ALA F 1537 -7.11 -81.26 -72.89
CA ALA F 1537 -6.70 -82.06 -74.04
C ALA F 1537 -7.01 -81.28 -75.31
N ASP F 1538 -5.96 -80.99 -76.08
CA ASP F 1538 -5.92 -80.34 -77.40
C ASP F 1538 -6.14 -78.84 -77.27
N ARG F 1539 -6.12 -78.31 -76.04
CA ARG F 1539 -6.49 -76.92 -75.81
C ARG F 1539 -5.46 -76.28 -74.87
N THR F 1540 -5.42 -74.95 -74.91
CA THR F 1540 -4.51 -74.20 -74.05
C THR F 1540 -5.15 -73.97 -72.69
N VAL F 1541 -4.44 -74.36 -71.63
CA VAL F 1541 -4.98 -74.36 -70.28
C VAL F 1541 -4.10 -73.44 -69.45
N VAL F 1542 -4.72 -72.45 -68.81
CA VAL F 1542 -4.05 -71.58 -67.86
C VAL F 1542 -4.53 -71.92 -66.46
N THR F 1543 -3.63 -72.48 -65.66
CA THR F 1543 -3.96 -72.91 -64.30
C THR F 1543 -3.36 -71.86 -63.38
N ILE F 1544 -4.18 -71.22 -62.57
CA ILE F 1544 -3.64 -70.34 -61.54
C ILE F 1544 -3.31 -71.20 -60.34
N ALA F 1545 -2.04 -71.56 -60.22
CA ALA F 1545 -1.56 -72.45 -59.18
C ALA F 1545 -1.05 -71.66 -57.98
N HIS F 1546 -1.24 -72.23 -56.80
CA HIS F 1546 -0.82 -71.58 -55.57
C HIS F 1546 -0.09 -72.64 -54.79
N ARG F 1547 -0.72 -73.80 -54.70
CA ARG F 1547 -0.12 -74.98 -54.10
C ARG F 1547 0.67 -75.69 -55.19
N VAL F 1548 1.86 -76.19 -54.85
CA VAL F 1548 2.55 -77.05 -55.82
C VAL F 1548 2.11 -78.49 -55.68
N HIS F 1549 1.22 -78.78 -54.73
CA HIS F 1549 0.79 -80.14 -54.44
C HIS F 1549 0.04 -80.76 -55.61
N THR F 1550 -0.87 -79.99 -56.22
CA THR F 1550 -1.71 -80.47 -57.31
C THR F 1550 -0.94 -80.57 -58.62
N ILE F 1551 0.04 -79.70 -58.82
CA ILE F 1551 0.59 -79.33 -60.13
C ILE F 1551 1.67 -80.31 -60.53
N LEU F 1552 1.84 -81.39 -59.75
CA LEU F 1552 2.78 -82.45 -60.07
C LEU F 1552 2.45 -83.21 -61.34
N SER F 1553 1.22 -83.13 -61.85
CA SER F 1553 0.92 -83.69 -63.17
C SER F 1553 0.54 -82.62 -64.19
N ALA F 1554 0.90 -81.36 -63.92
CA ALA F 1554 0.85 -80.34 -64.96
C ALA F 1554 1.83 -80.66 -66.08
N ASP F 1555 1.45 -80.36 -67.32
CA ASP F 1555 2.38 -80.50 -68.43
C ASP F 1555 3.55 -79.54 -68.28
N LEU F 1556 3.28 -78.35 -67.75
CA LEU F 1556 4.33 -77.36 -67.49
C LEU F 1556 3.93 -76.53 -66.28
N VAL F 1557 4.93 -76.13 -65.52
CA VAL F 1557 4.81 -75.24 -64.37
C VAL F 1557 5.73 -74.06 -64.60
N MET F 1558 5.19 -72.86 -64.45
CA MET F 1558 5.93 -71.62 -64.64
C MET F 1558 6.08 -70.96 -63.28
N VAL F 1559 7.34 -70.77 -62.88
CA VAL F 1559 7.72 -70.31 -61.55
C VAL F 1559 8.11 -68.83 -61.63
N LEU F 1560 7.44 -67.98 -60.85
CA LEU F 1560 7.61 -66.54 -60.89
C LEU F 1560 8.22 -66.05 -59.58
N LYS F 1561 9.11 -65.06 -59.69
CA LYS F 1561 9.78 -64.49 -58.54
C LYS F 1561 10.07 -63.03 -58.81
N ARG F 1562 9.52 -62.15 -57.95
CA ARG F 1562 9.76 -60.69 -57.96
C ARG F 1562 9.31 -60.05 -59.28
N GLY F 1563 8.22 -60.56 -59.83
CA GLY F 1563 7.65 -60.09 -61.07
C GLY F 1563 8.25 -60.66 -62.34
N ALA F 1564 9.17 -61.61 -62.26
CA ALA F 1564 9.73 -62.19 -63.47
C ALA F 1564 9.58 -63.69 -63.44
N ILE F 1565 9.40 -64.28 -64.62
CA ILE F 1565 9.53 -65.72 -64.78
C ILE F 1565 11.02 -66.03 -64.83
N LEU F 1566 11.54 -66.74 -63.83
CA LEU F 1566 12.94 -67.12 -63.93
C LEU F 1566 13.11 -68.52 -64.52
N GLU F 1567 12.16 -69.41 -64.27
CA GLU F 1567 12.25 -70.77 -64.77
C GLU F 1567 10.86 -71.32 -65.04
N PHE F 1568 10.77 -72.23 -66.00
CA PHE F 1568 9.53 -72.92 -66.32
C PHE F 1568 9.94 -74.28 -66.86
N ASP F 1569 9.28 -75.33 -66.35
CA ASP F 1569 9.45 -76.70 -66.79
C ASP F 1569 8.36 -77.59 -66.21
N LYS F 1570 8.57 -78.89 -66.26
CA LYS F 1570 7.68 -79.87 -65.66
C LYS F 1570 8.10 -80.16 -64.23
N PRO F 1571 7.17 -80.74 -63.43
CA PRO F 1571 7.37 -80.86 -61.98
C PRO F 1571 8.60 -81.66 -61.55
N GLU F 1572 8.84 -82.81 -62.17
CA GLU F 1572 9.99 -83.65 -61.82
C GLU F 1572 11.30 -82.90 -62.04
N THR F 1573 11.44 -82.26 -63.20
CA THR F 1573 12.62 -81.46 -63.51
C THR F 1573 12.78 -80.27 -62.57
N LEU F 1574 11.68 -79.56 -62.29
CA LEU F 1574 11.72 -78.44 -61.35
C LEU F 1574 12.11 -78.89 -59.94
N LEU F 1575 11.61 -80.04 -59.50
CA LEU F 1575 12.05 -80.63 -58.24
C LEU F 1575 13.53 -80.97 -58.27
N SER F 1576 14.01 -81.49 -59.42
CA SER F 1576 15.43 -81.81 -59.59
C SER F 1576 16.30 -80.56 -59.57
N GLN F 1577 15.77 -79.43 -60.04
CA GLN F 1577 16.47 -78.14 -60.00
C GLN F 1577 16.85 -77.75 -58.58
N LYS F 1578 15.99 -78.08 -57.61
CA LYS F 1578 16.16 -77.85 -56.17
C LYS F 1578 16.03 -76.37 -55.82
N ASP F 1579 15.27 -75.62 -56.61
CA ASP F 1579 15.15 -74.19 -56.37
C ASP F 1579 13.91 -73.86 -55.55
N SER F 1580 13.36 -72.66 -55.78
CA SER F 1580 12.23 -72.16 -55.01
C SER F 1580 10.95 -72.96 -55.22
N VAL F 1581 10.68 -73.40 -56.46
CA VAL F 1581 9.54 -74.26 -56.74
C VAL F 1581 9.70 -75.64 -56.10
N PHE F 1582 10.92 -76.18 -56.08
CA PHE F 1582 11.17 -77.43 -55.38
C PHE F 1582 10.95 -77.29 -53.88
N ALA F 1583 11.36 -76.16 -53.30
CA ALA F 1583 11.09 -75.89 -51.89
C ALA F 1583 9.60 -75.75 -51.64
N SER F 1584 8.86 -75.18 -52.59
CA SER F 1584 7.41 -75.11 -52.45
C SER F 1584 6.76 -76.46 -52.70
N PHE F 1585 7.33 -77.25 -53.61
CA PHE F 1585 6.87 -78.62 -53.82
C PHE F 1585 7.26 -79.50 -52.63
N ARG G 32 -17.08 -28.48 20.92
CA ARG G 32 -18.26 -27.58 20.77
C ARG G 32 -17.81 -26.12 20.76
N ALA G 33 -16.72 -25.85 21.48
CA ALA G 33 -16.14 -24.50 21.59
C ALA G 33 -15.47 -24.08 20.30
N ARG G 34 -15.85 -22.91 19.79
CA ARG G 34 -15.30 -22.40 18.55
C ARG G 34 -14.52 -21.09 18.72
N PHE G 35 -13.60 -20.85 17.78
CA PHE G 35 -12.74 -19.68 17.76
C PHE G 35 -13.18 -18.70 16.67
N VAL G 36 -13.43 -19.23 15.47
CA VAL G 36 -13.86 -18.44 14.33
C VAL G 36 -14.82 -19.25 13.46
N SER G 37 -15.79 -18.54 12.87
CA SER G 37 -16.80 -19.17 12.02
C SER G 37 -16.32 -19.68 10.67
N LYS G 38 -17.13 -20.54 10.07
CA LYS G 38 -16.79 -21.11 8.77
C LYS G 38 -16.87 -20.07 7.67
N LYS G 39 -17.32 -18.87 8.01
CA LYS G 39 -17.42 -17.77 7.05
C LYS G 39 -16.35 -16.73 7.38
N GLY G 40 -16.12 -16.50 8.67
CA GLY G 40 -15.10 -15.54 9.09
C GLY G 40 -15.45 -14.74 10.33
N ASN G 41 -14.88 -13.53 10.44
CA ASN G 41 -15.14 -12.61 11.55
C ASN G 41 -15.30 -13.16 12.97
N CYS G 42 -14.26 -13.84 13.43
CA CYS G 42 -14.21 -14.43 14.75
C CYS G 42 -14.45 -13.41 15.87
N ASN G 43 -15.50 -13.64 16.65
CA ASN G 43 -15.89 -12.78 17.76
C ASN G 43 -15.19 -13.17 19.08
N VAL G 44 -14.65 -12.17 19.76
CA VAL G 44 -13.93 -12.36 21.02
C VAL G 44 -14.47 -11.43 22.11
N ALA G 45 -14.49 -11.92 23.36
CA ALA G 45 -15.00 -11.11 24.47
C ALA G 45 -13.89 -10.41 25.24
N HIS G 46 -13.98 -9.09 25.36
CA HIS G 46 -12.99 -8.27 26.08
C HIS G 46 -13.43 -7.83 27.46
N LYS G 47 -12.55 -8.02 28.43
CA LYS G 47 -12.85 -7.63 29.80
C LYS G 47 -11.80 -6.63 30.28
N ASN G 48 -12.20 -5.80 31.23
CA ASN G 48 -11.32 -4.80 31.81
C ASN G 48 -10.80 -3.68 30.93
N ILE G 49 -11.70 -2.89 30.35
CA ILE G 49 -11.32 -1.76 29.50
C ILE G 49 -10.79 -0.57 30.30
N ARG G 50 -9.73 0.07 29.83
CA ARG G 50 -9.14 1.20 30.56
C ARG G 50 -9.84 2.54 30.32
N GLU G 51 -10.00 2.92 29.06
CA GLU G 51 -10.66 4.17 28.70
C GLU G 51 -11.46 3.95 27.43
N GLN G 52 -12.64 4.57 27.38
CA GLN G 52 -13.46 4.60 26.17
C GLN G 52 -13.28 5.96 25.43
N GLY G 53 -12.62 6.91 26.10
CA GLY G 53 -12.38 8.24 25.59
C GLY G 53 -11.53 8.24 24.35
N ARG G 54 -10.52 7.36 24.31
CA ARG G 54 -9.66 7.29 23.13
C ARG G 54 -10.48 6.85 21.92
N PHE G 55 -11.37 5.88 22.12
CA PHE G 55 -12.24 5.40 21.06
C PHE G 55 -13.15 6.53 20.61
N LEU G 56 -13.68 7.29 21.55
CA LEU G 56 -14.55 8.41 21.20
C LEU G 56 -13.80 9.46 20.38
N GLN G 57 -12.56 9.71 20.78
CA GLN G 57 -11.67 10.66 20.13
C GLN G 57 -11.36 10.24 18.70
N ASP G 58 -11.21 8.94 18.48
CA ASP G 58 -10.90 8.45 17.15
C ASP G 58 -12.17 8.34 16.32
N VAL G 59 -12.73 9.48 15.89
CA VAL G 59 -14.01 9.46 15.14
C VAL G 59 -14.15 8.83 13.74
N PHE G 60 -13.16 9.07 12.88
CA PHE G 60 -13.24 8.62 11.50
C PHE G 60 -13.36 7.12 11.27
N THR G 61 -12.60 6.32 11.99
CA THR G 61 -12.67 4.88 11.76
C THR G 61 -14.06 4.36 12.07
N THR G 62 -14.64 4.81 13.18
CA THR G 62 -15.97 4.36 13.58
C THR G 62 -16.99 4.80 12.53
N LEU G 63 -16.85 6.03 12.06
CA LEU G 63 -17.81 6.52 11.08
C LEU G 63 -17.75 5.66 9.82
N VAL G 64 -16.53 5.36 9.36
CA VAL G 64 -16.36 4.56 8.16
C VAL G 64 -16.95 3.17 8.34
N ASP G 65 -16.72 2.60 9.51
CA ASP G 65 -17.21 1.27 9.85
C ASP G 65 -18.73 1.14 9.86
N LEU G 66 -19.45 2.17 10.34
CA LEU G 66 -20.92 2.02 10.43
C LEU G 66 -21.73 1.81 9.13
N LYS G 67 -22.71 0.89 9.18
CA LYS G 67 -23.62 0.64 8.08
C LYS G 67 -24.23 1.87 7.42
N TRP G 68 -24.78 1.68 6.23
CA TRP G 68 -25.39 2.73 5.43
C TRP G 68 -26.62 3.44 5.99
N PRO G 69 -27.51 2.71 6.66
CA PRO G 69 -28.69 3.40 7.20
C PRO G 69 -28.38 4.46 8.24
N HIS G 70 -27.45 4.15 9.15
CA HIS G 70 -27.07 5.09 10.21
C HIS G 70 -26.21 6.20 9.65
N THR G 71 -25.37 5.86 8.68
CA THR G 71 -24.47 6.81 8.06
C THR G 71 -25.22 7.96 7.40
N LEU G 72 -26.35 7.66 6.80
CA LEU G 72 -27.16 8.66 6.10
C LEU G 72 -27.86 9.53 7.14
N LEU G 73 -28.18 8.90 8.26
CA LEU G 73 -28.86 9.53 9.38
C LEU G 73 -27.95 10.54 10.08
N ILE G 74 -26.66 10.25 10.12
CA ILE G 74 -25.70 11.13 10.77
C ILE G 74 -25.50 12.40 9.96
N PHE G 75 -25.43 12.24 8.65
CA PHE G 75 -25.22 13.39 7.77
C PHE G 75 -26.47 14.19 7.50
N THR G 76 -27.64 13.57 7.69
CA THR G 76 -28.89 14.27 7.44
C THR G 76 -29.29 15.10 8.66
N MET G 77 -29.12 14.53 9.84
CA MET G 77 -29.47 15.23 11.07
C MET G 77 -28.48 16.32 11.44
N SER G 78 -27.19 16.07 11.23
CA SER G 78 -26.15 17.04 11.55
C SER G 78 -26.30 18.27 10.66
N PHE G 79 -26.84 18.07 9.47
CA PHE G 79 -27.04 19.19 8.55
C PHE G 79 -28.23 19.99 9.02
N LEU G 80 -29.30 19.28 9.34
CA LEU G 80 -30.52 19.90 9.82
C LEU G 80 -30.28 20.57 11.16
N CYS G 81 -29.48 19.92 11.98
CA CYS G 81 -29.16 20.46 13.30
C CYS G 81 -28.41 21.78 13.15
N SER G 82 -27.68 21.92 12.05
CA SER G 82 -26.93 23.14 11.79
C SER G 82 -27.87 24.18 11.20
N TRP G 83 -28.71 23.75 10.27
CA TRP G 83 -29.64 24.65 9.61
C TRP G 83 -30.58 25.38 10.57
N LEU G 84 -30.83 24.78 11.73
CA LEU G 84 -31.73 25.38 12.70
C LEU G 84 -31.03 26.40 13.58
N LEU G 85 -29.73 26.22 13.71
CA LEU G 85 -28.92 27.10 14.52
C LEU G 85 -28.69 28.41 13.77
N PHE G 86 -28.51 28.30 12.45
CA PHE G 86 -28.28 29.47 11.60
C PHE G 86 -29.59 30.20 11.33
N ALA G 87 -30.70 29.58 11.71
CA ALA G 87 -32.01 30.17 11.48
C ALA G 87 -32.52 30.90 12.71
N MET G 88 -32.14 30.42 13.89
CA MET G 88 -32.56 31.04 15.13
C MET G 88 -31.89 32.40 15.34
N VAL G 89 -30.59 32.46 15.04
CA VAL G 89 -29.82 33.68 15.21
C VAL G 89 -30.16 34.68 14.12
N TRP G 90 -30.89 34.23 13.10
CA TRP G 90 -31.25 35.12 12.02
C TRP G 90 -32.64 35.67 12.29
N TRP G 91 -33.39 34.95 13.11
CA TRP G 91 -34.73 35.35 13.49
C TRP G 91 -34.55 36.30 14.67
N LEU G 92 -33.32 36.29 15.19
CA LEU G 92 -32.96 37.10 16.33
C LEU G 92 -32.42 38.47 15.94
N ILE G 93 -31.77 38.54 14.79
CA ILE G 93 -31.22 39.81 14.31
C ILE G 93 -32.33 40.70 13.76
N ALA G 94 -33.46 40.08 13.46
CA ALA G 94 -34.62 40.80 12.93
C ALA G 94 -35.49 41.19 14.12
N PHE G 95 -35.33 40.43 15.21
CA PHE G 95 -36.09 40.67 16.43
C PHE G 95 -35.36 41.70 17.28
N ALA G 96 -34.05 41.78 17.06
CA ALA G 96 -33.19 42.71 17.79
C ALA G 96 -33.27 44.09 17.14
N HIS G 97 -33.55 44.11 15.85
CA HIS G 97 -33.68 45.36 15.10
C HIS G 97 -35.15 45.73 15.24
N GLY G 98 -36.00 44.70 15.15
CA GLY G 98 -37.43 44.88 15.29
C GLY G 98 -38.21 45.40 14.10
N ASP G 99 -37.53 45.60 12.98
CA ASP G 99 -38.16 46.13 11.78
C ASP G 99 -39.23 45.28 11.08
N LEU G 100 -39.36 44.02 11.46
CA LEU G 100 -40.31 43.13 10.79
C LEU G 100 -41.83 43.30 11.02
N ALA G 101 -42.26 43.69 12.21
CA ALA G 101 -43.69 43.85 12.46
C ALA G 101 -44.32 45.26 12.28
N PRO G 102 -43.59 46.34 12.62
CA PRO G 102 -44.16 47.69 12.46
C PRO G 102 -44.36 48.17 11.02
N GLY G 103 -43.57 47.63 10.10
CA GLY G 103 -43.70 48.01 8.71
C GLY G 103 -43.47 49.46 8.36
N GLU G 104 -42.48 50.07 8.99
CA GLU G 104 -42.12 51.47 8.74
C GLU G 104 -41.41 51.60 7.39
N GLY G 105 -41.86 52.54 6.58
CA GLY G 105 -41.26 52.75 5.28
C GLY G 105 -39.90 53.40 5.22
N THR G 106 -39.53 54.18 6.23
CA THR G 106 -38.23 54.86 6.24
C THR G 106 -37.15 53.95 6.82
N ASN G 107 -37.56 53.10 7.76
CA ASN G 107 -36.66 52.15 8.42
C ASN G 107 -36.43 50.93 7.54
N VAL G 108 -35.25 50.86 6.93
CA VAL G 108 -34.89 49.75 6.06
C VAL G 108 -34.33 48.55 6.84
N PRO G 109 -34.89 47.36 6.59
CA PRO G 109 -34.51 46.09 7.21
C PRO G 109 -33.15 45.56 6.78
N CYS G 110 -32.45 44.85 7.67
CA CYS G 110 -31.14 44.32 7.34
C CYS G 110 -31.27 43.19 6.32
N VAL G 111 -32.47 42.62 6.23
CA VAL G 111 -32.78 41.55 5.29
C VAL G 111 -34.24 41.71 4.89
N THR G 112 -34.51 41.77 3.60
CA THR G 112 -35.86 41.97 3.12
C THR G 112 -36.73 40.71 3.07
N SER G 113 -38.03 40.95 3.03
CA SER G 113 -39.05 39.90 2.98
C SER G 113 -39.09 38.95 4.17
N ILE G 114 -38.69 39.43 5.35
CA ILE G 114 -38.74 38.58 6.54
C ILE G 114 -40.03 38.92 7.27
N HIS G 115 -41.05 38.12 6.99
CA HIS G 115 -42.37 38.33 7.55
C HIS G 115 -42.69 37.32 8.65
N SER G 116 -42.25 36.09 8.45
CA SER G 116 -42.52 35.04 9.43
C SER G 116 -41.27 34.48 10.07
N PHE G 117 -41.48 33.64 11.07
CA PHE G 117 -40.37 32.96 11.74
C PHE G 117 -39.71 31.96 10.80
N SER G 118 -40.54 31.28 10.01
CA SER G 118 -40.09 30.27 9.05
C SER G 118 -39.19 30.84 7.96
N SER G 119 -39.47 32.08 7.56
CA SER G 119 -38.72 32.74 6.49
C SER G 119 -37.24 32.85 6.82
N ALA G 120 -36.90 33.13 8.07
CA ALA G 120 -35.50 33.22 8.46
C ALA G 120 -34.82 31.87 8.25
N PHE G 121 -35.49 30.78 8.62
CA PHE G 121 -34.95 29.44 8.44
C PHE G 121 -34.73 29.14 6.96
N LEU G 122 -35.70 29.57 6.14
CA LEU G 122 -35.60 29.37 4.69
C LEU G 122 -34.37 30.11 4.15
N PHE G 123 -34.16 31.33 4.64
CA PHE G 123 -33.02 32.14 4.24
C PHE G 123 -31.72 31.46 4.64
N SER G 124 -31.71 30.88 5.84
CA SER G 124 -30.55 30.18 6.36
C SER G 124 -30.21 28.99 5.47
N ILE G 125 -31.22 28.27 5.00
CA ILE G 125 -30.95 27.14 4.11
C ILE G 125 -30.29 27.69 2.85
N GLU G 126 -30.83 28.80 2.35
CA GLU G 126 -30.32 29.39 1.13
C GLU G 126 -28.82 29.65 1.16
N VAL G 127 -28.35 30.33 2.19
CA VAL G 127 -26.93 30.64 2.30
C VAL G 127 -26.04 29.41 2.41
N GLN G 128 -26.47 28.42 3.19
CA GLN G 128 -25.68 27.20 3.38
C GLN G 128 -25.49 26.38 2.10
N VAL G 129 -26.56 26.24 1.32
CA VAL G 129 -26.50 25.48 0.08
C VAL G 129 -26.23 26.34 -1.15
N THR G 130 -26.12 27.65 -0.93
CA THR G 130 -25.88 28.65 -2.00
C THR G 130 -26.95 28.64 -3.08
N ILE G 131 -28.20 28.42 -2.68
CA ILE G 131 -29.33 28.39 -3.61
C ILE G 131 -29.53 29.75 -4.26
N GLY G 132 -29.41 30.80 -3.46
CA GLY G 132 -29.58 32.17 -3.94
C GLY G 132 -30.91 32.44 -4.61
N PHE G 133 -32.01 32.23 -3.89
CA PHE G 133 -33.34 32.49 -4.45
C PHE G 133 -33.58 33.92 -4.93
N GLY G 134 -33.14 34.91 -4.15
CA GLY G 134 -33.31 36.29 -4.54
C GLY G 134 -34.42 37.07 -3.85
N GLY G 135 -35.33 36.37 -3.17
CA GLY G 135 -36.42 37.05 -2.50
C GLY G 135 -36.01 37.80 -1.26
N ARG G 136 -35.12 37.19 -0.48
CA ARG G 136 -34.63 37.77 0.77
C ARG G 136 -33.29 38.44 0.52
N MET G 137 -33.28 39.76 0.50
CA MET G 137 -32.04 40.51 0.25
C MET G 137 -31.42 41.12 1.50
N VAL G 138 -30.08 41.13 1.53
CA VAL G 138 -29.31 41.67 2.64
C VAL G 138 -28.77 43.06 2.34
N THR G 139 -28.86 43.96 3.32
CA THR G 139 -28.42 45.33 3.17
C THR G 139 -27.17 45.71 3.97
N GLU G 140 -26.91 47.02 4.03
CA GLU G 140 -25.76 47.59 4.73
C GLU G 140 -26.17 48.33 6.00
N GLU G 141 -27.30 47.94 6.60
CA GLU G 141 -27.78 48.63 7.80
C GLU G 141 -27.22 48.11 9.13
N CYS G 142 -27.07 46.78 9.24
CA CYS G 142 -26.58 46.19 10.47
C CYS G 142 -25.25 45.44 10.31
N PRO G 143 -24.14 46.05 10.77
CA PRO G 143 -22.77 45.51 10.70
C PRO G 143 -22.53 44.26 11.57
N LEU G 144 -23.60 43.74 12.14
CA LEU G 144 -23.51 42.57 13.01
C LEU G 144 -23.86 41.29 12.27
N ALA G 145 -24.96 41.35 11.52
CA ALA G 145 -25.46 40.23 10.73
C ALA G 145 -24.57 39.85 9.55
N ILE G 146 -23.85 40.82 9.02
CA ILE G 146 -22.97 40.59 7.88
C ILE G 146 -21.73 39.81 8.28
N LEU G 147 -21.28 40.01 9.51
CA LEU G 147 -20.10 39.27 9.97
C LEU G 147 -20.60 37.89 10.40
N ILE G 148 -21.88 37.80 10.76
CA ILE G 148 -22.47 36.54 11.17
C ILE G 148 -22.72 35.67 9.96
N LEU G 149 -23.03 36.32 8.86
CA LEU G 149 -23.32 35.65 7.61
C LEU G 149 -22.06 34.96 7.11
N ILE G 150 -20.91 35.52 7.44
CA ILE G 150 -19.63 34.97 7.04
C ILE G 150 -19.31 33.73 7.86
N VAL G 151 -19.72 33.74 9.12
CA VAL G 151 -19.48 32.62 10.01
C VAL G 151 -20.42 31.48 9.66
N GLN G 152 -21.57 31.83 9.10
CA GLN G 152 -22.55 30.83 8.71
C GLN G 152 -22.09 30.11 7.47
N ASN G 153 -21.49 30.86 6.56
CA ASN G 153 -21.04 30.31 5.29
C ASN G 153 -19.77 29.48 5.33
N ILE G 154 -18.84 29.86 6.20
CA ILE G 154 -17.58 29.14 6.31
C ILE G 154 -17.69 27.81 7.05
N VAL G 155 -18.60 27.74 8.02
CA VAL G 155 -18.79 26.52 8.77
C VAL G 155 -19.70 25.57 7.99
N GLY G 156 -20.59 26.13 7.21
CA GLY G 156 -21.52 25.33 6.43
C GLY G 156 -20.89 24.84 5.14
N LEU G 157 -19.73 25.42 4.82
CA LEU G 157 -18.99 25.07 3.63
C LEU G 157 -17.98 24.01 4.07
N MET G 158 -17.65 24.05 5.37
CA MET G 158 -16.69 23.12 5.95
C MET G 158 -17.26 21.73 6.25
N ILE G 159 -18.52 21.66 6.68
CA ILE G 159 -19.15 20.38 6.99
C ILE G 159 -19.60 19.70 5.71
N ASN G 160 -19.74 20.51 4.66
CA ASN G 160 -20.17 19.96 3.38
C ASN G 160 -18.97 19.30 2.73
N ALA G 161 -17.78 19.82 3.07
CA ALA G 161 -16.53 19.30 2.54
C ALA G 161 -16.09 18.07 3.34
N ILE G 162 -16.29 18.13 4.65
CA ILE G 162 -15.92 17.04 5.55
C ILE G 162 -16.75 15.79 5.27
N MET G 163 -17.95 16.02 4.75
CA MET G 163 -18.85 14.91 4.45
C MET G 163 -18.40 14.18 3.18
N LEU G 164 -17.78 14.93 2.27
CA LEU G 164 -17.30 14.39 1.00
C LEU G 164 -16.20 13.37 1.21
N GLY G 165 -15.34 13.63 2.19
CA GLY G 165 -14.24 12.73 2.47
C GLY G 165 -14.65 11.51 3.28
N CYS G 166 -15.75 11.62 4.01
CA CYS G 166 -16.21 10.50 4.83
C CYS G 166 -16.97 9.48 4.02
N ILE G 167 -17.71 9.95 3.02
CA ILE G 167 -18.52 9.07 2.18
C ILE G 167 -17.63 8.35 1.17
N PHE G 168 -16.54 8.99 0.79
CA PHE G 168 -15.59 8.42 -0.15
C PHE G 168 -14.91 7.23 0.49
N MET G 169 -14.54 7.37 1.75
CA MET G 169 -13.85 6.32 2.49
C MET G 169 -14.66 5.03 2.58
N LYS G 170 -15.98 5.16 2.49
CA LYS G 170 -16.86 4.01 2.55
C LYS G 170 -17.06 3.45 1.15
N THR G 171 -16.74 4.26 0.15
CA THR G 171 -16.89 3.85 -1.24
C THR G 171 -15.68 3.01 -1.61
N ALA G 172 -14.68 2.98 -0.74
CA ALA G 172 -13.46 2.23 -0.98
C ALA G 172 -13.25 1.02 -0.07
N GLN G 173 -14.28 0.61 0.66
CA GLN G 173 -14.09 -0.54 1.54
C GLN G 173 -14.08 -1.83 0.73
N ALA G 174 -13.01 -2.60 0.93
CA ALA G 174 -12.82 -3.86 0.21
C ALA G 174 -13.13 -5.14 0.99
N HIS G 175 -14.06 -5.15 1.94
CA HIS G 175 -14.47 -6.47 2.51
C HIS G 175 -15.24 -7.34 1.46
N ARG G 176 -16.07 -6.65 0.68
CA ARG G 176 -16.94 -7.25 -0.32
C ARG G 176 -16.15 -8.01 -1.38
N ARG G 177 -15.01 -7.46 -1.78
CA ARG G 177 -14.14 -8.12 -2.75
C ARG G 177 -13.63 -9.45 -2.17
N ALA G 178 -13.30 -9.43 -0.88
CA ALA G 178 -12.84 -10.63 -0.17
C ALA G 178 -13.90 -11.74 -0.15
N GLU G 179 -15.19 -11.40 -0.11
CA GLU G 179 -16.19 -12.53 -0.09
C GLU G 179 -16.12 -13.56 -1.27
N THR G 180 -16.04 -13.08 -2.51
CA THR G 180 -15.83 -13.81 -3.75
C THR G 180 -14.71 -14.86 -3.61
N LEU G 181 -13.99 -14.79 -2.50
CA LEU G 181 -12.91 -15.74 -2.22
C LEU G 181 -13.51 -16.90 -1.44
N ILE G 182 -13.73 -18.02 -2.13
CA ILE G 182 -14.34 -19.19 -1.52
C ILE G 182 -13.42 -20.32 -1.09
N PHE G 183 -13.72 -20.90 0.07
CA PHE G 183 -12.96 -22.01 0.63
C PHE G 183 -13.86 -23.23 0.63
N SER G 184 -13.26 -24.41 0.59
CA SER G 184 -13.98 -25.68 0.56
C SER G 184 -14.73 -26.02 1.84
N LYS G 185 -15.57 -27.05 1.75
CA LYS G 185 -16.39 -27.53 2.85
C LYS G 185 -15.56 -28.27 3.89
N HIS G 186 -14.75 -29.22 3.42
CA HIS G 186 -13.89 -30.03 4.28
C HIS G 186 -12.47 -30.06 3.73
N ALA G 187 -11.55 -30.63 4.52
CA ALA G 187 -10.16 -30.75 4.12
C ALA G 187 -9.75 -32.22 3.95
N VAL G 188 -8.59 -32.46 3.35
CA VAL G 188 -8.11 -33.83 3.11
C VAL G 188 -6.64 -34.04 3.48
N ILE G 189 -6.30 -35.26 3.85
CA ILE G 189 -4.92 -35.62 4.21
C ILE G 189 -4.50 -36.95 3.57
N THR G 190 -3.72 -36.88 2.49
CA THR G 190 -3.27 -38.08 1.78
C THR G 190 -1.79 -37.94 1.40
N PRO G 191 -1.07 -39.06 1.33
CA PRO G 191 0.35 -39.03 0.99
C PRO G 191 0.68 -38.85 -0.49
N ARG G 192 1.49 -37.85 -0.78
CA ARG G 192 1.92 -37.54 -2.14
C ARG G 192 3.42 -37.76 -2.28
N HIS G 193 3.82 -38.49 -3.31
CA HIS G 193 5.25 -38.78 -3.54
C HIS G 193 5.91 -39.56 -2.40
N GLY G 194 5.09 -40.16 -1.56
CA GLY G 194 5.65 -40.93 -0.46
C GLY G 194 5.64 -40.19 0.86
N ARG G 195 5.07 -38.99 0.86
CA ARG G 195 5.01 -38.22 2.09
C ARG G 195 3.57 -37.74 2.34
N LEU G 196 3.15 -37.84 3.59
CA LEU G 196 1.80 -37.45 4.02
C LEU G 196 1.62 -35.92 3.94
N CYS G 197 0.52 -35.48 3.33
CA CYS G 197 0.29 -34.05 3.18
C CYS G 197 -1.15 -33.67 3.48
N PHE G 198 -1.35 -32.41 3.90
CA PHE G 198 -2.68 -31.91 4.22
C PHE G 198 -3.08 -30.97 3.09
N MET G 199 -4.27 -31.20 2.52
CA MET G 199 -4.72 -30.41 1.38
C MET G 199 -5.94 -29.52 1.58
N LEU G 200 -5.80 -28.26 1.15
CA LEU G 200 -6.86 -27.27 1.21
C LEU G 200 -6.96 -26.59 -0.14
N ARG G 201 -8.19 -26.36 -0.61
CA ARG G 201 -8.41 -25.74 -1.92
C ARG G 201 -9.19 -24.44 -1.83
N VAL G 202 -8.74 -23.45 -2.61
CA VAL G 202 -9.36 -22.13 -2.64
C VAL G 202 -9.68 -21.67 -4.07
N GLY G 203 -10.77 -20.93 -4.22
CA GLY G 203 -11.14 -20.44 -5.54
C GLY G 203 -11.66 -19.01 -5.61
N ASP G 204 -11.76 -18.49 -6.83
CA ASP G 204 -12.22 -17.12 -7.06
C ASP G 204 -13.39 -17.09 -8.04
N LEU G 205 -14.42 -16.32 -7.69
CA LEU G 205 -15.62 -16.20 -8.51
C LEU G 205 -15.65 -14.97 -9.41
N ARG G 206 -14.58 -14.18 -9.41
CA ARG G 206 -14.54 -12.97 -10.22
C ARG G 206 -13.61 -13.04 -11.43
N LYS G 207 -13.75 -12.06 -12.31
CA LYS G 207 -12.90 -11.97 -13.50
C LYS G 207 -11.75 -11.07 -13.08
N SER G 208 -11.93 -10.39 -11.95
CA SER G 208 -10.92 -9.49 -11.41
C SER G 208 -10.03 -10.28 -10.47
N MET G 209 -8.75 -9.91 -10.40
CA MET G 209 -7.80 -10.62 -9.56
C MET G 209 -7.26 -9.91 -8.31
N ILE G 210 -6.39 -10.64 -7.61
CA ILE G 210 -5.73 -10.18 -6.40
C ILE G 210 -4.23 -10.26 -6.58
N ILE G 211 -3.57 -9.14 -6.28
CA ILE G 211 -2.13 -9.07 -6.43
C ILE G 211 -1.35 -9.30 -5.15
N SER G 212 -0.22 -9.98 -5.30
CA SER G 212 0.68 -10.24 -4.18
C SER G 212 -0.10 -10.67 -2.94
N ALA G 213 -0.96 -11.67 -3.09
CA ALA G 213 -1.76 -12.16 -1.97
C ALA G 213 -1.12 -13.34 -1.26
N THR G 214 -0.51 -13.06 -0.10
CA THR G 214 0.16 -14.08 0.71
C THR G 214 -0.79 -14.81 1.64
N ILE G 215 -0.60 -16.12 1.75
CA ILE G 215 -1.42 -16.95 2.60
C ILE G 215 -0.64 -17.51 3.79
N HIS G 216 -1.21 -17.39 4.98
CA HIS G 216 -0.58 -17.86 6.21
C HIS G 216 -1.52 -18.80 6.96
N MET G 217 -1.08 -20.03 7.22
CA MET G 217 -1.90 -20.98 7.95
C MET G 217 -1.32 -21.25 9.33
N GLN G 218 -2.18 -21.17 10.34
CA GLN G 218 -1.75 -21.40 11.71
C GLN G 218 -2.55 -22.48 12.42
N VAL G 219 -1.86 -23.24 13.26
CA VAL G 219 -2.50 -24.30 14.04
C VAL G 219 -2.72 -23.80 15.46
N VAL G 220 -3.98 -23.58 15.82
CA VAL G 220 -4.31 -23.09 17.14
C VAL G 220 -4.76 -24.19 18.10
N ARG G 221 -3.84 -24.68 18.91
CA ARG G 221 -4.13 -25.73 19.88
C ARG G 221 -3.58 -25.30 21.23
N LYS G 222 -4.11 -25.90 22.30
CA LYS G 222 -3.67 -25.56 23.65
C LYS G 222 -2.54 -26.48 24.10
N THR G 223 -1.32 -25.95 24.05
CA THR G 223 -0.12 -26.71 24.41
C THR G 223 0.40 -26.48 25.82
N THR G 224 1.02 -27.53 26.36
CA THR G 224 1.59 -27.49 27.70
C THR G 224 3.10 -27.73 27.64
N SER G 225 3.86 -26.84 28.26
CA SER G 225 5.30 -26.96 28.27
C SER G 225 5.80 -27.88 29.39
N PRO G 226 7.02 -28.41 29.22
CA PRO G 226 7.66 -29.32 30.17
C PRO G 226 7.86 -28.72 31.56
N GLU G 227 7.69 -27.41 31.68
CA GLU G 227 7.86 -26.78 32.99
C GLU G 227 6.55 -26.67 33.77
N GLY G 228 5.43 -26.89 33.08
CA GLY G 228 4.14 -26.83 33.76
C GLY G 228 3.29 -25.63 33.43
N GLU G 229 3.56 -24.97 32.30
CA GLU G 229 2.77 -23.81 31.91
C GLU G 229 1.76 -24.15 30.82
N VAL G 230 0.50 -23.79 31.06
CA VAL G 230 -0.57 -24.04 30.11
C VAL G 230 -1.03 -22.79 29.39
N VAL G 231 -0.64 -22.67 28.12
CA VAL G 231 -1.06 -21.55 27.30
C VAL G 231 -2.35 -22.04 26.64
N PRO G 232 -3.45 -21.30 26.81
CA PRO G 232 -4.78 -21.60 26.29
C PRO G 232 -4.91 -21.78 24.78
N LEU G 233 -4.21 -20.95 24.01
CA LEU G 233 -4.24 -21.04 22.55
C LEU G 233 -2.91 -20.64 21.98
N HIS G 234 -2.11 -21.63 21.65
CA HIS G 234 -0.79 -21.39 21.09
C HIS G 234 -0.85 -21.46 19.57
N GLN G 235 -0.26 -20.45 18.92
CA GLN G 235 -0.28 -20.40 17.48
C GLN G 235 1.07 -20.71 16.85
N VAL G 236 1.12 -21.87 16.21
CA VAL G 236 2.32 -22.34 15.54
C VAL G 236 2.06 -22.45 14.04
N ASP G 237 2.97 -21.87 13.28
CA ASP G 237 2.88 -21.82 11.82
C ASP G 237 3.37 -23.07 11.09
N ILE G 238 2.67 -23.42 10.01
CA ILE G 238 3.03 -24.59 9.19
C ILE G 238 3.46 -24.12 7.79
N PRO G 239 4.50 -24.76 7.24
CA PRO G 239 5.08 -24.49 5.93
C PRO G 239 4.14 -24.65 4.73
N MET G 240 4.32 -23.78 3.76
CA MET G 240 3.53 -23.77 2.53
C MET G 240 4.10 -24.76 1.52
N GLU G 241 5.24 -25.36 1.85
CA GLU G 241 5.88 -26.34 1.01
C GLU G 241 6.29 -25.87 -0.39
N ASN G 242 6.34 -24.57 -0.61
CA ASN G 242 6.82 -24.10 -1.90
C ASN G 242 8.32 -24.38 -1.91
N GLY G 243 8.84 -24.89 -3.02
CA GLY G 243 10.26 -25.21 -3.07
C GLY G 243 11.18 -24.02 -2.88
N VAL G 244 10.81 -22.92 -3.52
CA VAL G 244 11.58 -21.68 -3.45
C VAL G 244 11.63 -21.05 -2.06
N GLY G 245 10.50 -21.11 -1.34
CA GLY G 245 10.37 -20.48 -0.04
C GLY G 245 9.14 -19.59 -0.11
N GLY G 246 8.08 -20.14 -0.70
CA GLY G 246 6.84 -19.43 -0.96
C GLY G 246 5.95 -18.77 0.06
N ASN G 247 5.46 -17.63 -0.40
CA ASN G 247 4.54 -16.70 0.25
C ASN G 247 3.19 -16.67 -0.44
N SER G 248 3.19 -16.65 -1.76
CA SER G 248 1.93 -16.60 -2.50
C SER G 248 1.97 -17.24 -3.89
N ILE G 249 0.78 -17.46 -4.43
CA ILE G 249 0.61 -18.06 -5.74
C ILE G 249 -0.53 -17.42 -6.53
N PHE G 250 -0.26 -17.25 -7.82
CA PHE G 250 -1.15 -16.66 -8.81
C PHE G 250 -2.46 -17.47 -8.86
N LEU G 251 -3.56 -16.86 -8.37
CA LEU G 251 -4.85 -17.54 -8.30
C LEU G 251 -5.97 -17.13 -9.25
N VAL G 252 -6.15 -17.91 -10.31
CA VAL G 252 -7.21 -17.69 -11.29
C VAL G 252 -8.22 -18.83 -11.20
N ALA G 253 -7.68 -20.04 -11.06
CA ALA G 253 -8.48 -21.25 -10.93
C ALA G 253 -8.18 -21.84 -9.57
N PRO G 254 -9.07 -22.71 -9.08
CA PRO G 254 -8.94 -23.37 -7.78
C PRO G 254 -7.67 -24.21 -7.64
N LEU G 255 -6.84 -23.82 -6.69
CA LEU G 255 -5.58 -24.51 -6.43
C LEU G 255 -5.54 -25.10 -5.02
N ILE G 256 -4.80 -26.20 -4.89
CA ILE G 256 -4.65 -26.92 -3.63
C ILE G 256 -3.36 -26.55 -2.92
N ILE G 257 -3.44 -26.33 -1.62
CA ILE G 257 -2.26 -26.04 -0.80
C ILE G 257 -1.90 -27.33 -0.06
N TYR G 258 -0.62 -27.68 -0.02
CA TYR G 258 -0.20 -28.93 0.63
C TYR G 258 0.72 -28.78 1.86
N HIS G 259 0.39 -29.51 2.93
CA HIS G 259 1.17 -29.46 4.17
C HIS G 259 1.89 -30.78 4.50
N VAL G 260 3.16 -30.83 4.11
CA VAL G 260 4.07 -31.96 4.30
C VAL G 260 4.33 -32.18 5.80
N ILE G 261 3.98 -33.35 6.30
CA ILE G 261 4.15 -33.65 7.71
C ILE G 261 5.55 -34.16 8.05
N ASP G 262 6.41 -33.27 8.53
CA ASP G 262 7.76 -33.65 8.90
C ASP G 262 7.92 -33.67 10.41
N SER G 263 9.17 -33.77 10.85
CA SER G 263 9.49 -33.83 12.26
C SER G 263 9.13 -32.54 13.02
N ASN G 264 8.88 -31.46 12.30
CA ASN G 264 8.52 -30.21 12.97
C ASN G 264 7.03 -29.99 12.99
N SER G 265 6.29 -30.79 12.22
CA SER G 265 4.84 -30.66 12.18
C SER G 265 4.18 -31.31 13.38
N PRO G 266 3.25 -30.60 14.02
CA PRO G 266 2.52 -31.09 15.19
C PRO G 266 1.60 -32.29 14.89
N LEU G 267 1.30 -32.50 13.61
CA LEU G 267 0.43 -33.59 13.17
C LEU G 267 1.21 -34.86 12.86
N TYR G 268 2.44 -34.90 13.34
CA TYR G 268 3.35 -36.00 13.12
C TYR G 268 3.02 -37.18 14.03
N ASP G 269 2.42 -36.88 15.17
CA ASP G 269 2.07 -37.90 16.14
C ASP G 269 0.56 -38.16 16.18
N LEU G 270 -0.08 -38.02 15.02
CA LEU G 270 -1.52 -38.22 14.90
C LEU G 270 -1.96 -39.39 14.03
N ALA G 271 -2.93 -40.16 14.53
CA ALA G 271 -3.48 -41.29 13.79
C ALA G 271 -4.76 -40.85 13.08
N PRO G 272 -5.12 -41.53 11.99
CA PRO G 272 -6.32 -41.23 11.19
C PRO G 272 -7.72 -41.27 11.83
N SER G 273 -8.07 -42.36 12.50
CA SER G 273 -9.38 -42.45 13.12
C SER G 273 -9.39 -41.96 14.56
N ASP G 274 -8.21 -41.86 15.16
CA ASP G 274 -8.08 -41.40 16.55
C ASP G 274 -7.96 -39.89 16.69
N LEU G 275 -7.45 -39.22 15.68
CA LEU G 275 -7.26 -37.78 15.76
C LEU G 275 -8.51 -36.95 15.50
N HIS G 276 -9.48 -37.47 14.76
CA HIS G 276 -10.68 -36.69 14.46
C HIS G 276 -11.67 -36.47 15.59
N HIS G 277 -11.69 -37.36 16.56
CA HIS G 277 -12.62 -37.23 17.66
C HIS G 277 -11.94 -36.92 19.01
N HIS G 278 -10.81 -37.57 19.25
CA HIS G 278 -10.07 -37.37 20.49
C HIS G 278 -9.62 -35.93 20.68
N GLN G 279 -9.10 -35.33 19.61
CA GLN G 279 -8.62 -33.96 19.66
C GLN G 279 -9.71 -32.97 19.32
N ASP G 280 -9.70 -31.85 20.05
CA ASP G 280 -10.66 -30.78 19.82
C ASP G 280 -9.88 -29.52 19.55
N LEU G 281 -9.22 -29.48 18.39
CA LEU G 281 -8.42 -28.33 18.01
C LEU G 281 -8.92 -27.75 16.69
N GLU G 282 -8.26 -26.68 16.25
CA GLU G 282 -8.64 -25.98 15.03
C GLU G 282 -7.44 -25.40 14.30
N ILE G 283 -7.56 -25.34 12.98
CA ILE G 283 -6.51 -24.80 12.11
C ILE G 283 -7.11 -23.68 11.27
N ILE G 284 -6.55 -22.48 11.41
CA ILE G 284 -7.03 -21.31 10.69
C ILE G 284 -6.33 -20.97 9.39
N VAL G 285 -7.14 -20.55 8.42
CA VAL G 285 -6.66 -20.16 7.10
C VAL G 285 -6.64 -18.64 6.98
N ILE G 286 -5.48 -18.06 6.68
CA ILE G 286 -5.35 -16.62 6.54
C ILE G 286 -4.94 -16.18 5.14
N LEU G 287 -5.94 -15.82 4.33
CA LEU G 287 -5.72 -15.40 2.96
C LEU G 287 -5.72 -13.88 2.86
N GLU G 288 -4.57 -13.31 2.48
CA GLU G 288 -4.44 -11.86 2.36
C GLU G 288 -4.25 -11.46 0.90
N GLY G 289 -4.18 -10.17 0.65
CA GLY G 289 -4.00 -9.70 -0.72
C GLY G 289 -4.62 -8.35 -1.03
N VAL G 290 -4.28 -7.81 -2.21
CA VAL G 290 -4.79 -6.52 -2.65
C VAL G 290 -5.63 -6.62 -3.92
N VAL G 291 -6.50 -5.63 -4.09
CA VAL G 291 -7.40 -5.55 -5.23
C VAL G 291 -6.74 -4.85 -6.41
N GLU G 292 -6.98 -5.36 -7.61
CA GLU G 292 -6.41 -4.76 -8.80
C GLU G 292 -7.11 -3.46 -9.16
N THR G 293 -8.22 -3.16 -8.47
CA THR G 293 -8.93 -1.92 -8.76
C THR G 293 -8.62 -0.88 -7.71
N THR G 294 -8.58 -1.31 -6.44
CA THR G 294 -8.28 -0.40 -5.34
C THR G 294 -7.06 -0.83 -4.54
N GLY G 295 -6.31 0.16 -4.06
CA GLY G 295 -5.10 -0.11 -3.30
C GLY G 295 -5.26 -0.87 -2.00
N ILE G 296 -6.48 -0.93 -1.48
CA ILE G 296 -6.75 -1.60 -0.21
C ILE G 296 -6.53 -3.11 -0.22
N THR G 297 -5.92 -3.61 0.86
CA THR G 297 -5.63 -5.04 1.02
C THR G 297 -6.62 -5.66 2.00
N THR G 298 -7.26 -6.74 1.56
CA THR G 298 -8.26 -7.43 2.37
C THR G 298 -7.82 -8.81 2.86
N GLN G 299 -8.59 -9.34 3.81
CA GLN G 299 -8.29 -10.65 4.41
C GLN G 299 -9.53 -11.53 4.54
N ALA G 300 -9.40 -12.80 4.15
CA ALA G 300 -10.50 -13.78 4.23
C ALA G 300 -10.06 -14.95 5.10
N ARG G 301 -10.83 -15.20 6.15
CA ARG G 301 -10.50 -16.25 7.10
C ARG G 301 -11.58 -17.29 7.40
N THR G 302 -11.11 -18.50 7.66
CA THR G 302 -11.96 -19.64 7.97
C THR G 302 -11.19 -20.60 8.89
N SER G 303 -11.89 -21.57 9.45
CA SER G 303 -11.26 -22.54 10.34
C SER G 303 -11.86 -23.92 10.13
N TYR G 304 -11.02 -24.95 10.21
CA TYR G 304 -11.45 -26.32 10.03
C TYR G 304 -11.23 -27.16 11.29
N LEU G 305 -12.32 -27.66 11.86
CA LEU G 305 -12.24 -28.48 13.06
C LEU G 305 -11.78 -29.90 12.83
N ALA G 306 -11.68 -30.63 13.93
CA ALA G 306 -11.26 -32.02 13.95
C ALA G 306 -12.22 -32.91 13.16
N ASP G 307 -13.49 -32.53 13.15
CA ASP G 307 -14.49 -33.29 12.42
C ASP G 307 -14.64 -32.75 11.01
N GLU G 308 -14.09 -31.57 10.77
CA GLU G 308 -14.17 -30.96 9.45
C GLU G 308 -13.08 -31.45 8.52
N ILE G 309 -12.17 -32.24 9.04
CA ILE G 309 -11.07 -32.78 8.26
C ILE G 309 -11.31 -34.24 7.91
N LEU G 310 -11.10 -34.58 6.64
CA LEU G 310 -11.30 -35.94 6.15
C LEU G 310 -9.99 -36.64 5.82
N TRP G 311 -9.90 -37.92 6.17
CA TRP G 311 -8.71 -38.71 5.91
C TRP G 311 -9.05 -39.84 4.94
N GLY G 312 -8.23 -39.98 3.91
CA GLY G 312 -8.45 -41.04 2.95
C GLY G 312 -8.92 -40.62 1.56
N GLN G 313 -9.64 -39.50 1.48
CA GLN G 313 -10.14 -39.01 0.20
C GLN G 313 -9.33 -37.83 -0.32
N ARG G 314 -9.65 -37.41 -1.53
CA ARG G 314 -8.95 -36.30 -2.18
C ARG G 314 -9.89 -35.35 -2.92
N PHE G 315 -9.36 -34.22 -3.36
CA PHE G 315 -10.15 -33.22 -4.09
C PHE G 315 -10.33 -33.60 -5.55
N VAL G 316 -11.58 -33.65 -6.00
CA VAL G 316 -11.89 -34.00 -7.38
C VAL G 316 -11.45 -32.89 -8.35
N PRO G 317 -10.81 -33.28 -9.47
CA PRO G 317 -10.32 -32.36 -10.51
C PRO G 317 -11.41 -31.47 -11.12
N ILE G 318 -11.29 -30.18 -10.85
CA ILE G 318 -12.22 -29.14 -11.30
C ILE G 318 -11.97 -28.67 -12.73
N VAL G 319 -10.70 -28.55 -13.10
CA VAL G 319 -10.31 -28.08 -14.43
C VAL G 319 -10.55 -29.08 -15.55
N ALA G 320 -11.28 -28.65 -16.57
CA ALA G 320 -11.57 -29.50 -17.73
C ALA G 320 -11.24 -28.70 -18.99
N GLU G 321 -10.48 -29.30 -19.89
CA GLU G 321 -10.08 -28.59 -21.10
C GLU G 321 -11.03 -28.68 -22.27
N GLU G 322 -11.42 -27.52 -22.76
CA GLU G 322 -12.34 -27.41 -23.88
C GLU G 322 -11.63 -26.81 -25.08
N ASP G 323 -12.40 -26.60 -26.14
CA ASP G 323 -11.85 -26.05 -27.37
C ASP G 323 -11.37 -24.61 -27.22
N GLY G 324 -12.13 -23.78 -26.52
CA GLY G 324 -11.75 -22.39 -26.36
C GLY G 324 -10.83 -22.10 -25.19
N ARG G 325 -11.23 -22.56 -24.01
CA ARG G 325 -10.45 -22.34 -22.80
C ARG G 325 -10.66 -23.48 -21.79
N TYR G 326 -10.07 -23.32 -20.61
CA TYR G 326 -10.18 -24.32 -19.56
C TYR G 326 -11.31 -23.95 -18.61
N SER G 327 -12.29 -24.85 -18.48
CA SER G 327 -13.44 -24.59 -17.63
C SER G 327 -13.34 -25.24 -16.26
N VAL G 328 -13.87 -24.54 -15.24
CA VAL G 328 -13.87 -25.00 -13.86
C VAL G 328 -15.27 -25.08 -13.24
N ASP G 329 -15.69 -26.29 -12.91
CA ASP G 329 -16.99 -26.53 -12.31
C ASP G 329 -16.93 -26.47 -10.79
N TYR G 330 -17.75 -25.61 -10.19
CA TYR G 330 -17.78 -25.43 -8.75
C TYR G 330 -18.69 -26.31 -7.93
N SER G 331 -19.32 -27.29 -8.56
CA SER G 331 -20.21 -28.19 -7.84
C SER G 331 -19.35 -29.36 -7.38
N LYS G 332 -18.20 -29.50 -8.01
CA LYS G 332 -17.25 -30.57 -7.68
C LYS G 332 -16.28 -30.06 -6.63
N PHE G 333 -16.36 -28.77 -6.36
CA PHE G 333 -15.49 -28.11 -5.39
C PHE G 333 -15.71 -28.67 -3.98
N GLY G 334 -16.95 -29.06 -3.70
CA GLY G 334 -17.26 -29.60 -2.40
C GLY G 334 -17.42 -31.11 -2.46
N ASN G 335 -16.80 -31.72 -3.45
CA ASN G 335 -16.85 -33.16 -3.64
C ASN G 335 -15.46 -33.79 -3.49
N THR G 336 -15.41 -34.93 -2.80
CA THR G 336 -14.16 -35.64 -2.57
C THR G 336 -14.31 -37.15 -2.71
N VAL G 337 -13.28 -37.77 -3.30
CA VAL G 337 -13.29 -39.21 -3.53
C VAL G 337 -12.22 -39.97 -2.75
N LYS G 338 -12.65 -41.09 -2.18
CA LYS G 338 -11.80 -41.94 -1.36
C LYS G 338 -10.88 -42.90 -2.12
N VAL G 339 -9.61 -42.92 -1.71
CA VAL G 339 -8.60 -43.80 -2.31
C VAL G 339 -7.82 -44.48 -1.18
N PRO G 340 -7.28 -45.68 -1.44
CA PRO G 340 -6.52 -46.48 -0.47
C PRO G 340 -5.29 -45.80 0.13
N THR G 341 -5.39 -45.49 1.42
CA THR G 341 -4.31 -44.84 2.16
C THR G 341 -4.03 -45.59 3.46
N PRO G 342 -2.79 -45.48 3.96
CA PRO G 342 -2.33 -46.12 5.20
C PRO G 342 -3.02 -45.58 6.45
N LEU G 343 -3.29 -46.50 7.38
CA LEU G 343 -3.96 -46.18 8.64
C LEU G 343 -2.96 -45.97 9.78
N CYS G 344 -1.76 -45.48 9.45
CA CYS G 344 -0.75 -45.25 10.48
C CYS G 344 -0.39 -43.76 10.57
N THR G 345 0.30 -43.40 11.65
CA THR G 345 0.72 -42.03 11.86
C THR G 345 2.04 -41.75 11.18
N ALA G 346 2.29 -40.47 10.92
CA ALA G 346 3.50 -40.04 10.24
C ALA G 346 4.80 -40.42 10.93
N ARG G 347 4.78 -40.58 12.25
CA ARG G 347 6.00 -40.98 12.96
C ARG G 347 6.19 -42.45 12.65
N GLN G 348 5.06 -43.14 12.50
CA GLN G 348 5.07 -44.56 12.22
C GLN G 348 5.34 -44.84 10.76
N LEU G 349 4.95 -43.91 9.90
CA LEU G 349 5.14 -44.04 8.46
C LEU G 349 6.56 -43.79 8.02
N ASP G 350 7.26 -42.96 8.78
CA ASP G 350 8.65 -42.64 8.47
C ASP G 350 9.51 -43.67 9.14
N GLU G 351 8.92 -44.29 10.16
CA GLU G 351 9.58 -45.31 10.93
C GLU G 351 9.54 -46.62 10.18
N ASP G 352 8.47 -46.78 9.39
CA ASP G 352 8.27 -47.98 8.62
C ASP G 352 9.12 -47.94 7.36
N ARG G 353 9.41 -46.72 6.90
CA ARG G 353 10.22 -46.51 5.72
C ARG G 353 11.70 -46.42 6.05
N SER G 354 12.03 -46.20 7.32
CA SER G 354 13.42 -46.09 7.75
C SER G 354 13.93 -47.46 8.19
N LEU G 355 13.00 -48.39 8.32
CA LEU G 355 13.30 -49.76 8.72
C LEU G 355 13.32 -50.63 7.49
N LEU G 356 12.68 -50.11 6.44
CA LEU G 356 12.56 -50.78 5.15
C LEU G 356 13.82 -50.54 4.31
N CYS H 14 -45.21 35.35 19.45
CA CYS H 14 -45.28 36.31 20.55
C CYS H 14 -46.17 37.48 20.17
N GLY H 15 -46.42 37.65 18.88
CA GLY H 15 -47.24 38.75 18.42
C GLY H 15 -48.71 38.47 18.21
N THR H 16 -49.57 39.38 18.67
CA THR H 16 -51.01 39.23 18.48
C THR H 16 -51.48 40.32 17.52
N GLU H 17 -51.30 41.59 17.89
CA GLU H 17 -51.67 42.65 16.96
C GLU H 17 -50.48 43.55 16.60
N ASN H 18 -50.00 44.34 17.58
CA ASN H 18 -48.85 45.26 17.38
C ASN H 18 -47.62 45.10 18.33
N HIS H 19 -47.54 43.94 18.97
CA HIS H 19 -46.48 43.69 19.95
C HIS H 19 -45.04 43.76 19.43
N SER H 20 -44.79 43.22 18.25
CA SER H 20 -43.42 43.25 17.73
C SER H 20 -42.94 44.68 17.54
N ALA H 21 -43.81 45.53 16.98
CA ALA H 21 -43.47 46.93 16.75
C ALA H 21 -43.23 47.63 18.08
N ALA H 22 -44.10 47.32 19.05
CA ALA H 22 -43.94 47.96 20.35
C ALA H 22 -42.58 47.59 20.95
N TYR H 23 -42.21 46.31 20.86
CA TYR H 23 -40.93 45.83 21.40
C TYR H 23 -39.75 46.51 20.70
N ARG H 24 -39.89 46.66 19.38
CA ARG H 24 -38.88 47.29 18.56
C ARG H 24 -38.61 48.75 18.92
N VAL H 25 -39.64 49.50 19.28
CA VAL H 25 -39.43 50.94 19.59
C VAL H 25 -38.49 51.34 20.75
N ASP H 26 -38.55 50.61 21.84
CA ASP H 26 -37.83 50.83 23.10
C ASP H 26 -36.40 50.30 23.03
N GLN H 27 -35.46 51.07 23.59
CA GLN H 27 -34.05 50.70 23.59
C GLN H 27 -33.74 49.52 24.50
N GLY H 28 -32.71 48.76 24.15
CA GLY H 28 -32.31 47.61 24.96
C GLY H 28 -33.28 46.46 24.83
N VAL H 29 -33.69 46.18 23.61
CA VAL H 29 -34.62 45.09 23.32
C VAL H 29 -35.89 45.28 24.14
N LEU H 30 -36.24 46.56 24.35
CA LEU H 30 -37.43 46.92 25.10
C LEU H 30 -37.48 46.23 26.46
N ASN H 31 -36.37 46.27 27.19
CA ASN H 31 -36.30 45.66 28.51
C ASN H 31 -36.67 44.17 28.44
N ASN H 32 -36.38 43.56 27.28
CA ASN H 32 -36.64 42.14 27.05
C ASN H 32 -38.09 41.67 27.15
N GLY H 33 -38.99 42.25 26.37
CA GLY H 33 -40.38 41.78 26.45
C GLY H 33 -40.52 40.33 25.98
N CYS H 34 -40.15 40.06 24.73
CA CYS H 34 -40.22 38.70 24.20
C CYS H 34 -38.80 38.21 23.94
N PHE H 35 -37.85 39.13 24.04
CA PHE H 35 -36.44 38.83 23.80
C PHE H 35 -35.80 38.01 24.92
N VAL H 36 -36.27 38.20 26.14
CA VAL H 36 -35.71 37.47 27.28
C VAL H 36 -36.06 35.99 27.17
N ASP H 37 -37.14 35.70 26.45
CA ASP H 37 -37.58 34.33 26.26
C ASP H 37 -36.84 33.71 25.08
N ALA H 38 -36.65 34.50 24.03
CA ALA H 38 -35.97 34.03 22.84
C ALA H 38 -34.48 33.83 23.09
N LEU H 39 -33.96 34.58 24.05
CA LEU H 39 -32.55 34.50 24.41
C LEU H 39 -32.22 33.16 25.04
N ASN H 40 -33.11 32.66 25.88
CA ASN H 40 -32.94 31.38 26.54
C ASN H 40 -32.91 30.19 25.58
N VAL H 41 -33.74 30.26 24.56
CA VAL H 41 -33.89 29.19 23.56
C VAL H 41 -32.65 28.82 22.74
N VAL H 42 -31.85 29.81 22.37
CA VAL H 42 -30.68 29.54 21.53
C VAL H 42 -29.67 28.58 22.16
N PRO H 43 -29.40 28.74 23.45
CA PRO H 43 -28.46 27.85 24.14
C PRO H 43 -28.95 26.42 24.17
N HIS H 44 -30.25 26.24 24.40
CA HIS H 44 -30.83 24.90 24.43
C HIS H 44 -30.67 24.23 23.08
N VAL H 45 -30.91 24.98 22.01
CA VAL H 45 -30.79 24.45 20.66
C VAL H 45 -29.35 24.06 20.38
N PHE H 46 -28.42 24.90 20.84
CA PHE H 46 -26.99 24.65 20.66
C PHE H 46 -26.57 23.39 21.39
N LEU H 47 -27.11 23.23 22.60
CA LEU H 47 -26.80 22.07 23.42
C LEU H 47 -27.42 20.80 22.86
N LEU H 48 -28.42 20.95 22.01
CA LEU H 48 -29.09 19.79 21.43
C LEU H 48 -28.62 19.50 20.01
N PHE H 49 -28.00 20.49 19.38
CA PHE H 49 -27.51 20.34 18.01
C PHE H 49 -26.10 19.77 17.97
N ILE H 50 -25.35 20.05 19.02
CA ILE H 50 -24.00 19.51 19.21
C ILE H 50 -24.06 18.02 19.57
N THR H 51 -25.05 17.71 20.41
CA THR H 51 -25.29 16.39 20.99
C THR H 51 -25.66 15.22 20.08
N PHE H 52 -26.46 15.47 19.03
CA PHE H 52 -26.92 14.39 18.16
C PHE H 52 -25.78 13.61 17.51
N PRO H 53 -24.74 14.32 17.08
CA PRO H 53 -23.59 13.67 16.43
C PRO H 53 -22.84 12.71 17.38
N ILE H 54 -22.70 13.11 18.64
CA ILE H 54 -21.98 12.31 19.63
C ILE H 54 -22.86 11.24 20.26
N LEU H 55 -24.13 11.60 20.45
CA LEU H 55 -25.13 10.67 20.99
C LEU H 55 -25.50 9.56 20.00
N PHE H 56 -25.74 9.96 18.76
CA PHE H 56 -26.12 9.04 17.70
C PHE H 56 -25.03 8.04 17.33
N ILE H 57 -23.81 8.55 17.24
CA ILE H 57 -22.67 7.73 16.90
C ILE H 57 -22.42 6.66 17.94
N GLY H 58 -22.60 7.04 19.21
CA GLY H 58 -22.35 6.13 20.31
C GLY H 58 -23.51 5.14 20.39
N TRP H 59 -24.58 5.49 19.68
CA TRP H 59 -25.78 4.66 19.64
C TRP H 59 -25.60 3.63 18.52
N GLY H 60 -24.85 4.00 17.49
CA GLY H 60 -24.63 3.11 16.37
C GLY H 60 -23.42 2.22 16.52
N SER H 61 -22.32 2.76 17.05
CA SER H 61 -21.11 1.97 17.23
C SER H 61 -21.25 0.88 18.30
N GLN H 62 -22.28 1.00 19.12
CA GLN H 62 -22.52 0.02 20.17
C GLN H 62 -23.62 -0.95 19.77
N SER H 63 -24.09 -0.81 18.52
CA SER H 63 -25.14 -1.66 17.99
C SER H 63 -24.67 -2.62 16.89
N SER H 64 -23.56 -2.27 16.23
CA SER H 64 -23.03 -3.10 15.16
C SER H 64 -21.73 -3.81 15.53
N LYS H 65 -20.76 -3.05 16.04
CA LYS H 65 -19.47 -3.61 16.41
C LYS H 65 -18.85 -2.84 17.59
N VAL H 66 -19.03 -3.38 18.79
CA VAL H 66 -18.50 -2.75 20.00
C VAL H 66 -17.99 -3.82 20.97
N HIS H 67 -16.96 -3.48 21.72
CA HIS H 67 -16.37 -4.40 22.69
C HIS H 67 -16.69 -3.98 24.11
N ILE H 68 -17.28 -2.79 24.26
CA ILE H 68 -17.63 -2.28 25.59
C ILE H 68 -19.02 -2.71 26.01
N HIS H 69 -19.46 -3.86 25.50
CA HIS H 69 -20.77 -4.39 25.81
C HIS H 69 -20.71 -5.39 26.96
N HIS H 70 -19.54 -5.51 27.60
CA HIS H 70 -19.39 -6.45 28.69
C HIS H 70 -19.20 -5.84 30.08
N SER H 71 -18.21 -4.96 30.24
CA SER H 71 -17.96 -4.34 31.55
C SER H 71 -17.26 -2.98 31.51
N THR H 72 -18.00 -1.91 31.82
CA THR H 72 -17.43 -0.56 31.82
C THR H 72 -18.13 0.40 32.76
N TRP H 73 -17.39 0.98 33.69
CA TRP H 73 -17.96 1.96 34.63
C TRP H 73 -16.95 2.96 35.18
N LEU H 74 -17.39 4.21 35.34
CA LEU H 74 -16.54 5.28 35.87
C LEU H 74 -17.33 6.26 36.73
N HIS H 75 -16.67 6.79 37.77
CA HIS H 75 -17.31 7.72 38.69
C HIS H 75 -16.79 9.15 38.57
N PHE H 76 -17.66 10.10 38.88
CA PHE H 76 -17.32 11.53 38.84
C PHE H 76 -17.82 12.24 40.10
N PRO H 77 -17.02 13.18 40.63
CA PRO H 77 -17.32 13.97 41.83
C PRO H 77 -18.57 14.81 41.67
N GLY H 78 -19.61 14.47 42.44
CA GLY H 78 -20.86 15.19 42.38
C GLY H 78 -21.89 14.39 41.60
N HIS H 79 -21.83 13.07 41.73
CA HIS H 79 -22.77 12.20 41.02
C HIS H 79 -24.17 12.29 41.60
N ASN H 80 -24.26 12.31 42.93
CA ASN H 80 -25.55 12.39 43.61
C ASN H 80 -26.16 13.79 43.57
N LEU H 81 -25.34 14.79 43.28
CA LEU H 81 -25.81 16.16 43.22
C LEU H 81 -26.15 16.49 41.78
N ARG H 82 -25.72 15.61 40.87
CA ARG H 82 -25.97 15.78 39.45
C ARG H 82 -27.33 15.16 39.11
N TRP H 83 -27.70 14.14 39.86
CA TRP H 83 -28.97 13.46 39.68
C TRP H 83 -30.05 14.24 40.38
N ILE H 84 -29.67 14.83 41.51
CA ILE H 84 -30.60 15.62 42.31
C ILE H 84 -30.92 16.95 41.63
N LEU H 85 -30.03 17.37 40.74
CA LEU H 85 -30.22 18.62 40.02
C LEU H 85 -30.90 18.32 38.70
N THR H 86 -30.86 17.05 38.29
CA THR H 86 -31.47 16.61 37.05
C THR H 86 -32.93 16.26 37.32
N PHE H 87 -33.22 15.97 38.58
CA PHE H 87 -34.57 15.63 39.01
C PHE H 87 -35.31 16.89 39.42
N ILE H 88 -34.58 17.82 40.03
CA ILE H 88 -35.16 19.08 40.48
C ILE H 88 -35.40 20.03 39.31
N LEU H 89 -34.71 19.79 38.20
CA LEU H 89 -34.85 20.61 37.02
C LEU H 89 -36.04 20.07 36.22
N LEU H 90 -36.49 18.88 36.60
CA LEU H 90 -37.63 18.23 35.97
C LEU H 90 -38.88 18.80 36.60
N PHE H 91 -38.81 19.01 37.90
CA PHE H 91 -39.92 19.57 38.67
C PHE H 91 -40.09 21.03 38.33
N VAL H 92 -38.99 21.66 37.89
CA VAL H 92 -39.00 23.06 37.52
C VAL H 92 -39.39 23.25 36.06
N LEU H 93 -39.30 22.16 35.29
CA LEU H 93 -39.65 22.21 33.88
C LEU H 93 -41.14 21.92 33.73
N VAL H 94 -41.64 21.09 34.65
CA VAL H 94 -43.07 20.78 34.70
C VAL H 94 -43.80 22.03 35.16
N CYS H 95 -43.22 22.69 36.16
CA CYS H 95 -43.79 23.91 36.73
C CYS H 95 -43.84 25.09 35.77
N GLU H 96 -42.78 25.29 35.01
CA GLU H 96 -42.73 26.41 34.07
C GLU H 96 -43.82 26.27 33.03
N ILE H 97 -43.94 25.06 32.50
CA ILE H 97 -44.93 24.71 31.49
C ILE H 97 -46.36 24.83 32.03
N ALA H 98 -46.54 24.44 33.29
CA ALA H 98 -47.85 24.48 33.93
C ALA H 98 -48.36 25.92 34.01
N GLU H 99 -47.46 26.81 34.42
CA GLU H 99 -47.75 28.24 34.47
C GLU H 99 -47.99 28.75 33.04
N GLY H 100 -47.18 28.22 32.12
CA GLY H 100 -47.23 28.58 30.72
C GLY H 100 -48.55 28.24 30.08
N ILE H 101 -49.12 27.10 30.46
CA ILE H 101 -50.39 26.66 29.92
C ILE H 101 -51.49 27.66 30.26
N LEU H 102 -51.47 28.15 31.50
CA LEU H 102 -52.48 29.11 31.94
C LEU H 102 -52.43 30.41 31.14
N SER H 103 -51.22 30.88 30.86
CA SER H 103 -51.04 32.11 30.10
C SER H 103 -51.58 31.98 28.69
N ASP H 104 -51.33 30.84 28.06
CA ASP H 104 -51.78 30.59 26.68
C ASP H 104 -53.30 30.59 26.56
N GLY H 105 -53.98 30.00 27.55
CA GLY H 105 -55.42 29.91 27.55
C GLY H 105 -56.15 31.24 27.58
N VAL H 106 -55.65 32.18 28.38
CA VAL H 106 -56.30 33.49 28.50
C VAL H 106 -57.37 33.63 27.43
N THR H 107 -57.28 32.78 26.41
CA THR H 107 -58.24 32.75 25.31
C THR H 107 -58.40 34.02 24.46
N GLU H 108 -57.35 34.81 24.33
CA GLU H 108 -57.44 36.01 23.51
C GLU H 108 -56.61 35.83 22.24
N SER H 109 -55.34 35.50 22.43
CA SER H 109 -54.41 35.25 21.35
C SER H 109 -53.39 34.28 21.91
N ARG H 110 -52.91 33.36 21.07
CA ARG H 110 -51.93 32.38 21.51
C ARG H 110 -50.51 32.88 21.30
N HIS H 111 -49.84 33.26 22.39
CA HIS H 111 -48.46 33.74 22.32
C HIS H 111 -47.52 32.54 22.34
N LEU H 112 -46.92 32.27 21.18
CA LEU H 112 -46.01 31.13 21.03
C LEU H 112 -44.68 31.27 21.77
N HIS H 113 -44.17 32.49 21.88
CA HIS H 113 -42.89 32.72 22.54
C HIS H 113 -42.98 32.93 24.05
N LEU H 114 -44.06 32.43 24.65
CA LEU H 114 -44.25 32.58 26.09
C LEU H 114 -43.97 31.29 26.85
N TYR H 115 -44.28 30.16 26.22
CA TYR H 115 -44.07 28.85 26.83
C TYR H 115 -42.99 28.02 26.14
N MET H 116 -42.34 28.59 25.14
CA MET H 116 -41.30 27.88 24.40
C MET H 116 -40.01 27.61 25.18
N PRO H 117 -39.57 28.58 26.01
CA PRO H 117 -38.34 28.38 26.78
C PRO H 117 -38.38 27.20 27.75
N ALA H 118 -39.59 26.78 28.11
CA ALA H 118 -39.76 25.68 29.05
C ALA H 118 -39.74 24.32 28.36
N GLY H 119 -40.13 24.31 27.09
CA GLY H 119 -40.15 23.06 26.35
C GLY H 119 -38.80 22.71 25.75
N MET H 120 -37.99 23.72 25.51
CA MET H 120 -36.62 23.50 25.02
C MET H 120 -35.77 22.88 26.13
N ALA H 121 -35.98 23.37 27.34
CA ALA H 121 -35.24 22.94 28.52
C ALA H 121 -35.40 21.47 28.87
N PHE H 122 -36.62 20.95 28.73
CA PHE H 122 -36.85 19.56 29.07
C PHE H 122 -36.02 18.67 28.15
N MET H 123 -36.00 18.99 26.86
CA MET H 123 -35.21 18.22 25.91
C MET H 123 -33.73 18.38 26.23
N ALA H 124 -33.32 19.61 26.54
CA ALA H 124 -31.92 19.90 26.85
C ALA H 124 -31.40 19.22 28.13
N ALA H 125 -32.23 19.21 29.16
CA ALA H 125 -31.88 18.62 30.44
C ALA H 125 -31.87 17.12 30.29
N ILE H 126 -32.64 16.64 29.33
CA ILE H 126 -32.73 15.22 29.05
C ILE H 126 -31.52 14.85 28.20
N THR H 127 -31.00 15.83 27.48
CA THR H 127 -29.84 15.62 26.63
C THR H 127 -28.59 15.73 27.48
N SER H 128 -28.72 16.41 28.62
CA SER H 128 -27.61 16.59 29.54
C SER H 128 -27.39 15.30 30.33
N VAL H 129 -28.47 14.53 30.46
CA VAL H 129 -28.42 13.28 31.19
C VAL H 129 -27.79 12.19 30.32
N VAL H 130 -27.87 12.39 29.00
CA VAL H 130 -27.31 11.45 28.04
C VAL H 130 -25.84 11.78 27.83
N TYR H 131 -25.47 13.00 28.18
CA TYR H 131 -24.09 13.48 28.06
C TYR H 131 -23.30 12.98 29.24
N TYR H 132 -24.01 12.80 30.35
CA TYR H 132 -23.43 12.33 31.61
C TYR H 132 -23.25 10.83 31.55
N HIS H 133 -24.07 10.20 30.71
CA HIS H 133 -24.00 8.77 30.54
C HIS H 133 -22.95 8.44 29.51
N ASN H 134 -22.74 9.36 28.57
CA ASN H 134 -21.75 9.18 27.52
C ASN H 134 -20.39 9.54 28.11
N ILE H 135 -20.41 10.32 29.18
CA ILE H 135 -19.19 10.75 29.85
C ILE H 135 -18.82 9.71 30.89
N GLU H 136 -19.83 9.03 31.42
CA GLU H 136 -19.61 8.00 32.42
C GLU H 136 -19.09 6.73 31.78
N THR H 137 -19.14 6.69 30.44
CA THR H 137 -18.67 5.55 29.66
C THR H 137 -17.25 5.83 29.19
N SER H 138 -17.07 7.04 28.69
CA SER H 138 -15.77 7.49 28.19
C SER H 138 -15.46 8.78 28.95
N ASN H 139 -14.35 8.77 29.66
CA ASN H 139 -13.92 9.91 30.47
C ASN H 139 -13.14 10.97 29.70
N PHE H 140 -13.80 12.08 29.43
CA PHE H 140 -13.18 13.19 28.72
C PHE H 140 -13.84 14.47 29.25
N PRO H 141 -13.07 15.55 29.36
CA PRO H 141 -13.54 16.85 29.87
C PRO H 141 -14.20 17.74 28.82
N LYS H 142 -14.15 17.30 27.56
CA LYS H 142 -14.73 18.07 26.46
C LYS H 142 -16.24 18.23 26.57
N LEU H 143 -16.89 17.31 27.29
CA LEU H 143 -18.33 17.36 27.45
C LEU H 143 -18.71 18.30 28.59
N LEU H 144 -17.90 18.29 29.64
CA LEU H 144 -18.15 19.13 30.81
C LEU H 144 -17.86 20.59 30.46
N ILE H 145 -17.17 20.79 29.35
CA ILE H 145 -16.82 22.14 28.90
C ILE H 145 -17.94 22.68 28.02
N ALA H 146 -18.68 21.77 27.40
CA ALA H 146 -19.79 22.13 26.53
C ALA H 146 -21.05 22.33 27.35
N LEU H 147 -21.05 21.72 28.53
CA LEU H 147 -22.17 21.81 29.46
C LEU H 147 -21.99 23.10 30.25
N LEU H 148 -20.74 23.35 30.61
CA LEU H 148 -20.36 24.54 31.35
C LEU H 148 -20.67 25.75 30.50
N ILE H 149 -20.54 25.58 29.18
CA ILE H 149 -20.81 26.65 28.23
C ILE H 149 -22.32 26.92 28.20
N TYR H 150 -23.08 25.89 28.55
CA TYR H 150 -24.54 25.98 28.58
C TYR H 150 -25.00 26.55 29.91
N TRP H 151 -24.47 26.00 30.99
CA TRP H 151 -24.82 26.44 32.34
C TRP H 151 -24.57 27.92 32.55
N THR H 152 -23.57 28.44 31.84
CA THR H 152 -23.19 29.84 31.93
C THR H 152 -24.10 30.73 31.10
N LEU H 153 -24.54 30.23 29.94
CA LEU H 153 -25.42 30.99 29.08
C LEU H 153 -26.84 30.96 29.65
N ALA H 154 -27.16 29.90 30.36
CA ALA H 154 -28.47 29.74 30.98
C ALA H 154 -28.52 30.58 32.25
N PHE H 155 -27.35 30.81 32.83
CA PHE H 155 -27.22 31.63 34.04
C PHE H 155 -27.45 33.09 33.69
N ILE H 156 -26.97 33.50 32.52
CA ILE H 156 -27.10 34.89 32.06
C ILE H 156 -28.51 35.23 31.59
N THR H 157 -29.28 34.21 31.21
CA THR H 157 -30.64 34.42 30.74
C THR H 157 -31.61 34.55 31.91
N LYS H 158 -31.22 33.95 33.03
CA LYS H 158 -31.97 34.01 34.28
C LYS H 158 -31.96 35.44 34.79
N THR H 159 -30.80 36.08 34.65
CA THR H 159 -30.60 37.45 35.10
C THR H 159 -31.51 38.42 34.37
N ILE H 160 -31.69 38.20 33.08
CA ILE H 160 -32.55 39.08 32.28
C ILE H 160 -33.97 39.02 32.82
N LYS H 161 -34.46 37.82 33.09
CA LYS H 161 -35.83 37.68 33.58
C LYS H 161 -35.95 38.40 34.91
N PHE H 162 -34.97 38.20 35.78
CA PHE H 162 -34.97 38.85 37.08
C PHE H 162 -34.83 40.36 36.89
N VAL H 163 -33.94 40.75 35.98
CA VAL H 163 -33.70 42.16 35.69
C VAL H 163 -34.95 42.82 35.13
N LYS H 164 -35.63 42.11 34.23
CA LYS H 164 -36.85 42.62 33.64
C LYS H 164 -37.92 42.80 34.71
N PHE H 165 -38.01 41.77 35.56
CA PHE H 165 -38.98 41.65 36.64
C PHE H 165 -38.89 42.67 37.77
N TYR H 166 -37.68 43.06 38.15
CA TYR H 166 -37.54 44.01 39.26
C TYR H 166 -38.24 45.32 38.94
N ASP H 167 -38.06 45.81 37.72
CA ASP H 167 -38.74 47.02 37.29
C ASP H 167 -40.24 46.73 37.27
N HIS H 168 -40.58 45.53 36.83
CA HIS H 168 -41.95 45.07 36.70
C HIS H 168 -42.11 44.07 37.84
N ALA H 169 -42.10 44.61 39.06
CA ALA H 169 -42.18 43.80 40.27
C ALA H 169 -43.57 43.55 40.85
N ILE H 170 -43.79 42.29 41.22
CA ILE H 170 -45.06 41.85 41.81
C ILE H 170 -44.79 41.48 43.27
N GLY H 171 -43.74 40.69 43.48
CA GLY H 171 -43.38 40.24 44.80
C GLY H 171 -43.56 38.74 44.93
N PHE H 172 -44.63 38.33 45.60
CA PHE H 172 -44.92 36.92 45.79
C PHE H 172 -46.14 36.49 44.99
N SER H 173 -46.79 37.46 44.35
CA SER H 173 -48.00 37.20 43.57
C SER H 173 -47.73 36.82 42.11
N GLN H 174 -46.50 36.42 41.82
CA GLN H 174 -46.13 36.04 40.46
C GLN H 174 -45.67 34.58 40.39
N LEU H 175 -46.24 33.83 39.46
CA LEU H 175 -45.88 32.42 39.29
C LEU H 175 -44.73 32.24 38.30
N ARG H 176 -44.52 33.23 37.45
CA ARG H 176 -43.38 33.18 36.53
C ARG H 176 -42.10 33.26 37.37
N PHE H 177 -42.14 34.14 38.36
CA PHE H 177 -41.02 34.40 39.25
C PHE H 177 -40.66 33.17 40.08
N CYS H 178 -41.67 32.45 40.55
CA CYS H 178 -41.43 31.26 41.35
C CYS H 178 -40.67 30.23 40.53
N LEU H 179 -41.08 30.05 39.27
CA LEU H 179 -40.42 29.12 38.38
C LEU H 179 -38.98 29.58 38.13
N THR H 180 -38.83 30.88 37.90
CA THR H 180 -37.52 31.46 37.65
C THR H 180 -36.61 31.32 38.87
N GLY H 181 -37.17 31.54 40.06
CA GLY H 181 -36.40 31.44 41.28
C GLY H 181 -35.88 30.03 41.50
N LEU H 182 -36.72 29.04 41.25
CA LEU H 182 -36.33 27.65 41.40
C LEU H 182 -35.21 27.31 40.43
N LEU H 183 -35.36 27.81 39.21
CA LEU H 183 -34.40 27.61 38.12
C LEU H 183 -33.05 28.24 38.45
N VAL H 184 -33.07 29.40 39.08
CA VAL H 184 -31.86 30.12 39.45
C VAL H 184 -30.98 29.30 40.38
N ILE H 185 -31.61 28.61 41.33
CA ILE H 185 -30.89 27.77 42.28
C ILE H 185 -30.15 26.65 41.55
N LEU H 186 -30.75 26.11 40.50
CA LEU H 186 -30.10 25.03 39.75
C LEU H 186 -28.79 25.51 39.13
N TYR H 187 -28.79 26.72 38.59
CA TYR H 187 -27.60 27.28 37.98
C TYR H 187 -26.49 27.44 39.03
N GLY H 188 -26.87 27.89 40.21
CA GLY H 188 -25.93 28.07 41.30
C GLY H 188 -25.34 26.73 41.73
N MET H 189 -26.22 25.75 41.83
CA MET H 189 -25.86 24.37 42.16
C MET H 189 -25.02 23.77 41.04
N LEU H 190 -25.37 24.14 39.81
CA LEU H 190 -24.72 23.64 38.59
C LEU H 190 -23.23 23.96 38.51
N LEU H 191 -22.78 25.06 39.11
CA LEU H 191 -21.35 25.41 39.01
C LEU H 191 -20.35 24.42 39.63
N LEU H 192 -20.72 23.84 40.77
CA LEU H 192 -19.83 22.91 41.47
C LEU H 192 -19.50 21.70 40.61
N VAL H 193 -20.49 21.20 39.88
CA VAL H 193 -20.30 20.06 39.00
C VAL H 193 -19.25 20.41 37.95
N GLU H 194 -19.31 21.66 37.47
CA GLU H 194 -18.37 22.19 36.48
C GLU H 194 -16.97 22.51 37.03
N VAL H 195 -16.83 22.52 38.35
CA VAL H 195 -15.59 22.84 39.04
C VAL H 195 -14.74 21.60 39.36
N ASN H 196 -15.05 20.48 38.74
CA ASN H 196 -14.30 19.25 39.02
C ASN H 196 -12.82 19.44 38.77
N VAL H 197 -12.02 18.89 39.67
CA VAL H 197 -10.56 19.03 39.67
C VAL H 197 -9.94 17.92 38.82
N ILE H 198 -10.73 16.91 38.49
CA ILE H 198 -10.26 15.78 37.68
C ILE H 198 -10.35 16.07 36.18
N ARG H 199 -10.80 17.26 35.82
CA ARG H 199 -10.92 17.66 34.43
C ARG H 199 -9.65 18.38 34.00
N VAL H 200 -8.99 17.87 32.97
CA VAL H 200 -7.74 18.44 32.48
C VAL H 200 -7.87 19.30 31.21
N ARG H 201 -9.02 19.96 31.05
CA ARG H 201 -9.26 20.78 29.87
C ARG H 201 -8.57 22.14 29.90
N ARG H 202 -8.10 22.56 31.07
CA ARG H 202 -7.44 23.85 31.21
C ARG H 202 -5.97 23.86 30.79
N TYR H 203 -5.41 25.06 30.66
CA TYR H 203 -4.02 25.24 30.27
C TYR H 203 -3.08 24.76 31.38
N ILE H 204 -3.55 24.84 32.62
CA ILE H 204 -2.78 24.43 33.79
C ILE H 204 -2.83 22.90 34.00
N PHE H 205 -1.83 22.37 34.70
CA PHE H 205 -1.73 20.94 34.95
C PHE H 205 -2.02 20.06 33.74
N PHE H 206 -1.24 20.27 32.67
CA PHE H 206 -1.40 19.54 31.41
C PHE H 206 -1.39 18.01 31.50
N LYS H 207 -1.08 17.49 32.68
CA LYS H 207 -1.07 16.04 32.88
C LYS H 207 -2.36 15.65 33.59
N THR H 208 -2.58 14.35 33.77
CA THR H 208 -3.77 13.89 34.46
C THR H 208 -3.66 14.14 35.95
N PRO H 209 -4.53 15.00 36.49
CA PRO H 209 -4.55 15.35 37.92
C PRO H 209 -4.85 14.17 38.84
N ARG H 210 -5.50 13.16 38.29
CA ARG H 210 -5.87 11.97 39.07
C ARG H 210 -5.58 10.69 38.28
N GLU H 211 -4.55 9.97 38.70
CA GLU H 211 -4.16 8.73 38.02
C GLU H 211 -4.74 7.48 38.65
N VAL H 212 -5.36 7.62 39.82
CA VAL H 212 -5.95 6.48 40.51
C VAL H 212 -7.45 6.42 40.29
N LYS H 213 -7.96 7.37 39.51
CA LYS H 213 -9.38 7.44 39.22
C LYS H 213 -9.85 6.44 38.16
N PRO H 214 -9.06 6.24 37.09
CA PRO H 214 -9.43 5.31 36.03
C PRO H 214 -9.67 3.88 36.51
N PRO H 215 -8.74 3.31 37.30
CA PRO H 215 -8.92 1.95 37.81
C PRO H 215 -9.89 1.89 38.98
N GLU H 216 -10.99 1.16 38.82
CA GLU H 216 -11.99 1.03 39.88
C GLU H 216 -11.94 -0.34 40.55
N ASP H 217 -12.24 -0.38 41.84
CA ASP H 217 -12.28 -1.65 42.57
C ASP H 217 -13.44 -2.50 42.05
N LEU H 218 -14.56 -1.82 41.79
CA LEU H 218 -15.79 -2.46 41.33
C LEU H 218 -15.65 -3.15 39.99
N GLN H 219 -14.95 -2.53 39.05
CA GLN H 219 -14.77 -3.15 37.73
C GLN H 219 -14.00 -4.45 37.87
N ASP H 220 -12.95 -4.43 38.71
CA ASP H 220 -12.14 -5.61 38.94
C ASP H 220 -12.99 -6.69 39.59
N LEU H 221 -13.95 -6.29 40.41
CA LEU H 221 -14.87 -7.26 40.98
C LEU H 221 -15.66 -7.87 39.81
N GLY H 222 -16.19 -6.99 38.95
CA GLY H 222 -16.94 -7.31 37.73
C GLY H 222 -16.28 -8.02 36.55
N VAL H 223 -15.00 -7.74 36.29
CA VAL H 223 -14.27 -8.30 35.16
C VAL H 223 -14.22 -9.83 35.24
N ARG H 224 -14.00 -10.33 36.45
CA ARG H 224 -14.01 -11.77 36.70
C ARG H 224 -15.41 -12.25 37.11
N PHE H 225 -16.39 -11.34 37.10
CA PHE H 225 -17.76 -11.61 37.50
C PHE H 225 -18.70 -11.89 36.34
N LEU H 226 -19.38 -13.04 36.41
CA LEU H 226 -20.38 -13.41 35.42
C LEU H 226 -21.54 -12.40 35.49
N GLN H 227 -21.89 -12.02 36.72
CA GLN H 227 -22.93 -11.05 36.99
C GLN H 227 -22.32 -10.05 37.97
N PRO H 228 -22.11 -8.82 37.53
CA PRO H 228 -21.46 -7.81 38.36
C PRO H 228 -22.24 -7.45 39.64
N PHE H 229 -23.55 -7.25 39.54
CA PHE H 229 -24.37 -6.92 40.72
C PHE H 229 -23.80 -5.75 41.53
N VAL H 230 -23.42 -4.67 40.85
CA VAL H 230 -22.83 -3.51 41.52
C VAL H 230 -23.81 -2.40 41.82
N ASN H 231 -23.81 -1.94 43.07
CA ASN H 231 -24.69 -0.87 43.51
C ASN H 231 -24.45 0.45 42.78
N LEU H 232 -23.19 0.71 42.45
CA LEU H 232 -22.81 1.92 41.71
C LEU H 232 -23.39 2.01 40.29
N LEU H 233 -24.71 2.09 40.20
CA LEU H 233 -25.44 2.20 38.94
C LEU H 233 -26.50 3.31 38.95
N SER H 234 -27.36 3.32 37.94
CA SER H 234 -28.41 4.32 37.81
C SER H 234 -29.36 4.35 39.01
N LYS H 235 -29.29 3.30 39.83
CA LYS H 235 -30.12 3.17 41.02
C LYS H 235 -31.62 3.15 40.73
N GLY H 236 -31.99 2.74 39.52
CA GLY H 236 -33.39 2.69 39.17
C GLY H 236 -33.96 1.29 39.16
N THR H 237 -33.12 0.29 39.46
CA THR H 237 -33.56 -1.10 39.44
C THR H 237 -34.01 -1.43 38.01
N TYR H 238 -33.21 -0.96 37.05
CA TYR H 238 -33.47 -1.15 35.63
C TYR H 238 -32.45 -2.09 34.99
N TRP H 239 -31.20 -2.01 35.41
CA TRP H 239 -30.18 -2.91 34.87
C TRP H 239 -30.06 -4.18 35.70
N TRP H 240 -30.49 -4.12 36.96
CA TRP H 240 -30.41 -5.27 37.86
C TRP H 240 -31.41 -6.31 37.38
N MET H 241 -32.36 -5.87 36.57
CA MET H 241 -33.41 -6.72 36.04
C MET H 241 -33.26 -7.05 34.56
N ASN H 242 -32.45 -6.28 33.84
CA ASN H 242 -32.27 -6.51 32.41
C ASN H 242 -31.16 -7.51 32.14
N ALA H 243 -30.33 -7.77 33.14
CA ALA H 243 -29.23 -8.70 33.01
C ALA H 243 -29.69 -10.12 33.32
N PHE H 244 -30.52 -10.23 34.36
CA PHE H 244 -31.17 -11.50 34.69
C PHE H 244 -32.27 -11.77 33.66
N ILE H 245 -32.95 -10.68 33.30
CA ILE H 245 -34.08 -10.70 32.39
C ILE H 245 -33.78 -11.17 30.96
N LYS H 246 -32.65 -10.75 30.39
CA LYS H 246 -32.34 -11.19 29.04
C LYS H 246 -32.17 -12.70 29.01
N THR H 247 -31.46 -13.23 30.01
CA THR H 247 -31.24 -14.65 30.13
C THR H 247 -32.57 -15.36 30.32
N ALA H 248 -33.44 -14.79 31.15
CA ALA H 248 -34.74 -15.39 31.40
C ALA H 248 -35.57 -15.45 30.11
N HIS H 249 -35.50 -14.38 29.33
CA HIS H 249 -36.22 -14.29 28.07
C HIS H 249 -35.73 -15.34 27.09
N LYS H 250 -34.41 -15.55 27.03
CA LYS H 250 -33.89 -16.55 26.12
C LYS H 250 -34.38 -17.91 26.61
N LYS H 251 -34.79 -18.80 25.70
CA LYS H 251 -35.25 -20.09 26.19
C LYS H 251 -34.11 -21.06 26.49
N PRO H 252 -33.13 -21.13 25.58
CA PRO H 252 -31.99 -22.02 25.79
C PRO H 252 -31.17 -21.58 27.00
N ILE H 253 -30.97 -20.27 27.11
CA ILE H 253 -30.21 -19.68 28.20
C ILE H 253 -30.86 -19.88 29.57
N ASP H 254 -32.19 -19.78 29.62
CA ASP H 254 -32.92 -19.90 30.87
C ASP H 254 -32.75 -21.24 31.57
N LEU H 255 -32.76 -22.33 30.81
CA LEU H 255 -32.59 -23.64 31.43
C LEU H 255 -31.23 -23.73 32.10
N ARG H 256 -30.19 -23.28 31.39
CA ARG H 256 -28.84 -23.28 31.92
C ARG H 256 -28.70 -22.35 33.11
N ALA H 257 -29.29 -21.16 32.97
CA ALA H 257 -29.24 -20.14 34.01
C ALA H 257 -29.95 -20.55 35.30
N ILE H 258 -31.11 -21.19 35.14
CA ILE H 258 -31.91 -21.60 36.28
C ILE H 258 -31.41 -22.89 36.95
N ALA H 259 -30.19 -23.31 36.63
CA ALA H 259 -29.66 -24.53 37.23
C ALA H 259 -28.29 -24.27 37.86
N LYS H 260 -27.46 -23.56 37.12
CA LYS H 260 -26.12 -23.23 37.51
C LYS H 260 -26.08 -21.78 37.96
N LEU H 261 -27.19 -21.28 38.52
CA LEU H 261 -27.30 -19.89 38.94
C LEU H 261 -26.24 -19.54 39.98
N PRO H 262 -25.96 -20.44 40.92
CA PRO H 262 -24.92 -20.16 41.91
C PRO H 262 -23.59 -19.95 41.20
N ILE H 263 -23.29 -20.83 40.23
CA ILE H 263 -22.08 -20.69 39.42
C ILE H 263 -22.21 -19.43 38.57
N ALA H 264 -23.40 -19.20 38.04
CA ALA H 264 -23.71 -18.04 37.23
C ALA H 264 -23.51 -16.85 38.12
N MET H 265 -23.97 -16.93 39.36
CA MET H 265 -23.70 -15.80 40.23
C MET H 265 -22.20 -15.62 40.35
N ARG H 266 -21.76 -14.39 40.35
CA ARG H 266 -20.35 -14.12 40.40
C ARG H 266 -19.81 -13.87 41.79
N ALA H 267 -20.69 -13.96 42.80
CA ALA H 267 -20.30 -13.71 44.19
C ALA H 267 -19.60 -12.37 44.28
N LEU H 268 -20.26 -11.33 43.76
CA LEU H 268 -19.68 -10.00 43.74
C LEU H 268 -19.62 -9.30 45.08
N THR H 269 -20.70 -9.34 45.86
CA THR H 269 -20.67 -8.65 47.14
C THR H 269 -19.88 -9.44 48.18
N ASN H 270 -19.01 -10.33 47.71
CA ASN H 270 -18.20 -11.15 48.58
C ASN H 270 -17.07 -10.33 49.20
N TYR H 271 -16.70 -9.25 48.53
CA TYR H 271 -15.64 -8.39 49.00
C TYR H 271 -16.22 -7.34 49.94
N GLN H 272 -17.54 -7.33 50.05
CA GLN H 272 -18.24 -6.39 50.92
C GLN H 272 -18.86 -7.12 52.11
N ARG H 273 -19.04 -8.43 52.01
CA ARG H 273 -19.54 -9.21 53.14
C ARG H 273 -18.47 -9.23 54.25
N LEU H 274 -17.23 -9.39 53.79
CA LEU H 274 -16.06 -9.48 54.66
C LEU H 274 -15.85 -8.21 55.47
N CYS H 275 -16.08 -7.06 54.84
CA CYS H 275 -15.92 -5.79 55.52
C CYS H 275 -16.91 -5.70 56.68
N VAL H 276 -18.14 -6.15 56.44
CA VAL H 276 -19.16 -6.14 57.48
C VAL H 276 -18.73 -7.08 58.61
N ALA H 277 -18.15 -8.24 58.32
CA ALA H 277 -17.74 -9.06 59.46
C ALA H 277 -16.70 -8.27 60.26
N PHE H 278 -15.75 -7.68 59.53
CA PHE H 278 -14.68 -6.90 60.12
C PHE H 278 -15.27 -5.68 60.81
N ASP H 279 -16.34 -5.11 60.29
CA ASP H 279 -16.96 -3.93 60.88
C ASP H 279 -17.61 -4.28 62.22
N ALA H 280 -18.15 -5.50 62.30
CA ALA H 280 -18.80 -5.95 63.53
C ALA H 280 -17.81 -5.99 64.68
N GLN H 281 -16.60 -6.46 64.41
CA GLN H 281 -15.56 -6.53 65.42
C GLN H 281 -15.19 -5.14 65.91
N ALA H 282 -15.11 -4.19 64.98
CA ALA H 282 -14.77 -2.82 65.32
C ALA H 282 -15.83 -2.21 66.22
N ARG H 283 -17.09 -2.48 65.89
CA ARG H 283 -18.21 -1.97 66.68
C ARG H 283 -18.18 -2.52 68.09
N LYS H 284 -17.85 -3.80 68.20
CA LYS H 284 -17.77 -4.47 69.49
C LYS H 284 -16.68 -3.85 70.37
N ASP H 285 -15.56 -3.50 69.74
CA ASP H 285 -14.43 -2.90 70.44
C ASP H 285 -14.79 -1.62 71.20
N THR H 286 -15.33 -1.80 72.40
CA THR H 286 -15.69 -0.69 73.27
C THR H 286 -14.88 -0.71 74.56
N GLN H 287 -15.13 0.27 75.43
CA GLN H 287 -14.42 0.36 76.70
C GLN H 287 -15.11 -0.40 77.82
N SER H 288 -16.34 -0.85 77.56
CA SER H 288 -17.11 -1.59 78.55
C SER H 288 -17.28 -3.06 78.15
N PRO H 289 -17.49 -3.96 79.13
CA PRO H 289 -17.66 -5.39 78.91
C PRO H 289 -18.84 -5.77 78.01
N GLN H 290 -18.86 -7.03 77.57
CA GLN H 290 -19.91 -7.52 76.69
C GLN H 290 -21.25 -7.53 77.40
N GLY H 291 -22.29 -7.10 76.68
CA GLY H 291 -23.64 -7.07 77.23
C GLY H 291 -24.67 -7.22 76.13
N ALA H 292 -25.88 -7.64 76.51
CA ALA H 292 -26.95 -7.80 75.54
C ALA H 292 -27.22 -6.42 74.96
N ARG H 293 -27.19 -5.42 75.82
CA ARG H 293 -27.40 -4.04 75.43
C ARG H 293 -26.18 -3.55 74.65
N ALA H 294 -25.01 -3.95 75.13
CA ALA H 294 -23.74 -3.59 74.52
C ALA H 294 -23.61 -4.16 73.12
N ILE H 295 -24.04 -5.41 72.93
CA ILE H 295 -24.01 -5.99 71.59
C ILE H 295 -25.12 -5.42 70.74
N TRP H 296 -26.21 -4.96 71.37
CA TRP H 296 -27.32 -4.39 70.62
C TRP H 296 -26.95 -3.01 70.07
N ARG H 297 -26.53 -2.10 70.95
CA ARG H 297 -26.11 -0.78 70.51
C ARG H 297 -24.81 -0.84 69.73
N ALA H 298 -23.96 -1.87 69.92
CA ALA H 298 -22.77 -1.95 69.04
C ALA H 298 -23.29 -2.37 67.69
N LEU H 299 -24.31 -3.24 67.65
CA LEU H 299 -24.77 -3.65 66.32
C LEU H 299 -25.40 -2.49 65.57
N CYS H 300 -26.18 -1.66 66.28
CA CYS H 300 -26.76 -0.47 65.67
C CYS H 300 -25.69 0.53 65.27
N HIS H 301 -24.58 0.53 66.02
CA HIS H 301 -23.45 1.38 65.69
C HIS H 301 -22.63 0.73 64.57
N ALA H 302 -22.71 -0.60 64.46
CA ALA H 302 -21.98 -1.35 63.44
C ALA H 302 -22.58 -1.09 62.07
N PHE H 303 -23.90 -1.17 61.96
CA PHE H 303 -24.48 -0.93 60.64
C PHE H 303 -24.16 0.46 60.13
N GLY H 304 -24.15 1.45 61.01
CA GLY H 304 -23.77 2.79 60.63
C GLY H 304 -24.80 3.54 59.83
N ARG H 305 -24.50 3.77 58.54
CA ARG H 305 -25.28 4.72 57.75
C ARG H 305 -26.65 4.19 57.39
N ARG H 306 -26.75 2.91 57.05
CA ARG H 306 -27.94 2.40 56.37
C ARG H 306 -29.17 2.30 57.27
N LEU H 307 -28.98 2.28 58.58
CA LEU H 307 -30.12 2.19 59.49
C LEU H 307 -30.94 3.48 59.45
N ILE H 308 -30.33 4.59 59.84
CA ILE H 308 -31.04 5.87 59.84
C ILE H 308 -31.19 6.40 58.43
N LEU H 309 -30.33 5.95 57.52
CA LEU H 309 -30.43 6.33 56.12
C LEU H 309 -31.66 5.72 55.48
N SER H 310 -31.80 4.39 55.58
CA SER H 310 -32.97 3.72 55.03
C SER H 310 -34.23 4.08 55.80
N SER H 311 -34.09 4.40 57.10
CA SER H 311 -35.22 4.95 57.84
C SER H 311 -35.62 6.31 57.29
N THR H 312 -34.65 7.11 56.86
CA THR H 312 -34.96 8.43 56.32
C THR H 312 -35.61 8.33 54.94
N PHE H 313 -35.16 7.37 54.13
CA PHE H 313 -35.86 7.09 52.89
C PHE H 313 -37.26 6.55 53.13
N ARG H 314 -37.45 5.80 54.21
CA ARG H 314 -38.79 5.35 54.56
C ARG H 314 -39.66 6.52 55.00
N ILE H 315 -39.07 7.52 55.65
CA ILE H 315 -39.83 8.69 56.06
C ILE H 315 -40.18 9.55 54.85
N LEU H 316 -39.28 9.59 53.86
CA LEU H 316 -39.61 10.25 52.60
C LEU H 316 -40.71 9.53 51.86
N ALA H 317 -40.72 8.20 51.95
CA ALA H 317 -41.82 7.41 51.39
C ALA H 317 -43.12 7.67 52.12
N ASP H 318 -43.04 7.94 53.42
CA ASP H 318 -44.23 8.36 54.17
C ASP H 318 -44.66 9.77 53.75
N LEU H 319 -43.71 10.60 53.34
CA LEU H 319 -44.03 11.96 52.92
C LEU H 319 -44.76 11.95 51.57
N LEU H 320 -44.21 11.23 50.60
CA LEU H 320 -44.84 11.19 49.29
C LEU H 320 -46.10 10.35 49.30
N GLY H 321 -46.07 9.21 49.98
CA GLY H 321 -47.21 8.32 50.07
C GLY H 321 -48.45 8.83 50.79
N PHE H 322 -48.25 9.53 51.90
CA PHE H 322 -49.37 10.02 52.71
C PHE H 322 -50.31 11.02 52.04
N ALA H 323 -49.75 11.96 51.29
CA ALA H 323 -50.56 12.97 50.62
C ALA H 323 -51.50 12.37 49.57
N GLY H 324 -50.97 11.38 48.85
CA GLY H 324 -51.69 10.72 47.78
C GLY H 324 -53.09 11.23 47.50
N PRO H 325 -54.03 11.13 48.44
CA PRO H 325 -55.44 11.60 48.26
C PRO H 325 -55.78 13.13 48.10
N LEU H 326 -54.93 13.98 48.68
CA LEU H 326 -55.16 15.42 48.69
C LEU H 326 -55.30 16.00 47.29
N CYS H 327 -54.48 15.54 46.35
CA CYS H 327 -54.55 15.97 44.96
C CYS H 327 -55.90 15.59 44.36
N ILE H 328 -56.39 14.39 44.71
CA ILE H 328 -57.67 13.90 44.25
C ILE H 328 -58.85 14.78 44.68
N PHE H 329 -58.82 15.36 45.89
CA PHE H 329 -60.01 16.20 46.27
C PHE H 329 -60.35 17.39 45.32
N GLY H 330 -59.30 18.13 44.95
CA GLY H 330 -59.16 19.22 44.02
C GLY H 330 -59.87 18.96 42.70
N ILE H 331 -59.88 17.70 42.27
CA ILE H 331 -60.59 17.36 41.04
C ILE H 331 -62.09 17.41 41.26
N VAL H 332 -62.56 16.94 42.42
CA VAL H 332 -63.98 16.99 42.72
C VAL H 332 -64.44 18.41 42.98
N ASP H 333 -63.53 19.30 43.40
CA ASP H 333 -63.88 20.68 43.68
C ASP H 333 -63.84 21.56 42.44
N HIS H 334 -62.67 21.65 41.79
CA HIS H 334 -62.55 22.47 40.59
C HIS H 334 -63.27 21.86 39.39
N LEU H 335 -63.51 20.55 39.41
CA LEU H 335 -64.33 19.92 38.39
C LEU H 335 -65.78 19.78 38.84
N GLY H 336 -66.01 19.06 39.93
CA GLY H 336 -67.36 18.79 40.36
C GLY H 336 -68.06 19.97 41.02
N LYS H 337 -67.46 20.49 42.08
CA LYS H 337 -68.10 21.58 42.83
C LYS H 337 -68.09 22.87 42.02
N GLU H 338 -66.99 23.16 41.34
CA GLU H 338 -66.99 24.28 40.42
C GLU H 338 -67.76 23.89 39.17
N ASN H 339 -69.08 24.13 39.18
CA ASN H 339 -69.92 23.73 38.07
C ASN H 339 -70.04 24.82 37.00
N HIS H 340 -70.14 26.08 37.43
CA HIS H 340 -70.29 27.19 36.49
C HIS H 340 -69.36 28.33 36.89
N VAL H 341 -68.09 28.00 37.17
CA VAL H 341 -67.11 29.04 37.49
C VAL H 341 -66.74 29.82 36.24
N PHE H 342 -66.08 29.14 35.29
CA PHE H 342 -65.83 29.62 33.91
C PHE H 342 -65.06 30.93 33.85
N GLN H 343 -64.27 31.24 34.88
CA GLN H 343 -63.47 32.46 34.91
C GLN H 343 -62.00 32.08 35.04
N PRO H 344 -61.18 32.31 34.01
CA PRO H 344 -59.78 31.84 34.07
C PRO H 344 -58.90 32.64 35.01
N LYS H 345 -58.99 33.96 34.99
CA LYS H 345 -58.04 34.78 35.75
C LYS H 345 -58.66 36.12 36.07
N THR H 346 -58.09 36.77 37.09
CA THR H 346 -58.46 38.13 37.47
C THR H 346 -57.26 39.03 37.74
N GLN H 347 -56.04 38.51 37.68
CA GLN H 347 -54.84 39.30 37.89
C GLN H 347 -54.38 39.89 36.56
N PHE H 348 -53.14 40.39 36.53
CA PHE H 348 -52.57 40.92 35.30
C PHE H 348 -52.38 39.80 34.29
N LEU H 349 -53.22 39.79 33.25
CA LEU H 349 -53.27 38.68 32.32
C LEU H 349 -52.10 38.64 31.34
N GLY H 350 -51.29 39.70 31.29
CA GLY H 350 -50.12 39.68 30.43
C GLY H 350 -49.01 38.76 30.91
N VAL H 351 -49.02 38.40 32.19
CA VAL H 351 -48.02 37.52 32.78
C VAL H 351 -48.72 36.51 33.67
N TYR H 352 -47.92 35.70 34.36
CA TYR H 352 -48.41 34.62 35.20
C TYR H 352 -48.40 35.07 36.65
N PHE H 353 -49.40 34.63 37.42
CA PHE H 353 -49.52 34.97 38.82
C PHE H 353 -49.58 33.72 39.69
N VAL H 354 -49.09 33.85 40.92
CA VAL H 354 -48.92 32.69 41.78
C VAL H 354 -50.23 32.19 42.40
N SER H 355 -51.27 33.01 42.39
CA SER H 355 -52.53 32.61 42.99
C SER H 355 -53.25 31.60 42.10
N SER H 356 -54.18 30.87 42.73
CA SER H 356 -55.05 29.88 42.06
C SER H 356 -54.25 28.82 41.33
N GLN H 357 -53.14 28.38 41.94
CA GLN H 357 -52.29 27.37 41.32
C GLN H 357 -52.93 26.00 41.31
N GLU H 358 -53.98 25.79 42.10
CA GLU H 358 -54.79 24.58 42.03
C GLU H 358 -55.92 24.81 41.03
N PHE H 359 -55.54 24.91 39.76
CA PHE H 359 -56.51 25.06 38.69
C PHE H 359 -57.01 23.69 38.26
N LEU H 360 -57.87 23.70 37.24
CA LEU H 360 -58.41 22.44 36.72
C LEU H 360 -57.35 21.66 35.96
N GLY H 361 -56.68 22.31 35.00
CA GLY H 361 -55.59 21.67 34.29
C GLY H 361 -54.42 21.33 35.18
N ASN H 362 -54.11 22.21 36.13
CA ASN H 362 -53.08 21.92 37.12
C ASN H 362 -53.48 20.82 38.07
N ALA H 363 -54.78 20.54 38.21
CA ALA H 363 -55.18 19.34 38.93
C ALA H 363 -54.90 18.10 38.11
N TYR H 364 -54.97 18.20 36.77
CA TYR H 364 -54.65 17.05 35.93
C TYR H 364 -53.15 16.77 35.96
N VAL H 365 -52.35 17.79 35.65
CA VAL H 365 -50.91 17.58 35.57
C VAL H 365 -50.31 17.42 36.95
N LEU H 366 -50.95 17.99 37.97
CA LEU H 366 -50.54 17.72 39.34
C LEU H 366 -50.99 16.34 39.79
N ALA H 367 -52.03 15.78 39.16
CA ALA H 367 -52.39 14.39 39.44
C ALA H 367 -51.41 13.43 38.80
N VAL H 368 -50.92 13.78 37.60
CA VAL H 368 -49.82 13.01 37.02
C VAL H 368 -48.55 13.23 37.83
N LEU H 369 -48.41 14.39 38.45
CA LEU H 369 -47.31 14.61 39.38
C LEU H 369 -47.47 13.78 40.64
N LEU H 370 -48.72 13.50 41.03
CA LEU H 370 -48.95 12.57 42.12
C LEU H 370 -48.67 11.14 41.69
N PHE H 371 -48.80 10.85 40.40
CA PHE H 371 -48.39 9.54 39.91
C PHE H 371 -46.87 9.42 39.91
N LEU H 372 -46.18 10.49 39.53
CA LEU H 372 -44.72 10.47 39.50
C LEU H 372 -44.16 10.43 40.92
N ALA H 373 -44.78 11.17 41.84
CA ALA H 373 -44.40 11.08 43.24
C ALA H 373 -44.84 9.77 43.86
N LEU H 374 -45.85 9.12 43.28
CA LEU H 374 -46.19 7.77 43.70
C LEU H 374 -45.13 6.78 43.25
N LEU H 375 -44.52 7.04 42.09
CA LEU H 375 -43.33 6.27 41.70
C LEU H 375 -42.15 6.60 42.58
N LEU H 376 -42.08 7.83 43.09
CA LEU H 376 -41.05 8.16 44.06
C LEU H 376 -41.30 7.46 45.40
N GLN H 377 -42.57 7.24 45.73
CA GLN H 377 -42.92 6.66 47.02
C GLN H 377 -42.76 5.15 47.01
N ARG H 378 -43.24 4.49 45.96
CA ARG H 378 -43.01 3.06 45.82
C ARG H 378 -41.55 2.76 45.51
N THR H 379 -40.90 3.65 44.76
CA THR H 379 -39.49 3.46 44.42
C THR H 379 -38.60 3.61 45.65
N PHE H 380 -38.81 4.67 46.43
CA PHE H 380 -38.04 4.85 47.65
C PHE H 380 -38.45 3.83 48.70
N LEU H 381 -39.71 3.38 48.66
CA LEU H 381 -40.18 2.36 49.58
C LEU H 381 -39.45 1.04 49.35
N GLN H 382 -39.46 0.56 48.10
CA GLN H 382 -38.71 -0.65 47.76
C GLN H 382 -37.20 -0.42 47.81
N ALA H 383 -36.76 0.82 47.77
CA ALA H 383 -35.33 1.09 47.90
C ALA H 383 -34.88 0.89 49.34
N SER H 384 -35.62 1.47 50.30
CA SER H 384 -35.32 1.26 51.70
C SER H 384 -35.57 -0.18 52.12
N TYR H 385 -36.55 -0.82 51.48
CA TYR H 385 -36.72 -2.26 51.62
C TYR H 385 -35.48 -3.00 51.15
N TYR H 386 -34.90 -2.57 50.03
CA TYR H 386 -33.73 -3.21 49.46
C TYR H 386 -32.52 -3.06 50.36
N VAL H 387 -32.29 -1.86 50.88
CA VAL H 387 -31.17 -1.64 51.80
C VAL H 387 -31.44 -2.35 53.12
N ALA H 388 -32.70 -2.55 53.48
CA ALA H 388 -33.01 -3.33 54.67
C ALA H 388 -32.67 -4.79 54.48
N ILE H 389 -32.97 -5.35 53.30
CA ILE H 389 -32.67 -6.76 53.04
C ILE H 389 -31.17 -6.97 52.94
N GLU H 390 -30.46 -6.02 52.30
CA GLU H 390 -29.01 -6.11 52.26
C GLU H 390 -28.39 -5.95 53.64
N THR H 391 -29.01 -5.11 54.48
CA THR H 391 -28.55 -4.92 55.84
C THR H 391 -28.75 -6.19 56.65
N GLY H 392 -29.86 -6.90 56.45
CA GLY H 392 -30.05 -8.18 57.11
C GLY H 392 -29.14 -9.26 56.57
N ILE H 393 -28.76 -9.17 55.30
CA ILE H 393 -27.84 -10.13 54.71
C ILE H 393 -26.46 -9.98 55.33
N ASN H 394 -25.95 -8.75 55.38
CA ASN H 394 -24.70 -8.49 56.07
C ASN H 394 -24.81 -8.73 57.57
N LEU H 395 -26.02 -8.65 58.12
CA LEU H 395 -26.25 -8.91 59.53
C LEU H 395 -26.04 -10.38 59.85
N ARG H 396 -26.79 -11.27 59.17
CA ARG H 396 -26.68 -12.69 59.46
C ARG H 396 -25.35 -13.26 58.99
N GLY H 397 -24.75 -12.64 57.97
CA GLY H 397 -23.42 -13.07 57.56
C GLY H 397 -22.36 -12.70 58.56
N ALA H 398 -22.42 -11.46 59.07
CA ALA H 398 -21.40 -11.00 60.02
C ALA H 398 -21.56 -11.69 61.37
N ILE H 399 -22.79 -11.74 61.89
CA ILE H 399 -23.04 -12.39 63.17
C ILE H 399 -22.88 -13.89 63.05
N GLN H 400 -23.11 -14.45 61.86
CA GLN H 400 -22.76 -15.84 61.62
C GLN H 400 -21.25 -16.03 61.66
N THR H 401 -20.49 -15.07 61.11
CA THR H 401 -19.04 -15.20 61.04
C THR H 401 -18.42 -15.15 62.43
N LYS H 402 -18.76 -14.13 63.21
CA LYS H 402 -18.27 -14.08 64.59
C LYS H 402 -18.94 -15.14 65.46
N ILE H 403 -20.09 -15.67 65.05
CA ILE H 403 -20.75 -16.71 65.81
C ILE H 403 -19.96 -18.01 65.73
N TYR H 404 -19.80 -18.54 64.52
CA TYR H 404 -19.12 -19.82 64.37
C TYR H 404 -17.61 -19.69 64.56
N ASN H 405 -17.06 -18.49 64.31
CA ASN H 405 -15.69 -18.23 64.70
C ASN H 405 -15.56 -18.20 66.22
N LYS H 406 -16.59 -17.71 66.91
CA LYS H 406 -16.55 -17.62 68.36
C LYS H 406 -16.63 -19.00 69.00
N ILE H 407 -17.58 -19.83 68.56
CA ILE H 407 -17.70 -21.16 69.14
C ILE H 407 -16.57 -22.07 68.64
N MET H 408 -16.05 -21.79 67.46
CA MET H 408 -14.90 -22.55 66.97
C MET H 408 -13.63 -22.19 67.72
N HIS H 409 -13.54 -20.96 68.23
CA HIS H 409 -12.33 -20.53 68.91
C HIS H 409 -12.38 -20.74 70.42
N MET H 410 -13.58 -20.77 71.00
CA MET H 410 -13.70 -20.72 72.45
C MET H 410 -13.36 -22.06 73.09
N SER H 411 -14.16 -23.09 72.79
CA SER H 411 -14.08 -24.43 73.41
C SER H 411 -14.11 -24.37 74.93
N THR H 412 -15.11 -23.67 75.46
CA THR H 412 -15.28 -23.51 76.89
C THR H 412 -16.57 -24.20 77.34
N SER H 413 -16.53 -24.67 78.60
CA SER H 413 -17.65 -25.34 79.28
C SER H 413 -18.12 -26.58 78.51
N ASN H 414 -17.22 -27.57 78.46
CA ASN H 414 -17.49 -28.81 77.75
C ASN H 414 -18.54 -29.70 78.41
N LEU H 415 -18.99 -29.36 79.62
CA LEU H 415 -20.02 -30.15 80.29
C LEU H 415 -21.36 -30.01 79.60
N SER H 416 -21.78 -28.77 79.31
CA SER H 416 -22.97 -28.57 78.49
C SER H 416 -22.71 -28.96 77.04
N MET H 417 -21.46 -28.86 76.58
CA MET H 417 -21.10 -29.39 75.29
C MET H 417 -21.01 -30.90 75.30
N GLY H 418 -20.89 -31.52 76.49
CA GLY H 418 -20.99 -32.96 76.59
C GLY H 418 -22.39 -33.46 76.30
N GLU H 419 -23.40 -32.65 76.59
CA GLU H 419 -24.76 -32.98 76.23
C GLU H 419 -25.05 -32.50 74.81
N MET H 420 -26.25 -32.80 74.33
CA MET H 420 -26.68 -32.38 73.00
C MET H 420 -27.31 -30.99 72.99
N THR H 421 -27.16 -30.23 74.09
CA THR H 421 -27.68 -28.87 74.15
C THR H 421 -26.93 -27.93 73.23
N ALA H 422 -25.68 -28.24 72.89
CA ALA H 422 -24.94 -27.41 71.95
C ALA H 422 -25.53 -27.52 70.55
N GLY H 423 -26.03 -28.70 70.19
CA GLY H 423 -26.72 -28.84 68.91
C GLY H 423 -28.05 -28.12 68.89
N GLN H 424 -28.73 -28.06 70.05
CA GLN H 424 -29.88 -27.20 70.17
C GLN H 424 -29.49 -25.73 70.09
N ILE H 425 -28.28 -25.39 70.53
CA ILE H 425 -27.81 -24.02 70.38
C ILE H 425 -27.46 -23.75 68.93
N CYS H 426 -27.14 -24.78 68.16
CA CYS H 426 -26.87 -24.58 66.74
C CYS H 426 -28.15 -24.42 65.95
N ASN H 427 -29.14 -25.29 66.21
CA ASN H 427 -30.41 -25.21 65.49
C ASN H 427 -31.19 -23.96 65.89
N LEU H 428 -31.25 -23.68 67.19
CA LEU H 428 -31.83 -22.43 67.65
C LEU H 428 -30.97 -21.22 67.31
N VAL H 429 -29.68 -21.43 67.04
CA VAL H 429 -28.87 -20.33 66.55
C VAL H 429 -29.23 -20.02 65.11
N ALA H 430 -29.59 -21.03 64.33
CA ALA H 430 -29.99 -20.80 62.95
C ALA H 430 -31.39 -20.19 62.90
N ILE H 431 -32.36 -20.80 63.58
CA ILE H 431 -33.74 -20.34 63.53
C ILE H 431 -33.89 -19.02 64.26
N ASP H 432 -33.10 -18.78 65.30
CA ASP H 432 -33.13 -17.51 65.99
C ASP H 432 -32.32 -16.45 65.27
N THR H 433 -31.30 -16.86 64.50
CA THR H 433 -30.51 -15.89 63.76
C THR H 433 -31.29 -15.37 62.56
N ASN H 434 -31.83 -16.27 61.73
CA ASN H 434 -32.69 -15.84 60.64
C ASN H 434 -34.00 -15.28 61.16
N GLN H 435 -34.43 -15.72 62.34
CA GLN H 435 -35.54 -15.07 63.01
C GLN H 435 -35.19 -13.68 63.50
N LEU H 436 -33.90 -13.39 63.68
CA LEU H 436 -33.46 -12.08 64.12
C LEU H 436 -33.28 -11.12 62.96
N MET H 437 -32.80 -11.62 61.83
CA MET H 437 -32.78 -10.82 60.61
C MET H 437 -34.19 -10.58 60.11
N TRP H 438 -35.04 -11.60 60.20
CA TRP H 438 -36.46 -11.44 59.92
C TRP H 438 -37.14 -10.59 60.97
N PHE H 439 -36.56 -10.47 62.16
CA PHE H 439 -37.06 -9.53 63.15
C PHE H 439 -36.64 -8.10 62.79
N PHE H 440 -35.47 -7.95 62.19
CA PHE H 440 -34.97 -6.66 61.77
C PHE H 440 -35.49 -6.28 60.38
N PHE H 441 -36.29 -7.17 59.77
CA PHE H 441 -36.62 -7.11 58.35
C PHE H 441 -37.40 -5.86 57.97
N LEU H 442 -38.23 -5.33 58.86
CA LEU H 442 -39.03 -4.16 58.56
C LEU H 442 -39.01 -3.18 59.71
N CYS H 443 -37.84 -2.98 60.31
CA CYS H 443 -37.69 -2.05 61.43
C CYS H 443 -37.89 -0.57 61.05
N PRO H 444 -37.42 -0.06 59.90
CA PRO H 444 -37.86 1.29 59.51
C PRO H 444 -39.32 1.37 59.13
N ASN H 445 -39.95 0.25 58.73
CA ASN H 445 -41.38 0.26 58.50
C ASN H 445 -42.14 0.44 59.80
N LEU H 446 -41.64 -0.17 60.89
CA LEU H 446 -42.21 0.08 62.20
C LEU H 446 -41.89 1.49 62.68
N TRP H 447 -40.72 2.01 62.31
CA TRP H 447 -40.37 3.37 62.72
C TRP H 447 -41.19 4.41 62.00
N THR H 448 -41.63 4.11 60.78
CA THR H 448 -42.41 5.04 59.97
C THR H 448 -43.90 4.74 59.98
N MET H 449 -44.33 3.68 60.68
CA MET H 449 -45.75 3.39 60.76
C MET H 449 -46.55 4.41 61.60
N PRO H 450 -46.15 4.79 62.84
CA PRO H 450 -47.00 5.74 63.58
C PRO H 450 -46.99 7.15 63.03
N VAL H 451 -45.97 7.54 62.27
CA VAL H 451 -45.99 8.84 61.62
C VAL H 451 -47.05 8.86 60.53
N GLN H 452 -47.20 7.74 59.82
CA GLN H 452 -48.23 7.65 58.79
C GLN H 452 -49.62 7.53 59.41
N ILE H 453 -49.72 6.84 60.55
CA ILE H 453 -51.01 6.72 61.22
C ILE H 453 -51.43 8.06 61.81
N ILE H 454 -50.46 8.82 62.33
CA ILE H 454 -50.76 10.11 62.96
C ILE H 454 -51.05 11.18 61.91
N VAL H 455 -50.29 11.16 60.80
CA VAL H 455 -50.51 12.16 59.77
C VAL H 455 -51.80 11.86 59.01
N GLY H 456 -52.04 10.59 58.69
CA GLY H 456 -53.28 10.22 58.04
C GLY H 456 -54.49 10.39 58.93
N VAL H 457 -54.32 10.18 60.24
CA VAL H 457 -55.39 10.47 61.18
C VAL H 457 -55.60 11.97 61.31
N ILE H 458 -54.54 12.76 61.10
CA ILE H 458 -54.67 14.21 61.18
C ILE H 458 -55.43 14.74 59.97
N LEU H 459 -55.09 14.25 58.78
CA LEU H 459 -55.85 14.64 57.59
C LEU H 459 -57.28 14.12 57.63
N LEU H 460 -57.47 12.94 58.23
CA LEU H 460 -58.82 12.46 58.53
C LEU H 460 -59.54 13.40 59.48
N TYR H 461 -58.81 14.04 60.40
CA TYR H 461 -59.43 15.04 61.27
C TYR H 461 -59.73 16.32 60.52
N TYR H 462 -58.94 16.65 59.49
CA TYR H 462 -59.34 17.76 58.62
C TYR H 462 -60.55 17.41 57.78
N ILE H 463 -60.82 16.13 57.53
CA ILE H 463 -62.06 15.74 56.87
C ILE H 463 -63.25 15.91 57.81
N LEU H 464 -63.25 15.15 58.92
CA LEU H 464 -64.34 15.19 59.91
C LEU H 464 -63.83 14.60 61.21
N GLY H 465 -64.72 14.49 62.19
CA GLY H 465 -64.36 13.89 63.45
C GLY H 465 -64.84 12.46 63.63
N VAL H 466 -66.12 12.22 63.31
CA VAL H 466 -66.76 10.95 63.60
C VAL H 466 -66.23 9.84 62.70
N SER H 467 -65.78 10.19 61.49
CA SER H 467 -65.14 9.20 60.63
C SER H 467 -63.80 8.78 61.18
N ALA H 468 -63.05 9.72 61.75
CA ALA H 468 -61.78 9.39 62.41
C ALA H 468 -62.01 8.56 63.65
N LEU H 469 -63.11 8.80 64.37
CA LEU H 469 -63.45 7.94 65.50
C LEU H 469 -63.83 6.54 65.04
N ILE H 470 -64.49 6.45 63.88
CA ILE H 470 -64.94 5.15 63.38
C ILE H 470 -63.77 4.31 62.89
N GLY H 471 -62.96 4.86 61.98
CA GLY H 471 -61.85 4.10 61.45
C GLY H 471 -60.73 3.92 62.45
N ALA H 472 -60.45 4.95 63.26
CA ALA H 472 -59.40 4.85 64.27
C ALA H 472 -59.81 3.91 65.40
N ALA H 473 -61.10 3.86 65.74
CA ALA H 473 -61.56 2.84 66.67
C ALA H 473 -61.55 1.46 66.04
N VAL H 474 -61.72 1.39 64.71
CA VAL H 474 -61.73 0.10 64.02
C VAL H 474 -60.33 -0.50 63.99
N ILE H 475 -59.32 0.33 63.73
CA ILE H 475 -57.95 -0.17 63.83
C ILE H 475 -57.56 -0.38 65.28
N ILE H 476 -58.10 0.45 66.17
CA ILE H 476 -57.78 0.38 67.60
C ILE H 476 -58.33 -0.88 68.23
N LEU H 477 -59.39 -1.45 67.65
CA LEU H 477 -59.83 -2.78 68.04
C LEU H 477 -59.25 -3.87 67.15
N LEU H 478 -58.80 -3.52 65.96
CA LEU H 478 -58.31 -4.52 65.01
C LEU H 478 -56.90 -4.99 65.35
N ALA H 479 -56.11 -4.16 66.04
CA ALA H 479 -54.76 -4.60 66.40
C ALA H 479 -54.73 -5.69 67.47
N PRO H 480 -55.45 -5.61 68.62
CA PRO H 480 -55.30 -6.69 69.61
C PRO H 480 -55.90 -8.02 69.18
N VAL H 481 -56.90 -8.02 68.30
CA VAL H 481 -57.36 -9.26 67.71
C VAL H 481 -56.32 -9.81 66.75
N GLN H 482 -55.54 -8.92 66.13
CA GLN H 482 -54.52 -9.36 65.18
C GLN H 482 -53.37 -10.04 65.89
N TYR H 483 -52.72 -9.37 66.85
CA TYR H 483 -51.59 -10.03 67.47
C TYR H 483 -52.00 -11.02 68.55
N PHE H 484 -53.17 -10.84 69.17
CA PHE H 484 -53.60 -11.81 70.15
C PHE H 484 -54.17 -13.07 69.49
N VAL H 485 -55.01 -12.90 68.47
CA VAL H 485 -55.52 -14.06 67.75
C VAL H 485 -54.41 -14.73 66.96
N ALA H 486 -53.46 -13.95 66.46
CA ALA H 486 -52.29 -14.51 65.80
C ALA H 486 -51.37 -15.21 66.79
N THR H 487 -51.36 -14.74 68.04
CA THR H 487 -50.63 -15.46 69.07
C THR H 487 -51.33 -16.76 69.43
N LYS H 488 -52.66 -16.78 69.36
CA LYS H 488 -53.40 -18.03 69.54
C LYS H 488 -53.12 -18.99 68.40
N LEU H 489 -52.98 -18.46 67.18
CA LEU H 489 -52.56 -19.28 66.06
C LEU H 489 -51.11 -19.72 66.18
N SER H 490 -50.29 -18.96 66.92
CA SER H 490 -48.90 -19.36 67.15
C SER H 490 -48.81 -20.48 68.15
N GLN H 491 -49.62 -20.44 69.21
CA GLN H 491 -49.72 -21.58 70.12
C GLN H 491 -50.35 -22.78 69.42
N ALA H 492 -51.27 -22.52 68.48
CA ALA H 492 -51.80 -23.59 67.64
C ALA H 492 -50.72 -24.18 66.75
N GLN H 493 -49.74 -23.37 66.34
CA GLN H 493 -48.59 -23.88 65.61
C GLN H 493 -47.60 -24.59 66.52
N ARG H 494 -47.61 -24.29 67.81
CA ARG H 494 -46.73 -25.00 68.74
C ARG H 494 -47.30 -26.40 69.03
N THR H 495 -48.57 -26.48 69.41
CA THR H 495 -49.18 -27.77 69.70
C THR H 495 -49.39 -28.58 68.43
N THR H 496 -49.78 -27.91 67.34
CA THR H 496 -49.89 -28.58 66.06
C THR H 496 -48.52 -28.97 65.52
N LEU H 497 -47.47 -28.25 65.90
CA LEU H 497 -46.11 -28.66 65.55
C LEU H 497 -45.68 -29.86 66.38
N GLU H 498 -46.19 -30.00 67.60
CA GLU H 498 -45.89 -31.18 68.40
C GLU H 498 -46.59 -32.41 67.86
N HIS H 499 -47.87 -32.27 67.50
CA HIS H 499 -48.60 -33.39 66.91
C HIS H 499 -48.08 -33.73 65.52
N SER H 500 -47.63 -32.73 64.77
CA SER H 500 -47.00 -33.00 63.49
C SER H 500 -45.63 -33.64 63.66
N ASN H 501 -44.96 -33.35 64.79
CA ASN H 501 -43.74 -34.07 65.11
C ASN H 501 -44.04 -35.52 65.47
N GLU H 502 -45.20 -35.78 66.09
CA GLU H 502 -45.64 -37.16 66.27
C GLU H 502 -45.99 -37.82 64.94
N ARG H 503 -46.47 -37.03 63.97
CA ARG H 503 -46.69 -37.55 62.63
C ARG H 503 -45.36 -37.85 61.93
N LEU H 504 -44.32 -37.09 62.25
CA LEU H 504 -42.99 -37.41 61.73
C LEU H 504 -42.41 -38.64 62.39
N LYS H 505 -42.70 -38.84 63.67
CA LYS H 505 -42.22 -40.03 64.38
C LYS H 505 -42.93 -41.28 63.87
N GLN H 506 -44.23 -41.19 63.61
CA GLN H 506 -44.93 -42.29 62.96
C GLN H 506 -44.57 -42.41 61.49
N THR H 507 -44.02 -41.34 60.89
CA THR H 507 -43.60 -41.40 59.50
C THR H 507 -42.28 -42.16 59.35
N ASN H 508 -41.31 -41.87 60.21
CA ASN H 508 -40.08 -42.67 60.23
C ASN H 508 -40.33 -44.05 60.80
N GLU H 509 -41.36 -44.18 61.66
CA GLU H 509 -41.83 -45.50 62.06
C GLU H 509 -42.46 -46.25 60.89
N MET H 510 -43.03 -45.53 59.93
CA MET H 510 -43.51 -46.16 58.70
C MET H 510 -42.36 -46.47 57.76
N LEU H 511 -41.26 -45.72 57.86
CA LEU H 511 -40.03 -46.14 57.19
C LEU H 511 -39.49 -47.42 57.81
N ARG H 512 -39.65 -47.56 59.13
CA ARG H 512 -39.36 -48.84 59.78
C ARG H 512 -40.35 -49.92 59.34
N GLY H 513 -41.59 -49.52 59.02
CA GLY H 513 -42.53 -50.47 58.46
C GLY H 513 -42.16 -50.93 57.07
N MET H 514 -41.54 -50.05 56.28
CA MET H 514 -40.96 -50.46 55.02
C MET H 514 -39.72 -51.32 55.24
N LYS H 515 -39.03 -51.13 56.37
CA LYS H 515 -37.96 -52.05 56.73
C LYS H 515 -38.49 -53.39 57.24
N LEU H 516 -39.76 -53.44 57.65
CA LEU H 516 -40.35 -54.63 58.23
C LEU H 516 -40.94 -55.51 57.12
N LEU H 517 -41.75 -56.49 57.52
CA LEU H 517 -42.34 -57.45 56.58
C LEU H 517 -43.51 -56.82 55.84
N LYS H 518 -44.26 -57.64 55.11
CA LYS H 518 -45.37 -57.14 54.29
C LYS H 518 -46.69 -57.17 55.04
N LEU H 519 -47.11 -58.35 55.50
CA LEU H 519 -48.45 -58.51 56.07
C LEU H 519 -48.54 -57.90 57.47
N TYR H 520 -47.52 -58.13 58.31
CA TYR H 520 -47.55 -57.67 59.69
C TYR H 520 -47.44 -56.14 59.75
N ALA H 521 -46.50 -55.56 59.01
CA ALA H 521 -46.37 -54.12 59.00
C ALA H 521 -47.49 -53.45 58.21
N TRP H 522 -48.10 -54.17 57.25
CA TRP H 522 -49.24 -53.61 56.53
C TRP H 522 -50.45 -53.51 57.44
N GLU H 523 -50.75 -54.57 58.19
CA GLU H 523 -51.92 -54.55 59.06
C GLU H 523 -51.68 -53.67 60.29
N SER H 524 -50.63 -53.96 61.05
CA SER H 524 -50.37 -53.24 62.29
C SER H 524 -49.88 -51.82 62.05
N ILE H 525 -49.15 -51.59 60.96
CA ILE H 525 -48.66 -50.24 60.69
C ILE H 525 -49.64 -49.41 59.87
N PHE H 526 -50.47 -50.05 59.04
CA PHE H 526 -51.54 -49.30 58.39
C PHE H 526 -52.62 -48.93 59.40
N CYS H 527 -52.99 -49.86 60.28
CA CYS H 527 -54.01 -49.59 61.29
C CYS H 527 -53.47 -48.69 62.38
N SER H 528 -52.28 -48.98 62.90
CA SER H 528 -51.73 -48.19 63.99
C SER H 528 -51.26 -46.82 63.50
N ARG H 529 -50.59 -46.78 62.35
CA ARG H 529 -50.11 -45.50 61.83
C ARG H 529 -51.25 -44.66 61.28
N VAL H 530 -52.28 -45.30 60.72
CA VAL H 530 -53.43 -44.53 60.25
C VAL H 530 -54.28 -44.06 61.41
N GLU H 531 -54.36 -44.83 62.49
CA GLU H 531 -55.18 -44.42 63.63
C GLU H 531 -54.49 -43.34 64.46
N VAL H 532 -53.19 -43.52 64.74
CA VAL H 532 -52.46 -42.51 65.50
C VAL H 532 -52.20 -41.28 64.64
N THR H 533 -52.00 -41.47 63.34
CA THR H 533 -51.82 -40.33 62.44
C THR H 533 -53.14 -39.58 62.24
N ARG H 534 -54.27 -40.28 62.29
CA ARG H 534 -55.56 -39.61 62.34
C ARG H 534 -55.83 -38.99 63.69
N ARG H 535 -55.16 -39.46 64.74
CA ARG H 535 -55.33 -38.89 66.07
C ARG H 535 -54.58 -37.57 66.20
N LYS H 536 -53.27 -37.58 65.94
CA LYS H 536 -52.48 -36.36 65.98
C LYS H 536 -52.85 -35.43 64.83
N GLU H 537 -53.22 -35.98 63.67
CA GLU H 537 -53.75 -35.17 62.59
C GLU H 537 -55.15 -34.68 62.86
N MET H 538 -55.86 -35.29 63.82
CA MET H 538 -57.15 -34.79 64.23
C MET H 538 -57.01 -33.64 65.22
N THR H 539 -56.06 -33.76 66.16
CA THR H 539 -55.78 -32.66 67.08
C THR H 539 -55.18 -31.47 66.33
N SER H 540 -54.28 -31.74 65.39
CA SER H 540 -53.78 -30.69 64.51
C SER H 540 -54.78 -30.29 63.44
N LEU H 541 -55.83 -31.08 63.23
CA LEU H 541 -56.90 -30.69 62.33
C LEU H 541 -57.81 -29.68 63.01
N ARG H 542 -58.11 -29.89 64.30
CA ARG H 542 -58.86 -28.89 65.07
C ARG H 542 -58.01 -27.66 65.33
N ALA H 543 -56.71 -27.85 65.54
CA ALA H 543 -55.80 -26.71 65.63
C ALA H 543 -55.71 -25.96 64.30
N PHE H 544 -55.80 -26.69 63.19
CA PHE H 544 -55.87 -26.06 61.88
C PHE H 544 -57.19 -25.33 61.69
N ALA H 545 -58.26 -25.81 62.33
CA ALA H 545 -59.53 -25.10 62.28
C ALA H 545 -59.48 -23.83 63.10
N VAL H 546 -58.72 -23.83 64.20
CA VAL H 546 -58.57 -22.60 64.98
C VAL H 546 -57.69 -21.60 64.24
N TYR H 547 -56.65 -22.10 63.56
CA TYR H 547 -55.76 -21.21 62.81
C TYR H 547 -56.47 -20.62 61.60
N THR H 548 -57.21 -21.45 60.86
CA THR H 548 -58.03 -20.94 59.77
C THR H 548 -59.19 -20.09 60.27
N SER H 549 -59.60 -20.28 61.53
CA SER H 549 -60.60 -19.39 62.13
C SER H 549 -60.02 -18.02 62.42
N ILE H 550 -58.74 -17.97 62.83
CA ILE H 550 -58.10 -16.67 63.02
C ILE H 550 -57.81 -16.02 61.67
N SER H 551 -57.52 -16.82 60.64
CA SER H 551 -57.40 -16.29 59.29
C SER H 551 -58.74 -15.74 58.81
N ILE H 552 -59.84 -16.39 59.20
CA ILE H 552 -61.16 -15.86 58.95
C ILE H 552 -61.46 -14.66 59.83
N PHE H 553 -60.75 -14.60 60.95
CA PHE H 553 -60.81 -13.46 61.85
C PHE H 553 -60.20 -12.29 61.09
N MET H 554 -59.09 -12.56 60.39
CA MET H 554 -58.41 -11.57 59.56
C MET H 554 -59.29 -11.16 58.40
N ASN H 555 -59.96 -12.14 57.79
CA ASN H 555 -60.86 -11.90 56.67
C ASN H 555 -62.01 -11.01 57.12
N THR H 556 -62.52 -11.30 58.31
CA THR H 556 -63.60 -10.55 58.95
C THR H 556 -63.14 -9.13 59.26
N ALA H 557 -61.87 -9.02 59.67
CA ALA H 557 -61.28 -7.75 60.03
C ALA H 557 -61.31 -6.77 58.89
N ILE H 558 -61.03 -7.19 57.66
CA ILE H 558 -61.15 -6.18 56.60
C ILE H 558 -62.57 -5.62 56.47
N PRO H 559 -63.66 -6.41 56.62
CA PRO H 559 -64.99 -5.76 56.76
C PRO H 559 -65.16 -4.95 58.04
N ILE H 560 -64.25 -5.07 59.00
CA ILE H 560 -64.35 -4.22 60.17
C ILE H 560 -64.14 -2.79 59.66
N ALA H 561 -63.14 -2.63 58.79
CA ALA H 561 -62.81 -1.37 58.17
C ALA H 561 -63.96 -0.94 57.26
N ALA H 562 -64.54 -1.91 56.56
CA ALA H 562 -65.67 -1.67 55.68
C ALA H 562 -66.85 -1.16 56.49
N VAL H 563 -67.07 -1.77 57.66
CA VAL H 563 -68.14 -1.36 58.55
C VAL H 563 -67.91 0.06 59.04
N LEU H 564 -66.64 0.37 59.34
CA LEU H 564 -66.28 1.72 59.78
C LEU H 564 -66.56 2.73 58.67
N ILE H 565 -66.26 2.36 57.42
CA ILE H 565 -66.48 3.24 56.28
C ILE H 565 -67.96 3.57 56.16
N THR H 566 -68.81 2.56 56.33
CA THR H 566 -70.26 2.76 56.29
C THR H 566 -70.75 3.51 57.52
N PHE H 567 -70.27 3.11 58.72
CA PHE H 567 -70.60 3.83 59.94
C PHE H 567 -69.96 5.20 59.97
N VAL H 568 -68.82 5.36 59.29
CA VAL H 568 -68.12 6.64 59.24
C VAL H 568 -68.94 7.64 58.44
N GLY H 569 -69.36 7.27 57.23
CA GLY H 569 -70.15 8.18 56.41
C GLY H 569 -71.56 8.36 56.93
N HIS H 570 -72.12 7.31 57.54
CA HIS H 570 -73.48 7.38 58.06
C HIS H 570 -73.56 8.24 59.30
N VAL H 571 -72.74 7.92 60.32
CA VAL H 571 -72.80 8.64 61.58
C VAL H 571 -72.17 10.02 61.45
N SER H 572 -71.07 10.12 60.70
CA SER H 572 -70.48 11.42 60.41
C SER H 572 -71.35 12.26 59.51
N PHE H 573 -72.24 11.63 58.73
CA PHE H 573 -73.24 12.38 58.01
C PHE H 573 -74.36 12.84 58.92
N PHE H 574 -74.74 12.03 59.90
CA PHE H 574 -75.91 12.35 60.71
C PHE H 574 -75.60 13.35 61.82
N LYS H 575 -74.38 13.34 62.36
CA LYS H 575 -74.03 14.30 63.41
C LYS H 575 -73.94 15.72 62.86
N GLU H 576 -73.41 15.88 61.65
CA GLU H 576 -73.30 17.18 61.02
C GLU H 576 -74.54 17.44 60.16
N SER H 577 -74.49 18.49 59.35
CA SER H 577 -75.61 18.88 58.50
C SER H 577 -75.11 19.27 57.11
N ASP H 578 -74.22 18.46 56.54
CA ASP H 578 -73.71 18.74 55.19
C ASP H 578 -73.38 17.44 54.48
N LEU H 579 -73.38 17.51 53.15
CA LEU H 579 -73.08 16.37 52.28
C LEU H 579 -72.03 16.79 51.26
N SER H 580 -71.11 15.88 50.94
CA SER H 580 -70.03 16.17 50.01
C SER H 580 -69.54 14.85 49.41
N PRO H 581 -69.01 14.87 48.18
CA PRO H 581 -68.38 13.66 47.63
C PRO H 581 -66.91 13.53 47.99
N SER H 582 -66.47 14.31 48.97
CA SER H 582 -65.05 14.35 49.33
C SER H 582 -64.63 13.10 50.10
N VAL H 583 -65.25 12.87 51.26
CA VAL H 583 -64.75 11.90 52.21
C VAL H 583 -65.01 10.46 51.76
N ALA H 584 -65.88 10.25 50.79
CA ALA H 584 -66.10 8.89 50.29
C ALA H 584 -64.89 8.41 49.51
N PHE H 585 -64.53 9.13 48.43
CA PHE H 585 -63.38 8.76 47.63
C PHE H 585 -62.08 8.97 48.41
N ALA H 586 -61.93 10.16 49.01
CA ALA H 586 -60.69 10.52 49.66
C ALA H 586 -60.50 9.77 50.97
N SER H 587 -61.54 9.75 51.81
CA SER H 587 -61.41 9.05 53.08
C SER H 587 -61.44 7.55 52.89
N LEU H 588 -61.99 7.04 51.79
CA LEU H 588 -61.87 5.60 51.53
C LEU H 588 -60.36 5.29 51.33
N SER H 589 -59.71 6.21 50.61
CA SER H 589 -58.28 6.12 50.29
C SER H 589 -57.43 6.13 51.55
N LEU H 590 -57.84 6.94 52.53
CA LEU H 590 -57.15 7.01 53.82
C LEU H 590 -57.24 5.66 54.51
N PHE H 591 -58.42 5.03 54.43
CA PHE H 591 -58.64 3.71 55.00
C PHE H 591 -57.72 2.67 54.36
N HIS H 592 -57.48 2.77 53.05
CA HIS H 592 -56.59 1.78 52.41
C HIS H 592 -55.17 1.81 53.03
N ILE H 593 -54.66 3.01 53.26
CA ILE H 593 -53.39 3.29 53.91
C ILE H 593 -53.28 2.65 55.29
N LEU H 594 -54.37 2.68 56.03
CA LEU H 594 -54.43 2.15 57.39
C LEU H 594 -54.18 0.65 57.52
N VAL H 595 -54.68 -0.13 56.58
CA VAL H 595 -54.54 -1.59 56.63
C VAL H 595 -53.10 -2.09 56.62
N THR H 596 -52.24 -1.49 55.80
CA THR H 596 -50.85 -1.91 55.71
C THR H 596 -50.12 -1.73 57.04
N PRO H 597 -50.41 -0.61 57.70
CA PRO H 597 -49.80 -0.26 59.00
C PRO H 597 -50.43 -0.94 60.20
N LEU H 598 -51.66 -1.46 60.09
CA LEU H 598 -52.28 -2.13 61.22
C LEU H 598 -51.64 -3.50 61.46
N PHE H 599 -51.78 -4.40 60.48
CA PHE H 599 -51.25 -5.75 60.64
C PHE H 599 -49.73 -5.76 60.55
N LEU H 600 -49.15 -4.81 59.83
CA LEU H 600 -47.70 -4.62 59.88
C LEU H 600 -47.26 -4.05 61.21
N LEU H 601 -48.14 -3.32 61.90
CA LEU H 601 -47.80 -2.77 63.20
C LEU H 601 -47.79 -3.86 64.27
N SER H 602 -48.84 -4.68 64.29
CA SER H 602 -48.86 -5.78 65.27
C SER H 602 -47.83 -6.84 64.92
N SER H 603 -47.62 -7.08 63.62
CA SER H 603 -46.56 -7.98 63.18
C SER H 603 -45.19 -7.44 63.52
N VAL H 604 -45.03 -6.11 63.52
CA VAL H 604 -43.79 -5.51 63.99
C VAL H 604 -43.68 -5.58 65.50
N VAL H 605 -44.81 -5.67 66.20
CA VAL H 605 -44.77 -5.78 67.66
C VAL H 605 -44.29 -7.17 68.07
N ARG H 606 -44.89 -8.20 67.48
CA ARG H 606 -44.42 -9.55 67.75
C ARG H 606 -43.03 -9.78 67.15
N SER H 607 -42.69 -9.03 66.09
CA SER H 607 -41.34 -9.04 65.58
C SER H 607 -40.37 -8.40 66.57
N THR H 608 -40.84 -7.44 67.36
CA THR H 608 -39.99 -6.84 68.36
C THR H 608 -39.84 -7.74 69.58
N VAL H 609 -40.90 -8.49 69.93
CA VAL H 609 -40.79 -9.45 71.02
C VAL H 609 -39.86 -10.58 70.65
N LYS H 610 -39.99 -11.09 69.42
CA LYS H 610 -39.03 -12.07 68.91
C LYS H 610 -37.65 -11.46 68.71
N ALA H 611 -37.57 -10.15 68.53
CA ALA H 611 -36.27 -9.50 68.41
C ALA H 611 -35.55 -9.45 69.76
N LEU H 612 -36.27 -9.11 70.82
CA LEU H 612 -35.68 -9.11 72.14
C LEU H 612 -35.37 -10.52 72.62
N VAL H 613 -36.20 -11.50 72.21
CA VAL H 613 -35.91 -12.88 72.55
C VAL H 613 -34.70 -13.39 71.78
N SER H 614 -34.55 -12.97 70.52
CA SER H 614 -33.42 -13.42 69.71
C SER H 614 -32.11 -12.78 70.17
N VAL H 615 -32.17 -11.51 70.57
CA VAL H 615 -30.98 -10.87 71.13
C VAL H 615 -30.68 -11.42 72.51
N GLN H 616 -31.71 -11.87 73.23
CA GLN H 616 -31.49 -12.51 74.51
C GLN H 616 -30.80 -13.86 74.35
N LYS H 617 -31.20 -14.63 73.34
CA LYS H 617 -30.52 -15.90 73.08
C LYS H 617 -29.13 -15.68 72.52
N LEU H 618 -28.91 -14.59 71.79
CA LEU H 618 -27.58 -14.27 71.29
C LEU H 618 -26.65 -13.87 72.42
N SER H 619 -27.16 -13.08 73.37
CA SER H 619 -26.36 -12.73 74.54
C SER H 619 -26.14 -13.94 75.44
N GLU H 620 -27.09 -14.87 75.47
CA GLU H 620 -26.89 -16.10 76.21
C GLU H 620 -25.84 -16.99 75.55
N PHE H 621 -25.75 -16.95 74.22
CA PHE H 621 -24.69 -17.67 73.53
C PHE H 621 -23.35 -16.95 73.63
N LEU H 622 -23.37 -15.64 73.91
CA LEU H 622 -22.14 -14.85 73.93
C LEU H 622 -21.21 -15.21 75.08
N SER H 623 -21.69 -15.93 76.09
CA SER H 623 -20.84 -16.39 77.17
C SER H 623 -19.91 -17.50 76.69
N CYS H 686 10.83 -35.61 73.24
CA CYS H 686 9.78 -35.16 72.33
C CYS H 686 8.52 -34.74 73.09
N VAL H 687 8.26 -35.43 74.20
CA VAL H 687 7.10 -35.18 75.06
C VAL H 687 7.60 -34.97 76.47
N GLN H 688 7.16 -33.89 77.12
CA GLN H 688 7.43 -33.70 78.54
C GLN H 688 6.14 -33.33 79.28
N ILE H 689 5.76 -34.15 80.24
CA ILE H 689 4.57 -33.91 81.07
C ILE H 689 5.03 -33.91 82.52
N ILE H 690 4.72 -32.84 83.24
CA ILE H 690 5.14 -32.65 84.62
C ILE H 690 3.94 -32.25 85.46
N GLY H 691 3.61 -33.08 86.47
CA GLY H 691 2.57 -32.77 87.45
C GLY H 691 1.22 -32.29 86.95
N GLY H 692 0.67 -33.00 85.97
CA GLY H 692 -0.46 -32.53 85.20
C GLY H 692 -1.77 -33.04 85.77
N PHE H 693 -2.73 -32.12 85.87
CA PHE H 693 -4.03 -32.35 86.49
C PHE H 693 -5.13 -32.06 85.49
N PHE H 694 -6.12 -32.95 85.43
CA PHE H 694 -7.16 -32.92 84.41
C PHE H 694 -8.51 -33.05 85.08
N THR H 695 -9.48 -32.30 84.56
CA THR H 695 -10.84 -32.23 85.06
C THR H 695 -11.88 -32.47 83.97
N TRP H 696 -13.06 -32.92 84.41
CA TRP H 696 -14.24 -32.93 83.58
C TRP H 696 -14.98 -31.60 83.66
N THR H 697 -14.71 -30.82 84.70
CA THR H 697 -15.45 -29.63 85.10
C THR H 697 -14.53 -28.76 85.94
N PRO H 698 -14.19 -27.55 85.48
CA PRO H 698 -13.26 -26.70 86.25
C PRO H 698 -13.84 -26.12 87.53
N ASP H 699 -15.17 -26.20 87.72
CA ASP H 699 -15.81 -25.76 88.95
C ASP H 699 -15.54 -26.69 90.12
N GLY H 700 -15.09 -27.91 89.85
CA GLY H 700 -14.76 -28.89 90.86
C GLY H 700 -13.32 -29.36 90.78
N ILE H 701 -12.96 -30.19 91.75
CA ILE H 701 -11.65 -30.86 91.83
C ILE H 701 -11.36 -31.62 90.53
N PRO H 702 -10.13 -31.52 90.01
CA PRO H 702 -9.70 -32.36 88.88
C PRO H 702 -10.02 -33.84 89.02
N THR H 703 -10.41 -34.44 87.90
CA THR H 703 -10.68 -35.87 87.82
C THR H 703 -9.38 -36.68 87.80
N LEU H 704 -8.34 -36.13 87.19
CA LEU H 704 -7.04 -36.76 87.09
C LEU H 704 -6.01 -35.90 87.80
N SER H 705 -5.16 -36.53 88.60
CA SER H 705 -4.24 -35.81 89.48
C SER H 705 -2.84 -36.37 89.33
N ASN H 706 -1.87 -35.46 89.12
CA ASN H 706 -0.44 -35.74 89.11
C ASN H 706 -0.04 -36.77 88.05
N ILE H 707 -0.66 -36.69 86.87
CA ILE H 707 -0.42 -37.65 85.80
C ILE H 707 0.97 -37.34 85.26
N THR H 708 1.86 -38.33 85.28
CA THR H 708 3.21 -38.13 84.76
C THR H 708 3.70 -39.28 83.90
N ILE H 709 3.99 -38.97 82.64
CA ILE H 709 4.64 -39.90 81.72
C ILE H 709 5.19 -39.05 80.59
N ARG H 710 6.23 -39.55 79.94
CA ARG H 710 6.77 -38.92 78.74
C ARG H 710 6.94 -39.93 77.62
N ILE H 711 6.64 -39.52 76.39
CA ILE H 711 6.83 -40.46 75.29
C ILE H 711 7.91 -39.95 74.33
N PRO H 712 9.07 -40.60 74.29
CA PRO H 712 9.98 -40.47 73.13
C PRO H 712 9.25 -40.57 71.80
N ARG H 713 9.68 -39.75 70.84
CA ARG H 713 9.23 -39.87 69.46
C ARG H 713 9.55 -41.27 68.92
N GLY H 714 8.53 -41.90 68.37
CA GLY H 714 8.64 -43.25 67.85
C GLY H 714 8.35 -44.38 68.81
N GLN H 715 8.06 -44.09 70.08
CA GLN H 715 7.77 -45.19 71.02
C GLN H 715 6.39 -45.75 70.72
N LEU H 716 6.21 -47.05 70.95
CA LEU H 716 4.89 -47.66 70.97
C LEU H 716 4.47 -47.82 72.42
N THR H 717 3.45 -47.08 72.83
CA THR H 717 3.06 -46.98 74.23
C THR H 717 1.58 -47.28 74.37
N MET H 718 1.26 -48.30 75.16
CA MET H 718 -0.13 -48.62 75.43
C MET H 718 -0.62 -47.85 76.66
N ILE H 719 -1.92 -47.60 76.69
CA ILE H 719 -2.59 -47.01 77.83
C ILE H 719 -3.74 -47.94 78.18
N VAL H 720 -3.75 -48.46 79.41
CA VAL H 720 -4.74 -49.47 79.78
C VAL H 720 -5.32 -49.17 81.15
N GLY H 721 -6.42 -49.84 81.43
CA GLY H 721 -7.08 -49.80 82.72
C GLY H 721 -8.55 -50.11 82.55
N GLN H 722 -9.19 -50.40 83.71
CA GLN H 722 -10.61 -50.72 83.81
C GLN H 722 -11.50 -49.72 83.08
N VAL H 723 -12.60 -50.23 82.51
CA VAL H 723 -13.71 -49.41 82.02
C VAL H 723 -14.08 -48.31 83.02
N GLY H 724 -14.09 -47.07 82.57
CA GLY H 724 -14.43 -45.96 83.44
C GLY H 724 -13.32 -45.42 84.30
N CYS H 725 -12.09 -45.94 84.18
CA CYS H 725 -10.98 -45.48 85.00
C CYS H 725 -10.45 -44.12 84.57
N GLY H 726 -10.88 -43.63 83.41
CA GLY H 726 -10.51 -42.34 82.92
C GLY H 726 -9.63 -42.40 81.70
N LYS H 727 -9.56 -43.56 81.02
CA LYS H 727 -8.69 -43.74 79.86
C LYS H 727 -9.08 -42.79 78.74
N SER H 728 -10.38 -42.72 78.42
CA SER H 728 -10.86 -41.76 77.44
C SER H 728 -10.59 -40.34 77.90
N SER H 729 -10.83 -40.07 79.20
CA SER H 729 -10.48 -38.78 79.80
C SER H 729 -8.98 -38.50 79.74
N LEU H 730 -8.17 -39.55 79.93
CA LEU H 730 -6.72 -39.44 79.77
C LEU H 730 -6.35 -39.05 78.34
N LEU H 731 -7.06 -39.63 77.36
CA LEU H 731 -6.90 -39.21 75.96
C LEU H 731 -7.32 -37.77 75.75
N LEU H 732 -8.38 -37.33 76.44
CA LEU H 732 -8.76 -35.92 76.40
C LEU H 732 -7.69 -35.02 77.00
N ALA H 733 -7.04 -35.48 78.08
CA ALA H 733 -5.87 -34.78 78.61
C ALA H 733 -4.73 -34.74 77.59
N THR H 734 -4.52 -35.84 76.88
CA THR H 734 -3.53 -35.90 75.81
C THR H 734 -3.90 -34.98 74.64
N LEU H 735 -5.18 -34.66 74.49
CA LEU H 735 -5.63 -33.72 73.46
C LEU H 735 -5.67 -32.29 73.94
N GLY H 736 -5.26 -32.00 75.18
CA GLY H 736 -5.36 -30.64 75.68
C GLY H 736 -6.77 -30.17 75.92
N GLU H 737 -7.68 -31.08 76.21
CA GLU H 737 -9.11 -30.81 76.34
C GLU H 737 -9.57 -30.69 77.79
N MET H 738 -8.67 -30.82 78.74
CA MET H 738 -8.95 -30.57 80.15
C MET H 738 -8.27 -29.28 80.62
N GLN H 739 -8.54 -28.92 81.86
CA GLN H 739 -7.98 -27.75 82.51
C GLN H 739 -6.81 -28.16 83.39
N LYS H 740 -5.62 -27.70 83.02
CA LYS H 740 -4.39 -27.97 83.76
C LYS H 740 -4.35 -27.06 84.99
N VAL H 741 -4.47 -27.68 86.17
CA VAL H 741 -4.45 -26.93 87.42
C VAL H 741 -3.07 -26.33 87.67
N SER H 742 -2.01 -27.13 87.47
CA SER H 742 -0.65 -26.64 87.67
C SER H 742 0.32 -27.55 86.92
N GLY H 743 1.55 -27.08 86.82
CA GLY H 743 2.65 -27.85 86.26
C GLY H 743 3.00 -27.37 84.86
N ALA H 744 4.04 -27.97 84.32
CA ALA H 744 4.59 -27.57 83.03
C ALA H 744 4.45 -28.73 82.06
N VAL H 745 4.06 -28.41 80.83
CA VAL H 745 3.98 -29.44 79.80
C VAL H 745 4.50 -28.88 78.49
N PHE H 746 5.48 -29.56 77.90
CA PHE H 746 6.05 -29.21 76.61
C PHE H 746 6.15 -30.46 75.75
N TRP H 747 5.48 -30.42 74.60
CA TRP H 747 5.43 -31.53 73.66
C TRP H 747 6.04 -31.15 72.31
N ASN H 748 6.91 -30.13 72.31
CA ASN H 748 7.53 -29.41 71.20
C ASN H 748 6.54 -28.53 70.43
N SER H 749 5.27 -28.49 70.83
CA SER H 749 4.27 -27.70 70.12
C SER H 749 3.99 -26.37 70.80
N ASN H 750 4.66 -26.06 71.90
CA ASN H 750 4.52 -24.78 72.56
C ASN H 750 5.64 -23.82 72.19
N LEU H 751 6.58 -24.28 71.37
CA LEU H 751 7.60 -23.40 70.78
C LEU H 751 6.93 -22.33 69.93
N PRO H 752 7.38 -21.06 70.03
CA PRO H 752 6.88 -19.99 69.18
C PRO H 752 7.54 -20.00 67.80
N VAL H 778 -1.65 -33.16 63.72
CA VAL H 778 -2.18 -34.09 64.72
C VAL H 778 -3.49 -34.70 64.24
N ALA H 779 -3.60 -36.04 64.28
CA ALA H 779 -4.85 -36.72 64.00
C ALA H 779 -5.41 -37.38 65.27
N TYR H 780 -6.72 -37.61 65.23
CA TYR H 780 -7.50 -38.02 66.39
C TYR H 780 -8.53 -39.07 66.01
N ALA H 781 -8.60 -40.16 66.78
CA ALA H 781 -9.70 -41.11 66.71
C ALA H 781 -10.40 -41.06 68.07
N SER H 782 -11.59 -40.47 68.09
CA SER H 782 -12.29 -40.23 69.35
C SER H 782 -12.86 -41.52 69.90
N GLN H 783 -13.18 -41.50 71.20
CA GLN H 783 -13.65 -42.69 71.90
C GLN H 783 -14.96 -43.17 71.28
N LYS H 784 -15.80 -42.24 70.84
CA LYS H 784 -17.02 -42.52 70.13
C LYS H 784 -16.82 -41.93 68.74
N PRO H 785 -16.80 -42.75 67.68
CA PRO H 785 -16.55 -42.23 66.34
C PRO H 785 -17.69 -41.37 65.82
N TRP H 786 -17.32 -40.36 65.03
CA TRP H 786 -18.27 -39.44 64.44
C TRP H 786 -17.93 -39.27 62.97
N LEU H 787 -18.93 -38.89 62.20
CA LEU H 787 -18.82 -38.82 60.76
C LEU H 787 -19.18 -37.42 60.29
N LEU H 788 -18.39 -36.89 59.35
CA LEU H 788 -18.79 -35.67 58.69
C LEU H 788 -19.79 -36.02 57.60
N ASN H 789 -20.70 -35.10 57.33
CA ASN H 789 -21.64 -35.26 56.22
C ASN H 789 -21.00 -35.04 54.85
N ALA H 790 -20.43 -36.09 54.28
CA ALA H 790 -19.76 -36.02 52.99
C ALA H 790 -19.61 -37.44 52.45
N THR H 791 -19.02 -37.53 51.25
CA THR H 791 -18.54 -38.79 50.71
C THR H 791 -17.52 -39.47 51.63
N VAL H 792 -17.40 -40.79 51.45
CA VAL H 792 -16.33 -41.55 52.08
C VAL H 792 -14.98 -41.00 51.67
N GLU H 793 -14.83 -40.68 50.38
CA GLU H 793 -13.64 -40.03 49.83
C GLU H 793 -13.29 -38.74 50.57
N GLU H 794 -14.25 -37.83 50.71
CA GLU H 794 -13.97 -36.60 51.44
C GLU H 794 -13.84 -36.81 52.95
N ASN H 795 -14.44 -37.88 53.49
CA ASN H 795 -14.15 -38.30 54.86
C ASN H 795 -12.72 -38.77 55.03
N ILE H 796 -12.14 -39.28 53.95
CA ILE H 796 -10.74 -39.71 53.91
C ILE H 796 -9.79 -38.54 53.68
N THR H 797 -10.10 -37.64 52.75
CA THR H 797 -9.21 -36.53 52.42
C THR H 797 -8.99 -35.57 53.58
N PHE H 798 -10.06 -35.11 54.24
CA PHE H 798 -9.98 -34.24 55.44
C PHE H 798 -9.10 -33.00 55.21
N GLU H 799 -9.48 -32.22 54.19
CA GLU H 799 -8.83 -30.98 53.77
C GLU H 799 -7.37 -31.21 53.33
N SER H 800 -7.26 -31.93 52.23
CA SER H 800 -6.00 -32.39 51.66
C SER H 800 -6.22 -32.47 50.15
N PRO H 801 -5.16 -32.49 49.35
CA PRO H 801 -5.37 -32.89 47.95
C PRO H 801 -5.54 -34.39 47.81
N PHE H 802 -6.31 -34.74 46.79
CA PHE H 802 -6.54 -36.12 46.36
C PHE H 802 -5.38 -36.77 45.62
N ASN H 803 -4.97 -37.91 46.15
CA ASN H 803 -3.90 -38.77 45.66
C ASN H 803 -4.57 -40.13 45.59
N LYS H 804 -4.42 -40.85 44.48
CA LYS H 804 -5.06 -42.16 44.36
C LYS H 804 -4.10 -43.34 44.48
N GLN H 805 -2.81 -43.09 44.64
CA GLN H 805 -1.96 -44.20 45.02
C GLN H 805 -1.96 -44.26 46.52
N ARG H 806 -1.93 -43.08 47.13
CA ARG H 806 -2.03 -42.97 48.58
C ARG H 806 -3.37 -43.55 49.01
N TYR H 807 -4.42 -43.21 48.26
CA TYR H 807 -5.76 -43.78 48.47
C TYR H 807 -5.77 -45.29 48.32
N LYS H 808 -5.14 -45.81 47.27
CA LYS H 808 -5.04 -47.27 47.13
C LYS H 808 -4.35 -47.93 48.32
N MET H 809 -3.21 -47.38 48.76
CA MET H 809 -2.49 -47.89 49.91
C MET H 809 -3.30 -47.76 51.20
N VAL H 810 -4.00 -46.64 51.36
CA VAL H 810 -4.88 -46.42 52.50
C VAL H 810 -6.05 -47.41 52.50
N ILE H 811 -6.68 -47.60 51.32
CA ILE H 811 -7.79 -48.55 51.19
C ILE H 811 -7.36 -49.96 51.57
N GLU H 812 -6.20 -50.41 51.07
CA GLU H 812 -5.70 -51.71 51.48
C GLU H 812 -5.34 -51.76 52.96
N ALA H 813 -4.60 -50.75 53.43
CA ALA H 813 -4.14 -50.69 54.81
C ALA H 813 -5.25 -50.50 55.84
N CYS H 814 -6.35 -49.82 55.50
CA CYS H 814 -7.41 -49.59 56.47
C CYS H 814 -8.54 -50.61 56.41
N SER H 815 -8.37 -51.71 55.66
CA SER H 815 -9.35 -52.81 55.60
C SER H 815 -10.67 -52.34 55.00
N LEU H 816 -10.59 -51.41 54.06
CA LEU H 816 -11.75 -50.74 53.53
C LEU H 816 -12.28 -51.40 52.26
N GLN H 817 -11.56 -52.38 51.73
CA GLN H 817 -12.06 -53.15 50.58
C GLN H 817 -13.42 -53.83 50.85
N PRO H 818 -13.64 -54.58 51.97
CA PRO H 818 -15.01 -55.10 52.21
C PRO H 818 -16.08 -54.03 52.33
N ASP H 819 -15.73 -52.86 52.86
CA ASP H 819 -16.68 -51.76 52.96
C ASP H 819 -17.03 -51.22 51.59
N ILE H 820 -16.01 -50.96 50.77
CA ILE H 820 -16.24 -50.51 49.39
C ILE H 820 -17.07 -51.55 48.66
N ASP H 821 -16.72 -52.83 48.87
CA ASP H 821 -17.41 -53.95 48.25
C ASP H 821 -18.89 -54.01 48.62
N ILE H 822 -19.24 -53.49 49.79
CA ILE H 822 -20.64 -53.45 50.20
C ILE H 822 -21.21 -52.05 50.11
N LEU H 823 -20.43 -51.06 49.53
CA LEU H 823 -21.06 -49.75 49.40
C LEU H 823 -21.66 -49.62 48.01
N PRO H 824 -22.86 -49.01 47.92
CA PRO H 824 -23.60 -49.04 46.64
C PRO H 824 -22.91 -48.34 45.49
N HIS H 825 -22.15 -47.28 45.77
CA HIS H 825 -21.41 -46.54 44.75
C HIS H 825 -19.94 -46.36 45.11
N GLY H 826 -19.40 -47.28 45.91
CA GLY H 826 -18.03 -47.13 46.37
C GLY H 826 -17.76 -45.86 47.17
N ASP H 827 -16.74 -45.11 46.73
CA ASP H 827 -16.40 -43.85 47.37
C ASP H 827 -17.40 -42.72 47.09
N GLN H 828 -18.23 -42.85 46.07
CA GLN H 828 -19.22 -41.83 45.79
C GLN H 828 -20.48 -41.95 46.64
N THR H 829 -20.55 -42.95 47.52
CA THR H 829 -21.63 -43.04 48.49
C THR H 829 -21.67 -41.84 49.43
N GLN H 830 -22.83 -41.19 49.51
CA GLN H 830 -23.06 -40.14 50.50
C GLN H 830 -23.09 -40.75 51.90
N ILE H 831 -22.26 -40.21 52.79
CA ILE H 831 -22.20 -40.70 54.16
C ILE H 831 -22.45 -39.53 55.12
N GLY H 832 -22.53 -39.88 56.40
CA GLY H 832 -22.95 -38.94 57.43
C GLY H 832 -24.45 -38.82 57.56
N GLU H 833 -24.87 -37.66 58.08
CA GLU H 833 -26.26 -37.35 58.37
C GLU H 833 -27.11 -37.40 57.11
N ARG H 834 -28.24 -38.11 57.18
CA ARG H 834 -29.23 -38.29 56.11
C ARG H 834 -28.71 -39.13 54.95
N GLY H 835 -27.57 -39.79 55.10
CA GLY H 835 -27.02 -40.66 54.10
C GLY H 835 -26.99 -42.12 54.53
N ILE H 836 -26.08 -42.87 53.93
CA ILE H 836 -25.90 -44.28 54.30
C ILE H 836 -25.42 -44.39 55.73
N ASN H 837 -26.07 -45.27 56.49
CA ASN H 837 -25.80 -45.47 57.91
C ASN H 837 -24.69 -46.50 58.09
N LEU H 838 -23.46 -46.02 58.29
CA LEU H 838 -22.33 -46.89 58.55
C LEU H 838 -22.41 -47.46 59.96
N SER H 839 -21.96 -48.70 60.11
CA SER H 839 -21.82 -49.31 61.43
C SER H 839 -20.73 -48.61 62.24
N GLY H 840 -20.75 -48.89 63.55
CA GLY H 840 -19.70 -48.41 64.44
C GLY H 840 -18.31 -48.88 64.05
N GLY H 841 -18.22 -50.10 63.54
CA GLY H 841 -16.94 -50.58 63.04
C GLY H 841 -16.54 -49.89 61.75
N GLN H 842 -17.49 -49.72 60.83
CA GLN H 842 -17.22 -48.98 59.60
C GLN H 842 -16.82 -47.53 59.88
N ARG H 843 -17.53 -46.89 60.82
CA ARG H 843 -17.15 -45.55 61.27
C ARG H 843 -15.75 -45.52 61.86
N GLN H 844 -15.41 -46.52 62.68
CA GLN H 844 -14.07 -46.62 63.24
C GLN H 844 -13.00 -46.80 62.17
N ARG H 845 -13.26 -47.68 61.20
CA ARG H 845 -12.34 -47.88 60.08
C ARG H 845 -12.17 -46.62 59.23
N ILE H 846 -13.26 -45.88 59.02
CA ILE H 846 -13.17 -44.57 58.37
C ILE H 846 -12.30 -43.60 59.17
N SER H 847 -12.50 -43.56 60.49
CA SER H 847 -11.68 -42.71 61.36
C SER H 847 -10.20 -43.08 61.32
N VAL H 848 -9.91 -44.38 61.36
CA VAL H 848 -8.55 -44.89 61.21
C VAL H 848 -7.96 -44.48 59.86
N ALA H 849 -8.73 -44.66 58.78
CA ALA H 849 -8.26 -44.25 57.45
C ALA H 849 -8.01 -42.75 57.36
N ARG H 850 -8.88 -41.96 58.01
CA ARG H 850 -8.68 -40.52 58.12
C ARG H 850 -7.37 -40.17 58.81
N ALA H 851 -7.08 -40.84 59.94
CA ALA H 851 -5.82 -40.62 60.63
C ALA H 851 -4.61 -41.08 59.83
N LEU H 852 -4.67 -42.26 59.20
CA LEU H 852 -3.55 -42.73 58.39
C LEU H 852 -3.31 -41.83 57.19
N TYR H 853 -4.38 -41.38 56.53
CA TYR H 853 -4.25 -40.48 55.38
C TYR H 853 -3.66 -39.13 55.79
N GLN H 854 -3.99 -38.64 56.99
CA GLN H 854 -3.47 -37.35 57.41
C GLN H 854 -1.96 -37.35 57.68
N GLN H 855 -1.35 -38.53 57.89
CA GLN H 855 0.11 -38.71 58.04
C GLN H 855 0.70 -37.80 59.12
N THR H 856 0.02 -37.71 60.26
CA THR H 856 0.42 -36.86 61.37
C THR H 856 1.60 -37.47 62.14
N ASN H 857 2.21 -36.63 62.98
CA ASN H 857 3.34 -37.08 63.77
C ASN H 857 2.87 -37.88 64.97
N VAL H 858 1.68 -37.58 65.48
CA VAL H 858 1.14 -38.23 66.67
C VAL H 858 -0.24 -38.77 66.34
N VAL H 859 -0.49 -40.04 66.70
CA VAL H 859 -1.77 -40.69 66.51
C VAL H 859 -2.31 -41.08 67.87
N PHE H 860 -3.56 -40.71 68.15
CA PHE H 860 -4.24 -41.14 69.35
C PHE H 860 -5.37 -42.09 68.97
N LEU H 861 -5.21 -43.37 69.31
CA LEU H 861 -6.19 -44.40 68.98
C LEU H 861 -6.94 -44.76 70.25
N ASP H 862 -8.24 -44.51 70.28
CA ASP H 862 -9.09 -44.84 71.42
C ASP H 862 -9.81 -46.16 71.13
N ASP H 863 -9.18 -47.26 71.58
CA ASP H 863 -9.68 -48.64 71.51
C ASP H 863 -10.01 -49.09 70.08
N PRO H 864 -9.10 -48.96 69.11
CA PRO H 864 -9.54 -48.83 67.70
C PRO H 864 -10.05 -50.13 67.10
N PHE H 865 -9.83 -51.27 67.75
CA PHE H 865 -10.21 -52.57 67.23
C PHE H 865 -11.35 -53.19 68.02
N SER H 866 -11.93 -52.41 68.96
CA SER H 866 -13.05 -52.89 69.77
C SER H 866 -14.26 -53.18 68.90
N ALA H 867 -14.52 -52.33 67.93
CA ALA H 867 -15.72 -52.39 67.11
C ALA H 867 -15.50 -53.21 65.84
N LEU H 868 -14.33 -53.82 65.69
CA LEU H 868 -14.03 -54.66 64.55
C LEU H 868 -13.89 -56.12 64.98
N ASP H 869 -14.12 -57.01 64.02
CA ASP H 869 -13.99 -58.45 64.21
C ASP H 869 -12.53 -58.88 64.41
N VAL H 870 -12.38 -60.15 64.80
CA VAL H 870 -11.08 -60.74 65.10
C VAL H 870 -10.16 -60.69 63.89
N HIS H 871 -10.70 -60.99 62.71
CA HIS H 871 -9.91 -60.95 61.47
C HIS H 871 -9.50 -59.51 61.14
N LEU H 872 -10.43 -58.57 61.26
CA LEU H 872 -10.11 -57.16 61.11
C LEU H 872 -9.16 -56.66 62.18
N SER H 873 -9.27 -57.17 63.42
CA SER H 873 -8.28 -56.88 64.44
C SER H 873 -6.89 -57.38 64.04
N ASP H 874 -6.81 -58.56 63.43
CA ASP H 874 -5.56 -59.07 62.88
C ASP H 874 -5.05 -58.18 61.76
N HIS H 875 -5.96 -57.68 60.93
CA HIS H 875 -5.62 -56.71 59.89
C HIS H 875 -5.00 -55.46 60.52
N LEU H 876 -5.68 -54.90 61.52
CA LEU H 876 -5.20 -53.70 62.21
C LEU H 876 -3.87 -53.94 62.91
N MET H 877 -3.66 -55.18 63.41
CA MET H 877 -2.37 -55.62 63.91
C MET H 877 -1.28 -55.50 62.84
N GLN H 878 -1.44 -56.21 61.72
CA GLN H 878 -0.37 -56.26 60.71
C GLN H 878 -0.23 -54.92 59.98
N ALA H 879 -1.34 -54.28 59.64
CA ALA H 879 -1.27 -53.04 58.89
C ALA H 879 -1.00 -51.92 59.85
N GLY H 880 -1.28 -52.15 61.14
CA GLY H 880 -0.98 -51.17 62.15
C GLY H 880 0.52 -51.18 62.30
N ILE H 881 1.09 -52.40 62.33
CA ILE H 881 2.52 -52.59 62.52
C ILE H 881 3.27 -52.09 61.29
N LEU H 882 2.55 -51.93 60.17
CA LEU H 882 3.13 -51.45 58.92
C LEU H 882 2.58 -50.08 58.61
N GLU H 883 2.03 -49.46 59.64
CA GLU H 883 1.51 -48.11 59.68
C GLU H 883 2.46 -47.34 60.57
N LEU H 884 2.80 -47.96 61.71
CA LEU H 884 3.81 -47.41 62.58
C LEU H 884 5.13 -47.63 61.88
N LEU H 885 5.28 -48.80 61.24
CA LEU H 885 6.45 -49.04 60.43
C LEU H 885 6.44 -48.09 59.23
N ARG H 886 5.26 -47.90 58.62
CA ARG H 886 5.10 -46.88 57.58
C ARG H 886 5.40 -45.48 58.11
N ASP H 887 5.01 -45.20 59.37
CA ASP H 887 5.37 -43.98 60.08
C ASP H 887 6.89 -43.89 60.13
N ASP H 888 7.43 -42.92 59.41
CA ASP H 888 8.86 -42.64 59.39
C ASP H 888 9.30 -41.92 60.65
N LYS H 889 9.56 -42.73 61.69
CA LYS H 889 9.91 -42.41 63.07
C LYS H 889 8.82 -41.81 63.95
N ARG H 890 7.59 -41.61 63.46
CA ARG H 890 6.58 -40.89 64.24
C ARG H 890 6.23 -41.61 65.55
N THR H 891 5.78 -40.82 66.52
CA THR H 891 5.20 -41.28 67.78
C THR H 891 3.75 -41.71 67.66
N VAL H 892 3.45 -42.93 68.12
CA VAL H 892 2.11 -43.49 68.00
C VAL H 892 1.68 -43.92 69.40
N VAL H 893 0.59 -43.34 69.89
CA VAL H 893 0.01 -43.68 71.17
C VAL H 893 -1.28 -44.47 70.98
N LEU H 894 -1.31 -45.70 71.50
CA LEU H 894 -2.42 -46.62 71.28
C LEU H 894 -3.05 -46.88 72.65
N VAL H 895 -4.10 -46.13 72.99
CA VAL H 895 -4.97 -46.53 74.10
C VAL H 895 -5.72 -47.80 73.71
N THR H 896 -5.79 -48.75 74.65
CA THR H 896 -6.61 -49.94 74.44
C THR H 896 -7.06 -50.48 75.80
N HIS H 897 -8.24 -51.10 75.80
CA HIS H 897 -8.73 -51.83 76.96
C HIS H 897 -8.36 -53.31 76.94
N LYS H 898 -7.71 -53.77 75.89
CA LYS H 898 -7.44 -55.19 75.68
C LYS H 898 -5.97 -55.50 75.89
N LEU H 899 -5.71 -56.68 76.43
CA LEU H 899 -4.36 -57.15 76.72
C LEU H 899 -3.77 -57.96 75.58
N GLN H 900 -4.57 -58.19 74.53
CA GLN H 900 -4.22 -59.13 73.45
C GLN H 900 -2.89 -58.80 72.79
N TYR H 901 -2.61 -57.50 72.60
CA TYR H 901 -1.43 -57.07 71.88
C TYR H 901 -0.46 -56.27 72.73
N LEU H 902 -0.65 -56.21 74.05
CA LEU H 902 0.35 -55.58 74.90
C LEU H 902 1.74 -56.22 74.82
N PRO H 903 1.94 -57.53 74.59
CA PRO H 903 3.31 -58.00 74.32
C PRO H 903 3.83 -57.50 72.98
N HIS H 904 2.94 -57.07 72.09
CA HIS H 904 3.26 -56.80 70.69
C HIS H 904 3.38 -55.32 70.41
N ALA H 905 3.34 -54.48 71.43
CA ALA H 905 3.77 -53.10 71.31
C ALA H 905 5.09 -52.99 72.06
N ASP H 906 5.69 -51.80 72.08
CA ASP H 906 7.06 -51.78 72.58
C ASP H 906 7.11 -51.72 74.11
N TRP H 907 6.37 -50.81 74.71
CA TRP H 907 6.42 -50.56 76.15
C TRP H 907 5.01 -50.22 76.59
N ILE H 908 4.66 -50.56 77.83
CA ILE H 908 3.34 -50.25 78.39
C ILE H 908 3.43 -49.27 79.55
N ILE H 909 2.48 -48.34 79.56
CA ILE H 909 2.19 -47.45 80.69
C ILE H 909 0.81 -47.83 81.21
N ALA H 910 0.73 -48.25 82.47
CA ALA H 910 -0.53 -48.63 83.10
C ALA H 910 -1.11 -47.52 83.96
N MET H 911 -2.37 -47.18 83.71
CA MET H 911 -3.08 -46.13 84.42
C MET H 911 -4.18 -46.78 85.24
N LYS H 912 -4.51 -46.17 86.38
CA LYS H 912 -5.67 -46.57 87.14
C LYS H 912 -6.26 -45.40 87.91
N ASP H 913 -7.60 -45.32 87.91
CA ASP H 913 -8.38 -44.34 88.69
C ASP H 913 -8.04 -42.90 88.35
N GLY H 914 -7.73 -42.64 87.08
CA GLY H 914 -7.34 -41.31 86.64
C GLY H 914 -5.92 -40.94 86.99
N THR H 915 -5.13 -41.88 87.48
CA THR H 915 -3.75 -41.68 87.85
C THR H 915 -2.94 -42.70 87.06
N ILE H 916 -1.64 -42.46 86.91
CA ILE H 916 -0.76 -43.47 86.34
C ILE H 916 -0.28 -44.36 87.48
N GLN H 917 -0.52 -45.67 87.36
CA GLN H 917 -0.07 -46.59 88.40
C GLN H 917 1.36 -47.05 88.22
N ARG H 918 1.76 -47.42 87.00
CA ARG H 918 3.12 -47.82 86.71
C ARG H 918 3.39 -47.73 85.21
N GLU H 919 4.65 -47.47 84.87
CA GLU H 919 5.16 -47.52 83.52
C GLU H 919 6.44 -48.34 83.56
N GLY H 920 6.72 -49.12 82.51
CA GLY H 920 7.78 -50.08 82.68
C GLY H 920 7.70 -51.28 81.77
N THR H 921 8.76 -52.08 81.87
CA THR H 921 8.99 -53.32 81.15
C THR H 921 8.00 -54.41 81.56
N LEU H 922 7.97 -55.46 80.74
CA LEU H 922 7.23 -56.69 81.05
C LEU H 922 7.63 -57.25 82.42
N LYS H 923 8.93 -57.33 82.69
CA LYS H 923 9.40 -57.82 84.00
C LYS H 923 8.95 -56.91 85.14
N ASP H 924 9.01 -55.59 84.91
CA ASP H 924 8.56 -54.59 85.88
C ASP H 924 7.08 -54.76 86.20
N PHE H 925 6.28 -55.08 85.19
CA PHE H 925 4.84 -55.23 85.36
C PHE H 925 4.49 -56.63 85.83
N GLN H 926 5.40 -57.58 85.62
CA GLN H 926 5.32 -58.86 86.33
C GLN H 926 5.50 -58.62 87.81
N ARG H 927 6.43 -57.72 88.19
CA ARG H 927 6.60 -57.42 89.61
C ARG H 927 5.38 -56.65 90.12
N SER H 928 4.72 -55.90 89.23
CA SER H 928 3.45 -55.25 89.53
C SER H 928 2.36 -56.28 89.75
N GLU H 929 2.54 -57.47 89.15
CA GLU H 929 1.61 -58.61 89.15
C GLU H 929 0.27 -58.24 88.52
N CYS H 930 0.34 -57.53 87.40
CA CYS H 930 -0.80 -56.98 86.70
C CYS H 930 -0.88 -57.51 85.27
N GLN H 931 0.22 -57.35 84.52
CA GLN H 931 0.28 -57.72 83.10
C GLN H 931 0.02 -59.20 82.87
N LEU H 932 0.51 -60.05 83.77
CA LEU H 932 0.21 -61.48 83.71
C LEU H 932 -1.26 -61.76 83.96
N PHE H 933 -1.86 -61.08 84.94
CA PHE H 933 -3.29 -61.20 85.20
C PHE H 933 -4.13 -60.77 84.00
N GLU H 934 -3.74 -59.67 83.34
CA GLU H 934 -4.41 -59.28 82.10
C GLU H 934 -4.16 -60.27 80.98
N HIS H 935 -2.97 -60.85 80.93
CA HIS H 935 -2.71 -61.96 80.01
C HIS H 935 -3.55 -63.18 80.34
N TRP H 936 -3.79 -63.43 81.62
CA TRP H 936 -4.72 -64.47 82.06
C TRP H 936 -6.16 -64.16 81.67
N ALA H 1008 -52.56 -25.69 34.00
CA ALA H 1008 -51.93 -26.78 34.74
C ALA H 1008 -52.52 -26.91 36.13
N CYS H 1009 -53.84 -26.78 36.23
CA CYS H 1009 -54.55 -26.88 37.49
C CYS H 1009 -55.61 -27.97 37.50
N THR H 1010 -55.70 -28.78 36.44
CA THR H 1010 -56.73 -29.82 36.36
C THR H 1010 -56.47 -30.94 37.35
N LYS H 1011 -55.22 -31.14 37.75
CA LYS H 1011 -54.93 -32.08 38.82
C LYS H 1011 -55.37 -31.51 40.17
N TYR H 1012 -55.20 -30.20 40.37
CA TYR H 1012 -55.55 -29.58 41.64
C TYR H 1012 -57.06 -29.42 41.80
N LEU H 1013 -57.81 -29.38 40.69
CA LEU H 1013 -59.26 -29.18 40.78
C LEU H 1013 -59.98 -30.37 41.41
N SER H 1014 -59.37 -31.55 41.39
CA SER H 1014 -59.95 -32.74 42.01
C SER H 1014 -59.52 -32.91 43.46
N SER H 1015 -58.73 -32.00 44.00
CA SER H 1015 -58.23 -32.12 45.36
C SER H 1015 -59.28 -31.66 46.36
N ALA H 1016 -59.57 -32.53 47.34
CA ALA H 1016 -60.51 -32.27 48.44
C ALA H 1016 -61.91 -31.94 47.94
N GLY H 1017 -62.34 -32.60 46.87
CA GLY H 1017 -63.64 -32.36 46.29
C GLY H 1017 -63.61 -31.27 45.23
N ILE H 1018 -64.66 -31.26 44.41
CA ILE H 1018 -64.81 -30.30 43.33
C ILE H 1018 -66.10 -29.51 43.43
N LEU H 1019 -67.22 -30.19 43.74
CA LEU H 1019 -68.53 -29.55 43.69
C LEU H 1019 -68.74 -28.57 44.83
N LEU H 1020 -68.45 -29.00 46.07
CA LEU H 1020 -68.66 -28.13 47.23
C LEU H 1020 -67.65 -26.99 47.26
N LEU H 1021 -66.42 -27.23 46.79
CA LEU H 1021 -65.44 -26.16 46.69
C LEU H 1021 -65.80 -25.18 45.57
N SER H 1022 -66.36 -25.68 44.47
CA SER H 1022 -66.79 -24.82 43.39
C SER H 1022 -67.99 -23.96 43.79
N LEU H 1023 -68.92 -24.54 44.56
CA LEU H 1023 -70.06 -23.76 45.05
C LEU H 1023 -69.66 -22.79 46.15
N LEU H 1024 -68.69 -23.17 46.99
CA LEU H 1024 -68.26 -22.29 48.07
C LEU H 1024 -67.46 -21.11 47.54
N VAL H 1025 -66.48 -21.37 46.66
CA VAL H 1025 -65.70 -20.29 46.08
C VAL H 1025 -66.54 -19.49 45.10
N PHE H 1026 -67.52 -20.14 44.46
CA PHE H 1026 -68.47 -19.42 43.62
C PHE H 1026 -69.31 -18.45 44.44
N SER H 1027 -69.73 -18.90 45.63
CA SER H 1027 -70.46 -18.01 46.54
C SER H 1027 -69.57 -16.91 47.08
N GLN H 1028 -68.26 -17.17 47.20
CA GLN H 1028 -67.34 -16.12 47.60
C GLN H 1028 -67.17 -15.08 46.50
N LEU H 1029 -67.15 -15.52 45.24
CA LEU H 1029 -67.05 -14.59 44.12
C LEU H 1029 -68.33 -13.78 43.99
N LEU H 1030 -69.49 -14.41 44.25
CA LEU H 1030 -70.75 -13.66 44.25
C LEU H 1030 -70.81 -12.70 45.43
N LYS H 1031 -70.20 -13.07 46.56
CA LYS H 1031 -70.15 -12.17 47.70
C LYS H 1031 -69.25 -10.97 47.42
N HIS H 1032 -68.18 -11.16 46.66
CA HIS H 1032 -67.35 -10.02 46.29
C HIS H 1032 -68.00 -9.18 45.19
N MET H 1033 -68.83 -9.80 44.34
CA MET H 1033 -69.67 -9.02 43.44
C MET H 1033 -70.70 -8.20 44.21
N VAL H 1034 -71.15 -8.73 45.35
CA VAL H 1034 -71.99 -7.93 46.24
C VAL H 1034 -71.15 -6.85 46.93
N LEU H 1035 -69.85 -7.08 47.08
CA LEU H 1035 -68.99 -6.06 47.68
C LEU H 1035 -68.77 -4.89 46.73
N VAL H 1036 -68.52 -5.17 45.46
CA VAL H 1036 -68.42 -4.09 44.49
C VAL H 1036 -69.80 -3.50 44.20
N ALA H 1037 -70.87 -4.25 44.49
CA ALA H 1037 -72.20 -3.66 44.46
C ALA H 1037 -72.39 -2.66 45.60
N ILE H 1038 -71.82 -2.95 46.77
CA ILE H 1038 -71.79 -1.96 47.85
C ILE H 1038 -70.94 -0.76 47.46
N ASP H 1039 -69.88 -1.01 46.69
CA ASP H 1039 -69.02 0.07 46.20
C ASP H 1039 -69.78 0.98 45.24
N TYR H 1040 -70.49 0.40 44.27
CA TYR H 1040 -71.21 1.21 43.29
C TYR H 1040 -72.46 1.84 43.90
N TRP H 1041 -73.05 1.20 44.91
CA TRP H 1041 -74.21 1.79 45.57
C TRP H 1041 -73.81 2.97 46.44
N LEU H 1042 -72.66 2.84 47.13
CA LEU H 1042 -72.13 3.97 47.87
C LEU H 1042 -71.63 5.06 46.94
N ALA H 1043 -71.21 4.69 45.74
CA ALA H 1043 -70.80 5.69 44.75
C ALA H 1043 -71.99 6.43 44.15
N LYS H 1044 -73.08 5.71 43.88
CA LYS H 1044 -74.26 6.34 43.30
C LYS H 1044 -75.00 7.17 44.32
N TRP H 1045 -75.06 6.70 45.58
CA TRP H 1045 -75.60 7.52 46.64
C TRP H 1045 -74.66 8.68 46.98
N THR H 1046 -73.36 8.50 46.73
CA THR H 1046 -72.45 9.63 46.83
C THR H 1046 -72.73 10.65 45.73
N ASP H 1047 -73.17 10.19 44.56
CA ASP H 1047 -73.64 11.12 43.54
C ASP H 1047 -74.97 11.74 43.93
N SER H 1048 -75.78 11.04 44.73
CA SER H 1048 -77.02 11.60 45.22
C SER H 1048 -76.76 12.69 46.26
N ALA H 1049 -75.75 12.50 47.10
CA ALA H 1049 -75.34 13.54 48.02
C ALA H 1049 -74.63 14.68 47.31
N LEU H 1050 -73.97 14.37 46.18
CA LEU H 1050 -73.37 15.41 45.37
C LEU H 1050 -74.39 16.20 44.56
N VAL H 1051 -75.59 15.64 44.36
CA VAL H 1051 -76.65 16.35 43.65
C VAL H 1051 -77.35 17.40 44.52
N LEU H 1052 -77.05 17.44 45.81
CA LEU H 1052 -77.66 18.41 46.71
C LEU H 1052 -76.78 19.65 46.86
N GLN H 1069 -82.17 11.92 54.37
CA GLN H 1069 -82.32 12.28 52.96
C GLN H 1069 -83.49 11.54 52.33
N SER H 1070 -83.42 11.34 51.01
CA SER H 1070 -84.52 10.70 50.28
C SER H 1070 -84.57 9.21 50.53
N VAL H 1071 -83.48 8.51 50.25
CA VAL H 1071 -83.41 7.06 50.42
C VAL H 1071 -82.28 6.74 51.39
N TYR H 1072 -82.08 7.62 52.37
CA TYR H 1072 -80.92 7.53 53.26
C TYR H 1072 -80.98 6.28 54.15
N ALA H 1073 -82.18 5.92 54.62
CA ALA H 1073 -82.33 4.67 55.35
C ALA H 1073 -82.09 3.48 54.43
N MET H 1074 -82.56 3.57 53.18
CA MET H 1074 -82.32 2.52 52.20
C MET H 1074 -80.85 2.43 51.83
N VAL H 1075 -80.18 3.59 51.71
CA VAL H 1075 -78.79 3.60 51.28
C VAL H 1075 -77.88 3.09 52.39
N PHE H 1076 -77.89 3.78 53.55
CA PHE H 1076 -76.97 3.42 54.61
C PHE H 1076 -77.37 2.14 55.33
N THR H 1077 -78.65 1.76 55.27
CA THR H 1077 -79.03 0.48 55.85
C THR H 1077 -78.77 -0.68 54.89
N LEU H 1078 -79.07 -0.49 53.60
CA LEU H 1078 -78.88 -1.55 52.62
C LEU H 1078 -77.43 -1.74 52.22
N LEU H 1079 -76.58 -0.75 52.47
CA LEU H 1079 -75.18 -0.80 52.07
C LEU H 1079 -74.30 -1.58 53.05
N CYS H 1080 -74.90 -2.15 54.11
CA CYS H 1080 -74.15 -2.94 55.09
C CYS H 1080 -74.62 -4.38 55.13
N SER H 1081 -75.20 -4.87 54.03
CA SER H 1081 -75.77 -6.21 54.03
C SER H 1081 -74.68 -7.27 53.87
N LEU H 1082 -73.85 -7.15 52.84
CA LEU H 1082 -72.85 -8.16 52.50
C LEU H 1082 -71.53 -7.95 53.24
N GLY H 1083 -71.54 -7.26 54.37
CA GLY H 1083 -70.33 -7.08 55.15
C GLY H 1083 -69.97 -8.34 55.92
N ILE H 1084 -70.86 -8.73 56.84
CA ILE H 1084 -70.68 -9.97 57.58
C ILE H 1084 -70.88 -11.16 56.64
N VAL H 1085 -71.71 -10.98 55.60
CA VAL H 1085 -71.93 -12.04 54.61
C VAL H 1085 -70.68 -12.25 53.76
N LEU H 1086 -70.01 -11.17 53.38
CA LEU H 1086 -68.75 -11.33 52.66
C LEU H 1086 -67.65 -11.85 53.58
N CYS H 1087 -67.71 -11.48 54.87
CA CYS H 1087 -66.68 -11.92 55.81
C CYS H 1087 -66.79 -13.41 56.11
N LEU H 1088 -68.02 -13.93 56.15
CA LEU H 1088 -68.21 -15.34 56.45
C LEU H 1088 -68.15 -16.20 55.19
N VAL H 1089 -68.82 -15.77 54.12
CA VAL H 1089 -68.88 -16.55 52.89
C VAL H 1089 -67.55 -16.51 52.16
N THR H 1090 -66.86 -15.37 52.20
CA THR H 1090 -65.57 -15.26 51.51
C THR H 1090 -64.51 -16.10 52.20
N SER H 1091 -64.64 -16.35 53.50
CA SER H 1091 -63.74 -17.22 54.23
C SER H 1091 -64.32 -18.62 54.43
N VAL H 1092 -65.43 -18.94 53.75
CA VAL H 1092 -66.09 -20.22 53.95
C VAL H 1092 -65.49 -21.34 53.11
N THR H 1093 -64.91 -21.03 51.94
CA THR H 1093 -64.40 -22.07 51.07
C THR H 1093 -63.18 -22.76 51.65
N VAL H 1094 -62.42 -22.06 52.50
CA VAL H 1094 -61.27 -22.65 53.17
C VAL H 1094 -61.50 -22.58 54.67
N GLU H 1095 -62.76 -22.57 55.08
CA GLU H 1095 -63.07 -22.57 56.51
C GLU H 1095 -62.74 -23.92 57.13
N TRP H 1096 -63.34 -24.99 56.61
CA TRP H 1096 -63.01 -26.34 57.04
C TRP H 1096 -62.44 -27.18 55.90
N THR H 1097 -61.87 -26.54 54.87
CA THR H 1097 -61.30 -27.28 53.75
C THR H 1097 -60.01 -28.01 54.13
N GLY H 1098 -59.36 -27.59 55.22
CA GLY H 1098 -58.21 -28.32 55.71
C GLY H 1098 -58.56 -29.65 56.33
N LEU H 1099 -59.81 -29.84 56.74
CA LEU H 1099 -60.23 -31.12 57.29
C LEU H 1099 -60.42 -32.16 56.19
N LYS H 1100 -61.19 -31.81 55.16
CA LYS H 1100 -61.39 -32.73 54.04
C LYS H 1100 -60.14 -32.89 53.21
N VAL H 1101 -59.31 -31.85 53.12
CA VAL H 1101 -58.01 -31.99 52.48
C VAL H 1101 -57.05 -32.78 53.35
N ALA H 1102 -57.26 -32.73 54.67
CA ALA H 1102 -56.36 -33.45 55.58
C ALA H 1102 -56.64 -34.94 55.57
N LYS H 1103 -57.90 -35.34 55.73
CA LYS H 1103 -58.23 -36.76 55.71
C LYS H 1103 -58.24 -37.31 54.29
N ARG H 1104 -58.61 -36.50 53.31
CA ARG H 1104 -58.63 -36.97 51.92
C ARG H 1104 -57.22 -37.08 51.36
N LEU H 1105 -56.39 -36.05 51.58
CA LEU H 1105 -55.03 -36.07 51.06
C LEU H 1105 -54.13 -36.99 51.89
N HIS H 1106 -54.25 -36.91 53.21
CA HIS H 1106 -53.41 -37.74 54.08
C HIS H 1106 -53.85 -39.19 54.09
N ARG H 1107 -55.17 -39.43 54.14
CA ARG H 1107 -55.66 -40.80 54.15
C ARG H 1107 -55.61 -41.43 52.77
N SER H 1108 -55.92 -40.65 51.73
CA SER H 1108 -55.85 -41.18 50.37
C SER H 1108 -54.41 -41.36 49.91
N LEU H 1109 -53.50 -40.52 50.41
CA LEU H 1109 -52.09 -40.67 50.07
C LEU H 1109 -51.45 -41.81 50.85
N LEU H 1110 -51.75 -41.90 52.15
CA LEU H 1110 -51.17 -42.96 52.97
C LEU H 1110 -51.78 -44.31 52.64
N ASN H 1111 -53.01 -44.33 52.14
CA ASN H 1111 -53.60 -45.58 51.67
C ASN H 1111 -53.14 -45.92 50.26
N ARG H 1112 -53.01 -44.90 49.41
CA ARG H 1112 -52.54 -45.11 48.03
C ARG H 1112 -51.08 -45.53 47.99
N ILE H 1113 -50.31 -45.19 49.03
CA ILE H 1113 -48.96 -45.71 49.17
C ILE H 1113 -48.89 -46.88 50.14
N ILE H 1114 -49.95 -47.13 50.91
CA ILE H 1114 -49.93 -48.25 51.84
C ILE H 1114 -50.32 -49.55 51.16
N LEU H 1115 -51.29 -49.49 50.23
CA LEU H 1115 -51.73 -50.70 49.52
C LEU H 1115 -50.76 -51.13 48.43
N ALA H 1116 -49.73 -50.34 48.16
CA ALA H 1116 -48.74 -50.71 47.15
C ALA H 1116 -47.87 -51.85 47.67
N PRO H 1117 -47.32 -52.68 46.77
CA PRO H 1117 -46.39 -53.72 47.20
C PRO H 1117 -45.09 -53.12 47.75
N MET H 1118 -44.48 -53.85 48.68
CA MET H 1118 -43.27 -53.39 49.35
C MET H 1118 -41.99 -53.66 48.56
N ARG H 1119 -42.10 -54.30 47.40
CA ARG H 1119 -40.90 -54.53 46.59
C ARG H 1119 -40.51 -53.28 45.80
N PHE H 1120 -41.45 -52.71 45.06
CA PHE H 1120 -41.17 -51.50 44.29
C PHE H 1120 -40.99 -50.30 45.21
N PHE H 1121 -41.61 -50.31 46.39
CA PHE H 1121 -41.32 -49.29 47.38
C PHE H 1121 -40.01 -49.57 48.11
N GLU H 1122 -39.60 -50.84 48.18
CA GLU H 1122 -38.34 -51.18 48.82
C GLU H 1122 -37.14 -50.91 47.92
N THR H 1123 -37.32 -50.86 46.61
CA THR H 1123 -36.25 -50.53 45.68
C THR H 1123 -36.22 -49.04 45.33
N THR H 1124 -36.65 -48.18 46.25
CA THR H 1124 -36.77 -46.75 46.00
C THR H 1124 -36.06 -45.96 47.11
N PRO H 1125 -35.52 -44.78 46.79
CA PRO H 1125 -34.94 -43.94 47.85
C PRO H 1125 -36.03 -43.34 48.73
N LEU H 1126 -35.91 -43.58 50.03
CA LEU H 1126 -36.91 -43.13 50.98
C LEU H 1126 -36.81 -41.64 51.31
N GLY H 1127 -35.71 -40.99 50.92
CA GLY H 1127 -35.58 -39.57 51.21
C GLY H 1127 -36.49 -38.71 50.37
N SER H 1128 -36.65 -39.05 49.10
CA SER H 1128 -37.58 -38.31 48.24
C SER H 1128 -39.02 -38.64 48.57
N ILE H 1129 -39.28 -39.90 48.96
CA ILE H 1129 -40.65 -40.33 49.26
C ILE H 1129 -41.12 -39.69 50.55
N LEU H 1130 -40.34 -39.81 51.62
CA LEU H 1130 -40.74 -39.23 52.89
C LEU H 1130 -40.57 -37.72 52.91
N ASN H 1131 -39.60 -37.19 52.17
CA ASN H 1131 -39.39 -35.74 52.14
C ASN H 1131 -40.52 -35.06 51.38
N ARG H 1132 -40.79 -35.51 50.16
CA ARG H 1132 -41.89 -34.94 49.37
C ARG H 1132 -43.24 -35.26 49.98
N PHE H 1133 -43.36 -36.43 50.60
CA PHE H 1133 -44.62 -36.85 51.21
C PHE H 1133 -44.94 -36.01 52.44
N SER H 1134 -44.07 -36.06 53.44
CA SER H 1134 -44.35 -35.38 54.71
C SER H 1134 -44.26 -33.86 54.56
N SER H 1135 -43.30 -33.37 53.78
CA SER H 1135 -43.20 -31.93 53.57
C SER H 1135 -44.34 -31.42 52.70
N ASP H 1136 -44.85 -32.27 51.80
CA ASP H 1136 -46.03 -31.88 51.03
C ASP H 1136 -47.26 -31.84 51.92
N CYS H 1137 -47.36 -32.75 52.89
CA CYS H 1137 -48.53 -32.77 53.76
C CYS H 1137 -48.53 -31.60 54.73
N ASN H 1138 -47.41 -31.37 55.43
CA ASN H 1138 -47.37 -30.29 56.39
C ASN H 1138 -47.33 -28.94 55.71
N THR H 1139 -46.56 -28.83 54.62
CA THR H 1139 -46.41 -27.55 53.93
C THR H 1139 -47.67 -27.18 53.15
N ILE H 1140 -48.22 -28.15 52.41
CA ILE H 1140 -49.42 -27.87 51.63
C ILE H 1140 -50.63 -27.74 52.53
N ASP H 1141 -50.72 -28.59 53.55
CA ASP H 1141 -51.85 -28.55 54.48
C ASP H 1141 -51.79 -27.35 55.41
N GLN H 1142 -50.60 -26.76 55.60
CA GLN H 1142 -50.49 -25.60 56.47
C GLN H 1142 -50.57 -24.29 55.69
N HIS H 1143 -50.00 -24.24 54.49
CA HIS H 1143 -49.82 -23.00 53.77
C HIS H 1143 -50.61 -22.90 52.47
N ILE H 1144 -51.30 -23.96 52.07
CA ILE H 1144 -52.09 -23.90 50.83
C ILE H 1144 -53.30 -22.96 50.92
N PRO H 1145 -54.19 -23.03 51.94
CA PRO H 1145 -55.41 -22.22 51.83
C PRO H 1145 -55.21 -20.73 52.03
N SER H 1146 -54.13 -20.32 52.70
CA SER H 1146 -53.88 -18.89 52.91
C SER H 1146 -53.53 -18.20 51.60
N THR H 1147 -52.55 -18.74 50.87
CA THR H 1147 -52.21 -18.19 49.57
C THR H 1147 -53.26 -18.50 48.52
N LEU H 1148 -54.04 -19.55 48.71
CA LEU H 1148 -55.12 -19.85 47.76
C LEU H 1148 -56.24 -18.83 47.86
N GLU H 1149 -56.75 -18.60 49.07
CA GLU H 1149 -57.80 -17.63 49.28
C GLU H 1149 -57.30 -16.21 49.07
N CYS H 1150 -56.03 -15.96 49.37
CA CYS H 1150 -55.43 -14.67 49.06
C CYS H 1150 -55.29 -14.48 47.55
N LEU H 1151 -55.06 -15.55 46.81
CA LEU H 1151 -54.97 -15.46 45.36
C LEU H 1151 -56.34 -15.20 44.73
N SER H 1152 -57.37 -15.87 45.24
CA SER H 1152 -58.72 -15.65 44.72
C SER H 1152 -59.23 -14.27 45.09
N ARG H 1153 -58.89 -13.80 46.30
CA ARG H 1153 -59.31 -12.46 46.70
C ARG H 1153 -58.57 -11.40 45.90
N SER H 1154 -57.28 -11.62 45.66
CA SER H 1154 -56.48 -10.64 44.93
C SER H 1154 -56.89 -10.56 43.47
N THR H 1155 -57.10 -11.71 42.83
CA THR H 1155 -57.51 -11.71 41.43
C THR H 1155 -58.94 -11.23 41.28
N LEU H 1156 -59.81 -11.59 42.23
CA LEU H 1156 -61.19 -11.15 42.19
C LEU H 1156 -61.31 -9.65 42.36
N LEU H 1157 -60.52 -9.08 43.27
CA LEU H 1157 -60.51 -7.64 43.43
C LEU H 1157 -59.85 -6.94 42.24
N CYS H 1158 -58.84 -7.57 41.65
CA CYS H 1158 -58.10 -6.97 40.54
C CYS H 1158 -58.96 -6.87 39.29
N VAL H 1159 -59.61 -7.96 38.90
CA VAL H 1159 -60.50 -7.90 37.75
C VAL H 1159 -61.78 -7.15 38.10
N SER H 1160 -62.16 -7.16 39.37
CA SER H 1160 -63.40 -6.51 39.79
C SER H 1160 -63.30 -4.99 39.66
N ALA H 1161 -62.33 -4.39 40.34
CA ALA H 1161 -62.14 -2.94 40.17
C ALA H 1161 -61.52 -2.60 38.83
N LEU H 1162 -60.88 -3.57 38.16
CA LEU H 1162 -60.34 -3.33 36.83
C LEU H 1162 -61.45 -3.10 35.81
N THR H 1163 -62.42 -4.01 35.77
CA THR H 1163 -63.57 -3.81 34.88
C THR H 1163 -64.52 -2.74 35.41
N VAL H 1164 -64.51 -2.49 36.73
CA VAL H 1164 -65.39 -1.48 37.31
C VAL H 1164 -64.92 -0.09 36.90
N ILE H 1165 -63.64 0.20 37.14
CA ILE H 1165 -63.07 1.47 36.71
C ILE H 1165 -62.93 1.52 35.20
N SER H 1166 -62.87 0.36 34.54
CA SER H 1166 -62.85 0.33 33.08
C SER H 1166 -64.18 0.77 32.50
N TYR H 1167 -65.29 0.33 33.09
CA TYR H 1167 -66.59 0.81 32.66
C TYR H 1167 -66.83 2.24 33.12
N VAL H 1168 -66.20 2.65 34.22
CA VAL H 1168 -66.24 4.05 34.64
C VAL H 1168 -65.57 4.93 33.60
N THR H 1169 -64.54 4.43 32.95
CA THR H 1169 -63.98 5.08 31.79
C THR H 1169 -64.88 4.83 30.59
N PRO H 1170 -64.84 5.72 29.58
CA PRO H 1170 -65.49 5.42 28.31
C PRO H 1170 -64.78 4.29 27.57
N VAL H 1171 -65.43 3.83 26.49
CA VAL H 1171 -64.93 2.68 25.74
C VAL H 1171 -63.64 3.03 25.01
N PHE H 1172 -63.45 4.31 24.66
CA PHE H 1172 -62.17 4.72 24.11
C PHE H 1172 -61.09 4.77 25.18
N LEU H 1173 -61.48 4.99 26.43
CA LEU H 1173 -60.54 5.16 27.53
C LEU H 1173 -60.24 3.86 28.27
N VAL H 1174 -60.56 2.71 27.67
CA VAL H 1174 -60.21 1.44 28.29
C VAL H 1174 -58.71 1.19 28.16
N ALA H 1175 -58.24 1.04 26.91
CA ALA H 1175 -56.83 0.86 26.55
C ALA H 1175 -56.19 -0.32 27.28
N LEU H 1176 -56.93 -1.44 27.36
CA LEU H 1176 -56.49 -2.58 28.14
C LEU H 1176 -55.41 -3.40 27.45
N LEU H 1177 -55.25 -3.26 26.14
CA LEU H 1177 -54.27 -4.04 25.39
C LEU H 1177 -52.81 -3.67 25.70
N PRO H 1178 -52.41 -2.39 25.88
CA PRO H 1178 -51.06 -2.17 26.41
C PRO H 1178 -50.88 -2.60 27.86
N LEU H 1179 -51.95 -2.52 28.66
CA LEU H 1179 -51.86 -2.90 30.07
C LEU H 1179 -51.62 -4.41 30.22
N ALA H 1180 -52.38 -5.22 29.50
CA ALA H 1180 -52.13 -6.65 29.49
C ALA H 1180 -50.98 -7.03 28.57
N VAL H 1181 -50.47 -6.10 27.76
CA VAL H 1181 -49.29 -6.37 26.96
C VAL H 1181 -48.04 -6.31 27.82
N VAL H 1182 -47.81 -5.16 28.46
CA VAL H 1182 -46.65 -5.04 29.34
C VAL H 1182 -46.84 -5.88 30.59
N CYS H 1183 -48.08 -6.00 31.07
CA CYS H 1183 -48.36 -6.90 32.18
C CYS H 1183 -48.17 -8.36 31.79
N TYR H 1184 -48.47 -8.69 30.52
CA TYR H 1184 -48.24 -10.05 30.03
C TYR H 1184 -46.75 -10.36 29.96
N PHE H 1185 -45.96 -9.39 29.47
CA PHE H 1185 -44.50 -9.46 29.51
C PHE H 1185 -44.00 -9.68 30.93
N ILE H 1186 -44.57 -8.94 31.89
CA ILE H 1186 -44.10 -8.98 33.28
C ILE H 1186 -44.45 -10.30 33.94
N GLN H 1187 -45.68 -10.79 33.73
CA GLN H 1187 -46.07 -12.04 34.37
C GLN H 1187 -45.40 -13.23 33.71
N LYS H 1188 -45.11 -13.13 32.41
CA LYS H 1188 -44.42 -14.21 31.72
C LYS H 1188 -42.98 -14.31 32.20
N TYR H 1189 -42.20 -13.26 31.98
CA TYR H 1189 -40.78 -13.38 32.27
C TYR H 1189 -40.48 -13.31 33.75
N PHE H 1190 -41.33 -12.63 34.52
CA PHE H 1190 -41.17 -12.71 35.97
C PHE H 1190 -41.69 -14.04 36.50
N ARG H 1191 -42.60 -14.69 35.78
CA ARG H 1191 -42.97 -16.05 36.17
C ARG H 1191 -41.80 -17.00 35.99
N VAL H 1192 -41.07 -16.85 34.87
CA VAL H 1192 -39.93 -17.71 34.60
C VAL H 1192 -38.80 -17.44 35.58
N ALA H 1193 -38.34 -16.18 35.62
CA ALA H 1193 -37.19 -15.85 36.46
C ALA H 1193 -37.52 -15.90 37.94
N SER H 1194 -38.79 -15.72 38.30
CA SER H 1194 -39.18 -15.84 39.70
C SER H 1194 -39.28 -17.30 40.12
N ARG H 1195 -39.72 -18.18 39.21
CA ARG H 1195 -39.67 -19.61 39.50
C ARG H 1195 -38.23 -20.08 39.64
N ASP H 1196 -37.34 -19.55 38.81
CA ASP H 1196 -35.93 -19.92 38.91
C ASP H 1196 -35.29 -19.37 40.18
N LEU H 1197 -35.62 -18.13 40.53
CA LEU H 1197 -35.00 -17.48 41.68
C LEU H 1197 -35.49 -18.08 42.99
N GLN H 1198 -36.79 -18.32 43.09
CA GLN H 1198 -37.31 -19.00 44.27
C GLN H 1198 -36.86 -20.46 44.32
N GLN H 1199 -36.60 -21.05 43.15
CA GLN H 1199 -36.08 -22.42 43.12
C GLN H 1199 -34.66 -22.48 43.68
N LEU H 1200 -33.76 -21.66 43.16
CA LEU H 1200 -32.36 -21.73 43.57
C LEU H 1200 -32.16 -21.19 44.98
N ASP H 1201 -32.80 -20.05 45.29
CA ASP H 1201 -32.72 -19.50 46.64
C ASP H 1201 -33.42 -20.39 47.66
N ASP H 1202 -34.49 -21.08 47.23
CA ASP H 1202 -35.12 -22.05 48.11
C ASP H 1202 -34.22 -23.25 48.36
N THR H 1203 -33.48 -23.69 47.33
CA THR H 1203 -32.63 -24.86 47.46
C THR H 1203 -31.29 -24.55 48.13
N THR H 1204 -30.95 -23.27 48.31
CA THR H 1204 -29.63 -22.93 48.82
C THR H 1204 -29.46 -23.15 50.31
N GLN H 1205 -30.53 -23.35 51.07
CA GLN H 1205 -30.47 -23.22 52.52
C GLN H 1205 -29.91 -24.44 53.24
N LEU H 1206 -30.36 -25.65 52.89
CA LEU H 1206 -30.06 -26.90 53.58
C LEU H 1206 -28.59 -27.30 53.80
N PRO H 1207 -27.66 -27.14 52.82
CA PRO H 1207 -26.27 -27.55 53.11
C PRO H 1207 -25.60 -26.70 54.17
N LEU H 1208 -26.05 -25.46 54.38
CA LEU H 1208 -25.55 -24.62 55.46
C LEU H 1208 -25.80 -25.27 56.81
N VAL H 1209 -27.04 -25.69 57.05
CA VAL H 1209 -27.37 -26.38 58.29
C VAL H 1209 -26.73 -27.76 58.35
N SER H 1210 -26.43 -28.35 57.18
CA SER H 1210 -25.73 -29.63 57.17
C SER H 1210 -24.32 -29.50 57.73
N HIS H 1211 -23.54 -28.51 57.24
CA HIS H 1211 -22.23 -28.34 57.85
C HIS H 1211 -22.30 -27.57 59.17
N PHE H 1212 -23.48 -27.10 59.57
CA PHE H 1212 -23.63 -26.63 60.94
C PHE H 1212 -23.72 -27.81 61.90
N ALA H 1213 -24.46 -28.85 61.51
CA ALA H 1213 -24.47 -30.09 62.28
C ALA H 1213 -23.09 -30.74 62.27
N GLU H 1214 -22.40 -30.68 61.13
CA GLU H 1214 -21.02 -31.17 61.09
C GLU H 1214 -20.09 -30.29 61.91
N THR H 1215 -20.41 -28.99 62.01
CA THR H 1215 -19.61 -28.10 62.83
C THR H 1215 -19.79 -28.38 64.31
N VAL H 1216 -21.00 -28.79 64.70
CA VAL H 1216 -21.24 -29.12 66.11
C VAL H 1216 -20.67 -30.49 66.43
N GLU H 1217 -20.66 -31.41 65.46
CA GLU H 1217 -20.23 -32.77 65.73
C GLU H 1217 -18.71 -32.89 65.86
N GLY H 1218 -17.98 -32.41 64.86
CA GLY H 1218 -16.53 -32.56 64.86
C GLY H 1218 -15.80 -31.42 65.53
N LEU H 1219 -16.23 -31.05 66.74
CA LEU H 1219 -15.57 -29.96 67.45
C LEU H 1219 -14.19 -30.39 67.95
N THR H 1220 -14.08 -31.62 68.46
CA THR H 1220 -12.78 -32.16 68.80
C THR H 1220 -11.96 -32.48 67.55
N THR H 1221 -12.63 -32.68 66.41
CA THR H 1221 -11.92 -32.77 65.14
C THR H 1221 -11.44 -31.40 64.69
N ILE H 1222 -12.17 -30.35 65.06
CA ILE H 1222 -11.68 -28.99 64.83
C ILE H 1222 -10.49 -28.70 65.73
N ARG H 1223 -10.47 -29.31 66.92
CA ARG H 1223 -9.25 -29.31 67.71
C ARG H 1223 -8.17 -30.15 67.05
N ALA H 1224 -8.57 -31.22 66.34
CA ALA H 1224 -7.59 -32.05 65.65
C ALA H 1224 -7.10 -31.40 64.37
N PHE H 1225 -8.01 -30.78 63.62
CA PHE H 1225 -7.61 -30.01 62.44
C PHE H 1225 -6.86 -28.78 62.90
N ARG H 1226 -5.54 -28.80 62.72
CA ARG H 1226 -4.70 -27.69 63.17
C ARG H 1226 -4.89 -26.42 62.36
N TYR H 1227 -5.53 -26.52 61.19
CA TYR H 1227 -5.93 -25.36 60.39
C TYR H 1227 -7.45 -25.28 60.45
N GLU H 1228 -7.95 -24.62 61.49
CA GLU H 1228 -9.39 -24.44 61.65
C GLU H 1228 -9.97 -23.41 60.70
N ALA H 1229 -9.12 -22.63 60.03
CA ALA H 1229 -9.58 -21.61 59.10
C ALA H 1229 -10.12 -22.18 57.80
N ARG H 1230 -9.93 -23.48 57.54
CA ARG H 1230 -10.44 -24.10 56.31
C ARG H 1230 -11.97 -24.11 56.32
N PHE H 1231 -12.56 -24.59 57.42
CA PHE H 1231 -13.99 -24.48 57.59
C PHE H 1231 -14.45 -23.05 57.79
N GLN H 1232 -13.54 -22.14 58.20
CA GLN H 1232 -13.92 -20.74 58.35
C GLN H 1232 -14.12 -20.08 57.00
N GLN H 1233 -13.18 -20.26 56.07
CA GLN H 1233 -13.32 -19.65 54.76
C GLN H 1233 -14.30 -20.42 53.88
N LYS H 1234 -14.39 -21.74 54.05
CA LYS H 1234 -15.41 -22.50 53.33
C LYS H 1234 -16.80 -22.12 53.82
N LEU H 1235 -16.95 -22.07 55.15
CA LEU H 1235 -18.11 -21.51 55.83
C LEU H 1235 -18.50 -20.14 55.29
N LEU H 1236 -17.51 -19.26 55.12
CA LEU H 1236 -17.74 -17.94 54.57
C LEU H 1236 -18.16 -18.01 53.11
N GLU H 1237 -17.73 -19.05 52.40
CA GLU H 1237 -18.23 -19.23 51.04
C GLU H 1237 -19.69 -19.70 51.03
N TYR H 1238 -20.07 -20.55 52.00
CA TYR H 1238 -21.45 -21.00 52.07
C TYR H 1238 -22.40 -19.85 52.41
N THR H 1239 -22.11 -19.14 53.51
CA THR H 1239 -22.95 -18.01 53.89
C THR H 1239 -22.86 -16.87 52.90
N ASP H 1240 -21.73 -16.78 52.19
CA ASP H 1240 -21.62 -15.85 51.07
C ASP H 1240 -22.60 -16.22 49.96
N SER H 1241 -22.71 -17.50 49.64
CA SER H 1241 -23.62 -17.94 48.59
C SER H 1241 -25.07 -17.73 48.97
N ASN H 1242 -25.41 -17.97 50.25
CA ASN H 1242 -26.76 -17.67 50.70
C ASN H 1242 -27.04 -16.17 50.72
N ASN H 1243 -26.02 -15.35 50.98
CA ASN H 1243 -26.19 -13.91 50.92
C ASN H 1243 -26.42 -13.43 49.50
N ILE H 1244 -25.72 -14.04 48.53
CA ILE H 1244 -25.94 -13.70 47.13
C ILE H 1244 -27.34 -14.11 46.70
N ALA H 1245 -27.80 -15.28 47.16
CA ALA H 1245 -29.17 -15.71 46.89
C ALA H 1245 -30.19 -14.77 47.51
N SER H 1246 -29.88 -14.20 48.68
CA SER H 1246 -30.73 -13.19 49.27
C SER H 1246 -30.76 -11.92 48.42
N LEU H 1247 -29.64 -11.58 47.79
CA LEU H 1247 -29.64 -10.47 46.86
C LEU H 1247 -30.48 -10.77 45.62
N PHE H 1248 -30.54 -12.05 45.22
CA PHE H 1248 -31.47 -12.41 44.15
C PHE H 1248 -32.91 -12.25 44.59
N LEU H 1249 -33.20 -12.58 45.86
CA LEU H 1249 -34.56 -12.38 46.39
C LEU H 1249 -34.94 -10.91 46.38
N THR H 1250 -34.02 -10.05 46.80
CA THR H 1250 -34.28 -8.61 46.75
C THR H 1250 -34.36 -8.09 45.32
N ALA H 1251 -33.69 -8.76 44.38
CA ALA H 1251 -33.85 -8.40 42.98
C ALA H 1251 -35.24 -8.75 42.49
N ALA H 1252 -35.76 -9.90 42.94
CA ALA H 1252 -37.10 -10.33 42.55
C ALA H 1252 -38.17 -9.39 43.07
N ASN H 1253 -38.09 -9.05 44.37
CA ASN H 1253 -39.04 -8.09 44.92
C ASN H 1253 -38.80 -6.70 44.38
N ARG H 1254 -37.57 -6.40 43.96
CA ARG H 1254 -37.23 -5.10 43.42
C ARG H 1254 -37.91 -4.86 42.08
N TRP H 1255 -37.65 -5.73 41.10
CA TRP H 1255 -38.25 -5.53 39.78
C TRP H 1255 -39.73 -5.85 39.80
N LEU H 1256 -40.16 -6.72 40.71
CA LEU H 1256 -41.58 -7.00 40.88
C LEU H 1256 -42.33 -5.74 41.32
N GLU H 1257 -41.90 -5.14 42.44
CA GLU H 1257 -42.60 -3.98 42.97
C GLU H 1257 -42.43 -2.75 42.09
N VAL H 1258 -41.22 -2.54 41.56
CA VAL H 1258 -40.96 -1.33 40.79
C VAL H 1258 -41.63 -1.42 39.42
N CYS H 1259 -41.57 -2.60 38.80
CA CYS H 1259 -42.19 -2.77 37.49
C CYS H 1259 -43.71 -2.74 37.59
N MET H 1260 -44.27 -3.44 38.59
CA MET H 1260 -45.72 -3.50 38.72
C MET H 1260 -46.29 -2.14 39.12
N GLU H 1261 -45.64 -1.46 40.08
CA GLU H 1261 -46.12 -0.15 40.47
C GLU H 1261 -45.85 0.90 39.40
N TYR H 1262 -44.85 0.68 38.55
CA TYR H 1262 -44.56 1.62 37.48
C TYR H 1262 -45.61 1.54 36.39
N ILE H 1263 -45.92 0.32 35.92
CA ILE H 1263 -46.94 0.16 34.90
C ILE H 1263 -48.32 0.49 35.46
N GLY H 1264 -48.55 0.20 36.74
CA GLY H 1264 -49.79 0.62 37.37
C GLY H 1264 -49.89 2.12 37.54
N ALA H 1265 -48.75 2.80 37.68
CA ALA H 1265 -48.75 4.25 37.70
C ALA H 1265 -49.07 4.82 36.32
N CYS H 1266 -48.60 4.14 35.26
CA CYS H 1266 -49.03 4.50 33.92
C CYS H 1266 -50.52 4.28 33.74
N VAL H 1267 -51.07 3.24 34.37
CA VAL H 1267 -52.51 3.04 34.38
C VAL H 1267 -53.21 4.14 35.16
N VAL H 1268 -52.55 4.71 36.17
CA VAL H 1268 -53.14 5.81 36.91
C VAL H 1268 -53.15 7.07 36.06
N LEU H 1269 -52.12 7.26 35.23
CA LEU H 1269 -52.10 8.41 34.33
C LEU H 1269 -53.14 8.27 33.24
N ILE H 1270 -53.34 7.04 32.74
CA ILE H 1270 -54.40 6.79 31.78
C ILE H 1270 -55.76 6.99 32.42
N ALA H 1271 -55.88 6.67 33.71
CA ALA H 1271 -57.09 6.97 34.45
C ALA H 1271 -57.31 8.47 34.58
N ALA H 1272 -56.23 9.24 34.72
CA ALA H 1272 -56.35 10.69 34.73
C ALA H 1272 -56.78 11.23 33.37
N ALA H 1273 -56.35 10.58 32.29
CA ALA H 1273 -56.84 10.96 30.96
C ALA H 1273 -58.33 10.63 30.82
N THR H 1274 -58.76 9.51 31.41
CA THR H 1274 -60.17 9.14 31.36
C THR H 1274 -61.03 10.11 32.16
N SER H 1275 -60.51 10.58 33.30
CA SER H 1275 -61.23 11.59 34.07
C SER H 1275 -61.21 12.94 33.37
N ILE H 1276 -60.19 13.18 32.54
CA ILE H 1276 -60.13 14.43 31.79
C ILE H 1276 -61.18 14.46 30.70
N SER H 1277 -61.21 13.43 29.86
CA SER H 1277 -62.15 13.39 28.75
C SER H 1277 -63.58 13.22 29.25
N ASN H 1278 -63.78 12.38 30.28
CA ASN H 1278 -65.11 12.21 30.84
C ASN H 1278 -65.54 13.43 31.64
N SER H 1279 -64.57 14.20 32.15
CA SER H 1279 -64.90 15.40 32.91
C SER H 1279 -65.34 16.53 31.99
N LEU H 1280 -64.46 16.96 31.10
CA LEU H 1280 -64.71 18.16 30.31
C LEU H 1280 -65.26 17.89 28.92
N HIS H 1281 -65.00 16.70 28.37
CA HIS H 1281 -65.40 16.42 26.99
C HIS H 1281 -66.90 16.26 26.83
N ARG H 1282 -67.61 15.93 27.91
CA ARG H 1282 -69.06 15.81 27.87
C ARG H 1282 -69.59 16.15 29.25
N GLU H 1283 -70.84 15.78 29.52
CA GLU H 1283 -71.42 15.98 30.85
C GLU H 1283 -70.78 15.02 31.84
N LEU H 1284 -70.01 15.57 32.77
CA LEU H 1284 -69.39 14.77 33.81
C LEU H 1284 -70.44 14.31 34.81
N SER H 1285 -70.30 13.08 35.28
CA SER H 1285 -71.26 12.53 36.22
C SER H 1285 -71.08 13.17 37.60
N ALA H 1286 -72.15 13.09 38.40
CA ALA H 1286 -72.13 13.65 39.75
C ALA H 1286 -71.22 12.87 40.68
N GLY H 1287 -70.96 11.60 40.38
CA GLY H 1287 -70.02 10.81 41.14
C GLY H 1287 -69.09 10.04 40.23
N LEU H 1288 -68.36 9.09 40.81
CA LEU H 1288 -67.48 8.14 40.12
C LEU H 1288 -66.33 8.81 39.37
N VAL H 1289 -66.05 10.07 39.67
CA VAL H 1289 -64.90 10.75 39.07
C VAL H 1289 -63.61 10.33 39.76
N GLY H 1290 -63.61 10.30 41.09
CA GLY H 1290 -62.47 9.80 41.83
C GLY H 1290 -62.46 8.31 42.03
N LEU H 1291 -63.49 7.61 41.56
CA LEU H 1291 -63.53 6.16 41.68
C LEU H 1291 -62.46 5.51 40.83
N GLY H 1292 -62.20 6.06 39.65
CA GLY H 1292 -61.10 5.58 38.84
C GLY H 1292 -59.73 5.96 39.40
N LEU H 1293 -59.68 6.97 40.26
CA LEU H 1293 -58.41 7.38 40.85
C LEU H 1293 -58.06 6.52 42.06
N THR H 1294 -59.02 6.37 42.97
CA THR H 1294 -58.84 5.45 44.10
C THR H 1294 -58.69 4.02 43.62
N TYR H 1295 -59.46 3.65 42.61
CA TYR H 1295 -59.32 2.34 41.98
C TYR H 1295 -58.13 2.29 41.03
N ALA H 1296 -57.46 3.42 40.78
CA ALA H 1296 -56.23 3.39 40.02
C ALA H 1296 -55.05 3.08 40.93
N LEU H 1297 -54.98 3.79 42.07
CA LEU H 1297 -53.95 3.48 43.06
C LEU H 1297 -54.14 2.08 43.63
N MET H 1298 -55.37 1.75 44.03
CA MET H 1298 -55.64 0.39 44.44
C MET H 1298 -55.63 -0.60 43.29
N VAL H 1299 -55.72 -0.13 42.04
CA VAL H 1299 -55.52 -1.03 40.91
C VAL H 1299 -54.06 -1.43 40.81
N SER H 1300 -53.16 -0.49 41.08
CA SER H 1300 -51.74 -0.82 41.11
C SER H 1300 -51.40 -1.68 42.33
N ASN H 1301 -52.11 -1.47 43.44
CA ASN H 1301 -51.97 -2.38 44.57
C ASN H 1301 -52.49 -3.76 44.20
N TYR H 1302 -53.56 -3.83 43.40
CA TYR H 1302 -54.08 -5.11 42.96
C TYR H 1302 -53.14 -5.81 42.00
N LEU H 1303 -52.39 -5.04 41.20
CA LEU H 1303 -51.38 -5.65 40.36
C LEU H 1303 -50.20 -6.12 41.19
N ASN H 1304 -49.92 -5.44 42.31
CA ASN H 1304 -48.81 -5.83 43.16
C ASN H 1304 -49.11 -7.13 43.90
N TRP H 1305 -50.17 -7.13 44.71
CA TRP H 1305 -50.55 -8.36 45.39
C TRP H 1305 -51.08 -9.42 44.45
N MET H 1306 -51.51 -9.05 43.24
CA MET H 1306 -51.88 -10.06 42.26
C MET H 1306 -50.65 -10.71 41.64
N VAL H 1307 -49.58 -9.95 41.46
CA VAL H 1307 -48.35 -10.52 40.91
C VAL H 1307 -47.67 -11.40 41.94
N ARG H 1308 -47.48 -10.88 43.16
CA ARG H 1308 -46.85 -11.67 44.21
C ARG H 1308 -47.75 -12.82 44.66
N ASN H 1309 -49.07 -12.62 44.61
CA ASN H 1309 -49.98 -13.73 44.85
C ASN H 1309 -49.90 -14.76 43.73
N LEU H 1310 -49.61 -14.32 42.50
CA LEU H 1310 -49.38 -15.26 41.43
C LEU H 1310 -48.08 -16.02 41.65
N ALA H 1311 -47.11 -15.39 42.30
CA ALA H 1311 -45.87 -16.09 42.63
C ALA H 1311 -46.08 -17.13 43.71
N ASP H 1312 -46.82 -16.76 44.78
CA ASP H 1312 -47.11 -17.71 45.84
C ASP H 1312 -48.01 -18.83 45.36
N MET H 1313 -48.89 -18.54 44.40
CA MET H 1313 -49.66 -19.60 43.75
C MET H 1313 -48.81 -20.44 42.81
N GLU H 1314 -47.71 -19.88 42.31
CA GLU H 1314 -46.81 -20.67 41.46
C GLU H 1314 -46.00 -21.65 42.28
N ILE H 1315 -45.44 -21.20 43.41
CA ILE H 1315 -44.64 -22.09 44.23
C ILE H 1315 -45.52 -23.06 45.00
N GLN H 1316 -46.63 -22.56 45.56
CA GLN H 1316 -47.57 -23.43 46.26
C GLN H 1316 -48.27 -24.38 45.30
N LEU H 1317 -48.51 -23.93 44.07
CA LEU H 1317 -48.97 -24.85 43.03
C LEU H 1317 -47.87 -25.85 42.67
N GLY H 1318 -46.61 -25.48 42.86
CA GLY H 1318 -45.55 -26.47 42.78
C GLY H 1318 -45.61 -27.47 43.91
N ALA H 1319 -46.06 -27.05 45.10
CA ALA H 1319 -46.20 -28.00 46.21
C ALA H 1319 -47.36 -28.95 45.98
N VAL H 1320 -48.46 -28.44 45.43
CA VAL H 1320 -49.57 -29.32 45.07
C VAL H 1320 -49.20 -30.20 43.89
N LYS H 1321 -48.33 -29.72 43.01
CA LYS H 1321 -47.82 -30.56 41.92
C LYS H 1321 -46.89 -31.63 42.44
N ARG H 1322 -46.19 -31.35 43.54
CA ARG H 1322 -45.43 -32.39 44.23
C ARG H 1322 -46.36 -33.41 44.87
N ILE H 1323 -47.49 -32.95 45.39
CA ILE H 1323 -48.47 -33.86 45.97
C ILE H 1323 -49.11 -34.72 44.89
N HIS H 1324 -49.27 -34.19 43.68
CA HIS H 1324 -49.74 -34.99 42.57
C HIS H 1324 -48.66 -35.90 42.03
N ALA H 1325 -47.39 -35.50 42.18
CA ALA H 1325 -46.27 -36.35 41.83
C ALA H 1325 -46.02 -37.44 42.86
N LEU H 1326 -46.65 -37.37 44.03
CA LEU H 1326 -46.54 -38.44 45.01
C LEU H 1326 -47.34 -39.67 44.60
N LEU H 1327 -48.41 -39.48 43.83
CA LEU H 1327 -49.24 -40.59 43.39
C LEU H 1327 -48.58 -41.34 42.24
N GLY H 1351 -47.77 -79.19 55.56
CA GLY H 1351 -46.41 -78.70 55.72
C GLY H 1351 -45.43 -79.32 54.74
N LYS H 1352 -45.95 -79.94 53.69
CA LYS H 1352 -45.13 -80.52 52.63
C LYS H 1352 -44.85 -79.48 51.56
N ILE H 1353 -43.59 -79.37 51.16
CA ILE H 1353 -43.16 -78.35 50.22
C ILE H 1353 -42.34 -79.02 49.12
N GLN H 1354 -42.61 -78.66 47.87
CA GLN H 1354 -41.78 -79.08 46.74
C GLN H 1354 -41.71 -77.96 45.72
N ILE H 1355 -40.51 -77.75 45.16
CA ILE H 1355 -40.30 -76.86 44.03
C ILE H 1355 -40.08 -77.72 42.81
N GLN H 1356 -40.80 -77.44 41.72
CA GLN H 1356 -40.59 -78.16 40.47
C GLN H 1356 -40.27 -77.20 39.33
N ASN H 1357 -39.00 -77.22 38.91
CA ASN H 1357 -38.48 -76.53 37.71
C ASN H 1357 -38.79 -75.04 37.69
N LEU H 1358 -38.59 -74.35 38.81
CA LEU H 1358 -39.06 -72.97 38.90
C LEU H 1358 -38.02 -72.02 38.31
N SER H 1359 -38.45 -71.18 37.39
CA SER H 1359 -37.64 -70.09 36.86
C SER H 1359 -38.30 -68.74 37.13
N VAL H 1360 -37.52 -67.76 37.57
CA VAL H 1360 -38.03 -66.41 37.77
C VAL H 1360 -36.92 -65.41 37.50
N ARG H 1361 -37.32 -64.22 37.02
CA ARG H 1361 -36.43 -63.07 36.87
C ARG H 1361 -37.30 -61.85 37.12
N TYR H 1362 -36.83 -60.91 37.94
CA TYR H 1362 -37.52 -59.62 38.00
C TYR H 1362 -37.32 -58.78 36.76
N ASP H 1363 -36.07 -58.66 36.28
CA ASP H 1363 -35.83 -57.88 35.06
C ASP H 1363 -36.50 -58.50 33.85
N SER H 1364 -36.45 -59.85 33.77
CA SER H 1364 -36.66 -60.72 32.62
C SER H 1364 -35.60 -60.51 31.52
N SER H 1365 -34.49 -59.84 31.83
CA SER H 1365 -33.56 -59.45 30.76
C SER H 1365 -32.12 -59.85 31.03
N LEU H 1366 -31.61 -59.48 32.21
CA LEU H 1366 -30.27 -59.87 32.66
C LEU H 1366 -30.10 -61.37 32.79
N LYS H 1367 -30.80 -61.98 33.74
CA LYS H 1367 -30.66 -63.41 33.98
C LYS H 1367 -31.85 -63.90 34.79
N PRO H 1368 -32.27 -65.15 34.61
CA PRO H 1368 -33.11 -65.80 35.61
C PRO H 1368 -32.45 -65.82 36.97
N VAL H 1369 -33.27 -65.66 38.01
CA VAL H 1369 -32.76 -65.63 39.38
C VAL H 1369 -32.54 -67.05 39.87
N LEU H 1370 -33.51 -67.91 39.64
CA LEU H 1370 -33.42 -69.34 39.87
C LEU H 1370 -33.73 -70.05 38.56
N LYS H 1371 -33.01 -71.13 38.27
CA LYS H 1371 -33.20 -71.86 37.02
C LYS H 1371 -33.40 -73.34 37.31
N HIS H 1372 -34.62 -73.83 37.04
CA HIS H 1372 -35.03 -75.23 37.09
C HIS H 1372 -34.74 -75.89 38.45
N VAL H 1373 -34.93 -75.11 39.52
CA VAL H 1373 -34.72 -75.60 40.89
C VAL H 1373 -35.68 -76.75 41.17
N ASN H 1374 -35.16 -77.83 41.74
CA ASN H 1374 -36.03 -78.94 42.13
C ASN H 1374 -35.52 -79.53 43.43
N THR H 1375 -36.42 -79.60 44.41
CA THR H 1375 -36.21 -80.24 45.70
C THR H 1375 -37.56 -80.40 46.38
N LEU H 1376 -37.61 -81.31 47.34
CA LEU H 1376 -38.83 -81.64 48.07
C LEU H 1376 -38.48 -81.72 49.55
N ILE H 1377 -39.30 -81.08 50.38
CA ILE H 1377 -39.09 -81.06 51.83
C ILE H 1377 -40.31 -81.70 52.48
N SER H 1378 -40.07 -82.79 53.21
CA SER H 1378 -41.11 -83.45 53.98
C SER H 1378 -41.45 -82.64 55.23
N PRO H 1379 -42.69 -82.74 55.71
CA PRO H 1379 -43.05 -82.15 57.03
C PRO H 1379 -42.08 -82.52 58.13
N GLY H 1380 -41.63 -81.50 58.86
CA GLY H 1380 -40.77 -81.67 60.00
C GLY H 1380 -39.30 -81.72 59.66
N GLN H 1381 -38.93 -81.60 58.39
CA GLN H 1381 -37.53 -81.56 57.98
C GLN H 1381 -36.95 -80.18 58.24
N LYS H 1382 -35.67 -80.15 58.61
CA LYS H 1382 -34.92 -78.91 58.75
C LYS H 1382 -34.05 -78.74 57.50
N ILE H 1383 -34.33 -77.70 56.71
CA ILE H 1383 -33.74 -77.56 55.39
C ILE H 1383 -32.89 -76.29 55.38
N GLY H 1384 -31.65 -76.43 54.92
CA GLY H 1384 -30.74 -75.32 54.73
C GLY H 1384 -30.62 -75.00 53.24
N ILE H 1385 -30.72 -73.72 52.92
CA ILE H 1385 -30.48 -73.22 51.57
C ILE H 1385 -29.10 -72.58 51.53
N CYS H 1386 -28.23 -73.10 50.66
CA CYS H 1386 -26.87 -72.59 50.54
C CYS H 1386 -26.55 -72.37 49.06
N GLY H 1387 -25.64 -71.43 48.83
CA GLY H 1387 -25.21 -71.04 47.51
C GLY H 1387 -24.90 -69.56 47.64
N ARG H 1388 -25.51 -68.71 46.81
CA ARG H 1388 -25.35 -67.27 46.97
C ARG H 1388 -25.86 -66.84 48.36
N THR H 1389 -25.41 -65.68 48.81
CA THR H 1389 -26.07 -65.04 49.95
C THR H 1389 -27.52 -64.67 49.71
N GLY H 1390 -27.74 -63.64 48.90
CA GLY H 1390 -29.09 -63.18 48.74
C GLY H 1390 -29.79 -63.52 47.46
N SER H 1391 -29.21 -64.33 46.58
CA SER H 1391 -29.97 -64.66 45.39
C SER H 1391 -30.98 -65.75 45.71
N GLY H 1392 -30.74 -66.47 46.80
CA GLY H 1392 -31.67 -67.49 47.22
C GLY H 1392 -31.87 -67.48 48.71
N LYS H 1393 -31.13 -66.61 49.43
CA LYS H 1393 -31.75 -66.03 50.61
C LYS H 1393 -32.93 -65.18 50.19
N SER H 1394 -32.72 -64.28 49.22
CA SER H 1394 -33.82 -63.47 48.71
C SER H 1394 -34.75 -64.25 47.80
N SER H 1395 -34.24 -65.18 46.98
CA SER H 1395 -35.17 -65.95 46.16
C SER H 1395 -35.99 -66.94 47.00
N PHE H 1396 -35.37 -67.57 48.00
CA PHE H 1396 -36.11 -68.38 48.97
C PHE H 1396 -37.16 -67.58 49.74
N SER H 1397 -36.76 -66.43 50.30
CA SER H 1397 -37.70 -65.59 51.05
C SER H 1397 -38.80 -65.03 50.17
N LEU H 1398 -38.41 -64.46 49.02
CA LEU H 1398 -39.34 -63.93 48.02
C LEU H 1398 -40.35 -64.96 47.55
N ALA H 1399 -39.89 -66.19 47.29
CA ALA H 1399 -40.84 -67.25 46.99
C ALA H 1399 -41.75 -67.61 48.16
N PHE H 1400 -41.19 -67.68 49.38
CA PHE H 1400 -42.03 -67.90 50.55
C PHE H 1400 -43.01 -66.75 50.81
N PHE H 1401 -42.55 -65.51 50.72
CA PHE H 1401 -43.48 -64.37 50.81
C PHE H 1401 -44.36 -64.17 49.59
N ARG H 1402 -44.12 -64.88 48.48
CA ARG H 1402 -44.82 -64.69 47.20
C ARG H 1402 -44.71 -63.23 46.75
N MET H 1403 -43.46 -62.75 46.68
CA MET H 1403 -43.20 -61.46 46.03
C MET H 1403 -43.21 -61.53 44.51
N VAL H 1404 -43.07 -62.72 43.92
CA VAL H 1404 -43.20 -62.86 42.48
C VAL H 1404 -43.73 -64.24 42.16
N ASP H 1405 -44.41 -64.36 41.03
CA ASP H 1405 -44.73 -65.66 40.48
C ASP H 1405 -43.56 -66.13 39.63
N MET H 1406 -43.42 -67.44 39.52
CA MET H 1406 -42.43 -68.02 38.62
C MET H 1406 -42.76 -67.71 37.16
N PHE H 1407 -41.70 -67.62 36.35
CA PHE H 1407 -41.90 -67.50 34.92
C PHE H 1407 -42.29 -68.85 34.33
N GLU H 1408 -41.63 -69.90 34.80
CA GLU H 1408 -41.91 -71.26 34.38
C GLU H 1408 -41.84 -72.16 35.61
N GLY H 1409 -42.43 -73.34 35.50
CA GLY H 1409 -42.47 -74.27 36.61
C GLY H 1409 -43.52 -73.86 37.63
N ARG H 1410 -43.42 -74.44 38.83
CA ARG H 1410 -44.36 -74.10 39.87
C ARG H 1410 -43.73 -74.27 41.25
N ILE H 1411 -44.28 -73.53 42.21
CA ILE H 1411 -43.90 -73.58 43.61
C ILE H 1411 -45.14 -74.02 44.38
N ILE H 1412 -45.09 -75.14 45.09
CA ILE H 1412 -46.23 -75.60 45.87
C ILE H 1412 -45.93 -75.47 47.36
N ILE H 1413 -46.95 -75.03 48.10
CA ILE H 1413 -46.97 -75.01 49.55
C ILE H 1413 -48.17 -75.83 50.01
N ASP H 1414 -47.90 -76.85 50.85
CA ASP H 1414 -48.91 -77.78 51.37
C ASP H 1414 -49.68 -78.51 50.26
N GLY H 1415 -49.02 -78.73 49.13
CA GLY H 1415 -49.62 -79.33 47.96
C GLY H 1415 -50.34 -78.40 47.01
N ILE H 1416 -50.42 -77.10 47.30
CA ILE H 1416 -51.15 -76.17 46.45
C ILE H 1416 -50.16 -75.20 45.85
N ASP H 1417 -50.24 -75.00 44.52
CA ASP H 1417 -49.48 -73.97 43.83
C ASP H 1417 -49.73 -72.58 44.40
N ILE H 1418 -48.63 -71.85 44.66
CA ILE H 1418 -48.73 -70.53 45.29
C ILE H 1418 -49.36 -69.49 44.37
N ALA H 1419 -49.42 -69.77 43.07
CA ALA H 1419 -50.16 -68.94 42.11
C ALA H 1419 -51.67 -69.06 42.25
N LYS H 1420 -52.16 -70.04 43.00
CA LYS H 1420 -53.59 -70.20 43.22
C LYS H 1420 -54.02 -69.93 44.65
N LEU H 1421 -53.16 -69.33 45.47
CA LEU H 1421 -53.61 -68.99 46.80
C LEU H 1421 -53.81 -67.47 46.89
N PRO H 1422 -54.79 -67.02 47.67
CA PRO H 1422 -54.86 -65.60 48.04
C PRO H 1422 -53.60 -65.12 48.72
N LEU H 1423 -52.94 -64.13 48.10
CA LEU H 1423 -51.61 -63.70 48.50
C LEU H 1423 -51.61 -63.11 49.91
N HIS H 1424 -52.60 -62.25 50.21
CA HIS H 1424 -52.74 -61.69 51.55
C HIS H 1424 -53.04 -62.76 52.59
N THR H 1425 -53.86 -63.75 52.22
CA THR H 1425 -54.13 -64.88 53.11
C THR H 1425 -52.89 -65.74 53.33
N LEU H 1426 -52.19 -66.07 52.23
CA LEU H 1426 -50.89 -66.73 52.30
C LEU H 1426 -49.91 -66.03 53.24
N ARG H 1427 -49.55 -64.78 52.91
CA ARG H 1427 -48.60 -64.02 53.73
C ARG H 1427 -49.09 -63.83 55.16
N SER H 1428 -50.40 -63.63 55.35
CA SER H 1428 -50.93 -63.53 56.70
C SER H 1428 -50.83 -64.85 57.46
N ARG H 1429 -50.88 -65.97 56.73
CA ARG H 1429 -50.76 -67.30 57.31
C ARG H 1429 -49.31 -67.76 57.44
N LEU H 1430 -48.37 -66.91 57.03
CA LEU H 1430 -46.94 -67.21 57.11
C LEU H 1430 -46.32 -66.32 58.17
N SER H 1431 -45.63 -66.94 59.12
CA SER H 1431 -44.89 -66.19 60.13
C SER H 1431 -43.43 -66.09 59.70
N ILE H 1432 -42.85 -64.92 59.94
CA ILE H 1432 -41.44 -64.66 59.66
C ILE H 1432 -40.74 -64.22 60.94
N ILE H 1433 -39.64 -64.89 61.26
CA ILE H 1433 -38.73 -64.46 62.32
C ILE H 1433 -37.35 -64.37 61.67
N LEU H 1434 -36.84 -63.16 61.53
CA LEU H 1434 -35.49 -62.91 61.04
C LEU H 1434 -34.52 -62.71 62.19
N GLN H 1435 -33.23 -62.64 61.84
CA GLN H 1435 -32.20 -62.32 62.83
C GLN H 1435 -32.41 -60.93 63.40
N ASP H 1436 -32.75 -59.97 62.54
CA ASP H 1436 -33.00 -58.61 62.99
C ASP H 1436 -34.47 -58.28 62.81
N PRO H 1437 -35.24 -58.15 63.88
CA PRO H 1437 -36.69 -57.91 63.74
C PRO H 1437 -37.04 -56.45 63.96
N VAL H 1438 -37.86 -55.88 63.10
CA VAL H 1438 -38.29 -54.49 63.28
C VAL H 1438 -39.59 -54.49 64.07
N LEU H 1439 -39.61 -53.70 65.14
CA LEU H 1439 -40.76 -53.57 66.02
C LEU H 1439 -41.30 -52.15 65.99
N PHE H 1440 -42.58 -52.03 66.31
CA PHE H 1440 -43.24 -50.72 66.35
C PHE H 1440 -42.94 -50.04 67.68
N SER H 1441 -42.98 -48.70 67.65
CA SER H 1441 -42.72 -47.86 68.82
C SER H 1441 -43.95 -47.80 69.75
N GLY H 1442 -44.40 -48.98 70.16
CA GLY H 1442 -45.57 -49.16 70.99
C GLY H 1442 -45.24 -50.06 72.17
N THR H 1443 -46.27 -50.50 72.88
CA THR H 1443 -46.11 -51.47 73.98
C THR H 1443 -45.47 -52.75 73.48
N ILE H 1444 -44.77 -53.45 74.39
CA ILE H 1444 -44.29 -54.81 74.15
C ILE H 1444 -45.42 -55.70 73.67
N ARG H 1445 -46.56 -55.66 74.36
CA ARG H 1445 -47.74 -56.41 73.95
C ARG H 1445 -48.15 -56.02 72.53
N PHE H 1446 -48.21 -54.71 72.28
CA PHE H 1446 -48.56 -54.20 70.95
C PHE H 1446 -47.49 -54.54 69.92
N ASN H 1447 -46.21 -54.43 70.30
CA ASN H 1447 -45.14 -54.90 69.42
C ASN H 1447 -45.24 -56.40 69.15
N LEU H 1448 -45.73 -57.16 70.12
CA LEU H 1448 -45.97 -58.59 69.93
C LEU H 1448 -47.38 -58.89 69.47
N ASP H 1449 -48.13 -57.88 69.02
CA ASP H 1449 -49.33 -58.19 68.24
C ASP H 1449 -49.32 -57.85 66.75
N PRO H 1450 -48.69 -58.65 65.89
CA PRO H 1450 -49.08 -58.66 64.47
C PRO H 1450 -50.27 -59.57 64.19
N GLU H 1451 -50.90 -60.07 65.26
CA GLU H 1451 -52.05 -60.97 65.27
C GLU H 1451 -52.99 -60.31 66.26
N LYS H 1452 -53.67 -59.25 65.80
CA LYS H 1452 -54.37 -58.29 66.65
C LYS H 1452 -55.47 -58.88 67.55
N LYS H 1453 -55.98 -60.08 67.27
CA LYS H 1453 -57.00 -60.61 68.16
C LYS H 1453 -56.42 -61.50 69.27
N CYS H 1454 -55.10 -61.68 69.32
CA CYS H 1454 -54.47 -62.47 70.37
C CYS H 1454 -54.73 -61.82 71.73
N SER H 1455 -55.10 -62.61 72.73
CA SER H 1455 -55.18 -62.04 74.06
C SER H 1455 -53.79 -61.90 74.67
N ASP H 1456 -53.66 -60.94 75.59
CA ASP H 1456 -52.41 -60.72 76.34
C ASP H 1456 -51.94 -61.97 77.08
N SER H 1457 -52.88 -62.73 77.65
CA SER H 1457 -52.55 -63.99 78.32
C SER H 1457 -52.00 -65.04 77.36
N THR H 1458 -52.64 -65.20 76.21
CA THR H 1458 -52.15 -66.14 75.20
C THR H 1458 -50.78 -65.73 74.64
N LEU H 1459 -50.57 -64.43 74.44
CA LEU H 1459 -49.26 -63.93 74.01
C LEU H 1459 -48.18 -64.18 75.06
N TRP H 1460 -48.44 -63.80 76.31
CA TRP H 1460 -47.49 -63.97 77.41
C TRP H 1460 -47.19 -65.46 77.64
N GLU H 1461 -48.24 -66.29 77.61
CA GLU H 1461 -48.13 -67.75 77.68
C GLU H 1461 -47.29 -68.29 76.53
N ALA H 1462 -47.54 -67.79 75.32
CA ALA H 1462 -46.75 -68.16 74.14
C ALA H 1462 -45.28 -67.81 74.33
N LEU H 1463 -45.00 -66.66 74.95
CA LEU H 1463 -43.62 -66.31 75.29
C LEU H 1463 -43.05 -67.25 76.35
N GLU H 1464 -43.88 -67.78 77.24
CA GLU H 1464 -43.41 -68.82 78.16
C GLU H 1464 -43.03 -70.08 77.40
N ILE H 1465 -43.92 -70.54 76.50
CA ILE H 1465 -43.67 -71.69 75.64
C ILE H 1465 -42.42 -71.44 74.78
N ALA H 1466 -42.29 -70.24 74.24
CA ALA H 1466 -41.16 -69.81 73.41
C ALA H 1466 -40.14 -69.04 74.23
N GLN H 1467 -39.92 -69.50 75.48
CA GLN H 1467 -38.80 -69.21 76.38
C GLN H 1467 -38.34 -67.75 76.42
N LEU H 1468 -39.31 -66.85 76.30
CA LEU H 1468 -39.10 -65.41 76.26
C LEU H 1468 -39.69 -64.71 77.48
N LYS H 1469 -40.61 -65.37 78.18
CA LYS H 1469 -41.32 -64.83 79.34
C LYS H 1469 -40.41 -64.27 80.43
N LEU H 1470 -39.24 -64.88 80.65
CA LEU H 1470 -38.31 -64.37 81.66
C LEU H 1470 -37.82 -62.96 81.31
N VAL H 1471 -37.36 -62.77 80.08
CA VAL H 1471 -36.87 -61.44 79.70
C VAL H 1471 -38.05 -60.50 79.45
N VAL H 1472 -39.22 -61.04 79.10
CA VAL H 1472 -40.44 -60.25 79.01
C VAL H 1472 -40.80 -59.70 80.40
N LYS H 1473 -40.78 -60.59 81.40
CA LYS H 1473 -41.06 -60.21 82.78
C LYS H 1473 -40.03 -59.23 83.32
N ALA H 1474 -38.80 -59.29 82.82
CA ALA H 1474 -37.76 -58.39 83.32
C ALA H 1474 -37.64 -57.13 82.47
N LEU H 1475 -38.47 -56.95 81.45
CA LEU H 1475 -38.72 -55.63 80.91
C LEU H 1475 -39.43 -54.75 81.94
N PRO H 1476 -39.18 -53.42 81.93
CA PRO H 1476 -39.69 -52.54 83.01
C PRO H 1476 -41.20 -52.57 83.25
N GLY H 1477 -41.99 -52.64 82.18
CA GLY H 1477 -43.43 -52.75 82.30
C GLY H 1477 -43.99 -54.10 81.88
N GLY H 1478 -43.12 -55.09 81.79
CA GLY H 1478 -43.47 -56.42 81.29
C GLY H 1478 -44.08 -56.36 79.89
N LEU H 1479 -45.29 -56.91 79.75
CA LEU H 1479 -46.01 -56.83 78.49
C LEU H 1479 -46.42 -55.40 78.13
N ASP H 1480 -46.54 -54.51 79.12
CA ASP H 1480 -46.96 -53.14 78.88
C ASP H 1480 -45.77 -52.20 78.70
N ALA H 1481 -44.56 -52.74 78.67
CA ALA H 1481 -43.37 -51.95 78.38
C ALA H 1481 -43.43 -51.39 76.97
N ILE H 1482 -43.35 -50.06 76.87
CA ILE H 1482 -43.29 -49.40 75.58
C ILE H 1482 -41.96 -49.69 74.92
N ILE H 1483 -42.00 -50.31 73.75
CA ILE H 1483 -40.81 -50.53 72.93
C ILE H 1483 -40.38 -49.25 72.24
N THR H 1484 -39.91 -48.29 73.05
CA THR H 1484 -39.38 -47.03 72.54
C THR H 1484 -38.18 -47.27 71.63
N GLU H 1485 -38.07 -46.41 70.61
CA GLU H 1485 -37.06 -46.48 69.54
C GLU H 1485 -37.17 -47.77 68.72
N GLY H 1486 -38.39 -48.31 68.62
CA GLY H 1486 -38.62 -49.48 67.79
C GLY H 1486 -37.92 -50.76 68.21
N GLY H 1487 -37.50 -50.86 69.45
CA GLY H 1487 -36.97 -52.10 69.98
C GLY H 1487 -35.49 -52.11 70.30
N GLU H 1488 -34.86 -50.94 70.41
CA GLU H 1488 -33.41 -50.83 70.57
C GLU H 1488 -32.95 -50.99 72.01
N ASN H 1489 -33.86 -50.97 72.99
CA ASN H 1489 -33.48 -51.29 74.36
C ASN H 1489 -33.40 -52.79 74.63
N PHE H 1490 -33.90 -53.63 73.73
CA PHE H 1490 -33.70 -55.07 73.85
C PHE H 1490 -32.41 -55.45 73.13
N SER H 1491 -31.77 -56.53 73.60
CA SER H 1491 -30.64 -57.06 72.86
C SER H 1491 -31.09 -57.70 71.54
N GLN H 1492 -30.09 -57.97 70.69
CA GLN H 1492 -30.32 -58.74 69.46
C GLN H 1492 -30.90 -60.11 69.76
N GLY H 1493 -30.40 -60.77 70.81
CA GLY H 1493 -30.92 -62.07 71.18
C GLY H 1493 -32.33 -62.01 71.71
N GLN H 1494 -32.62 -61.05 72.58
CA GLN H 1494 -33.96 -60.88 73.14
C GLN H 1494 -34.97 -60.53 72.04
N ARG H 1495 -34.55 -59.69 71.09
CA ARG H 1495 -35.35 -59.43 69.89
C ARG H 1495 -35.57 -60.70 69.06
N GLN H 1496 -34.54 -61.53 68.92
CA GLN H 1496 -34.68 -62.82 68.24
C GLN H 1496 -35.69 -63.74 68.92
N LEU H 1497 -35.62 -63.84 70.25
CA LEU H 1497 -36.62 -64.58 71.03
C LEU H 1497 -38.02 -64.01 70.83
N PHE H 1498 -38.15 -62.68 70.88
CA PHE H 1498 -39.41 -62.00 70.65
C PHE H 1498 -40.00 -62.35 69.29
N CYS H 1499 -39.15 -62.32 68.25
CA CYS H 1499 -39.55 -62.72 66.90
C CYS H 1499 -39.98 -64.18 66.84
N LEU H 1500 -39.25 -65.06 67.55
CA LEU H 1500 -39.62 -66.47 67.61
C LEU H 1500 -40.96 -66.68 68.28
N ALA H 1501 -41.23 -66.00 69.39
CA ALA H 1501 -42.54 -66.05 70.03
C ALA H 1501 -43.63 -65.49 69.12
N ARG H 1502 -43.33 -64.40 68.42
CA ARG H 1502 -44.22 -63.83 67.40
C ARG H 1502 -44.55 -64.84 66.30
N ALA H 1503 -43.58 -65.66 65.90
CA ALA H 1503 -43.90 -66.78 65.02
C ALA H 1503 -44.76 -67.83 65.72
N PHE H 1504 -44.42 -68.16 66.96
CA PHE H 1504 -45.16 -69.17 67.72
C PHE H 1504 -46.62 -68.76 67.92
N VAL H 1505 -46.84 -67.49 68.26
CA VAL H 1505 -48.19 -66.95 68.47
C VAL H 1505 -49.04 -67.02 67.20
N ARG H 1506 -48.41 -66.92 66.03
CA ARG H 1506 -49.17 -66.96 64.78
C ARG H 1506 -49.47 -68.37 64.31
N LYS H 1507 -48.91 -69.38 65.00
CA LYS H 1507 -49.17 -70.82 64.78
C LYS H 1507 -48.96 -71.22 63.33
N THR H 1508 -47.80 -70.79 62.81
CA THR H 1508 -47.39 -71.09 61.45
C THR H 1508 -47.20 -72.58 61.20
N SER H 1509 -47.39 -72.97 59.95
CA SER H 1509 -47.16 -74.33 59.51
C SER H 1509 -45.72 -74.52 59.08
N ILE H 1510 -45.04 -73.42 58.79
CA ILE H 1510 -43.72 -73.37 58.17
C ILE H 1510 -42.99 -72.20 58.80
N PHE H 1511 -41.68 -72.35 58.97
CA PHE H 1511 -40.88 -71.27 59.54
C PHE H 1511 -39.81 -70.85 58.53
N ILE H 1512 -39.54 -69.55 58.51
CA ILE H 1512 -38.43 -68.96 57.78
C ILE H 1512 -37.55 -68.17 58.73
N MET H 1513 -36.27 -68.52 58.77
CA MET H 1513 -35.33 -67.99 59.75
C MET H 1513 -34.15 -67.41 58.98
N ASP H 1514 -33.83 -66.15 59.28
CA ASP H 1514 -32.63 -65.50 58.78
C ASP H 1514 -31.47 -65.71 59.74
N GLU H 1515 -30.43 -66.36 59.24
CA GLU H 1515 -29.26 -66.69 60.06
C GLU H 1515 -28.52 -65.42 60.47
N ALA H 1516 -28.16 -65.36 61.75
CA ALA H 1516 -27.40 -64.26 62.34
C ALA H 1516 -26.07 -64.05 61.62
N THR H 1517 -25.72 -62.79 61.41
CA THR H 1517 -24.47 -62.44 60.75
C THR H 1517 -23.35 -62.17 61.73
N ALA H 1518 -23.62 -62.35 63.03
CA ALA H 1518 -22.66 -62.05 64.09
C ALA H 1518 -22.89 -63.09 65.18
N SER H 1519 -22.04 -63.07 66.19
CA SER H 1519 -22.23 -63.98 67.30
C SER H 1519 -22.95 -63.31 68.45
N ILE H 1520 -23.40 -64.13 69.40
CA ILE H 1520 -24.15 -63.64 70.54
C ILE H 1520 -23.40 -63.98 71.81
N ASP H 1521 -23.35 -65.27 72.12
CA ASP H 1521 -22.83 -65.85 73.34
C ASP H 1521 -22.70 -67.34 73.08
N MET H 1522 -22.23 -68.07 74.09
CA MET H 1522 -22.23 -69.52 73.93
C MET H 1522 -23.54 -70.10 74.47
N ALA H 1523 -23.96 -69.65 75.66
CA ALA H 1523 -25.21 -70.10 76.24
C ALA H 1523 -26.41 -69.55 75.48
N THR H 1524 -26.25 -68.38 74.84
CA THR H 1524 -27.40 -67.78 74.17
C THR H 1524 -27.50 -68.23 72.72
N GLU H 1525 -26.39 -68.30 71.99
CA GLU H 1525 -26.48 -68.87 70.64
C GLU H 1525 -26.86 -70.34 70.71
N ASN H 1526 -26.26 -71.05 71.68
CA ASN H 1526 -26.60 -72.45 71.97
C ASN H 1526 -28.08 -72.60 72.32
N ILE H 1527 -28.61 -71.69 73.14
CA ILE H 1527 -30.04 -71.66 73.44
C ILE H 1527 -30.84 -71.38 72.18
N LEU H 1528 -30.44 -70.36 71.42
CA LEU H 1528 -31.10 -69.97 70.17
C LEU H 1528 -31.22 -71.15 69.21
N GLN H 1529 -30.13 -71.90 69.04
CA GLN H 1529 -30.12 -73.13 68.27
C GLN H 1529 -31.04 -74.20 68.84
N LYS H 1530 -31.07 -74.34 70.18
CA LYS H 1530 -32.06 -75.22 70.82
C LYS H 1530 -33.50 -74.79 70.53
N VAL H 1531 -33.75 -73.49 70.56
CA VAL H 1531 -35.06 -72.92 70.21
C VAL H 1531 -35.41 -73.18 68.75
N VAL H 1532 -34.43 -73.04 67.86
CA VAL H 1532 -34.61 -73.39 66.45
C VAL H 1532 -34.93 -74.87 66.29
N MET H 1533 -34.22 -75.73 67.02
CA MET H 1533 -34.48 -77.17 66.99
C MET H 1533 -35.88 -77.53 67.49
N THR H 1534 -36.32 -76.93 68.60
CA THR H 1534 -37.68 -77.14 69.08
C THR H 1534 -38.74 -76.56 68.15
N ALA H 1535 -38.49 -75.36 67.60
CA ALA H 1535 -39.38 -74.76 66.62
C ALA H 1535 -39.51 -75.63 65.37
N PHE H 1536 -38.38 -76.13 64.87
CA PHE H 1536 -38.38 -76.93 63.66
C PHE H 1536 -38.81 -78.36 63.92
N ALA H 1537 -38.86 -78.79 65.20
CA ALA H 1537 -39.41 -80.09 65.51
C ALA H 1537 -40.87 -80.14 65.08
N ASP H 1538 -41.16 -81.07 64.17
CA ASP H 1538 -42.47 -81.43 63.61
C ASP H 1538 -42.93 -80.39 62.60
N ARG H 1539 -42.07 -79.47 62.20
CA ARG H 1539 -42.45 -78.34 61.38
C ARG H 1539 -41.44 -78.15 60.25
N THR H 1540 -41.87 -77.46 59.20
CA THR H 1540 -41.00 -77.18 58.07
C THR H 1540 -40.19 -75.93 58.34
N VAL H 1541 -38.86 -76.04 58.22
CA VAL H 1541 -37.95 -74.97 58.59
C VAL H 1541 -37.16 -74.59 57.34
N VAL H 1542 -37.19 -73.31 57.00
CA VAL H 1542 -36.40 -72.76 55.92
C VAL H 1542 -35.30 -71.90 56.53
N THR H 1543 -34.06 -72.36 56.41
CA THR H 1543 -32.92 -71.68 56.98
C THR H 1543 -32.21 -70.99 55.81
N ILE H 1544 -32.08 -69.68 55.88
CA ILE H 1544 -31.26 -68.99 54.88
C ILE H 1544 -29.81 -69.05 55.36
N ALA H 1545 -29.06 -70.01 54.83
CA ALA H 1545 -27.70 -70.26 55.24
C ALA H 1545 -26.72 -69.52 54.35
N HIS H 1546 -25.62 -69.08 54.93
CA HIS H 1546 -24.61 -68.34 54.18
C HIS H 1546 -23.29 -68.99 54.57
N ARG H 1547 -23.11 -69.17 55.86
CA ARG H 1547 -21.97 -69.89 56.40
C ARG H 1547 -22.33 -71.37 56.43
N VAL H 1548 -21.38 -72.23 56.05
CA VAL H 1548 -21.65 -73.66 56.25
C VAL H 1548 -21.24 -74.10 57.64
N HIS H 1549 -20.72 -73.18 58.46
CA HIS H 1549 -20.22 -73.50 59.79
C HIS H 1549 -21.34 -73.98 60.72
N THR H 1550 -22.48 -73.29 60.68
CA THR H 1550 -23.61 -73.59 61.56
C THR H 1550 -24.37 -74.83 61.11
N ILE H 1551 -24.40 -75.09 59.81
CA ILE H 1551 -25.40 -75.93 59.15
C ILE H 1551 -24.96 -77.39 59.20
N LEU H 1552 -23.89 -77.67 59.94
CA LEU H 1552 -23.41 -79.04 60.16
C LEU H 1552 -24.41 -79.92 60.92
N SER H 1553 -25.38 -79.35 61.63
CA SER H 1553 -26.44 -80.16 62.21
C SER H 1553 -27.81 -79.87 61.60
N ALA H 1554 -27.84 -79.26 60.42
CA ALA H 1554 -29.06 -79.21 59.63
C ALA H 1554 -29.49 -80.62 59.22
N ASP H 1555 -30.80 -80.85 59.20
CA ASP H 1555 -31.30 -82.13 58.69
C ASP H 1555 -30.99 -82.27 57.19
N LEU H 1556 -31.04 -81.17 56.46
CA LEU H 1556 -30.69 -81.16 55.05
C LEU H 1556 -30.10 -79.80 54.69
N VAL H 1557 -29.15 -79.83 53.76
CA VAL H 1557 -28.52 -78.64 53.19
C VAL H 1557 -28.70 -78.71 51.69
N MET H 1558 -29.19 -77.63 51.10
CA MET H 1558 -29.43 -77.51 49.68
C MET H 1558 -28.42 -76.53 49.11
N VAL H 1559 -27.61 -77.02 48.18
CA VAL H 1559 -26.48 -76.31 47.61
C VAL H 1559 -26.85 -75.80 46.22
N LEU H 1560 -26.74 -74.48 46.01
CA LEU H 1560 -27.16 -73.81 44.79
C LEU H 1560 -25.95 -73.25 44.07
N LYS H 1561 -25.99 -73.33 42.74
CA LYS H 1561 -24.92 -72.84 41.90
C LYS H 1561 -25.48 -72.37 40.58
N ARG H 1562 -25.27 -71.07 40.28
CA ARG H 1562 -25.64 -70.43 39.00
C ARG H 1562 -27.15 -70.47 38.76
N GLY H 1563 -27.92 -70.35 39.83
CA GLY H 1563 -29.36 -70.38 39.80
C GLY H 1563 -30.01 -71.75 39.82
N ALA H 1564 -29.24 -72.83 39.96
CA ALA H 1564 -29.85 -74.14 40.02
C ALA H 1564 -29.41 -74.86 41.28
N ILE H 1565 -30.29 -75.70 41.82
CA ILE H 1565 -29.91 -76.66 42.84
C ILE H 1565 -29.23 -77.82 42.13
N LEU H 1566 -27.94 -78.01 42.37
CA LEU H 1566 -27.30 -79.17 41.78
C LEU H 1566 -27.29 -80.37 42.72
N GLU H 1567 -27.19 -80.12 44.02
CA GLU H 1567 -27.14 -81.20 45.00
C GLU H 1567 -27.79 -80.74 46.30
N PHE H 1568 -28.34 -81.70 47.03
CA PHE H 1568 -28.92 -81.45 48.34
C PHE H 1568 -28.77 -82.74 49.12
N ASP H 1569 -28.28 -82.62 50.36
CA ASP H 1569 -28.14 -83.73 51.30
C ASP H 1569 -27.82 -83.21 52.69
N LYS H 1570 -27.37 -84.09 53.56
CA LYS H 1570 -26.91 -83.74 54.90
C LYS H 1570 -25.44 -83.41 54.90
N PRO H 1571 -24.98 -82.71 55.94
CA PRO H 1571 -23.61 -82.13 55.95
C PRO H 1571 -22.48 -83.13 55.80
N GLU H 1572 -22.52 -84.26 56.52
CA GLU H 1572 -21.48 -85.28 56.44
C GLU H 1572 -21.36 -85.83 55.02
N THR H 1573 -22.49 -86.17 54.41
CA THR H 1573 -22.50 -86.66 53.03
C THR H 1573 -22.02 -85.61 52.04
N LEU H 1574 -22.48 -84.36 52.20
CA LEU H 1574 -22.02 -83.27 51.33
C LEU H 1574 -20.51 -83.03 51.47
N LEU H 1575 -19.98 -83.10 52.69
CA LEU H 1575 -18.53 -83.04 52.89
C LEU H 1575 -17.83 -84.21 52.21
N SER H 1576 -18.43 -85.41 52.28
CA SER H 1576 -17.88 -86.59 51.62
C SER H 1576 -17.90 -86.45 50.10
N GLN H 1577 -18.88 -85.73 49.56
CA GLN H 1577 -18.97 -85.46 48.12
C GLN H 1577 -17.73 -84.74 47.61
N LYS H 1578 -17.15 -83.85 48.44
CA LYS H 1578 -15.93 -83.06 48.19
C LYS H 1578 -16.16 -81.98 47.15
N ASP H 1579 -17.40 -81.50 47.03
CA ASP H 1579 -17.70 -80.50 46.00
C ASP H 1579 -17.64 -79.08 46.57
N SER H 1580 -18.44 -78.19 45.98
CA SER H 1580 -18.42 -76.78 46.35
C SER H 1580 -18.89 -76.51 47.77
N VAL H 1581 -19.92 -77.24 48.24
CA VAL H 1581 -20.36 -77.12 49.62
C VAL H 1581 -19.31 -77.64 50.60
N PHE H 1582 -18.61 -78.72 50.24
CA PHE H 1582 -17.51 -79.21 51.07
C PHE H 1582 -16.37 -78.20 51.15
N ALA H 1583 -16.08 -77.52 50.02
CA ALA H 1583 -15.07 -76.46 50.03
C ALA H 1583 -15.54 -75.28 50.87
N SER H 1584 -16.84 -74.99 50.88
CA SER H 1584 -17.35 -73.95 51.75
C SER H 1584 -17.41 -74.41 53.20
N PHE H 1585 -17.68 -75.70 53.42
CA PHE H 1585 -17.62 -76.26 54.77
C PHE H 1585 -16.17 -76.37 55.23
#